data_9DOA
#
_entry.id   9DOA
#
_cell.length_a   1.00
_cell.length_b   1.00
_cell.length_c   1.00
_cell.angle_alpha   90.00
_cell.angle_beta   90.00
_cell.angle_gamma   90.00
#
_symmetry.space_group_name_H-M   'P 1'
#
loop_
_entity.id
_entity.type
_entity.pdbx_description
1 polymer 'Ostreolysin A6'
2 polymer 'Pleurotolysin B'
#
loop_
_entity_poly.entity_id
_entity_poly.type
_entity_poly.pdbx_seq_one_letter_code
_entity_poly.pdbx_strand_id
1 'polypeptide(L)'
;MAYAQWVIIIIHNVGSQDVKIKNLKASWGKLHADGDKDAEVSASNYEGKIVKPDEKLQINASGRSDAAEGTTGTFDLVDP
ADGDKQVRHFYWDSPWGSKTNTWTVSGSNTKWMIEYSGQNLDSGALGTITVDTLKKGENLYFQ
;
G,H,J,K,M,N,P,Q,S,T,V,W,Y,Z,b,c,e,f,h,i,k,l,n,o,q,r
2 'polypeptide(L)'
;HHHHHHHHSQAGDTLNDVIQDPTRRNKLINDNNLLKGIIMGRDGPVPSSRELIVRPDTLRAIINNRATIETTTMEAEFTE
TLMESNYNSASVKVSAPFITANSEYSESSSFKNTETEKSMYTSSRYLFPQGRIDFTTPDSGFDDVIKLSPQFTSGVQAAL
AKATGTEKREALQNLFQEYGHVFRTKVHIGGVLSAHTMETFSRSENETEVKQDVKAGLEGAVKGWGGGATAGHGNTQGTI
TTSQNRKLNVKYIVNVVDYTKIQNTEEWVASTNQSEHWRVIEVTEVTAVADLLPQPIRGQVKDLLKPLLGKWVDVEKVPG
LESLPVSVYRPKGAIPAGWFWLGDTADASKALLVKPTLPARSGRNPALTSLHQGSGMTEQPFVDLPQYQYLSTYFGSFAH
DTPPGSTLRGLRPDHVLPGRYEMHGDTISTAVYVTRPVDVPFPEDECFDLKSLVRVKLPGSGNPPKPRSALKKSMVLFDS
GEK
;
I,L,O,R,U,X,a,d,g,j,m,p,s
#
# COMPACT_ATOMS: atom_id res chain seq x y z
N ALA A 2 46.31 -65.90 52.71
CA ALA A 2 44.91 -65.88 53.09
C ALA A 2 44.03 -66.44 51.97
N TYR A 3 42.86 -66.96 52.33
CA TYR A 3 41.91 -67.45 51.34
C TYR A 3 41.39 -66.33 50.45
N ALA A 4 41.46 -65.08 50.90
CA ALA A 4 41.03 -63.97 50.05
C ALA A 4 41.81 -63.90 48.75
N GLN A 5 43.02 -64.47 48.72
CA GLN A 5 43.81 -64.59 47.50
C GLN A 5 43.52 -65.95 46.90
N TRP A 6 42.85 -65.97 45.75
CA TRP A 6 42.46 -67.21 45.11
C TRP A 6 42.40 -67.02 43.60
N VAL A 7 42.41 -68.13 42.88
CA VAL A 7 42.29 -68.12 41.43
C VAL A 7 41.71 -69.45 40.98
N ILE A 8 40.85 -69.39 39.98
CA ILE A 8 40.32 -70.57 39.31
C ILE A 8 40.75 -70.48 37.85
N ILE A 9 41.37 -71.55 37.35
CA ILE A 9 41.83 -71.61 35.98
C ILE A 9 41.06 -72.75 35.31
N ILE A 10 40.19 -72.41 34.37
CA ILE A 10 39.43 -73.40 33.62
C ILE A 10 40.08 -73.52 32.25
N ILE A 11 40.52 -74.73 31.92
CA ILE A 11 41.04 -75.05 30.60
C ILE A 11 39.92 -75.71 29.82
N HIS A 12 39.46 -75.04 28.76
CA HIS A 12 38.34 -75.49 27.94
C HIS A 12 38.87 -75.75 26.53
N ASN A 13 38.85 -77.01 26.12
CA ASN A 13 39.28 -77.38 24.78
C ASN A 13 38.10 -77.19 23.83
N VAL A 14 38.15 -76.15 23.02
CA VAL A 14 37.11 -75.87 22.03
C VAL A 14 37.47 -76.42 20.65
N GLY A 15 38.56 -77.18 20.55
CA GLY A 15 39.00 -77.78 19.31
C GLY A 15 38.68 -79.26 19.24
N SER A 16 39.55 -80.00 18.54
CA SER A 16 39.34 -81.43 18.36
C SER A 16 40.63 -82.22 18.53
N GLN A 17 41.60 -81.68 19.26
CA GLN A 17 42.88 -82.35 19.47
C GLN A 17 43.27 -82.26 20.94
N ASP A 18 43.90 -83.32 21.43
CA ASP A 18 44.21 -83.43 22.84
C ASP A 18 45.27 -82.40 23.24
N VAL A 19 45.15 -81.92 24.48
CA VAL A 19 46.12 -80.99 25.06
C VAL A 19 46.43 -81.46 26.48
N LYS A 20 47.71 -81.44 26.83
CA LYS A 20 48.17 -81.97 28.11
C LYS A 20 48.62 -80.83 29.02
N ILE A 21 48.45 -81.05 30.32
CA ILE A 21 48.92 -80.14 31.35
C ILE A 21 50.23 -80.69 31.90
N LYS A 22 51.22 -79.82 32.07
CA LYS A 22 52.53 -80.26 32.52
C LYS A 22 53.16 -79.22 33.44
N ASN A 23 54.06 -79.70 34.29
CA ASN A 23 54.88 -78.83 35.14
C ASN A 23 54.04 -77.91 36.02
N LEU A 24 52.83 -78.34 36.36
CA LEU A 24 52.02 -77.58 37.29
C LEU A 24 52.70 -77.50 38.65
N LYS A 25 52.89 -76.27 39.13
CA LYS A 25 53.63 -76.06 40.38
C LYS A 25 53.17 -74.74 40.99
N ALA A 26 52.80 -74.79 42.26
CA ALA A 26 52.42 -73.60 43.02
C ALA A 26 53.54 -73.29 44.01
N SER A 27 54.34 -72.27 43.69
CA SER A 27 55.43 -71.89 44.58
C SER A 27 54.88 -71.31 45.89
N TRP A 28 53.79 -70.57 45.83
CA TRP A 28 53.13 -70.02 47.01
C TRP A 28 51.66 -70.39 46.96
N GLY A 29 51.09 -70.68 48.13
CA GLY A 29 49.71 -71.13 48.20
C GLY A 29 49.62 -72.63 48.09
N LYS A 30 48.41 -73.09 47.77
CA LYS A 30 48.13 -74.53 47.70
C LYS A 30 47.01 -74.78 46.71
N LEU A 31 47.18 -75.81 45.89
CA LEU A 31 46.07 -76.31 45.08
C LEU A 31 45.04 -76.98 45.99
N HIS A 32 43.77 -76.83 45.65
CA HIS A 32 42.69 -77.32 46.49
C HIS A 32 41.53 -77.78 45.62
N ALA A 33 40.50 -78.30 46.26
CA ALA A 33 39.36 -78.89 45.59
C ALA A 33 38.36 -77.82 45.16
N ASP A 34 37.36 -78.24 44.40
CA ASP A 34 36.35 -77.33 43.88
C ASP A 34 35.42 -76.88 45.00
N GLY A 35 35.28 -75.57 45.18
CA GLY A 35 34.40 -75.03 46.20
C GLY A 35 34.79 -75.43 47.61
N ASP A 36 36.02 -75.91 47.80
CA ASP A 36 36.48 -76.38 49.11
C ASP A 36 37.94 -75.98 49.25
N LYS A 37 38.19 -74.82 49.85
CA LYS A 37 39.55 -74.34 50.04
C LYS A 37 40.28 -75.08 51.16
N ASP A 38 39.58 -75.91 51.93
CA ASP A 38 40.20 -76.70 52.98
C ASP A 38 40.77 -78.01 52.46
N ALA A 39 40.22 -78.55 51.38
CA ALA A 39 40.62 -79.85 50.86
C ALA A 39 41.80 -79.65 49.91
N GLU A 40 43.01 -79.63 50.47
CA GLU A 40 44.20 -79.49 49.65
C GLU A 40 44.40 -80.73 48.78
N VAL A 41 44.91 -80.51 47.57
CA VAL A 41 45.18 -81.58 46.62
C VAL A 41 46.56 -81.36 46.03
N SER A 42 47.32 -82.43 45.88
CA SER A 42 48.66 -82.33 45.33
C SER A 42 48.61 -82.07 43.82
N ALA A 43 49.70 -81.51 43.30
CA ALA A 43 49.79 -81.21 41.88
C ALA A 43 49.75 -82.48 41.02
N SER A 44 50.03 -83.64 41.61
CA SER A 44 49.99 -84.88 40.85
C SER A 44 48.60 -85.19 40.33
N ASN A 45 47.56 -84.67 40.98
CA ASN A 45 46.20 -84.92 40.51
C ASN A 45 45.98 -84.36 39.12
N TYR A 46 46.74 -83.33 38.74
CA TYR A 46 46.58 -82.67 37.45
C TYR A 46 47.75 -82.88 36.51
N GLU A 47 48.98 -82.91 37.01
CA GLU A 47 50.15 -83.01 36.15
C GLU A 47 50.06 -84.26 35.28
N GLY A 48 50.35 -84.10 33.99
CA GLY A 48 50.27 -85.19 33.04
C GLY A 48 48.89 -85.46 32.49
N LYS A 49 47.86 -84.74 32.92
CA LYS A 49 46.51 -85.02 32.50
C LYS A 49 46.25 -84.45 31.10
N ILE A 50 45.30 -85.07 30.41
CA ILE A 50 44.91 -84.67 29.06
C ILE A 50 43.47 -84.17 29.11
N VAL A 51 43.26 -82.93 28.68
CA VAL A 51 41.92 -82.35 28.63
C VAL A 51 41.35 -82.69 27.26
N LYS A 52 40.45 -83.68 27.23
CA LYS A 52 39.90 -84.15 25.98
C LYS A 52 39.12 -83.03 25.29
N PRO A 53 39.05 -83.05 23.96
CA PRO A 53 38.25 -82.04 23.27
C PRO A 53 36.82 -81.97 23.78
N ASP A 54 36.33 -80.75 23.95
CA ASP A 54 34.94 -80.50 24.32
C ASP A 54 34.65 -80.85 25.78
N GLU A 55 35.64 -80.68 26.66
CA GLU A 55 35.41 -80.79 28.10
C GLU A 55 36.41 -79.91 28.82
N LYS A 56 36.07 -79.54 30.05
CA LYS A 56 36.80 -78.54 30.81
C LYS A 56 37.50 -79.17 32.00
N LEU A 57 38.69 -78.67 32.31
CA LEU A 57 39.45 -79.07 33.48
C LEU A 57 39.71 -77.85 34.36
N GLN A 58 39.40 -77.97 35.65
CA GLN A 58 39.46 -76.85 36.57
C GLN A 58 40.64 -77.00 37.53
N ILE A 59 41.42 -75.94 37.68
CA ILE A 59 42.53 -75.86 38.62
C ILE A 59 42.20 -74.76 39.62
N ASN A 60 42.14 -75.11 40.90
CA ASN A 60 41.80 -74.15 41.95
C ASN A 60 43.02 -73.93 42.83
N ALA A 61 43.45 -72.68 42.95
CA ALA A 61 44.58 -72.33 43.80
C ALA A 61 44.16 -71.22 44.76
N SER A 62 44.73 -71.25 45.96
CA SER A 62 44.40 -70.26 46.97
C SER A 62 45.53 -70.17 47.97
N GLY A 63 45.59 -69.03 48.67
CA GLY A 63 46.59 -68.84 49.69
C GLY A 63 46.28 -69.62 50.96
N ARG A 64 47.30 -69.76 51.81
CA ARG A 64 47.12 -70.47 53.06
C ARG A 64 46.07 -69.76 53.92
N SER A 65 45.39 -70.53 54.75
CA SER A 65 44.25 -70.02 55.51
C SER A 65 44.64 -68.84 56.37
N ASP A 66 44.00 -67.69 56.12
CA ASP A 66 44.22 -66.49 56.92
C ASP A 66 45.69 -66.13 57.04
N ALA A 67 46.50 -66.56 56.09
CA ALA A 67 47.92 -66.30 56.12
C ALA A 67 48.27 -64.99 55.43
N ALA A 68 49.48 -64.53 55.67
CA ALA A 68 50.05 -63.38 54.97
C ALA A 68 50.72 -63.82 53.67
N GLU A 69 49.99 -64.61 52.89
CA GLU A 69 50.53 -65.21 51.67
C GLU A 69 49.47 -65.29 50.60
N GLY A 70 49.84 -64.92 49.37
CA GLY A 70 48.99 -65.10 48.22
C GLY A 70 49.18 -66.46 47.60
N THR A 71 48.92 -66.54 46.29
CA THR A 71 49.09 -67.78 45.54
C THR A 71 49.78 -67.46 44.21
N THR A 72 50.92 -68.11 43.97
CA THR A 72 51.66 -67.96 42.72
C THR A 72 51.98 -69.33 42.16
N GLY A 73 51.79 -69.50 40.85
CA GLY A 73 52.06 -70.79 40.24
C GLY A 73 52.21 -70.69 38.73
N THR A 74 52.50 -71.85 38.14
CA THR A 74 52.81 -71.95 36.72
C THR A 74 52.29 -73.28 36.18
N PHE A 75 52.09 -73.33 34.87
CA PHE A 75 51.90 -74.60 34.18
C PHE A 75 52.08 -74.42 32.68
N ASP A 76 52.52 -75.48 32.03
CA ASP A 76 52.66 -75.51 30.58
C ASP A 76 51.48 -76.28 30.01
N LEU A 77 50.87 -75.73 28.96
CA LEU A 77 49.95 -76.51 28.13
C LEU A 77 50.73 -76.99 26.92
N VAL A 78 50.74 -78.31 26.70
CA VAL A 78 51.65 -78.93 25.75
C VAL A 78 50.87 -79.83 24.81
N ASP A 79 51.23 -79.79 23.52
CA ASP A 79 50.58 -80.64 22.53
C ASP A 79 51.24 -82.02 22.54
N PRO A 80 50.49 -83.09 22.85
CA PRO A 80 51.09 -84.43 22.80
C PRO A 80 51.21 -85.01 21.40
N ALA A 81 50.53 -84.43 20.42
CA ALA A 81 50.57 -84.97 19.07
C ALA A 81 51.92 -84.78 18.40
N ASP A 82 52.76 -83.88 18.92
CA ASP A 82 54.06 -83.58 18.35
C ASP A 82 55.15 -83.68 19.40
N GLY A 83 55.12 -84.75 20.19
CA GLY A 83 56.16 -85.01 21.17
C GLY A 83 56.17 -84.03 22.33
N ASP A 84 54.99 -83.63 22.80
CA ASP A 84 54.86 -82.81 24.01
C ASP A 84 55.66 -81.51 23.89
N LYS A 85 55.46 -80.80 22.78
CA LYS A 85 56.02 -79.46 22.65
C LYS A 85 55.12 -78.46 23.37
N GLN A 86 55.65 -77.26 23.58
CA GLN A 86 54.92 -76.25 24.33
C GLN A 86 53.88 -75.57 23.45
N VAL A 87 52.69 -75.38 24.02
CA VAL A 87 51.66 -74.55 23.41
C VAL A 87 51.82 -73.16 23.98
N ARG A 88 51.63 -73.02 25.30
CA ARG A 88 51.89 -71.77 25.99
C ARG A 88 52.22 -72.07 27.45
N HIS A 89 52.92 -71.12 28.07
CA HIS A 89 53.33 -71.19 29.46
C HIS A 89 52.55 -70.15 30.26
N PHE A 90 51.80 -70.59 31.26
CA PHE A 90 50.95 -69.72 32.04
C PHE A 90 51.54 -69.51 33.43
N TYR A 91 51.59 -68.24 33.84
CA TYR A 91 52.05 -67.82 35.15
C TYR A 91 50.96 -66.99 35.80
N TRP A 92 50.58 -67.34 37.02
CA TRP A 92 49.58 -66.59 37.77
C TRP A 92 50.15 -66.20 39.13
N ASP A 93 49.82 -64.99 39.55
CA ASP A 93 50.29 -64.45 40.83
C ASP A 93 49.20 -63.56 41.40
N SER A 94 48.56 -64.02 42.48
CA SER A 94 47.60 -63.24 43.24
C SER A 94 48.21 -63.03 44.62
N PRO A 95 48.98 -61.96 44.81
CA PRO A 95 49.69 -61.77 46.07
C PRO A 95 48.81 -61.17 47.16
N TRP A 96 49.24 -61.40 48.40
CA TRP A 96 48.55 -60.84 49.56
C TRP A 96 49.03 -59.43 49.91
N GLY A 97 50.25 -59.07 49.54
CA GLY A 97 50.82 -57.80 49.91
C GLY A 97 51.01 -56.86 48.75
N SER A 98 50.07 -56.86 47.82
CA SER A 98 50.12 -55.98 46.65
C SER A 98 48.75 -55.95 46.01
N LYS A 99 48.56 -54.97 45.12
CA LYS A 99 47.29 -54.81 44.41
C LYS A 99 47.32 -55.38 43.01
N THR A 100 48.48 -55.43 42.38
CA THR A 100 48.60 -55.81 40.97
C THR A 100 48.78 -57.32 40.88
N ASN A 101 47.72 -58.03 40.49
CA ASN A 101 47.85 -59.44 40.16
C ASN A 101 48.48 -59.58 38.79
N THR A 102 49.07 -60.75 38.55
CA THR A 102 49.79 -61.05 37.31
C THR A 102 49.21 -62.30 36.67
N TRP A 103 48.96 -62.22 35.36
CA TRP A 103 48.50 -63.37 34.58
C TRP A 103 49.20 -63.28 33.22
N THR A 104 50.27 -64.06 33.06
CA THR A 104 51.08 -64.02 31.85
C THR A 104 50.93 -65.32 31.09
N VAL A 105 50.68 -65.21 29.78
CA VAL A 105 50.63 -66.35 28.88
C VAL A 105 51.75 -66.15 27.86
N SER A 106 52.91 -66.74 28.12
CA SER A 106 54.07 -66.60 27.27
C SER A 106 54.20 -67.84 26.39
N GLY A 107 55.23 -67.84 25.55
CA GLY A 107 55.47 -68.93 24.62
C GLY A 107 54.88 -68.66 23.25
N SER A 108 55.28 -69.50 22.30
CA SER A 108 54.86 -69.35 20.91
C SER A 108 54.60 -70.72 20.30
N ASN A 109 53.44 -70.86 19.66
CA ASN A 109 53.13 -72.06 18.89
C ASN A 109 52.06 -71.67 17.87
N THR A 110 52.45 -71.53 16.61
CA THR A 110 51.52 -71.05 15.59
C THR A 110 50.43 -72.06 15.29
N LYS A 111 50.63 -73.33 15.63
CA LYS A 111 49.63 -74.36 15.36
C LYS A 111 48.51 -74.38 16.40
N TRP A 112 48.60 -73.56 17.44
CA TRP A 112 47.60 -73.50 18.49
C TRP A 112 47.11 -72.07 18.67
N MET A 113 45.83 -71.92 18.99
CA MET A 113 45.21 -70.63 19.23
C MET A 113 44.60 -70.66 20.63
N ILE A 114 44.98 -69.69 21.46
CA ILE A 114 44.62 -69.66 22.87
C ILE A 114 44.01 -68.30 23.18
N GLU A 115 42.80 -68.31 23.72
CA GLU A 115 42.15 -67.12 24.24
C GLU A 115 41.91 -67.30 25.73
N TYR A 116 41.86 -66.19 26.46
CA TYR A 116 41.55 -66.27 27.88
C TYR A 116 40.81 -65.01 28.32
N SER A 117 39.93 -65.18 29.30
CA SER A 117 39.09 -64.08 29.76
C SER A 117 38.70 -64.30 31.20
N GLY A 118 38.25 -63.22 31.84
CA GLY A 118 37.76 -63.28 33.21
C GLY A 118 38.75 -62.84 34.27
N GLN A 119 40.01 -62.60 33.90
CA GLN A 119 41.00 -62.21 34.88
C GLN A 119 40.73 -60.80 35.40
N ASN A 120 41.17 -60.56 36.64
CA ASN A 120 41.12 -59.23 37.25
C ASN A 120 42.50 -58.91 37.79
N LEU A 121 43.10 -57.84 37.27
CA LEU A 121 44.46 -57.45 37.65
C LEU A 121 44.52 -56.19 38.49
N ASP A 122 43.37 -55.57 38.78
CA ASP A 122 43.38 -54.30 39.50
C ASP A 122 43.69 -54.51 40.98
N SER A 123 42.84 -55.25 41.67
CA SER A 123 43.02 -55.49 43.10
C SER A 123 42.09 -56.61 43.54
N GLY A 124 42.43 -57.25 44.65
CA GLY A 124 41.64 -58.34 45.17
C GLY A 124 42.08 -59.69 44.64
N ALA A 125 41.13 -60.61 44.50
CA ALA A 125 41.45 -61.94 43.99
C ALA A 125 41.70 -61.89 42.48
N LEU A 126 42.30 -62.96 41.96
CA LEU A 126 42.60 -63.04 40.53
C LEU A 126 41.43 -63.56 39.71
N GLY A 127 40.38 -64.07 40.35
CA GLY A 127 39.16 -64.40 39.65
C GLY A 127 39.17 -65.78 39.00
N THR A 128 38.16 -65.96 38.16
CA THR A 128 37.95 -67.20 37.40
C THR A 128 38.32 -66.94 35.95
N ILE A 129 39.51 -67.39 35.57
CA ILE A 129 40.03 -67.22 34.22
C ILE A 129 39.66 -68.45 33.40
N THR A 130 38.92 -68.23 32.32
CA THR A 130 38.57 -69.29 31.37
C THR A 130 39.49 -69.16 30.16
N VAL A 131 40.12 -70.28 29.78
CA VAL A 131 41.10 -70.32 28.71
C VAL A 131 40.61 -71.31 27.66
N ASP A 132 40.27 -70.80 26.48
CA ASP A 132 39.82 -71.61 25.36
C ASP A 132 41.02 -71.94 24.49
N THR A 133 41.23 -73.23 24.25
CA THR A 133 42.35 -73.72 23.46
C THR A 133 41.84 -74.43 22.22
N LEU A 134 42.49 -74.19 21.08
CA LEU A 134 42.06 -74.83 19.84
C LEU A 134 43.25 -75.00 18.91
N LYS A 135 43.42 -76.21 18.38
CA LYS A 135 44.49 -76.49 17.44
C LYS A 135 43.98 -76.29 16.01
N LYS A 136 44.68 -75.45 15.25
CA LYS A 136 44.31 -75.18 13.87
C LYS A 136 45.50 -75.42 12.94
N ALA B 2 34.63 -50.64 49.21
CA ALA B 2 36.02 -51.06 49.06
C ALA B 2 36.20 -51.92 47.82
N TYR B 3 37.35 -51.80 47.18
CA TYR B 3 37.59 -52.48 45.91
C TYR B 3 37.85 -53.97 46.09
N ALA B 4 38.22 -54.42 47.29
CA ALA B 4 38.45 -55.84 47.49
C ALA B 4 37.20 -56.66 47.19
N GLN B 5 36.01 -56.08 47.31
CA GLN B 5 34.76 -56.75 47.00
C GLN B 5 34.29 -56.30 45.62
N TRP B 6 34.21 -57.26 44.70
CA TRP B 6 33.85 -56.98 43.32
C TRP B 6 33.14 -58.19 42.74
N VAL B 7 32.43 -57.96 41.63
CA VAL B 7 31.73 -59.01 40.92
C VAL B 7 31.66 -58.63 39.45
N ILE B 8 31.85 -59.62 38.59
CA ILE B 8 31.65 -59.49 37.16
C ILE B 8 30.60 -60.51 36.77
N ILE B 9 29.58 -60.07 36.04
CA ILE B 9 28.54 -60.98 35.56
C ILE B 9 28.49 -60.82 34.04
N ILE B 10 28.77 -61.91 33.34
CA ILE B 10 28.82 -61.92 31.87
C ILE B 10 27.61 -62.73 31.40
N ILE B 11 26.62 -62.02 30.87
CA ILE B 11 25.44 -62.62 30.28
C ILE B 11 25.77 -63.03 28.85
N HIS B 12 25.58 -64.31 28.54
CA HIS B 12 25.89 -64.86 27.23
C HIS B 12 24.63 -65.51 26.69
N ASN B 13 24.04 -64.89 25.66
CA ASN B 13 22.80 -65.38 25.07
C ASN B 13 23.15 -66.47 24.07
N VAL B 14 23.30 -67.70 24.58
CA VAL B 14 23.62 -68.83 23.72
C VAL B 14 22.47 -69.20 22.81
N GLY B 15 21.26 -68.74 23.11
CA GLY B 15 20.08 -69.07 22.32
C GLY B 15 20.02 -68.28 21.03
N SER B 16 18.83 -68.31 20.41
CA SER B 16 18.62 -67.67 19.12
C SER B 16 17.58 -66.56 19.16
N GLN B 17 17.10 -66.17 20.34
CA GLN B 17 16.11 -65.11 20.47
C GLN B 17 16.56 -64.13 21.54
N ASP B 18 16.10 -62.88 21.42
CA ASP B 18 16.60 -61.80 22.25
C ASP B 18 16.19 -61.96 23.70
N VAL B 19 17.02 -61.43 24.60
CA VAL B 19 16.74 -61.35 26.03
C VAL B 19 17.10 -59.94 26.49
N LYS B 20 16.23 -59.34 27.30
CA LYS B 20 16.37 -57.95 27.71
C LYS B 20 16.72 -57.84 29.19
N ILE B 21 17.61 -56.91 29.51
CA ILE B 21 17.91 -56.58 30.89
C ILE B 21 16.87 -55.60 31.40
N LYS B 22 16.53 -55.69 32.69
CA LYS B 22 15.57 -54.78 33.27
C LYS B 22 15.83 -54.64 34.76
N ASN B 23 15.39 -53.50 35.31
CA ASN B 23 15.41 -53.25 36.75
C ASN B 23 16.81 -53.43 37.34
N LEU B 24 17.84 -53.20 36.55
CA LEU B 24 19.20 -53.25 37.08
C LEU B 24 19.37 -52.15 38.13
N LYS B 25 19.88 -52.52 39.29
CA LYS B 25 19.96 -51.61 40.42
C LYS B 25 21.05 -52.07 41.37
N ALA B 26 22.03 -51.22 41.63
CA ALA B 26 23.11 -51.50 42.57
C ALA B 26 22.77 -50.81 43.88
N SER B 27 22.27 -51.58 44.85
CA SER B 27 21.92 -51.01 46.14
C SER B 27 23.15 -50.54 46.89
N TRP B 28 24.26 -51.27 46.77
CA TRP B 28 25.48 -50.97 47.49
C TRP B 28 26.65 -51.00 46.50
N GLY B 29 27.71 -50.28 46.83
CA GLY B 29 28.83 -50.21 45.91
C GLY B 29 28.48 -49.42 44.66
N LYS B 30 29.11 -49.79 43.55
CA LYS B 30 28.98 -49.05 42.31
C LYS B 30 29.26 -49.96 41.12
N LEU B 31 28.61 -49.66 40.00
CA LEU B 31 29.00 -50.23 38.73
C LEU B 31 30.17 -49.45 38.14
N HIS B 32 30.84 -50.06 37.16
CA HIS B 32 32.00 -49.43 36.55
C HIS B 32 32.32 -50.14 35.24
N ALA B 33 33.17 -49.49 34.43
CA ALA B 33 33.57 -50.04 33.15
C ALA B 33 34.68 -51.07 33.32
N ASP B 34 34.69 -52.06 32.43
CA ASP B 34 35.62 -53.18 32.56
C ASP B 34 37.06 -52.70 32.67
N GLY B 35 37.76 -53.22 33.67
CA GLY B 35 39.18 -52.95 33.84
C GLY B 35 39.50 -51.66 34.57
N ASP B 36 38.50 -50.88 34.95
CA ASP B 36 38.71 -49.59 35.62
C ASP B 36 37.62 -49.43 36.67
N LYS B 37 37.94 -49.83 37.92
CA LYS B 37 36.98 -49.63 39.01
C LYS B 37 36.74 -48.16 39.30
N ASP B 38 37.64 -47.27 38.85
CA ASP B 38 37.45 -45.85 39.06
C ASP B 38 36.40 -45.26 38.11
N ALA B 39 36.30 -45.80 36.90
CA ALA B 39 35.40 -45.27 35.88
C ALA B 39 33.97 -45.71 36.18
N GLU B 40 33.30 -44.91 37.02
CA GLU B 40 31.92 -45.22 37.38
C GLU B 40 31.00 -45.11 36.16
N VAL B 41 29.98 -45.96 36.13
CA VAL B 41 28.97 -45.95 35.08
C VAL B 41 27.60 -46.01 35.73
N SER B 42 26.60 -45.54 34.98
CA SER B 42 25.23 -45.50 35.45
C SER B 42 24.46 -46.74 35.03
N ALA B 43 23.44 -47.09 35.83
CA ALA B 43 22.61 -48.24 35.51
C ALA B 43 21.88 -48.06 34.19
N SER B 44 21.61 -46.83 33.78
CA SER B 44 20.94 -46.59 32.52
C SER B 44 21.79 -47.06 31.34
N ASN B 45 23.10 -47.19 31.51
CA ASN B 45 23.96 -47.71 30.46
C ASN B 45 23.62 -49.14 30.08
N TYR B 46 22.89 -49.86 30.95
CA TYR B 46 22.51 -51.23 30.68
C TYR B 46 21.01 -51.48 30.78
N GLU B 47 20.26 -50.61 31.45
CA GLU B 47 18.82 -50.81 31.59
C GLU B 47 18.15 -50.89 30.23
N GLY B 48 17.30 -51.89 30.05
CA GLY B 48 16.55 -52.04 28.81
C GLY B 48 17.36 -52.56 27.64
N LYS B 49 18.62 -52.96 27.86
CA LYS B 49 19.45 -53.42 26.77
C LYS B 49 19.02 -54.79 26.28
N ILE B 50 19.11 -54.97 24.96
CA ILE B 50 18.82 -56.24 24.30
C ILE B 50 20.15 -56.96 24.07
N VAL B 51 20.25 -58.20 24.52
CA VAL B 51 21.40 -59.05 24.24
C VAL B 51 21.01 -59.91 23.04
N LYS B 52 21.51 -59.56 21.87
CA LYS B 52 21.20 -60.34 20.68
C LYS B 52 21.84 -61.73 20.78
N PRO B 53 21.30 -62.70 20.07
CA PRO B 53 21.88 -64.06 20.13
C PRO B 53 23.35 -64.04 19.75
N ASP B 54 24.13 -64.86 20.47
CA ASP B 54 25.58 -64.98 20.35
C ASP B 54 26.31 -63.77 20.89
N GLU B 55 25.61 -62.82 21.51
CA GLU B 55 26.24 -61.62 22.07
C GLU B 55 26.53 -61.82 23.54
N LYS B 56 27.53 -61.10 24.04
CA LYS B 56 27.94 -61.14 25.44
C LYS B 56 27.88 -59.74 26.03
N LEU B 57 27.33 -59.64 27.24
CA LEU B 57 27.19 -58.36 27.93
C LEU B 57 27.78 -58.48 29.32
N GLN B 58 28.69 -57.58 29.66
CA GLN B 58 29.43 -57.64 30.92
C GLN B 58 28.96 -56.51 31.84
N ILE B 59 28.64 -56.87 33.09
CA ILE B 59 28.32 -55.89 34.12
C ILE B 59 29.34 -56.07 35.24
N ASN B 60 30.05 -54.98 35.56
CA ASN B 60 31.09 -54.99 36.59
C ASN B 60 30.62 -54.11 37.74
N ALA B 61 30.63 -54.67 38.95
CA ALA B 61 30.30 -53.93 40.16
C ALA B 61 31.40 -54.16 41.19
N SER B 62 31.52 -53.23 42.12
CA SER B 62 32.52 -53.33 43.18
C SER B 62 32.23 -52.26 44.22
N GLY B 63 32.86 -52.40 45.38
CA GLY B 63 32.70 -51.42 46.43
C GLY B 63 33.31 -50.07 46.04
N ARG B 64 32.93 -49.05 46.79
CA ARG B 64 33.39 -47.69 46.52
C ARG B 64 34.83 -47.52 47.00
N SER B 65 35.33 -46.28 46.95
CA SER B 65 36.73 -46.00 47.23
C SER B 65 37.04 -46.08 48.72
N ASP B 66 37.54 -47.23 49.16
CA ASP B 66 38.02 -47.47 50.52
C ASP B 66 36.92 -47.53 51.57
N ALA B 67 35.66 -47.32 51.19
CA ALA B 67 34.59 -47.40 52.17
C ALA B 67 34.48 -48.81 52.72
N ALA B 68 33.99 -48.92 53.95
CA ALA B 68 33.74 -50.22 54.55
C ALA B 68 32.57 -50.95 53.90
N GLU B 69 31.98 -50.36 52.85
CA GLU B 69 30.88 -51.00 52.16
C GLU B 69 31.39 -52.10 51.23
N GLY B 70 30.54 -53.10 51.01
CA GLY B 70 30.80 -54.11 50.00
C GLY B 70 30.10 -53.76 48.70
N THR B 71 29.39 -54.72 48.12
CA THR B 71 28.55 -54.46 46.96
C THR B 71 27.33 -55.37 47.00
N THR B 72 26.23 -54.88 46.43
CA THR B 72 24.99 -55.63 46.38
C THR B 72 24.12 -55.06 45.27
N GLY B 73 23.41 -55.93 44.56
CA GLY B 73 22.58 -55.48 43.47
C GLY B 73 21.64 -56.56 43.00
N THR B 74 20.74 -56.16 42.11
CA THR B 74 19.74 -57.06 41.56
C THR B 74 19.36 -56.59 40.17
N PHE B 75 18.82 -57.51 39.38
CA PHE B 75 18.31 -57.19 38.05
C PHE B 75 17.43 -58.34 37.59
N ASP B 76 16.86 -58.19 36.39
CA ASP B 76 15.94 -59.17 35.85
C ASP B 76 16.25 -59.40 34.38
N LEU B 77 16.26 -60.67 33.98
CA LEU B 77 16.22 -61.05 32.58
C LEU B 77 14.76 -61.24 32.19
N VAL B 78 14.36 -60.62 31.07
CA VAL B 78 12.99 -60.69 30.58
C VAL B 78 13.01 -61.02 29.09
N ASP B 79 11.86 -61.48 28.59
CA ASP B 79 11.73 -61.89 27.21
C ASP B 79 11.06 -60.76 26.42
N PRO B 80 11.78 -60.06 25.54
CA PRO B 80 11.13 -58.99 24.76
C PRO B 80 10.04 -59.50 23.84
N ALA B 81 10.12 -60.76 23.39
CA ALA B 81 9.17 -61.31 22.45
C ALA B 81 7.90 -61.86 23.09
N ASP B 82 7.80 -61.82 24.42
CA ASP B 82 6.65 -62.32 25.14
C ASP B 82 6.12 -61.27 26.11
N GLY B 83 6.00 -60.04 25.61
CA GLY B 83 5.50 -58.95 26.45
C GLY B 83 6.36 -58.69 27.67
N ASP B 84 7.67 -58.80 27.52
CA ASP B 84 8.61 -58.59 28.62
C ASP B 84 8.31 -59.50 29.80
N LYS B 85 7.81 -60.71 29.53
CA LYS B 85 7.56 -61.66 30.60
C LYS B 85 8.87 -62.00 31.30
N GLN B 86 8.82 -62.03 32.63
CA GLN B 86 10.04 -62.25 33.39
C GLN B 86 10.61 -63.63 33.09
N VAL B 87 11.89 -63.66 32.74
CA VAL B 87 12.65 -64.90 32.62
C VAL B 87 13.27 -65.28 33.95
N ARG B 88 14.03 -64.37 34.56
CA ARG B 88 14.71 -64.68 35.81
C ARG B 88 14.99 -63.39 36.58
N HIS B 89 15.26 -63.57 37.87
CA HIS B 89 15.60 -62.49 38.78
C HIS B 89 16.93 -62.83 39.44
N PHE B 90 17.94 -61.99 39.24
CA PHE B 90 19.27 -62.25 39.74
C PHE B 90 19.59 -61.26 40.85
N TYR B 91 20.15 -61.78 41.95
CA TYR B 91 20.56 -60.97 43.09
C TYR B 91 21.98 -61.37 43.47
N TRP B 92 22.85 -60.38 43.65
CA TRP B 92 24.24 -60.62 44.00
C TRP B 92 24.62 -59.78 45.21
N ASP B 93 25.48 -60.32 46.06
CA ASP B 93 25.90 -59.65 47.28
C ASP B 93 27.29 -60.13 47.67
N SER B 94 28.25 -59.23 47.71
CA SER B 94 29.60 -59.47 48.24
C SER B 94 29.83 -58.47 49.36
N PRO B 95 29.52 -58.83 50.60
CA PRO B 95 29.65 -57.87 51.70
C PRO B 95 31.09 -57.66 52.14
N TRP B 96 31.32 -56.53 52.79
CA TRP B 96 32.62 -56.25 53.41
C TRP B 96 32.73 -56.91 54.78
N GLY B 97 31.66 -56.87 55.56
CA GLY B 97 31.70 -57.44 56.90
C GLY B 97 31.58 -58.94 56.91
N SER B 98 30.46 -59.46 56.43
CA SER B 98 30.27 -60.90 56.41
C SER B 98 31.22 -61.54 55.40
N LYS B 99 31.75 -62.70 55.77
CA LYS B 99 32.67 -63.40 54.88
C LYS B 99 31.93 -64.06 53.72
N THR B 100 30.78 -64.67 54.01
CA THR B 100 30.05 -65.42 53.00
C THR B 100 29.39 -64.48 52.00
N ASN B 101 29.54 -64.78 50.70
CA ASN B 101 28.90 -64.02 49.65
C ASN B 101 27.54 -64.64 49.32
N THR B 102 26.88 -64.15 48.28
CA THR B 102 25.58 -64.69 47.91
C THR B 102 25.29 -64.37 46.45
N TRP B 103 24.90 -65.39 45.70
CA TRP B 103 24.44 -65.23 44.32
C TRP B 103 23.20 -66.08 44.15
N THR B 104 22.05 -65.44 43.98
CA THR B 104 20.76 -66.11 43.94
C THR B 104 20.07 -65.84 42.61
N VAL B 105 19.57 -66.90 41.98
CA VAL B 105 18.78 -66.79 40.76
C VAL B 105 17.41 -67.38 41.07
N SER B 106 16.37 -66.55 40.95
CA SER B 106 15.01 -66.97 41.21
C SER B 106 14.19 -66.77 39.94
N GLY B 107 12.98 -67.31 39.95
CA GLY B 107 12.10 -67.27 38.81
C GLY B 107 11.68 -68.67 38.39
N SER B 108 10.66 -68.70 37.53
CA SER B 108 10.07 -69.97 37.15
C SER B 108 9.72 -70.06 35.67
N ASN B 109 10.23 -69.17 34.82
CA ASN B 109 9.96 -69.27 33.39
C ASN B 109 10.46 -70.60 32.86
N THR B 110 9.56 -71.36 32.22
CA THR B 110 9.85 -72.73 31.83
C THR B 110 10.35 -72.86 30.39
N LYS B 111 10.07 -71.88 29.53
CA LYS B 111 10.56 -71.90 28.16
C LYS B 111 11.94 -71.26 28.03
N TRP B 112 12.67 -71.15 29.14
CA TRP B 112 14.02 -70.61 29.14
C TRP B 112 14.93 -71.51 29.97
N MET B 113 16.18 -71.61 29.55
CA MET B 113 17.22 -72.33 30.27
C MET B 113 18.33 -71.35 30.62
N ILE B 114 18.63 -71.26 31.91
CA ILE B 114 19.66 -70.36 32.43
C ILE B 114 20.64 -71.19 33.25
N GLU B 115 21.93 -71.02 32.96
CA GLU B 115 22.98 -71.75 33.66
C GLU B 115 24.07 -70.78 34.08
N TYR B 116 24.30 -70.66 35.37
CA TYR B 116 25.29 -69.74 35.93
C TYR B 116 26.42 -70.53 36.58
N SER B 117 27.64 -70.05 36.39
CA SER B 117 28.80 -70.75 36.94
C SER B 117 29.93 -69.76 37.20
N GLY B 118 30.80 -70.11 38.14
CA GLY B 118 32.01 -69.35 38.42
C GLY B 118 31.97 -68.57 39.71
N GLN B 119 30.87 -68.58 40.44
CA GLN B 119 30.78 -67.78 41.67
C GLN B 119 31.62 -68.40 42.78
N ASN B 120 32.04 -67.54 43.71
CA ASN B 120 32.71 -67.96 44.94
C ASN B 120 31.89 -67.50 46.12
N LEU B 121 31.64 -68.41 47.06
CA LEU B 121 30.75 -68.14 48.19
C LEU B 121 31.42 -68.23 49.55
N ASP B 122 32.67 -68.68 49.63
CA ASP B 122 33.30 -68.88 50.93
C ASP B 122 33.80 -67.56 51.52
N SER B 123 34.72 -66.90 50.83
CA SER B 123 35.31 -65.67 51.33
C SER B 123 35.88 -64.89 50.16
N GLY B 124 36.20 -63.62 50.41
CA GLY B 124 36.76 -62.78 49.38
C GLY B 124 35.70 -62.26 48.42
N ALA B 125 36.16 -61.81 47.26
CA ALA B 125 35.27 -61.28 46.25
C ALA B 125 34.35 -62.36 45.71
N LEU B 126 33.19 -61.94 45.21
CA LEU B 126 32.24 -62.89 44.64
C LEU B 126 32.77 -63.52 43.35
N GLY B 127 33.55 -62.77 42.58
CA GLY B 127 34.24 -63.32 41.43
C GLY B 127 33.55 -63.00 40.11
N THR B 128 33.83 -63.85 39.13
CA THR B 128 33.26 -63.75 37.80
C THR B 128 32.23 -64.86 37.61
N ILE B 129 31.05 -64.49 37.13
CA ILE B 129 29.93 -65.41 36.97
C ILE B 129 29.47 -65.33 35.52
N THR B 130 29.54 -66.46 34.83
CA THR B 130 29.05 -66.59 33.46
C THR B 130 27.64 -67.15 33.51
N VAL B 131 26.70 -66.45 32.86
CA VAL B 131 25.30 -66.85 32.83
C VAL B 131 24.93 -67.08 31.38
N ASP B 132 24.86 -68.35 30.98
CA ASP B 132 24.40 -68.73 29.65
C ASP B 132 22.88 -68.81 29.64
N THR B 133 22.26 -68.09 28.72
CA THR B 133 20.81 -68.04 28.58
C THR B 133 20.40 -68.56 27.22
N LEU B 134 19.31 -69.34 27.20
CA LEU B 134 18.81 -69.91 25.96
C LEU B 134 17.29 -69.99 26.07
N LYS B 135 16.62 -69.86 24.93
CA LYS B 135 15.17 -70.02 24.86
C LYS B 135 14.85 -71.27 24.05
N LYS B 136 14.14 -72.21 24.68
CA LYS B 136 13.81 -73.47 24.05
C LYS B 136 13.00 -73.25 22.78
N GLN C 10 -14.57 -42.58 -31.00
CA GLN C 10 -13.63 -43.33 -30.19
C GLN C 10 -13.99 -43.24 -28.71
N ALA C 11 -14.53 -42.09 -28.31
CA ALA C 11 -14.92 -41.92 -26.91
C ALA C 11 -15.99 -42.93 -26.55
N GLY C 12 -15.88 -43.51 -25.35
CA GLY C 12 -16.77 -44.57 -24.94
C GLY C 12 -16.39 -45.93 -25.44
N ASP C 13 -15.24 -46.07 -26.11
CA ASP C 13 -14.79 -47.37 -26.61
C ASP C 13 -14.23 -48.21 -25.48
N THR C 14 -14.45 -49.51 -25.58
CA THR C 14 -14.04 -50.46 -24.54
C THR C 14 -13.22 -51.60 -25.16
N LEU C 15 -12.76 -52.48 -24.27
CA LEU C 15 -12.05 -53.67 -24.73
C LEU C 15 -12.89 -54.47 -25.71
N ASN C 16 -14.21 -54.43 -25.57
CA ASN C 16 -15.06 -55.13 -26.53
C ASN C 16 -14.87 -54.58 -27.93
N ASP C 17 -14.87 -53.25 -28.08
CA ASP C 17 -14.65 -52.68 -29.41
C ASP C 17 -13.23 -52.97 -29.91
N VAL C 18 -12.24 -52.88 -29.01
CA VAL C 18 -10.87 -53.14 -29.42
C VAL C 18 -10.72 -54.56 -29.93
N ILE C 19 -11.33 -55.52 -29.23
CA ILE C 19 -11.27 -56.92 -29.63
C ILE C 19 -12.08 -57.16 -30.90
N GLN C 20 -13.22 -56.47 -31.04
CA GLN C 20 -14.05 -56.65 -32.22
C GLN C 20 -13.33 -56.23 -33.49
N ASP C 21 -12.62 -55.11 -33.43
CA ASP C 21 -11.88 -54.67 -34.62
C ASP C 21 -10.62 -55.51 -34.76
N PRO C 22 -10.44 -56.24 -35.87
CA PRO C 22 -9.23 -57.08 -35.99
C PRO C 22 -7.93 -56.30 -35.92
N THR C 23 -7.88 -55.10 -36.50
CA THR C 23 -6.65 -54.32 -36.46
C THR C 23 -6.32 -53.89 -35.04
N ARG C 24 -7.31 -53.34 -34.32
CA ARG C 24 -7.06 -52.89 -32.96
C ARG C 24 -6.73 -54.05 -32.03
N ARG C 25 -7.39 -55.20 -32.22
CA ARG C 25 -7.10 -56.36 -31.41
C ARG C 25 -5.66 -56.83 -31.62
N ASN C 26 -5.21 -56.89 -32.87
CA ASN C 26 -3.85 -57.29 -33.14
C ASN C 26 -2.86 -56.27 -32.59
N LYS C 27 -3.18 -54.98 -32.69
CA LYS C 27 -2.31 -53.97 -32.12
C LYS C 27 -2.19 -54.14 -30.61
N LEU C 28 -3.32 -54.42 -29.94
CA LEU C 28 -3.27 -54.65 -28.50
C LEU C 28 -2.40 -55.87 -28.18
N ILE C 29 -2.58 -56.96 -28.91
CA ILE C 29 -1.82 -58.17 -28.64
C ILE C 29 -0.33 -57.90 -28.81
N ASN C 30 0.04 -57.21 -29.90
CA ASN C 30 1.45 -56.96 -30.17
C ASN C 30 2.04 -56.01 -29.14
N ASP C 31 1.36 -54.90 -28.86
CA ASP C 31 1.88 -53.90 -27.95
C ASP C 31 1.96 -54.41 -26.51
N ASN C 32 1.15 -55.41 -26.15
CA ASN C 32 1.19 -55.96 -24.81
C ASN C 32 1.93 -57.29 -24.71
N ASN C 33 2.41 -57.83 -25.83
CA ASN C 33 3.25 -59.02 -25.81
C ASN C 33 2.48 -60.20 -25.23
N LEU C 34 1.21 -60.31 -25.60
CA LEU C 34 0.33 -61.30 -25.00
C LEU C 34 0.63 -62.71 -25.51
N LEU C 35 1.37 -62.85 -26.60
CA LEU C 35 1.72 -64.15 -27.14
C LEU C 35 3.08 -64.65 -26.67
N LYS C 36 3.77 -63.89 -25.81
CA LYS C 36 5.13 -64.20 -25.41
C LYS C 36 5.18 -64.51 -23.91
N GLY C 37 6.06 -65.45 -23.55
CA GLY C 37 6.29 -65.77 -22.16
C GLY C 37 7.23 -64.78 -21.49
N ILE C 38 7.37 -64.92 -20.18
CA ILE C 38 8.22 -64.05 -19.37
C ILE C 38 9.45 -64.84 -18.94
N ILE C 39 10.64 -64.23 -19.09
CA ILE C 39 11.88 -64.97 -18.98
C ILE C 39 12.35 -65.14 -17.54
N MET C 40 11.83 -64.35 -16.59
CA MET C 40 12.17 -64.55 -15.18
C MET C 40 13.66 -64.78 -14.99
N GLY C 41 14.47 -63.80 -15.37
CA GLY C 41 15.90 -63.98 -15.35
C GLY C 41 16.60 -63.05 -14.38
N ARG C 42 17.89 -62.81 -14.60
CA ARG C 42 18.66 -62.00 -13.67
C ARG C 42 18.18 -60.56 -13.64
N ASP C 43 17.59 -60.08 -14.74
CA ASP C 43 17.08 -58.72 -14.83
C ASP C 43 15.62 -58.60 -14.41
N GLY C 44 14.99 -59.70 -14.02
CA GLY C 44 13.60 -59.68 -13.62
C GLY C 44 12.69 -60.29 -14.68
N PRO C 45 11.38 -60.17 -14.48
CA PRO C 45 10.40 -60.73 -15.43
C PRO C 45 10.25 -59.88 -16.70
N VAL C 46 11.17 -60.10 -17.63
CA VAL C 46 11.14 -59.40 -18.91
C VAL C 46 10.51 -60.32 -19.94
N PRO C 47 9.57 -59.85 -20.75
CA PRO C 47 8.98 -60.71 -21.78
C PRO C 47 10.01 -61.10 -22.83
N SER C 48 9.85 -62.31 -23.36
CA SER C 48 10.72 -62.78 -24.43
C SER C 48 10.36 -62.09 -25.74
N SER C 49 11.25 -62.22 -26.72
CA SER C 49 11.05 -61.64 -28.05
C SER C 49 10.63 -62.69 -29.06
N ARG C 50 10.33 -63.90 -28.61
CA ARG C 50 9.88 -64.99 -29.47
C ARG C 50 8.46 -65.37 -29.09
N GLU C 51 7.59 -65.50 -30.09
CA GLU C 51 6.20 -65.85 -29.82
C GLU C 51 6.11 -67.28 -29.34
N LEU C 52 5.42 -67.49 -28.23
CA LEU C 52 5.26 -68.82 -27.63
C LEU C 52 4.01 -69.53 -28.16
N ILE C 53 2.89 -68.82 -28.22
CA ILE C 53 1.63 -69.41 -28.65
C ILE C 53 1.26 -68.88 -30.03
N VAL C 54 0.25 -69.51 -30.63
CA VAL C 54 -0.25 -69.10 -31.94
C VAL C 54 -1.24 -67.95 -31.76
N ARG C 55 -1.28 -67.05 -32.72
CA ARG C 55 -2.13 -65.88 -32.63
C ARG C 55 -3.59 -66.31 -32.60
N PRO C 56 -4.35 -65.97 -31.55
CA PRO C 56 -5.77 -66.33 -31.54
C PRO C 56 -6.57 -65.49 -32.52
N ASP C 57 -7.71 -66.03 -32.92
CA ASP C 57 -8.65 -65.29 -33.75
C ASP C 57 -9.55 -64.37 -32.94
N THR C 58 -9.54 -64.49 -31.62
CA THR C 58 -10.32 -63.62 -30.74
C THR C 58 -9.76 -63.76 -29.34
N LEU C 59 -10.27 -62.91 -28.44
CA LEU C 59 -9.84 -62.90 -27.05
C LEU C 59 -11.05 -62.92 -26.13
N ARG C 60 -10.89 -63.57 -24.98
CA ARG C 60 -11.90 -63.55 -23.93
C ARG C 60 -11.61 -62.35 -23.03
N ALA C 61 -12.60 -61.48 -22.86
CA ALA C 61 -12.38 -60.25 -22.11
C ALA C 61 -13.62 -59.89 -21.32
N ILE C 62 -13.40 -59.15 -20.23
CA ILE C 62 -14.46 -58.57 -19.42
C ILE C 62 -14.14 -57.09 -19.26
N ILE C 63 -15.19 -56.29 -19.05
CA ILE C 63 -15.04 -54.84 -18.93
C ILE C 63 -15.12 -54.46 -17.46
N ASN C 64 -14.19 -53.63 -17.02
CA ASN C 64 -14.15 -53.14 -15.65
C ASN C 64 -13.47 -51.78 -15.65
N ASN C 65 -14.17 -50.78 -15.11
CA ASN C 65 -13.69 -49.39 -15.15
C ASN C 65 -13.63 -48.75 -13.76
N ARG C 66 -13.55 -49.56 -12.71
CA ARG C 66 -13.49 -49.04 -11.35
C ARG C 66 -12.05 -48.66 -11.03
N ALA C 67 -11.79 -47.36 -10.90
CA ALA C 67 -10.47 -46.87 -10.55
C ALA C 67 -10.35 -46.76 -9.04
N THR C 68 -9.28 -47.34 -8.48
CA THR C 68 -9.10 -47.39 -7.05
C THR C 68 -7.65 -47.74 -6.76
N ILE C 69 -7.27 -47.62 -5.48
CA ILE C 69 -5.91 -47.92 -5.03
C ILE C 69 -5.95 -49.23 -4.26
N GLU C 70 -5.12 -50.17 -4.66
CA GLU C 70 -4.99 -51.47 -4.02
C GLU C 70 -3.58 -51.62 -3.47
N THR C 71 -3.44 -52.43 -2.42
CA THR C 71 -2.15 -52.66 -1.79
C THR C 71 -1.93 -54.16 -1.60
N THR C 72 -0.69 -54.59 -1.75
CA THR C 72 -0.31 -55.98 -1.60
C THR C 72 1.00 -56.07 -0.84
N THR C 73 1.18 -57.17 -0.11
CA THR C 73 2.40 -57.41 0.65
C THR C 73 2.90 -58.82 0.37
N MET C 74 4.22 -58.97 0.39
CA MET C 74 4.87 -60.24 0.09
C MET C 74 5.99 -60.48 1.10
N GLU C 75 6.17 -61.73 1.48
CA GLU C 75 7.21 -62.11 2.44
C GLU C 75 8.39 -62.82 1.82
N ALA C 76 8.24 -63.34 0.60
CA ALA C 76 9.34 -64.03 -0.06
C ALA C 76 10.50 -63.06 -0.29
N GLU C 77 11.70 -63.64 -0.43
CA GLU C 77 12.91 -62.83 -0.47
C GLU C 77 13.14 -62.23 -1.85
N PHE C 78 13.17 -63.07 -2.89
CA PHE C 78 13.60 -62.65 -4.22
C PHE C 78 12.43 -62.23 -5.12
N THR C 79 11.33 -61.74 -4.55
CA THR C 79 10.15 -61.38 -5.32
C THR C 79 10.00 -59.87 -5.51
N GLU C 80 11.08 -59.11 -5.35
CA GLU C 80 10.99 -57.67 -5.51
C GLU C 80 10.56 -57.28 -6.92
N THR C 81 11.18 -57.89 -7.94
CA THR C 81 10.84 -57.54 -9.31
C THR C 81 9.42 -57.97 -9.66
N LEU C 82 8.97 -59.12 -9.14
CA LEU C 82 7.60 -59.53 -9.39
C LEU C 82 6.61 -58.56 -8.77
N MET C 83 6.88 -58.12 -7.54
CA MET C 83 6.01 -57.12 -6.92
C MET C 83 6.02 -55.82 -7.72
N GLU C 84 7.19 -55.43 -8.23
CA GLU C 84 7.25 -54.25 -9.09
C GLU C 84 6.48 -54.44 -10.39
N SER C 85 6.36 -55.68 -10.87
CA SER C 85 5.60 -55.99 -12.06
C SER C 85 4.13 -56.26 -11.75
N ASN C 86 3.74 -56.17 -10.48
CA ASN C 86 2.33 -56.24 -10.08
C ASN C 86 1.76 -57.64 -10.28
N TYR C 87 2.49 -58.63 -9.79
CA TYR C 87 2.02 -60.01 -9.77
C TYR C 87 1.31 -60.25 -8.45
N ASN C 88 0.09 -60.80 -8.53
CA ASN C 88 -0.65 -61.10 -7.31
C ASN C 88 0.03 -62.26 -6.58
N SER C 89 -0.56 -62.67 -5.46
CA SER C 89 0.08 -63.66 -4.60
C SER C 89 0.27 -64.98 -5.33
N ALA C 90 -0.74 -65.44 -6.05
CA ALA C 90 -0.64 -66.73 -6.74
C ALA C 90 0.44 -66.69 -7.82
N SER C 91 0.47 -65.62 -8.62
CA SER C 91 1.48 -65.51 -9.67
C SER C 91 2.87 -65.43 -9.08
N VAL C 92 3.04 -64.67 -7.99
CA VAL C 92 4.35 -64.58 -7.34
C VAL C 92 4.77 -65.93 -6.82
N LYS C 93 3.84 -66.68 -6.23
CA LYS C 93 4.16 -68.01 -5.73
C LYS C 93 4.58 -68.94 -6.87
N VAL C 94 3.89 -68.85 -8.01
CA VAL C 94 4.23 -69.72 -9.13
C VAL C 94 5.59 -69.35 -9.71
N SER C 95 5.90 -68.06 -9.77
CA SER C 95 7.13 -67.59 -10.43
C SER C 95 8.33 -67.57 -9.51
N ALA C 96 8.15 -67.68 -8.20
CA ALA C 96 9.27 -67.54 -7.28
C ALA C 96 10.40 -68.52 -7.56
N PRO C 97 10.16 -69.81 -7.81
CA PRO C 97 11.30 -70.73 -8.02
C PRO C 97 12.23 -70.27 -9.12
N PHE C 98 11.70 -69.82 -10.25
CA PHE C 98 12.55 -69.42 -11.37
C PHE C 98 13.32 -68.15 -11.04
N ILE C 99 12.64 -67.17 -10.45
CA ILE C 99 13.30 -65.91 -10.11
C ILE C 99 14.45 -66.17 -9.13
N THR C 100 14.18 -66.96 -8.09
CA THR C 100 15.24 -67.30 -7.15
C THR C 100 16.39 -68.00 -7.86
N ALA C 101 16.07 -69.04 -8.63
CA ALA C 101 17.12 -69.81 -9.29
C ALA C 101 18.01 -68.94 -10.16
N ASN C 102 17.41 -67.99 -10.89
CA ASN C 102 18.17 -67.17 -11.83
C ASN C 102 18.61 -65.82 -11.25
N SER C 103 18.32 -65.54 -9.98
CA SER C 103 18.70 -64.27 -9.40
C SER C 103 20.21 -64.15 -9.25
N GLU C 104 20.66 -62.98 -8.83
CA GLU C 104 22.06 -62.71 -8.52
C GLU C 104 22.19 -62.59 -7.01
N TYR C 105 22.72 -63.63 -6.37
CA TYR C 105 22.89 -63.60 -4.92
C TYR C 105 24.08 -62.73 -4.55
N SER C 106 24.03 -62.18 -3.34
CA SER C 106 25.11 -61.33 -2.85
C SER C 106 24.87 -61.06 -1.37
N GLU C 107 25.97 -60.92 -0.63
CA GLU C 107 25.88 -60.50 0.76
C GLU C 107 25.43 -59.05 0.83
N SER C 108 25.23 -58.56 2.06
CA SER C 108 24.77 -57.20 2.29
C SER C 108 23.39 -56.95 1.70
N SER C 109 22.63 -58.02 1.44
CA SER C 109 21.29 -57.86 0.91
C SER C 109 20.41 -57.15 1.93
N SER C 110 19.67 -56.14 1.46
CA SER C 110 18.83 -55.37 2.37
C SER C 110 17.72 -56.21 2.98
N PHE C 111 17.39 -57.35 2.38
CA PHE C 111 16.38 -58.24 2.92
C PHE C 111 16.93 -59.02 4.10
N LYS C 112 16.14 -59.11 5.17
CA LYS C 112 16.51 -59.84 6.37
C LYS C 112 15.39 -60.79 6.73
N ASN C 113 15.73 -62.05 6.96
CA ASN C 113 14.75 -63.07 7.34
C ASN C 113 15.30 -63.94 8.47
N THR C 114 15.95 -63.32 9.44
CA THR C 114 16.50 -64.05 10.57
C THR C 114 15.36 -64.44 11.52
N GLU C 115 15.70 -65.20 12.57
CA GLU C 115 14.67 -65.63 13.51
C GLU C 115 14.20 -64.50 14.41
N THR C 116 14.87 -63.36 14.40
CA THR C 116 14.53 -62.24 15.28
C THR C 116 13.86 -61.09 14.55
N GLU C 117 14.18 -60.86 13.28
CA GLU C 117 13.53 -59.82 12.48
C GLU C 117 12.98 -60.41 11.19
N LYS C 118 12.04 -59.68 10.59
CA LYS C 118 11.34 -60.10 9.38
C LYS C 118 11.27 -58.92 8.42
N SER C 119 11.44 -59.20 7.13
CA SER C 119 11.41 -58.18 6.09
C SER C 119 10.29 -58.50 5.09
N MET C 120 9.66 -57.45 4.58
CA MET C 120 8.52 -57.59 3.69
C MET C 120 8.59 -56.53 2.59
N TYR C 121 7.97 -56.83 1.45
CA TYR C 121 7.80 -55.87 0.37
C TYR C 121 6.34 -55.42 0.33
N THR C 122 6.14 -54.13 0.06
CA THR C 122 4.80 -53.56 -0.07
C THR C 122 4.70 -52.80 -1.38
N SER C 123 3.53 -52.86 -2.01
CA SER C 123 3.30 -52.21 -3.29
C SER C 123 1.88 -51.66 -3.32
N SER C 124 1.74 -50.40 -3.72
CA SER C 124 0.44 -49.75 -3.87
C SER C 124 0.26 -49.35 -5.33
N ARG C 125 -0.81 -49.81 -5.95
CA ARG C 125 -1.11 -49.55 -7.35
C ARG C 125 -2.37 -48.72 -7.44
N TYR C 126 -2.25 -47.51 -7.98
CA TYR C 126 -3.39 -46.69 -8.35
C TYR C 126 -3.80 -47.08 -9.76
N LEU C 127 -4.91 -47.79 -9.88
CA LEU C 127 -5.32 -48.43 -11.12
C LEU C 127 -6.46 -47.66 -11.77
N PHE C 128 -6.37 -47.52 -13.09
CA PHE C 128 -7.46 -47.05 -13.94
C PHE C 128 -7.68 -48.15 -14.96
N PRO C 129 -8.45 -49.18 -14.62
CA PRO C 129 -8.57 -50.34 -15.49
C PRO C 129 -9.61 -50.19 -16.58
N GLN C 130 -9.50 -51.04 -17.60
CA GLN C 130 -10.46 -51.14 -18.67
C GLN C 130 -11.04 -52.53 -18.82
N GLY C 131 -10.40 -53.54 -18.27
CA GLY C 131 -10.93 -54.89 -18.35
C GLY C 131 -9.83 -55.91 -18.07
N ARG C 132 -10.15 -57.16 -18.39
CA ARG C 132 -9.26 -58.29 -18.13
C ARG C 132 -9.35 -59.26 -19.30
N ILE C 133 -8.19 -59.77 -19.71
CA ILE C 133 -8.09 -60.71 -20.81
C ILE C 133 -7.59 -62.04 -20.26
N ASP C 134 -8.19 -63.13 -20.73
CA ASP C 134 -7.93 -64.46 -20.23
C ASP C 134 -7.59 -65.41 -21.37
N PHE C 135 -6.79 -66.42 -21.07
CA PHE C 135 -6.43 -67.47 -22.00
C PHE C 135 -6.80 -68.82 -21.40
N THR C 136 -7.04 -69.79 -22.26
CA THR C 136 -7.44 -71.13 -21.84
C THR C 136 -6.21 -72.03 -21.84
N THR C 137 -5.84 -72.54 -20.68
CA THR C 137 -4.73 -73.47 -20.60
C THR C 137 -5.21 -74.86 -21.02
N PRO C 138 -4.30 -75.70 -21.52
CA PRO C 138 -4.71 -77.07 -21.88
C PRO C 138 -5.28 -77.84 -20.71
N ASP C 139 -4.80 -77.59 -19.49
CA ASP C 139 -5.32 -78.30 -18.33
C ASP C 139 -6.78 -77.96 -18.05
N SER C 140 -7.26 -76.81 -18.52
CA SER C 140 -8.64 -76.44 -18.27
C SER C 140 -9.61 -77.43 -18.91
N GLY C 141 -9.30 -77.89 -20.13
CA GLY C 141 -10.11 -78.87 -20.81
C GLY C 141 -11.16 -78.31 -21.73
N PHE C 142 -11.19 -76.99 -21.94
CA PHE C 142 -12.17 -76.40 -22.83
C PHE C 142 -11.69 -76.48 -24.27
N ASP C 143 -12.58 -76.10 -25.21
CA ASP C 143 -12.33 -76.30 -26.62
C ASP C 143 -11.45 -75.22 -27.23
N ASP C 144 -11.29 -74.08 -26.58
CA ASP C 144 -10.53 -72.94 -27.12
C ASP C 144 -9.14 -72.84 -26.49
N VAL C 145 -8.51 -73.99 -26.21
CA VAL C 145 -7.18 -73.97 -25.60
C VAL C 145 -6.20 -73.22 -26.49
N ILE C 146 -5.18 -72.63 -25.87
CA ILE C 146 -4.09 -72.01 -26.61
C ILE C 146 -3.22 -73.12 -27.22
N LYS C 147 -2.71 -72.87 -28.42
CA LYS C 147 -1.90 -73.84 -29.13
C LYS C 147 -0.45 -73.35 -29.17
N LEU C 148 0.46 -74.17 -28.66
CA LEU C 148 1.87 -73.82 -28.68
C LEU C 148 2.37 -73.73 -30.11
N SER C 149 3.29 -72.80 -30.33
CA SER C 149 3.80 -72.58 -31.69
C SER C 149 4.56 -73.80 -32.18
N PRO C 150 4.49 -74.11 -33.47
CA PRO C 150 5.29 -75.24 -33.98
C PRO C 150 6.77 -75.06 -33.76
N GLN C 151 7.26 -73.82 -33.77
CA GLN C 151 8.68 -73.59 -33.51
C GLN C 151 9.05 -74.04 -32.10
N PHE C 152 8.24 -73.67 -31.11
CA PHE C 152 8.51 -74.09 -29.74
C PHE C 152 8.40 -75.59 -29.59
N THR C 153 7.38 -76.20 -30.21
CA THR C 153 7.22 -77.65 -30.10
C THR C 153 8.41 -78.37 -30.73
N SER C 154 8.87 -77.90 -31.90
CA SER C 154 10.03 -78.50 -32.54
C SER C 154 11.29 -78.30 -31.71
N GLY C 155 11.43 -77.14 -31.07
CA GLY C 155 12.57 -76.94 -30.19
C GLY C 155 12.58 -77.90 -29.03
N VAL C 156 11.41 -78.12 -28.41
CA VAL C 156 11.32 -79.07 -27.31
C VAL C 156 11.68 -80.47 -27.79
N GLN C 157 11.15 -80.86 -28.96
CA GLN C 157 11.45 -82.19 -29.49
C GLN C 157 12.94 -82.36 -29.75
N ALA C 158 13.57 -81.35 -30.36
CA ALA C 158 14.99 -81.42 -30.63
C ALA C 158 15.79 -81.51 -29.34
N ALA C 159 15.40 -80.73 -28.32
CA ALA C 159 16.09 -80.79 -27.04
C ALA C 159 15.99 -82.18 -26.43
N LEU C 160 14.80 -82.79 -26.48
CA LEU C 160 14.61 -84.10 -25.88
C LEU C 160 15.16 -85.23 -26.74
N ALA C 161 15.54 -84.96 -28.00
CA ALA C 161 16.08 -85.99 -28.88
C ALA C 161 17.60 -86.08 -28.80
N LYS C 162 18.24 -85.33 -27.91
CA LYS C 162 19.69 -85.34 -27.84
C LYS C 162 20.21 -86.65 -27.24
N ALA C 163 21.49 -86.91 -27.48
CA ALA C 163 22.06 -88.22 -27.15
C ALA C 163 22.13 -88.45 -25.65
N THR C 164 22.61 -87.45 -24.90
CA THR C 164 22.91 -87.63 -23.49
C THR C 164 22.01 -86.74 -22.63
N GLY C 165 21.82 -87.16 -21.38
CA GLY C 165 20.98 -86.40 -20.47
C GLY C 165 21.51 -85.00 -20.22
N THR C 166 22.84 -84.85 -20.11
CA THR C 166 23.41 -83.53 -19.92
C THR C 166 23.11 -82.63 -21.12
N GLU C 167 23.24 -83.16 -22.33
CA GLU C 167 22.92 -82.38 -23.52
C GLU C 167 21.44 -82.03 -23.56
N LYS C 168 20.57 -82.97 -23.19
CA LYS C 168 19.14 -82.68 -23.15
C LYS C 168 18.85 -81.54 -22.17
N ARG C 169 19.46 -81.60 -20.98
CA ARG C 169 19.23 -80.56 -19.99
C ARG C 169 19.75 -79.22 -20.46
N GLU C 170 20.93 -79.21 -21.09
CA GLU C 170 21.46 -77.94 -21.61
C GLU C 170 20.54 -77.37 -22.68
N ALA C 171 20.04 -78.22 -23.59
CA ALA C 171 19.13 -77.74 -24.62
C ALA C 171 17.85 -77.20 -24.01
N LEU C 172 17.30 -77.88 -23.01
CA LEU C 172 16.09 -77.40 -22.35
C LEU C 172 16.35 -76.07 -21.66
N GLN C 173 17.51 -75.94 -21.01
CA GLN C 173 17.84 -74.68 -20.34
C GLN C 173 17.91 -73.54 -21.34
N ASN C 174 18.58 -73.76 -22.48
CA ASN C 174 18.65 -72.72 -23.50
C ASN C 174 17.26 -72.39 -24.04
N LEU C 175 16.46 -73.42 -24.30
CA LEU C 175 15.12 -73.20 -24.85
C LEU C 175 14.26 -72.38 -23.91
N PHE C 176 14.32 -72.68 -22.61
CA PHE C 176 13.50 -71.94 -21.66
C PHE C 176 14.06 -70.55 -21.41
N GLN C 177 15.38 -70.37 -21.47
CA GLN C 177 15.94 -69.03 -21.36
C GLN C 177 15.53 -68.18 -22.56
N GLU C 178 15.30 -68.81 -23.71
CA GLU C 178 14.91 -68.05 -24.90
C GLU C 178 13.41 -67.77 -24.93
N TYR C 179 12.59 -68.78 -24.63
CA TYR C 179 11.15 -68.68 -24.81
C TYR C 179 10.40 -68.28 -23.56
N GLY C 180 11.05 -68.22 -22.40
CA GLY C 180 10.39 -67.88 -21.16
C GLY C 180 10.19 -69.08 -20.26
N HIS C 181 9.80 -68.77 -19.02
CA HIS C 181 9.54 -69.78 -17.99
C HIS C 181 8.07 -69.88 -17.62
N VAL C 182 7.31 -68.79 -17.71
CA VAL C 182 5.89 -68.78 -17.41
C VAL C 182 5.15 -68.02 -18.49
N PHE C 183 3.84 -68.24 -18.55
CA PHE C 183 2.96 -67.57 -19.51
C PHE C 183 1.81 -66.93 -18.75
N ARG C 184 1.54 -65.65 -19.04
CA ARG C 184 0.49 -64.92 -18.35
C ARG C 184 -0.86 -65.33 -18.91
N THR C 185 -1.68 -65.97 -18.08
CA THR C 185 -2.98 -66.45 -18.52
C THR C 185 -4.11 -65.46 -18.25
N LYS C 186 -3.96 -64.58 -17.27
CA LYS C 186 -4.97 -63.56 -16.98
C LYS C 186 -4.25 -62.24 -16.74
N VAL C 187 -4.58 -61.23 -17.53
CA VAL C 187 -3.91 -59.95 -17.46
C VAL C 187 -4.94 -58.84 -17.50
N HIS C 188 -4.76 -57.84 -16.65
CA HIS C 188 -5.65 -56.67 -16.61
C HIS C 188 -5.08 -55.59 -17.51
N ILE C 189 -5.97 -54.86 -18.17
CA ILE C 189 -5.59 -53.82 -19.11
C ILE C 189 -5.99 -52.47 -18.54
N GLY C 190 -5.27 -51.43 -18.94
CA GLY C 190 -5.55 -50.08 -18.48
C GLY C 190 -4.31 -49.28 -18.14
N GLY C 191 -4.39 -48.45 -17.11
CA GLY C 191 -3.25 -47.67 -16.67
C GLY C 191 -3.03 -47.87 -15.18
N VAL C 192 -1.79 -47.63 -14.76
CA VAL C 192 -1.43 -47.86 -13.35
C VAL C 192 -0.25 -46.99 -12.95
N LEU C 193 -0.37 -46.37 -11.77
CA LEU C 193 0.75 -45.70 -11.11
C LEU C 193 1.11 -46.52 -9.88
N SER C 194 2.34 -47.04 -9.85
CA SER C 194 2.73 -47.98 -8.82
C SER C 194 3.82 -47.38 -7.94
N ALA C 195 3.74 -47.65 -6.63
CA ALA C 195 4.76 -47.25 -5.67
C ALA C 195 5.13 -48.45 -4.82
N HIS C 196 6.42 -48.75 -4.75
CA HIS C 196 6.90 -49.96 -4.08
C HIS C 196 7.95 -49.60 -3.04
N THR C 197 8.00 -50.42 -1.99
CA THR C 197 8.94 -50.20 -0.91
C THR C 197 9.18 -51.53 -0.19
N MET C 198 10.19 -51.54 0.68
CA MET C 198 10.50 -52.67 1.53
C MET C 198 10.70 -52.19 2.96
N GLU C 199 10.30 -53.03 3.92
CA GLU C 199 10.42 -52.68 5.32
C GLU C 199 10.87 -53.89 6.13
N THR C 200 11.80 -53.66 7.04
CA THR C 200 12.28 -54.67 7.97
C THR C 200 11.92 -54.26 9.38
N PHE C 201 11.48 -55.23 10.18
CA PHE C 201 11.01 -54.92 11.53
C PHE C 201 11.17 -56.16 12.41
N SER C 202 11.34 -55.93 13.70
CA SER C 202 11.48 -57.04 14.63
C SER C 202 10.20 -57.88 14.66
N ARG C 203 10.38 -59.19 14.76
CA ARG C 203 9.23 -60.09 14.81
C ARG C 203 8.36 -59.85 16.03
N SER C 204 8.92 -59.25 17.09
CA SER C 204 8.14 -58.98 18.28
C SER C 204 7.09 -57.92 18.03
N GLU C 205 7.35 -56.98 17.13
CA GLU C 205 6.41 -55.90 16.86
C GLU C 205 5.12 -56.45 16.25
N ASN C 206 4.02 -55.74 16.48
CA ASN C 206 2.74 -56.14 15.93
C ASN C 206 2.76 -56.05 14.41
N GLU C 207 2.67 -57.22 13.75
CA GLU C 207 2.74 -57.25 12.30
C GLU C 207 1.54 -56.55 11.66
N THR C 208 0.37 -56.64 12.30
CA THR C 208 -0.85 -56.05 11.76
C THR C 208 -0.96 -54.57 12.10
N GLU C 209 0.07 -54.00 12.71
CA GLU C 209 0.23 -52.57 12.83
C GLU C 209 1.35 -52.04 11.96
N VAL C 210 2.44 -52.80 11.81
CA VAL C 210 3.47 -52.42 10.85
C VAL C 210 2.89 -52.41 9.44
N LYS C 211 2.11 -53.45 9.09
CA LYS C 211 1.53 -53.52 7.77
C LYS C 211 0.57 -52.36 7.53
N GLN C 212 -0.29 -52.07 8.51
CA GLN C 212 -1.25 -50.98 8.34
C GLN C 212 -0.55 -49.64 8.19
N ASP C 213 0.48 -49.38 9.00
CA ASP C 213 1.18 -48.11 8.90
C ASP C 213 1.87 -47.96 7.54
N VAL C 214 2.54 -49.02 7.10
CA VAL C 214 3.23 -48.96 5.81
C VAL C 214 2.21 -48.77 4.68
N LYS C 215 1.09 -49.49 4.75
CA LYS C 215 0.06 -49.36 3.73
C LYS C 215 -0.48 -47.95 3.68
N ALA C 216 -0.77 -47.35 4.84
CA ALA C 216 -1.29 -46.00 4.85
C ALA C 216 -0.30 -45.02 4.23
N GLY C 217 0.97 -45.14 4.61
CA GLY C 217 1.98 -44.23 4.06
C GLY C 217 2.10 -44.37 2.56
N LEU C 218 2.20 -45.60 2.07
CA LEU C 218 2.38 -45.83 0.64
C LEU C 218 1.14 -45.40 -0.14
N GLU C 219 -0.05 -45.65 0.40
CA GLU C 219 -1.27 -45.23 -0.27
C GLU C 219 -1.34 -43.71 -0.36
N GLY C 220 -1.00 -43.01 0.71
CA GLY C 220 -0.93 -41.56 0.63
C GLY C 220 0.08 -41.09 -0.39
N ALA C 221 1.21 -41.80 -0.51
CA ALA C 221 2.23 -41.40 -1.46
C ALA C 221 1.73 -41.55 -2.90
N VAL C 222 1.11 -42.69 -3.21
CA VAL C 222 0.59 -42.91 -4.56
C VAL C 222 -0.61 -42.01 -4.85
N LYS C 223 -1.31 -41.47 -3.88
CA LYS C 223 -2.40 -40.58 -4.22
C LYS C 223 -1.84 -39.30 -4.77
N GLY C 224 -0.97 -38.66 -4.06
CA GLY C 224 -0.35 -37.46 -4.59
C GLY C 224 0.82 -37.75 -5.48
N TRP C 225 0.57 -37.94 -6.76
CA TRP C 225 1.63 -38.27 -7.69
C TRP C 225 1.05 -38.31 -9.10
N GLN C 237 8.58 -37.29 -4.40
CA GLN C 237 9.17 -37.60 -3.10
C GLN C 237 9.62 -39.05 -3.05
N GLY C 238 10.93 -39.27 -3.13
CA GLY C 238 11.45 -40.62 -3.07
C GLY C 238 11.47 -41.25 -1.71
N THR C 239 11.21 -40.46 -0.66
CA THR C 239 11.26 -40.94 0.70
C THR C 239 10.00 -40.50 1.43
N ILE C 240 9.49 -41.39 2.29
CA ILE C 240 8.21 -41.18 2.98
C ILE C 240 8.41 -41.44 4.47
N THR C 241 7.67 -40.68 5.28
CA THR C 241 7.62 -40.88 6.73
C THR C 241 6.22 -41.31 7.10
N THR C 242 6.10 -42.45 7.78
CA THR C 242 4.81 -42.98 8.15
C THR C 242 4.36 -42.43 9.50
N SER C 243 3.20 -42.90 9.97
CA SER C 243 2.67 -42.44 11.26
C SER C 243 3.59 -42.88 12.40
N GLN C 244 4.12 -44.10 12.33
CA GLN C 244 5.04 -44.59 13.35
C GLN C 244 6.45 -44.06 13.17
N ASN C 245 6.64 -43.00 12.38
CA ASN C 245 7.94 -42.39 12.14
C ASN C 245 8.87 -43.35 11.41
N ARG C 246 8.32 -44.31 10.67
CA ARG C 246 9.13 -45.19 9.85
C ARG C 246 9.53 -44.49 8.57
N LYS C 247 10.80 -44.64 8.19
CA LYS C 247 11.34 -44.02 7.00
C LYS C 247 11.40 -45.05 5.88
N LEU C 248 10.70 -44.78 4.78
CA LEU C 248 10.57 -45.72 3.67
C LEU C 248 11.09 -45.10 2.39
N ASN C 249 11.84 -45.89 1.63
CA ASN C 249 12.27 -45.50 0.30
C ASN C 249 11.29 -46.07 -0.72
N VAL C 250 10.76 -45.21 -1.60
CA VAL C 250 9.68 -45.57 -2.50
C VAL C 250 10.17 -45.47 -3.93
N LYS C 251 9.91 -46.51 -4.71
CA LYS C 251 10.19 -46.53 -6.14
C LYS C 251 8.88 -46.37 -6.89
N TYR C 252 8.85 -45.41 -7.82
CA TYR C 252 7.64 -45.06 -8.56
C TYR C 252 7.74 -45.55 -9.99
N ILE C 253 6.64 -46.11 -10.50
CA ILE C 253 6.54 -46.59 -11.86
C ILE C 253 5.27 -46.01 -12.48
N VAL C 254 5.40 -45.45 -13.68
CA VAL C 254 4.29 -44.81 -14.39
C VAL C 254 3.94 -45.67 -15.59
N ASN C 255 2.68 -46.09 -15.67
CA ASN C 255 2.17 -46.85 -16.80
C ASN C 255 0.79 -46.30 -17.16
N VAL C 256 0.72 -44.98 -17.35
CA VAL C 256 -0.53 -44.31 -17.69
C VAL C 256 -0.21 -43.11 -18.56
N VAL C 257 -1.03 -42.89 -19.59
CA VAL C 257 -0.84 -41.77 -20.50
C VAL C 257 -2.19 -41.14 -20.82
N GLN C 274 -7.87 -43.09 -24.68
CA GLN C 274 -7.50 -43.58 -26.00
C GLN C 274 -6.98 -45.01 -25.92
N SER C 275 -7.55 -45.90 -26.73
CA SER C 275 -7.27 -47.32 -26.62
C SER C 275 -5.87 -47.69 -27.09
N GLU C 276 -5.18 -46.84 -27.83
CA GLU C 276 -3.84 -47.17 -28.31
C GLU C 276 -2.81 -47.18 -27.19
N HIS C 277 -3.09 -46.55 -26.06
CA HIS C 277 -2.13 -46.44 -24.97
C HIS C 277 -2.41 -47.39 -23.81
N TRP C 278 -3.36 -48.31 -23.97
CA TRP C 278 -3.66 -49.26 -22.90
C TRP C 278 -2.54 -50.30 -22.79
N ARG C 279 -2.17 -50.61 -21.55
CA ARG C 279 -1.08 -51.54 -21.28
C ARG C 279 -1.48 -52.47 -20.14
N VAL C 280 -0.74 -53.56 -20.01
CA VAL C 280 -0.99 -54.51 -18.93
C VAL C 280 -0.63 -53.86 -17.60
N ILE C 281 -1.56 -53.91 -16.65
CA ILE C 281 -1.39 -53.26 -15.34
C ILE C 281 -1.30 -54.26 -14.20
N GLU C 282 -1.63 -55.54 -14.43
CA GLU C 282 -1.63 -56.51 -13.37
C GLU C 282 -1.73 -57.91 -13.98
N VAL C 283 -1.06 -58.87 -13.35
CA VAL C 283 -1.09 -60.26 -13.78
C VAL C 283 -1.78 -61.05 -12.68
N THR C 284 -2.93 -61.63 -13.00
CA THR C 284 -3.72 -62.35 -12.01
C THR C 284 -3.41 -63.84 -11.98
N GLU C 285 -2.85 -64.39 -13.06
CA GLU C 285 -2.56 -65.81 -13.12
C GLU C 285 -1.45 -66.06 -14.12
N VAL C 286 -0.52 -66.95 -13.78
CA VAL C 286 0.52 -67.39 -14.68
C VAL C 286 0.61 -68.91 -14.58
N THR C 287 0.99 -69.54 -15.69
CA THR C 287 1.15 -70.99 -15.76
C THR C 287 2.54 -71.31 -16.30
N ALA C 288 3.22 -72.23 -15.64
CA ALA C 288 4.56 -72.60 -16.09
C ALA C 288 4.52 -73.08 -17.54
N VAL C 289 5.51 -72.65 -18.32
CA VAL C 289 5.53 -72.99 -19.74
C VAL C 289 5.59 -74.50 -19.92
N ALA C 290 6.33 -75.19 -19.03
CA ALA C 290 6.37 -76.64 -19.11
C ALA C 290 4.99 -77.26 -18.99
N ASP C 291 4.12 -76.67 -18.16
CA ASP C 291 2.79 -77.22 -17.96
C ASP C 291 1.93 -77.18 -19.23
N LEU C 292 2.30 -76.35 -20.20
CA LEU C 292 1.52 -76.22 -21.43
C LEU C 292 1.73 -77.37 -22.40
N LEU C 293 2.76 -78.19 -22.20
CA LEU C 293 3.07 -79.27 -23.12
C LEU C 293 2.14 -80.46 -22.90
N PRO C 294 2.01 -81.34 -23.89
CA PRO C 294 1.23 -82.57 -23.69
C PRO C 294 1.85 -83.42 -22.59
N GLN C 295 1.01 -84.17 -21.89
CA GLN C 295 1.44 -84.85 -20.66
C GLN C 295 2.68 -85.71 -20.85
N PRO C 296 2.79 -86.58 -21.86
CA PRO C 296 3.98 -87.43 -21.96
C PRO C 296 5.28 -86.64 -22.06
N ILE C 297 5.26 -85.51 -22.77
CA ILE C 297 6.47 -84.69 -22.87
C ILE C 297 6.64 -83.83 -21.63
N ARG C 298 5.54 -83.39 -21.03
CA ARG C 298 5.60 -82.57 -19.82
C ARG C 298 6.28 -83.34 -18.69
N GLY C 299 5.94 -84.62 -18.53
CA GLY C 299 6.59 -85.40 -17.49
C GLY C 299 8.09 -85.47 -17.68
N GLN C 300 8.53 -85.76 -18.91
CA GLN C 300 9.96 -85.85 -19.18
C GLN C 300 10.65 -84.52 -18.94
N VAL C 301 10.03 -83.41 -19.38
CA VAL C 301 10.65 -82.10 -19.21
C VAL C 301 10.77 -81.76 -17.73
N LYS C 302 9.70 -82.02 -16.96
CA LYS C 302 9.75 -81.72 -15.54
C LYS C 302 10.81 -82.55 -14.83
N ASP C 303 10.92 -83.83 -15.19
CA ASP C 303 11.96 -84.67 -14.60
C ASP C 303 13.35 -84.18 -14.97
N LEU C 304 13.54 -83.79 -16.23
CA LEU C 304 14.86 -83.35 -16.69
C LEU C 304 15.26 -82.01 -16.09
N LEU C 305 14.29 -81.19 -15.68
CA LEU C 305 14.61 -79.89 -15.12
C LEU C 305 14.97 -79.94 -13.64
N LYS C 306 14.98 -81.12 -13.03
CA LYS C 306 15.32 -81.22 -11.61
C LYS C 306 16.80 -80.99 -11.40
N PRO C 307 17.21 -80.05 -10.54
CA PRO C 307 18.65 -79.73 -10.43
C PRO C 307 19.53 -80.89 -10.00
N LEU C 308 19.05 -81.77 -9.12
CA LEU C 308 19.90 -82.74 -8.45
C LEU C 308 19.41 -84.15 -8.70
N LEU C 309 20.37 -85.08 -8.82
CA LEU C 309 20.08 -86.51 -8.83
C LEU C 309 20.37 -87.07 -7.44
N GLY C 310 19.41 -87.81 -6.89
CA GLY C 310 19.52 -88.30 -5.52
C GLY C 310 19.82 -89.78 -5.42
N LYS C 311 20.35 -90.19 -4.27
CA LYS C 311 20.68 -91.58 -4.02
C LYS C 311 20.66 -91.83 -2.52
N TRP C 312 20.30 -93.05 -2.13
CA TRP C 312 20.30 -93.47 -0.74
C TRP C 312 21.47 -94.42 -0.51
N VAL C 313 22.24 -94.18 0.56
CA VAL C 313 23.40 -94.99 0.87
C VAL C 313 23.39 -95.33 2.35
N ASP C 314 24.19 -96.33 2.71
CA ASP C 314 24.30 -96.75 4.10
C ASP C 314 25.02 -95.69 4.92
N VAL C 315 24.91 -95.82 6.25
CA VAL C 315 25.47 -94.84 7.17
C VAL C 315 26.32 -95.56 8.21
N GLU C 316 27.20 -94.79 8.86
CA GLU C 316 28.10 -95.30 9.87
C GLU C 316 28.12 -94.34 11.05
N LYS C 317 28.26 -94.89 12.25
CA LYS C 317 28.29 -94.06 13.44
C LYS C 317 29.63 -93.34 13.57
N VAL C 318 29.57 -92.04 13.82
CA VAL C 318 30.79 -91.24 13.96
C VAL C 318 31.50 -91.64 15.25
N PRO C 319 32.79 -91.95 15.22
CA PRO C 319 33.49 -92.29 16.47
C PRO C 319 33.55 -91.10 17.41
N GLY C 320 33.57 -91.40 18.70
CA GLY C 320 33.58 -90.35 19.70
C GLY C 320 32.22 -89.69 19.85
N LEU C 321 32.24 -88.50 20.42
CA LEU C 321 31.02 -87.72 20.64
C LEU C 321 30.03 -88.47 21.53
N GLU C 322 30.55 -89.23 22.50
CA GLU C 322 29.68 -89.97 23.41
C GLU C 322 28.95 -89.06 24.38
N SER C 323 29.42 -87.82 24.56
CA SER C 323 28.74 -86.91 25.47
C SER C 323 27.38 -86.48 24.94
N LEU C 324 27.22 -86.43 23.62
CA LEU C 324 26.00 -85.87 23.05
C LEU C 324 24.83 -86.83 23.26
N PRO C 325 23.62 -86.31 23.48
CA PRO C 325 22.48 -87.19 23.80
C PRO C 325 22.13 -88.17 22.69
N VAL C 326 22.46 -87.87 21.43
CA VAL C 326 22.06 -88.70 20.31
C VAL C 326 23.28 -89.02 19.47
N SER C 327 23.20 -90.13 18.75
CA SER C 327 24.29 -90.57 17.88
C SER C 327 24.32 -89.73 16.61
N VAL C 328 25.51 -89.58 16.05
CA VAL C 328 25.73 -88.84 14.81
C VAL C 328 26.14 -89.85 13.74
N TYR C 329 25.55 -89.73 12.56
CA TYR C 329 25.80 -90.66 11.46
C TYR C 329 26.26 -89.89 10.22
N ARG C 330 27.19 -90.47 9.50
CA ARG C 330 27.72 -89.94 8.26
C ARG C 330 27.73 -91.05 7.21
N PRO C 331 27.72 -90.69 5.93
CA PRO C 331 27.73 -91.72 4.89
C PRO C 331 28.90 -92.68 5.07
N LYS C 332 28.62 -93.97 4.97
CA LYS C 332 29.63 -94.99 5.17
C LYS C 332 30.44 -95.20 3.90
N GLY C 333 31.72 -95.51 4.09
CA GLY C 333 32.60 -95.78 2.97
C GLY C 333 32.95 -94.52 2.20
N ALA C 334 33.55 -94.73 1.05
CA ALA C 334 33.96 -93.64 0.18
C ALA C 334 32.78 -93.18 -0.68
N ILE C 335 32.59 -91.87 -0.76
CA ILE C 335 31.51 -91.33 -1.59
C ILE C 335 31.81 -91.63 -3.05
N PRO C 336 30.84 -92.08 -3.85
CA PRO C 336 31.12 -92.30 -5.27
C PRO C 336 31.59 -91.02 -5.94
N ALA C 337 32.50 -91.18 -6.91
CA ALA C 337 33.07 -90.03 -7.59
C ALA C 337 31.97 -89.19 -8.23
N GLY C 338 32.05 -87.87 -8.01
CA GLY C 338 31.08 -86.94 -8.56
C GLY C 338 29.87 -86.69 -7.69
N TRP C 339 29.70 -87.45 -6.60
CA TRP C 339 28.58 -87.28 -5.70
C TRP C 339 29.02 -86.58 -4.42
N PHE C 340 28.05 -85.98 -3.73
CA PHE C 340 28.31 -85.21 -2.53
C PHE C 340 27.23 -85.49 -1.50
N TRP C 341 27.55 -85.24 -0.24
CA TRP C 341 26.59 -85.36 0.85
C TRP C 341 26.34 -84.00 1.48
N LEU C 342 25.28 -83.92 2.28
CA LEU C 342 24.77 -82.64 2.75
C LEU C 342 25.07 -82.34 4.21
N GLY C 343 25.44 -83.32 5.01
CA GLY C 343 25.81 -83.07 6.39
C GLY C 343 25.49 -84.25 7.27
N ASP C 344 25.84 -84.11 8.54
CA ASP C 344 25.60 -85.15 9.53
C ASP C 344 24.12 -85.22 9.86
N THR C 345 23.63 -86.44 10.09
CA THR C 345 22.23 -86.68 10.40
C THR C 345 22.11 -87.65 11.56
N ALA C 346 20.99 -87.56 12.27
CA ALA C 346 20.68 -88.46 13.37
C ALA C 346 19.99 -89.74 12.91
N ASP C 347 19.65 -89.84 11.63
CA ASP C 347 19.01 -91.05 11.13
C ASP C 347 20.03 -92.18 11.09
N ALA C 348 19.65 -93.34 11.63
CA ALA C 348 20.53 -94.50 11.71
C ALA C 348 20.34 -95.47 10.55
N SER C 349 19.51 -95.13 9.57
CA SER C 349 19.17 -96.03 8.49
C SER C 349 19.92 -95.72 7.19
N LYS C 350 19.84 -94.48 6.71
CA LYS C 350 20.38 -94.15 5.39
C LYS C 350 20.75 -92.69 5.34
N ALA C 351 21.55 -92.34 4.33
CA ALA C 351 21.96 -90.98 4.07
C ALA C 351 21.73 -90.66 2.59
N LEU C 352 21.48 -89.38 2.32
CA LEU C 352 21.12 -88.91 0.98
C LEU C 352 22.35 -88.29 0.32
N LEU C 353 22.74 -88.84 -0.83
CA LEU C 353 23.76 -88.26 -1.68
C LEU C 353 23.09 -87.57 -2.87
N VAL C 354 23.69 -86.46 -3.30
CA VAL C 354 23.15 -85.67 -4.40
C VAL C 354 24.25 -85.41 -5.40
N LYS C 355 23.87 -85.24 -6.67
CA LYS C 355 24.80 -84.98 -7.74
C LYS C 355 24.22 -83.88 -8.64
N PRO C 356 25.00 -82.85 -8.98
CA PRO C 356 24.47 -81.83 -9.89
C PRO C 356 24.15 -82.41 -11.26
N THR C 357 23.13 -81.85 -11.91
CA THR C 357 22.74 -82.27 -13.24
C THR C 357 23.31 -81.40 -14.35
N LEU C 358 23.53 -80.12 -14.08
CA LEU C 358 24.03 -79.19 -15.09
C LEU C 358 25.49 -78.84 -14.79
N PRO C 359 26.38 -78.90 -15.77
CA PRO C 359 27.77 -78.50 -15.51
C PRO C 359 27.85 -77.03 -15.11
N ALA C 360 28.84 -76.73 -14.28
CA ALA C 360 29.05 -75.35 -13.86
C ALA C 360 29.40 -74.48 -15.06
N ARG C 361 28.73 -73.34 -15.17
CA ARG C 361 28.95 -72.41 -16.27
C ARG C 361 28.85 -70.98 -15.76
N SER C 362 29.57 -70.08 -16.41
CA SER C 362 29.54 -68.68 -16.01
C SER C 362 28.15 -68.10 -16.19
N GLY C 363 27.74 -67.26 -15.25
CA GLY C 363 26.43 -66.64 -15.29
C GLY C 363 25.29 -67.52 -14.84
N ARG C 364 25.57 -68.73 -14.38
CA ARG C 364 24.55 -69.67 -13.92
C ARG C 364 24.86 -70.06 -12.48
N ASN C 365 23.85 -69.98 -11.63
CA ASN C 365 24.04 -70.34 -10.22
C ASN C 365 24.23 -71.83 -10.07
N PRO C 366 25.34 -72.30 -9.51
CA PRO C 366 25.49 -73.74 -9.28
C PRO C 366 24.45 -74.22 -8.27
N ALA C 367 24.06 -75.48 -8.41
CA ALA C 367 23.12 -76.07 -7.46
C ALA C 367 23.76 -76.26 -6.10
N LEU C 368 25.06 -76.52 -6.06
CA LEU C 368 25.79 -76.77 -4.83
C LEU C 368 27.01 -75.87 -4.74
N THR C 369 27.49 -75.67 -3.52
CA THR C 369 28.66 -74.83 -3.27
C THR C 369 29.65 -75.56 -2.38
N SER C 370 30.93 -75.31 -2.61
CA SER C 370 31.96 -75.81 -1.72
C SER C 370 31.94 -75.02 -0.42
N LEU C 371 32.54 -75.61 0.61
CA LEU C 371 32.65 -74.99 1.93
C LEU C 371 34.11 -74.81 2.30
N HIS C 372 34.39 -73.73 3.04
CA HIS C 372 35.75 -73.37 3.42
C HIS C 372 35.85 -73.23 4.93
N GLN C 373 37.05 -73.49 5.45
CA GLN C 373 37.27 -73.44 6.88
C GLN C 373 37.06 -72.03 7.40
N GLY C 374 36.55 -71.92 8.62
CA GLY C 374 36.26 -70.63 9.21
C GLY C 374 37.51 -69.80 9.43
N SER C 375 37.30 -68.50 9.63
CA SER C 375 38.43 -67.59 9.77
C SER C 375 39.23 -67.87 11.04
N GLY C 376 38.55 -68.00 12.17
CA GLY C 376 39.24 -68.23 13.42
C GLY C 376 38.34 -68.65 14.57
N MET C 377 38.90 -69.38 15.52
CA MET C 377 38.18 -69.81 16.72
C MET C 377 36.89 -70.55 16.35
N THR C 378 36.97 -71.40 15.33
CA THR C 378 35.84 -72.22 14.94
C THR C 378 36.29 -73.26 13.94
N GLU C 379 35.80 -74.49 14.11
CA GLU C 379 36.05 -75.58 13.16
C GLU C 379 34.89 -75.78 12.21
N GLN C 380 33.87 -74.92 12.26
CA GLN C 380 32.71 -75.09 11.41
C GLN C 380 32.99 -74.56 10.00
N PRO C 381 32.29 -75.08 8.99
CA PRO C 381 32.49 -74.59 7.63
C PRO C 381 31.61 -73.39 7.30
N PHE C 382 32.00 -72.68 6.25
CA PHE C 382 31.28 -71.53 5.74
C PHE C 382 31.00 -71.72 4.26
N VAL C 383 29.83 -71.26 3.81
CA VAL C 383 29.47 -71.41 2.41
C VAL C 383 30.34 -70.50 1.55
N ASP C 384 30.89 -71.06 0.48
CA ASP C 384 31.73 -70.27 -0.43
C ASP C 384 30.93 -69.16 -1.10
N LEU C 385 29.70 -69.47 -1.54
CA LEU C 385 28.91 -68.51 -2.29
C LEU C 385 27.96 -67.76 -1.36
N PRO C 386 27.56 -66.55 -1.76
CA PRO C 386 26.93 -65.62 -0.81
C PRO C 386 25.76 -66.20 -0.01
N GLN C 387 24.70 -66.65 -0.68
CA GLN C 387 23.43 -66.91 -0.02
C GLN C 387 23.05 -68.39 -0.02
N TYR C 388 24.03 -69.29 -0.06
CA TYR C 388 23.74 -70.71 0.02
C TYR C 388 23.72 -71.15 1.48
N GLN C 389 23.19 -72.35 1.72
CA GLN C 389 23.03 -72.86 3.08
C GLN C 389 23.26 -74.36 3.11
N TYR C 390 23.87 -74.83 4.18
CA TYR C 390 23.98 -76.25 4.47
C TYR C 390 23.04 -76.60 5.62
N LEU C 391 22.74 -77.90 5.76
CA LEU C 391 21.67 -78.34 6.64
C LEU C 391 22.14 -78.75 8.02
N SER C 392 23.38 -79.16 8.18
CA SER C 392 23.87 -79.68 9.46
C SER C 392 25.20 -79.03 9.82
N THR C 393 25.40 -78.83 11.12
CA THR C 393 26.71 -78.41 11.62
C THR C 393 27.68 -79.58 11.58
N TYR C 394 28.95 -79.27 11.38
CA TYR C 394 29.97 -80.31 11.28
C TYR C 394 30.39 -80.73 12.68
N PHE C 395 30.30 -82.04 12.94
CA PHE C 395 30.69 -82.61 14.24
C PHE C 395 32.12 -83.14 14.11
N GLY C 396 33.06 -82.23 14.29
CA GLY C 396 34.47 -82.56 14.15
C GLY C 396 35.24 -81.35 13.64
N SER C 397 36.36 -81.64 12.97
CA SER C 397 37.19 -80.62 12.35
C SER C 397 37.02 -80.69 10.85
N PHE C 398 36.60 -79.59 10.24
CA PHE C 398 36.32 -79.54 8.81
C PHE C 398 37.57 -79.16 8.05
N ALA C 399 37.98 -80.01 7.12
CA ALA C 399 39.10 -79.75 6.22
C ALA C 399 38.64 -80.03 4.80
N HIS C 400 38.46 -78.97 4.02
CA HIS C 400 37.91 -79.11 2.68
C HIS C 400 38.85 -79.83 1.72
N ASP C 401 40.11 -80.02 2.09
CA ASP C 401 41.08 -80.68 1.22
C ASP C 401 41.11 -82.19 1.38
N THR C 402 40.42 -82.74 2.36
CA THR C 402 40.42 -84.18 2.61
C THR C 402 39.01 -84.67 2.86
N PRO C 403 38.73 -85.94 2.57
CA PRO C 403 37.40 -86.49 2.81
C PRO C 403 37.16 -86.73 4.28
N PRO C 404 35.90 -86.73 4.73
CA PRO C 404 34.67 -86.51 3.95
C PRO C 404 34.34 -85.04 3.82
N GLY C 405 35.22 -84.15 4.29
CA GLY C 405 34.96 -82.73 4.18
C GLY C 405 34.94 -82.26 2.73
N SER C 406 35.81 -82.82 1.90
CA SER C 406 35.90 -82.38 0.51
C SER C 406 34.63 -82.68 -0.28
N THR C 407 33.76 -83.54 0.23
CA THR C 407 32.52 -83.89 -0.45
C THR C 407 31.29 -83.27 0.22
N LEU C 408 31.47 -82.36 1.17
CA LEU C 408 30.35 -81.68 1.80
C LEU C 408 30.02 -80.42 1.03
N ARG C 409 28.73 -80.18 0.81
CA ARG C 409 28.26 -79.10 -0.05
C ARG C 409 27.07 -78.40 0.57
N GLY C 410 26.87 -77.15 0.14
CA GLY C 410 25.67 -76.40 0.46
C GLY C 410 24.64 -76.50 -0.65
N LEU C 411 23.59 -75.70 -0.50
CA LEU C 411 22.47 -75.74 -1.44
C LEU C 411 22.11 -74.31 -1.85
N ARG C 412 21.63 -74.20 -3.08
CA ARG C 412 21.10 -72.92 -3.56
C ARG C 412 19.89 -72.53 -2.70
N PRO C 413 19.64 -71.24 -2.50
CA PRO C 413 18.55 -70.85 -1.60
C PRO C 413 17.17 -71.35 -2.02
N ASP C 414 16.95 -71.63 -3.31
CA ASP C 414 15.65 -72.15 -3.73
C ASP C 414 15.50 -73.64 -3.47
N HIS C 415 16.57 -74.34 -3.10
CA HIS C 415 16.51 -75.77 -2.82
C HIS C 415 15.95 -76.09 -1.44
N VAL C 416 15.84 -75.11 -0.54
CA VAL C 416 15.56 -75.39 0.87
C VAL C 416 14.36 -74.59 1.34
N LEU C 417 13.73 -75.09 2.40
CA LEU C 417 12.62 -74.46 3.09
C LEU C 417 12.88 -74.51 4.59
N PRO C 418 12.36 -73.54 5.34
CA PRO C 418 12.55 -73.57 6.79
C PRO C 418 11.92 -74.81 7.42
N GLY C 419 12.61 -75.38 8.41
CA GLY C 419 12.14 -76.53 9.14
C GLY C 419 11.77 -76.19 10.57
N ARG C 420 11.73 -77.22 11.40
CA ARG C 420 11.44 -77.08 12.82
C ARG C 420 12.45 -77.89 13.63
N TYR C 421 12.65 -77.48 14.87
CA TYR C 421 13.65 -78.08 15.75
C TYR C 421 13.00 -79.01 16.77
N GLU C 422 13.62 -80.18 16.96
CA GLU C 422 13.28 -81.07 18.07
C GLU C 422 14.51 -81.16 18.96
N MET C 423 14.35 -80.78 20.22
CA MET C 423 15.48 -80.63 21.12
C MET C 423 15.79 -81.93 21.85
N HIS C 424 17.08 -82.23 21.98
CA HIS C 424 17.57 -83.38 22.73
C HIS C 424 18.68 -82.91 23.65
N GLY C 425 18.82 -83.59 24.78
CA GLY C 425 19.83 -83.25 25.75
C GLY C 425 19.27 -82.43 26.90
N ASP C 426 19.97 -82.49 28.04
CA ASP C 426 19.52 -81.83 29.26
C ASP C 426 20.27 -80.55 29.57
N THR C 427 21.45 -80.33 28.98
CA THR C 427 22.26 -79.16 29.26
C THR C 427 22.63 -78.45 27.97
N ILE C 428 22.87 -77.15 28.07
CA ILE C 428 23.20 -76.35 26.90
C ILE C 428 24.48 -76.85 26.26
N SER C 429 25.46 -77.24 27.07
CA SER C 429 26.77 -77.62 26.55
C SER C 429 26.71 -78.83 25.65
N THR C 430 25.67 -79.67 25.78
CA THR C 430 25.59 -80.90 25.00
C THR C 430 24.30 -81.03 24.20
N ALA C 431 23.41 -80.04 24.24
CA ALA C 431 22.13 -80.16 23.57
C ALA C 431 22.27 -80.06 22.05
N VAL C 432 21.36 -80.73 21.34
CA VAL C 432 21.34 -80.72 19.89
C VAL C 432 19.89 -80.54 19.40
N TYR C 433 19.77 -80.12 18.16
CA TYR C 433 18.50 -80.00 17.46
C TYR C 433 18.48 -80.98 16.31
N VAL C 434 17.34 -81.66 16.13
CA VAL C 434 17.09 -82.50 14.97
C VAL C 434 16.06 -81.79 14.10
N THR C 435 16.43 -81.52 12.85
CA THR C 435 15.61 -80.72 11.96
C THR C 435 14.59 -81.62 11.27
N ARG C 436 13.32 -81.40 11.57
CA ARG C 436 12.24 -82.15 10.95
C ARG C 436 11.47 -81.25 9.97
N PRO C 437 10.99 -81.81 8.87
CA PRO C 437 10.21 -80.98 7.94
C PRO C 437 8.92 -80.49 8.57
N VAL C 438 8.47 -79.31 8.12
CA VAL C 438 7.19 -78.77 8.53
C VAL C 438 6.11 -79.44 7.68
N ASP C 439 5.23 -80.19 8.33
CA ASP C 439 4.18 -80.91 7.60
C ASP C 439 3.28 -79.93 6.86
N VAL C 440 3.02 -80.24 5.60
CA VAL C 440 2.14 -79.40 4.77
C VAL C 440 1.14 -80.31 4.05
N PRO C 441 -0.04 -79.82 3.71
CA PRO C 441 -1.03 -80.69 3.05
C PRO C 441 -0.72 -80.89 1.57
N PHE C 442 -0.04 -79.93 0.95
CA PHE C 442 0.24 -79.98 -0.46
C PHE C 442 1.56 -80.71 -0.71
N PRO C 443 1.58 -81.78 -1.50
CA PRO C 443 2.85 -82.49 -1.75
C PRO C 443 3.91 -81.62 -2.41
N GLU C 444 3.52 -80.53 -3.06
CA GLU C 444 4.48 -79.70 -3.79
C GLU C 444 5.53 -79.11 -2.86
N ASP C 445 5.20 -78.91 -1.59
CA ASP C 445 6.09 -78.27 -0.63
C ASP C 445 6.70 -79.25 0.36
N GLU C 446 6.58 -80.55 0.12
CA GLU C 446 7.17 -81.54 1.02
C GLU C 446 8.69 -81.44 0.99
N CYS C 447 9.30 -81.71 2.15
CA CYS C 447 10.75 -81.66 2.30
C CYS C 447 11.26 -82.98 2.86
N PHE C 448 12.49 -83.33 2.48
CA PHE C 448 13.09 -84.57 2.96
C PHE C 448 13.23 -84.54 4.47
N ASP C 449 13.01 -85.70 5.10
CA ASP C 449 13.18 -85.85 6.55
C ASP C 449 14.54 -86.49 6.79
N LEU C 450 15.59 -85.68 6.64
CA LEU C 450 16.96 -86.15 6.81
C LEU C 450 17.42 -86.12 8.25
N LYS C 451 16.66 -85.51 9.16
CA LYS C 451 17.02 -85.43 10.58
C LYS C 451 18.39 -84.78 10.76
N SER C 452 18.58 -83.63 10.12
CA SER C 452 19.85 -82.93 10.22
C SER C 452 20.12 -82.53 11.66
N LEU C 453 21.39 -82.64 12.07
CA LEU C 453 21.81 -82.36 13.43
C LEU C 453 22.43 -80.96 13.52
N VAL C 454 22.04 -80.22 14.54
CA VAL C 454 22.56 -78.87 14.78
C VAL C 454 22.97 -78.77 16.23
N ARG C 455 24.24 -78.47 16.49
CA ARG C 455 24.71 -78.30 17.86
C ARG C 455 24.10 -77.04 18.45
N VAL C 456 23.54 -77.15 19.66
CA VAL C 456 22.86 -76.00 20.26
C VAL C 456 23.86 -74.90 20.56
N LYS C 457 24.98 -75.26 21.20
CA LYS C 457 26.03 -74.30 21.55
C LYS C 457 27.33 -74.76 20.92
N LEU C 458 27.77 -74.05 19.90
CA LEU C 458 29.04 -74.36 19.25
C LEU C 458 30.19 -73.76 20.05
N PRO C 459 31.16 -74.56 20.49
CA PRO C 459 32.30 -73.99 21.23
C PRO C 459 33.00 -72.92 20.41
N GLY C 460 33.80 -72.11 21.10
CA GLY C 460 34.52 -71.03 20.46
C GLY C 460 33.62 -69.83 20.18
N SER C 461 34.04 -69.05 19.18
CA SER C 461 33.32 -67.85 18.80
C SER C 461 33.46 -67.64 17.30
N GLY C 462 32.66 -66.70 16.79
CA GLY C 462 32.67 -66.44 15.36
C GLY C 462 32.18 -67.61 14.54
N ASN C 463 31.20 -68.35 15.05
CA ASN C 463 30.66 -69.50 14.34
C ASN C 463 29.67 -69.04 13.26
N PRO C 464 29.42 -69.88 12.27
CA PRO C 464 28.44 -69.51 11.23
C PRO C 464 27.02 -69.54 11.79
N PRO C 465 26.08 -68.87 11.13
CA PRO C 465 24.69 -68.92 11.62
C PRO C 465 24.15 -70.33 11.62
N LYS C 466 23.32 -70.62 12.62
CA LYS C 466 22.79 -71.98 12.77
C LYS C 466 21.86 -72.31 11.62
N PRO C 467 22.02 -73.46 10.95
CA PRO C 467 21.11 -73.80 9.86
C PRO C 467 19.84 -74.46 10.38
N ARG C 468 18.70 -74.01 9.84
CA ARG C 468 17.40 -74.55 10.20
C ARG C 468 16.61 -74.86 8.94
N SER C 469 17.27 -75.49 7.96
CA SER C 469 16.69 -75.71 6.64
C SER C 469 16.53 -77.20 6.36
N ALA C 470 15.59 -77.51 5.47
CA ALA C 470 15.35 -78.86 5.01
C ALA C 470 15.28 -78.86 3.49
N LEU C 471 15.76 -79.93 2.87
CA LEU C 471 15.82 -80.00 1.41
C LEU C 471 14.44 -80.26 0.83
N LYS C 472 14.16 -79.63 -0.30
CA LYS C 472 12.88 -79.83 -0.98
C LYS C 472 12.89 -81.17 -1.72
N LYS C 473 11.75 -81.86 -1.68
CA LYS C 473 11.64 -83.13 -2.39
C LYS C 473 11.59 -82.96 -3.90
N SER C 474 11.01 -81.85 -4.37
CA SER C 474 10.84 -81.64 -5.81
C SER C 474 12.14 -81.34 -6.52
N MET C 475 13.22 -81.10 -5.80
CA MET C 475 14.50 -80.75 -6.41
C MET C 475 15.41 -81.94 -6.66
N VAL C 476 14.95 -83.16 -6.38
CA VAL C 476 15.77 -84.35 -6.46
C VAL C 476 15.07 -85.38 -7.34
N LEU C 477 15.83 -86.02 -8.22
CA LEU C 477 15.33 -87.04 -9.14
C LEU C 477 15.93 -88.39 -8.75
N PHE C 478 15.07 -89.37 -8.53
CA PHE C 478 15.47 -90.68 -8.05
C PHE C 478 15.29 -91.74 -9.13
N ASP C 479 16.03 -92.84 -8.97
CA ASP C 479 15.90 -94.04 -9.78
C ASP C 479 16.27 -93.81 -11.25
N SER C 480 16.81 -92.65 -11.59
CA SER C 480 17.22 -92.40 -12.96
C SER C 480 18.46 -93.23 -13.30
N GLY C 481 18.55 -93.64 -14.56
CA GLY C 481 19.69 -94.39 -15.03
C GLY C 481 20.93 -93.58 -15.26
N GLU C 482 20.87 -92.26 -15.03
CA GLU C 482 22.01 -91.38 -15.21
C GLU C 482 23.22 -91.88 -14.42
N ALA D 2 8.53 -70.08 65.49
CA ALA D 2 7.26 -69.40 65.67
C ALA D 2 6.31 -69.70 64.51
N TYR D 3 5.01 -69.60 64.77
CA TYR D 3 4.02 -69.79 63.71
C TYR D 3 4.12 -68.73 62.64
N ALA D 4 4.70 -67.56 62.95
CA ALA D 4 4.88 -66.52 61.95
C ALA D 4 5.70 -67.00 60.76
N GLN D 5 6.53 -68.03 60.96
CA GLN D 5 7.28 -68.66 59.88
C GLN D 5 6.46 -69.86 59.39
N TRP D 6 5.95 -69.77 58.17
CA TRP D 6 5.09 -70.81 57.63
C TRP D 6 5.23 -70.83 56.12
N VAL D 7 4.80 -71.95 55.53
CA VAL D 7 4.81 -72.12 54.08
C VAL D 7 3.74 -73.13 53.70
N ILE D 8 3.07 -72.86 52.59
CA ILE D 8 2.13 -73.79 51.99
C ILE D 8 2.66 -74.14 50.61
N ILE D 9 2.78 -75.42 50.31
CA ILE D 9 3.26 -75.90 49.03
C ILE D 9 2.12 -76.69 48.39
N ILE D 10 1.57 -76.16 47.31
CA ILE D 10 0.50 -76.83 46.58
C ILE D 10 1.13 -77.44 45.34
N ILE D 11 1.01 -78.76 45.20
CA ILE D 11 1.43 -79.47 44.00
C ILE D 11 0.20 -79.70 43.15
N HIS D 12 0.17 -79.08 41.98
CA HIS D 12 -0.97 -79.13 41.07
C HIS D 12 -0.51 -79.80 39.78
N ASN D 13 -1.05 -80.99 39.51
CA ASN D 13 -0.74 -81.71 38.28
C ASN D 13 -1.63 -81.19 37.17
N VAL D 14 -1.06 -80.41 36.25
CA VAL D 14 -1.79 -79.87 35.12
C VAL D 14 -1.61 -80.74 33.87
N GLY D 15 -0.96 -81.88 34.00
CA GLY D 15 -0.75 -82.80 32.91
C GLY D 15 -1.68 -83.99 32.96
N SER D 16 -1.19 -85.14 32.48
CA SER D 16 -1.99 -86.35 32.42
C SER D 16 -1.20 -87.59 32.84
N GLN D 17 -0.14 -87.40 33.63
CA GLN D 17 0.68 -88.51 34.09
C GLN D 17 0.96 -88.36 35.57
N ASP D 18 1.01 -89.50 36.26
CA ASP D 18 1.14 -89.51 37.72
C ASP D 18 2.52 -88.98 38.14
N VAL D 19 2.53 -88.31 39.28
CA VAL D 19 3.76 -87.80 39.89
C VAL D 19 3.73 -88.12 41.38
N LYS D 20 4.84 -88.60 41.91
CA LYS D 20 4.93 -89.07 43.28
C LYS D 20 5.75 -88.11 44.11
N ILE D 21 5.42 -88.03 45.39
CA ILE D 21 6.17 -87.25 46.37
C ILE D 21 7.04 -88.21 47.15
N LYS D 22 8.30 -87.84 47.37
CA LYS D 22 9.24 -88.73 48.04
C LYS D 22 10.19 -87.91 48.91
N ASN D 23 10.73 -88.59 49.93
CA ASN D 23 11.79 -88.04 50.78
C ASN D 23 11.37 -86.72 51.43
N LEU D 24 10.07 -86.54 51.65
CA LEU D 24 9.61 -85.35 52.37
C LEU D 24 10.17 -85.36 53.79
N LYS D 25 10.83 -84.28 54.17
CA LYS D 25 11.50 -84.21 55.46
C LYS D 25 11.63 -82.75 55.86
N ALA D 26 11.17 -82.42 57.07
CA ALA D 26 11.30 -81.08 57.64
C ALA D 26 12.36 -81.13 58.72
N SER D 27 13.55 -80.61 58.40
CA SER D 27 14.63 -80.60 59.40
C SER D 27 14.31 -79.65 60.55
N TRP D 28 13.65 -78.53 60.26
CA TRP D 28 13.23 -77.57 61.27
C TRP D 28 11.76 -77.28 61.06
N GLY D 29 11.03 -77.10 62.16
CA GLY D 29 9.60 -76.90 62.09
C GLY D 29 8.85 -78.23 62.14
N LYS D 30 7.59 -78.17 61.71
CA LYS D 30 6.71 -79.33 61.75
C LYS D 30 5.68 -79.23 60.65
N LEU D 31 5.42 -80.35 59.98
CA LEU D 31 4.28 -80.44 59.09
C LEU D 31 3.00 -80.46 59.92
N HIS D 32 1.95 -79.84 59.38
CA HIS D 32 0.70 -79.68 60.12
C HIS D 32 -0.47 -79.73 59.15
N ALA D 33 -1.67 -79.64 59.71
CA ALA D 33 -2.90 -79.79 58.95
C ALA D 33 -3.28 -78.47 58.28
N ASP D 34 -4.31 -78.54 57.43
CA ASP D 34 -4.76 -77.38 56.69
C ASP D 34 -5.48 -76.40 57.61
N GLY D 35 -5.03 -75.15 57.62
CA GLY D 35 -5.66 -74.15 58.45
C GLY D 35 -5.60 -74.44 59.93
N ASP D 36 -4.73 -75.36 60.34
CA ASP D 36 -4.62 -75.76 61.74
C ASP D 36 -3.15 -76.02 62.03
N LYS D 37 -2.46 -74.99 62.53
CA LYS D 37 -1.04 -75.11 62.86
C LYS D 37 -0.81 -75.91 64.14
N ASP D 38 -1.85 -76.23 64.89
CA ASP D 38 -1.73 -77.03 66.10
C ASP D 38 -1.76 -78.53 65.81
N ALA D 39 -2.42 -78.94 64.73
CA ALA D 39 -2.59 -80.36 64.42
C ALA D 39 -1.38 -80.83 63.62
N GLU D 40 -0.34 -81.23 64.33
CA GLU D 40 0.85 -81.75 63.68
C GLU D 40 0.55 -83.08 62.98
N VAL D 41 1.19 -83.30 61.84
CA VAL D 41 1.02 -84.51 61.05
C VAL D 41 2.41 -85.00 60.63
N SER D 42 2.62 -86.31 60.71
CA SER D 42 3.90 -86.88 60.34
C SER D 42 4.09 -86.86 58.83
N ALA D 43 5.35 -86.91 58.40
CA ALA D 43 5.66 -86.91 56.98
C ALA D 43 5.14 -88.15 56.27
N SER D 44 4.83 -89.22 57.01
CA SER D 44 4.30 -90.43 56.40
C SER D 44 2.96 -90.19 55.72
N ASN D 45 2.21 -89.18 56.17
CA ASN D 45 0.92 -88.89 55.54
C ASN D 45 1.08 -88.51 54.08
N TYR D 46 2.24 -87.98 53.70
CA TYR D 46 2.49 -87.54 52.33
C TYR D 46 3.52 -88.37 51.59
N GLU D 47 4.56 -88.84 52.27
CA GLU D 47 5.62 -89.57 51.59
C GLU D 47 5.05 -90.78 50.85
N GLY D 48 5.47 -90.96 49.60
CA GLY D 48 4.99 -92.05 48.78
C GLY D 48 3.68 -91.79 48.07
N LYS D 49 3.06 -90.64 48.29
CA LYS D 49 1.76 -90.37 47.71
C LYS D 49 1.88 -89.98 46.24
N ILE D 50 0.81 -90.24 45.49
CA ILE D 50 0.75 -89.93 44.06
C ILE D 50 -0.32 -88.85 43.87
N VAL D 51 0.08 -87.73 43.27
CA VAL D 51 -0.84 -86.65 42.98
C VAL D 51 -1.41 -86.92 41.59
N LYS D 52 -2.64 -87.43 41.54
CA LYS D 52 -3.25 -87.81 40.29
C LYS D 52 -3.39 -86.59 39.37
N PRO D 53 -3.38 -86.79 38.06
CA PRO D 53 -3.59 -85.65 37.15
C PRO D 53 -4.88 -84.91 37.47
N ASP D 54 -4.80 -83.58 37.45
CA ASP D 54 -5.95 -82.70 37.59
C ASP D 54 -6.49 -82.65 39.01
N GLU D 55 -5.60 -82.79 40.01
CA GLU D 55 -5.98 -82.55 41.40
C GLU D 55 -4.73 -82.10 42.16
N LYS D 56 -4.97 -81.41 43.27
CA LYS D 56 -3.92 -80.72 44.01
C LYS D 56 -3.66 -81.40 45.35
N LEU D 57 -2.40 -81.40 45.76
CA LEU D 57 -1.99 -81.91 47.06
C LEU D 57 -1.28 -80.80 47.83
N GLN D 58 -1.70 -80.56 49.07
CA GLN D 58 -1.22 -79.44 49.86
C GLN D 58 -0.31 -79.93 50.98
N ILE D 59 0.85 -79.29 51.12
CA ILE D 59 1.80 -79.55 52.19
C ILE D 59 1.92 -78.28 53.01
N ASN D 60 1.61 -78.36 54.29
CA ASN D 60 1.66 -77.20 55.18
C ASN D 60 2.78 -77.38 56.19
N ALA D 61 3.71 -76.43 56.24
CA ALA D 61 4.80 -76.47 57.19
C ALA D 61 4.86 -75.16 57.95
N SER D 62 5.27 -75.23 59.22
CA SER D 62 5.33 -74.05 60.05
C SER D 62 6.31 -74.30 61.19
N GLY D 63 6.81 -73.19 61.76
CA GLY D 63 7.71 -73.30 62.88
C GLY D 63 6.98 -73.65 64.17
N ARG D 64 7.77 -74.08 65.16
CA ARG D 64 7.21 -74.43 66.46
C ARG D 64 6.52 -73.22 67.07
N SER D 65 5.50 -73.49 67.88
CA SER D 65 4.65 -72.43 68.42
C SER D 65 5.46 -71.40 69.20
N ASP D 66 5.43 -70.16 68.73
CA ASP D 66 6.08 -69.03 69.42
C ASP D 66 7.55 -69.34 69.70
N ALA D 67 8.15 -70.21 68.92
CA ALA D 67 9.54 -70.60 69.12
C ALA D 67 10.47 -69.68 68.34
N ALA D 68 11.75 -69.76 68.70
CA ALA D 68 12.82 -69.09 67.96
C ALA D 68 13.32 -69.96 66.82
N GLU D 69 12.38 -70.49 66.03
CA GLU D 69 12.69 -71.45 64.99
C GLU D 69 11.79 -71.22 63.78
N GLY D 70 12.37 -71.25 62.60
CA GLY D 70 11.62 -71.22 61.36
C GLY D 70 11.24 -72.62 60.92
N THR D 71 11.07 -72.78 59.60
CA THR D 71 10.72 -74.07 59.01
C THR D 71 11.58 -74.30 57.78
N THR D 72 12.33 -75.41 57.76
CA THR D 72 13.15 -75.79 56.62
C THR D 72 12.85 -77.23 56.26
N GLY D 73 12.73 -77.51 54.96
CA GLY D 73 12.45 -78.87 54.53
C GLY D 73 12.73 -79.08 53.06
N THR D 74 12.53 -80.34 52.65
CA THR D 74 12.86 -80.79 51.30
C THR D 74 11.84 -81.83 50.85
N PHE D 75 11.74 -81.99 49.53
CA PHE D 75 11.06 -83.15 48.97
C PHE D 75 11.42 -83.30 47.49
N ASP D 76 11.39 -84.54 47.03
CA ASP D 76 11.61 -84.85 45.63
C ASP D 76 10.26 -85.13 44.98
N LEU D 77 10.04 -84.55 43.80
CA LEU D 77 8.93 -84.98 42.96
C LEU D 77 9.50 -85.93 41.91
N VAL D 78 8.94 -87.15 41.85
CA VAL D 78 9.56 -88.24 41.11
C VAL D 78 8.53 -88.85 40.16
N ASP D 79 8.96 -89.16 38.95
CA ASP D 79 8.09 -89.80 37.98
C ASP D 79 8.05 -91.31 38.23
N PRO D 80 6.90 -91.89 38.54
CA PRO D 80 6.84 -93.35 38.72
C PRO D 80 6.77 -94.14 37.43
N ALA D 81 6.54 -93.48 36.29
CA ALA D 81 6.42 -94.20 35.03
C ALA D 81 7.76 -94.71 34.54
N ASP D 82 8.87 -94.19 35.07
CA ASP D 82 10.21 -94.57 34.65
C ASP D 82 11.06 -94.97 35.85
N GLY D 83 10.50 -95.78 36.74
CA GLY D 83 11.24 -96.29 37.88
C GLY D 83 11.59 -95.24 38.91
N ASP D 84 10.68 -94.30 39.18
CA ASP D 84 10.84 -93.34 40.26
C ASP D 84 12.14 -92.53 40.11
N LYS D 85 12.35 -91.99 38.91
CA LYS D 85 13.45 -91.06 38.71
C LYS D 85 13.04 -89.67 39.18
N GLN D 86 14.04 -88.80 39.33
CA GLN D 86 13.77 -87.47 39.85
C GLN D 86 13.21 -86.57 38.77
N VAL D 87 12.20 -85.79 39.15
CA VAL D 87 11.68 -84.71 38.32
C VAL D 87 12.40 -83.45 38.75
N ARG D 88 12.18 -83.03 40.00
CA ARG D 88 12.93 -81.93 40.60
C ARG D 88 12.97 -82.10 42.11
N HIS D 89 13.97 -81.44 42.72
CA HIS D 89 14.21 -81.47 44.15
C HIS D 89 13.91 -80.09 44.71
N PHE D 90 12.97 -80.00 45.65
CA PHE D 90 12.54 -78.74 46.21
C PHE D 90 13.06 -78.59 47.62
N TYR D 91 13.65 -77.42 47.90
CA TYR D 91 14.14 -77.04 49.22
C TYR D 91 13.50 -75.72 49.61
N TRP D 92 12.89 -75.67 50.79
CA TRP D 92 12.27 -74.46 51.31
C TRP D 92 12.85 -74.13 52.68
N ASP D 93 13.06 -72.85 52.93
CA ASP D 93 13.63 -72.38 54.19
C ASP D 93 13.00 -71.03 54.50
N SER D 94 12.15 -71.00 55.53
CA SER D 94 11.56 -69.76 56.07
C SER D 94 12.11 -69.62 57.48
N PRO D 95 13.26 -68.97 57.66
CA PRO D 95 13.88 -68.91 58.98
C PRO D 95 13.29 -67.82 59.86
N TRP D 96 13.47 -68.01 61.17
CA TRP D 96 13.02 -67.04 62.15
C TRP D 96 14.04 -65.94 62.40
N GLY D 97 15.32 -66.20 62.17
CA GLY D 97 16.36 -65.25 62.48
C GLY D 97 17.04 -64.68 61.25
N SER D 98 16.26 -64.43 60.21
CA SER D 98 16.79 -63.86 58.97
C SER D 98 15.63 -63.34 58.15
N LYS D 99 15.94 -62.53 57.14
CA LYS D 99 14.95 -61.95 56.26
C LYS D 99 14.83 -62.69 54.93
N THR D 100 15.90 -63.34 54.48
CA THR D 100 15.94 -63.95 53.15
C THR D 100 15.44 -65.38 53.25
N ASN D 101 14.22 -65.62 52.79
CA ASN D 101 13.73 -66.97 52.64
C ASN D 101 14.33 -67.60 51.40
N THR D 102 14.35 -68.94 51.38
CA THR D 102 14.96 -69.69 50.29
C THR D 102 13.93 -70.66 49.71
N TRP D 103 13.84 -70.70 48.38
CA TRP D 103 12.98 -71.64 47.67
C TRP D 103 13.73 -72.07 46.41
N THR D 104 14.38 -73.23 46.47
CA THR D 104 15.21 -73.72 45.37
C THR D 104 14.58 -74.96 44.76
N VAL D 105 14.47 -74.97 43.43
CA VAL D 105 13.98 -76.11 42.68
C VAL D 105 15.14 -76.58 41.79
N SER D 106 15.90 -77.54 42.29
CA SER D 106 17.07 -78.06 41.59
C SER D 106 16.70 -79.35 40.87
N GLY D 107 17.68 -79.93 40.18
CA GLY D 107 17.49 -81.15 39.43
C GLY D 107 17.19 -80.87 37.96
N SER D 108 17.24 -81.94 37.17
CA SER D 108 17.03 -81.84 35.74
C SER D 108 16.24 -83.05 35.25
N ASN D 109 15.19 -82.78 34.48
CA ASN D 109 14.45 -83.83 33.80
C ASN D 109 13.74 -83.20 32.61
N THR D 110 14.25 -83.43 31.40
CA THR D 110 13.72 -82.77 30.23
C THR D 110 12.31 -83.24 29.89
N LYS D 111 11.89 -84.39 30.40
CA LYS D 111 10.56 -84.92 30.12
C LYS D 111 9.47 -84.28 30.97
N TRP D 112 9.83 -83.42 31.92
CA TRP D 112 8.87 -82.76 32.80
C TRP D 112 9.09 -81.26 32.76
N MET D 113 7.98 -80.51 32.88
CA MET D 113 8.00 -79.06 32.94
C MET D 113 7.34 -78.64 34.25
N ILE D 114 8.03 -77.80 35.01
CA ILE D 114 7.61 -77.41 36.34
C ILE D 114 7.59 -75.89 36.41
N GLU D 115 6.44 -75.33 36.76
CA GLU D 115 6.28 -73.92 37.00
C GLU D 115 5.96 -73.73 38.49
N TYR D 116 6.34 -72.58 39.04
CA TYR D 116 5.98 -72.30 40.41
C TYR D 116 5.84 -70.79 40.61
N SER D 117 4.91 -70.41 41.48
CA SER D 117 4.62 -69.00 41.70
C SER D 117 4.05 -68.81 43.10
N GLY D 118 4.08 -67.55 43.56
CA GLY D 118 3.52 -67.17 44.84
C GLY D 118 4.52 -67.04 45.97
N GLN D 119 5.78 -67.42 45.75
CA GLN D 119 6.76 -67.34 46.82
C GLN D 119 7.11 -65.90 47.14
N ASN D 120 7.53 -65.66 48.38
CA ASN D 120 8.02 -64.37 48.83
C ASN D 120 9.36 -64.59 49.52
N LEU D 121 10.41 -63.98 48.98
CA LEU D 121 11.76 -64.16 49.49
C LEU D 121 12.30 -62.93 50.19
N ASP D 122 11.54 -61.84 50.25
CA ASP D 122 12.05 -60.60 50.83
C ASP D 122 12.13 -60.68 52.35
N SER D 123 10.99 -60.87 53.00
CA SER D 123 10.93 -60.93 54.45
C SER D 123 9.57 -61.47 54.87
N GLY D 124 9.52 -62.00 56.08
CA GLY D 124 8.28 -62.55 56.60
C GLY D 124 8.12 -64.03 56.30
N ALA D 125 6.88 -64.46 56.12
CA ALA D 125 6.61 -65.86 55.81
C ALA D 125 6.96 -66.15 54.35
N LEU D 126 7.07 -67.45 54.03
CA LEU D 126 7.40 -67.87 52.68
C LEU D 126 6.19 -67.97 51.77
N GLY D 127 4.98 -67.86 52.31
CA GLY D 127 3.80 -67.75 51.49
C GLY D 127 3.24 -69.08 51.01
N THR D 128 2.32 -68.95 50.05
CA THR D 128 1.64 -70.08 49.42
C THR D 128 2.20 -70.24 48.02
N ILE D 129 3.09 -71.22 47.85
CA ILE D 129 3.73 -71.49 46.57
C ILE D 129 2.92 -72.56 45.85
N THR D 130 2.43 -72.22 44.66
CA THR D 130 1.73 -73.16 43.80
C THR D 130 2.68 -73.63 42.71
N VAL D 131 2.78 -74.96 42.55
CA VAL D 131 3.72 -75.59 41.63
C VAL D 131 2.92 -76.42 40.65
N ASP D 132 2.93 -76.03 39.38
CA ASP D 132 2.25 -76.72 38.31
C ASP D 132 3.23 -77.68 37.64
N THR D 133 2.88 -78.96 37.59
CA THR D 133 3.73 -79.99 37.03
C THR D 133 3.06 -80.59 35.80
N LEU D 134 3.84 -80.82 34.74
CA LEU D 134 3.27 -81.39 33.52
C LEU D 134 4.33 -82.20 32.79
N LYS D 135 3.98 -83.44 32.43
CA LYS D 135 4.89 -84.30 31.67
C LYS D 135 4.63 -84.13 30.19
N LYS D 136 5.67 -83.81 29.43
CA LYS D 136 5.56 -83.63 27.98
C LYS D 136 6.58 -84.50 27.26
N ALA E 2 5.11 -52.04 58.61
CA ALA E 2 6.18 -53.01 58.71
C ALA E 2 6.05 -54.06 57.60
N TYR E 3 7.19 -54.54 57.13
CA TYR E 3 7.20 -55.46 55.98
C TYR E 3 6.75 -56.86 56.35
N ALA E 4 6.79 -57.23 57.64
CA ALA E 4 6.35 -58.56 58.03
C ALA E 4 4.90 -58.81 57.65
N GLN E 5 4.09 -57.76 57.54
CA GLN E 5 2.69 -57.88 57.14
C GLN E 5 2.56 -57.50 55.67
N TRP E 6 2.13 -58.47 54.86
CA TRP E 6 2.03 -58.30 53.43
C TRP E 6 0.89 -59.16 52.89
N VAL E 7 0.44 -58.83 51.70
CA VAL E 7 -0.61 -59.57 51.02
C VAL E 7 -0.41 -59.44 49.52
N ILE E 8 -0.66 -60.52 48.81
CA ILE E 8 -0.67 -60.55 47.35
C ILE E 8 -2.04 -61.04 46.93
N ILE E 9 -2.69 -60.32 46.01
CA ILE E 9 -3.97 -60.73 45.46
C ILE E 9 -3.80 -60.88 43.96
N ILE E 10 -3.98 -62.10 43.46
CA ILE E 10 -3.84 -62.40 42.04
C ILE E 10 -5.24 -62.68 41.51
N ILE E 11 -5.77 -61.70 40.77
CA ILE E 11 -7.06 -61.81 40.12
C ILE E 11 -6.85 -62.56 38.80
N HIS E 12 -7.56 -63.66 38.62
CA HIS E 12 -7.44 -64.50 37.43
C HIS E 12 -8.81 -64.62 36.79
N ASN E 13 -8.99 -63.98 35.64
CA ASN E 13 -10.28 -63.97 34.95
C ASN E 13 -10.39 -65.26 34.14
N VAL E 14 -10.83 -66.32 34.80
CA VAL E 14 -10.97 -67.61 34.13
C VAL E 14 -12.11 -67.59 33.12
N GLY E 15 -13.01 -66.62 33.20
CA GLY E 15 -14.15 -66.54 32.31
C GLY E 15 -13.77 -66.01 30.93
N SER E 16 -14.79 -65.63 30.17
CA SER E 16 -14.59 -65.18 28.80
C SER E 16 -15.04 -63.74 28.57
N GLN E 17 -15.39 -63.00 29.62
CA GLN E 17 -15.82 -61.61 29.49
C GLN E 17 -15.06 -60.76 30.50
N ASP E 18 -14.91 -59.48 30.17
CA ASP E 18 -14.03 -58.59 30.93
C ASP E 18 -14.58 -58.32 32.33
N VAL E 19 -13.66 -58.07 33.27
CA VAL E 19 -13.98 -57.64 34.61
C VAL E 19 -13.07 -56.46 34.96
N LYS E 20 -13.65 -55.42 35.55
CA LYS E 20 -12.94 -54.18 35.82
C LYS E 20 -12.71 -54.01 37.31
N ILE E 21 -11.52 -53.50 37.66
CA ILE E 21 -11.23 -53.14 39.04
C ILE E 21 -11.68 -51.71 39.28
N LYS E 22 -12.13 -51.44 40.51
CA LYS E 22 -12.63 -50.12 40.85
C LYS E 22 -12.42 -49.86 42.34
N ASN E 23 -12.35 -48.59 42.70
CA ASN E 23 -12.32 -48.15 44.09
C ASN E 23 -11.20 -48.81 44.89
N LEU E 24 -10.11 -49.19 44.21
CA LEU E 24 -8.96 -49.72 44.92
C LEU E 24 -8.40 -48.65 45.84
N LYS E 25 -8.19 -49.01 47.11
CA LYS E 25 -7.79 -48.04 48.12
C LYS E 25 -7.09 -48.77 49.26
N ALA E 26 -5.85 -48.37 49.55
CA ALA E 26 -5.07 -48.93 50.65
C ALA E 26 -5.17 -47.97 51.83
N SER E 27 -6.01 -48.31 52.81
CA SER E 27 -6.16 -47.46 53.99
C SER E 27 -4.92 -47.45 54.85
N TRP E 28 -4.19 -48.57 54.90
CA TRP E 28 -2.98 -48.68 55.71
C TRP E 28 -1.90 -49.35 54.86
N GLY E 29 -0.65 -49.10 55.25
CA GLY E 29 0.45 -49.64 54.47
C GLY E 29 0.56 -48.97 53.11
N LYS E 30 1.05 -49.73 52.14
CA LYS E 30 1.29 -49.21 50.80
C LYS E 30 1.25 -50.34 49.80
N LEU E 31 0.83 -50.02 48.58
CA LEU E 31 1.00 -50.92 47.46
C LEU E 31 2.44 -50.83 46.94
N HIS E 32 2.84 -51.83 46.16
CA HIS E 32 4.21 -51.88 45.65
C HIS E 32 4.27 -52.85 44.49
N ALA E 33 5.36 -52.77 43.73
CA ALA E 33 5.58 -53.63 42.58
C ALA E 33 6.10 -54.99 43.02
N ASP E 34 5.73 -56.02 42.26
CA ASP E 34 6.06 -57.39 42.64
C ASP E 34 7.55 -57.56 42.89
N GLY E 35 7.88 -58.16 44.03
CA GLY E 35 9.25 -58.49 44.36
C GLY E 35 10.06 -57.37 44.96
N ASP E 36 9.48 -56.18 45.13
CA ASP E 36 10.19 -55.01 45.67
C ASP E 36 9.21 -54.23 46.55
N LYS E 37 9.23 -54.52 47.85
CA LYS E 37 8.39 -53.77 48.78
C LYS E 37 8.82 -52.31 48.87
N ASP E 38 10.04 -51.99 48.45
CA ASP E 38 10.49 -50.61 48.47
C ASP E 38 9.88 -49.79 47.34
N ALA E 39 9.62 -50.41 46.19
CA ALA E 39 9.10 -49.71 45.02
C ALA E 39 7.59 -49.51 45.18
N GLU E 40 7.25 -48.45 45.91
CA GLU E 40 5.85 -48.11 46.12
C GLU E 40 5.19 -47.73 44.79
N VAL E 41 3.90 -48.04 44.68
CA VAL E 41 3.12 -47.72 43.49
C VAL E 41 1.81 -47.09 43.92
N SER E 42 1.20 -46.35 42.99
CA SER E 42 -0.03 -45.64 43.25
C SER E 42 -1.25 -46.49 42.88
N ALA E 43 -2.36 -46.23 43.55
CA ALA E 43 -3.59 -46.96 43.26
C ALA E 43 -4.08 -46.71 41.84
N SER E 44 -3.75 -45.55 41.26
CA SER E 44 -4.15 -45.27 39.89
C SER E 44 -3.53 -46.24 38.90
N ASN E 45 -2.42 -46.89 39.27
CA ASN E 45 -1.81 -47.88 38.40
C ASN E 45 -2.73 -49.07 38.16
N TYR E 46 -3.75 -49.25 38.98
CA TYR E 46 -4.70 -50.35 38.83
C TYR E 46 -6.14 -49.91 38.76
N GLU E 47 -6.48 -48.72 39.22
CA GLU E 47 -7.86 -48.25 39.18
C GLU E 47 -8.39 -48.26 37.76
N GLY E 48 -9.59 -48.82 37.59
CA GLY E 48 -10.24 -48.84 36.30
C GLY E 48 -9.65 -49.83 35.31
N LYS E 49 -8.74 -50.68 35.75
CA LYS E 49 -8.11 -51.62 34.82
C LYS E 49 -9.07 -52.73 34.43
N ILE E 50 -8.98 -53.15 33.17
CA ILE E 50 -9.75 -54.26 32.62
C ILE E 50 -8.86 -55.50 32.66
N VAL E 51 -9.35 -56.57 33.26
CA VAL E 51 -8.68 -57.87 33.22
C VAL E 51 -9.33 -58.66 32.10
N LYS E 52 -8.64 -58.75 30.97
CA LYS E 52 -9.17 -59.50 29.84
C LYS E 52 -9.22 -60.99 30.19
N PRO E 53 -10.09 -61.75 29.51
CA PRO E 53 -10.17 -63.19 29.81
C PRO E 53 -8.83 -63.88 29.63
N ASP E 54 -8.53 -64.81 30.54
CA ASP E 54 -7.29 -65.56 30.62
C ASP E 54 -6.13 -64.71 31.12
N GLU E 55 -6.38 -63.46 31.53
CA GLU E 55 -5.33 -62.58 32.02
C GLU E 55 -5.26 -62.64 33.54
N LYS E 56 -4.08 -62.35 34.07
CA LYS E 56 -3.85 -62.34 35.51
C LYS E 56 -3.31 -60.97 35.92
N LEU E 57 -3.83 -60.46 37.03
CA LEU E 57 -3.44 -59.15 37.54
C LEU E 57 -3.07 -59.27 39.01
N GLN E 58 -1.88 -58.80 39.37
CA GLN E 58 -1.34 -58.95 40.71
C GLN E 58 -1.33 -57.60 41.42
N ILE E 59 -1.85 -57.57 42.64
CA ILE E 59 -1.75 -56.39 43.51
C ILE E 59 -1.00 -56.82 44.76
N ASN E 60 0.10 -56.13 45.06
CA ASN E 60 0.93 -56.41 46.21
C ASN E 60 0.83 -55.26 47.19
N ALA E 61 0.49 -55.56 48.45
CA ALA E 61 0.43 -54.57 49.51
C ALA E 61 1.23 -55.07 50.70
N SER E 62 1.70 -54.14 51.52
CA SER E 62 2.46 -54.50 52.70
C SER E 62 2.61 -53.25 53.57
N GLY E 63 3.04 -53.46 54.81
CA GLY E 63 3.25 -52.35 55.70
C GLY E 63 4.41 -51.48 55.26
N ARG E 64 4.47 -50.28 55.83
CA ARG E 64 5.50 -49.31 55.46
C ARG E 64 6.83 -49.70 56.11
N SER E 65 7.82 -48.82 55.98
CA SER E 65 9.18 -49.12 56.42
C SER E 65 9.31 -49.08 57.94
N ASP E 66 9.21 -50.24 58.58
CA ASP E 66 9.44 -50.45 60.01
C ASP E 66 8.34 -49.86 60.88
N ALA E 67 7.33 -49.21 60.29
CA ALA E 67 6.26 -48.65 61.10
C ALA E 67 5.47 -49.76 61.78
N ALA E 68 4.88 -49.43 62.94
CA ALA E 68 4.05 -50.39 63.65
C ALA E 68 2.72 -50.65 62.97
N GLU E 69 2.47 -50.04 61.81
CA GLU E 69 1.25 -50.29 61.07
C GLU E 69 1.32 -51.63 60.36
N GLY E 70 0.15 -52.22 60.14
CA GLY E 70 0.05 -53.38 59.28
C GLY E 70 -0.32 -52.97 57.88
N THR E 71 -1.31 -53.63 57.29
CA THR E 71 -1.85 -53.21 56.00
C THR E 71 -3.35 -53.47 55.98
N THR E 72 -4.07 -52.66 55.22
CA THR E 72 -5.52 -52.80 55.10
C THR E 72 -5.96 -52.10 53.84
N GLY E 73 -6.92 -52.69 53.15
CA GLY E 73 -7.40 -52.10 51.91
C GLY E 73 -8.68 -52.74 51.44
N THR E 74 -9.26 -52.15 50.41
CA THR E 74 -10.51 -52.61 49.83
C THR E 74 -10.55 -52.25 48.36
N PHE E 75 -11.38 -52.97 47.62
CA PHE E 75 -11.61 -52.67 46.21
C PHE E 75 -12.87 -53.39 45.76
N ASP E 76 -13.22 -53.21 44.49
CA ASP E 76 -14.44 -53.77 43.93
C ASP E 76 -14.15 -54.34 42.55
N LEU E 77 -14.66 -55.54 42.31
CA LEU E 77 -14.74 -56.07 40.95
C LEU E 77 -16.11 -55.72 40.39
N VAL E 78 -16.13 -55.17 39.17
CA VAL E 78 -17.36 -54.73 38.53
C VAL E 78 -17.39 -55.27 37.10
N ASP E 79 -18.59 -55.27 36.51
CA ASP E 79 -18.80 -55.79 35.18
C ASP E 79 -18.83 -54.63 34.19
N PRO E 80 -17.81 -54.45 33.33
CA PRO E 80 -17.88 -53.35 32.36
C PRO E 80 -19.01 -53.49 31.37
N ALA E 81 -19.46 -54.71 31.09
CA ALA E 81 -20.49 -54.94 30.08
C ALA E 81 -21.90 -54.79 30.62
N ASP E 82 -22.07 -54.50 31.91
CA ASP E 82 -23.38 -54.34 32.53
C ASP E 82 -23.44 -53.02 33.29
N GLY E 83 -22.97 -51.96 32.66
CA GLY E 83 -23.00 -50.64 33.29
C GLY E 83 -22.21 -50.59 34.58
N ASP E 84 -21.07 -51.28 34.64
CA ASP E 84 -20.21 -51.30 35.81
C ASP E 84 -20.96 -51.79 37.05
N LYS E 85 -21.92 -52.68 36.85
CA LYS E 85 -22.64 -53.25 38.00
C LYS E 85 -21.66 -54.00 38.88
N GLN E 86 -21.80 -53.80 40.19
CA GLN E 86 -20.85 -54.40 41.11
C GLN E 86 -20.93 -55.93 41.05
N VAL E 87 -19.78 -56.56 40.84
CA VAL E 87 -19.66 -58.01 40.96
C VAL E 87 -19.37 -58.41 42.39
N ARG E 88 -18.33 -57.84 42.98
CA ARG E 88 -17.96 -58.19 44.34
C ARG E 88 -17.20 -57.04 44.99
N HIS E 89 -17.14 -57.08 46.31
CA HIS E 89 -16.43 -56.11 47.14
C HIS E 89 -15.46 -56.87 48.01
N PHE E 90 -14.17 -56.58 47.86
CA PHE E 90 -13.12 -57.30 48.57
C PHE E 90 -12.47 -56.39 49.60
N TYR E 91 -12.26 -56.93 50.80
CA TYR E 91 -11.62 -56.23 51.90
C TYR E 91 -10.54 -57.12 52.48
N TRP E 92 -9.34 -56.56 52.68
CA TRP E 92 -8.22 -57.31 53.24
C TRP E 92 -7.60 -56.51 54.38
N ASP E 93 -7.12 -57.24 55.38
CA ASP E 93 -6.53 -56.63 56.56
C ASP E 93 -5.54 -57.59 57.20
N SER E 94 -4.28 -57.18 57.27
CA SER E 94 -3.22 -57.90 57.99
C SER E 94 -2.65 -56.93 59.02
N PRO E 95 -3.17 -56.91 60.24
CA PRO E 95 -2.70 -55.94 61.22
C PRO E 95 -1.35 -56.31 61.82
N TRP E 96 -0.70 -55.29 62.38
CA TRP E 96 0.55 -55.50 63.11
C TRP E 96 0.27 -55.90 64.56
N GLY E 97 -0.73 -55.30 65.18
CA GLY E 97 -1.04 -55.58 66.56
C GLY E 97 -1.81 -56.87 66.74
N SER E 98 -3.01 -56.93 66.18
CA SER E 98 -3.83 -58.14 66.29
C SER E 98 -3.18 -59.28 65.49
N LYS E 99 -3.24 -60.49 66.06
CA LYS E 99 -2.66 -61.64 65.37
C LYS E 99 -3.55 -62.09 64.22
N THR E 100 -4.86 -62.09 64.41
CA THR E 100 -5.77 -62.61 63.41
C THR E 100 -5.88 -61.65 62.22
N ASN E 101 -5.81 -62.20 61.01
CA ASN E 101 -5.96 -61.42 59.80
C ASN E 101 -7.43 -61.43 59.38
N THR E 102 -7.71 -60.88 58.19
CA THR E 102 -9.10 -60.85 57.71
C THR E 102 -9.10 -60.70 56.20
N TRP E 103 -9.86 -61.55 55.52
CA TRP E 103 -10.10 -61.44 54.09
C TRP E 103 -11.59 -61.68 53.87
N THR E 104 -12.32 -60.65 53.46
CA THR E 104 -13.76 -60.72 53.33
C THR E 104 -14.18 -60.39 51.90
N VAL E 105 -15.04 -61.21 51.34
CA VAL E 105 -15.63 -60.98 50.02
C VAL E 105 -17.14 -60.88 50.20
N SER E 106 -17.70 -59.73 49.81
CA SER E 106 -19.12 -59.48 49.92
C SER E 106 -19.69 -59.16 48.54
N GLY E 107 -21.02 -59.11 48.47
CA GLY E 107 -21.72 -58.87 47.22
C GLY E 107 -22.69 -60.00 46.92
N SER E 108 -23.57 -59.71 45.96
CA SER E 108 -24.64 -60.65 45.63
C SER E 108 -24.86 -60.82 44.13
N ASN E 109 -23.95 -60.35 43.29
CA ASN E 109 -24.10 -60.58 41.85
C ASN E 109 -24.20 -62.08 41.58
N THR E 110 -25.28 -62.47 40.89
CA THR E 110 -25.60 -63.88 40.71
C THR E 110 -25.10 -64.45 39.39
N LYS E 111 -24.86 -63.60 38.38
CA LYS E 111 -24.32 -64.04 37.10
C LYS E 111 -22.80 -64.09 37.09
N TRP E 112 -22.17 -64.11 38.26
CA TRP E 112 -20.73 -64.22 38.38
C TRP E 112 -20.38 -65.28 39.42
N MET E 113 -19.26 -65.96 39.18
CA MET E 113 -18.70 -66.93 40.11
C MET E 113 -17.31 -66.48 40.50
N ILE E 114 -17.08 -66.32 41.80
CA ILE E 114 -15.81 -65.88 42.34
C ILE E 114 -15.35 -66.90 43.37
N GLU E 115 -14.10 -67.34 43.24
CA GLU E 115 -13.53 -68.33 44.15
C GLU E 115 -12.16 -67.86 44.60
N TYR E 116 -12.00 -67.65 45.90
CA TYR E 116 -10.75 -67.17 46.48
C TYR E 116 -10.14 -68.27 47.35
N SER E 117 -8.82 -68.40 47.27
CA SER E 117 -8.13 -69.42 48.04
C SER E 117 -6.70 -68.99 48.33
N GLY E 118 -6.14 -69.52 49.42
CA GLY E 118 -4.75 -69.30 49.78
C GLY E 118 -4.53 -68.39 50.96
N GLN E 119 -5.58 -67.80 51.53
CA GLN E 119 -5.40 -66.87 52.63
C GLN E 119 -5.00 -67.59 53.91
N ASN E 120 -4.29 -66.86 54.77
CA ASN E 120 -3.95 -67.32 56.11
C ASN E 120 -4.57 -66.35 57.12
N LEU E 121 -5.25 -66.91 58.13
CA LEU E 121 -6.00 -66.11 59.08
C LEU E 121 -5.55 -66.26 60.52
N ASP E 122 -4.63 -67.18 60.82
CA ASP E 122 -4.24 -67.42 62.20
C ASP E 122 -3.26 -66.36 62.69
N SER E 123 -2.10 -66.28 62.07
CA SER E 123 -1.06 -65.35 62.51
C SER E 123 -0.12 -65.09 61.33
N GLY E 124 0.71 -64.06 61.48
CA GLY E 124 1.65 -63.71 60.45
C GLY E 124 1.00 -62.96 59.30
N ALA E 125 1.69 -62.94 58.17
CA ALA E 125 1.20 -62.23 57.00
C ALA E 125 -0.07 -62.90 56.46
N LEU E 126 -0.88 -62.11 55.77
CA LEU E 126 -2.11 -62.65 55.18
C LEU E 126 -1.80 -63.63 54.06
N GLY E 127 -0.71 -63.43 53.34
CA GLY E 127 -0.24 -64.38 52.36
C GLY E 127 -0.60 -64.01 50.93
N THR E 128 -0.61 -65.04 50.08
CA THR E 128 -0.99 -64.93 48.68
C THR E 128 -2.38 -65.54 48.51
N ILE E 129 -3.27 -64.79 47.86
CA ILE E 129 -4.65 -65.19 47.66
C ILE E 129 -4.97 -65.10 46.17
N THR E 130 -5.43 -66.22 45.60
CA THR E 130 -5.82 -66.32 44.21
C THR E 130 -7.33 -66.24 44.11
N VAL E 131 -7.83 -65.32 43.29
CA VAL E 131 -9.26 -65.12 43.11
C VAL E 131 -9.58 -65.39 41.64
N ASP E 132 -10.17 -66.55 41.38
CA ASP E 132 -10.65 -66.90 40.05
C ASP E 132 -12.04 -66.32 39.85
N THR E 133 -12.22 -65.56 38.77
CA THR E 133 -13.48 -64.91 38.45
C THR E 133 -13.98 -65.43 37.10
N LEU E 134 -15.29 -65.65 37.03
CA LEU E 134 -15.91 -66.15 35.80
C LEU E 134 -17.32 -65.56 35.71
N LYS E 135 -17.78 -65.33 34.49
CA LYS E 135 -19.14 -64.87 34.24
C LYS E 135 -19.92 -65.99 33.56
N LYS E 136 -21.00 -66.42 34.19
CA LYS E 136 -21.81 -67.51 33.67
C LYS E 136 -22.34 -67.17 32.28
N GLN F 10 -29.50 -36.67 -27.76
CA GLN F 10 -29.05 -37.61 -26.75
C GLN F 10 -29.44 -37.14 -25.36
N ALA F 11 -29.45 -35.82 -25.15
CA ALA F 11 -29.82 -35.29 -23.86
C ALA F 11 -31.26 -35.68 -23.53
N GLY F 12 -31.49 -36.05 -22.27
CA GLY F 12 -32.78 -36.55 -21.87
C GLY F 12 -33.01 -38.01 -22.15
N ASP F 13 -31.99 -38.72 -22.64
CA ASP F 13 -32.13 -40.14 -22.95
C ASP F 13 -32.08 -40.96 -21.66
N THR F 14 -32.85 -42.04 -21.63
CA THR F 14 -32.96 -42.90 -20.46
C THR F 14 -32.68 -44.35 -20.83
N LEU F 15 -32.72 -45.21 -19.80
CA LEU F 15 -32.57 -46.63 -20.02
C LEU F 15 -33.61 -47.15 -21.00
N ASN F 16 -34.78 -46.52 -21.06
CA ASN F 16 -35.78 -46.94 -22.03
C ASN F 16 -35.27 -46.76 -23.46
N ASP F 17 -34.67 -45.60 -23.75
CA ASP F 17 -34.12 -45.39 -25.08
C ASP F 17 -32.95 -46.33 -25.36
N VAL F 18 -32.09 -46.53 -24.36
CA VAL F 18 -30.95 -47.40 -24.54
C VAL F 18 -31.41 -48.82 -24.86
N ILE F 19 -32.42 -49.30 -24.14
CA ILE F 19 -32.94 -50.64 -24.39
C ILE F 19 -33.69 -50.70 -25.72
N GLN F 20 -34.39 -49.63 -26.08
CA GLN F 20 -35.13 -49.62 -27.34
C GLN F 20 -34.20 -49.76 -28.53
N ASP F 21 -33.07 -49.06 -28.51
CA ASP F 21 -32.13 -49.16 -29.62
C ASP F 21 -31.36 -50.46 -29.50
N PRO F 22 -31.45 -51.37 -30.49
CA PRO F 22 -30.73 -52.65 -30.34
C PRO F 22 -29.23 -52.50 -30.18
N THR F 23 -28.62 -51.55 -30.88
CA THR F 23 -27.17 -51.37 -30.76
C THR F 23 -26.79 -50.90 -29.37
N ARG F 24 -27.48 -49.88 -28.85
CA ARG F 24 -27.16 -49.35 -27.53
C ARG F 24 -27.45 -50.39 -26.45
N ARG F 25 -28.52 -51.16 -26.61
CA ARG F 25 -28.84 -52.20 -25.63
C ARG F 25 -27.75 -53.25 -25.58
N ASN F 26 -27.28 -53.69 -26.75
CA ASN F 26 -26.21 -54.68 -26.79
C ASN F 26 -24.91 -54.11 -26.23
N LYS F 27 -24.63 -52.84 -26.53
CA LYS F 27 -23.45 -52.20 -25.95
C LYS F 27 -23.54 -52.17 -24.44
N LEU F 28 -24.70 -51.84 -23.89
CA LEU F 28 -24.88 -51.84 -22.44
C LEU F 28 -24.66 -53.23 -21.86
N ILE F 29 -25.25 -54.25 -22.50
CA ILE F 29 -25.11 -55.62 -21.99
C ILE F 29 -23.65 -56.02 -21.99
N ASN F 30 -22.93 -55.75 -23.09
CA ASN F 30 -21.54 -56.16 -23.19
C ASN F 30 -20.66 -55.40 -22.20
N ASP F 31 -20.81 -54.08 -22.15
CA ASP F 31 -19.97 -53.27 -21.27
C ASP F 31 -20.23 -53.53 -19.81
N ASN F 32 -21.42 -54.02 -19.45
CA ASN F 32 -21.72 -54.31 -18.06
C ASN F 32 -21.66 -55.80 -17.72
N ASN F 33 -21.37 -56.65 -18.69
CA ASN F 33 -21.15 -58.08 -18.43
C ASN F 33 -22.41 -58.71 -17.83
N LEU F 34 -23.56 -58.31 -18.35
CA LEU F 34 -24.82 -58.74 -17.77
C LEU F 34 -25.14 -60.20 -18.07
N LEU F 35 -24.46 -60.81 -19.03
CA LEU F 35 -24.68 -62.20 -19.38
C LEU F 35 -23.72 -63.15 -18.67
N LYS F 36 -22.84 -62.64 -17.81
CA LYS F 36 -21.78 -63.43 -17.20
C LYS F 36 -21.97 -63.49 -15.70
N GLY F 37 -21.62 -64.64 -15.11
CA GLY F 37 -21.66 -64.80 -13.67
C GLY F 37 -20.43 -64.21 -13.00
N ILE F 38 -20.46 -64.20 -11.67
CA ILE F 38 -19.37 -63.66 -10.87
C ILE F 38 -18.64 -64.82 -10.19
N ILE F 39 -17.31 -64.80 -10.25
CA ILE F 39 -16.53 -65.99 -9.90
C ILE F 39 -16.27 -66.13 -8.40
N MET F 40 -16.44 -65.07 -7.62
CA MET F 40 -16.35 -65.17 -6.16
C MET F 40 -15.14 -65.99 -5.74
N GLY F 41 -13.96 -65.47 -6.09
CA GLY F 41 -12.74 -66.21 -5.89
C GLY F 41 -11.79 -65.54 -4.93
N ARG F 42 -10.51 -65.88 -5.01
CA ARG F 42 -9.54 -65.35 -4.07
C ARG F 42 -9.34 -63.85 -4.26
N ASP F 43 -9.57 -63.35 -5.47
CA ASP F 43 -9.42 -61.93 -5.78
C ASP F 43 -10.71 -61.14 -5.58
N GLY F 44 -11.80 -61.79 -5.15
CA GLY F 44 -13.05 -61.12 -4.96
C GLY F 44 -14.05 -61.45 -6.05
N PRO F 45 -15.20 -60.76 -6.04
CA PRO F 45 -16.26 -61.00 -7.04
C PRO F 45 -15.94 -60.39 -8.41
N VAL F 46 -15.14 -61.10 -9.18
CA VAL F 46 -14.76 -60.67 -10.52
C VAL F 46 -15.66 -61.39 -11.53
N PRO F 47 -16.22 -60.69 -12.51
CA PRO F 47 -17.06 -61.39 -13.50
C PRO F 47 -16.23 -62.32 -14.36
N SER F 48 -16.87 -63.42 -14.77
CA SER F 48 -16.22 -64.38 -15.65
C SER F 48 -16.14 -63.82 -17.07
N SER F 49 -15.32 -64.47 -17.90
CA SER F 49 -15.15 -64.09 -19.29
C SER F 49 -15.92 -65.00 -20.23
N ARG F 50 -16.76 -65.88 -19.69
CA ARG F 50 -17.57 -66.79 -20.48
C ARG F 50 -19.04 -66.47 -20.26
N GLU F 51 -19.80 -66.37 -21.34
CA GLU F 51 -21.21 -66.05 -21.22
C GLU F 51 -21.96 -67.23 -20.60
N LEU F 52 -22.76 -66.93 -19.58
CA LEU F 52 -23.52 -67.95 -18.87
C LEU F 52 -24.92 -68.13 -19.46
N ILE F 53 -25.61 -67.04 -19.77
CA ILE F 53 -26.97 -67.10 -20.29
C ILE F 53 -26.95 -66.69 -21.77
N VAL F 54 -28.09 -66.92 -22.42
CA VAL F 54 -28.27 -66.54 -23.82
C VAL F 54 -28.65 -65.07 -23.91
N ARG F 55 -28.22 -64.41 -24.96
CA ARG F 55 -28.48 -62.98 -25.12
C ARG F 55 -29.98 -62.74 -25.24
N PRO F 56 -30.59 -61.96 -24.34
CA PRO F 56 -32.02 -61.66 -24.48
C PRO F 56 -32.29 -60.73 -25.64
N ASP F 57 -33.52 -60.80 -26.14
CA ASP F 57 -33.98 -59.86 -27.17
C ASP F 57 -34.45 -58.54 -26.59
N THR F 58 -34.58 -58.43 -25.27
CA THR F 58 -34.96 -57.19 -24.61
C THR F 58 -34.62 -57.32 -23.13
N LEU F 59 -34.75 -56.21 -22.41
CA LEU F 59 -34.48 -56.17 -20.99
C LEU F 59 -35.64 -55.52 -20.24
N ARG F 60 -35.87 -55.99 -19.02
CA ARG F 60 -36.84 -55.38 -18.12
C ARG F 60 -36.12 -54.29 -17.33
N ALA F 61 -36.63 -53.06 -17.40
CA ALA F 61 -35.96 -51.95 -16.76
C ALA F 61 -36.97 -50.98 -16.18
N ILE F 62 -36.53 -50.24 -15.16
CA ILE F 62 -37.27 -49.14 -14.58
C ILE F 62 -36.36 -47.93 -14.54
N ILE F 63 -36.95 -46.75 -14.57
CA ILE F 63 -36.20 -45.49 -14.59
C ILE F 63 -36.20 -44.89 -13.19
N ASN F 64 -35.04 -44.48 -12.72
CA ASN F 64 -34.89 -43.84 -11.43
C ASN F 64 -33.69 -42.91 -11.48
N ASN F 65 -33.90 -41.64 -11.15
CA ASN F 65 -32.85 -40.62 -11.29
C ASN F 65 -32.63 -39.85 -9.98
N ARG F 66 -32.99 -40.44 -8.84
CA ARG F 66 -32.81 -39.78 -7.55
C ARG F 66 -31.38 -40.00 -7.08
N ALA F 67 -30.58 -38.94 -7.07
CA ALA F 67 -29.21 -39.01 -6.60
C ALA F 67 -29.17 -38.72 -5.10
N THR F 68 -28.51 -39.60 -4.35
CA THR F 68 -28.48 -39.49 -2.90
C THR F 68 -27.35 -40.38 -2.38
N ILE F 69 -27.05 -40.23 -1.10
CA ILE F 69 -26.00 -40.99 -0.43
C ILE F 69 -26.67 -42.02 0.47
N GLU F 70 -26.30 -43.29 0.29
CA GLU F 70 -26.81 -44.40 1.07
C GLU F 70 -25.65 -45.04 1.83
N THR F 71 -25.96 -45.66 2.96
CA THR F 71 -24.95 -46.31 3.79
C THR F 71 -25.43 -47.70 4.18
N THR F 72 -24.50 -48.64 4.23
CA THR F 72 -24.78 -50.03 4.59
C THR F 72 -23.70 -50.53 5.53
N THR F 73 -24.07 -51.47 6.40
CA THR F 73 -23.14 -52.08 7.34
C THR F 73 -23.29 -53.59 7.29
N MET F 74 -22.18 -54.28 7.51
CA MET F 74 -22.13 -55.74 7.44
C MET F 74 -21.31 -56.27 8.60
N GLU F 75 -21.73 -57.41 9.15
CA GLU F 75 -21.04 -58.04 10.27
C GLU F 75 -20.26 -59.28 9.87
N ALA F 76 -20.55 -59.87 8.72
CA ALA F 76 -19.83 -61.05 8.27
C ALA F 76 -18.35 -60.72 8.10
N GLU F 77 -17.52 -61.76 8.20
CA GLU F 77 -16.08 -61.57 8.23
C GLU F 77 -15.50 -61.35 6.84
N PHE F 78 -15.76 -62.27 5.91
CA PHE F 78 -15.09 -62.30 4.62
C PHE F 78 -15.87 -61.57 3.53
N THR F 79 -16.68 -60.57 3.89
CA THR F 79 -17.53 -59.87 2.94
C THR F 79 -16.98 -58.49 2.56
N GLU F 80 -15.69 -58.24 2.78
CA GLU F 80 -15.11 -56.94 2.46
C GLU F 80 -15.23 -56.64 0.97
N THR F 81 -14.87 -57.59 0.12
CA THR F 81 -14.92 -57.36 -1.31
C THR F 81 -16.35 -57.20 -1.80
N LEU F 82 -17.30 -57.95 -1.24
CA LEU F 82 -18.70 -57.78 -1.61
C LEU F 82 -19.19 -56.39 -1.25
N MET F 83 -18.86 -55.93 -0.05
CA MET F 83 -19.24 -54.57 0.34
C MET F 83 -18.60 -53.54 -0.59
N GLU F 84 -17.35 -53.76 -0.97
CA GLU F 84 -16.71 -52.88 -1.94
C GLU F 84 -17.39 -52.92 -3.30
N SER F 85 -18.01 -54.05 -3.65
CA SER F 85 -18.74 -54.19 -4.91
C SER F 85 -20.19 -53.75 -4.77
N ASN F 86 -20.60 -53.31 -3.58
CA ASN F 86 -21.92 -52.70 -3.37
C ASN F 86 -23.03 -53.75 -3.49
N TYR F 87 -22.83 -54.87 -2.80
CA TYR F 87 -23.86 -55.89 -2.69
C TYR F 87 -24.70 -55.60 -1.46
N ASN F 88 -26.02 -55.60 -1.63
CA ASN F 88 -26.90 -55.36 -0.50
C ASN F 88 -26.86 -56.56 0.43
N SER F 89 -27.66 -56.50 1.50
CA SER F 89 -27.58 -57.52 2.54
C SER F 89 -27.93 -58.90 1.99
N ALA F 90 -29.01 -58.99 1.20
CA ALA F 90 -29.42 -60.30 0.69
C ALA F 90 -28.36 -60.88 -0.24
N SER F 91 -27.80 -60.06 -1.13
CA SER F 91 -26.79 -60.54 -2.05
C SER F 91 -25.54 -60.99 -1.30
N VAL F 92 -25.13 -60.22 -0.29
CA VAL F 92 -23.96 -60.60 0.50
C VAL F 92 -24.23 -61.91 1.24
N LYS F 93 -25.43 -62.07 1.77
CA LYS F 93 -25.78 -63.31 2.45
C LYS F 93 -25.72 -64.49 1.49
N VAL F 94 -26.21 -64.30 0.27
CA VAL F 94 -26.21 -65.40 -0.71
C VAL F 94 -24.78 -65.75 -1.12
N SER F 95 -23.93 -64.73 -1.29
CA SER F 95 -22.59 -64.94 -1.82
C SER F 95 -21.56 -65.29 -0.76
N ALA F 96 -21.87 -65.10 0.52
CA ALA F 96 -20.86 -65.31 1.56
C ALA F 96 -20.26 -66.72 1.55
N PRO F 97 -21.03 -67.79 1.41
CA PRO F 97 -20.40 -69.12 1.46
C PRO F 97 -19.28 -69.29 0.46
N PHE F 98 -19.48 -68.84 -0.78
CA PHE F 98 -18.46 -69.01 -1.81
C PHE F 98 -17.24 -68.15 -1.52
N ILE F 99 -17.45 -66.89 -1.13
CA ILE F 99 -16.33 -66.00 -0.85
C ILE F 99 -15.50 -66.56 0.30
N THR F 100 -16.15 -67.00 1.37
CA THR F 100 -15.43 -67.60 2.48
C THR F 100 -14.65 -68.83 2.02
N ALA F 101 -15.33 -69.74 1.32
CA ALA F 101 -14.69 -70.98 0.89
C ALA F 101 -13.45 -70.71 0.07
N ASN F 102 -13.51 -69.73 -0.83
CA ASN F 102 -12.40 -69.47 -1.74
C ASN F 102 -11.46 -68.36 -1.27
N SER F 103 -11.68 -67.79 -0.09
CA SER F 103 -10.83 -66.72 0.40
C SER F 103 -9.44 -67.24 0.74
N GLU F 104 -8.55 -66.31 1.08
CA GLU F 104 -7.20 -66.63 1.54
C GLU F 104 -7.14 -66.32 3.03
N TYR F 105 -7.18 -67.37 3.85
CA TYR F 105 -7.12 -67.19 5.30
C TYR F 105 -5.70 -66.86 5.73
N SER F 106 -5.59 -66.16 6.85
CA SER F 106 -4.29 -65.78 7.40
C SER F 106 -4.48 -65.21 8.78
N GLU F 107 -3.49 -65.43 9.64
CA GLU F 107 -3.50 -64.80 10.95
C GLU F 107 -3.28 -63.29 10.80
N SER F 108 -3.32 -62.59 11.92
CA SER F 108 -3.14 -61.14 11.94
C SER F 108 -4.24 -60.43 11.16
N SER F 109 -5.36 -61.10 10.91
CA SER F 109 -6.46 -60.47 10.19
C SER F 109 -7.00 -59.30 11.00
N SER F 110 -7.18 -58.16 10.33
CA SER F 110 -7.66 -56.97 11.01
C SER F 110 -9.08 -57.16 11.56
N PHE F 111 -9.82 -58.13 11.05
CA PHE F 111 -11.17 -58.40 11.54
C PHE F 111 -11.10 -59.15 12.87
N LYS F 112 -11.93 -58.72 13.83
CA LYS F 112 -12.00 -59.34 15.14
C LYS F 112 -13.45 -59.65 15.45
N ASN F 113 -13.72 -60.89 15.86
CA ASN F 113 -15.07 -61.32 16.21
C ASN F 113 -15.04 -62.15 17.48
N THR F 114 -14.26 -61.73 18.47
CA THR F 114 -14.18 -62.42 19.74
C THR F 114 -15.43 -62.14 20.55
N GLU F 115 -15.54 -62.80 21.71
CA GLU F 115 -16.72 -62.60 22.55
C GLU F 115 -16.72 -61.25 23.26
N THR F 116 -15.61 -60.52 23.22
CA THR F 116 -15.48 -59.23 23.90
C THR F 116 -15.52 -58.04 22.97
N GLU F 117 -15.04 -58.17 21.74
CA GLU F 117 -15.11 -57.10 20.76
C GLU F 117 -15.76 -57.59 19.47
N LYS F 118 -16.25 -56.64 18.67
CA LYS F 118 -16.96 -56.91 17.43
C LYS F 118 -16.45 -55.97 16.35
N SER F 119 -16.32 -56.49 15.13
CA SER F 119 -15.82 -55.74 13.99
C SER F 119 -16.89 -55.70 12.89
N MET F 120 -16.95 -54.58 12.18
CA MET F 120 -17.97 -54.36 11.17
C MET F 120 -17.37 -53.61 9.98
N TYR F 121 -17.97 -53.81 8.81
CA TYR F 121 -17.63 -53.05 7.62
C TYR F 121 -18.72 -52.04 7.33
N THR F 122 -18.33 -50.85 6.90
CA THR F 122 -19.25 -49.79 6.53
C THR F 122 -18.91 -49.27 5.14
N SER F 123 -19.94 -48.94 4.37
CA SER F 123 -19.77 -48.46 3.01
C SER F 123 -20.80 -47.38 2.71
N SER F 124 -20.34 -46.26 2.15
CA SER F 124 -21.20 -45.15 1.77
C SER F 124 -21.08 -44.95 0.26
N ARG F 125 -22.21 -44.99 -0.44
CA ARG F 125 -22.24 -44.85 -1.88
C ARG F 125 -23.00 -43.59 -2.24
N TYR F 126 -22.32 -42.66 -2.89
CA TYR F 126 -22.97 -41.49 -3.49
C TYR F 126 -23.40 -41.90 -4.90
N LEU F 127 -24.70 -42.08 -5.08
CA LEU F 127 -25.25 -42.67 -6.29
C LEU F 127 -25.89 -41.61 -7.17
N PHE F 128 -25.64 -41.72 -8.47
CA PHE F 128 -26.35 -40.96 -9.50
C PHE F 128 -26.96 -42.03 -10.41
N PRO F 129 -28.13 -42.56 -10.08
CA PRO F 129 -28.68 -43.69 -10.82
C PRO F 129 -29.46 -43.27 -12.05
N GLN F 130 -29.65 -44.25 -12.94
CA GLN F 130 -30.47 -44.09 -14.13
C GLN F 130 -31.60 -45.11 -14.20
N GLY F 131 -31.51 -46.21 -13.46
CA GLY F 131 -32.58 -47.19 -13.45
C GLY F 131 -32.07 -48.53 -12.92
N ARG F 132 -32.89 -49.56 -13.14
CA ARG F 132 -32.60 -50.89 -12.63
C ARG F 132 -33.02 -51.90 -13.68
N ILE F 133 -32.18 -52.91 -13.88
CA ILE F 133 -32.42 -53.97 -14.85
C ILE F 133 -32.60 -55.29 -14.09
N ASP F 134 -33.58 -56.08 -14.52
CA ASP F 134 -33.97 -57.29 -13.84
C ASP F 134 -34.00 -58.45 -14.82
N PHE F 135 -33.74 -59.65 -14.30
CA PHE F 135 -33.81 -60.89 -15.05
C PHE F 135 -34.78 -61.84 -14.36
N THR F 136 -35.37 -62.74 -15.14
CA THR F 136 -36.33 -63.70 -14.62
C THR F 136 -35.62 -65.03 -14.36
N THR F 137 -35.60 -65.44 -13.11
CA THR F 137 -35.03 -66.74 -12.78
C THR F 137 -36.03 -67.85 -13.10
N PRO F 138 -35.55 -69.06 -13.39
CA PRO F 138 -36.50 -70.16 -13.64
C PRO F 138 -37.44 -70.42 -12.48
N ASP F 139 -36.99 -70.22 -11.24
CA ASP F 139 -37.84 -70.44 -10.08
C ASP F 139 -39.02 -69.48 -10.05
N SER F 140 -38.92 -68.32 -10.70
CA SER F 140 -40.02 -67.36 -10.69
C SER F 140 -41.27 -67.94 -11.34
N GLY F 141 -41.09 -68.66 -12.43
CA GLY F 141 -42.21 -69.31 -13.11
C GLY F 141 -42.84 -68.50 -14.23
N PHE F 142 -42.26 -67.35 -14.58
CA PHE F 142 -42.81 -66.55 -15.65
C PHE F 142 -42.31 -67.05 -17.01
N ASP F 143 -42.89 -66.49 -18.08
CA ASP F 143 -42.63 -66.99 -19.42
C ASP F 143 -41.33 -66.50 -20.03
N ASP F 144 -40.73 -65.43 -19.48
CA ASP F 144 -39.51 -64.85 -20.04
C ASP F 144 -38.27 -65.24 -19.25
N VAL F 145 -38.23 -66.49 -18.75
CA VAL F 145 -37.07 -66.93 -17.97
C VAL F 145 -35.81 -66.82 -18.80
N ILE F 146 -34.68 -66.64 -18.12
CA ILE F 146 -33.38 -66.67 -18.77
C ILE F 146 -33.04 -68.12 -19.13
N LYS F 147 -32.38 -68.30 -20.27
CA LYS F 147 -32.03 -69.62 -20.77
C LYS F 147 -30.52 -69.81 -20.66
N LEU F 148 -30.10 -70.84 -19.94
CA LEU F 148 -28.68 -71.14 -19.80
C LEU F 148 -28.09 -71.49 -21.16
N SER F 149 -26.83 -71.09 -21.36
CA SER F 149 -26.19 -71.31 -22.64
C SER F 149 -26.00 -72.81 -22.89
N PRO F 150 -26.11 -73.27 -24.13
CA PRO F 150 -25.86 -74.69 -24.41
C PRO F 150 -24.47 -75.12 -24.01
N GLN F 151 -23.48 -74.23 -24.09
CA GLN F 151 -22.13 -74.60 -23.66
C GLN F 151 -22.10 -74.92 -22.18
N PHE F 152 -22.74 -74.08 -21.35
CA PHE F 152 -22.78 -74.36 -19.92
C PHE F 152 -23.55 -75.63 -19.62
N THR F 153 -24.68 -75.84 -20.30
CA THR F 153 -25.47 -77.04 -20.07
C THR F 153 -24.66 -78.30 -20.44
N SER F 154 -23.97 -78.25 -21.58
CA SER F 154 -23.15 -79.39 -21.99
C SER F 154 -22.00 -79.61 -21.02
N GLY F 155 -21.40 -78.53 -20.51
CA GLY F 155 -20.36 -78.69 -19.50
C GLY F 155 -20.86 -79.38 -18.26
N VAL F 156 -22.04 -78.97 -17.78
CA VAL F 156 -22.62 -79.61 -16.60
C VAL F 156 -22.90 -81.09 -16.88
N GLN F 157 -23.46 -81.39 -18.05
CA GLN F 157 -23.73 -82.78 -18.38
C GLN F 157 -22.45 -83.61 -18.42
N ALA F 158 -21.40 -83.08 -19.05
CA ALA F 158 -20.13 -83.79 -19.11
C ALA F 158 -19.55 -84.01 -17.72
N ALA F 159 -19.63 -82.99 -16.87
CA ALA F 159 -19.14 -83.13 -15.50
C ALA F 159 -19.88 -84.23 -14.76
N LEU F 160 -21.21 -84.27 -14.90
CA LEU F 160 -22.00 -85.26 -14.19
C LEU F 160 -21.94 -86.65 -14.84
N ALA F 161 -21.40 -86.75 -16.05
CA ALA F 161 -21.30 -88.04 -16.73
C ALA F 161 -19.98 -88.76 -16.45
N LYS F 162 -19.15 -88.22 -15.56
CA LYS F 162 -17.85 -88.83 -15.30
C LYS F 162 -18.01 -90.12 -14.49
N ALA F 163 -16.96 -90.94 -14.53
CA ALA F 163 -17.05 -92.30 -13.99
C ALA F 163 -17.18 -92.30 -12.47
N THR F 164 -16.39 -91.49 -11.78
CA THR F 164 -16.29 -91.56 -10.32
C THR F 164 -16.77 -90.25 -9.70
N GLY F 165 -17.21 -90.34 -8.45
CA GLY F 165 -17.70 -89.17 -7.75
C GLY F 165 -16.64 -88.10 -7.60
N THR F 166 -15.39 -88.52 -7.31
CA THR F 166 -14.31 -87.55 -7.21
C THR F 166 -14.10 -86.81 -8.52
N GLU F 167 -14.12 -87.54 -9.63
CA GLU F 167 -13.98 -86.89 -10.94
C GLU F 167 -15.14 -85.95 -11.21
N LYS F 168 -16.37 -86.36 -10.86
CA LYS F 168 -17.52 -85.49 -11.04
C LYS F 168 -17.36 -84.21 -10.24
N ARG F 169 -16.92 -84.32 -8.99
CA ARG F 169 -16.75 -83.14 -8.15
C ARG F 169 -15.65 -82.24 -8.69
N GLU F 170 -14.54 -82.83 -9.16
CA GLU F 170 -13.48 -82.02 -9.75
C GLU F 170 -13.97 -81.28 -10.98
N ALA F 171 -14.72 -81.97 -11.85
CA ALA F 171 -15.25 -81.32 -13.05
C ALA F 171 -16.20 -80.19 -12.68
N LEU F 172 -17.07 -80.42 -11.69
CA LEU F 172 -17.99 -79.36 -11.27
C LEU F 172 -17.22 -78.18 -10.68
N GLN F 173 -16.18 -78.44 -9.90
CA GLN F 173 -15.38 -77.36 -9.34
C GLN F 173 -14.74 -76.53 -10.45
N ASN F 174 -14.15 -77.20 -11.45
CA ASN F 174 -13.56 -76.46 -12.56
C ASN F 174 -14.62 -75.67 -13.31
N LEU F 175 -15.77 -76.28 -13.57
CA LEU F 175 -16.83 -75.61 -14.32
C LEU F 175 -17.30 -74.36 -13.59
N PHE F 176 -17.48 -74.45 -12.28
CA PHE F 176 -17.95 -73.29 -11.53
C PHE F 176 -16.87 -72.25 -11.36
N GLN F 177 -15.60 -72.66 -11.26
CA GLN F 177 -14.51 -71.68 -11.23
C GLN F 177 -14.42 -70.94 -12.56
N GLU F 178 -14.81 -71.58 -13.66
CA GLU F 178 -14.74 -70.93 -14.96
C GLU F 178 -15.95 -70.05 -15.22
N TYR F 179 -17.17 -70.54 -14.93
CA TYR F 179 -18.39 -69.88 -15.32
C TYR F 179 -18.99 -69.01 -14.22
N GLY F 180 -18.48 -69.05 -13.00
CA GLY F 180 -19.01 -68.27 -11.90
C GLY F 180 -19.79 -69.12 -10.91
N HIS F 181 -20.08 -68.49 -9.77
CA HIS F 181 -20.84 -69.10 -8.69
C HIS F 181 -22.22 -68.51 -8.51
N VAL F 182 -22.41 -67.24 -8.83
CA VAL F 182 -23.71 -66.57 -8.72
C VAL F 182 -23.94 -65.74 -9.97
N PHE F 183 -25.20 -65.38 -10.18
CA PHE F 183 -25.63 -64.58 -11.32
C PHE F 183 -26.42 -63.39 -10.80
N ARG F 184 -26.09 -62.20 -11.26
CA ARG F 184 -26.76 -60.99 -10.81
C ARG F 184 -28.10 -60.86 -11.50
N THR F 185 -29.19 -60.95 -10.73
CA THR F 185 -30.53 -60.90 -11.27
C THR F 185 -31.12 -59.49 -11.27
N LYS F 186 -30.68 -58.62 -10.37
CA LYS F 186 -31.16 -57.24 -10.34
C LYS F 186 -29.95 -56.32 -10.15
N VAL F 187 -29.74 -55.41 -11.09
CA VAL F 187 -28.57 -54.54 -11.08
C VAL F 187 -29.02 -53.11 -11.38
N HIS F 188 -28.48 -52.17 -10.62
CA HIS F 188 -28.76 -50.75 -10.82
C HIS F 188 -27.72 -50.17 -11.76
N ILE F 189 -28.15 -49.24 -12.61
CA ILE F 189 -27.28 -48.62 -13.60
C ILE F 189 -27.08 -47.16 -13.23
N GLY F 190 -25.95 -46.60 -13.64
CA GLY F 190 -25.65 -45.21 -13.38
C GLY F 190 -24.20 -44.97 -12.98
N GLY F 191 -23.98 -44.03 -12.06
CA GLY F 191 -22.66 -43.76 -11.56
C GLY F 191 -22.65 -43.78 -10.04
N VAL F 192 -21.47 -44.04 -9.48
CA VAL F 192 -21.36 -44.16 -8.03
C VAL F 192 -19.94 -43.83 -7.56
N LEU F 193 -19.86 -43.04 -6.50
CA LEU F 193 -18.63 -42.82 -5.77
C LEU F 193 -18.75 -43.50 -4.42
N SER F 194 -17.88 -44.48 -4.16
CA SER F 194 -18.00 -45.33 -2.98
C SER F 194 -16.84 -45.11 -2.03
N ALA F 195 -17.13 -45.11 -0.74
CA ALA F 195 -16.12 -45.02 0.30
C ALA F 195 -16.37 -46.12 1.32
N HIS F 196 -15.34 -46.93 1.59
CA HIS F 196 -15.50 -48.11 2.45
C HIS F 196 -14.48 -48.07 3.58
N THR F 197 -14.88 -48.65 4.72
CA THR F 197 -14.01 -48.70 5.89
C THR F 197 -14.44 -49.86 6.78
N MET F 198 -13.60 -50.16 7.76
CA MET F 198 -13.89 -51.17 8.77
C MET F 198 -13.60 -50.58 10.14
N GLU F 199 -14.39 -51.02 11.13
CA GLU F 199 -14.23 -50.54 12.50
C GLU F 199 -14.42 -51.68 13.48
N THR F 200 -13.55 -51.73 14.49
CA THR F 200 -13.63 -52.69 15.57
C THR F 200 -13.88 -51.94 16.87
N PHE F 201 -14.77 -52.48 17.70
CA PHE F 201 -15.14 -51.80 18.93
C PHE F 201 -15.61 -52.83 19.95
N SER F 202 -15.46 -52.51 21.22
CA SER F 202 -15.88 -53.41 22.28
C SER F 202 -17.39 -53.60 22.23
N ARG F 203 -17.83 -54.83 22.51
CA ARG F 203 -19.25 -55.14 22.49
C ARG F 203 -20.01 -54.37 23.56
N SER F 204 -19.33 -53.90 24.60
CA SER F 204 -20.00 -53.13 25.65
C SER F 204 -20.46 -51.78 25.14
N GLU F 205 -19.75 -51.20 24.18
CA GLU F 205 -20.10 -49.88 23.67
C GLU F 205 -21.44 -49.93 22.95
N ASN F 206 -22.14 -48.79 22.95
CA ASN F 206 -23.42 -48.69 22.28
C ASN F 206 -23.26 -48.86 20.77
N GLU F 207 -23.79 -49.98 20.24
CA GLU F 207 -23.64 -50.26 18.82
C GLU F 207 -24.37 -49.24 17.97
N THR F 208 -25.51 -48.73 18.44
CA THR F 208 -26.31 -47.80 17.68
C THR F 208 -25.80 -46.37 17.82
N GLU F 209 -24.67 -46.20 18.49
CA GLU F 209 -23.93 -44.96 18.48
C GLU F 209 -22.62 -45.09 17.71
N VAL F 210 -21.96 -46.24 17.81
CA VAL F 210 -20.79 -46.48 16.97
C VAL F 210 -21.19 -46.45 15.50
N LYS F 211 -22.31 -47.10 15.17
CA LYS F 211 -22.76 -47.13 13.78
C LYS F 211 -23.08 -45.73 13.29
N GLN F 212 -23.79 -44.95 14.11
CA GLN F 212 -24.16 -43.60 13.70
C GLN F 212 -22.93 -42.72 13.49
N ASP F 213 -21.97 -42.79 14.41
CA ASP F 213 -20.77 -41.98 14.27
C ASP F 213 -20.00 -42.35 13.00
N VAL F 214 -19.81 -43.66 12.77
CA VAL F 214 -19.08 -44.10 11.59
C VAL F 214 -19.82 -43.67 10.33
N LYS F 215 -21.14 -43.83 10.32
CA LYS F 215 -21.93 -43.44 9.16
C LYS F 215 -21.80 -41.95 8.88
N ALA F 216 -21.87 -41.12 9.91
CA ALA F 216 -21.74 -39.68 9.70
C ALA F 216 -20.38 -39.34 9.13
N GLY F 217 -19.32 -39.92 9.69
CA GLY F 217 -17.99 -39.63 9.18
C GLY F 217 -17.82 -40.03 7.73
N LEU F 218 -18.24 -41.26 7.41
CA LEU F 218 -18.07 -41.76 6.03
C LEU F 218 -18.93 -40.97 5.05
N GLU F 219 -20.15 -40.61 5.46
CA GLU F 219 -21.01 -39.81 4.58
C GLU F 219 -20.39 -38.45 4.31
N GLY F 220 -19.86 -37.80 5.35
CA GLY F 220 -19.16 -36.55 5.12
C GLY F 220 -17.97 -36.72 4.19
N ALA F 221 -17.27 -37.85 4.31
CA ALA F 221 -16.11 -38.09 3.46
C ALA F 221 -16.52 -38.23 1.99
N VAL F 222 -17.56 -39.03 1.74
CA VAL F 222 -18.01 -39.22 0.35
C VAL F 222 -18.67 -37.95 -0.19
N LYS F 223 -19.07 -37.00 0.60
CA LYS F 223 -19.63 -35.79 0.02
C LYS F 223 -18.54 -34.89 -0.54
N GLY F 224 -17.40 -34.80 0.11
CA GLY F 224 -16.30 -34.02 -0.40
C GLY F 224 -15.76 -34.50 -1.72
N TRP F 225 -15.46 -35.77 -1.84
CA TRP F 225 -14.97 -36.33 -3.08
C TRP F 225 -16.13 -36.77 -3.94
N GLN F 237 -8.40 -37.58 0.97
CA GLN F 237 -8.11 -37.89 2.37
C GLN F 237 -8.35 -39.38 2.64
N GLY F 238 -7.27 -40.14 2.76
CA GLY F 238 -7.40 -41.56 3.02
C GLY F 238 -7.75 -41.92 4.46
N THR F 239 -7.71 -40.93 5.36
CA THR F 239 -7.98 -41.15 6.76
C THR F 239 -8.98 -40.13 7.27
N ILE F 240 -9.89 -40.56 8.14
CA ILE F 240 -10.99 -39.73 8.62
C ILE F 240 -11.05 -39.80 10.13
N THR F 241 -11.41 -38.68 10.75
CA THR F 241 -11.64 -38.61 12.19
C THR F 241 -13.12 -38.34 12.43
N THR F 242 -13.77 -39.21 13.19
CA THR F 242 -15.20 -39.07 13.45
C THR F 242 -15.45 -38.16 14.65
N SER F 243 -16.73 -38.01 15.00
CA SER F 243 -17.09 -37.18 16.15
C SER F 243 -16.54 -37.76 17.44
N GLN F 244 -16.59 -39.08 17.60
CA GLN F 244 -16.03 -39.75 18.76
C GLN F 244 -14.51 -39.89 18.70
N ASN F 245 -13.84 -39.14 17.82
CA ASN F 245 -12.39 -39.20 17.67
C ASN F 245 -11.93 -40.57 17.21
N ARG F 246 -12.81 -41.31 16.54
CA ARG F 246 -12.42 -42.59 15.95
C ARG F 246 -11.66 -42.35 14.66
N LYS F 247 -10.56 -43.08 14.48
CA LYS F 247 -9.72 -42.95 13.30
C LYS F 247 -10.04 -44.07 12.33
N LEU F 248 -10.48 -43.70 11.12
CA LEU F 248 -10.92 -44.66 10.11
C LEU F 248 -10.08 -44.53 8.86
N ASN F 249 -9.70 -45.68 8.29
CA ASN F 249 -9.05 -45.72 6.99
C ASN F 249 -10.11 -45.97 5.92
N VAL F 250 -10.13 -45.12 4.91
CA VAL F 250 -11.20 -45.12 3.91
C VAL F 250 -10.61 -45.47 2.55
N LYS F 251 -11.24 -46.41 1.86
CA LYS F 251 -10.90 -46.78 0.49
C LYS F 251 -11.94 -46.19 -0.44
N TYR F 252 -11.48 -45.47 -1.47
CA TYR F 252 -12.35 -44.77 -2.38
C TYR F 252 -12.38 -45.47 -3.73
N ILE F 253 -13.57 -45.57 -4.32
CA ILE F 253 -13.77 -46.18 -5.62
C ILE F 253 -14.60 -45.22 -6.46
N VAL F 254 -14.16 -44.96 -7.68
CA VAL F 254 -14.82 -44.04 -8.60
C VAL F 254 -15.42 -44.84 -9.74
N ASN F 255 -16.72 -44.70 -9.95
CA ASN F 255 -17.44 -45.33 -11.05
C ASN F 255 -18.40 -44.31 -11.65
N VAL F 256 -17.87 -43.14 -11.99
CA VAL F 256 -18.67 -42.07 -12.57
C VAL F 256 -17.79 -41.27 -13.51
N VAL F 257 -18.35 -40.90 -14.66
CA VAL F 257 -17.63 -40.12 -15.66
C VAL F 257 -18.53 -39.04 -16.23
N GLN F 274 -24.19 -38.98 -20.58
CA GLN F 274 -23.98 -39.78 -21.78
C GLN F 274 -24.15 -41.27 -21.47
N SER F 275 -24.99 -41.94 -22.25
CA SER F 275 -25.37 -43.31 -21.95
C SER F 275 -24.24 -44.31 -22.16
N GLU F 276 -23.19 -43.95 -22.90
CA GLU F 276 -22.11 -44.90 -23.15
C GLU F 276 -21.26 -45.17 -21.91
N HIS F 277 -21.32 -44.31 -20.89
CA HIS F 277 -20.49 -44.45 -19.71
C HIS F 277 -21.26 -44.99 -18.50
N TRP F 278 -22.50 -45.43 -18.69
CA TRP F 278 -23.26 -45.98 -17.58
C TRP F 278 -22.72 -47.36 -17.20
N ARG F 279 -22.61 -47.60 -15.89
CA ARG F 279 -22.07 -48.85 -15.38
C ARG F 279 -22.92 -49.33 -14.21
N VAL F 280 -22.75 -50.60 -13.85
CA VAL F 280 -23.47 -51.16 -12.72
C VAL F 280 -22.96 -50.52 -11.44
N ILE F 281 -23.89 -50.02 -10.62
CA ILE F 281 -23.54 -49.32 -9.39
C ILE F 281 -24.00 -50.06 -8.14
N GLU F 282 -24.83 -51.09 -8.27
CA GLU F 282 -25.34 -51.80 -7.11
C GLU F 282 -26.00 -53.09 -7.57
N VAL F 283 -25.86 -54.14 -6.76
CA VAL F 283 -26.47 -55.43 -7.03
C VAL F 283 -27.51 -55.67 -5.95
N THR F 284 -28.78 -55.74 -6.36
CA THR F 284 -29.87 -55.90 -5.41
C THR F 284 -30.25 -57.36 -5.18
N GLU F 285 -29.91 -58.25 -6.10
CA GLU F 285 -30.27 -59.66 -5.96
C GLU F 285 -29.32 -60.50 -6.78
N VAL F 286 -28.90 -61.63 -6.22
CA VAL F 286 -28.10 -62.61 -6.92
C VAL F 286 -28.69 -63.99 -6.64
N THR F 287 -28.54 -64.89 -7.60
CA THR F 287 -29.03 -66.26 -7.50
C THR F 287 -27.90 -67.22 -7.80
N ALA F 288 -27.73 -68.23 -6.96
CA ALA F 288 -26.66 -69.20 -7.18
C ALA F 288 -26.80 -69.83 -8.56
N VAL F 289 -25.68 -69.99 -9.25
CA VAL F 289 -25.69 -70.53 -10.60
C VAL F 289 -26.29 -71.93 -10.60
N ALA F 290 -26.01 -72.72 -9.56
CA ALA F 290 -26.60 -74.05 -9.46
C ALA F 290 -28.11 -73.99 -9.47
N ASP F 291 -28.70 -72.96 -8.82
CA ASP F 291 -30.15 -72.86 -8.75
C ASP F 291 -30.80 -72.66 -10.11
N LEU F 292 -30.03 -72.23 -11.12
CA LEU F 292 -30.59 -71.98 -12.44
C LEU F 292 -30.83 -73.25 -13.24
N LEU F 293 -30.28 -74.38 -12.82
CA LEU F 293 -30.42 -75.62 -13.56
C LEU F 293 -31.79 -76.25 -13.34
N PRO F 294 -32.21 -77.14 -14.24
CA PRO F 294 -33.47 -77.87 -14.00
C PRO F 294 -33.36 -78.72 -12.75
N GLN F 295 -34.50 -78.92 -12.09
CA GLN F 295 -34.51 -79.52 -10.75
C GLN F 295 -33.75 -80.84 -10.66
N PRO F 296 -33.97 -81.81 -11.56
CA PRO F 296 -33.27 -83.10 -11.40
C PRO F 296 -31.75 -82.96 -11.41
N ILE F 297 -31.21 -82.07 -12.23
CA ILE F 297 -29.77 -81.86 -12.27
C ILE F 297 -29.32 -80.97 -11.12
N ARG F 298 -30.17 -80.01 -10.72
CA ARG F 298 -29.84 -79.12 -9.61
C ARG F 298 -29.65 -79.91 -8.33
N GLY F 299 -30.53 -80.89 -8.08
CA GLY F 299 -30.38 -81.70 -6.88
C GLY F 299 -29.05 -82.42 -6.85
N GLN F 300 -28.69 -83.06 -7.97
CA GLN F 300 -27.43 -83.79 -8.02
C GLN F 300 -26.24 -82.85 -7.85
N VAL F 301 -26.28 -81.68 -8.49
CA VAL F 301 -25.15 -80.75 -8.38
C VAL F 301 -25.01 -80.26 -6.94
N LYS F 302 -26.13 -79.91 -6.30
CA LYS F 302 -26.07 -79.44 -4.92
C LYS F 302 -25.54 -80.53 -4.00
N ASP F 303 -25.98 -81.78 -4.20
CA ASP F 303 -25.46 -82.86 -3.38
C ASP F 303 -23.97 -83.07 -3.61
N LEU F 304 -23.52 -83.01 -4.87
CA LEU F 304 -22.12 -83.25 -5.18
C LEU F 304 -21.22 -82.13 -4.70
N LEU F 305 -21.76 -80.92 -4.52
CA LEU F 305 -20.94 -79.80 -4.06
C LEU F 305 -20.75 -79.77 -2.55
N LYS F 306 -21.30 -80.72 -1.81
CA LYS F 306 -21.16 -80.74 -0.36
C LYS F 306 -19.72 -81.13 0.02
N PRO F 307 -19.02 -80.33 0.82
CA PRO F 307 -17.59 -80.64 1.08
C PRO F 307 -17.35 -81.97 1.76
N LEU F 308 -18.23 -82.41 2.65
CA LEU F 308 -17.95 -83.53 3.53
C LEU F 308 -18.99 -84.63 3.37
N LEU F 309 -18.54 -85.88 3.49
CA LEU F 309 -19.41 -87.04 3.61
C LEU F 309 -19.50 -87.44 5.08
N GLY F 310 -20.73 -87.60 5.56
CA GLY F 310 -20.95 -87.88 6.98
C GLY F 310 -21.34 -89.30 7.28
N LYS F 311 -21.12 -89.71 8.53
CA LYS F 311 -21.46 -91.06 8.98
C LYS F 311 -21.69 -91.02 10.48
N TRP F 312 -22.58 -91.90 10.95
CA TRP F 312 -22.87 -92.06 12.37
C TRP F 312 -22.26 -93.37 12.86
N VAL F 313 -21.55 -93.30 13.98
CA VAL F 313 -20.89 -94.48 14.53
C VAL F 313 -21.16 -94.54 16.03
N ASP F 314 -20.90 -95.71 16.61
CA ASP F 314 -21.09 -95.91 18.04
C ASP F 314 -20.03 -95.15 18.83
N VAL F 315 -20.29 -95.00 20.13
CA VAL F 315 -19.43 -94.22 21.00
C VAL F 315 -19.06 -95.06 22.22
N GLU F 316 -17.98 -94.65 22.88
CA GLU F 316 -17.47 -95.33 24.07
C GLU F 316 -17.12 -94.29 25.12
N LYS F 317 -17.31 -94.64 26.39
CA LYS F 317 -17.02 -93.73 27.48
C LYS F 317 -15.51 -93.64 27.70
N VAL F 318 -15.01 -92.41 27.79
CA VAL F 318 -13.58 -92.19 28.01
C VAL F 318 -13.22 -92.65 29.42
N PRO F 319 -12.19 -93.48 29.60
CA PRO F 319 -11.81 -93.88 30.96
C PRO F 319 -11.30 -92.70 31.77
N GLY F 320 -11.51 -92.77 33.07
CA GLY F 320 -11.11 -91.68 33.94
C GLY F 320 -12.05 -90.50 33.83
N LEU F 321 -11.55 -89.34 34.26
CA LEU F 321 -12.32 -88.10 34.23
C LEU F 321 -13.59 -88.21 35.05
N GLU F 322 -13.53 -88.95 36.17
CA GLU F 322 -14.70 -89.11 37.02
C GLU F 322 -15.03 -87.83 37.78
N SER F 323 -14.09 -86.89 37.88
CA SER F 323 -14.35 -85.65 38.59
C SER F 323 -15.35 -84.76 37.84
N LEU F 324 -15.37 -84.85 36.52
CA LEU F 324 -16.17 -83.93 35.72
C LEU F 324 -17.67 -84.27 35.87
N PRO F 325 -18.53 -83.25 35.87
CA PRO F 325 -19.96 -83.50 36.13
C PRO F 325 -20.63 -84.40 35.10
N VAL F 326 -20.11 -84.47 33.87
CA VAL F 326 -20.75 -85.22 32.80
C VAL F 326 -19.73 -86.16 32.17
N SER F 327 -20.25 -87.23 31.57
CA SER F 327 -19.40 -88.21 30.92
C SER F 327 -18.90 -87.68 29.57
N VAL F 328 -17.73 -88.14 29.17
CA VAL F 328 -17.11 -87.78 27.90
C VAL F 328 -17.11 -89.02 27.01
N TYR F 329 -17.51 -88.85 25.76
CA TYR F 329 -17.61 -89.95 24.82
C TYR F 329 -16.77 -89.65 23.58
N ARG F 330 -16.14 -90.69 23.04
CA ARG F 330 -15.33 -90.63 21.83
C ARG F 330 -15.74 -91.79 20.92
N PRO F 331 -15.50 -91.66 19.63
CA PRO F 331 -15.86 -92.76 18.71
C PRO F 331 -15.25 -94.08 19.16
N LYS F 332 -16.06 -95.13 19.16
CA LYS F 332 -15.62 -96.44 19.61
C LYS F 332 -14.89 -97.17 18.49
N GLY F 333 -13.90 -97.97 18.89
CA GLY F 333 -13.16 -98.75 17.94
C GLY F 333 -12.22 -97.89 17.09
N ALA F 334 -11.69 -98.53 16.05
CA ALA F 334 -10.78 -97.86 15.13
C ALA F 334 -11.57 -97.08 14.09
N ILE F 335 -11.17 -95.85 13.83
CA ILE F 335 -11.83 -95.04 12.81
C ILE F 335 -11.58 -95.67 11.44
N PRO F 336 -12.59 -95.78 10.57
CA PRO F 336 -12.33 -96.33 9.23
C PRO F 336 -11.31 -95.49 8.49
N ALA F 337 -10.49 -96.17 7.68
CA ALA F 337 -9.43 -95.50 6.96
C ALA F 337 -9.99 -94.38 6.09
N GLY F 338 -9.36 -93.21 6.17
CA GLY F 338 -9.78 -92.06 5.40
C GLY F 338 -10.82 -91.18 6.07
N TRP F 339 -11.37 -91.60 7.19
CA TRP F 339 -12.38 -90.85 7.92
C TRP F 339 -11.76 -90.20 9.15
N PHE F 340 -12.41 -89.15 9.64
CA PHE F 340 -11.94 -88.38 10.77
C PHE F 340 -13.11 -88.01 11.67
N TRP F 341 -12.80 -87.71 12.93
CA TRP F 341 -13.79 -87.25 13.89
C TRP F 341 -13.46 -85.82 14.32
N LEU F 342 -14.43 -85.18 14.96
CA LEU F 342 -14.36 -83.74 15.20
C LEU F 342 -14.06 -83.37 16.66
N GLY F 343 -14.24 -84.28 17.59
CA GLY F 343 -13.89 -83.99 18.98
C GLY F 343 -14.76 -84.78 19.93
N ASP F 344 -14.48 -84.59 21.21
CA ASP F 344 -15.23 -85.27 22.27
C ASP F 344 -16.61 -84.64 22.41
N THR F 345 -17.60 -85.49 22.71
CA THR F 345 -18.98 -85.06 22.84
C THR F 345 -19.59 -85.69 24.08
N ALA F 346 -20.61 -85.01 24.62
CA ALA F 346 -21.36 -85.52 25.76
C ALA F 346 -22.50 -86.43 25.35
N ASP F 347 -22.76 -86.59 24.06
CA ASP F 347 -23.83 -87.47 23.61
C ASP F 347 -23.41 -88.93 23.83
N ALA F 348 -24.31 -89.70 24.45
CA ALA F 348 -24.03 -91.10 24.77
C ALA F 348 -24.53 -92.06 23.71
N SER F 349 -25.06 -91.56 22.59
CA SER F 349 -25.68 -92.41 21.58
C SER F 349 -24.78 -92.64 20.37
N LYS F 350 -24.26 -91.59 19.75
CA LYS F 350 -23.55 -91.73 18.48
C LYS F 350 -22.56 -90.59 18.32
N ALA F 351 -21.62 -90.78 17.40
CA ALA F 351 -20.63 -89.78 17.04
C ALA F 351 -20.61 -89.63 15.53
N LEU F 352 -20.24 -88.43 15.08
CA LEU F 352 -20.24 -88.07 13.67
C LEU F 352 -18.84 -88.15 13.11
N LEU F 353 -18.65 -88.98 12.10
CA LEU F 353 -17.41 -89.03 11.33
C LEU F 353 -17.62 -88.32 10.00
N VAL F 354 -16.57 -87.64 9.53
CA VAL F 354 -16.62 -86.89 8.29
C VAL F 354 -15.44 -87.29 7.42
N LYS F 355 -15.62 -87.17 6.10
CA LYS F 355 -14.60 -87.50 5.13
C LYS F 355 -14.57 -86.42 4.06
N PRO F 356 -13.40 -85.88 3.72
CA PRO F 356 -13.34 -84.90 2.62
C PRO F 356 -13.79 -85.51 1.31
N THR F 357 -14.40 -84.67 0.47
CA THR F 357 -14.85 -85.08 -0.85
C THR F 357 -13.87 -84.73 -1.96
N LEU F 358 -13.14 -83.63 -1.82
CA LEU F 358 -12.20 -83.19 -2.83
C LEU F 358 -10.77 -83.44 -2.39
N PRO F 359 -9.91 -84.03 -3.22
CA PRO F 359 -8.52 -84.22 -2.83
C PRO F 359 -7.83 -82.88 -2.58
N ALA F 360 -6.87 -82.90 -1.66
CA ALA F 360 -6.10 -81.70 -1.37
C ALA F 360 -5.33 -81.25 -2.60
N ARG F 361 -5.41 -79.97 -2.93
CA ARG F 361 -4.73 -79.41 -4.08
C ARG F 361 -4.24 -78.01 -3.75
N SER F 362 -3.13 -77.62 -4.40
CA SER F 362 -2.57 -76.30 -4.17
C SER F 362 -3.56 -75.21 -4.60
N GLY F 363 -3.63 -74.14 -3.81
CA GLY F 363 -4.52 -73.04 -4.10
C GLY F 363 -5.96 -73.26 -3.72
N ARG F 364 -6.28 -74.40 -3.09
CA ARG F 364 -7.64 -74.72 -2.67
C ARG F 364 -7.64 -74.98 -1.17
N ASN F 365 -8.57 -74.34 -0.47
CA ASN F 365 -8.66 -74.52 0.97
C ASN F 365 -9.16 -75.91 1.30
N PRO F 366 -8.41 -76.72 2.07
CA PRO F 366 -8.93 -78.02 2.48
C PRO F 366 -10.15 -77.85 3.39
N ALA F 367 -11.04 -78.83 3.32
CA ALA F 367 -12.21 -78.81 4.20
C ALA F 367 -11.83 -79.04 5.66
N LEU F 368 -10.76 -79.81 5.90
CA LEU F 368 -10.32 -80.15 7.23
C LEU F 368 -8.83 -79.86 7.37
N THR F 369 -8.40 -79.69 8.63
CA THR F 369 -7.01 -79.39 8.94
C THR F 369 -6.51 -80.32 10.04
N SER F 370 -5.24 -80.68 9.96
CA SER F 370 -4.60 -81.42 11.02
C SER F 370 -4.36 -80.51 12.22
N LEU F 371 -4.15 -81.12 13.38
CA LEU F 371 -3.90 -80.40 14.62
C LEU F 371 -2.52 -80.80 15.16
N HIS F 372 -1.86 -79.86 15.81
CA HIS F 372 -0.51 -80.04 16.33
C HIS F 372 -0.47 -79.73 17.81
N GLN F 373 0.45 -80.38 18.52
CA GLN F 373 0.56 -80.20 19.95
C GLN F 373 0.96 -78.76 20.28
N GLY F 374 0.45 -78.27 21.40
CA GLY F 374 0.73 -76.90 21.78
C GLY F 374 2.19 -76.66 22.08
N SER F 375 2.56 -75.38 22.10
CA SER F 375 3.97 -75.01 22.29
C SER F 375 4.47 -75.41 23.67
N GLY F 376 3.71 -75.07 24.71
CA GLY F 376 4.15 -75.37 26.07
C GLY F 376 3.08 -75.17 27.12
N MET F 377 3.19 -75.92 28.22
CA MET F 377 2.27 -75.80 29.35
C MET F 377 0.81 -75.97 28.90
N THR F 378 0.59 -76.92 28.00
CA THR F 378 -0.77 -77.22 27.55
C THR F 378 -0.75 -78.51 26.75
N GLU F 379 -1.74 -79.36 26.98
CA GLU F 379 -1.93 -80.59 26.21
C GLU F 379 -2.99 -80.44 25.13
N GLN F 380 -3.52 -79.23 24.95
CA GLN F 380 -4.58 -79.02 23.97
C GLN F 380 -3.98 -78.89 22.57
N PRO F 381 -4.76 -79.21 21.54
CA PRO F 381 -4.28 -79.08 20.16
C PRO F 381 -4.51 -77.68 19.60
N PHE F 382 -3.77 -77.39 18.53
CA PHE F 382 -3.88 -76.13 17.81
C PHE F 382 -4.10 -76.42 16.33
N VAL F 383 -4.91 -75.59 15.68
CA VAL F 383 -5.21 -75.79 14.26
C VAL F 383 -3.95 -75.48 13.44
N ASP F 384 -3.63 -76.39 12.52
CA ASP F 384 -2.46 -76.18 11.65
C ASP F 384 -2.65 -74.96 10.76
N LEU F 385 -3.85 -74.78 10.20
CA LEU F 385 -4.08 -73.71 9.25
C LEU F 385 -4.66 -72.48 9.94
N PRO F 386 -4.46 -71.29 9.37
CA PRO F 386 -4.70 -70.05 10.11
C PRO F 386 -6.05 -69.95 10.81
N GLN F 387 -7.15 -70.00 10.06
CA GLN F 387 -8.45 -69.60 10.57
C GLN F 387 -9.44 -70.75 10.67
N TYR F 388 -8.96 -71.98 10.87
CA TYR F 388 -9.84 -73.11 11.06
C TYR F 388 -10.15 -73.27 12.55
N GLN F 389 -11.17 -74.06 12.85
CA GLN F 389 -11.64 -74.24 14.22
C GLN F 389 -12.10 -75.67 14.45
N TYR F 390 -11.84 -76.18 15.64
CA TYR F 390 -12.39 -77.45 16.09
C TYR F 390 -13.47 -77.18 17.14
N LEU F 391 -14.31 -78.18 17.37
CA LEU F 391 -15.53 -77.99 18.14
C LEU F 391 -15.40 -78.33 19.62
N SER F 392 -14.47 -79.20 19.99
CA SER F 392 -14.36 -79.66 21.37
C SER F 392 -12.92 -79.60 21.84
N THR F 393 -12.74 -79.30 23.12
CA THR F 393 -11.43 -79.40 23.74
C THR F 393 -11.07 -80.86 23.96
N TYR F 394 -9.78 -81.15 23.89
CA TYR F 394 -9.31 -82.52 24.05
C TYR F 394 -9.23 -82.87 25.53
N PHE F 395 -9.90 -83.95 25.92
CA PHE F 395 -9.90 -84.41 27.31
C PHE F 395 -8.84 -85.50 27.44
N GLY F 396 -7.61 -85.08 27.64
CA GLY F 396 -6.49 -85.99 27.74
C GLY F 396 -5.23 -85.32 27.19
N SER F 397 -4.31 -86.15 26.72
CA SER F 397 -3.06 -85.70 26.12
C SER F 397 -3.14 -85.93 24.61
N PHE F 398 -2.99 -84.85 23.85
CA PHE F 398 -3.12 -84.93 22.40
C PHE F 398 -1.76 -85.25 21.77
N ALA F 399 -1.71 -86.32 21.00
CA ALA F 399 -0.52 -86.71 20.25
C ALA F 399 -0.95 -86.98 18.81
N HIS F 400 -0.59 -86.09 17.89
CA HIS F 400 -1.05 -86.19 16.51
C HIS F 400 -0.45 -87.39 15.79
N ASP F 401 0.56 -88.04 16.35
CA ASP F 401 1.21 -89.17 15.69
C ASP F 401 0.56 -90.51 16.01
N THR F 402 -0.38 -90.55 16.95
CA THR F 402 -1.01 -91.80 17.36
C THR F 402 -2.51 -91.59 17.45
N PRO F 403 -3.30 -92.66 17.28
CA PRO F 403 -4.75 -92.53 17.39
C PRO F 403 -5.17 -92.41 18.84
N PRO F 404 -6.35 -91.80 19.11
CA PRO F 404 -7.29 -91.22 18.15
C PRO F 404 -6.94 -89.77 17.81
N GLY F 405 -5.79 -89.29 18.30
CA GLY F 405 -5.39 -87.93 17.99
C GLY F 405 -5.09 -87.72 16.53
N SER F 406 -4.50 -88.73 15.88
CA SER F 406 -4.12 -88.59 14.48
C SER F 406 -5.33 -88.45 13.57
N THR F 407 -6.53 -88.78 14.04
CA THR F 407 -7.75 -88.66 13.25
C THR F 407 -8.62 -87.49 13.66
N LEU F 408 -8.12 -86.61 14.52
CA LEU F 408 -8.87 -85.41 14.93
C LEU F 408 -8.57 -84.26 13.97
N ARG F 409 -9.61 -83.54 13.56
CA ARG F 409 -9.47 -82.52 12.54
C ARG F 409 -10.29 -81.29 12.90
N GLY F 410 -9.88 -80.16 12.32
CA GLY F 410 -10.64 -78.94 12.39
C GLY F 410 -11.54 -78.76 11.17
N LEU F 411 -12.14 -77.59 11.07
CA LEU F 411 -13.08 -77.27 10.01
C LEU F 411 -12.76 -75.92 9.39
N ARG F 412 -13.04 -75.81 8.10
CA ARG F 412 -12.93 -74.53 7.43
C ARG F 412 -13.89 -73.53 8.06
N PRO F 413 -13.56 -72.23 8.09
CA PRO F 413 -14.44 -71.28 8.79
C PRO F 413 -15.85 -71.22 8.24
N ASP F 414 -16.09 -71.58 6.98
CA ASP F 414 -17.44 -71.55 6.43
C ASP F 414 -18.25 -72.78 6.84
N HIS F 415 -17.62 -73.79 7.43
CA HIS F 415 -18.33 -75.00 7.85
C HIS F 415 -19.07 -74.83 9.17
N VAL F 416 -18.81 -73.77 9.93
CA VAL F 416 -19.28 -73.67 11.30
C VAL F 416 -20.05 -72.37 11.52
N LEU F 417 -20.91 -72.39 12.53
CA LEU F 417 -21.67 -71.24 13.00
C LEU F 417 -21.57 -71.16 14.52
N PRO F 418 -21.66 -69.96 15.08
CA PRO F 418 -21.61 -69.84 16.54
C PRO F 418 -22.78 -70.58 17.20
N GLY F 419 -22.47 -71.22 18.33
CA GLY F 419 -23.46 -71.93 19.12
C GLY F 419 -23.74 -71.24 20.44
N ARG F 420 -24.30 -72.01 21.37
CA ARG F 420 -24.59 -71.53 22.71
C ARG F 420 -24.11 -72.55 23.73
N TYR F 421 -23.84 -72.08 24.94
CA TYR F 421 -23.25 -72.90 25.99
C TYR F 421 -24.31 -73.28 27.02
N GLU F 422 -24.29 -74.55 27.43
CA GLU F 422 -25.07 -75.04 28.56
C GLU F 422 -24.08 -75.50 29.62
N MET F 423 -24.16 -74.89 30.81
CA MET F 423 -23.14 -75.10 31.83
C MET F 423 -23.50 -76.28 32.73
N HIS F 424 -22.48 -77.07 33.06
CA HIS F 424 -22.60 -78.18 33.99
C HIS F 424 -21.47 -78.10 35.00
N GLY F 425 -21.73 -78.59 36.20
CA GLY F 425 -20.74 -78.56 37.26
C GLY F 425 -20.98 -77.40 38.22
N ASP F 426 -20.45 -77.57 39.44
CA ASP F 426 -20.66 -76.60 40.50
C ASP F 426 -19.44 -75.72 40.78
N THR F 427 -18.26 -76.12 40.33
CA THR F 427 -17.03 -75.39 40.59
C THR F 427 -16.29 -75.12 39.29
N ILE F 428 -15.52 -74.04 39.28
CA ILE F 428 -14.79 -73.65 38.08
C ILE F 428 -13.81 -74.75 37.68
N SER F 429 -13.15 -75.37 38.66
CA SER F 429 -12.11 -76.35 38.37
C SER F 429 -12.64 -77.56 37.61
N THR F 430 -13.94 -77.84 37.67
CA THR F 430 -14.50 -79.02 37.04
C THR F 430 -15.66 -78.72 36.09
N ALA F 431 -16.01 -77.46 35.89
CA ALA F 431 -17.17 -77.12 35.08
C ALA F 431 -16.88 -77.33 33.59
N VAL F 432 -17.94 -77.66 32.85
CA VAL F 432 -17.86 -77.86 31.41
C VAL F 432 -19.03 -77.17 30.72
N TYR F 433 -18.87 -76.94 29.42
CA TYR F 433 -19.90 -76.40 28.56
C TYR F 433 -20.27 -77.46 27.53
N VAL F 434 -21.56 -77.60 27.26
CA VAL F 434 -22.08 -78.43 26.19
C VAL F 434 -22.62 -77.50 25.12
N THR F 435 -22.08 -77.62 23.90
CA THR F 435 -22.39 -76.69 22.82
C THR F 435 -23.65 -77.17 22.10
N ARG F 436 -24.72 -76.39 22.21
CA ARG F 436 -25.97 -76.69 21.54
C ARG F 436 -26.19 -75.72 20.38
N PRO F 437 -26.78 -76.18 19.27
CA PRO F 437 -27.05 -75.27 18.16
C PRO F 437 -28.04 -74.18 18.56
N VAL F 438 -27.88 -73.01 17.93
CA VAL F 438 -28.83 -71.92 18.09
C VAL F 438 -30.02 -72.18 17.19
N ASP F 439 -31.20 -72.39 17.79
CA ASP F 439 -32.39 -72.69 17.02
C ASP F 439 -32.71 -71.56 16.05
N VAL F 440 -32.99 -71.91 14.81
CA VAL F 440 -33.35 -70.93 13.78
C VAL F 440 -34.58 -71.43 13.05
N PRO F 441 -35.41 -70.54 12.49
CA PRO F 441 -36.63 -71.00 11.80
C PRO F 441 -36.34 -71.54 10.41
N PHE F 442 -35.25 -71.08 9.80
CA PHE F 442 -34.92 -71.48 8.44
C PHE F 442 -34.04 -72.72 8.45
N PRO F 443 -34.43 -73.81 7.79
CA PRO F 443 -33.59 -75.02 7.80
C PRO F 443 -32.22 -74.80 7.19
N GLU F 444 -32.03 -73.76 6.38
CA GLU F 444 -30.76 -73.56 5.71
C GLU F 444 -29.62 -73.33 6.70
N ASP F 445 -29.93 -72.79 7.89
CA ASP F 445 -28.91 -72.46 8.88
C ASP F 445 -28.87 -73.43 10.04
N GLU F 446 -29.54 -74.58 9.94
CA GLU F 446 -29.52 -75.57 11.00
C GLU F 446 -28.11 -76.12 11.18
N CYS F 447 -27.76 -76.45 12.42
CA CYS F 447 -26.45 -76.99 12.76
C CYS F 447 -26.62 -78.30 13.53
N PHE F 448 -25.65 -79.19 13.36
CA PHE F 448 -25.69 -80.47 14.06
C PHE F 448 -25.65 -80.27 15.55
N ASP F 449 -26.41 -81.11 16.27
CA ASP F 449 -26.43 -81.09 17.74
C ASP F 449 -25.51 -82.19 18.24
N LEU F 450 -24.21 -81.94 18.13
CA LEU F 450 -23.20 -82.90 18.54
C LEU F 450 -22.88 -82.86 20.02
N LYS F 451 -23.36 -81.83 20.74
CA LYS F 451 -23.11 -81.70 22.18
C LYS F 451 -21.61 -81.68 22.47
N SER F 452 -20.89 -80.83 21.74
CA SER F 452 -19.45 -80.73 21.93
C SER F 452 -19.13 -80.26 23.34
N LEU F 453 -18.08 -80.85 23.93
CA LEU F 453 -17.68 -80.56 25.29
C LEU F 453 -16.52 -79.56 25.30
N VAL F 454 -16.61 -78.56 26.18
CA VAL F 454 -15.57 -77.55 26.33
C VAL F 454 -15.27 -77.40 27.81
N ARG F 455 -14.02 -77.63 28.20
CA ARG F 455 -13.63 -77.47 29.60
C ARG F 455 -13.65 -75.99 29.96
N VAL F 456 -14.31 -75.65 31.08
CA VAL F 456 -14.44 -74.25 31.45
C VAL F 456 -13.08 -73.64 31.77
N LYS F 457 -12.28 -74.33 32.59
CA LYS F 457 -10.95 -73.87 32.97
C LYS F 457 -9.95 -74.94 32.57
N LEU F 458 -9.16 -74.65 31.54
CA LEU F 458 -8.12 -75.57 31.12
C LEU F 458 -6.88 -75.40 32.00
N PRO F 459 -6.40 -76.45 32.65
CA PRO F 459 -5.18 -76.31 33.47
C PRO F 459 -4.03 -75.78 32.63
N GLY F 460 -3.01 -75.29 33.34
CA GLY F 460 -1.84 -74.74 32.67
C GLY F 460 -2.09 -73.34 32.14
N SER F 461 -1.30 -72.97 31.14
CA SER F 461 -1.39 -71.65 30.54
C SER F 461 -1.06 -71.76 29.06
N GLY F 462 -1.32 -70.67 28.34
CA GLY F 462 -1.10 -70.67 26.90
C GLY F 462 -1.99 -71.63 26.15
N ASN F 463 -3.23 -71.80 26.61
CA ASN F 463 -4.17 -72.69 25.96
C ASN F 463 -4.76 -72.04 24.72
N PRO F 464 -5.30 -72.84 23.79
CA PRO F 464 -5.93 -72.27 22.60
C PRO F 464 -7.24 -71.59 22.97
N PRO F 465 -7.75 -70.70 22.13
CA PRO F 465 -9.05 -70.06 22.41
C PRO F 465 -10.16 -71.11 22.50
N LYS F 466 -11.10 -70.86 23.40
CA LYS F 466 -12.17 -71.81 23.64
C LYS F 466 -13.07 -71.89 22.42
N PRO F 467 -13.39 -73.08 21.92
CA PRO F 467 -14.29 -73.19 20.77
C PRO F 467 -15.75 -73.13 21.18
N ARG F 468 -16.53 -72.37 20.43
CA ARG F 468 -17.97 -72.23 20.65
C ARG F 468 -18.72 -72.37 19.34
N SER F 469 -18.34 -73.36 18.53
CA SER F 469 -18.84 -73.52 17.18
C SER F 469 -19.62 -74.82 17.05
N ALA F 470 -20.54 -74.84 16.08
CA ALA F 470 -21.31 -76.02 15.74
C ALA F 470 -21.26 -76.22 14.23
N LEU F 471 -21.25 -77.48 13.81
CA LEU F 471 -21.13 -77.81 12.39
C LEU F 471 -22.43 -77.55 11.66
N LYS F 472 -22.33 -77.04 10.44
CA LYS F 472 -23.50 -76.79 9.62
C LYS F 472 -24.03 -78.10 9.03
N LYS F 473 -25.36 -78.23 9.00
CA LYS F 473 -25.97 -79.43 8.43
C LYS F 473 -25.81 -79.48 6.92
N SER F 474 -25.82 -78.33 6.25
CA SER F 474 -25.78 -78.29 4.80
C SER F 474 -24.42 -78.70 4.23
N MET F 475 -23.39 -78.83 5.06
CA MET F 475 -22.05 -79.14 4.60
C MET F 475 -21.75 -80.64 4.59
N VAL F 476 -22.72 -81.48 4.96
CA VAL F 476 -22.49 -82.91 5.10
C VAL F 476 -23.51 -83.67 4.26
N LEU F 477 -23.04 -84.71 3.57
CA LEU F 477 -23.87 -85.54 2.72
C LEU F 477 -23.96 -86.94 3.33
N PHE F 478 -25.18 -87.41 3.54
CA PHE F 478 -25.43 -88.68 4.22
C PHE F 478 -25.98 -89.71 3.24
N ASP F 479 -25.81 -90.98 3.61
CA ASP F 479 -26.39 -92.13 2.93
C ASP F 479 -25.86 -92.31 1.50
N SER F 480 -24.84 -91.55 1.12
CA SER F 480 -24.26 -91.73 -0.21
C SER F 480 -23.49 -93.05 -0.28
N GLY F 481 -23.49 -93.65 -1.47
CA GLY F 481 -22.77 -94.88 -1.69
C GLY F 481 -21.28 -94.71 -1.84
N GLU F 482 -20.78 -93.48 -1.75
CA GLU F 482 -19.36 -93.21 -1.87
C GLU F 482 -18.55 -94.05 -0.89
N ALA G 2 76.60 -44.25 37.98
CA ALA G 2 75.38 -44.88 38.46
C ALA G 2 74.69 -45.64 37.33
N TYR G 3 73.92 -46.66 37.69
CA TYR G 3 73.15 -47.40 36.70
C TYR G 3 72.09 -46.54 36.04
N ALA G 4 71.67 -45.44 36.68
CA ALA G 4 70.71 -44.54 36.06
C ALA G 4 71.21 -44.00 34.73
N GLN G 5 72.52 -43.97 34.52
CA GLN G 5 73.11 -43.60 33.25
C GLN G 5 73.36 -44.87 32.45
N TRP G 6 72.61 -45.05 31.37
CA TRP G 6 72.70 -46.27 30.58
C TRP G 6 72.35 -45.95 29.13
N VAL G 7 72.74 -46.86 28.24
CA VAL G 7 72.43 -46.72 26.82
C VAL G 7 72.41 -48.12 26.21
N ILE G 8 71.48 -48.33 25.29
CA ILE G 8 71.41 -49.54 24.48
C ILE G 8 71.58 -49.12 23.04
N ILE G 9 72.51 -49.74 22.33
CA ILE G 9 72.76 -49.45 20.92
C ILE G 9 72.47 -50.71 20.15
N ILE G 10 71.42 -50.69 19.34
CA ILE G 10 71.05 -51.82 18.50
C ILE G 10 71.51 -51.50 17.08
N ILE G 11 72.37 -52.35 16.53
CA ILE G 11 72.78 -52.25 15.14
C ILE G 11 71.95 -53.24 14.35
N HIS G 12 71.12 -52.73 13.45
CA HIS G 12 70.20 -53.53 12.65
C HIS G 12 70.59 -53.38 11.20
N ASN G 13 71.04 -54.46 10.58
CA ASN G 13 71.40 -54.45 9.18
C ASN G 13 70.15 -54.71 8.35
N VAL G 14 69.64 -53.65 7.71
CA VAL G 14 68.46 -53.75 6.87
C VAL G 14 68.83 -53.93 5.40
N GLY G 15 70.11 -54.12 5.10
CA GLY G 15 70.59 -54.32 3.75
C GLY G 15 70.92 -55.76 3.46
N SER G 16 71.92 -55.97 2.60
CA SER G 16 72.31 -57.33 2.21
C SER G 16 73.83 -57.48 2.15
N GLN G 17 74.57 -56.65 2.88
CA GLN G 17 76.02 -56.70 2.89
C GLN G 17 76.53 -56.61 4.31
N ASP G 18 77.61 -57.35 4.59
CA ASP G 18 78.12 -57.46 5.94
C ASP G 18 78.69 -56.12 6.42
N VAL G 19 78.55 -55.88 7.71
CA VAL G 19 79.10 -54.70 8.37
C VAL G 19 79.77 -55.13 9.66
N LYS G 20 80.97 -54.60 9.93
CA LYS G 20 81.77 -55.01 11.06
C LYS G 20 81.81 -53.90 12.11
N ILE G 21 81.93 -54.32 13.36
CA ILE G 21 82.10 -53.41 14.49
C ILE G 21 83.57 -53.39 14.85
N LYS G 22 84.13 -52.20 15.09
CA LYS G 22 85.55 -52.07 15.36
C LYS G 22 85.78 -50.97 16.39
N ASN G 23 86.92 -51.08 17.09
CA ASN G 23 87.40 -50.05 18.00
C ASN G 23 86.37 -49.70 19.06
N LEU G 24 85.52 -50.66 19.43
CA LEU G 24 84.59 -50.44 20.53
C LEU G 24 85.35 -50.21 21.81
N LYS G 25 85.07 -49.09 22.48
CA LYS G 25 85.81 -48.71 23.68
C LYS G 25 84.92 -47.82 24.53
N ALA G 26 84.79 -48.17 25.81
CA ALA G 26 84.04 -47.36 26.77
C ALA G 26 85.03 -46.70 27.71
N SER G 27 85.28 -45.40 27.50
CA SER G 27 86.20 -44.69 28.37
C SER G 27 85.67 -44.57 29.78
N TRP G 28 84.36 -44.37 29.93
CA TRP G 28 83.71 -44.31 31.22
C TRP G 28 82.54 -45.28 31.22
N GLY G 29 82.31 -45.91 32.37
CA GLY G 29 81.27 -46.92 32.47
C GLY G 29 81.80 -48.31 32.15
N LYS G 30 80.88 -49.20 31.81
CA LYS G 30 81.23 -50.59 31.53
C LYS G 30 80.19 -51.19 30.59
N LEU G 31 80.67 -51.95 29.60
CA LEU G 31 79.78 -52.78 28.82
C LEU G 31 79.26 -53.93 29.69
N HIS G 32 78.02 -54.32 29.46
CA HIS G 32 77.37 -55.32 30.30
C HIS G 32 76.42 -56.15 29.46
N ALA G 33 75.80 -57.14 30.09
CA ALA G 33 74.94 -58.08 29.42
C ALA G 33 73.53 -57.52 29.24
N ASP G 34 72.71 -58.25 28.49
CA ASP G 34 71.35 -57.82 28.20
C ASP G 34 70.47 -57.96 29.45
N GLY G 35 69.83 -56.86 29.83
CA GLY G 35 68.95 -56.89 30.98
C GLY G 35 69.64 -57.23 32.28
N ASP G 36 70.97 -57.14 32.31
CA ASP G 36 71.76 -57.50 33.49
C ASP G 36 72.92 -56.52 33.57
N LYS G 37 72.74 -55.45 34.34
CA LYS G 37 73.77 -54.44 34.51
C LYS G 37 74.89 -54.90 35.44
N ASP G 38 74.72 -56.04 36.12
CA ASP G 38 75.76 -56.58 36.98
C ASP G 38 76.75 -57.45 36.22
N ALA G 39 76.34 -58.06 35.11
CA ALA G 39 77.18 -58.98 34.36
C ALA G 39 78.02 -58.17 33.37
N GLU G 40 79.16 -57.68 33.84
CA GLU G 40 80.06 -56.94 32.97
C GLU G 40 80.65 -57.86 31.90
N VAL G 41 80.84 -57.31 30.70
CA VAL G 41 81.40 -58.04 29.58
C VAL G 41 82.47 -57.15 28.92
N SER G 42 83.60 -57.76 28.58
CA SER G 42 84.69 -57.01 27.96
C SER G 42 84.34 -56.67 26.51
N ALA G 43 85.01 -55.63 26.01
CA ALA G 43 84.75 -55.17 24.65
C ALA G 43 85.11 -56.21 23.60
N SER G 44 85.96 -57.19 23.94
CA SER G 44 86.34 -58.21 22.97
C SER G 44 85.16 -59.05 22.52
N ASN G 45 84.10 -59.13 23.33
CA ASN G 45 82.93 -59.90 22.94
C ASN G 45 82.29 -59.33 21.68
N TYR G 46 82.48 -58.04 21.41
CA TYR G 46 81.90 -57.38 20.25
C TYR G 46 82.91 -56.94 19.22
N GLU G 47 84.09 -56.47 19.63
CA GLU G 47 85.06 -55.96 18.68
C GLU G 47 85.40 -57.02 17.64
N GLY G 48 85.40 -56.61 16.36
CA GLY G 48 85.67 -57.50 15.26
C GLY G 48 84.48 -58.29 14.77
N LYS G 49 83.32 -58.15 15.40
CA LYS G 49 82.15 -58.95 15.03
C LYS G 49 81.50 -58.40 13.77
N ILE G 50 80.82 -59.29 13.04
CA ILE G 50 80.12 -58.96 11.80
C ILE G 50 78.64 -59.14 12.05
N VAL G 51 77.86 -58.08 11.83
CA VAL G 51 76.41 -58.13 11.97
C VAL G 51 75.86 -58.54 10.60
N LYS G 52 75.47 -59.81 10.49
CA LYS G 52 75.01 -60.33 9.21
C LYS G 52 73.74 -59.59 8.77
N PRO G 53 73.49 -59.51 7.47
CA PRO G 53 72.26 -58.88 7.00
C PRO G 53 71.02 -59.52 7.64
N ASP G 54 70.08 -58.67 8.04
CA ASP G 54 68.78 -59.08 8.55
C ASP G 54 68.86 -59.69 9.94
N GLU G 55 69.80 -59.21 10.77
CA GLU G 55 69.82 -59.57 12.18
C GLU G 55 70.46 -58.43 12.96
N LYS G 56 70.15 -58.38 14.26
CA LYS G 56 70.48 -57.25 15.11
C LYS G 56 71.54 -57.64 16.13
N LEU G 57 72.44 -56.70 16.43
CA LEU G 57 73.46 -56.86 17.46
C LEU G 57 73.29 -55.76 18.49
N GLN G 58 73.24 -56.13 19.77
CA GLN G 58 72.94 -55.21 20.85
C GLN G 58 74.18 -54.94 21.68
N ILE G 59 74.46 -53.66 21.95
CA ILE G 59 75.55 -53.22 22.80
C ILE G 59 74.92 -52.50 23.98
N ASN G 60 75.18 -52.97 25.19
CA ASN G 60 74.61 -52.39 26.39
C ASN G 60 75.74 -51.75 27.20
N ALA G 61 75.60 -50.46 27.50
CA ALA G 61 76.59 -49.75 28.31
C ALA G 61 75.88 -49.06 29.46
N SER G 62 76.56 -48.97 30.60
CA SER G 62 75.98 -48.33 31.77
C SER G 62 77.09 -47.87 32.69
N GLY G 63 76.76 -46.91 33.55
CA GLY G 63 77.71 -46.42 34.52
C GLY G 63 77.91 -47.39 35.67
N ARG G 64 79.00 -47.18 36.41
CA ARG G 64 79.29 -48.02 37.57
C ARG G 64 78.15 -47.90 38.58
N SER G 65 77.92 -48.99 39.32
CA SER G 65 76.76 -49.08 40.20
C SER G 65 76.78 -47.95 41.24
N ASP G 66 75.70 -47.16 41.24
CA ASP G 66 75.52 -46.10 42.22
C ASP G 66 76.72 -45.17 42.29
N ALA G 67 77.49 -45.09 41.21
CA ALA G 67 78.68 -44.25 41.17
C ALA G 67 78.34 -42.85 40.66
N ALA G 68 79.27 -41.93 40.89
CA ALA G 68 79.21 -40.59 40.33
C ALA G 68 79.81 -40.56 38.94
N GLU G 69 79.39 -41.50 38.09
CA GLU G 69 79.97 -41.67 36.76
C GLU G 69 78.90 -42.07 35.77
N GLY G 70 78.90 -41.45 34.60
CA GLY G 70 78.06 -41.85 33.50
C GLY G 70 78.73 -42.91 32.65
N THR G 71 78.35 -42.96 31.37
CA THR G 71 78.92 -43.89 30.42
C THR G 71 79.23 -43.17 29.12
N THR G 72 80.49 -43.22 28.69
CA THR G 72 80.92 -42.63 27.43
C THR G 72 81.71 -43.66 26.64
N GLY G 73 81.45 -43.73 25.34
CA GLY G 73 82.15 -44.69 24.50
C GLY G 73 82.04 -44.38 23.02
N THR G 74 82.72 -45.21 22.24
CA THR G 74 82.84 -45.02 20.80
C THR G 74 82.86 -46.37 20.10
N PHE G 75 82.53 -46.35 18.81
CA PHE G 75 82.80 -47.49 17.95
C PHE G 75 82.68 -47.07 16.49
N ASP G 76 83.44 -47.75 15.64
CA ASP G 76 83.38 -47.56 14.20
C ASP G 76 82.57 -48.70 13.60
N LEU G 77 81.66 -48.37 12.70
CA LEU G 77 81.05 -49.37 11.83
C LEU G 77 81.79 -49.32 10.50
N VAL G 78 82.32 -50.46 10.07
CA VAL G 78 83.28 -50.51 8.97
C VAL G 78 82.82 -51.55 7.95
N ASP G 79 82.96 -51.21 6.68
CA ASP G 79 82.62 -52.14 5.61
C ASP G 79 83.78 -53.09 5.36
N PRO G 80 83.61 -54.39 5.54
CA PRO G 80 84.71 -55.33 5.24
C PRO G 80 84.87 -55.64 3.76
N ALA G 81 83.88 -55.31 2.93
CA ALA G 81 83.97 -55.62 1.51
C ALA G 81 85.01 -54.78 0.79
N ASP G 82 85.44 -53.68 1.38
CA ASP G 82 86.40 -52.77 0.77
C ASP G 82 87.56 -52.51 1.72
N GLY G 83 88.09 -53.57 2.32
CA GLY G 83 89.26 -53.44 3.18
C GLY G 83 89.02 -52.70 4.47
N ASP G 84 87.85 -52.90 5.09
CA ASP G 84 87.56 -52.36 6.41
C ASP G 84 87.70 -50.84 6.44
N LYS G 85 87.08 -50.18 5.48
CA LYS G 85 86.99 -48.73 5.52
C LYS G 85 85.86 -48.30 6.45
N GLN G 86 85.85 -47.02 6.81
CA GLN G 86 84.88 -46.52 7.76
C GLN G 86 83.54 -46.28 7.07
N VAL G 87 82.46 -46.69 7.75
CA VAL G 87 81.11 -46.34 7.36
C VAL G 87 80.74 -45.09 8.14
N ARG G 88 80.68 -45.21 9.47
CA ARG G 88 80.49 -44.06 10.34
C ARG G 88 81.10 -44.34 11.71
N HIS G 89 81.41 -43.26 12.42
CA HIS G 89 82.00 -43.29 13.74
C HIS G 89 80.96 -42.79 14.74
N PHE G 90 80.62 -43.63 15.72
CA PHE G 90 79.59 -43.31 16.69
C PHE G 90 80.23 -43.02 18.05
N TYR G 91 79.80 -41.91 18.65
CA TYR G 91 80.23 -41.50 19.98
C TYR G 91 78.98 -41.28 20.83
N TRP G 92 78.94 -41.91 22.00
CA TRP G 92 77.82 -41.75 22.92
C TRP G 92 78.34 -41.31 24.27
N ASP G 93 77.60 -40.42 24.93
CA ASP G 93 77.96 -39.90 26.23
C ASP G 93 76.68 -39.64 27.01
N SER G 94 76.44 -40.44 28.05
CA SER G 94 75.35 -40.26 28.99
C SER G 94 75.99 -39.95 30.34
N PRO G 95 76.26 -38.69 30.64
CA PRO G 95 76.99 -38.34 31.86
C PRO G 95 76.10 -38.31 33.09
N TRP G 96 76.74 -38.47 34.25
CA TRP G 96 76.04 -38.40 35.52
C TRP G 96 75.92 -36.97 36.05
N GLY G 97 76.82 -36.08 35.66
CA GLY G 97 76.84 -34.73 36.20
C GLY G 97 76.47 -33.68 35.18
N SER G 98 75.49 -33.99 34.33
CA SER G 98 75.01 -33.06 33.32
C SER G 98 73.67 -33.56 32.80
N LYS G 99 72.97 -32.69 32.08
CA LYS G 99 71.67 -33.01 31.51
C LYS G 99 71.74 -33.34 30.03
N THR G 100 72.73 -32.80 29.32
CA THR G 100 72.80 -32.93 27.86
C THR G 100 73.60 -34.18 27.52
N ASN G 101 72.91 -35.23 27.09
CA ASN G 101 73.58 -36.40 26.54
C ASN G 101 74.03 -36.10 25.11
N THR G 102 75.03 -36.85 24.65
CA THR G 102 75.60 -36.67 23.32
C THR G 102 75.51 -37.98 22.55
N TRP G 103 75.07 -37.89 21.30
CA TRP G 103 75.04 -39.03 20.38
C TRP G 103 75.43 -38.49 19.01
N THR G 104 76.69 -38.65 18.64
CA THR G 104 77.23 -38.11 17.40
C THR G 104 77.61 -39.24 16.46
N VAL G 105 77.14 -39.13 15.21
CA VAL G 105 77.46 -40.09 14.15
C VAL G 105 78.24 -39.31 13.10
N SER G 106 79.56 -39.35 13.18
CA SER G 106 80.42 -38.62 12.26
C SER G 106 80.95 -39.57 11.19
N GLY G 107 81.75 -39.03 10.28
CA GLY G 107 82.30 -39.80 9.18
C GLY G 107 81.47 -39.66 7.92
N SER G 108 82.05 -40.13 6.82
CA SER G 108 81.42 -40.02 5.51
C SER G 108 81.68 -41.28 4.70
N ASN G 109 80.62 -41.85 4.13
CA ASN G 109 80.75 -42.97 3.20
C ASN G 109 79.48 -42.99 2.35
N THR G 110 79.60 -42.53 1.10
CA THR G 110 78.42 -42.41 0.25
C THR G 110 77.83 -43.77 -0.12
N LYS G 111 78.60 -44.84 -0.01
CA LYS G 111 78.11 -46.17 -0.36
C LYS G 111 77.26 -46.79 0.73
N TRP G 112 77.13 -46.13 1.89
CA TRP G 112 76.35 -46.64 3.00
C TRP G 112 75.34 -45.58 3.44
N MET G 113 74.17 -46.05 3.88
CA MET G 113 73.11 -45.20 4.38
C MET G 113 72.77 -45.65 5.79
N ILE G 114 72.78 -44.71 6.73
CA ILE G 114 72.66 -45.01 8.15
C ILE G 114 71.55 -44.14 8.72
N GLU G 115 70.56 -44.77 9.32
CA GLU G 115 69.50 -44.09 10.05
C GLU G 115 69.61 -44.47 11.52
N TYR G 116 69.16 -43.57 12.39
CA TYR G 116 69.14 -43.91 13.82
C TYR G 116 68.01 -43.15 14.50
N SER G 117 67.43 -43.80 15.51
CA SER G 117 66.27 -43.23 16.19
C SER G 117 66.21 -43.77 17.62
N GLY G 118 65.44 -43.07 18.45
CA GLY G 118 65.21 -43.49 19.82
C GLY G 118 66.05 -42.78 20.86
N GLN G 119 67.02 -41.97 20.45
CA GLN G 119 67.88 -41.30 21.42
C GLN G 119 67.11 -40.22 22.17
N ASN G 120 67.58 -39.94 23.39
CA ASN G 120 67.05 -38.85 24.19
C ASN G 120 68.22 -38.01 24.68
N LEU G 121 68.25 -36.73 24.30
CA LEU G 121 69.35 -35.84 24.63
C LEU G 121 68.98 -34.79 25.66
N ASP G 122 67.73 -34.76 26.13
CA ASP G 122 67.29 -33.72 27.04
C ASP G 122 67.85 -33.93 28.44
N SER G 123 67.50 -35.04 29.08
CA SER G 123 67.96 -35.34 30.42
C SER G 123 67.65 -36.80 30.74
N GLY G 124 68.38 -37.34 31.71
CA GLY G 124 68.21 -38.72 32.11
C GLY G 124 69.10 -39.67 31.34
N ALA G 125 68.62 -40.88 31.11
CA ALA G 125 69.41 -41.87 30.39
C ALA G 125 69.39 -41.55 28.88
N LEU G 126 70.31 -42.18 28.16
CA LEU G 126 70.43 -41.97 26.73
C LEU G 126 69.49 -42.85 25.91
N GLY G 127 68.85 -43.83 26.54
CA GLY G 127 67.80 -44.59 25.89
C GLY G 127 68.31 -45.74 25.03
N THR G 128 67.37 -46.26 24.24
CA THR G 128 67.60 -47.37 23.32
C THR G 128 67.63 -46.81 21.91
N ILE G 129 68.84 -46.66 21.36
CA ILE G 129 69.04 -46.12 20.02
C ILE G 129 69.13 -47.28 19.05
N THR G 130 68.23 -47.30 18.08
CA THR G 130 68.24 -48.28 17.00
C THR G 130 68.84 -47.64 15.76
N VAL G 131 69.82 -48.32 15.16
CA VAL G 131 70.58 -47.81 14.03
C VAL G 131 70.42 -48.79 12.89
N ASP G 132 69.75 -48.35 11.83
CA ASP G 132 69.53 -49.16 10.63
C ASP G 132 70.62 -48.84 9.62
N THR G 133 71.33 -49.87 9.17
CA THR G 133 72.44 -49.71 8.24
C THR G 133 72.12 -50.43 6.94
N LEU G 134 72.42 -49.79 5.80
CA LEU G 134 72.14 -50.39 4.51
C LEU G 134 73.16 -49.93 3.48
N LYS G 135 73.74 -50.87 2.76
CA LYS G 135 74.70 -50.54 1.71
C LYS G 135 73.97 -50.44 0.37
N LYS G 136 74.13 -49.30 -0.29
CA LYS G 136 73.51 -49.07 -1.60
C LYS G 136 74.54 -48.65 -2.63
N ALA H 2 59.40 -35.41 38.13
CA ALA H 2 60.77 -35.08 37.72
C ALA H 2 61.03 -35.54 36.30
N TYR H 3 61.87 -34.77 35.57
CA TYR H 3 62.18 -35.12 34.19
C TYR H 3 63.08 -36.34 34.10
N ALA H 4 63.76 -36.71 35.19
CA ALA H 4 64.61 -37.90 35.16
C ALA H 4 63.81 -39.15 34.87
N GLN H 5 62.52 -39.15 35.17
CA GLN H 5 61.63 -40.28 34.90
C GLN H 5 60.84 -39.97 33.63
N TRP H 6 61.01 -40.80 32.61
CA TRP H 6 60.40 -40.54 31.30
C TRP H 6 60.21 -41.87 30.59
N VAL H 7 59.39 -41.82 29.53
CA VAL H 7 59.10 -42.99 28.71
C VAL H 7 58.69 -42.51 27.33
N ILE H 8 59.07 -43.28 26.32
CA ILE H 8 58.62 -43.08 24.94
C ILE H 8 58.04 -44.38 24.46
N ILE H 9 56.85 -44.30 23.86
CA ILE H 9 56.20 -45.48 23.30
C ILE H 9 55.96 -45.24 21.82
N ILE H 10 56.59 -46.04 20.98
CA ILE H 10 56.47 -45.90 19.54
C ILE H 10 55.67 -47.10 19.03
N ILE H 11 54.42 -46.85 18.67
CA ILE H 11 53.54 -47.86 18.09
C ILE H 11 53.82 -47.91 16.60
N HIS H 12 54.14 -49.10 16.10
CA HIS H 12 54.48 -49.32 14.69
C HIS H 12 53.54 -50.39 14.16
N ASN H 13 52.62 -49.99 13.28
CA ASN H 13 51.63 -50.91 12.72
C ASN H 13 52.27 -51.63 11.54
N VAL H 14 52.99 -52.71 11.83
CA VAL H 14 53.65 -53.47 10.79
C VAL H 14 52.65 -54.22 9.92
N GLY H 15 51.41 -54.37 10.37
CA GLY H 15 50.40 -55.11 9.64
C GLY H 15 49.83 -54.30 8.48
N SER H 16 48.71 -54.78 7.96
CA SER H 16 48.06 -54.18 6.80
C SER H 16 46.65 -53.67 7.09
N GLN H 17 46.22 -53.63 8.35
CA GLN H 17 44.91 -53.14 8.72
C GLN H 17 45.04 -52.18 9.90
N ASP H 18 44.08 -51.26 10.01
CA ASP H 18 44.18 -50.17 10.96
C ASP H 18 44.07 -50.65 12.40
N VAL H 19 44.72 -49.90 13.30
CA VAL H 19 44.63 -50.11 14.74
C VAL H 19 44.40 -48.75 15.38
N LYS H 20 43.48 -48.68 16.35
CA LYS H 20 43.07 -47.43 16.96
C LYS H 20 43.54 -47.35 18.40
N ILE H 21 43.97 -46.15 18.79
CA ILE H 21 44.29 -45.86 20.18
C ILE H 21 43.01 -45.51 20.92
N LYS H 22 42.93 -45.89 22.20
CA LYS H 22 41.75 -45.55 22.99
C LYS H 22 42.14 -45.47 24.46
N ASN H 23 41.35 -44.71 25.21
CA ASN H 23 41.46 -44.63 26.66
C ASN H 23 42.87 -44.25 27.11
N LEU H 24 43.60 -43.51 26.27
CA LEU H 24 44.89 -42.99 26.69
C LEU H 24 44.71 -42.05 27.88
N LYS H 25 45.48 -42.30 28.94
CA LYS H 25 45.33 -41.56 30.19
C LYS H 25 46.64 -41.58 30.94
N ALA H 26 47.18 -40.40 31.24
CA ALA H 26 48.39 -40.27 32.04
C ALA H 26 47.97 -39.95 33.46
N SER H 27 47.93 -40.97 34.32
CA SER H 27 47.50 -40.76 35.69
C SER H 27 48.50 -39.90 36.46
N TRP H 28 49.78 -40.05 36.17
CA TRP H 28 50.83 -39.27 36.83
C TRP H 28 51.73 -38.68 35.75
N GLY H 29 52.43 -37.62 36.11
CA GLY H 29 53.30 -36.98 35.13
C GLY H 29 52.50 -36.28 34.05
N LYS H 30 53.09 -36.22 32.86
CA LYS H 30 52.50 -35.47 31.75
C LYS H 30 52.99 -36.03 30.42
N LEU H 31 52.13 -35.94 29.41
CA LEU H 31 52.55 -36.15 28.04
C LEU H 31 53.19 -34.86 27.50
N HIS H 32 53.91 -35.01 26.38
CA HIS H 32 54.60 -33.86 25.80
C HIS H 32 55.01 -34.21 24.37
N ALA H 33 55.37 -33.18 23.62
CA ALA H 33 55.80 -33.35 22.24
C ALA H 33 57.25 -33.80 22.16
N ASP H 34 57.56 -34.58 21.13
CA ASP H 34 58.89 -35.18 21.02
C ASP H 34 59.98 -34.12 21.10
N GLY H 35 60.98 -34.38 21.95
CA GLY H 35 62.14 -33.54 22.06
C GLY H 35 61.98 -32.32 22.94
N ASP H 36 60.80 -32.10 23.52
CA ASP H 36 60.53 -30.94 24.36
C ASP H 36 59.64 -31.39 25.51
N LYS H 37 60.25 -31.74 26.64
CA LYS H 37 59.47 -32.10 27.81
C LYS H 37 58.67 -30.93 28.35
N ASP H 38 59.03 -29.70 27.98
CA ASP H 38 58.27 -28.54 28.42
C ASP H 38 56.96 -28.38 27.66
N ALA H 39 56.93 -28.78 26.39
CA ALA H 39 55.76 -28.59 25.53
C ALA H 39 54.71 -29.64 25.88
N GLU H 40 53.87 -29.32 26.86
CA GLU H 40 52.82 -30.24 27.28
C GLU H 40 51.79 -30.41 26.16
N VAL H 41 51.23 -31.62 26.09
CA VAL H 41 50.19 -31.94 25.13
C VAL H 41 49.07 -32.68 25.86
N SER H 42 47.88 -32.64 25.27
CA SER H 42 46.71 -33.26 25.85
C SER H 42 46.52 -34.67 25.32
N ALA H 43 45.87 -35.50 26.13
CA ALA H 43 45.57 -36.87 25.70
C ALA H 43 44.66 -36.89 24.47
N SER H 44 43.85 -35.85 24.30
CA SER H 44 42.99 -35.78 23.12
C SER H 44 43.78 -35.74 21.83
N ASN H 45 45.04 -35.29 21.89
CA ASN H 45 45.88 -35.27 20.69
C ASN H 45 46.15 -36.66 20.14
N TYR H 46 45.90 -37.71 20.93
CA TYR H 46 46.10 -39.08 20.50
C TYR H 46 44.87 -39.96 20.66
N GLU H 47 43.92 -39.58 21.51
CA GLU H 47 42.73 -40.40 21.72
C GLU H 47 41.99 -40.62 20.40
N GLY H 48 41.64 -41.87 20.14
CA GLY H 48 40.86 -42.21 18.95
C GLY H 48 41.64 -42.18 17.66
N LYS H 49 42.97 -42.01 17.72
CA LYS H 49 43.76 -41.92 16.50
C LYS H 49 43.88 -43.28 15.83
N ILE H 50 43.86 -43.27 14.50
CA ILE H 50 44.06 -44.46 13.68
C ILE H 50 45.52 -44.48 13.24
N VAL H 51 46.21 -45.59 13.48
CA VAL H 51 47.55 -45.81 12.98
C VAL H 51 47.41 -46.63 11.71
N LYS H 52 47.55 -45.96 10.56
CA LYS H 52 47.45 -46.65 9.30
C LYS H 52 48.62 -47.62 9.13
N PRO H 53 48.46 -48.66 8.30
CA PRO H 53 49.57 -49.61 8.12
C PRO H 53 50.83 -48.91 7.64
N ASP H 54 51.96 -49.36 8.17
CA ASP H 54 53.29 -48.82 7.91
C ASP H 54 53.51 -47.47 8.58
N GLU H 55 52.56 -47.00 9.40
CA GLU H 55 52.70 -45.72 10.08
C GLU H 55 53.23 -45.93 11.49
N LYS H 56 53.88 -44.90 12.01
CA LYS H 56 54.46 -44.91 13.35
C LYS H 56 53.89 -43.75 14.16
N LEU H 57 53.52 -44.03 15.41
CA LEU H 57 52.95 -43.03 16.30
C LEU H 57 53.72 -43.02 17.61
N GLN H 58 54.20 -41.85 18.01
CA GLN H 58 55.04 -41.70 19.20
C GLN H 58 54.27 -40.98 20.28
N ILE H 59 54.26 -41.55 21.49
CA ILE H 59 53.72 -40.89 22.67
C ILE H 59 54.86 -40.75 23.68
N ASN H 60 55.10 -39.52 24.12
CA ASN H 60 56.18 -39.22 25.06
C ASN H 60 55.56 -38.77 26.38
N ALA H 61 55.98 -39.41 27.48
CA ALA H 61 55.52 -39.04 28.81
C ALA H 61 56.74 -38.88 29.71
N SER H 62 56.58 -38.08 30.76
CA SER H 62 57.67 -37.84 31.70
C SER H 62 57.09 -37.13 32.92
N GLY H 63 57.89 -37.06 33.98
CA GLY H 63 57.47 -36.37 35.17
C GLY H 63 57.36 -34.87 34.94
N ARG H 64 56.67 -34.21 35.87
CA ARG H 64 56.46 -32.77 35.78
C ARG H 64 57.74 -32.03 36.16
N SER H 65 57.65 -30.71 36.28
CA SER H 65 58.81 -29.86 36.49
C SER H 65 59.33 -29.97 37.92
N ASP H 66 60.33 -30.83 38.14
CA ASP H 66 61.04 -30.99 39.40
C ASP H 66 60.18 -31.62 40.50
N ALA H 67 58.93 -31.96 40.21
CA ALA H 67 58.09 -32.58 41.22
C ALA H 67 58.63 -33.95 41.60
N ALA H 68 58.28 -34.39 42.80
CA ALA H 68 58.67 -35.71 43.28
C ALA H 68 57.92 -36.83 42.59
N GLU H 69 56.97 -36.52 41.70
CA GLU H 69 56.24 -37.55 40.98
C GLU H 69 57.09 -38.16 39.89
N GLY H 70 56.79 -39.43 39.57
CA GLY H 70 57.36 -40.06 38.40
C GLY H 70 56.41 -39.91 37.23
N THR H 71 56.11 -41.01 36.55
CA THR H 71 55.08 -41.00 35.52
C THR H 71 54.37 -42.34 35.52
N THR H 72 53.11 -42.33 35.10
CA THR H 72 52.32 -43.54 35.04
C THR H 72 51.14 -43.30 34.10
N GLY H 73 50.79 -44.31 33.33
CA GLY H 73 49.69 -44.15 32.38
C GLY H 73 49.26 -45.49 31.82
N THR H 74 48.16 -45.44 31.08
CA THR H 74 47.58 -46.64 30.48
C THR H 74 46.83 -46.25 29.21
N PHE H 75 46.64 -47.23 28.35
CA PHE H 75 45.85 -47.03 27.13
C PHE H 75 45.50 -48.39 26.55
N ASP H 76 44.77 -48.38 25.43
CA ASP H 76 44.29 -49.59 24.80
C ASP H 76 44.48 -49.50 23.30
N LEU H 77 44.98 -50.58 22.72
CA LEU H 77 44.92 -50.77 21.28
C LEU H 77 43.65 -51.55 20.97
N VAL H 78 42.88 -51.05 19.99
CA VAL H 78 41.61 -51.67 19.61
C VAL H 78 41.56 -51.79 18.09
N ASP H 79 40.67 -52.66 17.62
CA ASP H 79 40.52 -52.93 16.19
C ASP H 79 39.35 -52.14 15.65
N PRO H 80 39.58 -51.10 14.83
CA PRO H 80 38.43 -50.36 14.28
C PRO H 80 37.55 -51.20 13.37
N ALA H 81 38.10 -52.24 12.75
CA ALA H 81 37.35 -53.04 11.79
C ALA H 81 36.54 -54.16 12.44
N ASP H 82 36.61 -54.31 13.77
CA ASP H 82 35.89 -55.35 14.49
C ASP H 82 35.11 -54.75 15.64
N GLY H 83 34.42 -53.64 15.37
CA GLY H 83 33.62 -52.99 16.40
C GLY H 83 34.44 -52.51 17.58
N ASP H 84 35.66 -52.02 17.33
CA ASP H 84 36.55 -51.53 18.37
C ASP H 84 36.82 -52.59 19.43
N LYS H 85 36.85 -53.86 19.02
CA LYS H 85 37.20 -54.93 19.95
C LYS H 85 38.61 -54.72 20.48
N GLN H 86 38.77 -54.91 21.78
CA GLN H 86 40.07 -54.64 22.39
C GLN H 86 41.11 -55.60 21.83
N VAL H 87 42.21 -55.04 21.34
CA VAL H 87 43.39 -55.79 20.96
C VAL H 87 44.30 -56.01 22.16
N ARG H 88 44.66 -54.93 22.84
CA ARG H 88 45.57 -55.04 23.98
C ARG H 88 45.36 -53.86 24.92
N HIS H 89 45.84 -54.04 26.15
CA HIS H 89 45.79 -53.03 27.19
C HIS H 89 47.20 -52.82 27.71
N PHE H 90 47.72 -51.61 27.56
CA PHE H 90 49.09 -51.30 27.93
C PHE H 90 49.10 -50.40 29.16
N TYR H 91 49.98 -50.72 30.10
CA TYR H 91 50.17 -49.94 31.32
C TYR H 91 51.67 -49.70 31.50
N TRP H 92 52.04 -48.44 31.75
CA TRP H 92 53.43 -48.09 31.97
C TRP H 92 53.55 -47.30 33.27
N ASP H 93 54.66 -47.53 33.97
CA ASP H 93 54.91 -46.87 35.25
C ASP H 93 56.40 -46.73 35.45
N SER H 94 56.88 -45.49 35.52
CA SER H 94 58.28 -45.17 35.82
C SER H 94 58.24 -44.31 37.08
N PRO H 95 58.30 -44.92 38.26
CA PRO H 95 58.16 -44.14 39.50
C PRO H 95 59.44 -43.38 39.84
N TRP H 96 59.25 -42.33 40.65
CA TRP H 96 60.38 -41.56 41.16
C TRP H 96 60.94 -42.17 42.45
N GLY H 97 60.09 -42.68 43.32
CA GLY H 97 60.53 -43.26 44.57
C GLY H 97 61.07 -44.66 44.38
N SER H 98 60.23 -45.59 43.93
CA SER H 98 60.67 -46.95 43.71
C SER H 98 61.63 -47.01 42.54
N LYS H 99 62.67 -47.83 42.68
CA LYS H 99 63.67 -47.95 41.61
C LYS H 99 63.13 -48.76 40.44
N THR H 100 62.40 -49.83 40.71
CA THR H 100 61.93 -50.72 39.66
C THR H 100 60.80 -50.06 38.87
N ASN H 101 60.89 -50.16 37.54
CA ASN H 101 59.85 -49.64 36.65
C ASN H 101 58.86 -50.76 36.35
N THR H 102 57.92 -50.52 35.45
CA THR H 102 56.93 -51.53 35.10
C THR H 102 56.35 -51.22 33.73
N TRP H 103 56.32 -52.22 32.86
CA TRP H 103 55.65 -52.13 31.57
C TRP H 103 54.88 -53.42 31.35
N THR H 104 53.55 -53.33 31.37
CA THR H 104 52.68 -54.51 31.33
C THR H 104 51.76 -54.42 30.12
N VAL H 105 51.68 -55.51 29.37
CA VAL H 105 50.76 -55.65 28.25
C VAL H 105 49.83 -56.81 28.55
N SER H 106 48.53 -56.54 28.60
CA SER H 106 47.52 -57.54 28.89
C SER H 106 46.52 -57.61 27.74
N GLY H 107 45.67 -58.62 27.79
CA GLY H 107 44.68 -58.84 26.76
C GLY H 107 44.83 -60.22 26.14
N SER H 108 43.78 -60.62 25.41
CA SER H 108 43.75 -61.96 24.85
C SER H 108 43.28 -62.00 23.40
N ASN H 109 43.21 -60.86 22.71
CA ASN H 109 42.86 -60.88 21.29
C ASN H 109 43.83 -61.80 20.54
N THR H 110 43.27 -62.77 19.83
CA THR H 110 44.08 -63.83 19.24
C THR H 110 44.40 -63.61 17.77
N LYS H 111 43.62 -62.79 17.06
CA LYS H 111 43.90 -62.46 15.67
C LYS H 111 44.84 -61.27 15.53
N TRP H 112 45.60 -60.96 16.59
CA TRP H 112 46.58 -59.89 16.56
C TRP H 112 47.90 -60.38 17.17
N MET H 113 49.00 -59.87 16.65
CA MET H 113 50.33 -60.12 17.18
C MET H 113 50.95 -58.81 17.59
N ILE H 114 51.37 -58.72 18.85
CA ILE H 114 51.97 -57.52 19.42
C ILE H 114 53.31 -57.91 20.03
N GLU H 115 54.35 -57.16 19.68
CA GLU H 115 55.69 -57.42 20.18
C GLU H 115 56.32 -56.11 20.65
N TYR H 116 56.67 -56.05 21.93
CA TYR H 116 57.25 -54.86 22.53
C TYR H 116 58.68 -55.15 22.95
N SER H 117 59.57 -54.19 22.70
CA SER H 117 60.98 -54.37 23.05
C SER H 117 61.61 -53.01 23.32
N GLY H 118 62.62 -53.01 24.20
CA GLY H 118 63.38 -51.82 24.51
C GLY H 118 63.18 -51.28 25.92
N GLN H 119 62.36 -51.92 26.75
CA GLN H 119 62.09 -51.38 28.08
C GLN H 119 63.27 -51.64 29.02
N ASN H 120 63.39 -50.77 30.02
CA ASN H 120 64.33 -50.96 31.11
C ASN H 120 63.55 -51.04 32.42
N LEU H 121 63.84 -52.05 33.23
CA LEU H 121 63.08 -52.32 34.44
C LEU H 121 63.90 -52.25 35.72
N ASP H 122 65.23 -52.10 35.64
CA ASP H 122 66.05 -52.15 36.84
C ASP H 122 66.00 -50.81 37.59
N SER H 123 66.45 -49.74 36.95
CA SER H 123 66.51 -48.43 37.60
C SER H 123 66.52 -47.37 36.51
N GLY H 124 66.31 -46.12 36.94
CA GLY H 124 66.31 -45.01 36.01
C GLY H 124 65.01 -44.93 35.22
N ALA H 125 65.07 -44.20 34.11
CA ALA H 125 63.91 -44.01 33.27
C ALA H 125 63.48 -45.33 32.64
N LEU H 126 62.19 -45.42 32.30
CA LEU H 126 61.68 -46.62 31.65
C LEU H 126 62.26 -46.79 30.25
N GLY H 127 62.55 -45.69 29.56
CA GLY H 127 63.23 -45.74 28.29
C GLY H 127 62.30 -45.63 27.10
N THR H 128 62.81 -46.11 25.96
CA THR H 128 62.06 -46.13 24.71
C THR H 128 61.61 -47.56 24.41
N ILE H 129 60.33 -47.72 24.11
CA ILE H 129 59.72 -49.02 23.91
C ILE H 129 59.04 -49.01 22.55
N THR H 130 59.46 -49.92 21.68
CA THR H 130 58.88 -50.11 20.36
C THR H 130 57.87 -51.25 20.42
N VAL H 131 56.66 -50.98 19.95
CA VAL H 131 55.58 -51.96 19.96
C VAL H 131 55.14 -52.16 18.51
N ASP H 132 55.55 -53.28 17.92
CA ASP H 132 55.12 -53.67 16.59
C ASP H 132 53.80 -54.42 16.69
N THR H 133 52.81 -53.95 15.93
CA THR H 133 51.47 -54.53 15.92
C THR H 133 51.15 -55.04 14.52
N LEU H 134 50.50 -56.20 14.45
CA LEU H 134 50.12 -56.80 13.19
C LEU H 134 48.81 -57.56 13.39
N LYS H 135 48.00 -57.62 12.35
CA LYS H 135 46.76 -58.39 12.36
C LYS H 135 46.92 -59.56 11.40
N LYS H 136 46.77 -60.78 11.92
CA LYS H 136 46.93 -61.99 11.13
C LYS H 136 45.94 -62.01 9.97
N GLN I 10 0.84 -40.91 -36.20
CA GLN I 10 2.12 -41.26 -35.59
C GLN I 10 1.96 -41.49 -34.09
N ALA I 11 1.04 -40.76 -33.47
CA ALA I 11 0.81 -40.93 -32.05
C ALA I 11 0.33 -42.34 -31.77
N GLY I 12 0.83 -42.94 -30.69
CA GLY I 12 0.55 -44.32 -30.40
C GLY I 12 1.40 -45.32 -31.13
N ASP I 13 2.39 -44.86 -31.89
CA ASP I 13 3.27 -45.76 -32.63
C ASP I 13 4.29 -46.39 -31.69
N THR I 14 4.64 -47.64 -31.97
CA THR I 14 5.55 -48.40 -31.12
C THR I 14 6.70 -48.97 -31.96
N LEU I 15 7.61 -49.65 -31.26
CA LEU I 15 8.69 -50.34 -31.95
C LEU I 15 8.15 -51.32 -32.97
N ASN I 16 6.96 -51.87 -32.72
CA ASN I 16 6.37 -52.77 -33.71
C ASN I 16 6.12 -52.05 -35.03
N ASP I 17 5.52 -50.86 -34.98
CA ASP I 17 5.30 -50.10 -36.21
C ASP I 17 6.61 -49.70 -36.86
N VAL I 18 7.58 -49.27 -36.05
CA VAL I 18 8.86 -48.86 -36.59
C VAL I 18 9.53 -50.02 -37.32
N ILE I 19 9.46 -51.22 -36.75
CA ILE I 19 10.06 -52.39 -37.38
C ILE I 19 9.26 -52.83 -38.61
N GLN I 20 7.93 -52.71 -38.55
CA GLN I 20 7.12 -53.12 -39.70
C GLN I 20 7.43 -52.26 -40.92
N ASP I 21 7.59 -50.96 -40.74
CA ASP I 21 7.91 -50.10 -41.87
C ASP I 21 9.37 -50.27 -42.24
N PRO I 22 9.69 -50.72 -43.47
CA PRO I 22 11.12 -50.93 -43.80
C PRO I 22 11.96 -49.66 -43.70
N THR I 23 11.42 -48.51 -44.09
CA THR I 23 12.19 -47.28 -44.03
C THR I 23 12.50 -46.91 -42.58
N ARG I 24 11.49 -46.93 -41.72
CA ARG I 24 11.69 -46.57 -40.32
C ARG I 24 12.60 -47.56 -39.62
N ARG I 25 12.47 -48.86 -39.94
CA ARG I 25 13.34 -49.86 -39.35
C ARG I 25 14.79 -49.62 -39.73
N ASN I 26 15.06 -49.34 -41.01
CA ASN I 26 16.42 -49.07 -41.43
C ASN I 26 16.94 -47.79 -40.81
N LYS I 27 16.09 -46.77 -40.68
CA LYS I 27 16.51 -45.54 -40.01
C LYS I 27 16.90 -45.81 -38.57
N LEU I 28 16.10 -46.62 -37.87
CA LEU I 28 16.44 -46.98 -36.49
C LEU I 28 17.77 -47.71 -36.43
N ILE I 29 17.98 -48.69 -37.31
CA ILE I 29 19.21 -49.46 -37.30
C ILE I 29 20.40 -48.54 -37.52
N ASN I 30 20.29 -47.64 -38.51
CA ASN I 30 21.41 -46.77 -38.84
C ASN I 30 21.68 -45.77 -37.73
N ASP I 31 20.63 -45.12 -37.22
CA ASP I 31 20.81 -44.10 -36.19
C ASP I 31 21.28 -44.68 -34.88
N ASN I 32 21.03 -45.96 -34.62
CA ASN I 32 21.49 -46.58 -33.39
C ASN I 32 22.72 -47.46 -33.56
N ASN I 33 23.23 -47.60 -34.78
CA ASN I 33 24.50 -48.31 -35.02
C ASN I 33 24.38 -49.76 -34.57
N LEU I 34 23.23 -50.37 -34.86
CA LEU I 34 22.95 -51.71 -34.36
C LEU I 34 23.75 -52.78 -35.09
N LEU I 35 24.32 -52.45 -36.25
CA LEU I 35 25.12 -53.40 -37.02
C LEU I 35 26.61 -53.30 -36.73
N LYS I 36 27.02 -52.42 -35.82
CA LYS I 36 28.43 -52.15 -35.57
C LYS I 36 28.82 -52.56 -34.16
N GLY I 37 30.05 -53.04 -34.01
CA GLY I 37 30.58 -53.38 -32.71
C GLY I 37 31.09 -52.16 -31.96
N ILE I 38 31.46 -52.38 -30.70
CA ILE I 38 31.97 -51.32 -29.83
C ILE I 38 33.46 -51.52 -29.63
N ILE I 39 34.24 -50.45 -29.78
CA ILE I 39 35.69 -50.57 -29.89
C ILE I 39 36.40 -50.68 -28.55
N MET I 40 35.76 -50.29 -27.44
CA MET I 40 36.33 -50.46 -26.11
C MET I 40 37.80 -50.05 -26.10
N GLY I 41 38.03 -48.77 -26.34
CA GLY I 41 39.38 -48.27 -26.48
C GLY I 41 39.74 -47.26 -25.41
N ARG I 42 40.75 -46.44 -25.67
CA ARG I 42 41.22 -45.49 -24.67
C ARG I 42 40.16 -44.44 -24.37
N ASP I 43 39.28 -44.16 -25.32
CA ASP I 43 38.23 -43.16 -25.15
C ASP I 43 36.93 -43.75 -24.62
N GLY I 44 36.88 -45.05 -24.36
CA GLY I 44 35.68 -45.69 -23.87
C GLY I 44 35.00 -46.52 -24.93
N PRO I 45 33.80 -47.02 -24.63
CA PRO I 45 33.04 -47.85 -25.58
C PRO I 45 32.37 -47.04 -26.69
N VAL I 46 33.15 -46.70 -27.71
CA VAL I 46 32.65 -45.94 -28.84
C VAL I 46 32.33 -46.93 -29.97
N PRO I 47 31.18 -46.82 -30.63
CA PRO I 47 30.88 -47.74 -31.73
C PRO I 47 31.82 -47.51 -32.90
N SER I 48 32.12 -48.59 -33.61
CA SER I 48 32.95 -48.51 -34.80
C SER I 48 32.16 -47.92 -35.95
N SER I 49 32.89 -47.53 -37.00
CA SER I 49 32.29 -46.97 -38.20
C SER I 49 32.23 -47.97 -39.34
N ARG I 50 32.52 -49.24 -39.07
CA ARG I 50 32.47 -50.31 -40.05
C ARG I 50 31.41 -51.31 -39.63
N GLU I 51 30.55 -51.70 -40.57
CA GLU I 51 29.50 -52.64 -40.26
C GLU I 51 30.08 -54.02 -40.02
N LEU I 52 29.70 -54.64 -38.90
CA LEU I 52 30.21 -55.94 -38.52
C LEU I 52 29.32 -57.07 -39.04
N ILE I 53 28.00 -56.93 -38.92
CA ILE I 53 27.06 -57.96 -39.34
C ILE I 53 26.33 -57.49 -40.59
N VAL I 54 25.61 -58.43 -41.21
CA VAL I 54 24.81 -58.13 -42.39
C VAL I 54 23.47 -57.57 -41.96
N ARG I 55 22.92 -56.68 -42.76
CA ARG I 55 21.67 -56.03 -42.42
C ARG I 55 20.55 -57.05 -42.35
N PRO I 56 19.87 -57.20 -41.21
CA PRO I 56 18.74 -58.14 -41.15
C PRO I 56 17.54 -57.63 -41.92
N ASP I 57 16.70 -58.58 -42.33
CA ASP I 57 15.42 -58.24 -42.96
C ASP I 57 14.34 -57.91 -41.94
N THR I 58 14.58 -58.15 -40.66
CA THR I 58 13.63 -57.82 -39.61
C THR I 58 14.38 -57.86 -38.28
N LEU I 59 13.69 -57.41 -37.23
CA LEU I 59 14.26 -57.38 -35.89
C LEU I 59 13.30 -58.03 -34.91
N ARG I 60 13.88 -58.66 -33.88
CA ARG I 60 13.11 -59.20 -32.77
C ARG I 60 12.97 -58.12 -31.72
N ALA I 61 11.74 -57.78 -31.35
CA ALA I 61 11.52 -56.69 -30.43
C ALA I 61 10.35 -57.00 -29.50
N ILE I 62 10.39 -56.37 -28.33
CA ILE I 62 9.31 -56.39 -27.36
C ILE I 62 8.98 -54.96 -26.99
N ILE I 63 7.74 -54.73 -26.57
CA ILE I 63 7.27 -53.39 -26.23
C ILE I 63 7.24 -53.25 -24.72
N ASN I 64 7.78 -52.14 -24.23
CA ASN I 64 7.79 -51.84 -22.80
C ASN I 64 7.82 -50.33 -22.64
N ASN I 65 6.86 -49.79 -21.88
CA ASN I 65 6.70 -48.35 -21.73
C ASN I 65 6.66 -47.91 -20.28
N ARG I 66 7.22 -48.71 -19.37
CA ARG I 66 7.24 -48.37 -17.95
C ARG I 66 8.42 -47.44 -17.67
N ALA I 67 8.12 -46.19 -17.34
CA ALA I 67 9.16 -45.22 -17.01
C ALA I 67 9.41 -45.23 -15.51
N THR I 68 10.68 -45.31 -15.13
CA THR I 68 11.06 -45.44 -13.72
C THR I 68 12.55 -45.15 -13.59
N ILE I 69 12.99 -45.06 -12.34
CA ILE I 69 14.40 -44.81 -12.01
C ILE I 69 15.02 -46.12 -11.55
N GLU I 70 16.11 -46.51 -12.18
CA GLU I 70 16.88 -47.69 -11.78
C GLU I 70 18.27 -47.25 -11.37
N THR I 71 18.87 -48.01 -10.44
CA THR I 71 20.21 -47.70 -9.96
C THR I 71 21.06 -48.95 -10.00
N THR I 72 22.34 -48.78 -10.33
CA THR I 72 23.29 -49.87 -10.44
C THR I 72 24.60 -49.44 -9.80
N THR I 73 25.33 -50.42 -9.26
CA THR I 73 26.62 -50.18 -8.64
C THR I 73 27.64 -51.19 -9.18
N MET I 74 28.89 -50.74 -9.29
CA MET I 74 29.97 -51.56 -9.83
C MET I 74 31.20 -51.39 -8.96
N GLU I 75 31.94 -52.48 -8.78
CA GLU I 75 33.16 -52.47 -7.97
C GLU I 75 34.42 -52.53 -8.81
N ALA I 76 34.33 -52.93 -10.07
CA ALA I 76 35.51 -52.98 -10.92
C ALA I 76 36.11 -51.59 -11.08
N GLU I 77 37.41 -51.56 -11.39
CA GLU I 77 38.15 -50.31 -11.39
C GLU I 77 37.91 -49.51 -12.67
N PHE I 78 38.17 -50.12 -13.82
CA PHE I 78 38.19 -49.41 -15.10
C PHE I 78 36.86 -49.44 -15.83
N THR I 79 35.74 -49.54 -15.11
CA THR I 79 34.43 -49.66 -15.72
C THR I 79 33.62 -48.36 -15.66
N GLU I 80 34.30 -47.22 -15.45
CA GLU I 80 33.58 -45.95 -15.37
C GLU I 80 32.84 -45.65 -16.67
N THR I 81 33.51 -45.79 -17.80
CA THR I 81 32.88 -45.49 -19.08
C THR I 81 31.74 -46.45 -19.39
N LEU I 82 31.90 -47.73 -19.04
CA LEU I 82 30.82 -48.69 -19.25
C LEU I 82 29.59 -48.31 -18.41
N MET I 83 29.81 -47.95 -17.14
CA MET I 83 28.70 -47.51 -16.31
C MET I 83 28.05 -46.26 -16.89
N GLU I 84 28.85 -45.34 -17.41
CA GLU I 84 28.30 -44.17 -18.08
C GLU I 84 27.51 -44.54 -19.33
N SER I 85 27.87 -45.63 -19.99
CA SER I 85 27.15 -46.10 -21.16
C SER I 85 26.00 -47.03 -20.79
N ASN I 86 25.78 -47.27 -19.49
CA ASN I 86 24.60 -47.98 -19.02
C ASN I 86 24.66 -49.46 -19.39
N TYR I 87 25.81 -50.08 -19.13
CA TYR I 87 25.97 -51.51 -19.28
C TYR I 87 25.61 -52.20 -17.97
N ASN I 88 24.75 -53.20 -18.04
CA ASN I 88 24.38 -53.93 -16.84
C ASN I 88 25.58 -54.75 -16.36
N SER I 89 25.37 -55.50 -15.28
CA SER I 89 26.48 -56.20 -14.64
C SER I 89 27.12 -57.20 -15.58
N ALA I 90 26.31 -57.99 -16.29
CA ALA I 90 26.86 -59.01 -17.19
C ALA I 90 27.66 -58.37 -18.32
N SER I 91 27.12 -57.32 -18.93
CA SER I 91 27.83 -56.66 -20.02
C SER I 91 29.14 -56.04 -19.52
N VAL I 92 29.10 -55.42 -18.35
CA VAL I 92 30.32 -54.83 -17.79
C VAL I 92 31.35 -55.92 -17.52
N LYS I 93 30.91 -57.05 -16.99
CA LYS I 93 31.83 -58.15 -16.74
C LYS I 93 32.45 -58.67 -18.03
N VAL I 94 31.64 -58.76 -19.09
CA VAL I 94 32.16 -59.27 -20.36
C VAL I 94 33.15 -58.28 -20.97
N SER I 95 32.87 -56.99 -20.85
CA SER I 95 33.66 -55.96 -21.51
C SER I 95 34.87 -55.50 -20.69
N ALA I 96 34.93 -55.84 -19.40
CA ALA I 96 36.01 -55.31 -18.56
C ALA I 96 37.40 -55.66 -19.07
N PRO I 97 37.69 -56.89 -19.51
CA PRO I 97 39.06 -57.18 -19.94
C PRO I 97 39.56 -56.25 -21.03
N PHE I 98 38.73 -55.95 -22.03
CA PHE I 98 39.18 -55.09 -23.13
C PHE I 98 39.38 -53.66 -22.65
N ILE I 99 38.42 -53.15 -21.87
CA ILE I 99 38.53 -51.77 -21.38
C ILE I 99 39.79 -51.62 -20.55
N THR I 100 40.04 -52.55 -19.64
CA THR I 100 41.26 -52.49 -18.82
C THR I 100 42.49 -52.53 -19.72
N ALA I 101 42.55 -53.51 -20.63
CA ALA I 101 43.72 -53.67 -21.48
C ALA I 101 44.03 -52.40 -22.26
N ASN I 102 42.99 -51.73 -22.78
CA ASN I 102 43.20 -50.57 -23.63
C ASN I 102 43.08 -49.23 -22.89
N SER I 103 42.90 -49.25 -21.57
CA SER I 103 42.76 -48.02 -20.81
C SER I 103 44.09 -47.27 -20.76
N GLU I 104 44.05 -46.06 -20.19
CA GLU I 104 45.23 -45.25 -19.95
C GLU I 104 45.50 -45.24 -18.45
N TYR I 105 46.50 -46.01 -18.02
CA TYR I 105 46.83 -46.08 -16.60
C TYR I 105 47.58 -44.82 -16.18
N SER I 106 47.47 -44.49 -14.91
CA SER I 106 48.14 -43.31 -14.36
C SER I 106 48.02 -43.34 -12.85
N GLU I 107 49.03 -42.81 -12.17
CA GLU I 107 48.96 -42.63 -10.73
C GLU I 107 47.94 -41.55 -10.40
N SER I 108 47.73 -41.33 -9.11
CA SER I 108 46.77 -40.34 -8.63
C SER I 108 45.35 -40.67 -9.06
N SER I 109 45.09 -41.92 -9.43
CA SER I 109 43.75 -42.32 -9.83
C SER I 109 42.80 -42.18 -8.65
N SER I 110 41.65 -41.55 -8.90
CA SER I 110 40.68 -41.33 -7.82
C SER I 110 40.14 -42.65 -7.27
N PHE I 111 40.25 -43.74 -8.02
CA PHE I 111 39.78 -45.04 -7.55
C PHE I 111 40.78 -45.63 -6.56
N LYS I 112 40.25 -46.16 -5.46
CA LYS I 112 41.05 -46.79 -4.42
C LYS I 112 40.50 -48.17 -4.13
N ASN I 113 41.38 -49.18 -4.13
CA ASN I 113 40.99 -50.56 -3.85
C ASN I 113 42.00 -51.22 -2.93
N THR I 114 42.45 -50.49 -1.91
CA THR I 114 43.39 -51.03 -0.95
C THR I 114 42.67 -51.97 0.01
N GLU I 115 43.44 -52.61 0.89
CA GLU I 115 42.84 -53.55 1.83
C GLU I 115 42.05 -52.86 2.93
N THR I 116 42.16 -51.53 3.05
CA THR I 116 41.50 -50.79 4.11
C THR I 116 40.31 -49.98 3.62
N GLU I 117 40.33 -49.49 2.38
CA GLU I 117 39.20 -48.76 1.81
C GLU I 117 38.78 -49.38 0.48
N LYS I 118 37.55 -49.08 0.08
CA LYS I 118 36.94 -49.63 -1.12
C LYS I 118 36.24 -48.50 -1.88
N SER I 119 36.33 -48.53 -3.21
CA SER I 119 35.73 -47.52 -4.07
C SER I 119 34.74 -48.18 -5.01
N MET I 120 33.66 -47.46 -5.32
CA MET I 120 32.57 -47.99 -6.13
C MET I 120 32.04 -46.90 -7.03
N TYR I 121 31.45 -47.31 -8.16
CA TYR I 121 30.75 -46.41 -9.06
C TYR I 121 29.24 -46.65 -8.93
N THR I 122 28.47 -45.56 -8.99
CA THR I 122 27.02 -45.62 -8.92
C THR I 122 26.43 -44.84 -10.07
N SER I 123 25.32 -45.34 -10.61
CA SER I 123 24.66 -44.71 -11.75
C SER I 123 23.16 -44.85 -11.60
N SER I 124 22.44 -43.75 -11.83
CA SER I 124 20.98 -43.72 -11.77
C SER I 124 20.44 -43.27 -13.12
N ARG I 125 19.55 -44.07 -13.69
CA ARG I 125 18.99 -43.82 -15.00
C ARG I 125 17.49 -43.63 -14.87
N TYR I 126 17.02 -42.45 -15.25
CA TYR I 126 15.60 -42.16 -15.37
C TYR I 126 15.20 -42.47 -16.80
N LEU I 127 14.48 -43.58 -16.98
CA LEU I 127 14.25 -44.18 -18.28
C LEU I 127 12.81 -43.95 -18.73
N PHE I 128 12.65 -43.66 -20.02
CA PHE I 128 11.37 -43.73 -20.74
C PHE I 128 11.61 -44.76 -21.83
N PRO I 129 11.37 -46.03 -21.56
CA PRO I 129 11.64 -47.06 -22.56
C PRO I 129 10.48 -47.20 -23.54
N GLN I 130 10.82 -47.74 -24.71
CA GLN I 130 9.84 -48.12 -25.72
C GLN I 130 9.89 -49.59 -26.06
N GLY I 131 10.96 -50.28 -25.72
CA GLY I 131 11.06 -51.71 -25.98
C GLY I 131 12.50 -52.16 -25.95
N ARG I 132 12.71 -53.38 -26.44
CA ARG I 132 14.02 -54.02 -26.42
C ARG I 132 14.19 -54.79 -27.71
N ILE I 133 15.39 -54.69 -28.29
CA ILE I 133 15.73 -55.36 -29.53
C ILE I 133 16.82 -56.38 -29.24
N ASP I 134 16.68 -57.57 -29.84
CA ASP I 134 17.55 -58.70 -29.56
C ASP I 134 18.09 -59.26 -30.87
N PHE I 135 19.29 -59.84 -30.78
CA PHE I 135 19.94 -60.51 -31.90
C PHE I 135 20.25 -61.94 -31.50
N THR I 136 20.33 -62.82 -32.48
CA THR I 136 20.60 -64.24 -32.25
C THR I 136 22.09 -64.49 -32.48
N THR I 137 22.79 -64.92 -31.44
CA THR I 137 24.19 -65.28 -31.60
C THR I 137 24.30 -66.67 -32.20
N PRO I 138 25.39 -66.96 -32.89
CA PRO I 138 25.57 -68.33 -33.43
C PRO I 138 25.53 -69.40 -32.36
N ASP I 139 26.03 -69.10 -31.16
CA ASP I 139 26.02 -70.09 -30.09
C ASP I 139 24.61 -70.47 -29.65
N SER I 140 23.63 -69.60 -29.90
CA SER I 140 22.26 -69.91 -29.49
C SER I 140 21.73 -71.14 -30.22
N GLY I 141 22.05 -71.27 -31.50
CA GLY I 141 21.64 -72.42 -32.26
C GLY I 141 20.33 -72.28 -33.01
N PHE I 142 19.72 -71.10 -33.00
CA PHE I 142 18.46 -70.91 -33.71
C PHE I 142 18.73 -70.60 -35.19
N ASP I 143 17.65 -70.56 -35.97
CA ASP I 143 17.78 -70.46 -37.42
C ASP I 143 18.02 -69.04 -37.93
N ASP I 144 17.76 -68.03 -37.10
CA ASP I 144 17.89 -66.63 -37.51
C ASP I 144 19.18 -66.00 -36.98
N VAL I 145 20.26 -66.76 -36.93
CA VAL I 145 21.52 -66.23 -36.42
C VAL I 145 21.97 -65.04 -37.25
N ILE I 146 22.72 -64.14 -36.62
CA ILE I 146 23.32 -63.02 -37.33
C ILE I 146 24.49 -63.55 -38.16
N LYS I 147 24.68 -62.97 -39.35
CA LYS I 147 25.73 -63.40 -40.27
C LYS I 147 26.80 -62.33 -40.33
N LEU I 148 28.04 -62.72 -40.03
CA LEU I 148 29.15 -61.78 -40.08
C LEU I 148 29.37 -61.32 -41.52
N SER I 149 29.76 -60.06 -41.67
CA SER I 149 29.94 -59.49 -42.99
C SER I 149 31.08 -60.19 -43.72
N PRO I 150 30.98 -60.36 -45.05
CA PRO I 150 32.09 -60.95 -45.79
C PRO I 150 33.37 -60.17 -45.64
N GLN I 151 33.29 -58.84 -45.49
CA GLN I 151 34.50 -58.06 -45.30
C GLN I 151 35.21 -58.43 -44.01
N PHE I 152 34.45 -58.57 -42.92
CA PHE I 152 35.06 -58.98 -41.65
C PHE I 152 35.63 -60.39 -41.75
N THR I 153 34.89 -61.30 -42.37
CA THR I 153 35.38 -62.68 -42.49
C THR I 153 36.66 -62.72 -43.31
N SER I 154 36.71 -61.98 -44.41
CA SER I 154 37.92 -61.93 -45.23
C SER I 154 39.08 -61.30 -44.46
N GLY I 155 38.80 -60.27 -43.67
CA GLY I 155 39.85 -59.67 -42.86
C GLY I 155 40.43 -60.67 -41.86
N VAL I 156 39.56 -61.44 -41.20
CA VAL I 156 40.03 -62.45 -40.27
C VAL I 156 40.87 -63.49 -40.99
N GLN I 157 40.41 -63.94 -42.16
CA GLN I 157 41.16 -64.94 -42.91
C GLN I 157 42.53 -64.41 -43.31
N ALA I 158 42.59 -63.16 -43.79
CA ALA I 158 43.87 -62.57 -44.18
C ALA I 158 44.79 -62.44 -42.97
N ALA I 159 44.24 -62.03 -41.82
CA ALA I 159 45.07 -61.93 -40.62
C ALA I 159 45.65 -63.29 -40.24
N LEU I 160 44.83 -64.33 -40.28
CA LEU I 160 45.30 -65.66 -39.90
C LEU I 160 46.16 -66.32 -40.97
N ALA I 161 46.20 -65.78 -42.18
CA ALA I 161 47.01 -66.35 -43.25
C ALA I 161 48.43 -65.78 -43.30
N LYS I 162 48.80 -64.93 -42.35
CA LYS I 162 50.11 -64.30 -42.39
C LYS I 162 51.21 -65.31 -42.05
N ALA I 163 52.45 -64.95 -42.42
CA ALA I 163 53.55 -65.90 -42.34
C ALA I 163 53.92 -66.24 -40.91
N THR I 164 54.02 -65.24 -40.04
CA THR I 164 54.55 -65.43 -38.70
C THR I 164 53.49 -65.13 -37.65
N GLY I 165 53.66 -65.72 -36.47
CA GLY I 165 52.71 -65.50 -35.39
C GLY I 165 52.62 -64.05 -34.98
N THR I 166 53.76 -63.35 -34.94
CA THR I 166 53.73 -61.94 -34.59
C THR I 166 52.93 -61.14 -35.60
N GLU I 167 53.10 -61.42 -36.90
CA GLU I 167 52.32 -60.73 -37.91
C GLU I 167 50.85 -61.06 -37.79
N LYS I 168 50.52 -62.32 -37.51
CA LYS I 168 49.13 -62.70 -37.31
C LYS I 168 48.52 -61.93 -36.15
N ARG I 169 49.24 -61.84 -35.03
CA ARG I 169 48.73 -61.13 -33.87
C ARG I 169 48.57 -59.64 -34.16
N GLU I 170 49.52 -59.05 -34.87
CA GLU I 170 49.39 -57.64 -35.22
C GLU I 170 48.18 -57.40 -36.12
N ALA I 171 47.98 -58.27 -37.10
CA ALA I 171 46.82 -58.13 -37.98
C ALA I 171 45.52 -58.28 -37.20
N LEU I 172 45.46 -59.25 -36.29
CA LEU I 172 44.26 -59.42 -35.47
C LEU I 172 44.02 -58.20 -34.59
N GLN I 173 45.08 -57.65 -34.01
CA GLN I 173 44.93 -56.46 -33.18
C GLN I 173 44.38 -55.29 -33.99
N ASN I 174 44.93 -55.07 -35.19
CA ASN I 174 44.41 -54.01 -36.04
C ASN I 174 42.95 -54.26 -36.42
N LEU I 175 42.63 -55.51 -36.79
CA LEU I 175 41.26 -55.83 -37.20
C LEU I 175 40.28 -55.58 -36.07
N PHE I 176 40.64 -55.96 -34.84
CA PHE I 176 39.72 -55.77 -33.72
C PHE I 176 39.66 -54.31 -33.30
N GLN I 177 40.76 -53.57 -33.42
CA GLN I 177 40.71 -52.14 -33.15
C GLN I 177 39.82 -51.42 -34.17
N GLU I 178 39.72 -51.96 -35.38
CA GLU I 178 38.90 -51.32 -36.40
C GLU I 178 37.43 -51.73 -36.28
N TYR I 179 37.16 -53.02 -36.08
CA TYR I 179 35.79 -53.54 -36.14
C TYR I 179 35.12 -53.66 -34.78
N GLY I 180 35.83 -53.46 -33.69
CA GLY I 180 35.27 -53.58 -32.36
C GLY I 180 35.73 -54.85 -31.65
N HIS I 181 35.42 -54.89 -30.35
CA HIS I 181 35.73 -56.01 -29.49
C HIS I 181 34.52 -56.80 -29.03
N VAL I 182 33.36 -56.15 -28.91
CA VAL I 182 32.13 -56.82 -28.51
C VAL I 182 31.00 -56.34 -29.42
N PHE I 183 29.91 -57.09 -29.41
CA PHE I 183 28.71 -56.77 -30.18
C PHE I 183 27.51 -56.78 -29.24
N ARG I 184 26.71 -55.72 -29.30
CA ARG I 184 25.55 -55.61 -28.42
C ARG I 184 24.43 -56.50 -28.94
N THR I 185 24.07 -57.52 -28.15
CA THR I 185 23.05 -58.47 -28.56
C THR I 185 21.66 -58.12 -28.05
N LYS I 186 21.56 -57.37 -26.96
CA LYS I 186 20.26 -56.95 -26.44
C LYS I 186 20.36 -55.48 -26.04
N VAL I 187 19.54 -54.64 -26.64
CA VAL I 187 19.61 -53.20 -26.41
C VAL I 187 18.20 -52.67 -26.20
N HIS I 188 18.04 -51.79 -25.21
CA HIS I 188 16.77 -51.15 -24.93
C HIS I 188 16.70 -49.84 -25.69
N ILE I 189 15.50 -49.50 -26.15
CA ILE I 189 15.27 -48.30 -26.94
C ILE I 189 14.44 -47.32 -26.12
N GLY I 190 14.60 -46.04 -26.42
CA GLY I 190 13.84 -45.00 -25.73
C GLY I 190 14.67 -43.79 -25.36
N GLY I 191 14.38 -43.19 -24.21
CA GLY I 191 15.14 -42.06 -23.73
C GLY I 191 15.60 -42.28 -22.30
N VAL I 192 16.66 -41.57 -21.92
CA VAL I 192 17.25 -41.79 -20.60
C VAL I 192 18.00 -40.55 -20.14
N LEU I 193 17.80 -40.21 -18.87
CA LEU I 193 18.60 -39.21 -18.16
C LEU I 193 19.47 -39.94 -17.15
N SER I 194 20.78 -39.87 -17.31
CA SER I 194 21.70 -40.64 -16.49
C SER I 194 22.51 -39.70 -15.60
N ALA I 195 22.71 -40.12 -14.35
CA ALA I 195 23.56 -39.41 -13.41
C ALA I 195 24.52 -40.41 -12.79
N HIS I 196 25.82 -40.12 -12.88
CA HIS I 196 26.86 -41.06 -12.46
C HIS I 196 27.79 -40.40 -11.44
N THR I 197 28.32 -41.21 -10.54
CA THR I 197 29.23 -40.72 -9.52
C THR I 197 30.08 -41.88 -9.02
N MET I 198 31.10 -41.54 -8.25
CA MET I 198 31.97 -42.51 -7.61
C MET I 198 32.14 -42.15 -6.15
N GLU I 199 32.28 -43.18 -5.31
CA GLU I 199 32.42 -42.97 -3.87
C GLU I 199 33.44 -43.94 -3.30
N THR I 200 34.31 -43.42 -2.43
CA THR I 200 35.29 -44.22 -1.72
C THR I 200 34.97 -44.17 -0.23
N PHE I 201 35.09 -45.32 0.44
CA PHE I 201 34.73 -45.40 1.85
C PHE I 201 35.51 -46.53 2.49
N SER I 202 35.75 -46.40 3.79
CA SER I 202 36.48 -47.43 4.52
C SER I 202 35.69 -48.73 4.51
N ARG I 203 36.42 -49.85 4.39
CA ARG I 203 35.77 -51.16 4.38
C ARG I 203 35.06 -51.46 5.69
N SER I 204 35.45 -50.80 6.78
CA SER I 204 34.80 -51.04 8.06
C SER I 204 33.37 -50.52 8.06
N GLU I 205 33.09 -49.47 7.30
CA GLU I 205 31.74 -48.89 7.27
C GLU I 205 30.75 -49.88 6.67
N ASN I 206 29.50 -49.75 7.09
CA ASN I 206 28.44 -50.61 6.58
C ASN I 206 28.21 -50.35 5.09
N GLU I 207 28.54 -51.36 4.28
CA GLU I 207 28.41 -51.20 2.83
C GLU I 207 26.97 -51.02 2.41
N THR I 208 26.05 -51.68 3.10
CA THR I 208 24.62 -51.63 2.76
C THR I 208 23.95 -50.40 3.34
N GLU I 209 24.72 -49.51 3.96
CA GLU I 209 24.27 -48.18 4.30
C GLU I 209 24.93 -47.13 3.43
N VAL I 210 26.20 -47.30 3.08
CA VAL I 210 26.83 -46.41 2.12
C VAL I 210 26.11 -46.50 0.78
N LYS I 211 25.82 -47.72 0.33
CA LYS I 211 25.14 -47.89 -0.95
C LYS I 211 23.76 -47.26 -0.93
N GLN I 212 23.00 -47.48 0.15
CA GLN I 212 21.66 -46.93 0.23
C GLN I 212 21.69 -45.40 0.24
N ASP I 213 22.61 -44.81 1.00
CA ASP I 213 22.69 -43.35 1.05
C ASP I 213 23.05 -42.78 -0.31
N VAL I 214 24.05 -43.37 -0.97
CA VAL I 214 24.46 -42.88 -2.28
C VAL I 214 23.32 -43.03 -3.28
N LYS I 215 22.63 -44.17 -3.24
CA LYS I 215 21.52 -44.39 -4.17
C LYS I 215 20.41 -43.36 -3.95
N ALA I 216 20.06 -43.09 -2.69
CA ALA I 216 19.02 -42.10 -2.42
C ALA I 216 19.42 -40.73 -2.95
N GLY I 217 20.66 -40.32 -2.68
CA GLY I 217 21.09 -39.02 -3.16
C GLY I 217 21.06 -38.91 -4.67
N LEU I 218 21.61 -39.91 -5.35
CA LEU I 218 21.67 -39.87 -6.81
C LEU I 218 20.28 -39.95 -7.42
N GLU I 219 19.39 -40.76 -6.84
CA GLU I 219 18.04 -40.85 -7.34
C GLU I 219 17.31 -39.51 -7.19
N GLY I 220 17.47 -38.86 -6.04
CA GLY I 220 16.90 -37.53 -5.89
C GLY I 220 17.47 -36.54 -6.90
N ALA I 221 18.76 -36.68 -7.22
CA ALA I 221 19.38 -35.77 -8.18
C ALA I 221 18.80 -35.96 -9.57
N VAL I 222 18.68 -37.22 -10.01
CA VAL I 222 18.12 -37.49 -11.34
C VAL I 222 16.63 -37.18 -11.39
N LYS I 223 15.90 -37.14 -10.30
CA LYS I 223 14.49 -36.79 -10.40
C LYS I 223 14.36 -35.34 -10.71
N GLY I 224 15.19 -34.53 -10.06
CA GLY I 224 15.13 -33.09 -10.28
C GLY I 224 15.36 -32.76 -11.73
N TRP I 225 16.52 -33.12 -12.25
CA TRP I 225 16.85 -32.84 -13.64
C TRP I 225 16.22 -33.88 -14.55
N GLN I 237 22.92 -28.98 -10.86
CA GLN I 237 23.75 -29.14 -9.67
C GLN I 237 24.78 -30.25 -9.89
N GLY I 238 26.04 -29.87 -10.09
CA GLY I 238 27.09 -30.84 -10.29
C GLY I 238 27.55 -31.54 -9.05
N THR I 239 27.13 -31.07 -7.87
CA THR I 239 27.55 -31.63 -6.60
C THR I 239 26.34 -31.87 -5.73
N ILE I 240 26.37 -32.98 -4.98
CA ILE I 240 25.23 -33.44 -4.19
C ILE I 240 25.71 -33.75 -2.78
N THR I 241 24.85 -33.48 -1.80
CA THR I 241 25.10 -33.84 -0.41
C THR I 241 24.06 -34.88 0.00
N THR I 242 24.54 -36.02 0.50
CA THR I 242 23.66 -37.11 0.87
C THR I 242 23.21 -36.97 2.32
N SER I 243 22.41 -37.95 2.78
CA SER I 243 21.93 -37.92 4.16
C SER I 243 23.09 -38.02 5.15
N GLN I 244 24.07 -38.88 4.86
CA GLN I 244 25.24 -39.04 5.70
C GLN I 244 26.26 -37.92 5.52
N ASN I 245 25.86 -36.81 4.90
CA ASN I 245 26.75 -35.67 4.67
C ASN I 245 27.90 -36.03 3.73
N ARG I 246 27.70 -37.04 2.89
CA ARG I 246 28.70 -37.39 1.87
C ARG I 246 28.59 -36.43 0.70
N LYS I 247 29.73 -35.96 0.22
CA LYS I 247 29.79 -35.03 -0.90
C LYS I 247 30.13 -35.81 -2.18
N LEU I 248 29.23 -35.74 -3.16
CA LEU I 248 29.36 -36.51 -4.39
C LEU I 248 29.40 -35.59 -5.59
N ASN I 249 30.31 -35.88 -6.53
CA ASN I 249 30.33 -35.20 -7.82
C ASN I 249 29.56 -36.03 -8.83
N VAL I 250 28.62 -35.39 -9.51
CA VAL I 250 27.68 -36.09 -10.38
C VAL I 250 27.89 -35.62 -11.82
N LYS I 251 27.98 -36.58 -12.74
CA LYS I 251 28.05 -36.31 -14.17
C LYS I 251 26.70 -36.66 -14.78
N TYR I 252 26.15 -35.73 -15.54
CA TYR I 252 24.82 -35.86 -16.11
C TYR I 252 24.92 -36.10 -17.62
N ILE I 253 24.10 -37.01 -18.12
CA ILE I 253 24.02 -37.34 -19.54
C ILE I 253 22.56 -37.32 -19.95
N VAL I 254 22.26 -36.62 -21.06
CA VAL I 254 20.91 -36.46 -21.55
C VAL I 254 20.80 -37.24 -22.86
N ASN I 255 19.83 -38.16 -22.92
CA ASN I 255 19.53 -38.93 -24.12
C ASN I 255 18.01 -38.98 -24.30
N VAL I 256 17.37 -37.82 -24.32
CA VAL I 256 15.93 -37.72 -24.53
C VAL I 256 15.64 -36.45 -25.29
N VAL I 257 14.65 -36.50 -26.17
CA VAL I 257 14.20 -35.33 -26.90
C VAL I 257 12.68 -35.37 -27.03
N GLN I 274 8.02 -38.97 -30.71
CA GLN I 274 8.36 -39.21 -32.11
C GLN I 274 9.40 -40.32 -32.22
N SER I 275 9.14 -41.29 -33.08
CA SER I 275 10.02 -42.45 -33.21
C SER I 275 11.38 -42.11 -33.80
N GLU I 276 11.53 -40.94 -34.42
CA GLU I 276 12.79 -40.58 -35.04
C GLU I 276 13.88 -40.29 -34.02
N HIS I 277 13.51 -39.96 -32.79
CA HIS I 277 14.47 -39.55 -31.76
C HIS I 277 14.75 -40.66 -30.75
N TRP I 278 14.27 -41.87 -30.98
CA TRP I 278 14.56 -42.97 -30.07
C TRP I 278 16.01 -43.41 -30.21
N ARG I 279 16.65 -43.66 -29.07
CA ARG I 279 18.05 -44.05 -29.04
C ARG I 279 18.24 -45.17 -28.03
N VAL I 280 19.40 -45.84 -28.13
CA VAL I 280 19.72 -46.91 -27.20
C VAL I 280 19.94 -46.33 -25.82
N ILE I 281 19.25 -46.88 -24.82
CA ILE I 281 19.31 -46.38 -23.45
C ILE I 281 19.96 -47.36 -22.49
N GLU I 282 20.18 -48.61 -22.89
CA GLU I 282 20.74 -49.61 -22.00
C GLU I 282 21.16 -50.82 -22.82
N VAL I 283 22.25 -51.45 -22.41
CA VAL I 283 22.76 -52.66 -23.05
C VAL I 283 22.62 -53.79 -22.04
N THR I 284 21.78 -54.78 -22.36
CA THR I 284 21.53 -55.88 -21.45
C THR I 284 22.45 -57.07 -21.68
N GLU I 285 23.03 -57.19 -22.87
CA GLU I 285 23.90 -58.33 -23.16
C GLU I 285 24.85 -57.94 -24.28
N VAL I 286 26.10 -58.36 -24.14
CA VAL I 286 27.11 -58.21 -25.19
C VAL I 286 27.84 -59.53 -25.34
N THR I 287 28.30 -59.80 -26.55
CA THR I 287 29.04 -61.01 -26.86
C THR I 287 30.35 -60.62 -27.55
N ALA I 288 31.45 -61.22 -27.10
CA ALA I 288 32.75 -60.92 -27.70
C ALA I 288 32.72 -61.19 -29.19
N VAL I 289 33.31 -60.29 -29.97
CA VAL I 289 33.29 -60.43 -31.42
C VAL I 289 33.96 -61.73 -31.83
N ALA I 290 35.02 -62.12 -31.14
CA ALA I 290 35.67 -63.38 -31.44
C ALA I 290 34.71 -64.55 -31.32
N ASP I 291 33.80 -64.51 -30.35
CA ASP I 291 32.86 -65.61 -30.15
C ASP I 291 31.91 -65.80 -31.32
N LEU I 292 31.76 -64.80 -32.17
CA LEU I 292 30.83 -64.88 -33.30
C LEU I 292 31.39 -65.71 -34.46
N LEU I 293 32.68 -66.01 -34.47
CA LEU I 293 33.29 -66.73 -35.57
C LEU I 293 32.99 -68.22 -35.47
N PRO I 294 33.12 -68.96 -36.58
CA PRO I 294 32.97 -70.42 -36.52
C PRO I 294 34.04 -71.02 -35.62
N GLN I 295 33.69 -72.14 -34.98
CA GLN I 295 34.53 -72.69 -33.92
C GLN I 295 35.99 -72.90 -34.32
N PRO I 296 36.31 -73.51 -35.47
CA PRO I 296 37.73 -73.73 -35.78
C PRO I 296 38.55 -72.45 -35.86
N ILE I 297 37.96 -71.37 -36.38
CA ILE I 297 38.67 -70.09 -36.44
C ILE I 297 38.63 -69.39 -35.09
N ARG I 298 37.53 -69.56 -34.35
CA ARG I 298 37.41 -68.93 -33.04
C ARG I 298 38.48 -69.44 -32.10
N GLY I 299 38.75 -70.74 -32.12
CA GLY I 299 39.80 -71.27 -31.26
C GLY I 299 41.15 -70.66 -31.56
N GLN I 300 41.50 -70.58 -32.85
CA GLN I 300 42.78 -70.00 -33.24
C GLN I 300 42.87 -68.54 -32.84
N VAL I 301 41.79 -67.78 -33.05
CA VAL I 301 41.81 -66.36 -32.72
C VAL I 301 41.97 -66.17 -31.22
N LYS I 302 41.23 -66.94 -30.43
CA LYS I 302 41.33 -66.83 -28.98
C LYS I 302 42.74 -67.18 -28.50
N ASP I 303 43.33 -68.23 -29.06
CA ASP I 303 44.69 -68.59 -28.68
C ASP I 303 45.68 -67.49 -29.08
N LEU I 304 45.52 -66.93 -30.27
CA LEU I 304 46.45 -65.90 -30.74
C LEU I 304 46.32 -64.59 -29.98
N LEU I 305 45.16 -64.33 -29.37
CA LEU I 305 44.96 -63.10 -28.62
C LEU I 305 45.53 -63.15 -27.21
N LYS I 306 46.12 -64.27 -26.79
CA LYS I 306 46.69 -64.36 -25.45
C LYS I 306 47.99 -63.56 -25.40
N PRO I 307 48.11 -62.56 -24.50
CA PRO I 307 49.31 -61.71 -24.52
C PRO I 307 50.61 -62.44 -24.24
N LEU I 308 50.62 -63.48 -23.41
CA LEU I 308 51.85 -64.06 -22.91
C LEU I 308 51.98 -65.52 -23.34
N LEU I 309 53.20 -65.92 -23.68
CA LEU I 309 53.55 -67.31 -23.89
C LEU I 309 54.22 -67.84 -22.63
N GLY I 310 53.74 -68.97 -22.13
CA GLY I 310 54.23 -69.51 -20.88
C GLY I 310 55.14 -70.71 -21.03
N LYS I 311 55.95 -70.97 -20.01
CA LYS I 311 56.87 -72.10 -20.00
C LYS I 311 57.17 -72.49 -18.56
N TRP I 312 57.41 -73.78 -18.35
CA TRP I 312 57.77 -74.32 -17.04
C TRP I 312 59.25 -74.68 -17.05
N VAL I 313 59.98 -74.24 -16.03
CA VAL I 313 61.41 -74.47 -15.93
C VAL I 313 61.75 -74.95 -14.53
N ASP I 314 62.94 -75.54 -14.39
CA ASP I 314 63.39 -76.01 -13.10
C ASP I 314 63.71 -74.84 -12.18
N VAL I 315 63.83 -75.15 -10.88
CA VAL I 315 64.05 -74.13 -9.85
C VAL I 315 65.26 -74.52 -9.01
N GLU I 316 65.81 -73.53 -8.32
CA GLU I 316 66.96 -73.68 -7.47
C GLU I 316 66.72 -72.96 -6.15
N LYS I 317 67.25 -73.51 -5.07
CA LYS I 317 67.08 -72.90 -3.76
C LYS I 317 67.99 -71.68 -3.62
N VAL I 318 67.42 -70.58 -3.17
CA VAL I 318 68.19 -69.34 -2.99
C VAL I 318 69.17 -69.53 -1.83
N PRO I 319 70.46 -69.24 -2.00
CA PRO I 319 71.39 -69.38 -0.88
C PRO I 319 71.06 -68.40 0.23
N GLY I 320 71.37 -68.81 1.46
CA GLY I 320 71.07 -67.98 2.61
C GLY I 320 69.60 -68.00 2.96
N LEU I 321 69.19 -66.99 3.71
CA LEU I 321 67.78 -66.86 4.13
C LEU I 321 67.35 -68.07 4.95
N GLU I 322 68.27 -68.61 5.75
CA GLU I 322 67.95 -69.75 6.59
C GLU I 322 67.05 -69.37 7.76
N SER I 323 66.94 -68.08 8.08
CA SER I 323 66.08 -67.67 9.19
C SER I 323 64.61 -67.83 8.83
N LEU I 324 64.25 -67.70 7.56
CA LEU I 324 62.84 -67.68 7.17
C LEU I 324 62.24 -69.08 7.31
N PRO I 325 60.96 -69.16 7.69
CA PRO I 325 60.36 -70.48 7.95
C PRO I 325 60.31 -71.39 6.73
N VAL I 326 60.30 -70.84 5.52
CA VAL I 326 60.16 -71.63 4.30
C VAL I 326 61.27 -71.28 3.33
N SER I 327 61.57 -72.23 2.46
CA SER I 327 62.61 -72.04 1.45
C SER I 327 62.11 -71.14 0.33
N VAL I 328 63.05 -70.41 -0.28
CA VAL I 328 62.76 -69.53 -1.40
C VAL I 328 63.41 -70.12 -2.64
N TYR I 329 62.67 -70.15 -3.75
CA TYR I 329 63.14 -70.74 -4.99
C TYR I 329 63.06 -69.72 -6.11
N ARG I 330 64.04 -69.75 -6.99
CA ARG I 330 64.12 -68.89 -8.17
C ARG I 330 64.46 -69.76 -9.38
N PRO I 331 64.13 -69.30 -10.59
CA PRO I 331 64.44 -70.10 -11.77
C PRO I 331 65.92 -70.46 -11.82
N LYS I 332 66.19 -71.73 -12.11
CA LYS I 332 67.56 -72.22 -12.15
C LYS I 332 68.21 -71.90 -13.49
N GLY I 333 69.51 -71.64 -13.46
CA GLY I 333 70.26 -71.37 -14.67
C GLY I 333 69.93 -70.00 -15.24
N ALA I 334 70.41 -69.80 -16.47
CA ALA I 334 70.19 -68.55 -17.17
C ALA I 334 68.83 -68.56 -17.85
N ILE I 335 68.08 -67.48 -17.71
CA ILE I 335 66.78 -67.37 -18.37
C ILE I 335 66.98 -67.35 -19.88
N PRO I 336 66.20 -68.08 -20.66
CA PRO I 336 66.34 -68.00 -22.11
C PRO I 336 66.13 -66.58 -22.61
N ALA I 337 66.89 -66.21 -23.65
CA ALA I 337 66.82 -64.86 -24.18
C ALA I 337 65.39 -64.52 -24.60
N GLY I 338 64.92 -63.34 -24.18
CA GLY I 338 63.59 -62.88 -24.50
C GLY I 338 62.51 -63.28 -23.51
N TRP I 339 62.83 -64.15 -22.55
CA TRP I 339 61.89 -64.60 -21.55
C TRP I 339 62.16 -63.91 -20.21
N PHE I 340 61.13 -63.89 -19.37
CA PHE I 340 61.19 -63.21 -18.08
C PHE I 340 60.49 -64.07 -17.03
N TRP I 341 60.82 -63.83 -15.78
CA TRP I 341 60.17 -64.49 -14.65
C TRP I 341 59.45 -63.45 -13.80
N LEU I 342 58.58 -63.93 -12.92
CA LEU I 342 57.64 -63.07 -12.21
C LEU I 342 57.98 -62.83 -10.75
N GLY I 343 58.83 -63.64 -10.15
CA GLY I 343 59.24 -63.41 -8.77
C GLY I 343 59.58 -64.70 -8.07
N ASP I 344 59.99 -64.56 -6.82
CA ASP I 344 60.35 -65.71 -6.01
C ASP I 344 59.11 -66.46 -5.57
N THR I 345 59.23 -67.78 -5.50
CA THR I 345 58.11 -68.64 -5.14
C THR I 345 58.58 -69.69 -4.14
N ALA I 346 57.62 -70.18 -3.35
CA ALA I 346 57.89 -71.24 -2.38
C ALA I 346 57.75 -72.63 -2.99
N ASP I 347 57.32 -72.73 -4.24
CA ASP I 347 57.20 -74.03 -4.89
C ASP I 347 58.57 -74.60 -5.18
N ALA I 348 58.79 -75.85 -4.80
CA ALA I 348 60.08 -76.51 -4.97
C ALA I 348 60.17 -77.32 -6.25
N SER I 349 59.16 -77.27 -7.11
CA SER I 349 59.09 -78.11 -8.29
C SER I 349 59.46 -77.36 -9.58
N LYS I 350 58.80 -76.24 -9.85
CA LYS I 350 58.96 -75.56 -11.12
C LYS I 350 58.66 -74.08 -10.98
N ALA I 351 59.09 -73.32 -11.97
CA ALA I 351 58.84 -71.88 -12.05
C ALA I 351 58.30 -71.54 -13.42
N LEU I 352 57.49 -70.48 -13.47
CA LEU I 352 56.80 -70.07 -14.69
C LEU I 352 57.55 -68.90 -15.33
N LEU I 353 57.98 -69.10 -16.58
CA LEU I 353 58.52 -68.03 -17.40
C LEU I 353 57.48 -67.58 -18.41
N VAL I 354 57.47 -66.28 -18.70
CA VAL I 354 56.51 -65.69 -19.62
C VAL I 354 57.26 -64.86 -20.65
N LYS I 355 56.66 -64.74 -21.83
CA LYS I 355 57.24 -63.98 -22.92
C LYS I 355 56.13 -63.16 -23.59
N PRO I 356 56.34 -61.86 -23.83
CA PRO I 356 55.33 -61.08 -24.54
C PRO I 356 55.12 -61.60 -25.95
N THR I 357 53.88 -61.45 -26.43
CA THR I 357 53.53 -61.86 -27.79
C THR I 357 53.51 -60.70 -28.77
N LEU I 358 53.18 -59.50 -28.32
CA LEU I 358 53.11 -58.33 -29.19
C LEU I 358 54.30 -57.42 -28.94
N PRO I 359 54.99 -56.96 -29.98
CA PRO I 359 56.11 -56.02 -29.76
C PRO I 359 55.61 -54.72 -29.15
N ALA I 360 56.47 -54.11 -28.34
CA ALA I 360 56.13 -52.84 -27.72
C ALA I 360 55.92 -51.78 -28.79
N ARG I 361 54.81 -51.04 -28.67
CA ARG I 361 54.48 -49.99 -29.62
C ARG I 361 53.84 -48.83 -28.88
N SER I 362 54.02 -47.63 -29.43
CA SER I 362 53.46 -46.44 -28.82
C SER I 362 51.93 -46.52 -28.80
N GLY I 363 51.34 -46.06 -27.71
CA GLY I 363 49.90 -46.07 -27.56
C GLY I 363 49.30 -47.41 -27.17
N ARG I 364 50.14 -48.42 -26.93
CA ARG I 364 49.69 -49.75 -26.55
C ARG I 364 50.32 -50.13 -25.22
N ASN I 365 49.50 -50.59 -24.29
CA ASN I 365 50.00 -50.98 -22.98
C ASN I 365 50.83 -52.25 -23.09
N PRO I 366 52.11 -52.24 -22.70
CA PRO I 366 52.88 -53.49 -22.69
C PRO I 366 52.29 -54.48 -21.71
N ALA I 367 52.45 -55.77 -22.02
CA ALA I 367 51.99 -56.81 -21.11
C ALA I 367 52.84 -56.86 -19.84
N LEU I 368 54.12 -56.50 -19.94
CA LEU I 368 55.04 -56.55 -18.82
C LEU I 368 55.77 -55.23 -18.69
N THR I 369 56.28 -54.96 -17.48
CA THR I 369 56.99 -53.73 -17.19
C THR I 369 58.31 -54.06 -16.49
N SER I 370 59.32 -53.25 -16.78
CA SER I 370 60.57 -53.33 -16.06
C SER I 370 60.41 -52.78 -14.64
N LEU I 371 61.33 -53.16 -13.77
CA LEU I 371 61.33 -52.70 -12.38
C LEU I 371 62.62 -51.94 -12.10
N HIS I 372 62.50 -50.94 -11.21
CA HIS I 372 63.62 -50.06 -10.89
C HIS I 372 63.86 -50.07 -9.39
N GLN I 373 65.11 -49.82 -9.01
CA GLN I 373 65.48 -49.85 -7.59
C GLN I 373 64.76 -48.73 -6.84
N GLY I 374 64.42 -49.01 -5.58
CA GLY I 374 63.70 -48.04 -4.78
C GLY I 374 64.50 -46.78 -4.52
N SER I 375 63.78 -45.74 -4.12
CA SER I 375 64.42 -44.43 -3.92
C SER I 375 65.43 -44.48 -2.77
N GLY I 376 65.03 -45.02 -1.63
CA GLY I 376 65.91 -45.07 -0.48
C GLY I 376 65.45 -45.96 0.65
N MET I 377 66.39 -46.48 1.43
CA MET I 377 66.09 -47.31 2.59
C MET I 377 65.20 -48.49 2.22
N THR I 378 65.48 -49.09 1.06
CA THR I 378 64.74 -50.27 0.63
C THR I 378 65.45 -50.90 -0.56
N GLU I 379 65.57 -52.22 -0.55
CA GLU I 379 66.13 -52.98 -1.66
C GLU I 379 65.06 -53.57 -2.55
N GLN I 380 63.78 -53.27 -2.29
CA GLN I 380 62.70 -53.83 -3.08
C GLN I 380 62.55 -53.08 -4.40
N PRO I 381 62.01 -53.73 -5.42
CA PRO I 381 61.79 -53.06 -6.70
C PRO I 381 60.44 -52.33 -6.75
N PHE I 382 60.36 -51.42 -7.71
CA PHE I 382 59.14 -50.64 -7.97
C PHE I 382 58.78 -50.77 -9.45
N VAL I 383 57.49 -50.83 -9.73
CA VAL I 383 57.02 -50.96 -11.11
C VAL I 383 57.31 -49.68 -11.87
N ASP I 384 57.89 -49.80 -13.07
CA ASP I 384 58.19 -48.64 -13.88
C ASP I 384 56.91 -47.93 -14.31
N LEU I 385 55.89 -48.69 -14.70
CA LEU I 385 54.67 -48.10 -15.23
C LEU I 385 53.62 -47.95 -14.13
N PRO I 386 52.70 -46.99 -14.30
CA PRO I 386 51.86 -46.57 -13.17
C PRO I 386 51.17 -47.67 -12.39
N GLN I 387 50.32 -48.47 -13.04
CA GLN I 387 49.39 -49.34 -12.34
C GLN I 387 49.68 -50.82 -12.56
N TYR I 388 50.92 -51.18 -12.80
CA TYR I 388 51.29 -52.59 -12.93
C TYR I 388 51.66 -53.15 -11.56
N GLN I 389 51.72 -54.48 -11.47
CA GLN I 389 51.98 -55.15 -10.21
C GLN I 389 52.82 -56.39 -10.44
N TYR I 390 53.72 -56.67 -9.49
CA TYR I 390 54.45 -57.92 -9.44
C TYR I 390 53.91 -58.77 -8.30
N LEU I 391 54.22 -60.07 -8.35
CA LEU I 391 53.57 -61.04 -7.48
C LEU I 391 54.35 -61.36 -6.22
N SER I 392 55.66 -61.20 -6.22
CA SER I 392 56.48 -61.58 -5.07
C SER I 392 57.46 -60.47 -4.71
N THR I 393 57.72 -60.34 -3.42
CA THR I 393 58.78 -59.44 -2.95
C THR I 393 60.13 -60.06 -3.24
N TYR I 394 61.12 -59.20 -3.50
CA TYR I 394 62.45 -59.66 -3.83
C TYR I 394 63.20 -60.01 -2.55
N PHE I 395 63.71 -61.24 -2.49
CA PHE I 395 64.47 -61.71 -1.33
C PHE I 395 65.95 -61.55 -1.64
N GLY I 396 66.44 -60.36 -1.40
CA GLY I 396 67.83 -60.01 -1.68
C GLY I 396 67.92 -58.54 -2.06
N SER I 397 68.96 -58.23 -2.84
CA SER I 397 69.20 -56.88 -3.35
C SER I 397 68.87 -56.86 -4.83
N PHE I 398 67.94 -55.99 -5.21
CA PHE I 398 67.48 -55.91 -6.59
C PHE I 398 68.35 -54.93 -7.38
N ALA I 399 68.94 -55.41 -8.47
CA ALA I 399 69.71 -54.58 -9.38
C ALA I 399 69.22 -54.87 -10.79
N HIS I 400 68.50 -53.92 -11.39
CA HIS I 400 67.89 -54.14 -12.69
C HIS I 400 68.91 -54.26 -13.81
N ASP I 401 70.18 -53.93 -13.57
CA ASP I 401 71.20 -53.98 -14.60
C ASP I 401 71.90 -55.33 -14.70
N THR I 402 71.63 -56.25 -13.76
CA THR I 402 72.28 -57.55 -13.74
C THR I 402 71.27 -58.64 -13.48
N PRO I 403 71.53 -59.87 -13.94
CA PRO I 403 70.59 -60.96 -13.70
C PRO I 403 70.67 -61.44 -12.26
N PRO I 404 69.61 -62.05 -11.73
CA PRO I 404 68.31 -62.31 -12.37
C PRO I 404 67.36 -61.12 -12.24
N GLY I 405 67.84 -60.00 -11.71
CA GLY I 405 66.99 -58.84 -11.57
C GLY I 405 66.58 -58.26 -12.92
N SER I 406 67.48 -58.28 -13.89
CA SER I 406 67.19 -57.70 -15.19
C SER I 406 66.08 -58.43 -15.92
N THR I 407 65.73 -59.66 -15.50
CA THR I 407 64.68 -60.43 -16.13
C THR I 407 63.40 -60.49 -15.29
N LEU I 408 63.31 -59.71 -14.22
CA LEU I 408 62.10 -59.66 -13.41
C LEU I 408 61.16 -58.59 -13.94
N ARG I 409 59.88 -58.93 -14.02
CA ARG I 409 58.89 -58.07 -14.66
C ARG I 409 57.60 -58.05 -13.85
N GLY I 410 56.84 -56.97 -14.06
CA GLY I 410 55.49 -56.86 -13.54
C GLY I 410 54.46 -57.28 -14.58
N LEU I 411 53.19 -57.05 -14.24
CA LEU I 411 52.09 -57.46 -15.07
C LEU I 411 51.10 -56.31 -15.23
N ARG I 412 50.45 -56.27 -16.39
CA ARG I 412 49.37 -55.33 -16.62
C ARG I 412 48.25 -55.61 -15.62
N PRO I 413 47.49 -54.59 -15.20
CA PRO I 413 46.46 -54.82 -14.17
C PRO I 413 45.40 -55.83 -14.57
N ASP I 414 45.15 -56.04 -15.86
CA ASP I 414 44.16 -57.02 -16.28
C ASP I 414 44.68 -58.45 -16.25
N HIS I 415 45.99 -58.63 -16.06
CA HIS I 415 46.58 -59.97 -16.01
C HIS I 415 46.40 -60.66 -14.66
N VAL I 416 46.00 -59.93 -13.61
CA VAL I 416 46.06 -60.45 -12.25
C VAL I 416 44.70 -60.32 -11.57
N LEU I 417 44.50 -61.17 -10.56
CA LEU I 417 43.33 -61.17 -9.70
C LEU I 417 43.78 -61.26 -8.25
N PRO I 418 43.02 -60.71 -7.31
CA PRO I 418 43.39 -60.82 -5.90
C PRO I 418 43.44 -62.27 -5.43
N GLY I 419 44.43 -62.58 -4.61
CA GLY I 419 44.60 -63.89 -4.04
C GLY I 419 44.32 -63.92 -2.55
N ARG I 420 44.82 -64.95 -1.89
CA ARG I 420 44.70 -65.09 -0.44
C ARG I 420 46.06 -65.48 0.14
N TYR I 421 46.23 -65.15 1.42
CA TYR I 421 47.51 -65.34 2.11
C TYR I 421 47.46 -66.55 3.02
N GLU I 422 48.53 -67.35 2.98
CA GLU I 422 48.77 -68.42 3.94
C GLU I 422 50.02 -68.08 4.72
N MET I 423 49.88 -67.94 6.03
CA MET I 423 50.96 -67.41 6.86
C MET I 423 51.88 -68.52 7.34
N HIS I 424 53.18 -68.23 7.33
CA HIS I 424 54.21 -69.12 7.85
C HIS I 424 55.14 -68.33 8.76
N GLY I 425 55.69 -69.00 9.75
CA GLY I 425 56.59 -68.36 10.69
C GLY I 425 55.90 -67.99 11.98
N ASP I 426 56.70 -67.86 13.05
CA ASP I 426 56.18 -67.61 14.38
C ASP I 426 56.35 -66.17 14.85
N THR I 427 57.24 -65.40 14.21
CA THR I 427 57.51 -64.03 14.62
C THR I 427 57.35 -63.09 13.43
N ILE I 428 57.02 -61.84 13.73
CA ILE I 428 56.83 -60.85 12.67
C ILE I 428 58.10 -60.66 11.87
N SER I 429 59.25 -60.67 12.54
CA SER I 429 60.51 -60.37 11.87
C SER I 429 60.86 -61.38 10.78
N THR I 430 60.29 -62.60 10.85
CA THR I 430 60.63 -63.65 9.91
C THR I 430 59.43 -64.24 9.20
N ALA I 431 58.22 -63.75 9.45
CA ALA I 431 57.02 -64.35 8.87
C ALA I 431 56.91 -64.03 7.37
N VAL I 432 56.29 -64.95 6.64
CA VAL I 432 56.05 -64.78 5.21
C VAL I 432 54.64 -65.21 4.87
N TYR I 433 54.17 -64.74 3.72
CA TYR I 433 52.90 -65.12 3.15
C TYR I 433 53.14 -65.89 1.85
N VAL I 434 52.38 -66.95 1.64
CA VAL I 434 52.36 -67.69 0.39
C VAL I 434 51.02 -67.40 -0.27
N THR I 435 51.07 -66.87 -1.49
CA THR I 435 49.86 -66.42 -2.18
C THR I 435 49.24 -67.59 -2.93
N ARG I 436 48.05 -67.99 -2.51
CA ARG I 436 47.31 -69.06 -3.15
C ARG I 436 46.13 -68.49 -3.92
N PRO I 437 45.77 -69.07 -5.06
CA PRO I 437 44.60 -68.58 -5.79
C PRO I 437 43.31 -68.77 -4.99
N VAL I 438 42.37 -67.87 -5.21
CA VAL I 438 41.04 -68.00 -4.64
C VAL I 438 40.23 -68.98 -5.50
N ASP I 439 39.86 -70.11 -4.91
CA ASP I 439 39.13 -71.13 -5.67
C ASP I 439 37.81 -70.57 -6.17
N VAL I 440 37.53 -70.82 -7.45
CA VAL I 440 36.28 -70.37 -8.07
C VAL I 440 35.68 -71.53 -8.85
N PRO I 441 34.35 -71.58 -9.01
CA PRO I 441 33.75 -72.70 -9.74
C PRO I 441 33.91 -72.59 -11.24
N PHE I 442 34.04 -71.37 -11.75
CA PHE I 442 34.12 -71.13 -13.18
C PHE I 442 35.58 -71.18 -13.63
N PRO I 443 35.94 -72.04 -14.58
CA PRO I 443 37.35 -72.07 -15.02
C PRO I 443 37.84 -70.77 -15.62
N GLU I 444 36.93 -69.88 -16.05
CA GLU I 444 37.35 -68.66 -16.71
C GLU I 444 38.17 -67.77 -15.77
N ASP I 445 37.95 -67.87 -14.47
CA ASP I 445 38.60 -67.01 -13.49
C ASP I 445 39.71 -67.73 -12.72
N GLU I 446 40.12 -68.91 -13.15
CA GLU I 446 41.18 -69.64 -12.46
C GLU I 446 42.50 -68.87 -12.58
N CYS I 447 43.32 -68.98 -11.53
CA CYS I 447 44.61 -68.32 -11.49
C CYS I 447 45.70 -69.33 -11.18
N PHE I 448 46.90 -69.07 -11.70
CA PHE I 448 48.03 -69.95 -11.47
C PHE I 448 48.36 -70.03 -9.98
N ASP I 449 48.73 -71.23 -9.54
CA ASP I 449 49.13 -71.46 -8.15
C ASP I 449 50.66 -71.45 -8.10
N LEU I 450 51.23 -70.25 -8.20
CA LEU I 450 52.68 -70.09 -8.21
C LEU I 450 53.28 -70.02 -6.81
N LYS I 451 52.46 -69.91 -5.77
CA LYS I 451 52.94 -69.85 -4.39
C LYS I 451 53.92 -68.69 -4.21
N SER I 452 53.51 -67.51 -4.66
CA SER I 452 54.36 -66.33 -4.54
C SER I 452 54.63 -66.01 -3.08
N LEU I 453 55.87 -65.61 -2.80
CA LEU I 453 56.32 -65.32 -1.44
C LEU I 453 56.28 -63.81 -1.19
N VAL I 454 55.75 -63.43 -0.03
CA VAL I 454 55.69 -62.03 0.38
C VAL I 454 56.21 -61.92 1.81
N ARG I 455 57.24 -61.12 2.01
CA ARG I 455 57.78 -60.92 3.35
C ARG I 455 56.79 -60.12 4.18
N VAL I 456 56.48 -60.61 5.40
CA VAL I 456 55.48 -59.95 6.21
C VAL I 456 55.94 -58.56 6.63
N LYS I 457 57.18 -58.46 7.11
CA LYS I 457 57.77 -57.19 7.53
C LYS I 457 59.04 -56.95 6.74
N LEU I 458 59.00 -56.01 5.81
CA LEU I 458 60.17 -55.66 5.03
C LEU I 458 61.05 -54.71 5.84
N PRO I 459 62.33 -55.04 6.08
CA PRO I 459 63.20 -54.12 6.80
C PRO I 459 63.26 -52.76 6.12
N GLY I 460 63.73 -51.77 6.87
CA GLY I 460 63.83 -50.43 6.35
C GLY I 460 62.49 -49.71 6.33
N SER I 461 62.39 -48.72 5.45
CA SER I 461 61.18 -47.92 5.32
C SER I 461 61.01 -47.51 3.87
N GLY I 462 59.83 -46.97 3.56
CA GLY I 462 59.53 -46.57 2.19
C GLY I 462 59.48 -47.74 1.23
N ASN I 463 58.99 -48.89 1.69
CA ASN I 463 58.89 -50.06 0.86
C ASN I 463 57.68 -49.97 -0.05
N PRO I 464 57.66 -50.71 -1.16
CA PRO I 464 56.49 -50.71 -2.05
C PRO I 464 55.32 -51.41 -1.39
N PRO I 465 54.10 -51.16 -1.87
CA PRO I 465 52.94 -51.85 -1.30
C PRO I 465 53.06 -53.36 -1.48
N LYS I 466 52.58 -54.10 -0.48
CA LYS I 466 52.70 -55.54 -0.51
C LYS I 466 51.84 -56.12 -1.62
N PRO I 467 52.39 -57.01 -2.46
CA PRO I 467 51.56 -57.61 -3.51
C PRO I 467 50.77 -58.80 -3.00
N ARG I 468 49.50 -58.85 -3.41
CA ARG I 468 48.61 -59.95 -3.06
C ARG I 468 47.86 -60.43 -4.30
N SER I 469 48.57 -60.59 -5.40
CA SER I 469 47.98 -60.88 -6.69
C SER I 469 48.43 -62.26 -7.20
N ALA I 470 47.60 -62.85 -8.06
CA ALA I 470 47.89 -64.11 -8.71
C ALA I 470 47.63 -63.96 -10.20
N LEU I 471 48.43 -64.64 -11.02
CA LEU I 471 48.32 -64.52 -12.47
C LEU I 471 47.13 -65.29 -12.98
N LYS I 472 46.45 -64.73 -13.98
CA LYS I 472 45.31 -65.39 -14.58
C LYS I 472 45.77 -66.50 -15.53
N LYS I 473 45.05 -67.62 -15.51
CA LYS I 473 45.39 -68.73 -16.39
C LYS I 473 45.07 -68.43 -17.84
N SER I 474 43.99 -67.67 -18.10
CA SER I 474 43.56 -67.40 -19.46
C SER I 474 44.50 -66.47 -20.20
N MET I 475 45.47 -65.87 -19.52
CA MET I 475 46.37 -64.90 -20.12
C MET I 475 47.65 -65.51 -20.65
N VAL I 476 47.81 -66.84 -20.55
CA VAL I 476 49.04 -67.52 -20.91
C VAL I 476 48.74 -68.64 -21.89
N LEU I 477 49.58 -68.78 -22.90
CA LEU I 477 49.45 -69.81 -23.93
C LEU I 477 50.61 -70.79 -23.80
N PHE I 478 50.28 -72.08 -23.68
CA PHE I 478 51.27 -73.12 -23.45
C PHE I 478 51.41 -74.02 -24.67
N ASP I 479 52.56 -74.70 -24.74
CA ASP I 479 52.85 -75.73 -25.73
C ASP I 479 52.88 -75.20 -27.16
N SER I 480 52.83 -73.90 -27.35
CA SER I 480 52.90 -73.34 -28.69
C SER I 480 54.32 -73.50 -29.24
N GLY I 481 54.40 -73.68 -30.56
CA GLY I 481 55.68 -73.80 -31.23
C GLY I 481 56.42 -72.50 -31.41
N GLU I 482 55.84 -71.39 -30.97
CA GLU I 482 56.46 -70.07 -31.09
C GLU I 482 57.86 -70.07 -30.48
N ALA J 2 90.46 28.91 16.02
CA ALA J 2 90.42 27.49 16.35
C ALA J 2 90.20 26.67 15.07
N TYR J 3 90.48 25.37 15.15
CA TYR J 3 90.28 24.50 13.99
C TYR J 3 88.80 24.29 13.69
N ALA J 4 87.92 24.46 14.68
CA ALA J 4 86.49 24.28 14.43
C ALA J 4 85.99 25.24 13.37
N GLN J 5 86.69 26.36 13.14
CA GLN J 5 86.39 27.26 12.04
C GLN J 5 87.24 26.84 10.86
N TRP J 6 86.60 26.31 9.82
CA TRP J 6 87.29 25.77 8.67
C TRP J 6 86.41 25.91 7.44
N VAL J 7 87.04 25.81 6.28
CA VAL J 7 86.34 25.86 5.02
C VAL J 7 87.16 25.12 3.98
N ILE J 8 86.46 24.38 3.11
CA ILE J 8 87.07 23.73 1.96
C ILE J 8 86.41 24.33 0.73
N ILE J 9 87.23 24.80 -0.21
CA ILE J 9 86.74 25.39 -1.45
C ILE J 9 87.25 24.52 -2.58
N ILE J 10 86.35 23.82 -3.25
CA ILE J 10 86.70 22.98 -4.40
C ILE J 10 86.32 23.75 -5.66
N ILE J 11 87.30 24.01 -6.51
CA ILE J 11 87.07 24.61 -7.82
C ILE J 11 87.04 23.47 -8.82
N HIS J 12 85.88 23.27 -9.45
CA HIS J 12 85.67 22.18 -10.41
C HIS J 12 85.35 22.80 -11.75
N ASN J 13 86.24 22.61 -12.71
CA ASN J 13 86.04 23.10 -14.07
C ASN J 13 85.20 22.08 -14.83
N VAL J 14 83.93 22.41 -15.05
CA VAL J 14 83.02 21.55 -15.79
C VAL J 14 82.94 21.95 -17.26
N GLY J 15 83.76 22.89 -17.70
CA GLY J 15 83.80 23.36 -19.07
C GLY J 15 84.97 22.79 -19.84
N SER J 16 85.47 23.57 -20.79
CA SER J 16 86.58 23.14 -21.63
C SER J 16 87.60 24.25 -21.85
N GLN J 17 87.67 25.22 -20.93
CA GLN J 17 88.61 26.33 -21.05
C GLN J 17 89.29 26.57 -19.71
N ASP J 18 90.56 26.95 -19.78
CA ASP J 18 91.36 27.08 -18.57
C ASP J 18 90.88 28.25 -17.72
N VAL J 19 91.02 28.10 -16.40
CA VAL J 19 90.68 29.14 -15.44
C VAL J 19 91.79 29.21 -14.42
N LYS J 20 92.21 30.42 -14.08
CA LYS J 20 93.34 30.65 -13.20
C LYS J 20 92.88 31.18 -11.85
N ILE J 21 93.63 30.84 -10.82
CA ILE J 21 93.41 31.34 -9.46
C ILE J 21 94.42 32.47 -9.23
N LYS J 22 93.95 33.58 -8.65
CA LYS J 22 94.81 34.73 -8.44
C LYS J 22 94.45 35.42 -7.13
N ASN J 23 95.45 36.13 -6.59
CA ASN J 23 95.26 37.00 -5.43
C ASN J 23 94.70 36.24 -4.24
N LEU J 24 94.97 34.94 -4.15
CA LEU J 24 94.58 34.18 -2.97
C LEU J 24 95.27 34.73 -1.74
N LYS J 25 94.49 35.06 -0.72
CA LYS J 25 95.02 35.69 0.48
C LYS J 25 94.08 35.40 1.64
N ALA J 26 94.63 34.88 2.73
CA ALA J 26 93.88 34.62 3.95
C ALA J 26 94.28 35.66 4.98
N SER J 27 93.41 36.66 5.20
CA SER J 27 93.69 37.69 6.19
C SER J 27 93.69 37.11 7.60
N TRP J 28 92.80 36.17 7.87
CA TRP J 28 92.73 35.49 9.16
C TRP J 28 92.75 34.00 8.92
N GLY J 29 93.42 33.27 9.82
CA GLY J 29 93.57 31.84 9.65
C GLY J 29 94.81 31.50 8.83
N LYS J 30 94.81 30.28 8.32
CA LYS J 30 95.96 29.77 7.56
C LYS J 30 95.49 28.74 6.55
N LEU J 31 96.03 28.81 5.34
CA LEU J 31 95.87 27.73 4.39
C LEU J 31 96.65 26.51 4.87
N HIS J 32 96.10 25.33 4.62
CA HIS J 32 96.69 24.10 5.12
C HIS J 32 96.45 22.98 4.12
N ALA J 33 96.99 21.80 4.44
CA ALA J 33 96.95 20.66 3.55
C ALA J 33 95.62 19.92 3.67
N ASP J 34 95.43 18.94 2.78
CA ASP J 34 94.20 18.17 2.75
C ASP J 34 94.14 17.22 3.93
N GLY J 35 93.05 17.31 4.70
CA GLY J 35 92.89 16.43 5.85
C GLY J 35 93.95 16.58 6.91
N ASP J 36 94.72 17.67 6.86
CA ASP J 36 95.81 17.90 7.80
C ASP J 36 95.83 19.39 8.12
N LYS J 37 95.15 19.77 9.21
CA LYS J 37 95.11 21.16 9.63
C LYS J 37 96.41 21.62 10.27
N ASP J 38 97.34 20.71 10.54
CA ASP J 38 98.63 21.07 11.11
C ASP J 38 99.66 21.46 10.04
N ALA J 39 99.50 20.93 8.82
CA ALA J 39 100.48 21.16 7.75
C ALA J 39 100.10 22.45 7.02
N GLU J 40 100.58 23.57 7.54
CA GLU J 40 100.33 24.85 6.90
C GLU J 40 101.04 24.93 5.56
N VAL J 41 100.39 25.59 4.60
CA VAL J 41 100.93 25.77 3.26
C VAL J 41 100.75 27.23 2.86
N SER J 42 101.77 27.80 2.23
CA SER J 42 101.71 29.19 1.81
C SER J 42 100.76 29.35 0.61
N ALA J 43 100.26 30.57 0.44
CA ALA J 43 99.37 30.86 -0.67
C ALA J 43 100.05 30.69 -2.02
N SER J 44 101.39 30.71 -2.06
CA SER J 44 102.10 30.54 -3.31
C SER J 44 101.84 29.18 -3.95
N ASN J 45 101.49 28.17 -3.14
CA ASN J 45 101.21 26.85 -3.69
C ASN J 45 100.04 26.88 -4.66
N TYR J 46 99.14 27.85 -4.49
CA TYR J 46 97.94 27.95 -5.33
C TYR J 46 97.92 29.16 -6.23
N GLU J 47 98.43 30.30 -5.78
CA GLU J 47 98.36 31.52 -6.58
C GLU J 47 99.03 31.31 -7.92
N GLY J 48 98.35 31.76 -8.98
CA GLY J 48 98.83 31.60 -10.34
C GLY J 48 98.53 30.26 -10.98
N LYS J 49 97.90 29.33 -10.26
CA LYS J 49 97.66 28.00 -10.79
C LYS J 49 96.47 28.00 -11.75
N ILE J 50 96.50 27.05 -12.68
CA ILE J 50 95.46 26.88 -13.68
C ILE J 50 94.75 25.56 -13.41
N VAL J 51 93.44 25.62 -13.21
CA VAL J 51 92.62 24.42 -13.00
C VAL J 51 92.18 23.95 -14.38
N LYS J 52 92.84 22.91 -14.87
CA LYS J 52 92.56 22.42 -16.21
C LYS J 52 91.11 21.94 -16.30
N PRO J 53 90.50 21.98 -17.49
CA PRO J 53 89.13 21.45 -17.62
C PRO J 53 89.04 20.01 -17.15
N ASP J 54 87.97 19.72 -16.42
CA ASP J 54 87.62 18.37 -16.00
C ASP J 54 88.54 17.86 -14.88
N GLU J 55 89.01 18.74 -14.02
CA GLU J 55 89.71 18.33 -12.80
C GLU J 55 89.50 19.41 -11.74
N LYS J 56 89.67 19.00 -10.48
CA LYS J 56 89.31 19.81 -9.34
C LYS J 56 90.54 20.26 -8.58
N LEU J 57 90.49 21.49 -8.05
CA LEU J 57 91.54 22.03 -7.19
C LEU J 57 90.94 22.40 -5.85
N GLN J 58 91.57 21.94 -4.78
CA GLN J 58 91.04 22.10 -3.42
C GLN J 58 91.85 23.11 -2.64
N ILE J 59 91.16 24.05 -2.00
CA ILE J 59 91.76 25.05 -1.11
C ILE J 59 91.21 24.81 0.28
N ASN J 60 92.09 24.55 1.24
CA ASN J 60 91.68 24.28 2.61
C ASN J 60 92.15 25.42 3.51
N ALA J 61 91.21 26.03 4.23
CA ALA J 61 91.54 27.10 5.15
C ALA J 61 90.94 26.79 6.51
N SER J 62 91.62 27.22 7.57
CA SER J 62 91.17 26.95 8.92
C SER J 62 91.79 27.97 9.87
N GLY J 63 91.15 28.13 11.03
CA GLY J 63 91.67 29.04 12.02
C GLY J 63 92.87 28.48 12.76
N ARG J 64 93.58 29.37 13.44
CA ARG J 64 94.75 28.95 14.23
C ARG J 64 94.32 27.96 15.31
N SER J 65 95.23 27.05 15.64
CA SER J 65 94.90 25.94 16.54
C SER J 65 94.35 26.45 17.86
N ASP J 66 93.12 26.07 18.19
CA ASP J 66 92.49 26.38 19.47
C ASP J 66 92.53 27.87 19.79
N ALA J 67 92.64 28.71 18.76
CA ALA J 67 92.65 30.15 18.94
C ALA J 67 91.24 30.71 18.90
N ALA J 68 91.10 31.94 19.38
CA ALA J 68 89.85 32.67 19.25
C ALA J 68 89.80 33.43 17.94
N GLU J 69 90.09 32.71 16.86
CA GLU J 69 90.20 33.31 15.53
C GLU J 69 89.58 32.39 14.49
N GLY J 70 88.78 32.97 13.61
CA GLY J 70 88.22 32.23 12.49
C GLY J 70 89.16 32.23 11.30
N THR J 71 88.57 32.10 10.11
CA THR J 71 89.32 32.12 8.86
C THR J 71 88.61 33.01 7.86
N THR J 72 89.30 34.04 7.38
CA THR J 72 88.76 34.97 6.40
C THR J 72 89.73 35.10 5.24
N GLY J 73 89.22 35.02 4.02
CA GLY J 73 90.08 35.11 2.86
C GLY J 73 89.34 35.42 1.57
N THR J 74 90.12 35.55 0.51
CA THR J 74 89.62 35.98 -0.79
C THR J 74 90.41 35.31 -1.89
N PHE J 75 89.81 35.25 -3.08
CA PHE J 75 90.55 34.92 -4.29
C PHE J 75 89.74 35.28 -5.52
N ASP J 76 90.44 35.61 -6.60
CA ASP J 76 89.84 35.89 -7.88
C ASP J 76 89.99 34.66 -8.77
N LEU J 77 88.92 34.28 -9.46
CA LEU J 77 89.02 33.34 -10.56
C LEU J 77 89.03 34.14 -11.84
N VAL J 78 90.06 33.95 -12.67
CA VAL J 78 90.35 34.83 -13.79
C VAL J 78 90.53 34.02 -15.05
N ASP J 79 89.97 34.51 -16.16
CA ASP J 79 90.12 33.84 -17.44
C ASP J 79 91.45 34.23 -18.08
N PRO J 80 92.37 33.29 -18.32
CA PRO J 80 93.63 33.64 -18.99
C PRO J 80 93.51 33.81 -20.50
N ALA J 81 92.41 33.36 -21.10
CA ALA J 81 92.26 33.44 -22.55
C ALA J 81 92.07 34.87 -23.03
N ASP J 82 91.70 35.79 -22.13
CA ASP J 82 91.44 37.18 -22.47
C ASP J 82 92.25 38.10 -21.58
N GLY J 83 93.53 37.81 -21.40
CA GLY J 83 94.41 38.67 -20.64
C GLY J 83 94.11 38.73 -19.15
N ASP J 84 93.73 37.60 -18.56
CA ASP J 84 93.56 37.49 -17.11
C ASP J 84 92.54 38.50 -16.59
N LYS J 85 91.38 38.55 -17.24
CA LYS J 85 90.28 39.34 -16.71
C LYS J 85 89.56 38.56 -15.61
N GLN J 86 88.71 39.27 -14.86
CA GLN J 86 88.05 38.65 -13.73
C GLN J 86 86.84 37.84 -14.20
N VAL J 87 86.69 36.66 -13.62
CA VAL J 87 85.49 35.85 -13.77
C VAL J 87 84.59 36.19 -12.61
N ARG J 88 85.04 35.89 -11.38
CA ARG J 88 84.34 36.29 -10.18
C ARG J 88 85.33 36.39 -9.03
N HIS J 89 84.94 37.18 -8.02
CA HIS J 89 85.72 37.43 -6.82
C HIS J 89 85.03 36.75 -5.64
N PHE J 90 85.72 35.83 -4.98
CA PHE J 90 85.15 35.06 -3.89
C PHE J 90 85.73 35.53 -2.56
N TYR J 91 84.84 35.76 -1.60
CA TYR J 91 85.19 36.16 -0.23
C TYR J 91 84.53 35.18 0.72
N TRP J 92 85.33 34.60 1.61
CA TRP J 92 84.82 33.66 2.61
C TRP J 92 85.24 34.13 4.00
N ASP J 93 84.32 34.00 4.95
CA ASP J 93 84.58 34.39 6.34
C ASP J 93 83.83 33.43 7.25
N SER J 94 84.59 32.61 7.98
CA SER J 94 84.06 31.72 9.00
C SER J 94 84.64 32.21 10.32
N PRO J 95 83.96 33.14 11.00
CA PRO J 95 84.52 33.72 12.21
C PRO J 95 84.32 32.85 13.44
N TRP J 96 85.16 33.12 14.45
CA TRP J 96 85.06 32.44 15.73
C TRP J 96 84.11 33.12 16.70
N GLY J 97 83.90 34.42 16.56
CA GLY J 97 83.07 35.16 17.50
C GLY J 97 81.76 35.63 16.91
N SER J 98 81.14 34.78 16.08
CA SER J 98 79.87 35.10 15.47
C SER J 98 79.26 33.82 14.90
N LYS J 99 77.98 33.89 14.58
CA LYS J 99 77.25 32.75 14.02
C LYS J 99 77.09 32.83 12.51
N THR J 100 77.08 34.03 11.94
CA THR J 100 76.79 34.23 10.52
C THR J 100 78.09 34.16 9.74
N ASN J 101 78.30 33.05 9.04
CA ASN J 101 79.40 32.96 8.09
C ASN J 101 79.03 33.70 6.81
N THR J 102 80.06 34.10 6.06
CA THR J 102 79.89 34.89 4.85
C THR J 102 80.54 34.17 3.68
N TRP J 103 79.82 34.07 2.56
CA TRP J 103 80.36 33.51 1.32
C TRP J 103 79.78 34.34 0.18
N THR J 104 80.57 35.30 -0.33
CA THR J 104 80.12 36.22 -1.37
C THR J 104 80.89 35.95 -2.65
N VAL J 105 80.15 35.85 -3.76
CA VAL J 105 80.73 35.68 -5.08
C VAL J 105 80.31 36.92 -5.88
N SER J 106 81.18 37.93 -5.90
CA SER J 106 80.90 39.18 -6.58
C SER J 106 81.60 39.19 -7.94
N GLY J 107 81.42 40.29 -8.67
CA GLY J 107 81.98 40.43 -9.99
C GLY J 107 80.99 40.06 -11.08
N SER J 108 81.37 40.40 -12.32
CA SER J 108 80.51 40.16 -13.46
C SER J 108 81.35 39.74 -14.66
N ASN J 109 80.94 38.65 -15.31
CA ASN J 109 81.56 38.22 -16.56
C ASN J 109 80.54 37.35 -17.28
N THR J 110 79.90 37.90 -18.32
CA THR J 110 78.83 37.18 -19.00
C THR J 110 79.34 35.96 -19.75
N LYS J 111 80.63 35.89 -20.05
CA LYS J 111 81.18 34.76 -20.78
C LYS J 111 81.44 33.55 -19.89
N TRP J 112 81.24 33.67 -18.59
CA TRP J 112 81.44 32.58 -17.65
C TRP J 112 80.19 32.35 -16.81
N MET J 113 79.93 31.09 -16.48
CA MET J 113 78.83 30.70 -15.62
C MET J 113 79.41 29.96 -14.42
N ILE J 114 79.04 30.41 -13.22
CA ILE J 114 79.60 29.89 -11.98
C ILE J 114 78.45 29.50 -11.07
N GLU J 115 78.44 28.25 -10.64
CA GLU J 115 77.52 27.77 -9.63
C GLU J 115 78.30 27.33 -8.41
N TYR J 116 77.67 27.38 -7.24
CA TYR J 116 78.33 26.93 -6.03
C TYR J 116 77.29 26.37 -5.07
N SER J 117 77.71 25.37 -4.29
CA SER J 117 76.80 24.70 -3.38
C SER J 117 77.58 24.11 -2.22
N GLY J 118 76.86 23.79 -1.15
CA GLY J 118 77.43 23.15 0.02
C GLY J 118 77.75 24.09 1.17
N GLN J 119 77.62 25.39 0.98
CA GLN J 119 77.95 26.33 2.05
C GLN J 119 76.92 26.26 3.17
N ASN J 120 77.36 26.61 4.37
CA ASN J 120 76.49 26.72 5.53
C ASN J 120 76.74 28.07 6.18
N LEU J 121 75.71 28.90 6.24
CA LEU J 121 75.82 30.26 6.77
C LEU J 121 75.14 30.44 8.11
N ASP J 122 74.50 29.40 8.65
CA ASP J 122 73.73 29.54 9.88
C ASP J 122 74.66 29.65 11.10
N SER J 123 75.45 28.61 11.35
CA SER J 123 76.36 28.59 12.49
C SER J 123 77.33 27.43 12.33
N GLY J 124 78.46 27.55 13.01
CA GLY J 124 79.48 26.52 12.94
C GLY J 124 80.49 26.78 11.84
N ALA J 125 81.04 25.71 11.26
CA ALA J 125 82.01 25.84 10.19
C ALA J 125 81.32 26.25 8.89
N LEU J 126 82.11 26.71 7.93
CA LEU J 126 81.60 27.14 6.64
C LEU J 126 81.43 26.00 5.65
N GLY J 127 81.94 24.81 5.97
CA GLY J 127 81.66 23.63 5.17
C GLY J 127 82.55 23.47 3.95
N THR J 128 82.12 22.54 3.10
CA THR J 128 82.79 22.20 1.85
C THR J 128 81.96 22.77 0.71
N ILE J 129 82.43 23.90 0.17
CA ILE J 129 81.76 24.58 -0.93
C ILE J 129 82.38 24.10 -2.24
N THR J 130 81.54 23.52 -3.10
CA THR J 130 81.94 23.11 -4.43
C THR J 130 81.46 24.15 -5.44
N VAL J 131 82.37 24.62 -6.28
CA VAL J 131 82.12 25.69 -7.23
C VAL J 131 82.40 25.14 -8.63
N ASP J 132 81.34 25.03 -9.43
CA ASP J 132 81.43 24.56 -10.81
C ASP J 132 81.55 25.78 -11.72
N THR J 133 82.61 25.79 -12.54
CA THR J 133 82.89 26.90 -13.44
C THR J 133 82.82 26.41 -14.88
N LEU J 134 82.22 27.21 -15.77
CA LEU J 134 82.10 26.81 -17.16
C LEU J 134 82.07 28.05 -18.05
N LYS J 135 82.90 28.06 -19.08
CA LYS J 135 82.93 29.16 -20.04
C LYS J 135 82.00 28.85 -21.20
N LYS J 136 81.07 29.75 -21.47
CA LYS J 136 80.12 29.59 -22.58
C LYS J 136 80.15 30.81 -23.49
N ALA K 2 73.64 20.56 20.14
CA ALA K 2 74.20 21.87 19.80
C ALA K 2 74.34 22.03 18.29
N TYR K 3 74.14 23.25 17.81
CA TYR K 3 74.13 23.49 16.37
C TYR K 3 75.52 23.46 15.76
N ALA K 4 76.57 23.70 16.55
CA ALA K 4 77.92 23.68 15.99
C ALA K 4 78.29 22.31 15.44
N GLN K 5 77.62 21.25 15.89
CA GLN K 5 77.80 19.91 15.34
C GLN K 5 76.70 19.67 14.33
N TRP K 6 77.08 19.47 13.06
CA TRP K 6 76.13 19.32 11.97
C TRP K 6 76.76 18.48 10.87
N VAL K 7 75.91 18.01 9.97
CA VAL K 7 76.35 17.23 8.82
C VAL K 7 75.31 17.38 7.72
N ILE K 8 75.79 17.42 6.49
CA ILE K 8 74.95 17.39 5.31
C ILE K 8 75.44 16.22 4.46
N ILE K 9 74.52 15.40 3.98
CA ILE K 9 74.84 14.29 3.09
C ILE K 9 73.99 14.45 1.83
N ILE K 10 74.65 14.59 0.70
CA ILE K 10 73.99 14.77 -0.59
C ILE K 10 74.24 13.51 -1.41
N ILE K 11 73.18 12.71 -1.55
CA ILE K 11 73.21 11.51 -2.38
C ILE K 11 72.95 11.92 -3.81
N HIS K 12 73.86 11.55 -4.72
CA HIS K 12 73.78 11.89 -6.13
C HIS K 12 73.82 10.60 -6.93
N ASN K 13 72.71 10.24 -7.53
CA ASN K 13 72.61 9.00 -8.31
C ASN K 13 73.15 9.25 -9.70
N VAL K 14 74.47 9.13 -9.84
CA VAL K 14 75.11 9.36 -11.14
C VAL K 14 74.78 8.26 -12.13
N GLY K 15 74.27 7.12 -11.66
CA GLY K 15 73.98 6.00 -12.52
C GLY K 15 72.68 6.20 -13.28
N SER K 16 72.19 5.09 -13.85
CA SER K 16 70.99 5.11 -14.69
C SER K 16 69.85 4.27 -14.14
N GLN K 17 69.97 3.75 -12.92
CA GLN K 17 68.91 2.95 -12.30
C GLN K 17 68.66 3.44 -10.89
N ASP K 18 67.44 3.21 -10.40
CA ASP K 18 67.00 3.79 -9.15
C ASP K 18 67.74 3.22 -7.95
N VAL K 19 67.87 4.03 -6.91
CA VAL K 19 68.40 3.61 -5.62
C VAL K 19 67.47 4.14 -4.53
N LYS K 20 67.16 3.30 -3.55
CA LYS K 20 66.17 3.63 -2.53
C LYS K 20 66.85 3.82 -1.18
N ILE K 21 66.38 4.80 -0.43
CA ILE K 21 66.84 5.00 0.95
C ILE K 21 65.99 4.15 1.88
N LYS K 22 66.60 3.66 2.95
CA LYS K 22 65.88 2.81 3.90
C LYS K 22 66.51 2.94 5.28
N ASN K 23 65.72 2.63 6.29
CA ASN K 23 66.19 2.54 7.67
C ASN K 23 66.89 3.81 8.12
N LEU K 24 66.54 4.95 7.55
CA LEU K 24 67.09 6.21 8.01
C LEU K 24 66.67 6.45 9.46
N LYS K 25 67.64 6.77 10.30
CA LYS K 25 67.39 6.91 11.73
C LYS K 25 68.44 7.83 12.32
N ALA K 26 67.99 8.90 12.97
CA ALA K 26 68.87 9.83 13.67
C ALA K 26 68.83 9.45 15.14
N SER K 27 69.82 8.68 15.59
CA SER K 27 69.84 8.24 16.98
C SER K 27 70.09 9.41 17.92
N TRP K 28 70.86 10.40 17.48
CA TRP K 28 71.17 11.57 18.28
C TRP K 28 70.98 12.80 17.41
N GLY K 29 70.68 13.93 18.06
CA GLY K 29 70.40 15.14 17.31
C GLY K 29 69.07 15.06 16.59
N LYS K 30 68.96 15.82 15.49
CA LYS K 30 67.71 15.93 14.75
C LYS K 30 68.00 16.22 13.29
N LEU K 31 67.11 15.74 12.42
CA LEU K 31 67.12 16.17 11.03
C LEU K 31 66.41 17.51 10.89
N HIS K 32 66.62 18.16 9.76
CA HIS K 32 66.02 19.48 9.52
C HIS K 32 66.09 19.79 8.04
N ALA K 33 65.32 20.81 7.65
CA ALA K 33 65.27 21.24 6.26
C ALA K 33 66.45 22.15 5.93
N ASP K 34 66.89 22.09 4.68
CA ASP K 34 68.09 22.81 4.26
C ASP K 34 68.01 24.28 4.61
N GLY K 35 69.07 24.79 5.24
CA GLY K 35 69.18 26.20 5.54
C GLY K 35 68.48 26.66 6.79
N ASP K 36 67.79 25.76 7.50
CA ASP K 36 67.03 26.11 8.72
C ASP K 36 67.19 24.96 9.70
N LYS K 37 68.16 25.07 10.59
CA LYS K 37 68.33 24.06 11.63
C LYS K 37 67.15 24.05 12.60
N ASP K 38 66.36 25.13 12.65
CA ASP K 38 65.19 25.16 13.52
C ASP K 38 64.05 24.32 12.96
N ALA K 39 63.91 24.25 11.63
CA ALA K 39 62.81 23.54 10.99
C ALA K 39 63.11 22.04 11.00
N GLU K 40 62.79 21.41 12.14
CA GLU K 40 63.00 19.98 12.26
C GLU K 40 62.08 19.22 11.31
N VAL K 41 62.57 18.07 10.83
CA VAL K 41 61.82 17.23 9.91
C VAL K 41 61.89 15.79 10.41
N SER K 42 60.93 14.98 9.97
CA SER K 42 60.82 13.60 10.38
C SER K 42 61.56 12.68 9.40
N ALA K 43 62.02 11.54 9.92
CA ALA K 43 62.70 10.57 9.08
C ALA K 43 61.79 10.02 7.99
N SER K 44 60.48 9.99 8.22
CA SER K 44 59.55 9.51 7.21
C SER K 44 59.57 10.38 5.96
N ASN K 45 60.02 11.63 6.07
CA ASN K 45 60.13 12.50 4.91
C ASN K 45 61.13 11.96 3.89
N TYR K 46 62.01 11.04 4.29
CA TYR K 46 63.00 10.46 3.39
C TYR K 46 62.96 8.93 3.34
N GLU K 47 62.38 8.27 4.35
CA GLU K 47 62.33 6.81 4.36
C GLU K 47 61.63 6.29 3.11
N GLY K 48 62.25 5.31 2.47
CA GLY K 48 61.66 4.69 1.31
C GLY K 48 61.71 5.51 0.04
N LYS K 49 62.41 6.64 0.06
CA LYS K 49 62.44 7.50 -1.12
C LYS K 49 63.32 6.90 -2.21
N ILE K 50 62.88 7.09 -3.45
CA ILE K 50 63.61 6.67 -4.64
C ILE K 50 64.37 7.88 -5.17
N VAL K 51 65.67 7.73 -5.37
CA VAL K 51 66.49 8.74 -6.01
C VAL K 51 66.60 8.34 -7.48
N LYS K 52 65.85 9.01 -8.34
CA LYS K 52 65.89 8.71 -9.76
C LYS K 52 67.26 9.09 -10.33
N PRO K 53 67.66 8.48 -11.44
CA PRO K 53 68.97 8.81 -12.02
C PRO K 53 69.08 10.30 -12.34
N ASP K 54 70.26 10.85 -12.08
CA ASP K 54 70.59 12.26 -12.23
C ASP K 54 69.94 13.12 -11.16
N GLU K 55 69.28 12.55 -10.17
CA GLU K 55 68.64 13.29 -9.11
C GLU K 55 69.56 13.39 -7.89
N LYS K 56 69.36 14.44 -7.11
CA LYS K 56 70.13 14.68 -5.90
C LYS K 56 69.19 14.80 -4.71
N LEU K 57 69.56 14.17 -3.60
CA LEU K 57 68.75 14.17 -2.39
C LEU K 57 69.62 14.58 -1.20
N GLN K 58 69.17 15.58 -0.45
CA GLN K 58 69.95 16.15 0.64
C GLN K 58 69.32 15.77 1.97
N ILE K 59 70.15 15.29 2.90
CA ILE K 59 69.74 15.04 4.27
C ILE K 59 70.62 15.89 5.18
N ASN K 60 69.99 16.73 5.99
CA ASN K 60 70.68 17.63 6.90
C ASN K 60 70.39 17.21 8.33
N ALA K 61 71.46 17.01 9.11
CA ALA K 61 71.33 16.67 10.52
C ALA K 61 72.22 17.61 11.33
N SER K 62 71.85 17.80 12.59
CA SER K 62 72.62 18.66 13.48
C SER K 62 72.13 18.45 14.90
N GLY K 63 72.91 18.94 15.85
CA GLY K 63 72.52 18.84 17.25
C GLY K 63 71.28 19.67 17.55
N ARG K 64 70.68 19.40 18.70
CA ARG K 64 69.47 20.09 19.11
C ARG K 64 69.83 21.48 19.63
N SER K 65 68.84 22.18 20.19
CA SER K 65 69.00 23.57 20.60
C SER K 65 69.84 23.70 21.87
N ASP K 66 71.13 23.98 21.72
CA ASP K 66 72.06 24.31 22.79
C ASP K 66 72.38 23.13 23.70
N ALA K 67 71.79 21.96 23.47
CA ALA K 67 72.14 20.80 24.28
C ALA K 67 73.60 20.44 24.08
N ALA K 68 74.17 19.75 25.06
CA ALA K 68 75.52 19.22 24.92
C ALA K 68 75.59 18.05 23.94
N GLU K 69 74.49 17.74 23.26
CA GLU K 69 74.48 16.62 22.34
C GLU K 69 75.20 16.98 21.04
N GLY K 70 75.73 15.95 20.38
CA GLY K 70 76.22 16.09 19.03
C GLY K 70 75.16 15.63 18.06
N THR K 71 75.56 14.83 17.07
CA THR K 71 74.61 14.18 16.19
C THR K 71 75.15 12.83 15.79
N THR K 72 74.24 11.90 15.50
CA THR K 72 74.61 10.55 15.09
C THR K 72 73.43 9.92 14.38
N GLY K 73 73.72 9.15 13.34
CA GLY K 73 72.64 8.51 12.59
C GLY K 73 73.18 7.47 11.64
N THR K 74 72.25 6.73 11.05
CA THR K 74 72.57 5.66 10.12
C THR K 74 71.44 5.51 9.12
N PHE K 75 71.76 4.91 7.98
CA PHE K 75 70.76 4.59 6.96
C PHE K 75 71.36 3.58 6.00
N ASP K 76 70.55 3.17 5.02
CA ASP K 76 70.95 2.17 4.05
C ASP K 76 70.52 2.59 2.65
N LEU K 77 71.43 2.44 1.70
CA LEU K 77 71.07 2.50 0.29
C LEU K 77 70.81 1.08 -0.18
N VAL K 78 69.67 0.88 -0.86
CA VAL K 78 69.25 -0.43 -1.34
C VAL K 78 68.83 -0.31 -2.81
N ASP K 79 68.77 -1.47 -3.47
CA ASP K 79 68.45 -1.53 -4.89
C ASP K 79 66.98 -1.90 -5.04
N PRO K 80 66.11 -0.98 -5.47
CA PRO K 80 64.69 -1.37 -5.66
C PRO K 80 64.49 -2.43 -6.72
N ALA K 81 65.38 -2.52 -7.70
CA ALA K 81 65.22 -3.44 -8.82
C ALA K 81 65.75 -4.84 -8.52
N ASP K 82 66.32 -5.07 -7.34
CA ASP K 82 66.87 -6.37 -6.96
C ASP K 82 66.32 -6.80 -5.61
N GLY K 83 65.00 -6.65 -5.44
CA GLY K 83 64.37 -7.05 -4.19
C GLY K 83 64.89 -6.30 -2.99
N ASP K 84 65.19 -5.01 -3.15
CA ASP K 84 65.68 -4.17 -2.07
C ASP K 84 66.96 -4.74 -1.46
N LYS K 85 67.78 -5.40 -2.28
CA LYS K 85 69.06 -5.90 -1.79
C LYS K 85 69.93 -4.75 -1.33
N GLN K 86 70.57 -4.91 -0.18
CA GLN K 86 71.35 -3.82 0.38
C GLN K 86 72.50 -3.47 -0.54
N VAL K 87 72.59 -2.18 -0.89
CA VAL K 87 73.75 -1.65 -1.59
C VAL K 87 74.83 -1.24 -0.61
N ARG K 88 74.48 -0.40 0.36
CA ARG K 88 75.47 0.07 1.33
C ARG K 88 74.77 0.48 2.62
N HIS K 89 75.57 0.56 3.67
CA HIS K 89 75.13 0.95 5.01
C HIS K 89 75.99 2.12 5.46
N PHE K 90 75.37 3.27 5.68
CA PHE K 90 76.08 4.49 6.03
C PHE K 90 75.83 4.85 7.48
N TYR K 91 76.90 5.21 8.19
CA TYR K 91 76.84 5.63 9.58
C TYR K 91 77.62 6.94 9.72
N TRP K 92 77.01 7.93 10.36
CA TRP K 92 77.65 9.21 10.58
C TRP K 92 77.55 9.58 12.06
N ASP K 93 78.61 10.23 12.55
CA ASP K 93 78.68 10.63 13.95
C ASP K 93 79.55 11.87 14.07
N SER K 94 78.97 12.97 14.54
CA SER K 94 79.69 14.20 14.86
C SER K 94 79.44 14.47 16.33
N PRO K 95 80.28 13.94 17.23
CA PRO K 95 80.01 14.08 18.66
C PRO K 95 80.37 15.46 19.19
N TRP K 96 79.68 15.85 20.27
CA TRP K 96 79.95 17.12 20.93
C TRP K 96 81.13 17.02 21.89
N GLY K 97 81.26 15.90 22.60
CA GLY K 97 82.37 15.73 23.52
C GLY K 97 83.66 15.38 22.82
N SER K 98 83.68 14.24 22.14
CA SER K 98 84.88 13.83 21.43
C SER K 98 85.13 14.74 20.24
N LYS K 99 86.40 15.05 20.01
CA LYS K 99 86.77 15.93 18.90
C LYS K 99 86.66 15.20 17.56
N THR K 100 87.10 13.95 17.51
CA THR K 100 87.13 13.21 16.26
C THR K 100 85.73 12.82 15.83
N ASN K 101 85.43 13.03 14.55
CA ASN K 101 84.15 12.64 13.97
C ASN K 101 84.26 11.23 13.39
N THR K 102 83.23 10.79 12.68
CA THR K 102 83.25 9.45 12.10
C THR K 102 82.24 9.39 10.96
N TRP K 103 82.69 8.91 9.80
CA TRP K 103 81.82 8.64 8.67
C TRP K 103 82.23 7.29 8.09
N THR K 104 81.38 6.28 8.25
CA THR K 104 81.68 4.91 7.88
C THR K 104 80.70 4.42 6.84
N VAL K 105 81.21 3.83 5.77
CA VAL K 105 80.40 3.19 4.74
C VAL K 105 80.78 1.72 4.72
N SER K 106 79.82 0.86 4.99
CA SER K 106 80.02 -0.59 5.00
C SER K 106 79.09 -1.23 3.97
N GLY K 107 79.33 -2.51 3.72
CA GLY K 107 78.57 -3.25 2.73
C GLY K 107 79.49 -3.85 1.69
N SER K 108 78.91 -4.78 0.92
CA SER K 108 79.70 -5.52 -0.04
C SER K 108 79.02 -5.71 -1.39
N ASN K 109 77.93 -4.98 -1.67
CA ASN K 109 77.29 -5.09 -2.97
C ASN K 109 78.29 -4.74 -4.08
N THR K 110 78.48 -5.68 -5.01
CA THR K 110 79.54 -5.57 -5.99
C THR K 110 79.10 -4.98 -7.31
N LYS K 111 77.81 -5.04 -7.64
CA LYS K 111 77.28 -4.41 -8.85
C LYS K 111 76.95 -2.94 -8.65
N TRP K 112 77.51 -2.32 -7.61
CA TRP K 112 77.31 -0.90 -7.34
C TRP K 112 78.66 -0.25 -7.05
N MET K 113 78.79 1.01 -7.44
CA MET K 113 79.94 1.83 -7.14
C MET K 113 79.49 3.05 -6.35
N ILE K 114 80.07 3.22 -5.16
CA ILE K 114 79.74 4.32 -4.27
C ILE K 114 81.02 5.07 -3.95
N GLU K 115 80.99 6.39 -4.10
CA GLU K 115 82.16 7.22 -3.82
C GLU K 115 81.72 8.41 -2.97
N TYR K 116 82.27 8.52 -1.77
CA TYR K 116 81.93 9.58 -0.83
C TYR K 116 83.14 10.49 -0.64
N SER K 117 82.88 11.80 -0.56
CA SER K 117 83.97 12.75 -0.40
C SER K 117 83.45 14.00 0.31
N GLY K 118 84.36 14.70 0.98
CA GLY K 118 84.07 15.98 1.61
C GLY K 118 83.99 15.95 3.11
N GLN K 119 84.15 14.78 3.74
CA GLN K 119 84.01 14.70 5.19
C GLN K 119 85.22 15.30 5.89
N ASN K 120 85.01 15.78 7.12
CA ASN K 120 86.07 16.24 8.00
C ASN K 120 86.06 15.39 9.25
N LEU K 121 87.24 14.89 9.64
CA LEU K 121 87.36 13.95 10.75
C LEU K 121 88.21 14.45 11.91
N ASP K 122 88.88 15.59 11.77
CA ASP K 122 89.79 16.05 12.83
C ASP K 122 89.03 16.69 13.97
N SER K 123 88.31 17.77 13.71
CA SER K 123 87.60 18.50 14.75
C SER K 123 86.48 19.31 14.10
N GLY K 124 85.58 19.81 14.93
CA GLY K 124 84.47 20.60 14.44
C GLY K 124 83.38 19.75 13.83
N ALA K 125 82.53 20.40 13.02
CA ALA K 125 81.42 19.71 12.39
C ALA K 125 81.93 18.69 11.37
N LEU K 126 81.11 17.67 11.12
CA LEU K 126 81.48 16.64 10.16
C LEU K 126 81.52 17.20 8.74
N GLY K 127 80.68 18.18 8.43
CA GLY K 127 80.74 18.87 7.16
C GLY K 127 79.72 18.36 6.16
N THR K 128 80.03 18.62 4.89
CA THR K 128 79.20 18.20 3.77
C THR K 128 79.86 17.04 3.06
N ILE K 129 79.09 15.98 2.81
CA ILE K 129 79.58 14.75 2.21
C ILE K 129 78.75 14.46 0.97
N THR K 130 79.41 14.42 -0.18
CA THR K 130 78.80 14.05 -1.45
C THR K 130 79.03 12.56 -1.68
N VAL K 131 77.94 11.84 -1.93
CA VAL K 131 78.00 10.39 -2.16
C VAL K 131 77.44 10.15 -3.55
N ASP K 132 78.33 9.90 -4.51
CA ASP K 132 77.95 9.53 -5.86
C ASP K 132 77.72 8.03 -5.93
N THR K 133 76.55 7.64 -6.41
CA THR K 133 76.16 6.23 -6.52
C THR K 133 75.90 5.89 -7.98
N LEU K 134 76.34 4.70 -8.37
CA LEU K 134 76.14 4.23 -9.74
C LEU K 134 75.98 2.72 -9.71
N LYS K 135 75.20 2.20 -10.64
CA LYS K 135 75.01 0.76 -10.81
C LYS K 135 75.67 0.33 -12.11
N LYS K 136 76.63 -0.59 -12.02
CA LYS K 136 77.36 -1.06 -13.19
C LYS K 136 76.41 -1.69 -14.20
N GLN L 10 19.79 -18.08 -47.62
CA GLN L 10 21.01 -17.36 -47.24
C GLN L 10 21.53 -17.86 -45.90
N ALA L 11 20.63 -18.24 -45.01
CA ALA L 11 21.04 -18.74 -43.70
C ALA L 11 21.87 -20.00 -43.88
N GLY L 12 22.94 -20.10 -43.09
CA GLY L 12 23.88 -21.20 -43.23
C GLY L 12 24.91 -20.99 -44.33
N ASP L 13 24.95 -19.82 -44.95
CA ASP L 13 25.92 -19.55 -46.01
C ASP L 13 27.28 -19.25 -45.40
N THR L 14 28.33 -19.67 -46.09
CA THR L 14 29.70 -19.53 -45.61
C THR L 14 30.55 -18.82 -46.66
N LEU L 15 31.82 -18.60 -46.29
CA LEU L 15 32.78 -18.05 -47.23
C LEU L 15 32.87 -18.91 -48.48
N ASN L 16 32.62 -20.21 -48.36
CA ASN L 16 32.64 -21.06 -49.54
C ASN L 16 31.56 -20.64 -50.52
N ASP L 17 30.33 -20.42 -50.04
CA ASP L 17 29.26 -19.98 -50.95
C ASP L 17 29.57 -18.60 -51.51
N VAL L 18 30.08 -17.70 -50.67
CA VAL L 18 30.39 -16.35 -51.14
C VAL L 18 31.42 -16.40 -52.25
N ILE L 19 32.45 -17.24 -52.10
CA ILE L 19 33.48 -17.36 -53.12
C ILE L 19 32.96 -18.07 -54.36
N GLN L 20 32.08 -19.07 -54.18
CA GLN L 20 31.55 -19.78 -55.34
C GLN L 20 30.74 -18.85 -56.24
N ASP L 21 29.93 -17.98 -55.64
CA ASP L 21 29.15 -17.05 -56.45
C ASP L 21 30.05 -15.94 -56.97
N PRO L 22 30.20 -15.76 -58.28
CA PRO L 22 31.11 -14.71 -58.77
C PRO L 22 30.72 -13.31 -58.32
N THR L 23 29.43 -13.00 -58.27
CA THR L 23 29.01 -11.67 -57.84
C THR L 23 29.35 -11.42 -56.39
N ARG L 24 29.02 -12.37 -55.51
CA ARG L 24 29.30 -12.21 -54.09
C ARG L 24 30.79 -12.17 -53.82
N ARG L 25 31.57 -12.99 -54.54
CA ARG L 25 33.01 -12.98 -54.36
C ARG L 25 33.61 -11.62 -54.74
N ASN L 26 33.17 -11.06 -55.87
CA ASN L 26 33.66 -9.75 -56.28
C ASN L 26 33.22 -8.67 -55.30
N LYS L 27 31.99 -8.77 -54.79
CA LYS L 27 31.54 -7.81 -53.79
C LYS L 27 32.41 -7.89 -52.54
N LEU L 28 32.73 -9.09 -52.09
CA LEU L 28 33.61 -9.24 -50.93
C LEU L 28 34.98 -8.62 -51.20
N ILE L 29 35.55 -8.91 -52.37
CA ILE L 29 36.87 -8.38 -52.69
C ILE L 29 36.85 -6.86 -52.69
N ASN L 30 35.83 -6.28 -53.32
CA ASN L 30 35.76 -4.82 -53.42
C ASN L 30 35.52 -4.18 -52.06
N ASP L 31 34.56 -4.70 -51.30
CA ASP L 31 34.22 -4.11 -50.01
C ASP L 31 35.33 -4.28 -48.99
N ASN L 32 36.21 -5.27 -49.15
CA ASN L 32 37.31 -5.47 -48.22
C ASN L 32 38.65 -4.97 -48.76
N ASN L 33 38.69 -4.46 -49.99
CA ASN L 33 39.91 -3.85 -50.53
C ASN L 33 41.05 -4.86 -50.57
N LEU L 34 40.71 -6.09 -50.97
CA LEU L 34 41.68 -7.17 -50.92
C LEU L 34 42.73 -7.06 -52.02
N LEU L 35 42.48 -6.25 -53.04
CA LEU L 35 43.43 -6.07 -54.13
C LEU L 35 44.34 -4.86 -53.92
N LYS L 36 44.22 -4.16 -52.81
CA LYS L 36 44.94 -2.91 -52.58
C LYS L 36 45.91 -3.06 -51.40
N GLY L 37 47.06 -2.40 -51.50
CA GLY L 37 48.01 -2.38 -50.42
C GLY L 37 47.65 -1.35 -49.36
N ILE L 38 48.40 -1.38 -48.27
CA ILE L 38 48.19 -0.49 -47.14
C ILE L 38 49.30 0.54 -47.11
N ILE L 39 48.94 1.82 -46.94
CA ILE L 39 49.88 2.92 -47.17
C ILE L 39 50.78 3.20 -45.96
N MET L 40 50.43 2.71 -44.77
CA MET L 40 51.31 2.86 -43.62
C MET L 40 51.90 4.26 -43.54
N GLY L 41 51.04 5.27 -43.39
CA GLY L 41 51.47 6.65 -43.44
C GLY L 41 51.24 7.38 -42.14
N ARG L 42 51.19 8.71 -42.20
CA ARG L 42 51.06 9.49 -40.99
C ARG L 42 49.73 9.25 -40.29
N ASP L 43 48.71 8.88 -41.04
CA ASP L 43 47.39 8.61 -40.48
C ASP L 43 47.18 7.16 -40.09
N GLY L 44 48.20 6.31 -40.26
CA GLY L 44 48.09 4.91 -39.92
C GLY L 44 47.95 4.03 -41.15
N PRO L 45 47.69 2.74 -40.94
CA PRO L 45 47.54 1.79 -42.05
C PRO L 45 46.21 1.91 -42.78
N VAL L 46 46.14 2.88 -43.69
CA VAL L 46 44.94 3.11 -44.49
C VAL L 46 45.13 2.44 -45.85
N PRO L 47 44.17 1.68 -46.35
CA PRO L 47 44.34 1.07 -47.68
C PRO L 47 44.39 2.12 -48.77
N SER L 48 45.16 1.82 -49.81
CA SER L 48 45.25 2.71 -50.95
C SER L 48 43.97 2.61 -51.79
N SER L 49 43.81 3.56 -52.70
CA SER L 49 42.67 3.60 -53.60
C SER L 49 43.03 3.12 -55.01
N ARG L 50 44.22 2.57 -55.18
CA ARG L 50 44.69 2.05 -56.46
C ARG L 50 44.91 0.55 -56.33
N GLU L 51 44.40 -0.22 -57.28
CA GLU L 51 44.56 -1.66 -57.22
C GLU L 51 46.01 -2.04 -57.49
N LEU L 52 46.56 -2.87 -56.61
CA LEU L 52 47.94 -3.31 -56.71
C LEU L 52 48.08 -4.59 -57.52
N ILE L 53 47.22 -5.57 -57.27
CA ILE L 53 47.29 -6.86 -57.94
C ILE L 53 46.11 -6.99 -58.92
N VAL L 54 46.19 -8.01 -59.76
CA VAL L 54 45.14 -8.31 -60.72
C VAL L 54 44.04 -9.10 -60.04
N ARG L 55 42.80 -8.88 -60.47
CA ARG L 55 41.66 -9.55 -59.85
C ARG L 55 41.76 -11.05 -60.04
N PRO L 56 41.81 -11.85 -58.97
CA PRO L 56 41.85 -13.31 -59.15
C PRO L 56 40.51 -13.84 -59.63
N ASP L 57 40.58 -15.02 -60.27
CA ASP L 57 39.37 -15.73 -60.66
C ASP L 57 38.77 -16.54 -59.52
N THR L 58 39.48 -16.69 -58.41
CA THR L 58 38.98 -17.40 -57.24
C THR L 58 39.85 -17.03 -56.05
N LEU L 59 39.43 -17.47 -54.87
CA LEU L 59 40.16 -17.20 -53.63
C LEU L 59 40.35 -18.49 -52.86
N ARG L 60 41.47 -18.55 -52.14
CA ARG L 60 41.74 -19.65 -51.22
C ARG L 60 41.17 -19.27 -49.86
N ALA L 61 40.30 -20.11 -49.31
CA ALA L 61 39.63 -19.77 -48.07
C ALA L 61 39.44 -21.02 -47.22
N ILE L 62 39.34 -20.79 -45.91
CA ILE L 62 39.00 -21.81 -44.93
C ILE L 62 37.85 -21.27 -44.09
N ILE L 63 37.06 -22.19 -43.55
CA ILE L 63 35.89 -21.83 -42.75
C ILE L 63 36.22 -21.99 -41.28
N ASN L 64 35.88 -20.98 -40.49
CA ASN L 64 36.09 -21.01 -39.05
C ASN L 64 35.04 -20.11 -38.40
N ASN L 65 34.28 -20.68 -37.45
CA ASN L 65 33.16 -19.98 -36.84
C ASN L 65 33.26 -19.97 -35.32
N ARG L 66 34.45 -20.14 -34.76
CA ARG L 66 34.63 -20.13 -33.31
C ARG L 66 34.74 -18.70 -32.83
N ALA L 67 33.72 -18.23 -32.11
CA ALA L 67 33.72 -16.89 -31.55
C ALA L 67 34.34 -16.93 -30.16
N THR L 68 35.30 -16.04 -29.92
CA THR L 68 36.06 -16.03 -28.67
C THR L 68 36.76 -14.69 -28.55
N ILE L 69 37.35 -14.46 -27.38
CA ILE L 69 38.05 -13.23 -27.08
C ILE L 69 39.55 -13.53 -27.05
N GLU L 70 40.32 -12.81 -27.85
CA GLU L 70 41.76 -12.94 -27.92
C GLU L 70 42.40 -11.65 -27.40
N THR L 71 43.62 -11.76 -26.90
CA THR L 71 44.37 -10.61 -26.42
C THR L 71 45.80 -10.67 -26.95
N THR L 72 46.34 -9.51 -27.27
CA THR L 72 47.70 -9.39 -27.78
C THR L 72 48.37 -8.19 -27.13
N THR L 73 49.70 -8.26 -27.01
CA THR L 73 50.49 -7.19 -26.44
C THR L 73 51.68 -6.91 -27.34
N MET L 74 52.07 -5.64 -27.38
CA MET L 74 53.16 -5.17 -28.22
C MET L 74 54.05 -4.23 -27.43
N GLU L 75 55.36 -4.31 -27.68
CA GLU L 75 56.32 -3.45 -27.00
C GLU L 75 56.88 -2.36 -27.89
N ALA L 76 56.75 -2.47 -29.21
CA ALA L 76 57.25 -1.44 -30.10
C ALA L 76 56.55 -0.12 -29.84
N GLU L 77 57.21 0.97 -30.21
CA GLU L 77 56.74 2.30 -29.86
C GLU L 77 55.62 2.77 -30.78
N PHE L 78 55.89 2.78 -32.10
CA PHE L 78 54.99 3.41 -33.05
C PHE L 78 53.99 2.45 -33.67
N THR L 79 53.61 1.40 -32.94
CA THR L 79 52.71 0.37 -33.47
C THR L 79 51.29 0.49 -32.93
N GLU L 80 50.91 1.67 -32.40
CA GLU L 80 49.57 1.83 -31.86
C GLU L 80 48.50 1.62 -32.93
N THR L 81 48.68 2.23 -34.10
CA THR L 81 47.68 2.10 -35.15
C THR L 81 47.61 0.67 -35.68
N LEU L 82 48.76 -0.01 -35.78
CA LEU L 82 48.74 -1.40 -36.21
C LEU L 82 47.99 -2.27 -35.22
N MET L 83 48.23 -2.08 -33.92
CA MET L 83 47.48 -2.82 -32.92
C MET L 83 46.00 -2.52 -33.01
N GLU L 84 45.65 -1.25 -33.26
CA GLU L 84 44.24 -0.90 -33.47
C GLU L 84 43.66 -1.56 -34.71
N SER L 85 44.49 -1.82 -35.72
CA SER L 85 44.05 -2.50 -36.92
C SER L 85 44.14 -4.02 -36.80
N ASN L 86 44.58 -4.51 -35.65
CA ASN L 86 44.54 -5.96 -35.35
C ASN L 86 45.56 -6.72 -36.20
N TYR L 87 46.78 -6.21 -36.22
CA TYR L 87 47.89 -6.90 -36.86
C TYR L 87 48.57 -7.79 -35.81
N ASN L 88 48.77 -9.05 -36.16
CA ASN L 88 49.45 -9.95 -35.24
C ASN L 88 50.92 -9.56 -35.13
N SER L 89 51.68 -10.33 -34.34
CA SER L 89 53.05 -9.95 -34.04
C SER L 89 53.90 -9.90 -35.31
N ALA L 90 53.77 -10.91 -36.19
CA ALA L 90 54.59 -10.94 -37.39
C ALA L 90 54.27 -9.76 -38.31
N SER L 91 52.98 -9.47 -38.50
CA SER L 91 52.60 -8.36 -39.36
C SER L 91 53.07 -7.04 -38.78
N VAL L 92 52.95 -6.86 -37.47
CA VAL L 92 53.41 -5.63 -36.83
C VAL L 92 54.92 -5.49 -37.00
N LYS L 93 55.65 -6.60 -36.85
CA LYS L 93 57.10 -6.55 -37.03
C LYS L 93 57.45 -6.17 -38.46
N VAL L 94 56.73 -6.71 -39.43
CA VAL L 94 57.03 -6.40 -40.84
C VAL L 94 56.71 -4.95 -41.15
N SER L 95 55.62 -4.42 -40.60
CA SER L 95 55.16 -3.09 -40.93
C SER L 95 55.79 -1.99 -40.09
N ALA L 96 56.45 -2.32 -38.99
CA ALA L 96 56.97 -1.28 -38.11
C ALA L 96 57.92 -0.31 -38.79
N PRO L 97 58.87 -0.74 -39.62
CA PRO L 97 59.79 0.24 -40.22
C PRO L 97 59.07 1.35 -40.96
N PHE L 98 58.05 1.02 -41.76
CA PHE L 98 57.36 2.03 -42.54
C PHE L 98 56.56 2.97 -41.64
N ILE L 99 55.84 2.41 -40.66
CA ILE L 99 55.05 3.23 -39.77
C ILE L 99 55.94 4.19 -39.01
N THR L 100 57.06 3.70 -38.47
CA THR L 100 57.98 4.58 -37.78
C THR L 100 58.50 5.66 -38.72
N ALA L 101 58.98 5.27 -39.89
CA ALA L 101 59.55 6.24 -40.83
C ALA L 101 58.56 7.35 -41.16
N ASN L 102 57.29 7.00 -41.37
CA ASN L 102 56.30 7.97 -41.80
C ASN L 102 55.48 8.56 -40.66
N SER L 103 55.76 8.20 -39.41
CA SER L 103 55.00 8.71 -38.28
C SER L 103 55.27 10.20 -38.07
N GLU L 104 54.52 10.79 -37.14
CA GLU L 104 54.71 12.17 -36.73
C GLU L 104 55.32 12.17 -35.33
N TYR L 105 56.62 12.45 -35.25
CA TYR L 105 57.29 12.47 -33.96
C TYR L 105 56.94 13.74 -33.20
N SER L 106 57.01 13.65 -31.87
CA SER L 106 56.72 14.80 -31.02
C SER L 106 57.12 14.46 -29.59
N GLU L 107 57.53 15.48 -28.85
CA GLU L 107 57.81 15.31 -27.43
C GLU L 107 56.48 15.10 -26.70
N SER L 108 56.58 14.85 -25.39
CA SER L 108 55.42 14.60 -24.55
C SER L 108 54.68 13.34 -24.97
N SER L 109 55.33 12.47 -25.73
CA SER L 109 54.70 11.22 -26.15
C SER L 109 54.39 10.36 -24.93
N SER L 110 53.17 9.83 -24.88
CA SER L 110 52.78 9.00 -23.76
C SER L 110 53.63 7.74 -23.65
N PHE L 111 54.32 7.35 -24.72
CA PHE L 111 55.17 6.17 -24.68
C PHE L 111 56.47 6.47 -23.94
N LYS L 112 56.84 5.57 -23.05
CA LYS L 112 58.08 5.67 -22.29
C LYS L 112 58.83 4.36 -22.42
N ASN L 113 60.09 4.45 -22.84
CA ASN L 113 60.95 3.28 -23.01
C ASN L 113 62.32 3.54 -22.42
N THR L 114 62.35 4.19 -21.26
CA THR L 114 63.61 4.49 -20.59
C THR L 114 64.14 3.21 -19.94
N GLU L 115 65.35 3.31 -19.37
CA GLU L 115 65.95 2.14 -18.75
C GLU L 115 65.29 1.76 -17.43
N THR L 116 64.43 2.62 -16.90
CA THR L 116 63.79 2.38 -15.60
C THR L 116 62.33 1.98 -15.71
N GLU L 117 61.60 2.45 -16.73
CA GLU L 117 60.23 2.07 -16.95
C GLU L 117 60.03 1.57 -18.37
N LYS L 118 58.97 0.79 -18.56
CA LYS L 118 58.64 0.17 -19.84
C LYS L 118 57.14 0.36 -20.10
N SER L 119 56.80 0.62 -21.36
CA SER L 119 55.42 0.86 -21.77
C SER L 119 55.02 -0.13 -22.85
N MET L 120 53.75 -0.51 -22.84
CA MET L 120 53.23 -1.55 -23.73
C MET L 120 51.83 -1.16 -24.21
N TYR L 121 51.44 -1.70 -25.35
CA TYR L 121 50.08 -1.61 -25.86
C TYR L 121 49.39 -2.96 -25.71
N THR L 122 48.11 -2.93 -25.35
CA THR L 122 47.31 -4.14 -25.22
C THR L 122 46.03 -3.97 -26.03
N SER L 123 45.56 -5.07 -26.62
CA SER L 123 44.36 -5.05 -27.44
C SER L 123 43.59 -6.35 -27.23
N SER L 124 42.29 -6.23 -27.01
CA SER L 124 41.40 -7.38 -26.85
C SER L 124 40.35 -7.34 -27.94
N ARG L 125 40.26 -8.41 -28.72
CA ARG L 125 39.32 -8.50 -29.84
C ARG L 125 38.32 -9.59 -29.54
N TYR L 126 37.05 -9.22 -29.46
CA TYR L 126 35.94 -10.17 -29.40
C TYR L 126 35.56 -10.48 -30.84
N LEU L 127 35.91 -11.68 -31.30
CA LEU L 127 35.81 -12.05 -32.70
C LEU L 127 34.62 -12.97 -32.93
N PHE L 128 33.91 -12.73 -34.02
CA PHE L 128 32.90 -13.63 -34.56
C PHE L 128 33.35 -13.92 -35.99
N PRO L 129 34.24 -14.89 -36.19
CA PRO L 129 34.84 -15.09 -37.51
C PRO L 129 33.98 -15.97 -38.41
N GLN L 130 34.28 -15.89 -39.70
CA GLN L 130 33.68 -16.74 -40.72
C GLN L 130 34.70 -17.52 -41.52
N GLY L 131 35.97 -17.12 -41.49
CA GLY L 131 37.00 -17.86 -42.21
C GLY L 131 38.23 -16.98 -42.42
N ARG L 132 39.10 -17.47 -43.30
CA ARG L 132 40.36 -16.81 -43.58
C ARG L 132 40.66 -16.93 -45.07
N ILE L 133 41.14 -15.84 -45.66
CA ILE L 133 41.47 -15.77 -47.08
C ILE L 133 42.96 -15.57 -47.21
N ASP L 134 43.57 -16.28 -48.15
CA ASP L 134 45.01 -16.30 -48.32
C ASP L 134 45.37 -16.00 -49.77
N PHE L 135 46.55 -15.41 -49.97
CA PHE L 135 47.09 -15.13 -51.29
C PHE L 135 48.46 -15.77 -51.40
N THR L 136 48.86 -16.10 -52.61
CA THR L 136 50.14 -16.75 -52.88
C THR L 136 51.15 -15.68 -53.29
N THR L 137 52.20 -15.53 -52.49
CA THR L 137 53.26 -14.61 -52.85
C THR L 137 54.18 -15.25 -53.89
N PRO L 138 54.86 -14.45 -54.71
CA PRO L 138 55.81 -15.04 -55.67
C PRO L 138 56.89 -15.86 -55.01
N ASP L 139 57.33 -15.48 -53.81
CA ASP L 139 58.37 -16.22 -53.12
C ASP L 139 57.93 -17.63 -52.75
N SER L 140 56.62 -17.86 -52.62
CA SER L 140 56.14 -19.19 -52.25
C SER L 140 56.52 -20.22 -53.31
N GLY L 141 56.43 -19.86 -54.58
CA GLY L 141 56.80 -20.75 -55.66
C GLY L 141 55.68 -21.59 -56.22
N PHE L 142 54.44 -21.38 -55.79
CA PHE L 142 53.33 -22.15 -56.31
C PHE L 142 52.82 -21.55 -57.62
N ASP L 143 51.90 -22.26 -58.27
CA ASP L 143 51.48 -21.89 -59.61
C ASP L 143 50.42 -20.79 -59.64
N ASP L 144 49.76 -20.51 -58.51
CA ASP L 144 48.69 -19.52 -58.44
C ASP L 144 49.16 -18.21 -57.83
N VAL L 145 50.40 -17.81 -58.10
CA VAL L 145 50.92 -16.57 -57.53
C VAL L 145 50.05 -15.40 -57.95
N ILE L 146 50.03 -14.36 -57.11
CA ILE L 146 49.37 -13.11 -57.46
C ILE L 146 50.21 -12.38 -58.50
N LYS L 147 49.54 -11.71 -59.43
CA LYS L 147 50.21 -10.99 -60.51
C LYS L 147 50.05 -9.50 -60.29
N LEU L 148 51.18 -8.79 -60.21
CA LEU L 148 51.14 -7.35 -60.04
C LEU L 148 50.50 -6.69 -61.25
N SER L 149 49.77 -5.61 -61.00
CA SER L 149 49.05 -4.94 -62.08
C SER L 149 50.04 -4.34 -63.07
N PRO L 150 49.70 -4.32 -64.37
CA PRO L 150 50.60 -3.68 -65.34
C PRO L 150 50.83 -2.22 -65.03
N GLN L 151 49.85 -1.52 -64.45
CA GLN L 151 50.06 -0.12 -64.09
C GLN L 151 51.16 0.02 -63.05
N PHE L 152 51.13 -0.82 -62.01
CA PHE L 152 52.18 -0.77 -60.99
C PHE L 152 53.53 -1.14 -61.58
N THR L 153 53.57 -2.17 -62.42
CA THR L 153 54.84 -2.57 -63.02
C THR L 153 55.41 -1.46 -63.89
N SER L 154 54.56 -0.82 -64.69
CA SER L 154 55.01 0.29 -65.53
C SER L 154 55.47 1.47 -64.68
N GLY L 155 54.78 1.74 -63.57
CA GLY L 155 55.23 2.79 -62.68
C GLY L 155 56.60 2.52 -62.11
N VAL L 156 56.84 1.28 -61.68
CA VAL L 156 58.16 0.92 -61.16
C VAL L 156 59.21 1.08 -62.25
N GLN L 157 58.92 0.62 -63.46
CA GLN L 157 59.89 0.75 -64.55
C GLN L 157 60.20 2.21 -64.85
N ALA L 158 59.17 3.06 -64.89
CA ALA L 158 59.39 4.48 -65.14
C ALA L 158 60.22 5.11 -64.03
N ALA L 159 59.93 4.74 -62.78
CA ALA L 159 60.70 5.28 -61.67
C ALA L 159 62.17 4.89 -61.78
N LEU L 160 62.44 3.63 -62.12
CA LEU L 160 63.81 3.16 -62.22
C LEU L 160 64.51 3.61 -63.51
N ALA L 161 63.77 4.14 -64.48
CA ALA L 161 64.36 4.60 -65.73
C ALA L 161 64.76 6.07 -65.69
N LYS L 162 64.66 6.72 -64.54
CA LYS L 162 64.98 8.14 -64.45
C LYS L 162 66.48 8.36 -64.53
N ALA L 163 66.86 9.61 -64.86
CA ALA L 163 68.25 9.92 -65.17
C ALA L 163 69.15 9.80 -63.95
N THR L 164 68.73 10.35 -62.81
CA THR L 164 69.58 10.47 -61.64
C THR L 164 69.04 9.64 -60.49
N GLY L 165 69.94 9.26 -59.59
CA GLY L 165 69.53 8.47 -58.44
C GLY L 165 68.54 9.19 -57.55
N THR L 166 68.72 10.49 -57.36
CA THR L 166 67.77 11.26 -56.56
C THR L 166 66.39 11.24 -57.20
N GLU L 167 66.32 11.40 -58.52
CA GLU L 167 65.03 11.35 -59.21
C GLU L 167 64.42 9.95 -59.09
N LYS L 168 65.24 8.92 -59.23
CA LYS L 168 64.73 7.55 -59.07
C LYS L 168 64.14 7.35 -57.68
N ARG L 169 64.85 7.81 -56.65
CA ARG L 169 64.36 7.65 -55.29
C ARG L 169 63.08 8.44 -55.06
N GLU L 170 63.00 9.66 -55.59
CA GLU L 170 61.78 10.44 -55.47
C GLU L 170 60.60 9.75 -56.15
N ALA L 171 60.83 9.22 -57.35
CA ALA L 171 59.77 8.51 -58.05
C ALA L 171 59.32 7.29 -57.27
N LEU L 172 60.27 6.52 -56.73
CA LEU L 172 59.92 5.35 -55.94
C LEU L 172 59.13 5.75 -54.69
N GLN L 173 59.54 6.83 -54.04
CA GLN L 173 58.82 7.29 -52.85
C GLN L 173 57.39 7.67 -53.19
N ASN L 174 57.19 8.40 -54.29
CA ASN L 174 55.84 8.74 -54.70
C ASN L 174 55.04 7.50 -55.05
N LEU L 175 55.65 6.56 -55.78
CA LEU L 175 54.94 5.35 -56.17
C LEU L 175 54.50 4.55 -54.97
N PHE L 176 55.37 4.42 -53.96
CA PHE L 176 55.01 3.65 -52.78
C PHE L 176 54.02 4.39 -51.90
N GLN L 177 54.10 5.72 -51.85
CA GLN L 177 53.09 6.49 -51.13
C GLN L 177 51.73 6.35 -51.78
N GLU L 178 51.69 6.14 -53.09
CA GLU L 178 50.41 6.01 -53.79
C GLU L 178 49.87 4.59 -53.71
N TYR L 179 50.71 3.58 -53.93
CA TYR L 179 50.26 2.21 -54.07
C TYR L 179 50.35 1.40 -52.78
N GLY L 180 50.96 1.92 -51.73
CA GLY L 180 51.10 1.21 -50.47
C GLY L 180 52.52 0.71 -50.25
N HIS L 181 52.75 0.26 -49.02
CA HIS L 181 54.04 -0.28 -48.60
C HIS L 181 54.02 -1.78 -48.34
N VAL L 182 52.88 -2.32 -47.92
CA VAL L 182 52.74 -3.75 -47.66
C VAL L 182 51.43 -4.23 -48.28
N PHE L 183 51.34 -5.55 -48.45
CA PHE L 183 50.15 -6.20 -49.00
C PHE L 183 49.72 -7.30 -48.04
N ARG L 184 48.43 -7.32 -47.70
CA ARG L 184 47.91 -8.30 -46.76
C ARG L 184 47.74 -9.64 -47.48
N THR L 185 48.52 -10.64 -47.06
CA THR L 185 48.48 -11.95 -47.68
C THR L 185 47.53 -12.92 -47.00
N LYS L 186 47.24 -12.74 -45.71
CA LYS L 186 46.30 -13.58 -45.00
C LYS L 186 45.40 -12.69 -44.14
N VAL L 187 44.10 -12.77 -44.38
CA VAL L 187 43.15 -11.90 -43.70
C VAL L 187 41.96 -12.73 -43.23
N HIS L 188 41.53 -12.48 -41.99
CA HIS L 188 40.37 -13.15 -41.43
C HIS L 188 39.12 -12.33 -41.71
N ILE L 189 38.02 -13.01 -41.96
CA ILE L 189 36.76 -12.37 -42.30
C ILE L 189 35.77 -12.59 -41.16
N GLY L 190 34.83 -11.67 -41.01
CA GLY L 190 33.81 -11.77 -39.98
C GLY L 190 33.52 -10.46 -39.29
N GLY L 191 33.25 -10.51 -37.99
CA GLY L 191 33.01 -9.32 -37.21
C GLY L 191 33.90 -9.28 -35.98
N VAL L 192 34.14 -8.07 -35.49
CA VAL L 192 35.04 -7.92 -34.35
C VAL L 192 34.70 -6.66 -33.57
N LEU L 193 34.67 -6.80 -32.24
CA LEU L 193 34.61 -5.67 -31.33
C LEU L 193 35.96 -5.56 -30.62
N SER L 194 36.67 -4.46 -30.84
CA SER L 194 38.03 -4.33 -30.35
C SER L 194 38.10 -3.26 -29.27
N ALA L 195 38.91 -3.54 -28.24
CA ALA L 195 39.19 -2.58 -27.18
C ALA L 195 40.70 -2.50 -27.00
N HIS L 196 41.25 -1.29 -27.10
CA HIS L 196 42.69 -1.10 -27.08
C HIS L 196 43.08 -0.14 -25.96
N THR L 197 44.25 -0.36 -25.38
CA THR L 197 44.72 0.48 -24.29
C THR L 197 46.23 0.41 -24.22
N MET L 198 46.80 1.29 -23.39
CA MET L 198 48.24 1.42 -23.21
C MET L 198 48.56 1.49 -21.73
N GLU L 199 49.71 0.93 -21.34
CA GLU L 199 50.10 0.94 -19.94
C GLU L 199 51.61 1.11 -19.82
N THR L 200 52.01 1.98 -18.88
CA THR L 200 53.41 2.18 -18.53
C THR L 200 53.63 1.73 -17.10
N PHE L 201 54.75 1.06 -16.85
CA PHE L 201 55.03 0.52 -15.53
C PHE L 201 56.52 0.37 -15.34
N SER L 202 56.96 0.44 -14.09
CA SER L 202 58.38 0.30 -13.79
C SER L 202 58.86 -1.09 -14.18
N ARG L 203 60.09 -1.15 -14.70
CA ARG L 203 60.66 -2.43 -15.10
C ARG L 203 60.85 -3.36 -13.92
N SER L 204 60.93 -2.83 -12.70
CA SER L 204 61.09 -3.68 -11.52
C SER L 204 59.85 -4.52 -11.27
N GLU L 205 58.67 -4.00 -11.62
CA GLU L 205 57.43 -4.72 -11.36
C GLU L 205 57.37 -6.01 -12.18
N ASN L 206 56.64 -6.99 -11.65
CA ASN L 206 56.49 -8.26 -12.35
C ASN L 206 55.72 -8.05 -13.65
N GLU L 207 56.40 -8.27 -14.77
CA GLU L 207 55.77 -8.06 -16.07
C GLU L 207 54.64 -9.05 -16.31
N THR L 208 54.77 -10.27 -15.80
CA THR L 208 53.76 -11.30 -16.00
C THR L 208 52.64 -11.20 -14.99
N GLU L 209 52.65 -10.16 -14.17
CA GLU L 209 51.49 -9.76 -13.39
C GLU L 209 50.84 -8.49 -13.92
N VAL L 210 51.64 -7.55 -14.40
CA VAL L 210 51.07 -6.38 -15.07
C VAL L 210 50.30 -6.81 -16.31
N LYS L 211 50.89 -7.70 -17.11
CA LYS L 211 50.23 -8.15 -18.33
C LYS L 211 48.94 -8.88 -18.02
N GLN L 212 48.96 -9.77 -17.03
CA GLN L 212 47.76 -10.52 -16.67
C GLN L 212 46.66 -9.60 -16.17
N ASP L 213 47.01 -8.63 -15.31
CA ASP L 213 46.00 -7.72 -14.79
C ASP L 213 45.38 -6.89 -15.92
N VAL L 214 46.22 -6.35 -16.79
CA VAL L 214 45.71 -5.53 -17.89
C VAL L 214 44.84 -6.38 -18.81
N LYS L 215 45.27 -7.61 -19.10
CA LYS L 215 44.48 -8.48 -19.97
C LYS L 215 43.12 -8.78 -19.36
N ALA L 216 43.09 -9.08 -18.06
CA ALA L 216 41.82 -9.37 -17.41
C ALA L 216 40.89 -8.16 -17.49
N GLY L 217 41.41 -6.97 -17.17
CA GLY L 217 40.58 -5.79 -17.22
C GLY L 217 40.02 -5.53 -18.61
N LEU L 218 40.89 -5.58 -19.63
CA LEU L 218 40.46 -5.30 -20.99
C LEU L 218 39.48 -6.35 -21.49
N GLU L 219 39.70 -7.62 -21.15
CA GLU L 219 38.77 -8.67 -21.55
C GLU L 219 37.42 -8.46 -20.91
N GLY L 220 37.38 -8.10 -19.62
CA GLY L 220 36.11 -7.76 -19.01
C GLY L 220 35.43 -6.59 -19.70
N ALA L 221 36.21 -5.60 -20.13
CA ALA L 221 35.64 -4.45 -20.80
C ALA L 221 35.01 -4.83 -22.12
N VAL L 222 35.72 -5.61 -22.93
CA VAL L 222 35.20 -6.02 -24.24
C VAL L 222 34.03 -7.00 -24.09
N LYS L 223 33.87 -7.71 -23.00
CA LYS L 223 32.73 -8.62 -22.89
C LYS L 223 31.46 -7.86 -22.68
N GLY L 224 31.49 -6.84 -21.87
CA GLY L 224 30.32 -6.02 -21.69
C GLY L 224 30.27 -4.86 -22.63
N TRP L 225 30.01 -5.12 -23.89
CA TRP L 225 29.92 -4.08 -24.89
C TRP L 225 29.49 -4.69 -26.20
N GLN L 237 31.95 2.76 -21.41
CA GLN L 237 32.88 3.10 -20.35
C GLN L 237 34.28 3.28 -20.91
N GLY L 238 34.72 4.53 -21.03
CA GLY L 238 36.02 4.82 -21.60
C GLY L 238 37.20 4.59 -20.70
N THR L 239 36.97 4.37 -19.41
CA THR L 239 38.03 4.21 -18.45
C THR L 239 37.75 2.99 -17.57
N ILE L 240 38.79 2.21 -17.30
CA ILE L 240 38.66 0.93 -16.63
C ILE L 240 39.60 0.90 -15.44
N THR L 241 39.17 0.23 -14.37
CA THR L 241 40.00 0.01 -13.19
C THR L 241 40.27 -1.49 -13.07
N THR L 242 41.55 -1.85 -13.03
CA THR L 242 41.93 -3.26 -12.98
C THR L 242 42.00 -3.74 -11.53
N SER L 243 42.38 -5.01 -11.36
CA SER L 243 42.50 -5.58 -10.02
C SER L 243 43.58 -4.88 -9.22
N GLN L 244 44.69 -4.55 -9.85
CA GLN L 244 45.79 -3.83 -9.20
C GLN L 244 45.51 -2.34 -9.05
N ASN L 245 44.26 -1.91 -9.23
CA ASN L 245 43.87 -0.51 -9.13
C ASN L 245 44.54 0.33 -10.22
N ARG L 246 44.91 -0.29 -11.34
CA ARG L 246 45.46 0.45 -12.46
C ARG L 246 44.34 1.09 -13.26
N LYS L 247 44.54 2.35 -13.63
CA LYS L 247 43.56 3.12 -14.38
C LYS L 247 43.95 3.12 -15.86
N LEU L 248 43.08 2.59 -16.71
CA LEU L 248 43.35 2.42 -18.13
C LEU L 248 42.34 3.17 -18.97
N ASN L 249 42.81 3.85 -20.00
CA ASN L 249 41.94 4.48 -21.00
C ASN L 249 41.77 3.53 -22.18
N VAL L 250 40.52 3.25 -22.54
CA VAL L 250 40.21 2.23 -23.53
C VAL L 250 39.56 2.89 -24.73
N LYS L 251 40.04 2.54 -25.93
CA LYS L 251 39.45 2.96 -27.19
C LYS L 251 38.71 1.78 -27.79
N TYR L 252 37.45 2.00 -28.15
CA TYR L 252 36.58 0.95 -28.66
C TYR L 252 36.36 1.12 -30.16
N ILE L 253 36.40 0.00 -30.87
CA ILE L 253 36.17 -0.04 -32.31
C ILE L 253 35.15 -1.12 -32.60
N VAL L 254 34.14 -0.79 -33.40
CA VAL L 254 33.04 -1.69 -33.73
C VAL L 254 33.16 -2.04 -35.21
N ASN L 255 33.25 -3.34 -35.49
CA ASN L 255 33.28 -3.85 -36.85
C ASN L 255 32.37 -5.08 -36.93
N VAL L 256 31.13 -4.91 -36.48
CA VAL L 256 30.15 -5.99 -36.48
C VAL L 256 28.77 -5.39 -36.68
N VAL L 257 27.96 -6.04 -37.51
CA VAL L 257 26.60 -5.58 -37.77
C VAL L 257 25.64 -6.77 -37.78
N GLN L 274 24.36 -12.07 -42.29
CA GLN L 274 24.32 -11.72 -43.71
C GLN L 274 25.74 -11.54 -44.25
N SER L 275 26.03 -12.18 -45.37
CA SER L 275 27.38 -12.16 -45.92
C SER L 275 27.77 -10.79 -46.47
N GLU L 276 26.81 -9.88 -46.66
CA GLU L 276 27.13 -8.58 -47.22
C GLU L 276 27.87 -7.69 -46.24
N HIS L 277 27.78 -7.96 -44.94
CA HIS L 277 28.36 -7.12 -43.91
C HIS L 277 29.67 -7.69 -43.34
N TRP L 278 30.19 -8.76 -43.92
CA TRP L 278 31.45 -9.33 -43.44
C TRP L 278 32.61 -8.42 -43.81
N ARG L 279 33.52 -8.22 -42.87
CA ARG L 279 34.67 -7.34 -43.06
C ARG L 279 35.91 -8.00 -42.49
N VAL L 280 37.07 -7.46 -42.88
CA VAL L 280 38.34 -7.99 -42.38
C VAL L 280 38.45 -7.66 -40.90
N ILE L 281 38.75 -8.69 -40.09
CA ILE L 281 38.82 -8.54 -38.65
C ILE L 281 40.22 -8.75 -38.11
N GLU L 282 41.15 -9.26 -38.91
CA GLU L 282 42.50 -9.52 -38.43
C GLU L 282 43.41 -9.79 -39.62
N VAL L 283 44.66 -9.36 -39.53
CA VAL L 283 45.67 -9.57 -40.56
C VAL L 283 46.72 -10.49 -39.97
N THR L 284 46.85 -11.69 -40.54
CA THR L 284 47.78 -12.68 -40.02
C THR L 284 49.14 -12.63 -40.69
N GLU L 285 49.23 -12.06 -41.89
CA GLU L 285 50.50 -12.00 -42.61
C GLU L 285 50.45 -10.85 -43.60
N VAL L 286 51.56 -10.12 -43.70
CA VAL L 286 51.74 -9.08 -44.69
C VAL L 286 53.12 -9.25 -45.32
N THR L 287 53.23 -8.86 -46.58
CA THR L 287 54.48 -8.94 -47.33
C THR L 287 54.78 -7.58 -47.93
N ALA L 288 56.01 -7.11 -47.77
CA ALA L 288 56.39 -5.82 -48.32
C ALA L 288 56.13 -5.79 -49.82
N VAL L 289 55.59 -4.67 -50.30
CA VAL L 289 55.25 -4.55 -51.70
C VAL L 289 56.48 -4.72 -52.57
N ALA L 290 57.63 -4.22 -52.12
CA ALA L 290 58.86 -4.40 -52.86
C ALA L 290 59.17 -5.88 -53.07
N ASP L 291 58.88 -6.72 -52.08
CA ASP L 291 59.20 -8.14 -52.17
C ASP L 291 58.41 -8.82 -53.28
N LEU L 292 57.31 -8.22 -53.75
CA LEU L 292 56.49 -8.85 -54.78
C LEU L 292 57.08 -8.73 -56.18
N LEU L 293 58.08 -7.88 -56.37
CA LEU L 293 58.66 -7.65 -57.69
C LEU L 293 59.60 -8.79 -58.07
N PRO L 294 59.89 -8.95 -59.35
CA PRO L 294 60.90 -9.94 -59.76
C PRO L 294 62.25 -9.58 -59.19
N GLN L 295 63.07 -10.61 -58.93
CA GLN L 295 64.30 -10.43 -58.17
C GLN L 295 65.21 -9.34 -58.71
N PRO L 296 65.50 -9.27 -60.03
CA PRO L 296 66.44 -8.22 -60.48
C PRO L 296 65.95 -6.81 -60.19
N ILE L 297 64.65 -6.56 -60.29
CA ILE L 297 64.12 -5.24 -59.98
C ILE L 297 63.98 -5.05 -58.47
N ARG L 298 63.67 -6.13 -57.75
CA ARG L 298 63.52 -6.05 -56.29
C ARG L 298 64.84 -5.63 -55.65
N GLY L 299 65.94 -6.19 -56.12
CA GLY L 299 67.24 -5.81 -55.56
C GLY L 299 67.51 -4.32 -55.74
N GLN L 300 67.27 -3.82 -56.95
CA GLN L 300 67.51 -2.39 -57.20
C GLN L 300 66.59 -1.52 -56.35
N VAL L 301 65.31 -1.90 -56.24
CA VAL L 301 64.38 -1.09 -55.46
C VAL L 301 64.80 -1.07 -53.99
N LYS L 302 65.16 -2.23 -53.44
CA LYS L 302 65.56 -2.30 -52.05
C LYS L 302 66.82 -1.47 -51.81
N ASP L 303 67.78 -1.53 -52.73
CA ASP L 303 68.99 -0.72 -52.57
C ASP L 303 68.65 0.77 -52.66
N LEU L 304 67.77 1.15 -53.58
CA LEU L 304 67.45 2.57 -53.76
C LEU L 304 66.63 3.11 -52.59
N LEU L 305 65.92 2.27 -51.86
CA LEU L 305 65.11 2.72 -50.74
C LEU L 305 65.91 2.92 -49.46
N LYS L 306 67.21 2.66 -49.48
CA LYS L 306 68.02 2.82 -48.27
C LYS L 306 68.20 4.31 -47.96
N PRO L 307 67.85 4.77 -46.75
CA PRO L 307 67.90 6.22 -46.48
C PRO L 307 69.28 6.85 -46.62
N LEU L 308 70.35 6.14 -46.27
CA LEU L 308 71.67 6.75 -46.13
C LEU L 308 72.69 6.06 -47.02
N LEU L 309 73.62 6.85 -47.55
CA LEU L 309 74.81 6.35 -48.23
C LEU L 309 75.98 6.38 -47.26
N GLY L 310 76.69 5.26 -47.14
CA GLY L 310 77.77 5.15 -46.17
C GLY L 310 79.15 5.19 -46.77
N LYS L 311 80.14 5.53 -45.95
CA LYS L 311 81.53 5.59 -46.37
C LYS L 311 82.43 5.38 -45.16
N TRP L 312 83.60 4.78 -45.40
CA TRP L 312 84.60 4.56 -44.37
C TRP L 312 85.75 5.52 -44.60
N VAL L 313 86.18 6.20 -43.54
CA VAL L 313 87.26 7.18 -43.63
C VAL L 313 88.24 6.96 -42.48
N ASP L 314 89.42 7.55 -42.62
CA ASP L 314 90.44 7.44 -41.59
C ASP L 314 90.04 8.23 -40.36
N VAL L 315 90.74 7.96 -39.25
CA VAL L 315 90.43 8.58 -37.97
C VAL L 315 91.70 9.18 -37.38
N GLU L 316 91.50 10.10 -36.43
CA GLU L 316 92.58 10.80 -35.77
C GLU L 316 92.29 10.85 -34.27
N LYS L 317 93.34 10.78 -33.46
CA LYS L 317 93.18 10.80 -32.02
C LYS L 317 92.87 12.22 -31.55
N VAL L 318 91.85 12.36 -30.72
CA VAL L 318 91.46 13.68 -30.20
C VAL L 318 92.54 14.16 -29.23
N PRO L 319 93.05 15.39 -29.39
CA PRO L 319 94.05 15.87 -28.44
C PRO L 319 93.46 16.03 -27.05
N GLY L 320 94.32 15.86 -26.05
CA GLY L 320 93.87 15.94 -24.67
C GLY L 320 93.11 14.70 -24.25
N LEU L 321 92.34 14.85 -23.19
CA LEU L 321 91.52 13.75 -22.65
C LEU L 321 92.39 12.58 -22.24
N GLU L 322 93.59 12.87 -21.73
CA GLU L 322 94.49 11.82 -21.29
C GLU L 322 94.01 11.14 -20.01
N SER L 323 93.10 11.78 -19.27
CA SER L 323 92.60 11.18 -18.04
C SER L 323 91.73 9.96 -18.32
N LEU L 324 91.04 9.95 -19.46
CA LEU L 324 90.06 8.91 -19.73
C LEU L 324 90.75 7.57 -20.02
N PRO L 325 90.16 6.46 -19.59
CA PRO L 325 90.85 5.16 -19.75
C PRO L 325 91.13 4.77 -21.19
N VAL L 326 90.35 5.27 -22.15
CA VAL L 326 90.48 4.87 -23.54
C VAL L 326 90.61 6.10 -24.41
N SER L 327 91.22 5.91 -25.58
CA SER L 327 91.41 7.00 -26.52
C SER L 327 90.11 7.29 -27.25
N VAL L 328 89.95 8.55 -27.66
CA VAL L 328 88.79 9.02 -28.41
C VAL L 328 89.25 9.37 -29.81
N TYR L 329 88.49 8.93 -30.81
CA TYR L 329 88.83 9.14 -32.21
C TYR L 329 87.69 9.84 -32.93
N ARG L 330 88.05 10.73 -33.83
CA ARG L 330 87.11 11.48 -34.67
C ARG L 330 87.59 11.41 -36.10
N PRO L 331 86.69 11.59 -37.07
CA PRO L 331 87.11 11.55 -38.48
C PRO L 331 88.26 12.52 -38.75
N LYS L 332 89.27 12.03 -39.45
CA LYS L 332 90.44 12.84 -39.74
C LYS L 332 90.20 13.74 -40.95
N GLY L 333 90.82 14.91 -40.90
CA GLY L 333 90.70 15.84 -42.01
C GLY L 333 89.32 16.48 -42.08
N ALA L 334 89.10 17.16 -43.20
CA ALA L 334 87.82 17.83 -43.44
C ALA L 334 86.81 16.85 -43.99
N ILE L 335 85.60 16.87 -43.45
CA ILE L 335 84.54 15.99 -43.95
C ILE L 335 84.18 16.39 -45.37
N PRO L 336 84.01 15.46 -46.31
CA PRO L 336 83.61 15.84 -47.66
C PRO L 336 82.28 16.58 -47.64
N ALA L 337 82.15 17.55 -48.54
CA ALA L 337 80.95 18.37 -48.61
C ALA L 337 79.71 17.50 -48.78
N GLY L 338 78.69 17.76 -47.98
CA GLY L 338 77.45 17.02 -48.04
C GLY L 338 77.40 15.79 -47.17
N TRP L 339 78.51 15.39 -46.57
CA TRP L 339 78.57 14.22 -45.70
C TRP L 339 78.63 14.64 -44.24
N PHE L 340 78.25 13.71 -43.37
CA PHE L 340 78.18 13.97 -41.94
C PHE L 340 78.69 12.75 -41.18
N TRP L 341 79.10 12.97 -39.95
CA TRP L 341 79.53 11.90 -39.06
C TRP L 341 78.58 11.82 -37.86
N LEU L 342 78.67 10.70 -37.13
CA LEU L 342 77.68 10.36 -36.12
C LEU L 342 78.15 10.56 -34.68
N GLY L 343 79.44 10.66 -34.44
CA GLY L 343 79.92 10.92 -33.10
C GLY L 343 81.30 10.32 -32.89
N ASP L 344 81.82 10.56 -31.69
CA ASP L 344 83.14 10.05 -31.32
C ASP L 344 83.07 8.55 -31.07
N THR L 345 84.14 7.85 -31.46
CA THR L 345 84.21 6.41 -31.33
C THR L 345 85.56 6.01 -30.76
N ALA L 346 85.59 4.85 -30.10
CA ALA L 346 86.82 4.28 -29.56
C ALA L 346 87.58 3.44 -30.58
N ASP L 347 87.01 3.23 -31.77
CA ASP L 347 87.71 2.46 -32.79
C ASP L 347 88.86 3.26 -33.35
N ALA L 348 90.03 2.65 -33.41
CA ALA L 348 91.25 3.31 -33.87
C ALA L 348 91.53 3.09 -35.36
N SER L 349 90.61 2.44 -36.07
CA SER L 349 90.83 2.07 -37.47
C SER L 349 90.12 2.98 -38.45
N LYS L 350 88.80 3.17 -38.29
CA LYS L 350 88.02 3.88 -39.29
C LYS L 350 86.79 4.50 -38.64
N ALA L 351 86.20 5.44 -39.36
CA ALA L 351 84.97 6.10 -38.95
C ALA L 351 83.97 6.07 -40.09
N LEU L 352 82.68 6.07 -39.73
CA LEU L 352 81.60 5.94 -40.70
C LEU L 352 81.00 7.32 -40.97
N LEU L 353 81.02 7.73 -42.24
CA LEU L 353 80.31 8.91 -42.70
C LEU L 353 79.05 8.49 -43.43
N VAL L 354 78.00 9.31 -43.28
CA VAL L 354 76.71 9.03 -43.88
C VAL L 354 76.24 10.26 -44.62
N LYS L 355 75.43 10.04 -45.66
CA LYS L 355 74.89 11.11 -46.48
C LYS L 355 73.43 10.81 -46.77
N PRO L 356 72.52 11.77 -46.57
CA PRO L 356 71.11 11.54 -46.91
C PRO L 356 70.93 11.27 -48.39
N THR L 357 69.95 10.44 -48.71
CA THR L 357 69.62 10.11 -50.09
C THR L 357 68.48 10.93 -50.65
N LEU L 358 67.52 11.32 -49.81
CA LEU L 358 66.35 12.08 -50.25
C LEU L 358 66.47 13.52 -49.80
N PRO L 359 66.24 14.50 -50.68
CA PRO L 359 66.28 15.90 -50.24
C PRO L 359 65.22 16.19 -49.20
N ALA L 360 65.53 17.11 -48.30
CA ALA L 360 64.57 17.51 -47.28
C ALA L 360 63.33 18.12 -47.92
N ARG L 361 62.16 17.67 -47.49
CA ARG L 361 60.89 18.15 -48.02
C ARG L 361 59.87 18.22 -46.90
N SER L 362 58.93 19.15 -47.03
CA SER L 362 57.89 19.32 -46.03
C SER L 362 57.04 18.05 -45.93
N GLY L 363 56.67 17.70 -44.71
CA GLY L 363 55.85 16.53 -44.48
C GLY L 363 56.60 15.20 -44.52
N ARG L 364 57.91 15.23 -44.67
CA ARG L 364 58.74 14.04 -44.72
C ARG L 364 59.80 14.12 -43.64
N ASN L 365 59.93 13.06 -42.86
CA ASN L 365 60.92 13.03 -41.78
C ASN L 365 62.33 12.96 -42.37
N PRO L 366 63.20 13.92 -42.08
CA PRO L 366 64.58 13.79 -42.53
C PRO L 366 65.27 12.60 -41.89
N ALA L 367 66.21 12.01 -42.62
CA ALA L 367 66.97 10.89 -42.07
C ALA L 367 67.91 11.34 -40.96
N LEU L 368 68.38 12.59 -41.01
CA LEU L 368 69.32 13.12 -40.04
C LEU L 368 68.81 14.47 -39.53
N THR L 369 69.29 14.85 -38.34
CA THR L 369 68.91 16.10 -37.71
C THR L 369 70.15 16.85 -37.24
N SER L 370 70.08 18.18 -37.31
CA SER L 370 71.11 19.01 -36.75
C SER L 370 71.03 18.99 -35.22
N LEU L 371 72.12 19.38 -34.58
CA LEU L 371 72.21 19.43 -33.13
C LEU L 371 72.51 20.86 -32.70
N HIS L 372 71.97 21.23 -31.53
CA HIS L 372 72.10 22.59 -31.01
C HIS L 372 72.69 22.55 -29.62
N GLN L 373 73.39 23.63 -29.25
CA GLN L 373 74.05 23.70 -27.96
C GLN L 373 73.01 23.68 -26.84
N GLY L 374 73.40 23.06 -25.72
CA GLY L 374 72.48 22.93 -24.61
C GLY L 374 72.11 24.28 -24.00
N SER L 375 71.03 24.26 -23.22
CA SER L 375 70.51 25.50 -22.65
C SER L 375 71.50 26.11 -21.67
N GLY L 376 72.01 25.31 -20.73
CA GLY L 376 72.92 25.82 -19.73
C GLY L 376 73.63 24.76 -18.92
N MET L 377 74.82 25.08 -18.42
CA MET L 377 75.60 24.18 -17.57
C MET L 377 75.81 22.83 -18.25
N THR L 378 76.10 22.87 -19.55
CA THR L 378 76.40 21.66 -20.30
C THR L 378 76.94 22.03 -21.67
N GLU L 379 77.98 21.34 -22.10
CA GLU L 379 78.54 21.50 -23.44
C GLU L 379 78.04 20.43 -24.41
N GLN L 380 77.14 19.56 -23.97
CA GLN L 380 76.66 18.48 -24.82
C GLN L 380 75.61 19.00 -25.80
N PRO L 381 75.46 18.34 -26.95
CA PRO L 381 74.46 18.75 -27.92
C PRO L 381 73.10 18.12 -27.65
N PHE L 382 72.08 18.72 -28.24
CA PHE L 382 70.70 18.26 -28.15
C PHE L 382 70.12 18.12 -29.55
N VAL L 383 69.30 17.10 -29.76
CA VAL L 383 68.71 16.86 -31.08
C VAL L 383 67.70 17.96 -31.38
N ASP L 384 67.80 18.52 -32.59
CA ASP L 384 66.86 19.56 -33.00
C ASP L 384 65.43 19.03 -33.08
N LEU L 385 65.27 17.82 -33.63
CA LEU L 385 63.94 17.29 -33.85
C LEU L 385 63.51 16.38 -32.70
N PRO L 386 62.21 16.23 -32.48
CA PRO L 386 61.72 15.65 -31.22
C PRO L 386 62.36 14.34 -30.80
N GLN L 387 62.24 13.29 -31.62
CA GLN L 387 62.53 11.94 -31.18
C GLN L 387 63.73 11.31 -31.90
N TYR L 388 64.68 12.14 -32.33
CA TYR L 388 65.89 11.61 -32.93
C TYR L 388 66.94 11.37 -31.85
N GLN L 389 67.98 10.62 -32.21
CA GLN L 389 69.01 10.25 -31.26
C GLN L 389 70.37 10.22 -31.93
N TYR L 390 71.40 10.63 -31.20
CA TYR L 390 72.78 10.46 -31.61
C TYR L 390 73.43 9.36 -30.77
N LEU L 391 74.55 8.84 -31.28
CA LEU L 391 75.12 7.63 -30.72
C LEU L 391 76.21 7.86 -29.69
N SER L 392 76.88 9.01 -29.71
CA SER L 392 78.01 9.26 -28.82
C SER L 392 77.89 10.63 -28.19
N THR L 393 78.35 10.74 -26.95
CA THR L 393 78.47 12.02 -26.29
C THR L 393 79.66 12.79 -26.86
N TYR L 394 79.55 14.11 -26.87
CA TYR L 394 80.59 14.96 -27.42
C TYR L 394 81.69 15.15 -26.39
N PHE L 395 82.93 14.82 -26.77
CA PHE L 395 84.09 14.96 -25.89
C PHE L 395 84.77 16.29 -26.23
N GLY L 396 84.26 17.35 -25.64
CA GLY L 396 84.74 18.69 -25.89
C GLY L 396 83.61 19.70 -25.76
N SER L 397 83.77 20.82 -26.47
CA SER L 397 82.77 21.87 -26.52
C SER L 397 82.10 21.85 -27.89
N PHE L 398 80.79 21.68 -27.91
CA PHE L 398 80.04 21.55 -29.15
C PHE L 398 79.61 22.94 -29.62
N ALA L 399 79.99 23.29 -30.84
CA ALA L 399 79.57 24.54 -31.49
C ALA L 399 79.06 24.18 -32.87
N HIS L 400 77.75 24.26 -33.08
CA HIS L 400 77.14 23.84 -34.33
C HIS L 400 77.53 24.74 -35.51
N ASP L 401 78.11 25.90 -35.25
CA ASP L 401 78.46 26.83 -36.31
C ASP L 401 79.85 26.61 -36.89
N THR L 402 80.65 25.73 -36.29
CA THR L 402 82.01 25.49 -36.75
C THR L 402 82.27 23.99 -36.78
N PRO L 403 83.18 23.54 -37.64
CA PRO L 403 83.49 22.11 -37.70
C PRO L 403 84.34 21.68 -36.52
N PRO L 404 84.31 20.39 -36.14
CA PRO L 404 83.52 19.31 -36.75
C PRO L 404 82.11 19.24 -36.17
N GLY L 405 81.74 20.19 -35.33
CA GLY L 405 80.40 20.18 -34.76
C GLY L 405 79.32 20.40 -35.81
N SER L 406 79.59 21.25 -36.79
CA SER L 406 78.60 21.56 -37.82
C SER L 406 78.24 20.35 -38.67
N THR L 407 79.06 19.29 -38.64
CA THR L 407 78.81 18.09 -39.42
C THR L 407 78.34 16.92 -38.56
N LEU L 408 78.02 17.15 -37.29
CA LEU L 408 77.50 16.10 -36.43
C LEU L 408 75.98 16.06 -36.52
N ARG L 409 75.44 14.85 -36.62
CA ARG L 409 74.01 14.67 -36.88
C ARG L 409 73.46 13.54 -36.01
N GLY L 410 72.14 13.60 -35.81
CA GLY L 410 71.40 12.52 -35.19
C GLY L 410 70.78 11.61 -36.24
N LEU L 411 69.95 10.69 -35.76
CA LEU L 411 69.33 9.69 -36.60
C LEU L 411 67.84 9.61 -36.31
N ARG L 412 67.07 9.29 -37.35
CA ARG L 412 65.65 9.03 -37.17
C ARG L 412 65.47 7.82 -36.25
N PRO L 413 64.39 7.77 -35.46
CA PRO L 413 64.25 6.66 -34.51
C PRO L 413 64.23 5.28 -35.13
N ASP L 414 63.85 5.14 -36.40
CA ASP L 414 63.84 3.84 -37.04
C ASP L 414 65.22 3.41 -37.52
N HIS L 415 66.21 4.31 -37.49
CA HIS L 415 67.56 3.98 -37.92
C HIS L 415 68.37 3.24 -36.87
N VAL L 416 67.91 3.19 -35.62
CA VAL L 416 68.74 2.72 -34.52
C VAL L 416 68.03 1.62 -33.74
N LEU L 417 68.83 0.82 -33.06
CA LEU L 417 68.39 -0.24 -32.16
C LEU L 417 69.16 -0.15 -30.86
N PRO L 418 68.57 -0.58 -29.75
CA PRO L 418 69.31 -0.54 -28.47
C PRO L 418 70.54 -1.44 -28.52
N GLY L 419 71.62 -0.96 -27.91
CA GLY L 419 72.86 -1.69 -27.81
C GLY L 419 73.15 -2.14 -26.39
N ARG L 420 74.42 -2.45 -26.14
CA ARG L 420 74.89 -2.85 -24.83
C ARG L 420 76.16 -2.08 -24.49
N TYR L 421 76.42 -1.94 -23.19
CA TYR L 421 77.53 -1.14 -22.70
C TYR L 421 78.67 -2.04 -22.23
N GLU L 422 79.89 -1.65 -22.60
CA GLU L 422 81.12 -2.24 -22.06
C GLU L 422 81.84 -1.15 -21.29
N MET L 423 82.07 -1.37 -20.00
CA MET L 423 82.57 -0.33 -19.12
C MET L 423 84.10 -0.33 -19.08
N HIS L 424 84.67 0.87 -19.10
CA HIS L 424 86.10 1.08 -18.96
C HIS L 424 86.34 2.16 -17.92
N GLY L 425 87.47 2.06 -17.24
CA GLY L 425 87.82 3.01 -16.20
C GLY L 425 87.52 2.47 -14.81
N ASP L 426 88.24 3.02 -13.83
CA ASP L 426 88.13 2.56 -12.45
C ASP L 426 87.32 3.49 -11.56
N THR L 427 87.09 4.73 -11.96
CA THR L 427 86.37 5.70 -11.14
C THR L 427 85.23 6.31 -11.95
N ILE L 428 84.19 6.75 -11.23
CA ILE L 428 83.02 7.33 -11.89
C ILE L 428 83.42 8.57 -12.68
N SER L 429 84.32 9.38 -12.12
CA SER L 429 84.66 10.65 -12.73
C SER L 429 85.30 10.49 -14.11
N THR L 430 85.87 9.32 -14.40
CA THR L 430 86.56 9.11 -15.67
C THR L 430 86.06 7.91 -16.46
N ALA L 431 85.04 7.21 -15.97
CA ALA L 431 84.58 5.99 -16.64
C ALA L 431 83.83 6.32 -17.93
N VAL L 432 83.91 5.38 -18.88
CA VAL L 432 83.22 5.51 -20.16
C VAL L 432 82.57 4.19 -20.52
N TYR L 433 81.61 4.26 -21.43
CA TYR L 433 80.93 3.11 -22.01
C TYR L 433 81.26 3.04 -23.49
N VAL L 434 81.53 1.84 -23.99
CA VAL L 434 81.68 1.58 -25.41
C VAL L 434 80.47 0.78 -25.85
N THR L 435 79.73 1.32 -26.82
CA THR L 435 78.46 0.73 -27.25
C THR L 435 78.73 -0.34 -28.30
N ARG L 436 78.43 -1.59 -27.95
CA ARG L 436 78.58 -2.71 -28.85
C ARG L 436 77.21 -3.20 -29.30
N PRO L 437 77.08 -3.65 -30.55
CA PRO L 437 75.78 -4.19 -31.00
C PRO L 437 75.41 -5.44 -30.22
N VAL L 438 74.09 -5.63 -30.08
CA VAL L 438 73.56 -6.85 -29.48
C VAL L 438 73.54 -7.93 -30.56
N ASP L 439 74.33 -8.99 -30.35
CA ASP L 439 74.41 -10.05 -31.35
C ASP L 439 73.05 -10.70 -31.55
N VAL L 440 72.67 -10.87 -32.81
CA VAL L 440 71.41 -11.50 -33.17
C VAL L 440 71.66 -12.55 -34.24
N PRO L 441 70.85 -13.62 -34.33
CA PRO L 441 71.10 -14.66 -35.34
C PRO L 441 70.66 -14.23 -36.73
N PHE L 442 69.69 -13.33 -36.80
CA PHE L 442 69.13 -12.91 -38.09
C PHE L 442 69.90 -11.72 -38.62
N PRO L 443 70.47 -11.79 -39.83
CA PRO L 443 71.21 -10.64 -40.36
C PRO L 443 70.36 -9.39 -40.52
N GLU L 444 69.04 -9.53 -40.58
CA GLU L 444 68.19 -8.37 -40.82
C GLU L 444 68.30 -7.33 -39.71
N ASP L 445 68.65 -7.76 -38.50
CA ASP L 445 68.70 -6.88 -37.33
C ASP L 445 70.13 -6.54 -36.91
N GLU L 446 71.12 -6.85 -37.75
CA GLU L 446 72.50 -6.54 -37.40
C GLU L 446 72.70 -5.02 -37.35
N CYS L 447 73.58 -4.59 -36.46
CA CYS L 447 73.90 -3.18 -36.29
C CYS L 447 75.40 -2.95 -36.40
N PHE L 448 75.77 -1.77 -36.88
CA PHE L 448 77.18 -1.42 -37.03
C PHE L 448 77.88 -1.44 -35.68
N ASP L 449 79.12 -1.91 -35.67
CA ASP L 449 79.95 -1.94 -34.47
C ASP L 449 80.88 -0.73 -34.53
N LEU L 450 80.31 0.45 -34.27
CA LEU L 450 81.06 1.69 -34.32
C LEU L 450 81.80 2.00 -33.02
N LYS L 451 81.53 1.27 -31.94
CA LYS L 451 82.19 1.47 -30.66
C LYS L 451 81.98 2.92 -30.18
N SER L 452 80.73 3.36 -30.19
CA SER L 452 80.42 4.71 -29.76
C SER L 452 80.79 4.90 -28.29
N LEU L 453 81.32 6.08 -27.96
CA LEU L 453 81.78 6.40 -26.62
C LEU L 453 80.72 7.21 -25.89
N VAL L 454 80.47 6.85 -24.64
CA VAL L 454 79.51 7.56 -23.79
C VAL L 454 80.18 7.82 -22.45
N ARG L 455 80.28 9.09 -22.07
CA ARG L 455 80.86 9.43 -20.77
C ARG L 455 79.92 8.99 -19.66
N VAL L 456 80.45 8.28 -18.66
CA VAL L 456 79.60 7.75 -17.60
C VAL L 456 78.99 8.88 -16.79
N LYS L 457 79.80 9.85 -16.38
CA LYS L 457 79.35 11.00 -15.60
C LYS L 457 79.71 12.27 -16.36
N LEU L 458 78.70 12.93 -16.92
CA LEU L 458 78.92 14.19 -17.61
C LEU L 458 79.00 15.33 -16.61
N PRO L 459 80.09 16.11 -16.58
CA PRO L 459 80.14 17.24 -15.64
C PRO L 459 78.98 18.19 -15.85
N GLY L 460 78.75 19.03 -14.84
CA GLY L 460 77.66 19.98 -14.90
C GLY L 460 76.33 19.34 -14.60
N SER L 461 75.27 19.97 -15.09
CA SER L 461 73.91 19.51 -14.87
C SER L 461 73.06 19.83 -16.09
N GLY L 462 71.87 19.26 -16.13
CA GLY L 462 70.98 19.45 -17.26
C GLY L 462 71.52 18.86 -18.55
N ASN L 463 72.21 17.74 -18.46
CA ASN L 463 72.77 17.09 -19.63
C ASN L 463 71.69 16.31 -20.37
N PRO L 464 71.90 16.03 -21.66
CA PRO L 464 70.91 15.23 -22.41
C PRO L 464 70.93 13.79 -21.95
N PRO L 465 69.85 13.04 -22.23
CA PRO L 465 69.85 11.63 -21.84
C PRO L 465 70.97 10.86 -22.51
N LYS L 466 71.52 9.90 -21.78
CA LYS L 466 72.66 9.15 -22.28
C LYS L 466 72.24 8.29 -23.47
N PRO L 467 72.96 8.33 -24.59
CA PRO L 467 72.60 7.47 -25.73
C PRO L 467 73.14 6.06 -25.58
N ARG L 468 72.30 5.09 -25.90
CA ARG L 468 72.66 3.67 -25.87
C ARG L 468 72.20 2.99 -27.13
N SER L 469 72.43 3.63 -28.29
CA SER L 469 71.89 3.17 -29.56
C SER L 469 73.03 2.80 -30.51
N ALA L 470 72.70 1.91 -31.45
CA ALA L 470 73.61 1.50 -32.51
C ALA L 470 72.89 1.60 -33.84
N LEU L 471 73.63 1.96 -34.88
CA LEU L 471 73.04 2.16 -36.20
C LEU L 471 72.73 0.83 -36.86
N LYS L 472 71.60 0.77 -37.56
CA LYS L 472 71.23 -0.44 -38.28
C LYS L 472 72.04 -0.57 -39.56
N LYS L 473 72.44 -1.81 -39.88
CA LYS L 473 73.20 -2.05 -41.09
C LYS L 473 72.34 -1.90 -42.34
N SER L 474 71.06 -2.26 -42.25
CA SER L 474 70.18 -2.24 -43.41
C SER L 474 69.84 -0.84 -43.89
N MET L 475 70.18 0.19 -43.13
CA MET L 475 69.83 1.56 -43.47
C MET L 475 70.93 2.28 -44.24
N VAL L 476 72.02 1.60 -44.57
CA VAL L 476 73.18 2.22 -45.21
C VAL L 476 73.53 1.45 -46.47
N LEU L 477 73.82 2.19 -47.54
CA LEU L 477 74.19 1.63 -48.83
C LEU L 477 75.65 1.94 -49.11
N PHE L 478 76.44 0.91 -49.39
CA PHE L 478 77.88 1.05 -49.58
C PHE L 478 78.27 0.81 -51.03
N ASP L 479 79.44 1.34 -51.40
CA ASP L 479 80.07 1.10 -52.69
C ASP L 479 79.27 1.65 -53.87
N SER L 480 78.21 2.40 -53.61
CA SER L 480 77.46 3.00 -54.70
C SER L 480 78.26 4.11 -55.37
N GLY L 481 78.04 4.27 -56.67
CA GLY L 481 78.71 5.30 -57.42
C GLY L 481 78.14 6.69 -57.22
N GLU L 482 77.09 6.81 -56.40
CA GLU L 482 76.46 8.09 -56.12
C GLU L 482 77.50 9.12 -55.65
N ALA M 2 92.56 -10.14 24.65
CA ALA M 2 91.88 -11.34 25.11
C ALA M 2 91.42 -12.18 23.93
N TYR M 3 91.11 -13.45 24.18
CA TYR M 3 90.62 -14.33 23.13
C TYR M 3 89.23 -13.94 22.64
N ALA M 4 88.44 -13.27 23.48
CA ALA M 4 87.11 -12.85 23.06
C ALA M 4 87.15 -11.94 21.84
N GLN M 5 88.28 -11.29 21.59
CA GLN M 5 88.50 -10.52 20.37
C GLN M 5 89.16 -11.45 19.36
N TRP M 6 88.42 -11.81 18.32
CA TRP M 6 88.90 -12.77 17.33
C TRP M 6 88.26 -12.47 15.99
N VAL M 7 88.86 -13.01 14.94
CA VAL M 7 88.35 -12.87 13.59
C VAL M 7 88.83 -14.05 12.76
N ILE M 8 87.95 -14.54 11.90
CA ILE M 8 88.30 -15.56 10.92
C ILE M 8 88.06 -14.94 9.55
N ILE M 9 89.07 -15.01 8.69
CA ILE M 9 88.99 -14.48 7.34
C ILE M 9 89.15 -15.65 6.39
N ILE M 10 88.08 -16.01 5.68
CA ILE M 10 88.12 -17.09 4.70
C ILE M 10 88.20 -16.44 3.32
N ILE M 11 89.26 -16.76 2.59
CA ILE M 11 89.41 -16.33 1.20
C ILE M 11 88.97 -17.49 0.33
N HIS M 12 87.89 -17.29 -0.41
CA HIS M 12 87.29 -18.31 -1.26
C HIS M 12 87.40 -17.84 -2.71
N ASN M 13 88.20 -18.55 -3.50
CA ASN M 13 88.34 -18.25 -4.91
C ASN M 13 87.19 -18.94 -5.66
N VAL M 14 86.22 -18.14 -6.13
CA VAL M 14 85.09 -18.65 -6.89
C VAL M 14 85.31 -18.52 -8.38
N GLY M 15 86.49 -18.09 -8.81
CA GLY M 15 86.81 -17.90 -10.22
C GLY M 15 87.67 -19.03 -10.76
N SER M 16 88.53 -18.67 -11.72
CA SER M 16 89.40 -19.65 -12.36
C SER M 16 90.81 -19.11 -12.55
N GLN M 17 91.22 -18.13 -11.74
CA GLN M 17 92.54 -17.54 -11.84
C GLN M 17 93.14 -17.40 -10.45
N ASP M 18 94.46 -17.61 -10.37
CA ASP M 18 95.14 -17.63 -9.09
C ASP M 18 95.16 -16.25 -8.44
N VAL M 19 95.10 -16.24 -7.12
CA VAL M 19 95.18 -15.02 -6.33
C VAL M 19 96.13 -15.27 -5.17
N LYS M 20 97.02 -14.31 -4.91
CA LYS M 20 98.07 -14.45 -3.92
C LYS M 20 97.78 -13.55 -2.72
N ILE M 21 98.23 -14.02 -1.55
CA ILE M 21 98.16 -13.25 -0.31
C ILE M 21 99.52 -12.64 -0.06
N LYS M 22 99.55 -11.36 0.32
CA LYS M 22 100.81 -10.66 0.51
C LYS M 22 100.70 -9.70 1.67
N ASN M 23 101.86 -9.39 2.26
CA ASN M 23 101.99 -8.35 3.28
C ASN M 23 101.06 -8.60 4.46
N LEU M 24 100.74 -9.86 4.72
CA LEU M 24 99.96 -10.19 5.91
C LEU M 24 100.74 -9.80 7.16
N LYS M 25 100.10 -9.02 8.03
CA LYS M 25 100.77 -8.49 9.21
C LYS M 25 99.71 -8.16 10.25
N ALA M 26 99.89 -8.68 11.46
CA ALA M 26 99.02 -8.40 12.59
C ALA M 26 99.75 -7.48 13.55
N SER M 27 99.39 -6.19 13.53
CA SER M 27 100.03 -5.24 14.44
C SER M 27 99.67 -5.52 15.89
N TRP M 28 98.43 -5.95 16.14
CA TRP M 28 97.98 -6.31 17.47
C TRP M 28 97.36 -7.70 17.41
N GLY M 29 97.58 -8.49 18.45
CA GLY M 29 97.11 -9.86 18.47
C GLY M 29 98.12 -10.81 17.87
N LYS M 30 97.63 -11.99 17.50
CA LYS M 30 98.49 -13.04 16.97
C LYS M 30 97.69 -13.92 16.02
N LEU M 31 98.30 -14.28 14.90
CA LEU M 31 97.76 -15.33 14.05
C LEU M 31 97.88 -16.67 14.77
N HIS M 32 96.89 -17.54 14.57
CA HIS M 32 96.85 -18.80 15.29
C HIS M 32 96.21 -19.85 14.39
N ALA M 33 96.15 -21.08 14.90
CA ALA M 33 95.68 -22.23 14.16
C ALA M 33 94.16 -22.31 14.17
N ASP M 34 93.64 -23.25 13.37
CA ASP M 34 92.20 -23.41 13.26
C ASP M 34 91.64 -24.05 14.53
N GLY M 35 90.65 -23.39 15.13
CA GLY M 35 90.03 -23.92 16.33
C GLY M 35 90.97 -24.07 17.50
N ASP M 36 92.14 -23.42 17.44
CA ASP M 36 93.15 -23.54 18.50
C ASP M 36 93.80 -22.16 18.65
N LYS M 37 93.28 -21.37 19.59
CA LYS M 37 93.81 -20.04 19.84
C LYS M 37 95.14 -20.08 20.59
N ASP M 38 95.55 -21.23 21.10
CA ASP M 38 96.83 -21.37 21.78
C ASP M 38 97.97 -21.63 20.82
N ALA M 39 97.71 -22.24 19.66
CA ALA M 39 98.76 -22.60 18.71
C ALA M 39 99.03 -21.42 17.81
N GLU M 40 99.92 -20.53 18.26
CA GLU M 40 100.30 -19.38 17.46
C GLU M 40 101.08 -19.83 16.22
N VAL M 41 100.86 -19.11 15.11
CA VAL M 41 101.52 -19.39 13.85
C VAL M 41 102.02 -18.08 13.27
N SER M 42 103.24 -18.10 12.72
CA SER M 42 103.82 -16.90 12.14
C SER M 42 103.13 -16.55 10.82
N ALA M 43 103.23 -15.28 10.45
CA ALA M 43 102.63 -14.82 9.21
C ALA M 43 103.27 -15.47 7.98
N SER M 44 104.48 -16.03 8.13
CA SER M 44 105.13 -16.68 7.00
C SER M 44 104.36 -17.88 6.50
N ASN M 45 103.53 -18.50 7.35
CA ASN M 45 102.75 -19.66 6.92
C ASN M 45 101.78 -19.28 5.80
N TYR M 46 101.39 -18.00 5.74
CA TYR M 46 100.42 -17.55 4.75
C TYR M 46 101.00 -16.59 3.72
N GLU M 47 101.93 -15.72 4.12
CA GLU M 47 102.46 -14.74 3.18
C GLU M 47 103.06 -15.43 1.96
N GLY M 48 102.73 -14.91 0.78
CA GLY M 48 103.19 -15.46 -0.47
C GLY M 48 102.37 -16.63 -0.99
N LYS M 49 101.36 -17.07 -0.27
CA LYS M 49 100.60 -18.25 -0.67
C LYS M 49 99.61 -17.90 -1.78
N ILE M 50 99.28 -18.90 -2.59
CA ILE M 50 98.34 -18.78 -3.69
C ILE M 50 97.11 -19.61 -3.38
N VAL M 51 95.94 -18.98 -3.37
CA VAL M 51 94.68 -19.66 -3.13
C VAL M 51 94.18 -20.11 -4.50
N LYS M 52 94.35 -21.41 -4.79
CA LYS M 52 93.98 -21.93 -6.09
C LYS M 52 92.47 -21.77 -6.32
N PRO M 53 92.03 -21.66 -7.57
CA PRO M 53 90.61 -21.58 -7.84
C PRO M 53 89.85 -22.75 -7.22
N ASP M 54 88.70 -22.44 -6.63
CA ASP M 54 87.77 -23.44 -6.10
C ASP M 54 88.30 -24.10 -4.82
N GLU M 55 89.03 -23.36 -3.99
CA GLU M 55 89.39 -23.83 -2.66
C GLU M 55 89.60 -22.62 -1.76
N LYS M 56 89.47 -22.86 -0.46
CA LYS M 56 89.42 -21.79 0.53
C LYS M 56 90.68 -21.80 1.40
N LEU M 57 91.13 -20.61 1.78
CA LEU M 57 92.25 -20.43 2.70
C LEU M 57 91.77 -19.64 3.91
N GLN M 58 92.06 -20.14 5.10
CA GLN M 58 91.54 -19.55 6.33
C GLN M 58 92.67 -18.87 7.11
N ILE M 59 92.40 -17.63 7.55
CA ILE M 59 93.31 -16.86 8.39
C ILE M 59 92.60 -16.61 9.71
N ASN M 60 93.21 -17.06 10.80
CA ASN M 60 92.61 -16.91 12.12
C ASN M 60 93.47 -15.95 12.94
N ALA M 61 92.85 -14.89 13.45
CA ALA M 61 93.55 -13.92 14.29
C ALA M 61 92.77 -13.73 15.59
N SER M 62 93.50 -13.48 16.68
CA SER M 62 92.87 -13.32 17.97
C SER M 62 93.80 -12.52 18.88
N GLY M 63 93.21 -11.92 19.91
CA GLY M 63 94.00 -11.17 20.86
C GLY M 63 94.77 -12.06 21.82
N ARG M 64 95.76 -11.47 22.48
CA ARG M 64 96.55 -12.21 23.46
C ARG M 64 95.67 -12.74 24.57
N SER M 65 96.05 -13.89 25.12
CA SER M 65 95.20 -14.59 26.08
C SER M 65 94.85 -13.69 27.27
N ASP M 66 93.55 -13.47 27.46
CA ASP M 66 93.02 -12.71 28.60
C ASP M 66 93.68 -11.36 28.74
N ALA M 67 94.22 -10.81 27.66
CA ALA M 67 94.86 -9.50 27.69
C ALA M 67 93.84 -8.42 27.41
N ALA M 68 94.22 -7.18 27.72
CA ALA M 68 93.42 -6.02 27.35
C ALA M 68 93.81 -5.54 25.95
N GLU M 69 93.84 -6.47 25.00
CA GLU M 69 94.30 -6.19 23.65
C GLU M 69 93.42 -6.92 22.65
N GLY M 70 93.00 -6.20 21.61
CA GLY M 70 92.26 -6.80 20.51
C GLY M 70 93.19 -7.37 19.47
N THR M 71 92.70 -7.44 18.24
CA THR M 71 93.47 -7.92 17.10
C THR M 71 93.29 -6.97 15.92
N THR M 72 94.40 -6.41 15.44
CA THR M 72 94.39 -5.53 14.29
C THR M 72 95.41 -6.01 13.28
N GLY M 73 95.02 -6.05 12.01
CA GLY M 73 95.92 -6.51 10.97
C GLY M 73 95.46 -6.12 9.59
N THR M 74 96.32 -6.43 8.61
CA THR M 74 96.09 -6.07 7.22
C THR M 74 96.71 -7.12 6.31
N PHE M 75 96.22 -7.16 5.07
CA PHE M 75 96.84 -7.97 4.03
C PHE M 75 96.34 -7.52 2.67
N ASP M 76 97.17 -7.73 1.66
CA ASP M 76 96.83 -7.44 0.28
C ASP M 76 96.49 -8.73 -0.43
N LEU M 77 95.42 -8.72 -1.22
CA LEU M 77 95.19 -9.78 -2.19
C LEU M 77 95.65 -9.27 -3.54
N VAL M 78 96.53 -10.02 -4.20
CA VAL M 78 97.26 -9.53 -5.36
C VAL M 78 97.15 -10.54 -6.50
N ASP M 79 96.95 -10.04 -7.71
CA ASP M 79 96.89 -10.90 -8.89
C ASP M 79 98.30 -11.21 -9.38
N PRO M 80 98.73 -12.48 -9.39
CA PRO M 80 100.06 -12.81 -9.92
C PRO M 80 100.13 -12.85 -11.44
N ALA M 81 99.00 -12.88 -12.13
CA ALA M 81 99.02 -12.98 -13.58
C ALA M 81 99.49 -11.69 -14.24
N ASP M 82 99.50 -10.58 -13.51
CA ASP M 82 99.91 -9.28 -14.03
C ASP M 82 100.97 -8.65 -13.15
N GLY M 83 101.97 -9.44 -12.77
CA GLY M 83 103.08 -8.92 -11.99
C GLY M 83 102.74 -8.50 -10.58
N ASP M 84 101.86 -9.26 -9.92
CA ASP M 84 101.55 -9.05 -8.51
C ASP M 84 101.04 -7.63 -8.24
N LYS M 85 100.07 -7.20 -9.04
CA LYS M 85 99.39 -5.95 -8.76
C LYS M 85 98.32 -6.16 -7.69
N GLN M 86 97.83 -5.06 -7.13
CA GLN M 86 96.86 -5.14 -6.05
C GLN M 86 95.47 -5.43 -6.59
N VAL M 87 94.77 -6.34 -5.91
CA VAL M 87 93.36 -6.58 -6.14
C VAL M 87 92.60 -5.70 -5.16
N ARG M 88 92.78 -5.97 -3.86
CA ARG M 88 92.24 -5.11 -2.81
C ARG M 88 93.09 -5.25 -1.55
N HIS M 89 93.02 -4.23 -0.71
CA HIS M 89 93.73 -4.16 0.56
C HIS M 89 92.72 -4.30 1.69
N PHE M 90 92.86 -5.34 2.50
CA PHE M 90 91.93 -5.61 3.58
C PHE M 90 92.57 -5.26 4.93
N TYR M 91 91.81 -4.54 5.75
CA TYR M 91 92.24 -4.16 7.10
C TYR M 91 91.13 -4.54 8.08
N TRP M 92 91.50 -5.25 9.13
CA TRP M 92 90.55 -5.67 10.17
C TRP M 92 91.03 -5.20 11.53
N ASP M 93 90.09 -4.78 12.35
CA ASP M 93 90.40 -4.32 13.71
C ASP M 93 89.24 -4.72 14.61
N SER M 94 89.50 -5.66 15.53
CA SER M 94 88.56 -6.06 16.57
C SER M 94 89.20 -5.65 17.89
N PRO M 95 88.95 -4.43 18.36
CA PRO M 95 89.63 -3.94 19.56
C PRO M 95 88.98 -4.44 20.84
N TRP M 96 89.77 -4.40 21.91
CA TRP M 96 89.28 -4.76 23.24
C TRP M 96 88.67 -3.59 24.00
N GLY M 97 89.05 -2.36 23.68
CA GLY M 97 88.57 -1.21 24.41
C GLY M 97 87.64 -0.33 23.61
N SER M 98 86.78 -0.96 22.80
CA SER M 98 85.82 -0.23 21.98
C SER M 98 84.76 -1.21 21.49
N LYS M 99 83.66 -0.66 20.98
CA LYS M 99 82.57 -1.45 20.46
C LYS M 99 82.57 -1.55 18.95
N THR M 100 83.13 -0.56 18.26
CA THR M 100 83.06 -0.48 16.80
C THR M 100 84.25 -1.21 16.20
N ASN M 101 84.01 -2.40 15.67
CA ASN M 101 85.02 -3.09 14.89
C ASN M 101 85.11 -2.48 13.50
N THR M 102 86.26 -2.67 12.86
CA THR M 102 86.52 -2.11 11.53
C THR M 102 86.88 -3.22 10.57
N TRP M 103 86.26 -3.21 9.38
CA TRP M 103 86.59 -4.13 8.30
C TRP M 103 86.54 -3.32 7.00
N THR M 104 87.71 -2.89 6.54
CA THR M 104 87.82 -2.03 5.37
C THR M 104 88.48 -2.76 4.22
N VAL M 105 87.85 -2.71 3.05
CA VAL M 105 88.38 -3.31 1.83
C VAL M 105 88.60 -2.15 0.86
N SER M 106 89.82 -1.62 0.82
CA SER M 106 90.17 -0.50 -0.03
C SER M 106 90.88 -1.01 -1.28
N GLY M 107 91.26 -0.07 -2.14
CA GLY M 107 91.93 -0.40 -3.39
C GLY M 107 90.96 -0.49 -4.55
N SER M 108 91.54 -0.53 -5.75
CA SER M 108 90.74 -0.56 -6.98
C SER M 108 91.41 -1.50 -7.99
N ASN M 109 90.61 -2.39 -8.56
CA ASN M 109 91.07 -3.23 -9.66
C ASN M 109 89.83 -3.70 -10.42
N THR M 110 89.58 -3.10 -11.58
CA THR M 110 88.36 -3.39 -12.32
C THR M 110 88.33 -4.81 -12.86
N LYS M 111 89.48 -5.47 -12.97
CA LYS M 111 89.54 -6.82 -13.48
C LYS M 111 89.17 -7.87 -12.44
N TRP M 112 88.95 -7.47 -11.19
CA TRP M 112 88.61 -8.39 -10.12
C TRP M 112 87.32 -7.95 -9.44
N MET M 113 86.55 -8.93 -8.99
CA MET M 113 85.30 -8.70 -8.27
C MET M 113 85.39 -9.41 -6.94
N ILE M 114 85.15 -8.66 -5.86
CA ILE M 114 85.33 -9.16 -4.50
C ILE M 114 84.04 -8.91 -3.73
N GLU M 115 83.48 -9.98 -3.17
CA GLU M 115 82.34 -9.90 -2.27
C GLU M 115 82.79 -10.35 -0.89
N TYR M 116 82.15 -9.84 0.15
CA TYR M 116 82.45 -10.30 1.50
C TYR M 116 81.22 -10.19 2.37
N SER M 117 81.10 -11.14 3.31
CA SER M 117 79.91 -11.20 4.15
C SER M 117 80.27 -11.87 5.47
N GLY M 118 79.40 -11.68 6.47
CA GLY M 118 79.55 -12.31 7.77
C GLY M 118 80.15 -11.43 8.84
N GLN M 119 80.63 -10.23 8.49
CA GLN M 119 81.26 -9.36 9.48
C GLN M 119 80.22 -8.82 10.45
N ASN M 120 80.68 -8.51 11.66
CA ASN M 120 79.86 -7.85 12.67
C ASN M 120 80.63 -6.65 13.19
N LEU M 121 80.06 -5.46 13.02
CA LEU M 121 80.72 -4.21 13.41
C LEU M 121 80.09 -3.55 14.61
N ASP M 122 79.02 -4.13 15.17
CA ASP M 122 78.32 -3.47 16.28
C ASP M 122 79.10 -3.58 17.58
N SER M 123 79.34 -4.81 18.04
CA SER M 123 80.05 -5.02 19.30
C SER M 123 80.43 -6.48 19.40
N GLY M 124 81.45 -6.77 20.20
CA GLY M 124 81.91 -8.12 20.39
C GLY M 124 83.02 -8.49 19.42
N ALA M 125 83.07 -9.76 19.04
CA ALA M 125 84.08 -10.23 18.11
C ALA M 125 83.73 -9.78 16.69
N LEU M 126 84.73 -9.86 15.80
CA LEU M 126 84.54 -9.45 14.41
C LEU M 126 83.97 -10.57 13.55
N GLY M 127 83.88 -11.79 14.05
CA GLY M 127 83.17 -12.85 13.37
C GLY M 127 83.99 -13.56 12.31
N THR M 128 83.25 -14.35 11.51
CA THR M 128 83.80 -15.13 10.41
C THR M 128 83.40 -14.45 9.10
N ILE M 129 84.35 -13.73 8.52
CA ILE M 129 84.13 -13.01 7.26
C ILE M 129 84.56 -13.92 6.12
N THR M 130 83.63 -14.21 5.22
CA THR M 130 83.91 -14.96 4.00
C THR M 130 84.01 -13.98 2.85
N VAL M 131 85.11 -14.08 2.10
CA VAL M 131 85.43 -13.17 1.01
C VAL M 131 85.57 -13.99 -0.26
N ASP M 132 84.64 -13.79 -1.20
CA ASP M 132 84.65 -14.49 -2.48
C ASP M 132 85.33 -13.60 -3.51
N THR M 133 86.34 -14.15 -4.18
CA THR M 133 87.11 -13.41 -5.18
C THR M 133 86.96 -14.06 -6.54
N LEU M 134 86.80 -13.25 -7.58
CA LEU M 134 86.61 -13.77 -8.94
C LEU M 134 87.18 -12.79 -9.94
N LYS M 135 88.01 -13.29 -10.85
CA LYS M 135 88.59 -12.46 -11.90
C LYS M 135 87.71 -12.53 -13.14
N LYS M 136 87.29 -11.37 -13.63
CA LYS M 136 86.45 -11.28 -14.83
C LYS M 136 87.07 -10.33 -15.85
N ALA N 2 73.30 -9.41 27.45
CA ALA N 2 74.44 -8.59 27.06
C ALA N 2 74.76 -8.80 25.58
N TYR N 3 75.17 -7.71 24.91
CA TYR N 3 75.36 -7.75 23.47
C TYR N 3 76.65 -8.47 23.07
N ALA N 4 77.62 -8.57 23.98
CA ALA N 4 78.87 -9.24 23.62
C ALA N 4 78.64 -10.71 23.28
N GLN N 5 77.55 -11.30 23.73
CA GLN N 5 77.17 -12.66 23.39
C GLN N 5 76.13 -12.61 22.27
N TRP N 6 76.49 -13.17 21.12
CA TRP N 6 75.66 -13.07 19.93
C TRP N 6 75.94 -14.24 19.02
N VAL N 7 75.03 -14.46 18.07
CA VAL N 7 75.15 -15.53 17.10
C VAL N 7 74.37 -15.14 15.85
N ILE N 8 74.90 -15.55 14.70
CA ILE N 8 74.22 -15.40 13.42
C ILE N 8 74.17 -16.77 12.78
N ILE N 9 72.98 -17.14 12.29
CA ILE N 9 72.80 -18.41 11.61
C ILE N 9 72.30 -18.13 10.20
N ILE N 10 73.09 -18.48 9.20
CA ILE N 10 72.74 -18.26 7.81
C ILE N 10 72.46 -19.62 7.18
N ILE N 11 71.17 -19.90 6.97
CA ILE N 11 70.72 -21.11 6.31
C ILE N 11 70.79 -20.88 4.81
N HIS N 12 71.51 -21.75 4.10
CA HIS N 12 71.70 -21.64 2.66
C HIS N 12 71.22 -22.95 2.03
N ASN N 13 70.11 -22.89 1.31
CA ASN N 13 69.54 -24.08 0.68
C ASN N 13 70.24 -24.31 -0.65
N VAL N 14 71.39 -25.00 -0.58
CA VAL N 14 72.15 -25.28 -1.78
C VAL N 14 71.44 -26.29 -2.69
N GLY N 15 70.46 -27.01 -2.16
CA GLY N 15 69.76 -28.03 -2.93
C GLY N 15 68.74 -27.42 -3.88
N SER N 16 67.86 -28.29 -4.39
CA SER N 16 66.87 -27.90 -5.38
C SER N 16 65.43 -28.09 -4.91
N GLN N 17 65.21 -28.39 -3.62
CA GLN N 17 63.87 -28.54 -3.08
C GLN N 17 63.75 -27.77 -1.78
N ASP N 18 62.52 -27.37 -1.45
CA ASP N 18 62.28 -26.45 -0.35
C ASP N 18 62.60 -27.09 1.00
N VAL N 19 62.98 -26.24 1.96
CA VAL N 19 63.18 -26.63 3.35
C VAL N 19 62.50 -25.58 4.23
N LYS N 20 61.79 -26.03 5.25
CA LYS N 20 60.98 -25.15 6.08
C LYS N 20 61.56 -25.03 7.48
N ILE N 21 61.51 -23.81 8.02
CA ILE N 21 61.88 -23.58 9.41
C ILE N 21 60.67 -23.90 10.30
N LYS N 22 60.93 -24.40 11.49
CA LYS N 22 59.86 -24.71 12.42
C LYS N 22 60.37 -24.62 13.85
N ASN N 23 59.45 -24.37 14.78
CA ASN N 23 59.72 -24.41 16.21
C ASN N 23 60.89 -23.52 16.60
N LEU N 24 61.11 -22.44 15.85
CA LEU N 24 62.11 -21.46 16.24
C LEU N 24 61.73 -20.83 17.58
N LYS N 25 62.67 -20.83 18.52
CA LYS N 25 62.39 -20.37 19.87
C LYS N 25 63.68 -19.92 20.52
N ALA N 26 63.70 -18.67 20.99
CA ALA N 26 64.85 -18.12 21.70
C ALA N 26 64.53 -18.21 23.19
N SER N 27 65.07 -19.24 23.85
CA SER N 27 64.77 -19.43 25.27
C SER N 27 65.39 -18.33 26.12
N TRP N 28 66.53 -17.79 25.70
CA TRP N 28 67.18 -16.68 26.38
C TRP N 28 67.61 -15.67 25.33
N GLY N 29 67.82 -14.43 25.78
CA GLY N 29 68.20 -13.38 24.85
C GLY N 29 67.05 -12.98 23.95
N LYS N 30 67.39 -12.49 22.77
CA LYS N 30 66.41 -11.97 21.83
C LYS N 30 66.92 -12.10 20.40
N LEU N 31 66.00 -12.31 19.47
CA LEU N 31 66.31 -12.16 18.06
C LEU N 31 66.28 -10.69 17.67
N HIS N 32 66.83 -10.39 16.50
CA HIS N 32 66.90 -9.00 16.04
C HIS N 32 67.21 -8.99 14.56
N ALA N 33 66.99 -7.82 13.94
CA ALA N 33 67.25 -7.63 12.53
C ALA N 33 68.73 -7.39 12.28
N ASP N 34 69.20 -7.84 11.11
CA ASP N 34 70.62 -7.78 10.79
C ASP N 34 71.18 -6.37 10.96
N GLY N 35 72.29 -6.27 11.67
CA GLY N 35 73.00 -5.01 11.83
C GLY N 35 72.47 -4.10 12.90
N ASP N 36 71.40 -4.48 13.60
CA ASP N 36 70.79 -3.65 14.64
C ASP N 36 70.33 -4.58 15.77
N LYS N 37 71.18 -4.74 16.78
CA LYS N 37 70.80 -5.54 17.94
C LYS N 37 69.68 -4.88 18.72
N ASP N 38 69.43 -3.58 18.52
CA ASP N 38 68.33 -2.92 19.20
C ASP N 38 66.98 -3.27 18.59
N ALA N 39 66.94 -3.51 17.28
CA ALA N 39 65.69 -3.78 16.57
C ALA N 39 65.29 -5.23 16.82
N GLU N 40 64.61 -5.45 17.94
CA GLU N 40 64.12 -6.78 18.27
C GLU N 40 63.08 -7.23 17.24
N VAL N 41 63.04 -8.54 17.00
CA VAL N 41 62.07 -9.14 16.09
C VAL N 41 61.47 -10.37 16.76
N SER N 42 60.30 -10.75 16.27
CA SER N 42 59.56 -11.88 16.83
C SER N 42 59.91 -13.16 16.09
N ALA N 43 59.78 -14.28 16.80
CA ALA N 43 60.03 -15.58 16.18
C ALA N 43 59.06 -15.86 15.04
N SER N 44 57.86 -15.27 15.09
CA SER N 44 56.90 -15.45 14.01
C SER N 44 57.42 -14.93 12.68
N ASN N 45 58.37 -13.99 12.71
CA ASN N 45 58.95 -13.47 11.48
C ASN N 45 59.70 -14.54 10.70
N TYR N 46 60.03 -15.67 11.33
CA TYR N 46 60.73 -16.76 10.68
C TYR N 46 60.00 -18.09 10.77
N GLU N 47 59.11 -18.26 11.75
CA GLU N 47 58.41 -19.53 11.91
C GLU N 47 57.66 -19.91 10.64
N GLY N 48 57.81 -21.15 10.21
CA GLY N 48 57.09 -21.65 9.05
C GLY N 48 57.61 -21.14 7.73
N LYS N 49 58.72 -20.44 7.70
CA LYS N 49 59.23 -19.88 6.46
C LYS N 49 59.82 -20.97 5.57
N ILE N 50 59.60 -20.82 4.27
CA ILE N 50 60.17 -21.69 3.26
C ILE N 50 61.42 -21.04 2.70
N VAL N 51 62.54 -21.76 2.72
CA VAL N 51 63.77 -21.32 2.09
C VAL N 51 63.80 -21.97 0.71
N LYS N 52 63.49 -21.19 -0.32
CA LYS N 52 63.52 -21.71 -1.68
C LYS N 52 64.95 -22.05 -2.08
N PRO N 53 65.13 -22.95 -3.05
CA PRO N 53 66.49 -23.31 -3.47
C PRO N 53 67.26 -22.08 -3.93
N ASP N 54 68.55 -22.05 -3.58
CA ASP N 54 69.48 -20.96 -3.84
C ASP N 54 69.20 -19.74 -2.98
N GLU N 55 68.27 -19.81 -2.03
CA GLU N 55 67.95 -18.70 -1.17
C GLU N 55 68.71 -18.80 0.14
N LYS N 56 68.95 -17.65 0.77
CA LYS N 56 69.65 -17.57 2.04
C LYS N 56 68.76 -16.86 3.07
N LEU N 57 68.73 -17.40 4.28
CA LEU N 57 67.92 -16.86 5.36
C LEU N 57 68.80 -16.66 6.60
N GLN N 58 68.80 -15.44 7.13
CA GLN N 58 69.64 -15.07 8.25
C GLN N 58 68.80 -14.87 9.50
N ILE N 59 69.18 -15.53 10.59
CA ILE N 59 68.58 -15.31 11.91
C ILE N 59 69.69 -14.80 12.83
N ASN N 60 69.45 -13.65 13.45
CA ASN N 60 70.42 -13.02 14.33
C ASN N 60 69.87 -13.03 15.75
N ALA N 61 70.67 -13.54 16.70
CA ALA N 61 70.30 -13.56 18.10
C ALA N 61 71.45 -12.98 18.93
N SER N 62 71.11 -12.46 20.09
CA SER N 62 72.12 -11.87 20.97
C SER N 62 71.48 -11.63 22.33
N GLY N 63 72.32 -11.35 23.32
CA GLY N 63 71.81 -11.04 24.64
C GLY N 63 71.06 -9.72 24.67
N ARG N 64 70.31 -9.52 25.75
CA ARG N 64 69.49 -8.32 25.90
C ARG N 64 70.39 -7.14 26.30
N SER N 65 69.76 -6.02 26.63
CA SER N 65 70.48 -4.78 26.89
C SER N 65 71.18 -4.79 28.24
N ASP N 66 72.47 -5.14 28.25
CA ASP N 66 73.35 -5.07 29.41
C ASP N 66 73.03 -6.12 30.46
N ALA N 67 72.01 -6.95 30.26
CA ALA N 67 71.72 -8.01 31.21
C ALA N 67 72.86 -9.01 31.26
N ALA N 68 72.98 -9.70 32.40
CA ALA N 68 74.03 -10.68 32.60
C ALA N 68 73.78 -11.97 31.84
N GLU N 69 72.75 -12.01 31.01
CA GLU N 69 72.45 -13.19 30.22
C GLU N 69 73.21 -13.17 28.89
N GLY N 70 73.46 -14.37 28.37
CA GLY N 70 73.94 -14.52 27.01
C GLY N 70 72.78 -14.74 26.06
N THR N 71 72.81 -15.86 25.33
CA THR N 71 71.70 -16.22 24.46
C THR N 71 71.63 -17.74 24.32
N THR N 72 70.43 -18.22 24.00
CA THR N 72 70.19 -19.64 23.79
C THR N 72 68.91 -19.80 22.99
N GLY N 73 68.89 -20.79 22.10
CA GLY N 73 67.72 -21.03 21.28
C GLY N 73 67.81 -22.35 20.55
N THR N 74 66.70 -22.70 19.91
CA THR N 74 66.59 -23.96 19.18
C THR N 74 65.58 -23.79 18.05
N PHE N 75 65.69 -24.67 17.05
CA PHE N 75 64.73 -24.69 15.96
C PHE N 75 64.90 -26.01 15.20
N ASP N 76 64.10 -26.19 14.16
CA ASP N 76 64.09 -27.41 13.38
C ASP N 76 64.00 -27.08 11.89
N LEU N 77 64.81 -27.77 11.11
CA LEU N 77 64.64 -27.81 9.67
C LEU N 77 63.78 -29.02 9.33
N VAL N 78 62.74 -28.81 8.51
CA VAL N 78 61.81 -29.86 8.13
C VAL N 78 61.61 -29.83 6.63
N ASP N 79 61.10 -30.94 6.09
CA ASP N 79 60.89 -31.10 4.66
C ASP N 79 59.43 -30.83 4.33
N PRO N 80 59.09 -29.72 3.68
CA PRO N 80 57.67 -29.49 3.34
C PRO N 80 57.10 -30.52 2.38
N ALA N 81 57.93 -31.14 1.55
CA ALA N 81 57.47 -32.08 0.55
C ALA N 81 57.30 -33.49 1.07
N ASP N 82 57.61 -33.75 2.35
CA ASP N 82 57.50 -35.07 2.95
C ASP N 82 56.71 -35.00 4.24
N GLY N 83 55.59 -34.28 4.20
CA GLY N 83 54.75 -34.16 5.39
C GLY N 83 55.46 -33.51 6.56
N ASP N 84 56.30 -32.52 6.28
CA ASP N 84 57.03 -31.79 7.33
C ASP N 84 57.88 -32.75 8.17
N LYS N 85 58.37 -33.81 7.56
CA LYS N 85 59.25 -34.73 8.28
C LYS N 85 60.51 -34.00 8.72
N GLN N 86 60.92 -34.23 9.98
CA GLN N 86 62.05 -33.50 10.51
C GLN N 86 63.32 -33.84 9.74
N VAL N 87 63.99 -32.81 9.25
CA VAL N 87 65.32 -32.93 8.67
C VAL N 87 66.39 -32.86 9.75
N ARG N 88 66.36 -31.82 10.56
CA ARG N 88 67.38 -31.65 11.60
C ARG N 88 66.83 -30.79 12.72
N HIS N 89 67.51 -30.88 13.86
CA HIS N 89 67.18 -30.10 15.06
C HIS N 89 68.43 -29.36 15.49
N PHE N 90 68.37 -28.03 15.49
CA PHE N 90 69.52 -27.20 15.79
C PHE N 90 69.33 -26.53 17.15
N TYR N 91 70.40 -26.55 17.95
CA TYR N 91 70.42 -25.91 19.26
C TYR N 91 71.67 -25.06 19.35
N TRP N 92 71.51 -23.80 19.78
CA TRP N 92 72.65 -22.89 19.95
C TRP N 92 72.60 -22.29 21.34
N ASP N 93 73.79 -22.09 21.91
CA ASP N 93 73.91 -21.53 23.26
C ASP N 93 75.23 -20.78 23.35
N SER N 94 75.16 -19.48 23.60
CA SER N 94 76.32 -18.63 23.83
C SER N 94 76.12 -18.01 25.20
N PRO N 95 76.57 -18.67 26.26
CA PRO N 95 76.29 -18.19 27.62
C PRO N 95 77.13 -16.99 28.00
N TRP N 96 76.64 -16.24 28.99
CA TRP N 96 77.39 -15.11 29.54
C TRP N 96 78.35 -15.56 30.63
N GLY N 97 77.90 -16.48 31.49
CA GLY N 97 78.73 -16.95 32.58
C GLY N 97 79.79 -17.93 32.12
N SER N 98 79.36 -19.07 31.58
CA SER N 98 80.29 -20.07 31.10
C SER N 98 81.02 -19.56 29.87
N LYS N 99 82.32 -19.86 29.80
CA LYS N 99 83.12 -19.42 28.66
C LYS N 99 82.81 -20.24 27.41
N THR N 100 82.64 -21.55 27.57
CA THR N 100 82.44 -22.43 26.43
C THR N 100 81.05 -22.25 25.84
N ASN N 101 80.97 -22.14 24.51
CA ASN N 101 79.71 -22.04 23.81
C ASN N 101 79.24 -23.44 23.42
N THR N 102 78.16 -23.52 22.62
CA THR N 102 77.63 -24.81 22.21
C THR N 102 76.80 -24.63 20.95
N TRP N 103 77.08 -25.44 19.93
CA TRP N 103 76.27 -25.50 18.73
C TRP N 103 76.09 -26.96 18.37
N THR N 104 74.86 -27.47 18.52
CA THR N 104 74.58 -28.89 18.36
C THR N 104 73.55 -29.07 17.25
N VAL N 105 73.84 -30.01 16.35
CA VAL N 105 72.91 -30.40 15.29
C VAL N 105 72.60 -31.87 15.48
N SER N 106 71.33 -32.18 15.72
CA SER N 106 70.88 -33.55 15.92
C SER N 106 69.85 -33.89 14.86
N GLY N 107 69.51 -35.18 14.79
CA GLY N 107 68.57 -35.68 13.81
C GLY N 107 69.20 -36.78 12.97
N SER N 108 68.33 -37.47 12.24
CA SER N 108 68.78 -38.65 11.50
C SER N 108 68.20 -38.73 10.09
N ASN N 109 67.59 -37.67 9.57
CA ASN N 109 67.07 -37.71 8.21
C ASN N 109 68.20 -38.03 7.23
N THR N 110 68.01 -39.09 6.44
CA THR N 110 69.07 -39.63 5.63
C THR N 110 69.06 -39.14 4.18
N LYS N 111 67.92 -38.65 3.69
CA LYS N 111 67.83 -38.09 2.35
C LYS N 111 68.17 -36.60 2.33
N TRP N 112 68.85 -36.11 3.35
CA TRP N 112 69.29 -34.72 3.42
C TRP N 112 70.75 -34.67 3.85
N MET N 113 71.45 -33.66 3.33
CA MET N 113 72.83 -33.37 3.70
C MET N 113 72.90 -31.97 4.28
N ILE N 114 73.41 -31.86 5.50
CA ILE N 114 73.52 -30.59 6.20
C ILE N 114 74.97 -30.42 6.62
N GLU N 115 75.55 -29.25 6.33
CA GLU N 115 76.94 -28.96 6.67
C GLU N 115 77.02 -27.58 7.29
N TYR N 116 77.48 -27.52 8.54
CA TYR N 116 77.58 -26.27 9.27
C TYR N 116 79.05 -25.95 9.54
N SER N 117 79.41 -24.68 9.37
CA SER N 117 80.79 -24.26 9.57
C SER N 117 80.84 -22.80 10.00
N GLY N 118 81.86 -22.47 10.79
CA GLY N 118 82.11 -21.11 11.24
C GLY N 118 81.90 -20.87 12.72
N GLN N 119 81.52 -21.89 13.50
CA GLN N 119 81.24 -21.67 14.91
C GLN N 119 82.54 -21.49 15.70
N ASN N 120 82.43 -20.77 16.82
CA ASN N 120 83.50 -20.65 17.79
C ASN N 120 83.02 -21.20 19.12
N LEU N 121 83.82 -22.08 19.74
CA LEU N 121 83.41 -22.77 20.95
C LEU N 121 84.30 -22.51 22.16
N ASP N 122 85.42 -21.79 21.99
CA ASP N 122 86.34 -21.60 23.10
C ASP N 122 85.85 -20.51 24.05
N SER N 123 85.71 -19.29 23.56
CA SER N 123 85.31 -18.16 24.39
C SER N 123 84.73 -17.09 23.50
N GLY N 124 84.08 -16.12 24.14
CA GLY N 124 83.48 -15.02 23.40
C GLY N 124 82.17 -15.42 22.74
N ALA N 125 81.77 -14.61 21.76
CA ALA N 125 80.52 -14.86 21.05
C ALA N 125 80.60 -16.15 20.25
N LEU N 126 79.43 -16.76 20.00
CA LEU N 126 79.39 -17.98 19.21
C LEU N 126 79.78 -17.72 17.76
N GLY N 127 79.48 -16.54 17.24
CA GLY N 127 79.94 -16.14 15.93
C GLY N 127 78.90 -16.31 14.84
N THR N 128 79.39 -16.41 13.62
CA THR N 128 78.56 -16.60 12.44
C THR N 128 78.71 -18.04 11.96
N ILE N 129 77.58 -18.71 11.74
CA ILE N 129 77.54 -20.13 11.37
C ILE N 129 76.75 -20.26 10.08
N THR N 130 77.38 -20.81 9.06
CA THR N 130 76.76 -21.07 7.77
C THR N 130 76.34 -22.52 7.72
N VAL N 131 75.07 -22.76 7.39
CA VAL N 131 74.51 -24.12 7.35
C VAL N 131 74.00 -24.32 5.92
N ASP N 132 74.76 -25.08 5.13
CA ASP N 132 74.35 -25.46 3.79
C ASP N 132 73.49 -26.72 3.86
N THR N 133 72.30 -26.64 3.27
CA THR N 133 71.35 -27.74 3.26
C THR N 133 71.07 -28.18 1.83
N LEU N 134 70.98 -29.49 1.64
CA LEU N 134 70.70 -30.06 0.32
C LEU N 134 69.88 -31.32 0.51
N LYS N 135 69.02 -31.61 -0.48
CA LYS N 135 68.24 -32.84 -0.49
C LYS N 135 68.74 -33.72 -1.63
N LYS N 136 69.19 -34.92 -1.29
CA LYS N 136 69.75 -35.84 -2.29
C LYS N 136 68.71 -36.15 -3.36
N GLN O 10 13.25 -32.09 -42.20
CA GLN O 10 14.63 -31.90 -41.75
C GLN O 10 14.78 -32.35 -40.30
N ALA O 11 13.73 -32.17 -39.50
CA ALA O 11 13.79 -32.59 -38.11
C ALA O 11 14.00 -34.09 -38.03
N GLY O 12 14.85 -34.51 -37.10
CA GLY O 12 15.23 -35.91 -37.00
C GLY O 12 16.31 -36.33 -37.94
N ASP O 13 16.90 -35.41 -38.69
CA ASP O 13 17.97 -35.74 -39.62
C ASP O 13 19.28 -35.95 -38.87
N THR O 14 20.08 -36.89 -39.37
CA THR O 14 21.34 -37.26 -38.74
C THR O 14 22.50 -37.17 -39.73
N LEU O 15 23.69 -37.44 -39.22
CA LEU O 15 24.86 -37.51 -40.08
C LEU O 15 24.65 -38.51 -41.21
N ASN O 16 23.86 -39.56 -40.97
CA ASN O 16 23.58 -40.51 -42.04
C ASN O 16 22.87 -39.82 -43.20
N ASP O 17 21.84 -39.03 -42.92
CA ASP O 17 21.14 -38.33 -44.00
C ASP O 17 22.06 -37.31 -44.67
N VAL O 18 22.85 -36.60 -43.87
CA VAL O 18 23.76 -35.60 -44.44
C VAL O 18 24.74 -36.27 -45.40
N ILE O 19 25.28 -37.43 -45.01
CA ILE O 19 26.23 -38.13 -45.86
C ILE O 19 25.53 -38.73 -47.07
N GLN O 20 24.30 -39.22 -46.91
CA GLN O 20 23.60 -39.82 -48.05
C GLN O 20 23.35 -38.78 -49.13
N ASP O 21 22.96 -37.57 -48.75
CA ASP O 21 22.72 -36.54 -49.76
C ASP O 21 24.06 -36.01 -50.27
N PRO O 22 24.37 -36.13 -51.56
CA PRO O 22 25.68 -35.65 -52.03
C PRO O 22 25.92 -34.17 -51.79
N THR O 23 24.89 -33.34 -51.95
CA THR O 23 25.06 -31.91 -51.74
C THR O 23 25.38 -31.60 -50.29
N ARG O 24 24.59 -32.17 -49.36
CA ARG O 24 24.81 -31.91 -47.94
C ARG O 24 26.15 -32.47 -47.48
N ARG O 25 26.53 -33.64 -48.00
CA ARG O 25 27.82 -34.22 -47.64
C ARG O 25 28.97 -33.33 -48.07
N ASN O 26 28.91 -32.82 -49.30
CA ASN O 26 29.95 -31.93 -49.79
C ASN O 26 29.97 -30.62 -49.00
N LYS O 27 28.79 -30.11 -48.65
CA LYS O 27 28.73 -28.90 -47.84
C LYS O 27 29.39 -29.13 -46.48
N LEU O 28 29.12 -30.28 -45.86
CA LEU O 28 29.75 -30.60 -44.59
C LEU O 28 31.27 -30.68 -44.74
N ILE O 29 31.74 -31.36 -45.77
CA ILE O 29 33.18 -31.51 -45.97
C ILE O 29 33.82 -30.14 -46.14
N ASN O 30 33.22 -29.28 -46.96
CA ASN O 30 33.80 -27.97 -47.23
C ASN O 30 33.77 -27.09 -45.99
N ASP O 31 32.62 -27.02 -45.32
CA ASP O 31 32.48 -26.15 -44.16
C ASP O 31 33.34 -26.60 -42.99
N ASN O 32 33.69 -27.89 -42.93
CA ASN O 32 34.52 -28.38 -41.83
C ASN O 32 35.97 -28.60 -42.24
N ASN O 33 36.33 -28.35 -43.50
CA ASN O 33 37.72 -28.40 -43.94
C ASN O 33 38.31 -29.80 -43.72
N LEU O 34 37.49 -30.81 -44.01
CA LEU O 34 37.89 -32.18 -43.72
C LEU O 34 38.95 -32.70 -44.68
N LEU O 35 39.17 -32.03 -45.80
CA LEU O 35 40.18 -32.44 -46.77
C LEU O 35 41.51 -31.73 -46.57
N LYS O 36 41.63 -30.86 -45.57
CA LYS O 36 42.80 -30.03 -45.38
C LYS O 36 43.51 -30.39 -44.08
N GLY O 37 44.84 -30.29 -44.11
CA GLY O 37 45.64 -30.50 -42.92
C GLY O 37 45.68 -29.27 -42.02
N ILE O 38 46.27 -29.45 -40.84
CA ILE O 38 46.39 -28.38 -39.86
C ILE O 38 47.84 -27.92 -39.80
N ILE O 39 48.06 -26.61 -39.83
CA ILE O 39 49.40 -26.06 -40.07
C ILE O 39 50.26 -26.00 -38.81
N MET O 40 49.67 -26.06 -37.62
CA MET O 40 50.43 -26.13 -36.37
C MET O 40 51.59 -25.11 -36.39
N GLY O 41 51.21 -23.85 -36.43
CA GLY O 41 52.19 -22.79 -36.58
C GLY O 41 52.22 -21.84 -35.40
N ARG O 42 52.74 -20.64 -35.62
CA ARG O 42 52.89 -19.70 -34.52
C ARG O 42 51.54 -19.25 -33.98
N ASP O 43 50.50 -19.28 -34.82
CA ASP O 43 49.16 -18.88 -34.41
C ASP O 43 48.31 -20.02 -33.89
N GLY O 44 48.87 -21.24 -33.84
CA GLY O 44 48.13 -22.39 -33.36
C GLY O 44 47.72 -23.31 -34.50
N PRO O 45 46.90 -24.32 -34.18
CA PRO O 45 46.44 -25.28 -35.20
C PRO O 45 45.35 -24.73 -36.11
N VAL O 46 45.77 -23.97 -37.12
CA VAL O 46 44.85 -23.40 -38.09
C VAL O 46 44.83 -24.29 -39.31
N PRO O 47 43.66 -24.62 -39.87
CA PRO O 47 43.65 -25.45 -41.07
C PRO O 47 44.23 -24.71 -42.26
N SER O 48 44.87 -25.46 -43.15
CA SER O 48 45.42 -24.89 -44.37
C SER O 48 44.30 -24.58 -45.36
N SER O 49 44.64 -23.79 -46.38
CA SER O 49 43.70 -23.42 -47.43
C SER O 49 43.93 -24.22 -48.70
N ARG O 50 44.76 -25.25 -48.66
CA ARG O 50 45.04 -26.12 -49.79
C ARG O 50 44.57 -27.53 -49.46
N GLU O 51 43.84 -28.14 -50.39
CA GLU O 51 43.34 -29.49 -50.15
C GLU O 51 44.49 -30.48 -50.18
N LEU O 52 44.56 -31.32 -49.15
CA LEU O 52 45.62 -32.31 -49.01
C LEU O 52 45.23 -33.64 -49.64
N ILE O 53 44.01 -34.11 -49.40
CA ILE O 53 43.55 -35.40 -49.91
C ILE O 53 42.52 -35.17 -51.01
N VAL O 54 42.19 -36.24 -51.73
CA VAL O 54 41.20 -36.20 -52.78
C VAL O 54 39.81 -36.34 -52.17
N ARG O 55 38.83 -35.69 -52.79
CA ARG O 55 37.48 -35.70 -52.25
C ARG O 55 36.92 -37.12 -52.26
N PRO O 56 36.53 -37.68 -51.12
CA PRO O 56 35.94 -39.02 -51.12
C PRO O 56 34.54 -39.02 -51.71
N ASP O 57 34.12 -40.18 -52.20
CA ASP O 57 32.76 -40.37 -52.67
C ASP O 57 31.78 -40.66 -51.54
N THR O 58 32.28 -40.91 -50.34
CA THR O 58 31.43 -41.15 -49.18
C THR O 58 32.29 -41.01 -47.92
N LEU O 59 31.64 -41.03 -46.77
CA LEU O 59 32.30 -40.90 -45.49
C LEU O 59 31.87 -42.01 -44.55
N ARG O 60 32.78 -42.44 -43.69
CA ARG O 60 32.48 -43.38 -42.63
C ARG O 60 32.03 -42.58 -41.40
N ALA O 61 30.84 -42.87 -40.90
CA ALA O 61 30.30 -42.09 -39.80
C ALA O 61 29.52 -42.98 -38.85
N ILE O 62 29.44 -42.53 -37.59
CA ILE O 62 28.61 -43.14 -36.57
C ILE O 62 27.76 -42.04 -35.95
N ILE O 63 26.61 -42.43 -35.43
CA ILE O 63 25.66 -41.48 -34.84
C ILE O 63 25.78 -41.55 -33.33
N ASN O 64 25.86 -40.37 -32.70
CA ASN O 64 25.93 -40.27 -31.25
C ASN O 64 25.34 -38.92 -30.85
N ASN O 65 24.34 -38.95 -29.96
CA ASN O 65 23.60 -37.75 -29.59
C ASN O 65 23.59 -37.54 -28.07
N ARG O 66 24.54 -38.12 -27.35
CA ARG O 66 24.59 -37.97 -25.90
C ARG O 66 25.29 -36.64 -25.56
N ALA O 67 24.53 -35.69 -25.04
CA ALA O 67 25.07 -34.41 -24.64
C ALA O 67 25.52 -34.48 -23.18
N THR O 68 26.75 -34.06 -22.92
CA THR O 68 27.33 -34.14 -21.59
C THR O 68 28.56 -33.25 -21.54
N ILE O 69 29.08 -33.06 -20.33
CA ILE O 69 30.26 -32.23 -20.08
C ILE O 69 31.43 -33.15 -19.79
N GLU O 70 32.51 -32.98 -20.54
CA GLU O 70 33.73 -33.74 -20.37
C GLU O 70 34.86 -32.79 -20.00
N THR O 71 35.85 -33.32 -19.29
CA THR O 71 36.99 -32.52 -18.85
C THR O 71 38.29 -33.26 -19.18
N THR O 72 39.31 -32.50 -19.55
CA THR O 72 40.62 -33.05 -19.89
C THR O 72 41.70 -32.17 -19.29
N THR O 73 42.84 -32.78 -18.98
CA THR O 73 43.98 -32.08 -18.42
C THR O 73 45.24 -32.46 -19.18
N MET O 74 46.16 -31.51 -19.31
CA MET O 74 47.40 -31.71 -20.05
C MET O 74 48.55 -31.10 -19.25
N GLU O 75 49.71 -31.76 -19.32
CA GLU O 75 50.89 -31.29 -18.60
C GLU O 75 51.95 -30.68 -19.51
N ALA O 76 51.88 -30.94 -20.81
CA ALA O 76 52.85 -30.37 -21.74
C ALA O 76 52.77 -28.85 -21.71
N GLU O 77 53.87 -28.21 -22.11
CA GLU O 77 54.00 -26.76 -21.98
C GLU O 77 53.28 -26.02 -23.10
N PHE O 78 53.60 -26.34 -24.35
CA PHE O 78 53.16 -25.57 -25.50
C PHE O 78 51.87 -26.11 -26.12
N THR O 79 51.02 -26.77 -25.35
CA THR O 79 49.80 -27.39 -25.87
C THR O 79 48.54 -26.58 -25.54
N GLU O 80 48.68 -25.30 -25.21
CA GLU O 80 47.51 -24.49 -24.88
C GLU O 80 46.55 -24.40 -26.06
N THR O 81 47.06 -24.11 -27.25
CA THR O 81 46.19 -23.97 -28.41
C THR O 81 45.54 -25.30 -28.78
N LEU O 82 46.27 -26.40 -28.66
CA LEU O 82 45.67 -27.71 -28.93
C LEU O 82 44.54 -28.00 -27.96
N MET O 83 44.76 -27.71 -26.67
CA MET O 83 43.69 -27.90 -25.70
C MET O 83 42.49 -27.02 -26.03
N GLU O 84 42.75 -25.78 -26.45
CA GLU O 84 41.66 -24.91 -26.88
C GLU O 84 40.94 -25.44 -28.12
N SER O 85 41.64 -26.19 -28.96
CA SER O 85 41.04 -26.81 -30.14
C SER O 85 40.45 -28.17 -29.84
N ASN O 86 40.53 -28.63 -28.59
CA ASN O 86 39.85 -29.84 -28.14
C ASN O 86 40.48 -31.09 -28.75
N TYR O 87 41.80 -31.16 -28.67
CA TYR O 87 42.54 -32.36 -29.06
C TYR O 87 42.69 -33.26 -27.86
N ASN O 88 42.33 -34.53 -28.02
CA ASN O 88 42.47 -35.48 -26.93
C ASN O 88 43.96 -35.74 -26.67
N SER O 89 44.23 -36.62 -25.70
CA SER O 89 45.62 -36.82 -25.27
C SER O 89 46.49 -37.33 -26.40
N ALA O 90 45.99 -38.31 -27.18
CA ALA O 90 46.80 -38.88 -28.25
C ALA O 90 47.10 -37.84 -29.32
N SER O 91 46.09 -37.07 -29.72
CA SER O 91 46.31 -36.04 -30.74
C SER O 91 47.26 -34.98 -30.25
N VAL O 92 47.12 -34.56 -28.99
CA VAL O 92 48.04 -33.56 -28.44
C VAL O 92 49.46 -34.10 -28.42
N LYS O 93 49.62 -35.38 -28.05
CA LYS O 93 50.95 -35.98 -28.03
C LYS O 93 51.54 -36.01 -29.44
N VAL O 94 50.72 -36.34 -30.45
CA VAL O 94 51.23 -36.43 -31.81
C VAL O 94 51.61 -35.05 -32.32
N SER O 95 50.82 -34.03 -31.98
CA SER O 95 51.02 -32.68 -32.53
C SER O 95 52.01 -31.84 -31.73
N ALA O 96 52.38 -32.25 -30.52
CA ALA O 96 53.23 -31.41 -29.69
C ALA O 96 54.55 -31.05 -30.34
N PRO O 97 55.28 -31.97 -31.00
CA PRO O 97 56.57 -31.57 -31.57
C PRO O 97 56.48 -30.39 -32.52
N PHE O 98 55.48 -30.39 -33.40
CA PHE O 98 55.36 -29.31 -34.38
C PHE O 98 54.99 -28.00 -33.70
N ILE O 99 54.03 -28.04 -32.78
CA ILE O 99 53.61 -26.83 -32.09
C ILE O 99 54.77 -26.22 -31.33
N THR O 100 55.52 -27.06 -30.60
CA THR O 100 56.69 -26.56 -29.88
C THR O 100 57.70 -25.94 -30.86
N ALA O 101 58.03 -26.69 -31.91
CA ALA O 101 59.04 -26.22 -32.86
C ALA O 101 58.67 -24.87 -33.45
N ASN O 102 57.39 -24.67 -33.79
CA ASN O 102 56.96 -23.45 -34.45
C ASN O 102 56.40 -22.40 -33.50
N SER O 103 56.41 -22.65 -32.19
CA SER O 103 55.87 -21.68 -31.24
C SER O 103 56.75 -20.44 -31.17
N GLU O 104 56.27 -19.45 -30.41
CA GLU O 104 57.02 -18.22 -30.13
C GLU O 104 57.46 -18.27 -28.68
N TYR O 105 58.74 -18.56 -28.45
CA TYR O 105 59.26 -18.63 -27.09
C TYR O 105 59.45 -17.23 -26.53
N SER O 106 59.38 -17.12 -25.21
CA SER O 106 59.55 -15.85 -24.54
C SER O 106 59.65 -16.09 -23.04
N GLU O 107 60.43 -15.24 -22.37
CA GLU O 107 60.49 -15.28 -20.91
C GLU O 107 59.16 -14.79 -20.34
N SER O 108 59.05 -14.84 -19.01
CA SER O 108 57.83 -14.44 -18.31
C SER O 108 56.64 -15.31 -18.69
N SER O 109 56.90 -16.49 -19.24
CA SER O 109 55.81 -17.39 -19.60
C SER O 109 55.06 -17.82 -18.34
N SER O 110 53.73 -17.73 -18.40
CA SER O 110 52.93 -18.09 -17.24
C SER O 110 53.06 -19.56 -16.86
N PHE O 111 53.53 -20.40 -17.78
CA PHE O 111 53.73 -21.81 -17.49
C PHE O 111 54.99 -22.00 -16.68
N LYS O 112 54.90 -22.85 -15.65
CA LYS O 112 56.03 -23.16 -14.78
C LYS O 112 56.16 -24.67 -14.67
N ASN O 113 57.37 -25.17 -14.89
CA ASN O 113 57.65 -26.61 -14.82
C ASN O 113 58.96 -26.85 -14.08
N THR O 114 59.18 -26.12 -13.00
CA THR O 114 60.40 -26.29 -12.21
C THR O 114 60.29 -27.56 -11.36
N GLU O 115 61.35 -27.89 -10.66
CA GLU O 115 61.34 -29.10 -9.84
C GLU O 115 60.50 -28.95 -8.58
N THR O 116 60.05 -27.73 -8.27
CA THR O 116 59.28 -27.48 -7.06
C THR O 116 57.81 -27.22 -7.32
N GLU O 117 57.45 -26.64 -8.46
CA GLU O 117 56.05 -26.43 -8.82
C GLU O 117 55.76 -27.01 -10.20
N LYS O 118 54.48 -27.25 -10.45
CA LYS O 118 54.00 -27.86 -11.68
C LYS O 118 52.80 -27.09 -12.19
N SER O 119 52.71 -26.93 -13.52
CA SER O 119 51.63 -26.20 -14.16
C SER O 119 50.89 -27.12 -15.11
N MET O 120 49.58 -26.92 -15.23
CA MET O 120 48.72 -27.78 -16.02
C MET O 120 47.65 -26.93 -16.72
N TYR O 121 47.16 -27.44 -17.84
CA TYR O 121 46.03 -26.85 -18.55
C TYR O 121 44.80 -27.73 -18.34
N THR O 122 43.64 -27.09 -18.15
CA THR O 122 42.39 -27.80 -17.99
C THR O 122 41.37 -27.23 -18.97
N SER O 123 40.51 -28.10 -19.50
CA SER O 123 39.49 -27.70 -20.46
C SER O 123 38.23 -28.51 -20.23
N SER O 124 37.09 -27.82 -20.19
CA SER O 124 35.78 -28.44 -20.03
C SER O 124 34.95 -28.12 -21.25
N ARG O 125 34.46 -29.16 -21.92
CA ARG O 125 33.66 -29.03 -23.13
C ARG O 125 32.25 -29.52 -22.86
N TYR O 126 31.27 -28.64 -22.98
CA TYR O 126 29.87 -29.01 -22.98
C TYR O 126 29.49 -29.35 -24.41
N LEU O 127 29.31 -30.63 -24.68
CA LEU O 127 29.17 -31.16 -26.03
C LEU O 127 27.71 -31.51 -26.32
N PHE O 128 27.25 -31.15 -27.51
CA PHE O 128 25.99 -31.62 -28.08
C PHE O 128 26.38 -32.29 -29.39
N PRO O 129 26.76 -33.56 -29.36
CA PRO O 129 27.29 -34.21 -30.56
C PRO O 129 26.21 -34.78 -31.46
N GLN O 130 26.62 -35.04 -32.71
CA GLN O 130 25.78 -35.70 -33.69
C GLN O 130 26.40 -36.96 -34.24
N GLY O 131 27.72 -37.14 -34.10
CA GLY O 131 28.36 -38.34 -34.58
C GLY O 131 29.86 -38.11 -34.73
N ARG O 132 30.49 -39.06 -35.43
CA ARG O 132 31.93 -39.05 -35.61
C ARG O 132 32.25 -39.52 -37.01
N ILE O 133 33.20 -38.85 -37.66
CA ILE O 133 33.63 -39.15 -39.02
C ILE O 133 35.07 -39.62 -38.97
N ASP O 134 35.37 -40.67 -39.73
CA ASP O 134 36.67 -41.32 -39.71
C ASP O 134 37.22 -41.44 -41.12
N PHE O 135 38.55 -41.44 -41.21
CA PHE O 135 39.26 -41.63 -42.47
C PHE O 135 40.21 -42.82 -42.32
N THR O 136 40.51 -43.46 -43.44
CA THR O 136 41.39 -44.61 -43.45
C THR O 136 42.79 -44.17 -43.83
N THR O 137 43.74 -44.35 -42.93
CA THR O 137 45.12 -44.04 -43.24
C THR O 137 45.74 -45.17 -44.06
N PRO O 138 46.75 -44.87 -44.88
CA PRO O 138 47.41 -45.94 -45.63
C PRO O 138 47.98 -47.03 -44.75
N ASP O 139 48.46 -46.69 -43.56
CA ASP O 139 49.02 -47.69 -42.65
C ASP O 139 47.98 -48.69 -42.18
N SER O 140 46.69 -48.32 -42.21
CA SER O 140 45.65 -49.24 -41.76
C SER O 140 45.61 -50.50 -42.63
N GLY O 141 45.78 -50.33 -43.94
CA GLY O 141 45.80 -51.45 -44.85
C GLY O 141 44.47 -51.83 -45.47
N PHE O 142 43.42 -51.04 -45.22
CA PHE O 142 42.12 -51.33 -45.80
C PHE O 142 42.03 -50.78 -47.23
N ASP O 143 40.94 -51.14 -47.91
CA ASP O 143 40.81 -50.84 -49.33
C ASP O 143 40.36 -49.42 -49.62
N ASP O 144 39.81 -48.71 -48.62
CA ASP O 144 39.28 -47.36 -48.82
C ASP O 144 40.22 -46.29 -48.28
N VAL O 145 41.53 -46.50 -48.44
CA VAL O 145 42.50 -45.53 -47.94
C VAL O 145 42.27 -44.18 -48.60
N ILE O 146 42.65 -43.12 -47.89
CA ILE O 146 42.63 -41.78 -48.47
C ILE O 146 43.79 -41.65 -49.45
N LYS O 147 43.55 -40.91 -50.54
CA LYS O 147 44.54 -40.73 -51.59
C LYS O 147 45.04 -39.30 -51.56
N LEU O 148 46.35 -39.13 -51.41
CA LEU O 148 46.94 -37.80 -51.41
C LEU O 148 46.75 -37.13 -52.76
N SER O 149 46.55 -35.82 -52.73
CA SER O 149 46.28 -35.09 -53.96
C SER O 149 47.50 -35.13 -54.87
N PRO O 150 47.30 -35.18 -56.20
CA PRO O 150 48.46 -35.14 -57.10
C PRO O 150 49.28 -33.89 -56.93
N GLN O 151 48.67 -32.76 -56.57
CA GLN O 151 49.44 -31.54 -56.34
C GLN O 151 50.41 -31.72 -55.18
N PHE O 152 49.94 -32.28 -54.07
CA PHE O 152 50.82 -32.53 -52.94
C PHE O 152 51.92 -33.52 -53.29
N THR O 153 51.57 -34.60 -54.00
CA THR O 153 52.56 -35.59 -54.37
C THR O 153 53.63 -34.98 -55.28
N SER O 154 53.21 -34.16 -56.25
CA SER O 154 54.16 -33.50 -57.14
C SER O 154 55.03 -32.51 -56.37
N GLY O 155 54.45 -31.80 -55.40
CA GLY O 155 55.25 -30.91 -54.59
C GLY O 155 56.31 -31.65 -53.80
N VAL O 156 55.96 -32.80 -53.21
CA VAL O 156 56.94 -33.59 -52.49
C VAL O 156 58.03 -34.07 -53.42
N GLN O 157 57.65 -34.54 -54.61
CA GLN O 157 58.65 -35.02 -55.57
C GLN O 157 59.60 -33.89 -55.98
N ALA O 158 59.06 -32.70 -56.25
CA ALA O 158 59.90 -31.57 -56.64
C ALA O 158 60.83 -31.19 -55.50
N ALA O 159 60.33 -31.19 -54.26
CA ALA O 159 61.17 -30.87 -53.12
C ALA O 159 62.32 -31.86 -53.00
N LEU O 160 62.03 -33.15 -53.15
CA LEU O 160 63.07 -34.17 -53.02
C LEU O 160 63.98 -34.26 -54.24
N ALA O 161 63.62 -33.62 -55.36
CA ALA O 161 64.44 -33.66 -56.56
C ALA O 161 65.44 -32.53 -56.62
N LYS O 162 65.56 -31.71 -55.58
CA LYS O 162 66.46 -30.57 -55.61
C LYS O 162 67.91 -31.03 -55.52
N ALA O 163 68.81 -30.12 -55.91
CA ALA O 163 70.22 -30.49 -56.06
C ALA O 163 70.89 -30.78 -54.73
N THR O 164 70.67 -29.94 -53.73
CA THR O 164 71.40 -30.01 -52.48
C THR O 164 70.47 -30.33 -51.32
N GLY O 165 71.04 -30.91 -50.26
CA GLY O 165 70.25 -31.26 -49.11
C GLY O 165 69.60 -30.06 -48.45
N THR O 166 70.33 -28.94 -48.38
CA THR O 166 69.76 -27.73 -47.81
C THR O 166 68.55 -27.26 -48.62
N GLU O 167 68.66 -27.29 -49.95
CA GLU O 167 67.53 -26.91 -50.79
C GLU O 167 66.36 -27.87 -50.61
N LYS O 168 66.64 -29.16 -50.52
CA LYS O 168 65.58 -30.14 -50.28
C LYS O 168 64.86 -29.84 -48.96
N ARG O 169 65.63 -29.57 -47.91
CA ARG O 169 65.02 -29.29 -46.61
C ARG O 169 64.21 -28.01 -46.64
N GLU O 170 64.71 -26.97 -47.33
CA GLU O 170 63.95 -25.74 -47.44
C GLU O 170 62.65 -25.97 -48.19
N ALA O 171 62.70 -26.72 -49.29
CA ALA O 171 61.49 -27.01 -50.04
C ALA O 171 60.49 -27.80 -49.21
N LEU O 172 60.97 -28.79 -48.45
CA LEU O 172 60.08 -29.56 -47.59
C LEU O 172 59.47 -28.68 -46.52
N GLN O 173 60.26 -27.78 -45.94
CA GLN O 173 59.73 -26.88 -44.92
C GLN O 173 58.64 -26.00 -45.49
N ASN O 174 58.86 -25.43 -46.67
CA ASN O 174 57.84 -24.61 -47.30
C ASN O 174 56.59 -25.43 -47.61
N LEU O 175 56.78 -26.64 -48.15
CA LEU O 175 55.64 -27.49 -48.50
C LEU O 175 54.81 -27.83 -47.28
N PHE O 176 55.46 -28.14 -46.16
CA PHE O 176 54.71 -28.49 -44.96
C PHE O 176 54.08 -27.27 -44.31
N GLN O 177 54.74 -26.11 -44.39
CA GLN O 177 54.12 -24.89 -43.90
C GLN O 177 52.89 -24.54 -44.71
N GLU O 178 52.85 -24.92 -45.98
CA GLU O 178 51.71 -24.60 -46.83
C GLU O 178 50.58 -25.63 -46.66
N TYR O 179 50.92 -26.91 -46.65
CA TYR O 179 49.91 -27.98 -46.70
C TYR O 179 49.55 -28.53 -45.33
N GLY O 180 50.25 -28.16 -44.27
CA GLY O 180 49.98 -28.67 -42.94
C GLY O 180 51.01 -29.67 -42.47
N HIS O 181 50.94 -29.97 -41.18
CA HIS O 181 51.82 -30.94 -40.54
C HIS O 181 51.12 -32.22 -40.12
N VAL O 182 49.82 -32.16 -39.80
CA VAL O 182 49.05 -33.33 -39.42
C VAL O 182 47.72 -33.30 -40.14
N PHE O 183 47.07 -34.46 -40.17
CA PHE O 183 45.76 -34.62 -40.80
C PHE O 183 44.81 -35.26 -39.80
N ARG O 184 43.63 -34.67 -39.63
CA ARG O 184 42.66 -35.18 -38.67
C ARG O 184 41.97 -36.42 -39.24
N THR O 185 42.20 -37.56 -38.62
CA THR O 185 41.63 -38.82 -39.09
C THR O 185 40.31 -39.17 -38.43
N LYS O 186 40.04 -38.68 -37.22
CA LYS O 186 38.76 -38.92 -36.54
C LYS O 186 38.30 -37.62 -35.93
N VAL O 187 37.12 -37.16 -36.33
CA VAL O 187 36.59 -35.87 -35.89
C VAL O 187 35.14 -36.03 -35.49
N HIS O 188 34.77 -35.44 -34.37
CA HIS O 188 33.39 -35.45 -33.89
C HIS O 188 32.66 -34.24 -34.43
N ILE O 189 31.38 -34.42 -34.75
CA ILE O 189 30.56 -33.36 -35.32
C ILE O 189 29.50 -32.96 -34.30
N GLY O 190 29.05 -31.71 -34.38
CA GLY O 190 28.02 -31.21 -33.49
C GLY O 190 28.28 -29.80 -33.00
N GLY O 191 27.93 -29.53 -31.74
CA GLY O 191 28.19 -28.23 -31.15
C GLY O 191 28.90 -28.39 -29.83
N VAL O 192 29.61 -27.34 -29.43
CA VAL O 192 30.41 -27.40 -28.21
C VAL O 192 30.61 -26.01 -27.62
N LEU O 193 30.43 -25.92 -26.31
CA LEU O 193 30.81 -24.74 -25.53
C LEU O 193 32.01 -25.11 -24.66
N SER O 194 33.14 -24.45 -24.90
CA SER O 194 34.38 -24.84 -24.26
C SER O 194 34.86 -23.75 -23.30
N ALA O 195 35.40 -24.17 -22.16
CA ALA O 195 36.01 -23.27 -21.18
C ALA O 195 37.38 -23.82 -20.81
N HIS O 196 38.41 -22.98 -20.94
CA HIS O 196 39.79 -23.41 -20.75
C HIS O 196 40.48 -22.53 -19.72
N THR O 197 41.43 -23.12 -19.01
CA THR O 197 42.17 -22.40 -17.98
C THR O 197 43.50 -23.10 -17.74
N MET O 198 44.37 -22.43 -17.00
CA MET O 198 45.65 -22.99 -16.58
C MET O 198 45.84 -22.76 -15.08
N GLU O 199 46.51 -23.70 -14.43
CA GLU O 199 46.75 -23.62 -13.00
C GLU O 199 48.16 -24.09 -12.67
N THR O 200 48.83 -23.35 -11.80
CA THR O 200 50.14 -23.70 -11.29
C THR O 200 50.04 -23.96 -9.80
N PHE O 201 50.73 -25.01 -9.33
CA PHE O 201 50.63 -25.40 -7.93
C PHE O 201 51.90 -26.14 -7.53
N SER O 202 52.22 -26.06 -6.24
CA SER O 202 53.42 -26.74 -5.74
C SER O 202 53.27 -28.24 -5.90
N ARG O 203 54.37 -28.91 -6.26
CA ARG O 203 54.35 -30.35 -6.43
C ARG O 203 54.02 -31.08 -5.13
N SER O 204 54.24 -30.44 -3.99
CA SER O 204 53.92 -31.08 -2.71
C SER O 204 52.43 -31.26 -2.53
N GLU O 205 51.62 -30.35 -3.09
CA GLU O 205 50.18 -30.43 -2.92
C GLU O 205 49.62 -31.68 -3.59
N ASN O 206 48.50 -32.16 -3.06
CA ASN O 206 47.85 -33.34 -3.63
C ASN O 206 47.34 -33.04 -5.04
N GLU O 207 47.95 -33.70 -6.03
CA GLU O 207 47.58 -33.45 -7.41
C GLU O 207 46.15 -33.88 -7.69
N THR O 208 45.68 -34.95 -7.04
CA THR O 208 44.35 -35.47 -7.25
C THR O 208 43.31 -34.73 -6.41
N GLU O 209 43.72 -33.69 -5.73
CA GLU O 209 42.79 -32.72 -5.15
C GLU O 209 42.81 -31.41 -5.91
N VAL O 210 43.98 -30.97 -6.38
CA VAL O 210 44.03 -29.79 -7.24
C VAL O 210 43.24 -30.04 -8.52
N LYS O 211 43.43 -31.22 -9.13
CA LYS O 211 42.73 -31.53 -10.37
C LYS O 211 41.23 -31.58 -10.15
N GLN O 212 40.79 -32.23 -9.07
CA GLN O 212 39.36 -32.33 -8.80
C GLN O 212 38.74 -30.96 -8.55
N ASP O 213 39.41 -30.12 -7.77
CA ASP O 213 38.88 -28.79 -7.50
C ASP O 213 38.77 -27.97 -8.78
N VAL O 214 39.83 -27.98 -9.60
CA VAL O 214 39.80 -27.21 -10.84
C VAL O 214 38.72 -27.73 -11.76
N LYS O 215 38.58 -29.06 -11.85
CA LYS O 215 37.56 -29.65 -12.72
C LYS O 215 36.17 -29.24 -12.26
N ALA O 216 35.91 -29.29 -10.96
CA ALA O 216 34.60 -28.91 -10.47
C ALA O 216 34.30 -27.45 -10.79
N GLY O 217 35.26 -26.56 -10.55
CA GLY O 217 35.04 -25.16 -10.84
C GLY O 217 34.76 -24.91 -12.31
N LEU O 218 35.59 -25.48 -13.18
CA LEU O 218 35.42 -25.26 -14.61
C LEU O 218 34.12 -25.87 -15.13
N GLU O 219 33.76 -27.05 -14.62
CA GLU O 219 32.51 -27.67 -15.04
C GLU O 219 31.31 -26.81 -14.62
N GLY O 220 31.33 -26.29 -13.39
CA GLY O 220 30.28 -25.37 -12.99
C GLY O 220 30.23 -24.14 -13.88
N ALA O 221 31.40 -23.64 -14.30
CA ALA O 221 31.45 -22.45 -15.13
C ALA O 221 30.83 -22.72 -16.50
N VAL O 222 31.19 -23.85 -17.12
CA VAL O 222 30.62 -24.19 -18.43
C VAL O 222 29.15 -24.56 -18.33
N LYS O 223 28.61 -24.91 -17.19
CA LYS O 223 27.16 -25.17 -17.14
C LYS O 223 26.33 -23.91 -17.21
N GLY O 224 26.73 -22.88 -16.51
CA GLY O 224 26.03 -21.64 -16.54
C GLY O 224 25.94 -20.99 -17.90
N TRP O 225 27.09 -20.85 -18.56
CA TRP O 225 27.13 -20.27 -19.90
C TRP O 225 26.88 -21.33 -20.96
N GLN O 237 31.39 -14.58 -16.96
CA GLN O 237 32.35 -14.49 -15.87
C GLN O 237 33.71 -15.02 -16.33
N GLY O 238 34.65 -14.11 -16.54
CA GLY O 238 35.98 -14.50 -16.97
C GLY O 238 36.86 -15.03 -15.88
N THR O 239 36.43 -14.93 -14.63
CA THR O 239 37.22 -15.35 -13.48
C THR O 239 36.36 -16.21 -12.57
N ILE O 240 36.95 -17.28 -12.04
CA ILE O 240 36.24 -18.28 -11.26
C ILE O 240 36.98 -18.50 -9.95
N THR O 241 36.23 -18.74 -8.89
CA THR O 241 36.79 -19.10 -7.59
C THR O 241 36.36 -20.52 -7.27
N THR O 242 37.34 -21.39 -7.02
CA THR O 242 37.07 -22.79 -6.76
C THR O 242 36.81 -23.02 -5.26
N SER O 243 36.57 -24.29 -4.91
CA SER O 243 36.34 -24.63 -3.52
C SER O 243 37.55 -24.34 -2.65
N GLN O 244 38.74 -24.62 -3.16
CA GLN O 244 39.99 -24.35 -2.45
C GLN O 244 40.38 -22.88 -2.51
N ASN O 245 39.47 -21.99 -2.90
CA ASN O 245 39.74 -20.56 -3.02
C ASN O 245 40.79 -20.27 -4.09
N ARG O 246 40.92 -21.16 -5.07
CA ARG O 246 41.82 -20.92 -6.18
C ARG O 246 41.16 -19.99 -7.19
N LYS O 247 41.91 -19.01 -7.67
CA LYS O 247 41.43 -18.04 -8.62
C LYS O 247 41.88 -18.43 -10.02
N LEU O 248 40.93 -18.66 -10.92
CA LEU O 248 41.21 -19.16 -12.26
C LEU O 248 40.69 -18.18 -13.31
N ASN O 249 41.49 -17.94 -14.33
CA ASN O 249 41.07 -17.18 -15.50
C ASN O 249 40.58 -18.14 -16.57
N VAL O 250 39.36 -17.92 -17.07
CA VAL O 250 38.70 -18.86 -17.97
C VAL O 250 38.50 -18.19 -19.31
N LYS O 251 38.87 -18.90 -20.38
CA LYS O 251 38.62 -18.47 -21.75
C LYS O 251 37.47 -19.30 -22.32
N TYR O 252 36.47 -18.62 -22.88
CA TYR O 252 35.27 -19.26 -23.38
C TYR O 252 35.26 -19.25 -24.90
N ILE O 253 34.85 -20.38 -25.47
CA ILE O 253 34.73 -20.54 -26.93
C ILE O 253 33.36 -21.11 -27.23
N VAL O 254 32.66 -20.51 -28.18
CA VAL O 254 31.31 -20.91 -28.55
C VAL O 254 31.37 -21.50 -29.95
N ASN O 255 30.90 -22.74 -30.09
CA ASN O 255 30.79 -23.43 -31.36
C ASN O 255 29.45 -24.14 -31.43
N VAL O 256 28.38 -23.40 -31.17
CA VAL O 256 27.02 -23.95 -31.18
C VAL O 256 26.07 -22.85 -31.63
N VAL O 257 25.12 -23.22 -32.47
CA VAL O 257 24.12 -22.28 -32.98
C VAL O 257 22.75 -22.93 -32.97
N GLN O 274 19.60 -27.82 -37.01
CA GLN O 274 19.82 -27.72 -38.45
C GLN O 274 21.20 -28.24 -38.80
N SER O 275 21.27 -29.12 -39.80
CA SER O 275 22.52 -29.76 -40.17
C SER O 275 23.52 -28.80 -40.80
N GLU O 276 23.07 -27.62 -41.23
CA GLU O 276 23.97 -26.67 -41.88
C GLU O 276 24.96 -26.04 -40.91
N HIS O 277 24.66 -26.04 -39.61
CA HIS O 277 25.48 -25.38 -38.61
C HIS O 277 26.34 -26.35 -37.82
N TRP O 278 26.39 -27.62 -38.19
CA TRP O 278 27.23 -28.57 -37.50
C TRP O 278 28.70 -28.31 -37.80
N ARG O 279 29.54 -28.38 -36.78
CA ARG O 279 30.96 -28.10 -36.90
C ARG O 279 31.75 -29.14 -36.11
N VAL O 280 33.05 -29.22 -36.39
CA VAL O 280 33.91 -30.13 -35.68
C VAL O 280 34.06 -29.66 -34.23
N ILE O 281 33.81 -30.57 -33.29
CA ILE O 281 33.84 -30.24 -31.87
C ILE O 281 34.96 -30.94 -31.12
N GLU O 282 35.62 -31.92 -31.74
CA GLU O 282 36.68 -32.65 -31.05
C GLU O 282 37.46 -33.46 -32.08
N VAL O 283 38.76 -33.59 -31.85
CA VAL O 283 39.64 -34.38 -32.71
C VAL O 283 40.14 -35.55 -31.89
N THR O 284 39.76 -36.77 -32.30
CA THR O 284 40.13 -37.96 -31.56
C THR O 284 41.42 -38.60 -32.05
N GLU O 285 41.84 -38.31 -33.28
CA GLU O 285 43.05 -38.91 -33.81
C GLU O 285 43.59 -38.02 -34.92
N VAL O 286 44.91 -37.87 -34.95
CA VAL O 286 45.60 -37.17 -36.02
C VAL O 286 46.81 -38.01 -36.43
N THR O 287 47.16 -37.90 -37.71
CA THR O 287 48.30 -38.63 -38.27
C THR O 287 49.22 -37.63 -38.97
N ALA O 288 50.51 -37.72 -38.70
CA ALA O 288 51.46 -36.82 -39.33
C ALA O 288 51.35 -36.92 -40.84
N VAL O 289 51.40 -35.76 -41.51
CA VAL O 289 51.24 -35.74 -42.96
C VAL O 289 52.33 -36.55 -43.62
N ALA O 290 53.55 -36.51 -43.08
CA ALA O 290 54.63 -37.32 -43.63
C ALA O 290 54.27 -38.80 -43.62
N ASP O 291 53.57 -39.26 -42.59
CA ASP O 291 53.23 -40.68 -42.50
C ASP O 291 52.30 -41.14 -43.62
N LEU O 292 51.62 -40.21 -44.29
CA LEU O 292 50.69 -40.58 -45.34
C LEU O 292 51.38 -40.94 -46.65
N LEU O 293 52.65 -40.64 -46.80
CA LEU O 293 53.36 -40.89 -48.05
C LEU O 293 53.75 -42.36 -48.17
N PRO O 294 54.02 -42.84 -49.38
CA PRO O 294 54.52 -44.21 -49.54
C PRO O 294 55.85 -44.38 -48.83
N GLN O 295 56.10 -45.60 -48.36
CA GLN O 295 57.23 -45.83 -47.46
C GLN O 295 58.56 -45.34 -48.00
N PRO O 296 58.95 -45.60 -49.25
CA PRO O 296 60.29 -45.15 -49.70
C PRO O 296 60.45 -43.64 -49.63
N ILE O 297 59.40 -42.88 -49.92
CA ILE O 297 59.48 -41.43 -49.83
C ILE O 297 59.33 -40.96 -48.38
N ARG O 298 58.52 -41.67 -47.61
CA ARG O 298 58.32 -41.32 -46.20
C ARG O 298 59.63 -41.40 -45.44
N GLY O 299 60.41 -42.44 -45.68
CA GLY O 299 61.70 -42.55 -45.00
C GLY O 299 62.61 -41.38 -45.30
N GLN O 300 62.72 -41.01 -46.58
CA GLN O 300 63.56 -39.89 -46.96
C GLN O 300 63.06 -38.59 -46.35
N VAL O 301 61.75 -38.36 -46.36
CA VAL O 301 61.21 -37.12 -45.80
C VAL O 301 61.48 -37.05 -44.31
N LYS O 302 61.25 -38.16 -43.60
CA LYS O 302 61.48 -38.17 -42.16
C LYS O 302 62.96 -37.91 -41.85
N ASP O 303 63.86 -38.52 -42.61
CA ASP O 303 65.29 -38.29 -42.39
C ASP O 303 65.65 -36.84 -42.69
N LEU O 304 65.10 -36.26 -43.76
CA LEU O 304 65.43 -34.89 -44.12
C LEU O 304 64.86 -33.87 -43.16
N LEU O 305 63.80 -34.22 -42.43
CA LEU O 305 63.19 -33.29 -41.48
C LEU O 305 63.90 -33.25 -40.14
N LYS O 306 64.96 -34.03 -39.95
CA LYS O 306 65.66 -34.03 -38.68
C LYS O 306 66.46 -32.74 -38.51
N PRO O 307 66.27 -32.00 -37.41
CA PRO O 307 66.93 -30.69 -37.30
C PRO O 307 68.45 -30.73 -37.32
N LEU O 308 69.07 -31.76 -36.76
CA LEU O 308 70.51 -31.76 -36.50
C LEU O 308 71.19 -32.95 -37.18
N LEU O 309 72.41 -32.72 -37.66
CA LEU O 309 73.29 -33.78 -38.12
C LEU O 309 74.29 -34.09 -37.01
N GLY O 310 74.42 -35.37 -36.67
CA GLY O 310 75.27 -35.77 -35.56
C GLY O 310 76.56 -36.43 -35.97
N LYS O 311 77.53 -36.41 -35.06
CA LYS O 311 78.84 -37.01 -35.30
C LYS O 311 79.45 -37.39 -33.97
N TRP O 312 80.26 -38.46 -33.97
CA TRP O 312 80.99 -38.92 -32.80
C TRP O 312 82.47 -38.59 -32.97
N VAL O 313 83.06 -38.00 -31.95
CA VAL O 313 84.47 -37.60 -32.00
C VAL O 313 85.16 -38.03 -30.72
N ASP O 314 86.49 -38.03 -30.76
CA ASP O 314 87.28 -38.40 -29.60
C ASP O 314 87.18 -37.33 -28.51
N VAL O 315 87.61 -37.69 -27.30
CA VAL O 315 87.50 -36.81 -26.15
C VAL O 315 88.87 -36.71 -25.47
N GLU O 316 89.03 -35.66 -24.68
CA GLU O 316 90.25 -35.39 -23.94
C GLU O 316 89.90 -34.98 -22.52
N LYS O 317 90.76 -35.36 -21.58
CA LYS O 317 90.52 -35.04 -20.17
C LYS O 317 90.84 -33.58 -19.91
N VAL O 318 89.91 -32.89 -19.25
CA VAL O 318 90.10 -31.47 -18.94
C VAL O 318 91.22 -31.34 -17.90
N PRO O 319 92.22 -30.49 -18.12
CA PRO O 319 93.26 -30.32 -17.10
C PRO O 319 92.71 -29.71 -15.83
N GLY O 320 93.33 -30.07 -14.70
CA GLY O 320 92.86 -29.59 -13.43
C GLY O 320 91.60 -30.30 -12.97
N LEU O 321 90.90 -29.67 -12.04
CA LEU O 321 89.66 -30.22 -11.50
C LEU O 321 89.89 -31.57 -10.84
N GLU O 322 91.05 -31.74 -10.20
CA GLU O 322 91.35 -33.01 -9.54
C GLU O 322 90.53 -33.20 -8.27
N SER O 323 89.94 -32.13 -7.73
CA SER O 323 89.14 -32.26 -6.53
C SER O 323 87.84 -33.01 -6.79
N LEU O 324 87.30 -32.92 -8.01
CA LEU O 324 85.99 -33.47 -8.29
C LEU O 324 86.05 -35.00 -8.32
N PRO O 325 85.00 -35.68 -7.85
CA PRO O 325 85.06 -37.15 -7.78
C PRO O 325 85.24 -37.84 -9.12
N VAL O 326 84.83 -37.22 -10.23
CA VAL O 326 84.87 -37.86 -11.53
C VAL O 326 85.60 -36.94 -12.51
N SER O 327 86.14 -37.56 -13.55
CA SER O 327 86.85 -36.82 -14.58
C SER O 327 85.87 -36.12 -15.50
N VAL O 328 86.32 -34.99 -16.06
CA VAL O 328 85.54 -34.20 -17.01
C VAL O 328 86.21 -34.30 -18.36
N TYR O 329 85.41 -34.53 -19.40
CA TYR O 329 85.91 -34.71 -20.76
C TYR O 329 85.25 -33.72 -21.70
N ARG O 330 86.02 -33.21 -22.64
CA ARG O 330 85.57 -32.29 -23.67
C ARG O 330 86.08 -32.78 -25.02
N PRO O 331 85.42 -32.39 -26.11
CA PRO O 331 85.88 -32.83 -27.43
C PRO O 331 87.35 -32.49 -27.65
N LYS O 332 88.10 -33.46 -28.15
CA LYS O 332 89.53 -33.29 -28.37
C LYS O 332 89.79 -32.58 -29.69
N GLY O 333 90.86 -31.78 -29.71
CA GLY O 333 91.24 -31.08 -30.90
C GLY O 333 90.28 -29.94 -31.23
N ALA O 334 90.46 -29.41 -32.43
CA ALA O 334 89.64 -28.31 -32.91
C ALA O 334 88.33 -28.85 -33.49
N ILE O 335 87.23 -28.22 -33.12
CA ILE O 335 85.93 -28.63 -33.66
C ILE O 335 85.89 -28.35 -35.15
N PRO O 336 85.39 -29.27 -35.99
CA PRO O 336 85.29 -28.96 -37.42
C PRO O 336 84.44 -27.74 -37.66
N ALA O 337 84.81 -26.97 -38.68
CA ALA O 337 84.10 -25.74 -38.99
C ALA O 337 82.62 -26.02 -39.23
N GLY O 338 81.76 -25.21 -38.61
CA GLY O 338 80.33 -25.35 -38.75
C GLY O 338 79.68 -26.29 -37.77
N TRP O 339 80.46 -27.03 -36.98
CA TRP O 339 79.93 -27.96 -35.99
C TRP O 339 80.07 -27.38 -34.59
N PHE O 340 79.26 -27.91 -33.68
CA PHE O 340 79.20 -27.42 -32.30
C PHE O 340 79.07 -28.61 -31.36
N TRP O 341 79.45 -28.38 -30.11
CA TRP O 341 79.29 -29.38 -29.05
C TRP O 341 78.32 -28.87 -28.01
N LEU O 342 77.86 -29.78 -27.15
CA LEU O 342 76.74 -29.50 -26.25
C LEU O 342 77.15 -29.30 -24.79
N GLY O 343 78.33 -29.72 -24.40
CA GLY O 343 78.78 -29.48 -23.03
C GLY O 343 79.73 -30.57 -22.57
N ASP O 344 80.21 -30.40 -21.35
CA ASP O 344 81.14 -31.35 -20.75
C ASP O 344 80.41 -32.62 -20.35
N THR O 345 81.08 -33.75 -20.51
CA THR O 345 80.50 -35.05 -20.21
C THR O 345 81.49 -35.89 -19.42
N ALA O 346 80.96 -36.83 -18.64
CA ALA O 346 81.77 -37.76 -17.89
C ALA O 346 82.15 -39.00 -18.70
N ASP O 347 81.65 -39.14 -19.92
CA ASP O 347 81.99 -40.28 -20.75
C ASP O 347 83.44 -40.14 -21.23
N ALA O 348 84.22 -41.21 -21.07
CA ALA O 348 85.63 -41.20 -21.43
C ALA O 348 85.88 -41.75 -22.83
N SER O 349 84.83 -42.06 -23.59
CA SER O 349 84.98 -42.70 -24.89
C SER O 349 84.80 -41.73 -26.06
N LYS O 350 83.70 -40.99 -26.10
CA LYS O 350 83.39 -40.17 -27.26
C LYS O 350 82.51 -39.00 -26.85
N ALA O 351 82.44 -38.02 -27.74
CA ALA O 351 81.60 -36.85 -27.58
C ALA O 351 80.78 -36.63 -28.84
N LEU O 352 79.60 -36.03 -28.66
CA LEU O 352 78.64 -35.83 -29.74
C LEU O 352 78.73 -34.39 -30.24
N LEU O 353 79.02 -34.24 -31.52
CA LEU O 353 78.95 -32.96 -32.20
C LEU O 353 77.68 -32.90 -33.05
N VAL O 354 77.09 -31.72 -33.13
CA VAL O 354 75.86 -31.51 -33.87
C VAL O 354 76.02 -30.33 -34.81
N LYS O 355 75.29 -30.35 -35.91
CA LYS O 355 75.33 -29.29 -36.91
C LYS O 355 73.90 -28.98 -37.35
N PRO O 356 73.51 -27.71 -37.39
CA PRO O 356 72.17 -27.38 -37.88
C PRO O 356 71.99 -27.78 -39.34
N THR O 357 70.77 -28.15 -39.69
CA THR O 357 70.43 -28.52 -41.06
C THR O 357 69.81 -27.38 -41.85
N LEU O 358 69.06 -26.49 -41.20
CA LEU O 358 68.39 -25.39 -41.87
C LEU O 358 69.10 -24.09 -41.58
N PRO O 359 69.39 -23.26 -42.57
CA PRO O 359 70.01 -21.96 -42.30
C PRO O 359 69.09 -21.09 -41.45
N ALA O 360 69.71 -20.25 -40.62
CA ALA O 360 68.95 -19.33 -39.79
C ALA O 360 68.16 -18.36 -40.66
N ARG O 361 66.88 -18.21 -40.34
CA ARG O 361 65.99 -17.33 -41.10
C ARG O 361 65.01 -16.66 -40.14
N SER O 362 64.61 -15.44 -40.49
CA SER O 362 63.68 -14.69 -39.65
C SER O 362 62.36 -15.44 -39.54
N GLY O 363 61.77 -15.40 -38.34
CA GLY O 363 60.52 -16.06 -38.09
C GLY O 363 60.60 -17.56 -37.89
N ARG O 364 61.81 -18.11 -37.87
CA ARG O 364 62.03 -19.55 -37.67
C ARG O 364 62.94 -19.74 -36.48
N ASN O 365 62.53 -20.62 -35.57
CA ASN O 365 63.32 -20.90 -34.37
C ASN O 365 64.59 -21.65 -34.75
N PRO O 366 65.77 -21.12 -34.45
CA PRO O 366 67.00 -21.90 -34.70
C PRO O 366 67.02 -23.16 -33.84
N ALA O 367 67.68 -24.19 -34.37
CA ALA O 367 67.83 -25.42 -33.60
C ALA O 367 68.77 -25.23 -32.42
N LEU O 368 69.76 -24.34 -32.56
CA LEU O 368 70.76 -24.11 -31.53
C LEU O 368 70.86 -22.62 -31.25
N THR O 369 71.36 -22.30 -30.05
CA THR O 369 71.52 -20.91 -29.62
C THR O 369 72.93 -20.69 -29.08
N SER O 370 73.45 -19.50 -29.30
CA SER O 370 74.71 -19.11 -28.70
C SER O 370 74.51 -18.84 -27.21
N LEU O 371 75.62 -18.87 -26.48
CA LEU O 371 75.62 -18.62 -25.04
C LEU O 371 76.48 -17.40 -24.73
N HIS O 372 76.08 -16.66 -23.70
CA HIS O 372 76.74 -15.43 -23.32
C HIS O 372 77.16 -15.49 -21.86
N GLN O 373 78.23 -14.78 -21.54
CA GLN O 373 78.76 -14.79 -20.18
C GLN O 373 77.75 -14.18 -19.21
N GLY O 374 77.72 -14.71 -18.00
CA GLY O 374 76.76 -14.26 -17.01
C GLY O 374 76.97 -12.80 -16.64
N SER O 375 75.93 -12.23 -16.04
CA SER O 375 75.97 -10.81 -15.70
C SER O 375 77.06 -10.52 -14.67
N GLY O 376 77.12 -11.29 -13.60
CA GLY O 376 78.11 -11.08 -12.58
C GLY O 376 78.18 -12.20 -11.55
N MET O 377 79.33 -12.35 -10.91
CA MET O 377 79.50 -13.31 -9.83
C MET O 377 79.20 -14.74 -10.29
N THR O 378 79.60 -15.05 -11.53
CA THR O 378 79.42 -16.38 -12.08
C THR O 378 80.18 -16.48 -13.40
N GLU O 379 80.81 -17.63 -13.62
CA GLU O 379 81.48 -17.93 -14.87
C GLU O 379 80.64 -18.84 -15.77
N GLN O 380 79.41 -19.15 -15.37
CA GLN O 380 78.58 -20.05 -16.15
C GLN O 380 77.94 -19.30 -17.33
N PRO O 381 77.60 -20.01 -18.39
CA PRO O 381 76.94 -19.37 -19.53
C PRO O 381 75.42 -19.30 -19.38
N PHE O 382 74.83 -18.42 -20.17
CA PHE O 382 73.38 -18.24 -20.21
C PHE O 382 72.91 -18.34 -21.65
N VAL O 383 71.74 -18.94 -21.85
CA VAL O 383 71.20 -19.11 -23.20
C VAL O 383 70.81 -17.76 -23.76
N ASP O 384 71.22 -17.48 -25.00
CA ASP O 384 70.88 -16.21 -25.64
C ASP O 384 69.37 -16.10 -25.86
N LEU O 385 68.73 -17.18 -26.29
CA LEU O 385 67.32 -17.14 -26.63
C LEU O 385 66.46 -17.58 -25.45
N PRO O 386 65.21 -17.12 -25.39
CA PRO O 386 64.42 -17.23 -24.15
C PRO O 386 64.39 -18.61 -23.51
N GLN O 387 63.88 -19.62 -24.21
CA GLN O 387 63.51 -20.89 -23.59
C GLN O 387 64.37 -22.05 -24.07
N TYR O 388 65.61 -21.80 -24.46
CA TYR O 388 66.50 -22.88 -24.83
C TYR O 388 67.26 -23.37 -23.59
N GLN O 389 67.89 -24.53 -23.73
CA GLN O 389 68.58 -25.16 -22.61
C GLN O 389 69.84 -25.87 -23.09
N TYR O 390 70.88 -25.83 -22.27
CA TYR O 390 72.08 -26.63 -22.47
C TYR O 390 72.11 -27.74 -21.45
N LEU O 391 72.92 -28.76 -21.73
CA LEU O 391 72.86 -30.00 -20.97
C LEU O 391 73.86 -30.09 -19.83
N SER O 392 74.97 -29.36 -19.89
CA SER O 392 76.02 -29.48 -18.90
C SER O 392 76.47 -28.09 -18.44
N THR O 393 76.85 -28.01 -17.17
CA THR O 393 77.47 -26.80 -16.64
C THR O 393 78.91 -26.72 -17.12
N TYR O 394 79.38 -25.49 -17.32
CA TYR O 394 80.74 -25.27 -17.81
C TYR O 394 81.73 -25.41 -16.66
N PHE O 395 82.72 -26.28 -16.83
CA PHE O 395 83.75 -26.50 -15.82
C PHE O 395 84.97 -25.66 -16.21
N GLY O 396 84.93 -24.40 -15.82
CA GLY O 396 85.98 -23.46 -16.14
C GLY O 396 85.40 -22.07 -16.29
N SER O 397 86.09 -21.25 -17.09
CA SER O 397 85.66 -19.89 -17.38
C SER O 397 85.15 -19.84 -18.82
N PHE O 398 83.90 -19.44 -18.99
CA PHE O 398 83.27 -19.42 -20.30
C PHE O 398 83.52 -18.08 -20.98
N ALA O 399 84.11 -18.13 -22.17
CA ALA O 399 84.33 -16.94 -23.00
C ALA O 399 83.82 -17.26 -24.40
N HIS O 400 82.69 -16.67 -24.77
CA HIS O 400 82.06 -16.99 -26.04
C HIS O 400 82.88 -16.53 -27.25
N ASP O 401 83.90 -15.69 -27.05
CA ASP O 401 84.69 -15.18 -28.15
C ASP O 401 85.88 -16.06 -28.51
N THR O 402 86.17 -17.09 -27.72
CA THR O 402 87.31 -17.96 -27.95
C THR O 402 86.88 -19.41 -27.79
N PRO O 403 87.57 -20.34 -28.46
CA PRO O 403 87.23 -21.75 -28.32
C PRO O 403 87.71 -22.31 -27.00
N PRO O 404 87.09 -23.38 -26.49
CA PRO O 404 85.95 -24.11 -27.07
C PRO O 404 84.62 -23.48 -26.70
N GLY O 405 84.64 -22.34 -26.01
CA GLY O 405 83.40 -21.70 -25.63
C GLY O 405 82.60 -21.20 -26.82
N SER O 406 83.30 -20.72 -27.86
CA SER O 406 82.62 -20.18 -29.03
C SER O 406 81.83 -21.25 -29.78
N THR O 407 82.09 -22.53 -29.54
CA THR O 407 81.40 -23.62 -30.20
C THR O 407 80.39 -24.33 -29.29
N LEU O 408 80.12 -23.78 -28.10
CA LEU O 408 79.13 -24.37 -27.20
C LEU O 408 77.76 -23.77 -27.50
N ARG O 409 76.74 -24.63 -27.53
CA ARG O 409 75.41 -24.23 -27.96
C ARG O 409 74.36 -24.85 -27.06
N GLY O 410 73.18 -24.22 -27.04
CA GLY O 410 72.01 -24.77 -26.41
C GLY O 410 71.13 -25.48 -27.43
N LEU O 411 69.94 -25.88 -26.96
CA LEU O 411 69.01 -26.63 -27.77
C LEU O 411 67.61 -26.03 -27.67
N ARG O 412 66.86 -26.15 -28.76
CA ARG O 412 65.46 -25.75 -28.76
C ARG O 412 64.71 -26.61 -27.73
N PRO O 413 63.66 -26.07 -27.11
CA PRO O 413 62.98 -26.84 -26.05
C PRO O 413 62.39 -28.17 -26.52
N ASP O 414 62.08 -28.32 -27.80
CA ASP O 414 61.55 -29.58 -28.29
C ASP O 414 62.63 -30.64 -28.53
N HIS O 415 63.91 -30.25 -28.47
CA HIS O 415 65.01 -31.19 -28.68
C HIS O 415 65.34 -32.02 -27.44
N VAL O 416 64.80 -31.67 -26.28
CA VAL O 416 65.26 -32.26 -25.02
C VAL O 416 64.09 -32.82 -24.23
N LEU O 417 64.41 -33.77 -23.36
CA LEU O 417 63.47 -34.38 -22.43
C LEU O 417 64.12 -34.43 -21.05
N PRO O 418 63.31 -34.38 -19.98
CA PRO O 418 63.90 -34.46 -18.64
C PRO O 418 64.61 -35.79 -18.41
N GLY O 419 65.75 -35.73 -17.72
CA GLY O 419 66.53 -36.88 -17.38
C GLY O 419 66.48 -37.19 -15.89
N ARG O 420 67.47 -37.97 -15.45
CA ARG O 420 67.62 -38.31 -14.04
C ARG O 420 69.07 -38.11 -13.62
N TYR O 421 69.27 -37.89 -12.33
CA TYR O 421 70.57 -37.57 -11.77
C TYR O 421 71.17 -38.78 -11.06
N GLU O 422 72.46 -39.01 -11.30
CA GLU O 422 73.26 -39.98 -10.54
C GLU O 422 74.34 -39.19 -9.81
N MET O 423 74.34 -39.28 -8.48
CA MET O 423 75.18 -38.42 -7.66
C MET O 423 76.54 -39.07 -7.42
N HIS O 424 77.58 -38.24 -7.49
CA HIS O 424 78.95 -38.64 -7.19
C HIS O 424 79.56 -37.62 -6.24
N GLY O 425 80.49 -38.08 -5.42
CA GLY O 425 81.15 -37.22 -4.47
C GLY O 425 80.58 -37.36 -3.07
N ASP O 426 81.39 -36.98 -2.08
CA ASP O 426 81.02 -37.14 -0.68
C ASP O 426 80.59 -35.84 0.00
N THR O 427 80.95 -34.69 -0.57
CA THR O 427 80.66 -33.40 0.03
C THR O 427 79.95 -32.51 -0.98
N ILE O 428 79.17 -31.56 -0.46
CA ILE O 428 78.43 -30.65 -1.33
C ILE O 428 79.38 -29.83 -2.19
N SER O 429 80.50 -29.40 -1.61
CA SER O 429 81.42 -28.51 -2.32
C SER O 429 82.01 -29.14 -3.56
N THR O 430 82.03 -30.48 -3.66
CA THR O 430 82.66 -31.15 -4.78
C THR O 430 81.74 -32.14 -5.49
N ALA O 431 80.48 -32.26 -5.06
CA ALA O 431 79.59 -33.25 -5.65
C ALA O 431 79.15 -32.85 -7.07
N VAL O 432 78.88 -33.86 -7.89
CA VAL O 432 78.41 -33.66 -9.25
C VAL O 432 77.27 -34.63 -9.55
N TYR O 433 76.51 -34.28 -10.57
CA TYR O 433 75.44 -35.12 -11.10
C TYR O 433 75.81 -35.55 -12.52
N VAL O 434 75.56 -36.81 -12.83
CA VAL O 434 75.68 -37.34 -14.18
C VAL O 434 74.28 -37.61 -14.70
N THR O 435 73.92 -36.97 -15.82
CA THR O 435 72.56 -37.02 -16.34
C THR O 435 72.41 -38.26 -17.22
N ARG O 436 71.57 -39.18 -16.78
CA ARG O 436 71.28 -40.39 -17.52
C ARG O 436 69.87 -40.32 -18.10
N PRO O 437 69.64 -40.87 -19.29
CA PRO O 437 68.28 -40.86 -19.85
C PRO O 437 67.33 -41.68 -19.00
N VAL O 438 66.06 -41.28 -19.00
CA VAL O 438 65.01 -42.05 -18.36
C VAL O 438 64.59 -43.17 -19.30
N ASP O 439 64.81 -44.41 -18.88
CA ASP O 439 64.49 -45.55 -19.73
C ASP O 439 63.01 -45.58 -20.05
N VAL O 440 62.68 -45.78 -21.31
CA VAL O 440 61.29 -45.86 -21.77
C VAL O 440 61.14 -47.08 -22.67
N PRO O 441 59.96 -47.69 -22.75
CA PRO O 441 59.80 -48.87 -23.59
C PRO O 441 59.69 -48.54 -25.07
N PHE O 442 59.21 -47.34 -25.38
CA PHE O 442 58.99 -46.93 -26.77
C PHE O 442 60.26 -46.29 -27.32
N PRO O 443 60.82 -46.78 -28.42
CA PRO O 443 62.04 -46.14 -28.96
C PRO O 443 61.84 -44.70 -29.37
N GLU O 444 60.59 -44.26 -29.60
CA GLU O 444 60.36 -42.91 -30.09
C GLU O 444 60.84 -41.86 -29.08
N ASP O 445 60.86 -42.20 -27.79
CA ASP O 445 61.22 -41.26 -26.74
C ASP O 445 62.61 -41.50 -26.17
N GLU O 446 63.43 -42.32 -26.82
CA GLU O 446 64.78 -42.57 -26.33
C GLU O 446 65.61 -41.30 -26.42
N CYS O 447 66.54 -41.14 -25.47
CA CYS O 447 67.42 -39.99 -25.42
C CYS O 447 68.87 -40.45 -25.35
N PHE O 448 69.76 -39.63 -25.91
CA PHE O 448 71.18 -39.94 -25.91
C PHE O 448 71.70 -40.04 -24.48
N ASP O 449 72.61 -41.00 -24.25
CA ASP O 449 73.25 -41.17 -22.96
C ASP O 449 74.62 -40.50 -23.02
N LEU O 450 74.61 -39.17 -22.97
CA LEU O 450 75.83 -38.39 -23.06
C LEU O 450 76.53 -38.22 -21.71
N LYS O 451 75.88 -38.59 -20.62
CA LYS O 451 76.48 -38.48 -19.28
C LYS O 451 76.89 -37.03 -18.98
N SER O 452 75.96 -36.10 -19.22
CA SER O 452 76.25 -34.70 -18.98
C SER O 452 76.55 -34.45 -17.51
N LEU O 453 77.52 -33.58 -17.25
CA LEU O 453 77.98 -33.28 -15.91
C LEU O 453 77.35 -31.98 -15.41
N VAL O 454 76.86 -32.01 -14.18
CA VAL O 454 76.25 -30.83 -13.54
C VAL O 454 76.87 -30.67 -12.16
N ARG O 455 77.48 -29.51 -11.91
CA ARG O 455 78.06 -29.25 -10.59
C ARG O 455 76.94 -29.08 -9.57
N VAL O 456 77.03 -29.80 -8.44
CA VAL O 456 75.96 -29.75 -7.45
C VAL O 456 75.84 -28.35 -6.87
N LYS O 457 76.97 -27.77 -6.44
CA LYS O 457 77.00 -26.43 -5.88
C LYS O 457 77.94 -25.58 -6.72
N LEU O 458 77.37 -24.66 -7.50
CA LEU O 458 78.18 -23.75 -8.30
C LEU O 458 78.68 -22.62 -7.42
N PRO O 459 79.99 -22.37 -7.34
CA PRO O 459 80.47 -21.26 -6.52
C PRO O 459 79.85 -19.94 -6.94
N GLY O 460 79.83 -18.99 -6.00
CA GLY O 460 79.27 -17.68 -6.28
C GLY O 460 77.76 -17.65 -6.18
N SER O 461 77.17 -16.67 -6.87
CA SER O 461 75.74 -16.45 -6.81
C SER O 461 75.25 -15.99 -8.18
N GLY O 462 73.94 -15.94 -8.33
CA GLY O 462 73.34 -15.57 -9.61
C GLY O 462 73.67 -16.52 -10.73
N ASN O 463 73.78 -17.81 -10.41
CA ASN O 463 74.09 -18.80 -11.42
C ASN O 463 72.84 -19.17 -12.22
N PRO O 464 73.00 -19.72 -13.42
CA PRO O 464 71.83 -20.12 -14.20
C PRO O 464 71.17 -21.34 -13.58
N PRO O 465 69.90 -21.60 -13.91
CA PRO O 465 69.24 -22.79 -13.37
C PRO O 465 69.97 -24.06 -13.80
N LYS O 466 69.98 -25.03 -12.90
CA LYS O 466 70.71 -26.27 -13.17
C LYS O 466 70.04 -27.04 -14.29
N PRO O 467 70.78 -27.49 -15.30
CA PRO O 467 70.16 -28.27 -16.37
C PRO O 467 70.02 -29.74 -16.00
N ARG O 468 68.86 -30.30 -16.32
CA ARG O 468 68.57 -31.71 -16.08
C ARG O 468 67.94 -32.33 -17.32
N SER O 469 68.50 -32.03 -18.49
CA SER O 469 67.92 -32.42 -19.76
C SER O 469 68.83 -33.38 -20.51
N ALA O 470 68.23 -34.18 -21.39
CA ALA O 470 68.94 -35.10 -22.26
C ALA O 470 68.44 -34.92 -23.68
N LEU O 471 69.34 -35.08 -24.65
CA LEU O 471 68.99 -34.86 -26.04
C LEU O 471 68.18 -36.02 -26.58
N LYS O 472 67.19 -35.70 -27.43
CA LYS O 472 66.37 -36.73 -28.05
C LYS O 472 67.14 -37.40 -29.18
N LYS O 473 66.97 -38.72 -29.30
CA LYS O 473 67.64 -39.45 -30.37
C LYS O 473 67.02 -39.15 -31.73
N SER O 474 65.71 -38.90 -31.77
CA SER O 474 65.02 -38.71 -33.04
C SER O 474 65.36 -37.39 -33.70
N MET O 475 66.07 -36.49 -33.02
CA MET O 475 66.38 -35.17 -33.57
C MET O 475 67.74 -35.12 -34.26
N VAL O 476 68.44 -36.25 -34.36
CA VAL O 476 69.80 -36.29 -34.89
C VAL O 476 69.87 -37.32 -36.01
N LEU O 477 70.54 -36.95 -37.10
CA LEU O 477 70.72 -37.82 -38.27
C LEU O 477 72.18 -38.20 -38.39
N PHE O 478 72.46 -39.50 -38.44
CA PHE O 478 73.81 -40.02 -38.45
C PHE O 478 74.16 -40.63 -39.80
N ASP O 479 75.45 -40.71 -40.06
CA ASP O 479 76.02 -41.40 -41.22
C ASP O 479 75.63 -40.76 -42.54
N SER O 480 75.00 -39.59 -42.52
CA SER O 480 74.65 -38.91 -43.76
C SER O 480 75.91 -38.37 -44.43
N GLY O 481 75.89 -38.35 -45.76
CA GLY O 481 76.99 -37.82 -46.52
C GLY O 481 77.07 -36.31 -46.56
N GLU O 482 76.15 -35.63 -45.89
CA GLU O 482 76.13 -34.17 -45.85
C GLU O 482 77.46 -33.62 -45.37
N ALA P 2 70.92 63.79 13.65
CA ALA P 2 71.54 62.47 13.73
C ALA P 2 71.52 61.78 12.38
N TYR P 3 72.34 60.74 12.22
CA TYR P 3 72.37 60.00 10.96
C TYR P 3 71.10 59.20 10.73
N ALA P 4 70.38 58.85 11.80
CA ALA P 4 69.14 58.09 11.64
C ALA P 4 68.13 58.85 10.79
N GLN P 5 68.26 60.17 10.69
CA GLN P 5 67.45 60.97 9.78
C GLN P 5 68.22 61.11 8.47
N TRP P 6 67.73 60.45 7.42
CA TRP P 6 68.43 60.41 6.15
C TRP P 6 67.41 60.27 5.03
N VAL P 7 67.86 60.60 3.82
CA VAL P 7 67.03 60.48 2.63
C VAL P 7 67.94 60.29 1.43
N ILE P 8 67.51 59.42 0.51
CA ILE P 8 68.17 59.24 -0.77
C ILE P 8 67.16 59.61 -1.84
N ILE P 9 67.56 60.50 -2.74
CA ILE P 9 66.71 60.95 -3.84
C ILE P 9 67.39 60.52 -5.13
N ILE P 10 66.78 59.58 -5.83
CA ILE P 10 67.30 59.12 -7.12
C ILE P 10 66.46 59.77 -8.21
N ILE P 11 67.10 60.53 -9.08
CA ILE P 11 66.47 61.10 -10.25
C ILE P 11 66.78 60.19 -11.43
N HIS P 12 65.75 59.57 -11.99
CA HIS P 12 65.89 58.60 -13.08
C HIS P 12 65.16 59.18 -14.29
N ASN P 13 65.91 59.50 -15.33
CA ASN P 13 65.33 60.00 -16.57
C ASN P 13 64.90 58.81 -17.41
N VAL P 14 63.60 58.56 -17.48
CA VAL P 14 63.06 57.48 -18.30
C VAL P 14 62.61 57.97 -19.66
N GLY P 15 62.88 59.22 -20.01
CA GLY P 15 62.52 59.80 -21.27
C GLY P 15 63.71 59.89 -22.22
N SER P 16 63.70 60.93 -23.07
CA SER P 16 64.75 61.12 -24.06
C SER P 16 65.16 62.59 -24.16
N GLN P 17 64.94 63.37 -23.11
CA GLN P 17 65.28 64.79 -23.12
C GLN P 17 65.96 65.16 -21.82
N ASP P 18 66.94 66.06 -21.91
CA ASP P 18 67.76 66.40 -20.76
C ASP P 18 66.95 67.14 -19.70
N VAL P 19 67.31 66.91 -18.45
CA VAL P 19 66.71 67.58 -17.30
C VAL P 19 67.82 68.02 -16.37
N LYS P 20 67.72 69.25 -15.87
CA LYS P 20 68.75 69.85 -15.05
C LYS P 20 68.30 69.97 -13.61
N ILE P 21 69.26 69.89 -12.70
CA ILE P 21 69.03 70.09 -11.27
C ILE P 21 69.47 71.50 -10.93
N LYS P 22 68.66 72.22 -10.15
CA LYS P 22 68.97 73.60 -9.83
C LYS P 22 68.54 73.91 -8.40
N ASN P 23 69.19 74.93 -7.83
CA ASN P 23 68.81 75.49 -6.53
C ASN P 23 68.79 74.43 -5.43
N LEU P 24 69.62 73.39 -5.58
CA LEU P 24 69.75 72.40 -4.53
C LEU P 24 70.31 73.06 -3.27
N LYS P 25 69.59 72.90 -2.16
CA LYS P 25 69.97 73.56 -0.91
C LYS P 25 69.41 72.77 0.25
N ALA P 26 70.27 72.42 1.21
CA ALA P 26 69.89 71.72 2.42
C ALA P 26 69.93 72.71 3.58
N SER P 27 68.77 73.19 4.01
CA SER P 27 68.71 74.12 5.13
C SER P 27 69.16 73.45 6.42
N TRP P 28 68.80 72.18 6.62
CA TRP P 28 69.20 71.41 7.77
C TRP P 28 69.83 70.10 7.30
N GLY P 29 70.85 69.66 8.01
CA GLY P 29 71.58 68.48 7.61
C GLY P 29 72.72 68.81 6.66
N LYS P 30 73.17 67.78 5.95
CA LYS P 30 74.30 67.92 5.04
C LYS P 30 74.19 66.91 3.92
N LEU P 31 74.48 67.35 2.70
CA LEU P 31 74.67 66.42 1.59
C LEU P 31 75.95 65.63 1.81
N HIS P 32 75.93 64.36 1.42
CA HIS P 32 77.05 63.47 1.67
C HIS P 32 77.18 62.47 0.53
N ALA P 33 78.20 61.63 0.61
CA ALA P 33 78.54 60.70 -0.45
C ALA P 33 77.68 59.43 -0.35
N ASP P 34 77.81 58.59 -1.37
CA ASP P 34 77.03 57.35 -1.43
C ASP P 34 77.55 56.36 -0.40
N GLY P 35 76.65 55.87 0.44
CA GLY P 35 77.03 54.88 1.45
C GLY P 35 78.06 55.37 2.43
N ASP P 36 78.26 56.68 2.51
CA ASP P 36 79.28 57.28 3.38
C ASP P 36 78.71 58.57 3.94
N LYS P 37 78.09 58.48 5.13
CA LYS P 37 77.52 59.66 5.76
C LYS P 37 78.57 60.58 6.36
N ASP P 38 79.83 60.15 6.43
CA ASP P 38 80.91 60.97 6.94
C ASP P 38 81.51 61.88 5.88
N ALA P 39 81.44 61.48 4.61
CA ALA P 39 82.05 62.23 3.50
C ALA P 39 81.07 63.30 3.03
N GLU P 40 81.09 64.45 3.69
CA GLU P 40 80.23 65.56 3.28
C GLU P 40 80.64 66.08 1.92
N VAL P 41 79.66 66.50 1.13
CA VAL P 41 79.87 67.05 -0.20
C VAL P 41 79.03 68.31 -0.35
N SER P 42 79.61 69.34 -0.95
CA SER P 42 78.91 70.58 -1.14
C SER P 42 77.83 70.45 -2.22
N ALA P 43 76.84 71.33 -2.16
CA ALA P 43 75.76 71.31 -3.14
C ALA P 43 76.26 71.62 -4.55
N SER P 44 77.44 72.22 -4.68
CA SER P 44 77.97 72.53 -6.00
C SER P 44 78.25 71.28 -6.82
N ASN P 45 78.47 70.13 -6.16
CA ASN P 45 78.71 68.90 -6.89
C ASN P 45 77.51 68.51 -7.75
N TYR P 46 76.31 68.95 -7.36
CA TYR P 46 75.09 68.61 -8.07
C TYR P 46 74.43 69.78 -8.77
N GLU P 47 74.47 70.98 -8.18
CA GLU P 47 73.77 72.12 -8.76
C GLU P 47 74.26 72.37 -10.18
N GLY P 48 73.32 72.58 -11.10
CA GLY P 48 73.64 72.80 -12.50
C GLY P 48 73.86 71.55 -13.32
N LYS P 49 73.78 70.37 -12.71
CA LYS P 49 74.06 69.14 -13.42
C LYS P 49 72.88 68.72 -14.29
N ILE P 50 73.18 67.99 -15.35
CA ILE P 50 72.18 67.48 -16.29
C ILE P 50 72.15 65.97 -16.18
N VAL P 51 70.98 65.42 -15.88
CA VAL P 51 70.79 63.98 -15.79
C VAL P 51 70.41 63.51 -17.19
N LYS P 52 71.37 62.92 -17.90
CA LYS P 52 71.14 62.51 -19.28
C LYS P 52 70.04 61.45 -19.34
N PRO P 53 69.31 61.35 -20.44
CA PRO P 53 68.31 60.30 -20.56
C PRO P 53 68.90 58.92 -20.32
N ASP P 54 68.17 58.11 -19.57
CA ASP P 54 68.49 56.70 -19.34
C ASP P 54 69.69 56.53 -18.40
N GLU P 55 69.85 57.43 -17.44
CA GLU P 55 70.81 57.24 -16.36
C GLU P 55 70.32 57.99 -15.13
N LYS P 56 70.81 57.55 -13.97
CA LYS P 56 70.29 58.00 -12.68
C LYS P 56 71.32 58.85 -11.95
N LEU P 57 70.82 59.87 -11.24
CA LEU P 57 71.65 60.72 -10.40
C LEU P 57 71.14 60.63 -8.96
N GLN P 58 72.04 60.38 -8.02
CA GLN P 58 71.69 60.14 -6.62
C GLN P 58 72.09 61.32 -5.76
N ILE P 59 71.16 61.78 -4.91
CA ILE P 59 71.40 62.83 -3.94
C ILE P 59 71.18 62.21 -2.56
N ASN P 60 72.21 62.26 -1.71
CA ASN P 60 72.15 61.69 -0.38
C ASN P 60 72.20 62.82 0.64
N ALA P 61 71.19 62.88 1.52
CA ALA P 61 71.16 63.88 2.58
C ALA P 61 70.94 63.17 3.91
N SER P 62 71.53 63.74 4.97
CA SER P 62 71.42 63.15 6.30
C SER P 62 71.67 64.23 7.34
N GLY P 63 71.20 63.96 8.56
CA GLY P 63 71.40 64.88 9.65
C GLY P 63 72.82 64.83 10.20
N ARG P 64 73.18 65.86 10.95
CA ARG P 64 74.50 65.91 11.56
C ARG P 64 74.68 64.72 12.50
N SER P 65 75.93 64.27 12.62
CA SER P 65 76.23 63.05 13.35
C SER P 65 75.71 63.12 14.78
N ASP P 66 74.82 62.19 15.13
CA ASP P 66 74.30 62.05 16.48
C ASP P 66 73.74 63.35 17.02
N ALA P 67 73.33 64.27 16.15
CA ALA P 67 72.76 65.54 16.56
C ALA P 67 71.26 65.41 16.72
N ALA P 68 70.67 66.39 17.40
CA ALA P 68 69.22 66.50 17.48
C ALA P 68 68.67 67.30 16.30
N GLU P 69 69.09 66.91 15.10
CA GLU P 69 68.75 67.64 13.89
C GLU P 69 68.45 66.66 12.77
N GLY P 70 67.36 66.92 12.05
CA GLY P 70 67.02 66.14 10.87
C GLY P 70 67.69 66.69 9.62
N THR P 71 67.07 66.44 8.48
CA THR P 71 67.56 66.93 7.20
C THR P 71 66.40 67.52 6.41
N THR P 72 66.52 68.79 6.06
CA THR P 72 65.50 69.50 5.27
C THR P 72 66.16 70.17 4.08
N GLY P 73 65.55 70.02 2.90
CA GLY P 73 66.14 70.60 1.71
C GLY P 73 65.16 70.69 0.56
N THR P 74 65.66 71.28 -0.53
CA THR P 74 64.85 71.58 -1.70
C THR P 74 65.70 71.46 -2.96
N PHE P 75 65.02 71.28 -4.09
CA PHE P 75 65.65 71.44 -5.39
C PHE P 75 64.60 71.53 -6.48
N ASP P 76 64.95 72.26 -7.55
CA ASP P 76 64.10 72.37 -8.72
C ASP P 76 64.64 71.45 -9.80
N LEU P 77 63.76 70.71 -10.45
CA LEU P 77 64.10 70.04 -11.70
C LEU P 77 63.60 70.91 -12.83
N VAL P 78 64.48 71.28 -13.75
CA VAL P 78 64.20 72.32 -14.74
C VAL P 78 64.54 71.81 -16.13
N ASP P 79 63.68 72.13 -17.09
CA ASP P 79 63.92 71.74 -18.48
C ASP P 79 64.85 72.75 -19.14
N PRO P 80 66.05 72.35 -19.60
CA PRO P 80 66.93 73.29 -20.29
C PRO P 80 66.54 73.55 -21.74
N ALA P 81 65.67 72.72 -22.32
CA ALA P 81 65.31 72.90 -23.72
C ALA P 81 64.45 74.14 -23.95
N ASP P 82 63.86 74.69 -22.90
CA ASP P 82 62.98 75.85 -22.99
C ASP P 82 63.43 76.93 -22.02
N GLY P 83 64.73 77.21 -21.99
CA GLY P 83 65.26 78.29 -21.17
C GLY P 83 65.16 78.04 -19.68
N ASP P 84 65.39 76.80 -19.24
CA ASP P 84 65.49 76.47 -17.83
C ASP P 84 64.21 76.86 -17.07
N LYS P 85 63.06 76.47 -17.62
CA LYS P 85 61.81 76.63 -16.89
C LYS P 85 61.65 75.49 -15.88
N GLN P 86 60.70 75.66 -14.96
CA GLN P 86 60.52 74.69 -13.89
C GLN P 86 59.73 73.49 -14.40
N VAL P 87 60.18 72.31 -14.01
CA VAL P 87 59.43 71.07 -14.20
C VAL P 87 58.63 70.85 -12.93
N ARG P 88 59.33 70.64 -11.81
CA ARG P 88 58.69 70.56 -10.50
C ARG P 88 59.69 70.97 -9.43
N HIS P 89 59.15 71.37 -8.28
CA HIS P 89 59.92 71.80 -7.12
C HIS P 89 59.75 70.77 -6.01
N PHE P 90 60.85 70.18 -5.57
CA PHE P 90 60.83 69.13 -4.58
C PHE P 90 61.33 69.65 -3.24
N TYR P 91 60.57 69.34 -2.18
CA TYR P 91 60.87 69.70 -0.81
C TYR P 91 60.87 68.42 0.02
N TRP P 92 61.95 68.18 0.76
CA TRP P 92 62.03 67.01 1.63
C TRP P 92 62.38 67.46 3.04
N ASP P 93 61.75 66.83 4.03
CA ASP P 93 61.99 67.14 5.43
C ASP P 93 61.86 65.85 6.23
N SER P 94 63.00 65.38 6.75
CA SER P 94 63.05 64.23 7.66
C SER P 94 63.53 64.78 9.00
N PRO P 95 62.62 65.22 9.86
CA PRO P 95 63.04 65.87 11.11
C PRO P 95 63.40 64.87 12.20
N TRP P 96 64.18 65.36 13.17
CA TRP P 96 64.55 64.55 14.32
C TRP P 96 63.54 64.64 15.46
N GLY P 97 62.78 65.73 15.55
CA GLY P 97 61.86 65.92 16.65
C GLY P 97 60.41 65.81 16.25
N SER P 98 60.10 64.88 15.34
CA SER P 98 58.74 64.67 14.88
C SER P 98 58.68 63.32 14.17
N LYS P 99 57.45 62.85 13.95
CA LYS P 99 57.21 61.59 13.27
C LYS P 99 56.83 61.76 11.81
N THR P 100 56.23 62.89 11.45
CA THR P 100 55.68 63.09 10.11
C THR P 100 56.76 63.70 9.22
N ASN P 101 57.33 62.88 8.35
CA ASN P 101 58.22 63.40 7.31
C ASN P 101 57.40 64.03 6.21
N THR P 102 58.04 64.92 5.45
CA THR P 102 57.38 65.67 4.38
C THR P 102 58.13 65.43 3.08
N TRP P 103 57.38 65.12 2.02
CA TRP P 103 57.92 65.00 0.65
C TRP P 103 56.90 65.64 -0.28
N THR P 104 57.18 66.89 -0.67
CA THR P 104 56.26 67.67 -1.49
C THR P 104 56.84 67.89 -2.88
N VAL P 105 56.05 67.62 -3.90
CA VAL P 105 56.43 67.86 -5.29
C VAL P 105 55.42 68.87 -5.83
N SER P 106 55.76 70.15 -5.77
CA SER P 106 54.89 71.21 -6.23
C SER P 106 55.32 71.67 -7.62
N GLY P 107 54.59 72.65 -8.16
CA GLY P 107 54.85 73.18 -9.47
C GLY P 107 53.98 72.52 -10.53
N SER P 108 54.01 73.13 -11.72
CA SER P 108 53.18 72.67 -12.83
C SER P 108 53.94 72.80 -14.13
N ASN P 109 53.96 71.72 -14.92
CA ASN P 109 54.51 71.75 -16.27
C ASN P 109 53.88 70.61 -17.04
N THR P 110 52.93 70.94 -17.92
CA THR P 110 52.18 69.91 -18.63
C THR P 110 53.05 69.12 -19.61
N LYS P 111 54.20 69.66 -20.00
CA LYS P 111 55.08 68.99 -20.94
C LYS P 111 55.95 67.92 -20.29
N TRP P 112 55.90 67.80 -18.96
CA TRP P 112 56.71 66.83 -18.23
C TRP P 112 55.80 65.96 -17.36
N MET P 113 56.19 64.70 -17.20
CA MET P 113 55.48 63.75 -16.37
C MET P 113 56.46 63.19 -15.35
N ILE P 114 56.08 63.28 -14.07
CA ILE P 114 56.97 62.94 -12.97
C ILE P 114 56.24 61.96 -12.06
N GLU P 115 56.85 60.80 -11.84
CA GLU P 115 56.38 59.81 -10.89
C GLU P 115 57.41 59.69 -9.78
N TYR P 116 56.96 59.32 -8.59
CA TYR P 116 57.90 59.09 -7.49
C TYR P 116 57.35 58.03 -6.55
N SER P 117 58.26 57.26 -5.97
CA SER P 117 57.85 56.14 -5.11
C SER P 117 58.96 55.85 -4.12
N GLY P 118 58.60 55.13 -3.06
CA GLY P 118 59.54 54.68 -2.05
C GLY P 118 59.59 55.52 -0.80
N GLN P 119 58.88 56.65 -0.76
CA GLN P 119 58.93 57.51 0.41
C GLN P 119 58.19 56.86 1.58
N ASN P 120 58.61 57.24 2.79
CA ASN P 120 57.93 56.82 4.02
C ASN P 120 57.67 58.06 4.85
N LEU P 121 56.39 58.34 5.12
CA LEU P 121 56.00 59.54 5.84
C LEU P 121 55.50 59.25 7.25
N ASP P 122 55.44 57.98 7.66
CA ASP P 122 54.86 57.64 8.96
C ASP P 122 55.82 58.01 10.09
N SER P 123 57.00 57.41 10.12
CA SER P 123 57.97 57.66 11.18
C SER P 123 59.31 57.07 10.75
N GLY P 124 60.37 57.61 11.35
CA GLY P 124 61.71 57.15 11.05
C GLY P 124 62.36 57.94 9.93
N ALA P 125 63.21 57.29 9.15
CA ALA P 125 63.88 57.97 8.05
C ALA P 125 62.91 58.17 6.88
N LEU P 126 63.30 59.04 5.96
CA LEU P 126 62.47 59.33 4.79
C LEU P 126 62.68 58.36 3.65
N GLY P 127 63.68 57.48 3.73
CA GLY P 127 63.82 56.41 2.79
C GLY P 127 64.52 56.79 1.49
N THR P 128 64.41 55.87 0.54
CA THR P 128 64.99 56.00 -0.80
C THR P 128 63.86 56.27 -1.77
N ILE P 129 63.72 57.54 -2.16
CA ILE P 129 62.68 57.97 -3.09
C ILE P 129 63.25 57.95 -4.50
N THR P 130 62.63 57.17 -5.38
CA THR P 130 62.99 57.12 -6.79
C THR P 130 61.97 57.96 -7.57
N VAL P 131 62.48 58.87 -8.39
CA VAL P 131 61.66 59.82 -9.14
C VAL P 131 61.95 59.61 -10.62
N ASP P 132 60.94 59.14 -11.36
CA ASP P 132 61.04 58.91 -12.79
C ASP P 132 60.51 60.15 -13.52
N THR P 133 61.34 60.73 -14.39
CA THR P 133 60.97 61.92 -15.13
C THR P 133 60.94 61.60 -16.62
N LEU P 134 59.93 62.14 -17.32
CA LEU P 134 59.80 61.90 -18.75
C LEU P 134 59.13 63.08 -19.42
N LYS P 135 59.72 63.57 -20.50
CA LYS P 135 59.15 64.68 -21.26
C LYS P 135 58.29 64.12 -22.38
N LYS P 136 57.03 64.54 -22.42
CA LYS P 136 56.10 64.11 -23.45
C LYS P 136 55.46 65.30 -24.16
N ALA Q 2 59.90 48.69 17.66
CA ALA Q 2 59.79 50.13 17.50
C ALA Q 2 59.65 50.50 16.02
N TYR Q 3 58.88 51.56 15.76
CA TYR Q 3 58.57 51.92 14.38
C TYR Q 3 59.75 52.57 13.67
N ALA Q 4 60.69 53.16 14.41
CA ALA Q 4 61.83 53.81 13.75
C ALA Q 4 62.67 52.81 12.97
N GLN Q 5 62.58 51.53 13.29
CA GLN Q 5 63.24 50.47 12.52
C GLN Q 5 62.21 49.87 11.57
N TRP Q 6 62.47 49.99 10.28
CA TRP Q 6 61.53 49.57 9.25
C TRP Q 6 62.30 49.21 7.98
N VAL Q 7 61.62 48.51 7.09
CA VAL Q 7 62.18 48.13 5.80
C VAL Q 7 61.03 47.94 4.82
N ILE Q 8 61.29 48.33 3.58
CA ILE Q 8 60.39 48.06 2.46
C ILE Q 8 61.21 47.34 1.41
N ILE Q 9 60.67 46.24 0.88
CA ILE Q 9 61.31 45.49 -0.20
C ILE Q 9 60.32 45.39 -1.34
N ILE Q 10 60.70 45.93 -2.50
CA ILE Q 10 59.85 45.94 -3.68
C ILE Q 10 60.50 45.01 -4.70
N ILE Q 11 59.87 43.85 -4.90
CA ILE Q 11 60.29 42.89 -5.89
C ILE Q 11 59.70 43.29 -7.23
N HIS Q 12 60.55 43.46 -8.23
CA HIS Q 12 60.14 43.88 -9.57
C HIS Q 12 60.62 42.84 -10.56
N ASN Q 13 59.68 42.09 -11.13
CA ASN Q 13 60.02 41.03 -12.08
C ASN Q 13 60.21 41.64 -13.45
N VAL Q 14 61.42 42.13 -13.71
CA VAL Q 14 61.72 42.75 -14.99
C VAL Q 14 61.75 41.73 -16.12
N GLY Q 15 61.86 40.44 -15.80
CA GLY Q 15 61.95 39.41 -16.81
C GLY Q 15 60.60 39.10 -17.43
N SER Q 16 60.55 37.97 -18.13
CA SER Q 16 59.35 37.55 -18.86
C SER Q 16 58.78 36.23 -18.37
N GLN Q 17 59.26 35.69 -17.24
CA GLN Q 17 58.74 34.45 -16.70
C GLN Q 17 58.51 34.62 -15.20
N ASP Q 18 57.57 33.83 -14.67
CA ASP Q 18 57.11 34.02 -13.30
C ASP Q 18 58.18 33.69 -12.28
N VAL Q 19 58.09 34.37 -11.12
CA VAL Q 19 58.93 34.09 -9.96
C VAL Q 19 58.03 34.05 -8.74
N LYS Q 20 58.24 33.06 -7.88
CA LYS Q 20 57.37 32.81 -6.74
C LYS Q 20 58.06 33.13 -5.43
N ILE Q 21 57.31 33.72 -4.51
CA ILE Q 21 57.78 33.94 -3.14
C ILE Q 21 57.57 32.67 -2.34
N LYS Q 22 58.47 32.40 -1.39
CA LYS Q 22 58.34 31.23 -0.55
C LYS Q 22 59.03 31.46 0.77
N ASN Q 23 58.58 30.73 1.79
CA ASN Q 23 59.22 30.70 3.10
C ASN Q 23 59.37 32.10 3.70
N LEU Q 24 58.49 33.02 3.33
CA LEU Q 24 58.50 34.34 3.94
C LEU Q 24 58.23 34.21 5.44
N LYS Q 25 59.07 34.83 6.25
CA LYS Q 25 58.99 34.68 7.70
C LYS Q 25 59.63 35.90 8.34
N ALA Q 26 58.85 36.59 9.17
CA ALA Q 26 59.35 37.73 9.95
C ALA Q 26 59.66 37.22 11.35
N SER Q 27 60.93 36.92 11.59
CA SER Q 27 61.32 36.41 12.91
C SER Q 27 61.15 37.46 13.99
N TRP Q 28 61.38 38.73 13.65
CA TRP Q 28 61.26 39.84 14.58
C TRP Q 28 60.43 40.92 13.94
N GLY Q 29 59.79 41.74 14.78
CA GLY Q 29 58.92 42.77 14.25
C GLY Q 29 57.65 42.19 13.64
N LYS Q 30 57.10 42.92 12.67
CA LYS Q 30 55.83 42.55 12.05
C LYS Q 30 55.78 43.10 10.64
N LEU Q 31 55.08 42.37 9.77
CA LEU Q 31 54.71 42.90 8.47
C LEU Q 31 53.49 43.80 8.60
N HIS Q 32 53.24 44.59 7.57
CA HIS Q 32 52.11 45.52 7.60
C HIS Q 32 51.82 45.99 6.18
N ALA Q 33 50.65 46.60 6.02
CA ALA Q 33 50.22 47.12 4.73
C ALA Q 33 50.85 48.48 4.46
N ASP Q 34 51.09 48.76 3.18
CA ASP Q 34 51.81 49.97 2.79
C ASP Q 34 51.15 51.22 3.37
N GLY Q 35 51.97 52.06 4.00
CA GLY Q 35 51.51 53.34 4.51
C GLY Q 35 50.85 53.29 5.87
N ASP Q 36 50.72 52.11 6.47
CA ASP Q 36 50.06 51.97 7.78
C ASP Q 36 50.82 50.90 8.56
N LYS Q 37 51.77 51.33 9.39
CA LYS Q 37 52.49 50.39 10.24
C LYS Q 37 51.58 49.76 11.28
N ASP Q 38 50.42 50.35 11.55
CA ASP Q 38 49.48 49.77 12.50
C ASP Q 38 48.73 48.58 11.91
N ALA Q 39 48.48 48.60 10.60
CA ALA Q 39 47.70 47.55 9.93
C ALA Q 39 48.61 46.34 9.70
N GLU Q 40 48.72 45.51 10.74
CA GLU Q 40 49.52 44.30 10.63
C GLU Q 40 48.90 43.35 9.61
N VAL Q 41 49.76 42.58 8.94
CA VAL Q 41 49.33 41.60 7.96
C VAL Q 41 50.09 40.29 8.22
N SER Q 42 49.51 39.20 7.72
CA SER Q 42 50.07 37.88 7.91
C SER Q 42 51.00 37.51 6.76
N ALA Q 43 51.97 36.64 7.05
CA ALA Q 43 52.88 36.17 6.01
C ALA Q 43 52.13 35.39 4.93
N SER Q 44 51.00 34.79 5.28
CA SER Q 44 50.22 34.07 4.28
C SER Q 44 49.72 34.98 3.17
N ASN Q 45 49.60 36.28 3.43
CA ASN Q 45 49.19 37.22 2.41
C ASN Q 45 50.16 37.28 1.25
N TYR Q 46 51.39 36.81 1.44
CA TYR Q 46 52.41 36.82 0.39
C TYR Q 46 53.01 35.46 0.10
N GLU Q 47 52.91 34.50 1.03
CA GLU Q 47 53.49 33.18 0.81
C GLU Q 47 52.92 32.54 -0.45
N GLY Q 48 53.80 32.01 -1.28
CA GLY Q 48 53.38 31.32 -2.49
C GLY Q 48 52.90 32.21 -3.60
N LYS Q 49 53.04 33.53 -3.47
CA LYS Q 49 52.54 34.44 -4.49
C LYS Q 49 53.43 34.40 -5.72
N ILE Q 50 52.79 34.51 -6.88
CA ILE Q 50 53.47 34.58 -8.17
C ILE Q 50 53.55 36.04 -8.58
N VAL Q 51 54.76 36.51 -8.89
CA VAL Q 51 54.97 37.85 -9.42
C VAL Q 51 55.04 37.70 -10.93
N LYS Q 52 53.96 38.06 -11.61
CA LYS Q 52 53.94 37.97 -13.06
C LYS Q 52 54.93 38.98 -13.66
N PRO Q 53 55.39 38.73 -14.89
CA PRO Q 53 56.34 39.67 -15.50
C PRO Q 53 55.76 41.07 -15.59
N ASP Q 54 56.62 42.06 -15.33
CA ASP Q 54 56.29 43.48 -15.29
C ASP Q 54 55.49 43.85 -14.04
N GLU Q 55 55.29 42.92 -13.11
CA GLU Q 55 54.53 43.20 -11.90
C GLU Q 55 55.48 43.56 -10.76
N LYS Q 56 54.96 44.31 -9.80
CA LYS Q 56 55.71 44.74 -8.63
C LYS Q 56 54.98 44.29 -7.37
N LEU Q 57 55.74 43.78 -6.41
CA LEU Q 57 55.17 43.29 -5.15
C LEU Q 57 55.94 43.91 -3.99
N GLN Q 58 55.21 44.52 -3.07
CA GLN Q 58 55.80 45.26 -1.96
C GLN Q 58 55.59 44.51 -0.66
N ILE Q 59 56.66 44.34 0.12
CA ILE Q 59 56.59 43.78 1.46
C ILE Q 59 57.14 44.83 2.42
N ASN Q 60 56.32 45.22 3.39
CA ASN Q 60 56.68 46.23 4.38
C ASN Q 60 56.78 45.57 5.74
N ALA Q 61 57.92 45.77 6.41
CA ALA Q 61 58.13 45.25 7.75
C ALA Q 61 58.65 46.38 8.63
N SER Q 62 58.43 46.25 9.93
CA SER Q 62 58.88 47.26 10.88
C SER Q 62 58.74 46.70 12.29
N GLY Q 63 59.35 47.39 13.24
CA GLY Q 63 59.23 46.98 14.62
C GLY Q 63 57.82 47.15 15.15
N ARG Q 64 57.55 46.50 16.29
CA ARG Q 64 56.23 46.54 16.90
C ARG Q 64 56.03 47.88 17.60
N SER Q 65 54.92 48.01 18.33
CA SER Q 65 54.54 49.27 18.94
C SER Q 65 55.41 49.61 20.15
N ASP Q 66 56.43 50.43 19.93
CA ASP Q 66 57.28 51.00 20.97
C ASP Q 66 58.19 49.98 21.63
N ALA Q 67 58.12 48.71 21.25
CA ALA Q 67 59.02 47.72 21.83
C ALA Q 67 60.46 48.04 21.47
N ALA Q 68 61.38 47.61 22.32
CA ALA Q 68 62.80 47.75 22.03
C ALA Q 68 63.26 46.84 20.91
N GLU Q 69 62.35 46.08 20.31
CA GLU Q 69 62.70 45.19 19.22
C GLU Q 69 62.89 45.97 17.93
N GLY Q 70 63.76 45.44 17.05
CA GLY Q 70 63.90 45.96 15.71
C GLY Q 70 63.04 45.17 14.74
N THR Q 71 63.63 44.76 13.62
CA THR Q 71 62.93 43.86 12.71
C THR Q 71 63.95 42.94 12.05
N THR Q 72 63.50 41.74 11.68
CA THR Q 72 64.35 40.76 11.03
C THR Q 72 63.47 39.75 10.33
N GLY Q 73 63.90 39.30 9.16
CA GLY Q 73 63.11 38.34 8.40
C GLY Q 73 63.91 37.74 7.26
N THR Q 74 63.30 36.75 6.63
CA THR Q 74 63.93 36.05 5.53
C THR Q 74 62.84 35.51 4.60
N PHE Q 75 63.23 35.25 3.36
CA PHE Q 75 62.34 34.64 2.39
C PHE Q 75 63.17 34.10 1.23
N ASP Q 76 62.49 33.50 0.26
CA ASP Q 76 63.15 32.89 -0.88
C ASP Q 76 62.40 33.22 -2.16
N LEU Q 77 63.15 33.59 -3.19
CA LEU Q 77 62.63 33.63 -4.55
C LEU Q 77 62.91 32.28 -5.20
N VAL Q 78 61.88 31.70 -5.81
CA VAL Q 78 61.98 30.40 -6.47
C VAL Q 78 61.37 30.48 -7.85
N ASP Q 79 61.71 29.49 -8.69
CA ASP Q 79 61.25 29.45 -10.06
C ASP Q 79 60.08 28.49 -10.17
N PRO Q 80 58.85 28.96 -10.39
CA PRO Q 80 57.72 28.02 -10.52
C PRO Q 80 57.85 27.10 -11.72
N ALA Q 81 58.55 27.53 -12.77
CA ALA Q 81 58.64 26.75 -14.00
C ALA Q 81 59.76 25.71 -13.97
N ASP Q 82 60.52 25.62 -12.89
CA ASP Q 82 61.62 24.67 -12.77
C ASP Q 82 61.50 23.89 -11.47
N GLY Q 83 60.29 23.42 -11.17
CA GLY Q 83 60.06 22.65 -9.96
C GLY Q 83 60.36 23.42 -8.69
N ASP Q 84 60.06 24.72 -8.67
CA ASP Q 84 60.29 25.57 -7.50
C ASP Q 84 61.76 25.55 -7.09
N LYS Q 85 62.67 25.42 -8.06
CA LYS Q 85 64.09 25.48 -7.75
C LYS Q 85 64.43 26.85 -7.19
N GLN Q 86 65.23 26.85 -6.13
CA GLN Q 86 65.54 28.11 -5.47
C GLN Q 86 66.31 29.03 -6.41
N VAL Q 87 65.80 30.25 -6.56
CA VAL Q 87 66.51 31.31 -7.25
C VAL Q 87 67.44 32.06 -6.30
N ARG Q 88 66.90 32.53 -5.17
CA ARG Q 88 67.71 33.28 -4.23
C ARG Q 88 67.09 33.19 -2.84
N HIS Q 89 67.92 33.51 -1.84
CA HIS Q 89 67.53 33.52 -0.44
C HIS Q 89 67.87 34.90 0.11
N PHE Q 90 66.86 35.61 0.58
CA PHE Q 90 67.02 36.98 1.06
C PHE Q 90 66.83 37.03 2.57
N TYR Q 91 67.73 37.74 3.25
CA TYR Q 91 67.67 37.95 4.68
C TYR Q 91 67.85 39.43 4.96
N TRP Q 92 66.96 39.98 5.79
CA TRP Q 92 67.02 41.39 6.16
C TRP Q 92 66.98 41.52 7.68
N ASP Q 93 67.70 42.51 8.19
CA ASP Q 93 67.79 42.74 9.62
C ASP Q 93 68.06 44.22 9.87
N SER Q 94 67.13 44.88 10.56
CA SER Q 94 67.30 46.26 11.01
C SER Q 94 67.15 46.23 12.53
N PRO Q 95 68.25 46.05 13.26
CA PRO Q 95 68.16 45.89 14.71
C PRO Q 95 67.96 47.22 15.42
N TRP Q 96 67.33 47.14 16.59
CA TRP Q 96 67.12 48.31 17.43
C TRP Q 96 68.34 48.65 18.27
N GLY Q 97 69.04 47.64 18.78
CA GLY Q 97 70.22 47.86 19.58
C GLY Q 97 71.43 48.20 18.74
N SER Q 98 71.84 47.27 17.89
CA SER Q 98 72.99 47.51 17.02
C SER Q 98 72.67 48.57 15.99
N LYS Q 99 73.65 49.43 15.71
CA LYS Q 99 73.44 50.49 14.73
C LYS Q 99 73.47 49.94 13.31
N THR Q 100 74.38 49.02 13.03
CA THR Q 100 74.56 48.52 11.68
C THR Q 100 73.41 47.59 11.29
N ASN Q 101 72.88 47.79 10.09
CA ASN Q 101 71.82 46.95 9.55
C ASN Q 101 72.44 45.81 8.75
N THR Q 102 71.62 45.03 8.06
CA THR Q 102 72.12 43.91 7.27
C THR Q 102 71.09 43.53 6.21
N TRP Q 103 71.56 43.41 4.97
CA TRP Q 103 70.74 42.92 3.87
C TRP Q 103 71.60 41.96 3.07
N THR Q 104 71.27 40.67 3.10
CA THR Q 104 72.09 39.62 2.51
C THR Q 104 71.27 38.85 1.48
N VAL Q 105 71.84 38.66 0.30
CA VAL Q 105 71.25 37.85 -0.76
C VAL Q 105 72.22 36.71 -1.05
N SER Q 106 71.75 35.47 -0.90
CA SER Q 106 72.55 34.29 -1.13
C SER Q 106 71.87 33.41 -2.17
N GLY Q 107 72.60 32.41 -2.64
CA GLY Q 107 72.12 31.51 -3.67
C GLY Q 107 73.06 31.49 -4.86
N SER Q 108 72.86 30.47 -5.70
CA SER Q 108 73.76 30.26 -6.84
C SER Q 108 73.03 29.93 -8.13
N ASN Q 109 71.72 30.14 -8.21
CA ASN Q 109 71.01 29.93 -9.47
C ASN Q 109 71.65 30.79 -10.56
N THR Q 110 72.05 30.15 -11.66
CA THR Q 110 72.81 30.82 -12.69
C THR Q 110 71.95 31.32 -13.85
N LYS Q 111 70.76 30.76 -14.05
CA LYS Q 111 69.86 31.21 -15.09
C LYS Q 111 68.96 32.35 -14.64
N TRP Q 112 69.34 33.04 -13.56
CA TRP Q 112 68.59 34.18 -13.05
C TRP Q 112 69.56 35.32 -12.75
N MET Q 113 69.08 36.55 -12.96
CA MET Q 113 69.81 37.76 -12.62
C MET Q 113 68.99 38.56 -11.62
N ILE Q 114 69.59 38.85 -10.46
CA ILE Q 114 68.94 39.58 -9.39
C ILE Q 114 69.82 40.77 -9.04
N GLU Q 115 69.22 41.95 -8.98
CA GLU Q 115 69.93 43.18 -8.66
C GLU Q 115 69.16 43.96 -7.62
N TYR Q 116 69.76 44.15 -6.45
CA TYR Q 116 69.13 44.86 -5.34
C TYR Q 116 69.85 46.17 -5.09
N SER Q 117 69.07 47.21 -4.80
CA SER Q 117 69.65 48.54 -4.55
C SER Q 117 68.76 49.34 -3.63
N GLY Q 118 69.36 50.30 -2.92
CA GLY Q 118 68.65 51.23 -2.08
C GLY Q 118 68.80 51.01 -0.59
N GLN Q 119 69.51 49.96 -0.18
CA GLN Q 119 69.63 49.67 1.25
C GLN Q 119 70.55 50.67 1.94
N ASN Q 120 70.32 50.86 3.24
CA ASN Q 120 71.19 51.65 4.10
C ASN Q 120 71.73 50.75 5.20
N LEU Q 121 73.04 50.79 5.41
CA LEU Q 121 73.70 49.89 6.34
C LEU Q 121 74.40 50.59 7.50
N ASP Q 122 74.50 51.91 7.49
CA ASP Q 122 75.26 52.60 8.53
C ASP Q 122 74.46 52.70 9.83
N SER Q 123 73.32 53.38 9.80
CA SER Q 123 72.52 53.60 10.98
C SER Q 123 71.08 53.90 10.55
N GLY Q 124 70.18 53.86 11.52
CA GLY Q 124 68.78 54.13 11.25
C GLY Q 124 68.08 52.95 10.59
N ALA Q 125 66.95 53.25 9.97
CA ALA Q 125 66.16 52.21 9.32
C ALA Q 125 66.91 51.64 8.12
N LEU Q 126 66.57 50.39 7.77
CA LEU Q 126 67.21 49.74 6.64
C LEU Q 126 66.82 50.41 5.33
N GLY Q 127 65.61 50.95 5.24
CA GLY Q 127 65.19 51.72 4.09
C GLY Q 127 64.35 50.94 3.10
N THR Q 128 64.35 51.44 1.87
CA THR Q 128 63.63 50.82 0.76
C THR Q 128 64.63 50.16 -0.17
N ILE Q 129 64.35 48.90 -0.54
CA ILE Q 129 65.24 48.09 -1.35
C ILE Q 129 64.45 47.60 -2.56
N THR Q 130 64.90 47.98 -3.74
CA THR Q 130 64.33 47.52 -5.00
C THR Q 130 65.14 46.33 -5.49
N VAL Q 131 64.46 45.22 -5.77
CA VAL Q 131 65.10 43.99 -6.22
C VAL Q 131 64.51 43.67 -7.59
N ASP Q 132 65.28 43.95 -8.64
CA ASP Q 132 64.90 43.60 -10.00
C ASP Q 132 65.34 42.17 -10.28
N THR Q 133 64.38 41.36 -10.72
CA THR Q 133 64.62 39.94 -11.02
C THR Q 133 64.34 39.67 -12.49
N LEU Q 134 65.18 38.85 -13.10
CA LEU Q 134 65.02 38.50 -14.50
C LEU Q 134 65.51 37.07 -14.70
N LYS Q 135 64.92 36.36 -15.65
CA LYS Q 135 65.34 35.02 -16.01
C LYS Q 135 65.94 35.06 -17.42
N LYS Q 136 67.20 34.65 -17.54
CA LYS Q 136 67.89 34.67 -18.83
C LYS Q 136 67.17 33.79 -19.84
N GLN R 10 18.97 -2.14 -51.19
CA GLN R 10 19.80 -1.01 -50.79
C GLN R 10 20.66 -1.37 -49.58
N ALA R 11 20.13 -2.21 -48.70
CA ALA R 11 20.89 -2.62 -47.53
C ALA R 11 22.15 -3.35 -47.96
N GLY R 12 23.25 -3.06 -47.27
CA GLY R 12 24.53 -3.60 -47.66
C GLY R 12 25.23 -2.85 -48.78
N ASP R 13 24.67 -1.73 -49.22
CA ASP R 13 25.28 -0.94 -50.28
C ASP R 13 26.46 -0.14 -49.73
N THR R 14 27.48 0.04 -50.56
CA THR R 14 28.71 0.71 -50.17
C THR R 14 29.03 1.83 -51.15
N LEU R 15 30.12 2.54 -50.84
CA LEU R 15 30.62 3.56 -51.76
C LEU R 15 30.89 2.97 -53.13
N ASN R 16 31.26 1.69 -53.19
CA ASN R 16 31.46 1.06 -54.49
C ASN R 16 30.18 1.08 -55.32
N ASP R 17 29.06 0.69 -54.72
CA ASP R 17 27.79 0.71 -55.46
C ASP R 17 27.40 2.14 -55.82
N VAL R 18 27.59 3.07 -54.89
CA VAL R 18 27.23 4.45 -55.15
C VAL R 18 28.03 4.99 -56.34
N ILE R 19 29.32 4.67 -56.39
CA ILE R 19 30.16 5.13 -57.50
C ILE R 19 29.82 4.41 -58.79
N GLN R 20 29.49 3.12 -58.72
CA GLN R 20 29.15 2.37 -59.93
C GLN R 20 27.91 2.94 -60.60
N ASP R 21 26.90 3.30 -59.82
CA ASP R 21 25.69 3.87 -60.41
C ASP R 21 25.95 5.32 -60.80
N PRO R 22 25.85 5.69 -62.09
CA PRO R 22 26.15 7.08 -62.46
C PRO R 22 25.27 8.11 -61.76
N THR R 23 23.99 7.80 -61.57
CA THR R 23 23.10 8.76 -60.91
C THR R 23 23.50 8.96 -59.46
N ARG R 24 23.72 7.88 -58.72
CA ARG R 24 24.09 8.00 -57.32
C ARG R 24 25.45 8.66 -57.16
N ARG R 25 26.40 8.35 -58.06
CA ARG R 25 27.71 8.97 -57.99
C ARG R 25 27.61 10.48 -58.18
N ASN R 26 26.83 10.92 -59.18
CA ASN R 26 26.65 12.34 -59.41
C ASN R 26 25.95 13.00 -58.24
N LYS R 27 24.95 12.31 -57.67
CA LYS R 27 24.27 12.86 -56.49
C LYS R 27 25.25 13.04 -55.34
N LEU R 28 26.13 12.06 -55.11
CA LEU R 28 27.12 12.18 -54.07
C LEU R 28 28.05 13.36 -54.33
N ILE R 29 28.53 13.49 -55.57
CA ILE R 29 29.45 14.58 -55.90
C ILE R 29 28.78 15.93 -55.65
N ASN R 30 27.52 16.07 -56.10
CA ASN R 30 26.84 17.34 -55.96
C ASN R 30 26.54 17.66 -54.51
N ASP R 31 25.99 16.69 -53.77
CA ASP R 31 25.62 16.92 -52.39
C ASP R 31 26.83 17.15 -51.49
N ASN R 32 28.00 16.67 -51.87
CA ASN R 32 29.20 16.87 -51.06
C ASN R 32 30.11 17.95 -51.62
N ASN R 33 29.77 18.56 -52.74
CA ASN R 33 30.52 19.72 -53.27
C ASN R 33 31.96 19.31 -53.56
N LEU R 34 32.13 18.11 -54.11
CA LEU R 34 33.47 17.58 -54.32
C LEU R 34 34.21 18.25 -55.46
N LEU R 35 33.51 18.99 -56.31
CA LEU R 35 34.13 19.70 -57.43
C LEU R 35 34.47 21.14 -57.10
N LYS R 36 34.21 21.60 -55.88
CA LYS R 36 34.37 23.00 -55.51
C LYS R 36 35.44 23.16 -54.45
N GLY R 37 36.16 24.28 -54.53
CA GLY R 37 37.16 24.61 -53.54
C GLY R 37 36.56 25.23 -52.29
N ILE R 38 37.39 25.42 -51.28
CA ILE R 38 36.97 26.00 -50.01
C ILE R 38 37.53 27.41 -49.91
N ILE R 39 36.68 28.36 -49.51
CA ILE R 39 37.02 29.77 -49.64
C ILE R 39 37.87 30.31 -48.50
N MET R 40 37.91 29.63 -47.35
CA MET R 40 38.80 30.01 -46.26
C MET R 40 38.75 31.53 -46.01
N GLY R 41 37.57 31.98 -45.61
CA GLY R 41 37.33 33.40 -45.49
C GLY R 41 37.02 33.81 -44.07
N ARG R 42 36.37 34.97 -43.91
CA ARG R 42 36.11 35.48 -42.56
C ARG R 42 35.12 34.59 -41.82
N ASP R 43 34.26 33.87 -42.55
CA ASP R 43 33.27 32.99 -41.94
C ASP R 43 33.77 31.57 -41.77
N GLY R 44 35.01 31.27 -42.15
CA GLY R 44 35.56 29.94 -42.04
C GLY R 44 35.66 29.25 -43.38
N PRO R 45 36.00 27.96 -43.36
CA PRO R 45 36.13 27.18 -44.61
C PRO R 45 34.78 26.77 -45.20
N VAL R 46 34.18 27.69 -45.93
CA VAL R 46 32.90 27.45 -46.59
C VAL R 46 33.18 27.09 -48.04
N PRO R 47 32.55 26.05 -48.60
CA PRO R 47 32.79 25.73 -50.00
C PRO R 47 32.23 26.81 -50.92
N SER R 48 32.91 27.00 -52.05
CA SER R 48 32.45 27.95 -53.05
C SER R 48 31.25 27.40 -53.79
N SER R 49 30.58 28.28 -54.53
CA SER R 49 29.42 27.91 -55.33
C SER R 49 29.75 27.80 -56.81
N ARG R 50 31.03 27.85 -57.16
CA ARG R 50 31.50 27.73 -58.53
C ARG R 50 32.35 26.48 -58.64
N GLU R 51 32.09 25.68 -59.67
CA GLU R 51 32.85 24.45 -59.86
C GLU R 51 34.27 24.78 -60.29
N LEU R 52 35.24 24.19 -59.59
CA LEU R 52 36.65 24.42 -59.87
C LEU R 52 37.21 23.42 -60.88
N ILE R 53 36.89 22.14 -60.71
CA ILE R 53 37.40 21.10 -61.59
C ILE R 53 36.29 20.58 -62.48
N VAL R 54 36.66 19.79 -63.48
CA VAL R 54 35.72 19.17 -64.39
C VAL R 54 35.17 17.90 -63.77
N ARG R 55 33.90 17.60 -64.08
CA ARG R 55 33.25 16.44 -63.47
C ARG R 55 33.95 15.16 -63.92
N PRO R 56 34.48 14.36 -63.00
CA PRO R 56 35.11 13.10 -63.41
C PRO R 56 34.08 12.07 -63.86
N ASP R 57 34.54 11.14 -64.68
CA ASP R 57 33.72 10.01 -65.09
C ASP R 57 33.69 8.89 -64.06
N THR R 58 34.53 8.97 -63.03
CA THR R 58 34.53 7.98 -61.96
C THR R 58 35.32 8.56 -60.79
N LEU R 59 35.29 7.85 -59.67
CA LEU R 59 35.99 8.27 -58.46
C LEU R 59 36.82 7.12 -57.92
N ARG R 60 37.95 7.47 -57.31
CA ARG R 60 38.78 6.52 -56.60
C ARG R 60 38.31 6.45 -55.15
N ALA R 61 37.95 5.26 -54.69
CA ALA R 61 37.38 5.12 -53.36
C ALA R 61 37.85 3.84 -52.70
N ILE R 62 37.84 3.86 -51.37
CA ILE R 62 38.10 2.69 -50.55
C ILE R 62 36.96 2.56 -49.55
N ILE R 63 36.71 1.34 -49.10
CA ILE R 63 35.61 1.06 -48.18
C ILE R 63 36.18 0.90 -46.78
N ASN R 64 35.55 1.56 -45.81
CA ASN R 64 35.95 1.47 -44.42
C ASN R 64 34.73 1.73 -43.55
N ASN R 65 34.42 0.80 -42.65
CA ASN R 65 33.20 0.87 -41.85
C ASN R 65 33.49 0.76 -40.35
N ARG R 66 34.70 1.08 -39.92
CA ARG R 66 35.06 1.00 -38.51
C ARG R 66 34.62 2.28 -37.81
N ALA R 67 33.62 2.17 -36.94
CA ALA R 67 33.14 3.30 -36.18
C ALA R 67 33.89 3.39 -34.85
N THR R 68 34.38 4.58 -34.53
CA THR R 68 35.21 4.77 -33.34
C THR R 68 35.30 6.25 -33.05
N ILE R 69 35.89 6.58 -31.89
CA ILE R 69 36.10 7.95 -31.46
C ILE R 69 37.56 8.30 -31.67
N GLU R 70 37.81 9.38 -32.39
CA GLU R 70 39.16 9.90 -32.58
C GLU R 70 39.24 11.30 -32.00
N THR R 71 40.44 11.67 -31.54
CA THR R 71 40.67 12.98 -30.95
C THR R 71 41.90 13.62 -31.57
N THR R 72 41.84 14.93 -31.76
CA THR R 72 42.93 15.69 -32.36
C THR R 72 43.12 16.97 -31.58
N THR R 73 44.36 17.47 -31.58
CA THR R 73 44.70 18.70 -30.88
C THR R 73 45.51 19.60 -31.81
N MET R 74 45.33 20.91 -31.66
CA MET R 74 46.00 21.89 -32.50
C MET R 74 46.50 23.03 -31.63
N GLU R 75 47.66 23.57 -31.98
CA GLU R 75 48.24 24.69 -31.25
C GLU R 75 48.17 26.00 -31.99
N ALA R 76 47.92 25.99 -33.30
CA ALA R 76 47.80 27.22 -34.06
C ALA R 76 46.63 28.06 -33.54
N GLU R 77 46.72 29.37 -33.78
CA GLU R 77 45.78 30.30 -33.18
C GLU R 77 44.45 30.34 -33.94
N PHE R 78 44.50 30.61 -35.24
CA PHE R 78 43.30 30.89 -36.03
C PHE R 78 42.74 29.65 -36.70
N THR R 79 42.94 28.46 -36.13
CA THR R 79 42.50 27.22 -36.75
C THR R 79 41.25 26.64 -36.09
N GLU R 80 40.48 27.46 -35.36
CA GLU R 80 39.28 26.96 -34.71
C GLU R 80 38.27 26.42 -35.71
N THR R 81 38.01 27.18 -36.77
CA THR R 81 37.03 26.74 -37.76
C THR R 81 37.51 25.49 -38.50
N LEU R 82 38.80 25.40 -38.79
CA LEU R 82 39.32 24.20 -39.44
C LEU R 82 39.14 22.98 -38.54
N MET R 83 39.45 23.12 -37.25
CA MET R 83 39.23 22.01 -36.34
C MET R 83 37.75 21.64 -36.26
N GLU R 84 36.87 22.64 -36.28
CA GLU R 84 35.44 22.36 -36.33
C GLU R 84 35.04 21.66 -37.61
N SER R 85 35.76 21.89 -38.70
CA SER R 85 35.49 21.23 -39.97
C SER R 85 36.24 19.91 -40.09
N ASN R 86 37.00 19.52 -39.07
CA ASN R 86 37.62 18.20 -39.00
C ASN R 86 38.74 18.06 -40.03
N TYR R 87 39.61 19.04 -40.06
CA TYR R 87 40.82 18.99 -40.88
C TYR R 87 41.94 18.39 -40.05
N ASN R 88 42.61 17.37 -40.60
CA ASN R 88 43.72 16.77 -39.89
C ASN R 88 44.89 17.76 -39.83
N SER R 89 46.00 17.32 -39.23
CA SER R 89 47.11 18.23 -38.98
C SER R 89 47.68 18.79 -40.28
N ALA R 90 47.87 17.93 -41.29
CA ALA R 90 48.45 18.40 -42.54
C ALA R 90 47.55 19.40 -43.24
N SER R 91 46.24 19.12 -43.29
CA SER R 91 45.31 20.04 -43.93
C SER R 91 45.25 21.36 -43.18
N VAL R 92 45.24 21.32 -41.85
CA VAL R 92 45.23 22.55 -41.07
C VAL R 92 46.50 23.35 -41.32
N LYS R 93 47.63 22.67 -41.39
CA LYS R 93 48.89 23.37 -41.67
C LYS R 93 48.85 24.03 -43.05
N VAL R 94 48.30 23.33 -44.04
CA VAL R 94 48.25 23.88 -45.39
C VAL R 94 47.31 25.08 -45.45
N SER R 95 46.19 25.01 -44.74
CA SER R 95 45.15 26.03 -44.83
C SER R 95 45.36 27.20 -43.87
N ALA R 96 46.25 27.07 -42.88
CA ALA R 96 46.39 28.12 -41.89
C ALA R 96 46.73 29.49 -42.47
N PRO R 97 47.65 29.61 -43.44
CA PRO R 97 47.98 30.95 -43.94
C PRO R 97 46.76 31.71 -44.44
N PHE R 98 45.89 31.06 -45.20
CA PHE R 98 44.73 31.74 -45.76
C PHE R 98 43.74 32.13 -44.66
N ILE R 99 43.47 31.20 -43.74
CA ILE R 99 42.53 31.48 -42.67
C ILE R 99 43.02 32.65 -41.83
N THR R 100 44.30 32.64 -41.47
CA THR R 100 44.85 33.76 -40.71
C THR R 100 44.72 35.06 -41.50
N ALA R 101 45.16 35.05 -42.76
CA ALA R 101 45.13 36.26 -43.57
C ALA R 101 43.74 36.86 -43.65
N ASN R 102 42.71 36.01 -43.82
CA ASN R 102 41.35 36.49 -44.00
C ASN R 102 40.53 36.53 -42.72
N SER R 103 41.11 36.20 -41.58
CA SER R 103 40.36 36.19 -40.33
C SER R 103 39.99 37.61 -39.91
N GLU R 104 39.21 37.71 -38.84
CA GLU R 104 38.83 38.98 -38.22
C GLU R 104 39.57 39.08 -36.90
N TYR R 105 40.63 39.89 -36.87
CA TYR R 105 41.40 40.07 -35.65
C TYR R 105 40.65 40.96 -34.67
N SER R 106 40.93 40.77 -33.39
CA SER R 106 40.29 41.56 -32.34
C SER R 106 40.99 41.28 -31.02
N GLU R 107 41.03 42.29 -30.16
CA GLU R 107 41.53 42.09 -28.81
C GLU R 107 40.55 41.24 -28.02
N SER R 108 40.91 40.93 -26.78
CA SER R 108 40.09 40.10 -25.90
C SER R 108 39.90 38.69 -26.46
N SER R 109 40.75 38.28 -27.40
CA SER R 109 40.66 36.94 -27.97
C SER R 109 40.91 35.91 -26.88
N SER R 110 40.05 34.89 -26.83
CA SER R 110 40.22 33.85 -25.83
C SER R 110 41.53 33.10 -25.98
N PHE R 111 42.17 33.18 -27.14
CA PHE R 111 43.44 32.49 -27.35
C PHE R 111 44.56 33.25 -26.68
N LYS R 112 45.41 32.51 -25.96
CA LYS R 112 46.57 33.06 -25.29
C LYS R 112 47.78 32.24 -25.69
N ASN R 113 48.82 32.91 -26.19
CA ASN R 113 50.06 32.26 -26.60
C ASN R 113 51.25 33.03 -26.07
N THR R 114 51.16 33.50 -24.83
CA THR R 114 52.25 34.23 -24.21
C THR R 114 53.37 33.27 -23.82
N GLU R 115 54.47 33.82 -23.33
CA GLU R 115 55.60 32.98 -22.95
C GLU R 115 55.34 32.21 -21.67
N THR R 116 54.28 32.53 -20.94
CA THR R 116 53.99 31.89 -19.65
C THR R 116 52.83 30.91 -19.72
N GLU R 117 51.85 31.12 -20.58
CA GLU R 117 50.74 30.19 -20.77
C GLU R 117 50.59 29.82 -22.23
N LYS R 118 49.95 28.68 -22.47
CA LYS R 118 49.74 28.13 -23.79
C LYS R 118 48.29 27.68 -23.91
N SER R 119 47.69 27.91 -25.08
CA SER R 119 46.30 27.57 -25.34
C SER R 119 46.21 26.63 -26.54
N MET R 120 45.23 25.72 -26.50
CA MET R 120 45.09 24.68 -27.50
C MET R 120 43.62 24.42 -27.79
N TYR R 121 43.35 23.89 -28.98
CA TYR R 121 42.02 23.43 -29.36
C TYR R 121 41.99 21.91 -29.38
N THR R 122 40.87 21.33 -28.95
CA THR R 122 40.67 19.89 -28.95
C THR R 122 39.35 19.56 -29.63
N SER R 123 39.32 18.45 -30.35
CA SER R 123 38.14 18.02 -31.08
C SER R 123 38.03 16.51 -31.03
N SER R 124 36.83 16.01 -30.71
CA SER R 124 36.55 14.58 -30.66
C SER R 124 35.43 14.27 -31.64
N ARG R 125 35.69 13.33 -32.54
CA ARG R 125 34.75 12.97 -33.59
C ARG R 125 34.35 11.52 -33.41
N TYR R 126 33.05 11.29 -33.19
CA TYR R 126 32.48 9.96 -33.18
C TYR R 126 32.01 9.65 -34.60
N LEU R 127 32.75 8.80 -35.29
CA LEU R 127 32.64 8.59 -36.72
C LEU R 127 31.95 7.27 -37.03
N PHE R 128 31.07 7.30 -38.03
CA PHE R 128 30.56 6.11 -38.72
C PHE R 128 30.99 6.28 -40.16
N PRO R 129 32.18 5.82 -40.53
CA PRO R 129 32.66 6.01 -41.89
C PRO R 129 32.11 4.96 -42.84
N GLN R 130 32.11 5.32 -44.12
CA GLN R 130 31.78 4.41 -45.20
C GLN R 130 32.91 4.24 -46.20
N GLY R 131 33.88 5.15 -46.21
CA GLY R 131 35.00 5.03 -47.11
C GLY R 131 35.70 6.38 -47.27
N ARG R 132 36.57 6.42 -48.26
CA ARG R 132 37.39 7.60 -48.53
C ARG R 132 37.50 7.78 -50.04
N ILE R 133 37.38 9.03 -50.49
CA ILE R 133 37.44 9.39 -51.88
C ILE R 133 38.68 10.26 -52.09
N ASP R 134 39.41 9.98 -53.17
CA ASP R 134 40.68 10.62 -53.46
C ASP R 134 40.69 11.19 -54.86
N PHE R 135 41.45 12.27 -55.04
CA PHE R 135 41.64 12.90 -56.34
C PHE R 135 43.13 12.95 -56.65
N THR R 136 43.45 12.97 -57.94
CA THR R 136 44.84 12.98 -58.39
C THR R 136 45.24 14.42 -58.70
N THR R 137 46.22 14.92 -57.96
CA THR R 137 46.73 16.26 -58.25
C THR R 137 47.70 16.19 -59.44
N PRO R 138 47.84 17.30 -60.18
CA PRO R 138 48.81 17.30 -61.29
C PRO R 138 50.22 16.97 -60.85
N ASP R 139 50.62 17.38 -59.64
CA ASP R 139 51.96 17.10 -59.16
C ASP R 139 52.21 15.61 -58.97
N SER R 140 51.15 14.82 -58.80
CA SER R 140 51.34 13.38 -58.60
C SER R 140 51.97 12.73 -59.83
N GLY R 141 51.56 13.15 -61.02
CA GLY R 141 52.13 12.65 -62.25
C GLY R 141 51.41 11.46 -62.86
N PHE R 142 50.27 11.06 -62.30
CA PHE R 142 49.53 9.94 -62.85
C PHE R 142 48.63 10.41 -64.01
N ASP R 143 48.03 9.43 -64.69
CA ASP R 143 47.31 9.72 -65.93
C ASP R 143 45.90 10.25 -65.70
N ASP R 144 45.34 10.08 -64.50
CA ASP R 144 43.97 10.48 -64.20
C ASP R 144 43.92 11.78 -63.42
N VAL R 145 44.81 12.72 -63.71
CA VAL R 145 44.83 13.99 -63.00
C VAL R 145 43.50 14.70 -63.16
N ILE R 146 43.15 15.53 -62.16
CA ILE R 146 41.99 16.38 -62.26
C ILE R 146 42.29 17.53 -63.23
N LYS R 147 41.28 17.94 -63.99
CA LYS R 147 41.43 18.98 -64.99
C LYS R 147 40.68 20.23 -64.53
N LEU R 148 41.40 21.34 -64.42
CA LEU R 148 40.78 22.59 -64.02
C LEU R 148 39.76 23.03 -65.06
N SER R 149 38.68 23.64 -64.59
CA SER R 149 37.62 24.04 -65.48
C SER R 149 38.10 25.12 -66.44
N PRO R 150 37.62 25.13 -67.69
CA PRO R 150 38.02 26.21 -68.61
C PRO R 150 37.65 27.58 -68.09
N GLN R 151 36.55 27.69 -67.34
CA GLN R 151 36.19 29.00 -66.78
C GLN R 151 37.26 29.49 -65.81
N PHE R 152 37.73 28.62 -64.92
CA PHE R 152 38.78 29.02 -63.99
C PHE R 152 40.06 29.34 -64.73
N THR R 153 40.43 28.54 -65.72
CA THR R 153 41.66 28.80 -66.47
C THR R 153 41.58 30.14 -67.19
N SER R 154 40.43 30.43 -67.81
CA SER R 154 40.25 31.71 -68.49
C SER R 154 40.28 32.86 -67.50
N GLY R 155 39.69 32.68 -66.32
CA GLY R 155 39.77 33.72 -65.31
C GLY R 155 41.19 34.01 -64.89
N VAL R 156 41.99 32.96 -64.68
CA VAL R 156 43.39 33.17 -64.33
C VAL R 156 44.12 33.90 -65.44
N GLN R 157 43.89 33.49 -66.69
CA GLN R 157 44.55 34.14 -67.82
C GLN R 157 44.18 35.61 -67.90
N ALA R 158 42.88 35.93 -67.73
CA ALA R 158 42.45 37.32 -67.77
C ALA R 158 43.07 38.12 -66.64
N ALA R 159 43.14 37.53 -65.44
CA ALA R 159 43.75 38.23 -64.32
C ALA R 159 45.22 38.53 -64.60
N LEU R 160 45.95 37.56 -65.15
CA LEU R 160 47.36 37.76 -65.44
C LEU R 160 47.62 38.62 -66.67
N ALA R 161 46.60 38.87 -67.49
CA ALA R 161 46.76 39.69 -68.68
C ALA R 161 46.52 41.17 -68.45
N LYS R 162 46.29 41.57 -67.21
CA LYS R 162 45.98 42.97 -66.92
C LYS R 162 47.23 43.85 -67.08
N ALA R 163 46.99 45.16 -67.21
CA ALA R 163 48.06 46.08 -67.58
C ALA R 163 49.09 46.22 -66.47
N THR R 164 48.65 46.40 -65.23
CA THR R 164 49.53 46.76 -64.12
C THR R 164 49.54 45.65 -63.08
N GLY R 165 50.63 45.60 -62.32
CA GLY R 165 50.74 44.58 -61.28
C GLY R 165 49.66 44.70 -60.22
N THR R 166 49.30 45.92 -59.85
CA THR R 166 48.23 46.10 -58.87
C THR R 166 46.91 45.54 -59.40
N GLU R 167 46.60 45.81 -60.67
CA GLU R 167 45.37 45.26 -61.25
C GLU R 167 45.44 43.73 -61.32
N LYS R 168 46.60 43.19 -61.68
CA LYS R 168 46.74 41.74 -61.70
C LYS R 168 46.49 41.14 -60.32
N ARG R 169 47.07 41.75 -59.29
CA ARG R 169 46.89 41.25 -57.93
C ARG R 169 45.43 41.36 -57.48
N GLU R 170 44.77 42.47 -57.82
CA GLU R 170 43.36 42.62 -57.47
C GLU R 170 42.51 41.56 -58.17
N ALA R 171 42.78 41.32 -59.45
CA ALA R 171 42.03 40.29 -60.18
C ALA R 171 42.26 38.92 -59.57
N LEU R 172 43.51 38.60 -59.23
CA LEU R 172 43.79 37.31 -58.61
C LEU R 172 43.10 37.18 -57.26
N GLN R 173 43.09 38.25 -56.48
CA GLN R 173 42.42 38.22 -55.18
C GLN R 173 40.93 37.96 -55.36
N ASN R 174 40.29 38.65 -56.30
CA ASN R 174 38.87 38.41 -56.55
C ASN R 174 38.64 36.98 -57.03
N LEU R 175 39.48 36.49 -57.94
CA LEU R 175 39.31 35.15 -58.48
C LEU R 175 39.42 34.10 -57.38
N PHE R 176 40.39 34.26 -56.48
CA PHE R 176 40.56 33.28 -55.41
C PHE R 176 39.47 33.42 -54.36
N GLN R 177 38.98 34.64 -54.10
CA GLN R 177 37.86 34.79 -53.19
C GLN R 177 36.60 34.13 -53.75
N GLU R 178 36.49 34.08 -55.08
CA GLU R 178 35.30 33.48 -55.69
C GLU R 178 35.43 31.96 -55.80
N TYR R 179 36.58 31.47 -56.23
CA TYR R 179 36.75 30.05 -56.56
C TYR R 179 37.34 29.23 -55.42
N GLY R 180 37.81 29.85 -54.36
CA GLY R 180 38.42 29.14 -53.24
C GLY R 180 39.93 29.30 -53.21
N HIS R 181 40.50 28.86 -52.09
CA HIS R 181 41.94 28.89 -51.85
C HIS R 181 42.58 27.52 -51.83
N VAL R 182 41.85 26.48 -51.43
CA VAL R 182 42.37 25.12 -51.40
C VAL R 182 41.32 24.18 -51.99
N PHE R 183 41.76 22.99 -52.36
CA PHE R 183 40.90 21.95 -52.91
C PHE R 183 41.11 20.67 -52.11
N ARG R 184 40.01 20.06 -51.67
CA ARG R 184 40.08 18.85 -50.87
C ARG R 184 40.41 17.66 -51.77
N THR R 185 41.58 17.06 -51.57
CA THR R 185 42.02 15.95 -52.39
C THR R 185 41.68 14.59 -51.79
N LYS R 186 41.52 14.49 -50.48
CA LYS R 186 41.13 13.24 -49.83
C LYS R 186 40.07 13.54 -48.79
N VAL R 187 38.90 12.93 -48.94
CA VAL R 187 37.76 13.21 -48.07
C VAL R 187 37.13 11.89 -47.64
N HIS R 188 36.79 11.80 -46.36
CA HIS R 188 36.12 10.62 -45.82
C HIS R 188 34.62 10.84 -45.88
N ILE R 189 33.88 9.76 -46.16
CA ILE R 189 32.44 9.83 -46.29
C ILE R 189 31.81 9.08 -45.13
N GLY R 190 30.58 9.47 -44.78
CA GLY R 190 29.85 8.81 -43.70
C GLY R 190 29.13 9.79 -42.81
N GLY R 191 29.08 9.48 -41.51
CA GLY R 191 28.46 10.38 -40.54
C GLY R 191 29.40 10.64 -39.38
N VAL R 192 29.18 11.76 -38.71
CA VAL R 192 30.08 12.17 -37.63
C VAL R 192 29.35 13.05 -36.63
N LEU R 193 29.56 12.76 -35.35
CA LEU R 193 29.14 13.64 -34.26
C LEU R 193 30.40 14.23 -33.65
N SER R 194 30.55 15.55 -33.74
CA SER R 194 31.78 16.23 -33.34
C SER R 194 31.54 17.09 -32.11
N ALA R 195 32.51 17.08 -31.20
CA ALA R 195 32.51 17.95 -30.03
C ALA R 195 33.85 18.66 -29.95
N HIS R 196 33.82 19.99 -29.90
CA HIS R 196 35.03 20.79 -29.94
C HIS R 196 35.11 21.69 -28.71
N THR R 197 36.33 21.94 -28.25
CA THR R 197 36.55 22.76 -27.06
C THR R 197 37.94 23.38 -27.13
N MET R 198 38.18 24.31 -26.22
CA MET R 198 39.44 25.03 -26.15
C MET R 198 39.90 25.10 -24.69
N GLU R 199 41.21 25.05 -24.49
CA GLU R 199 41.75 25.08 -23.13
C GLU R 199 43.05 25.88 -23.09
N THR R 200 43.17 26.73 -22.07
CA THR R 200 44.38 27.48 -21.80
C THR R 200 44.96 27.02 -20.47
N PHE R 201 46.28 26.87 -20.43
CA PHE R 201 46.94 26.36 -19.23
C PHE R 201 48.36 26.87 -19.18
N SER R 202 48.90 26.99 -17.97
CA SER R 202 50.26 27.46 -17.80
C SER R 202 51.24 26.48 -18.44
N ARG R 203 52.29 27.02 -19.06
CA ARG R 203 53.29 26.18 -19.69
C ARG R 203 54.02 25.29 -18.70
N SER R 204 54.03 25.67 -17.41
CA SER R 204 54.70 24.85 -16.40
C SER R 204 53.97 23.53 -16.19
N GLU R 205 52.65 23.51 -16.37
CA GLU R 205 51.88 22.29 -16.13
C GLU R 205 52.26 21.21 -17.14
N ASN R 206 52.10 19.96 -16.73
CA ASN R 206 52.40 18.84 -17.60
C ASN R 206 51.45 18.82 -18.80
N GLU R 207 52.01 19.06 -19.98
CA GLU R 207 51.18 19.11 -21.18
C GLU R 207 50.55 17.77 -21.49
N THR R 208 51.26 16.67 -21.20
CA THR R 208 50.77 15.33 -21.48
C THR R 208 49.85 14.82 -20.39
N GLU R 209 49.53 15.66 -19.41
CA GLU R 209 48.43 15.42 -18.49
C GLU R 209 47.24 16.31 -18.77
N VAL R 210 47.49 17.58 -19.15
CA VAL R 210 46.39 18.43 -19.58
C VAL R 210 45.72 17.85 -20.82
N LYS R 211 46.52 17.39 -21.78
CA LYS R 211 45.95 16.84 -23.01
C LYS R 211 45.15 15.59 -22.72
N GLN R 212 45.68 14.70 -21.88
CA GLN R 212 44.97 13.46 -21.57
C GLN R 212 43.66 13.74 -20.85
N ASP R 213 43.68 14.66 -19.87
CA ASP R 213 42.46 14.98 -19.14
C ASP R 213 41.41 15.56 -20.07
N VAL R 214 41.80 16.52 -20.92
CA VAL R 214 40.86 17.13 -21.84
C VAL R 214 40.30 16.10 -22.80
N LYS R 215 41.17 15.23 -23.33
CA LYS R 215 40.73 14.20 -24.25
C LYS R 215 39.72 13.27 -23.61
N ALA R 216 40.00 12.84 -22.37
CA ALA R 216 39.06 11.94 -21.68
C ALA R 216 37.71 12.62 -21.50
N GLY R 217 37.71 13.88 -21.04
CA GLY R 217 36.45 14.57 -20.84
C GLY R 217 35.66 14.71 -22.13
N LEU R 218 36.32 15.16 -23.19
CA LEU R 218 35.63 15.38 -24.46
C LEU R 218 35.14 14.06 -25.06
N GLU R 219 35.94 13.00 -24.94
CA GLU R 219 35.50 11.70 -25.45
C GLU R 219 34.28 11.20 -24.69
N GLY R 220 34.28 11.34 -23.37
CA GLY R 220 33.08 10.99 -22.62
C GLY R 220 31.88 11.81 -23.03
N ALA R 221 32.10 13.09 -23.35
CA ALA R 221 31.00 13.96 -23.76
C ALA R 221 30.41 13.50 -25.09
N VAL R 222 31.27 13.23 -26.08
CA VAL R 222 30.80 12.77 -27.38
C VAL R 222 30.18 11.38 -27.30
N LYS R 223 30.47 10.56 -26.31
CA LYS R 223 29.81 9.26 -26.25
C LYS R 223 28.39 9.40 -25.80
N GLY R 224 28.10 10.33 -24.94
CA GLY R 224 26.75 10.56 -24.51
C GLY R 224 25.82 11.00 -25.62
N TRP R 225 26.18 12.02 -26.35
CA TRP R 225 25.37 12.47 -27.46
C TRP R 225 25.87 11.84 -28.73
N GLN R 237 24.60 18.82 -22.88
CA GLN R 237 25.45 19.48 -21.89
C GLN R 237 26.52 20.32 -22.58
N GLY R 238 26.35 21.64 -22.55
CA GLY R 238 27.32 22.51 -23.17
C GLY R 238 28.58 22.74 -22.38
N THR R 239 28.62 22.28 -21.14
CA THR R 239 29.76 22.48 -20.26
C THR R 239 30.14 21.16 -19.62
N ILE R 240 31.44 20.92 -19.51
CA ILE R 240 31.98 19.65 -19.05
C ILE R 240 33.00 19.90 -17.96
N THR R 241 33.04 19.02 -16.97
CA THR R 241 34.03 19.05 -15.90
C THR R 241 34.91 17.83 -16.05
N THR R 242 36.22 18.06 -16.15
CA THR R 242 37.17 16.97 -16.35
C THR R 242 37.63 16.41 -15.00
N SER R 243 38.53 15.42 -15.07
CA SER R 243 39.05 14.81 -13.85
C SER R 243 39.83 15.83 -13.03
N GLN R 244 40.61 16.68 -13.69
CA GLN R 244 41.38 17.72 -13.02
C GLN R 244 40.51 18.92 -12.60
N ASN R 245 39.18 18.77 -12.63
CA ASN R 245 38.26 19.84 -12.29
C ASN R 245 38.36 21.01 -13.27
N ARG R 246 38.80 20.74 -14.49
CA ARG R 246 38.82 21.76 -15.53
C ARG R 246 37.44 21.93 -16.12
N LYS R 247 37.04 23.19 -16.31
CA LYS R 247 35.73 23.52 -16.85
C LYS R 247 35.88 23.85 -18.34
N LEU R 248 35.20 23.09 -19.20
CA LEU R 248 35.33 23.22 -20.64
C LEU R 248 33.98 23.53 -21.27
N ASN R 249 33.98 24.47 -22.21
CA ASN R 249 32.81 24.76 -23.02
C ASN R 249 32.89 23.97 -24.32
N VAL R 250 31.85 23.21 -24.64
CA VAL R 250 31.87 22.26 -25.75
C VAL R 250 30.85 22.69 -26.78
N LYS R 251 31.26 22.73 -28.04
CA LYS R 251 30.39 23.00 -29.18
C LYS R 251 30.14 21.68 -29.90
N TYR R 252 28.87 21.36 -30.14
CA TYR R 252 28.47 20.10 -30.73
C TYR R 252 28.00 20.32 -32.16
N ILE R 253 28.41 19.42 -33.05
CA ILE R 253 28.03 19.45 -34.46
C ILE R 253 27.53 18.06 -34.84
N VAL R 254 26.37 18.01 -35.49
CA VAL R 254 25.73 16.76 -35.88
C VAL R 254 25.79 16.66 -37.41
N ASN R 255 26.38 15.58 -37.90
CA ASN R 255 26.44 15.28 -39.33
C ASN R 255 26.13 13.80 -39.52
N VAL R 256 25.02 13.35 -38.96
CA VAL R 256 24.61 11.96 -39.06
C VAL R 256 23.08 11.91 -39.06
N VAL R 257 22.52 11.07 -39.92
CA VAL R 257 21.08 10.90 -40.01
C VAL R 257 20.73 9.43 -40.14
N GLN R 274 21.39 4.51 -45.26
CA GLN R 274 20.92 4.98 -46.55
C GLN R 274 21.96 5.90 -47.20
N SER R 275 22.33 5.59 -48.44
CA SER R 275 23.43 6.28 -49.09
C SER R 275 23.13 7.73 -49.45
N GLU R 276 21.86 8.13 -49.48
CA GLU R 276 21.53 9.49 -49.85
C GLU R 276 21.93 10.51 -48.78
N HIS R 277 22.15 10.07 -47.55
CA HIS R 277 22.46 10.97 -46.44
C HIS R 277 23.94 10.97 -46.08
N TRP R 278 24.80 10.33 -46.86
CA TRP R 278 26.23 10.33 -46.56
C TRP R 278 26.83 11.70 -46.86
N ARG R 279 27.70 12.16 -45.97
CA ARG R 279 28.32 13.47 -46.10
C ARG R 279 29.79 13.37 -45.74
N VAL R 280 30.55 14.39 -46.11
CA VAL R 280 31.98 14.43 -45.79
C VAL R 280 32.14 14.60 -44.30
N ILE R 281 32.95 13.74 -43.68
CA ILE R 281 33.15 13.74 -42.24
C ILE R 281 34.57 14.11 -41.85
N GLU R 282 35.51 14.16 -42.79
CA GLU R 282 36.89 14.46 -42.45
C GLU R 282 37.65 14.74 -43.74
N VAL R 283 38.60 15.67 -43.65
CA VAL R 283 39.46 16.04 -44.78
C VAL R 283 40.87 15.62 -44.44
N THR R 284 41.42 14.67 -45.19
CA THR R 284 42.74 14.13 -44.91
C THR R 284 43.85 14.86 -45.66
N GLU R 285 43.52 15.54 -46.76
CA GLU R 285 44.54 16.22 -47.55
C GLU R 285 43.88 17.34 -48.33
N VAL R 286 44.55 18.49 -48.40
CA VAL R 286 44.13 19.61 -49.23
C VAL R 286 45.34 20.14 -49.97
N THR R 287 45.11 20.67 -51.16
CA THR R 287 46.16 21.23 -51.99
C THR R 287 45.77 22.64 -52.40
N ALA R 288 46.70 23.58 -52.26
CA ALA R 288 46.42 24.96 -52.63
C ALA R 288 45.97 25.04 -54.08
N VAL R 289 44.95 25.85 -54.33
CA VAL R 289 44.39 25.96 -55.68
C VAL R 289 45.45 26.45 -56.64
N ALA R 290 46.33 27.36 -56.20
CA ALA R 290 47.41 27.82 -57.05
C ALA R 290 48.29 26.66 -57.51
N ASP R 291 48.52 25.68 -56.65
CA ASP R 291 49.39 24.56 -57.00
C ASP R 291 48.82 23.72 -58.14
N LEU R 292 47.53 23.83 -58.42
CA LEU R 292 46.91 23.02 -59.47
C LEU R 292 47.20 23.55 -60.87
N LEU R 293 47.72 24.77 -61.00
CA LEU R 293 47.95 25.36 -62.30
C LEU R 293 49.23 24.81 -62.92
N PRO R 294 49.38 24.93 -64.25
CA PRO R 294 50.64 24.54 -64.88
C PRO R 294 51.79 25.39 -64.36
N GLN R 295 52.98 24.80 -64.33
CA GLN R 295 54.12 25.42 -63.64
C GLN R 295 54.39 26.86 -64.07
N PRO R 296 54.45 27.19 -65.36
CA PRO R 296 54.78 28.58 -65.72
C PRO R 296 53.79 29.60 -65.17
N ILE R 297 52.50 29.26 -65.12
CA ILE R 297 51.51 30.17 -64.57
C ILE R 297 51.50 30.10 -63.05
N ARG R 298 51.78 28.92 -62.48
CA ARG R 298 51.82 28.77 -61.04
C ARG R 298 52.89 29.64 -60.43
N GLY R 299 54.07 29.69 -61.06
CA GLY R 299 55.13 30.55 -60.55
C GLY R 299 54.72 32.00 -60.50
N GLN R 300 54.14 32.49 -61.60
CA GLN R 300 53.71 33.88 -61.64
C GLN R 300 52.63 34.17 -60.61
N VAL R 301 51.66 33.26 -60.45
CA VAL R 301 50.60 33.48 -59.48
C VAL R 301 51.15 33.51 -58.06
N LYS R 302 52.04 32.57 -57.75
CA LYS R 302 52.62 32.54 -56.41
C LYS R 302 53.42 33.81 -56.13
N ASP R 303 54.19 34.28 -57.12
CA ASP R 303 54.95 35.51 -56.93
C ASP R 303 54.00 36.70 -56.75
N LEU R 304 52.93 36.77 -57.53
CA LEU R 304 52.01 37.90 -57.45
C LEU R 304 51.20 37.89 -56.17
N LEU R 305 51.03 36.75 -55.53
CA LEU R 305 50.26 36.68 -54.29
C LEU R 305 51.06 37.06 -53.05
N LYS R 306 52.34 37.40 -53.21
CA LYS R 306 53.15 37.77 -52.05
C LYS R 306 52.73 39.15 -51.52
N PRO R 307 52.40 39.26 -50.23
CA PRO R 307 51.86 40.55 -49.75
C PRO R 307 52.80 41.73 -49.88
N LEU R 308 54.11 41.54 -49.73
CA LEU R 308 55.04 42.64 -49.60
C LEU R 308 56.13 42.57 -50.66
N LEU R 309 56.56 43.76 -51.11
CA LEU R 309 57.74 43.89 -51.95
C LEU R 309 58.91 44.34 -51.08
N GLY R 310 60.03 43.64 -51.19
CA GLY R 310 61.18 43.90 -50.33
C GLY R 310 62.33 44.61 -51.02
N LYS R 311 63.17 45.25 -50.22
CA LYS R 311 64.33 45.96 -50.75
C LYS R 311 65.39 46.04 -49.65
N TRP R 312 66.66 46.04 -50.07
CA TRP R 312 67.78 46.17 -49.16
C TRP R 312 68.39 47.57 -49.32
N VAL R 313 68.62 48.25 -48.21
CA VAL R 313 69.15 49.60 -48.21
C VAL R 313 70.28 49.70 -47.19
N ASP R 314 71.08 50.76 -47.32
CA ASP R 314 72.18 51.00 -46.40
C ASP R 314 71.65 51.39 -45.03
N VAL R 315 72.53 51.33 -44.03
CA VAL R 315 72.17 51.60 -42.64
C VAL R 315 73.13 52.63 -42.06
N GLU R 316 72.69 53.27 -40.98
CA GLU R 316 73.45 54.29 -40.29
C GLU R 316 73.37 54.04 -38.78
N LYS R 317 74.46 54.36 -38.08
CA LYS R 317 74.49 54.14 -36.64
C LYS R 317 73.68 55.22 -35.93
N VAL R 318 72.81 54.80 -35.02
CA VAL R 318 71.98 55.74 -34.27
C VAL R 318 72.87 56.54 -33.32
N PRO R 319 72.79 57.88 -33.31
CA PRO R 319 73.60 58.65 -32.38
C PRO R 319 73.20 58.37 -30.94
N GLY R 320 74.18 58.49 -30.05
CA GLY R 320 73.93 58.21 -28.65
C GLY R 320 73.83 56.72 -28.37
N LEU R 321 73.22 56.40 -27.24
CA LEU R 321 73.02 55.00 -26.83
C LEU R 321 74.36 54.29 -26.68
N GLU R 322 75.37 55.03 -26.21
CA GLU R 322 76.69 54.43 -26.01
C GLU R 322 76.72 53.48 -24.82
N SER R 323 75.73 53.56 -23.93
CA SER R 323 75.71 52.67 -22.77
C SER R 323 75.40 51.23 -23.18
N LEU R 324 74.63 51.04 -24.25
CA LEU R 324 74.17 49.71 -24.61
C LEU R 324 75.31 48.86 -25.16
N PRO R 325 75.33 47.56 -24.87
CA PRO R 325 76.46 46.72 -25.28
C PRO R 325 76.68 46.66 -26.79
N VAL R 326 75.65 46.87 -27.59
CA VAL R 326 75.75 46.72 -29.03
C VAL R 326 75.22 47.98 -29.71
N SER R 327 75.69 48.21 -30.93
CA SER R 327 75.27 49.36 -31.70
C SER R 327 73.88 49.14 -32.28
N VAL R 328 73.15 50.23 -32.46
CA VAL R 328 71.81 50.22 -33.04
C VAL R 328 71.88 50.89 -34.40
N TYR R 329 71.26 50.27 -35.40
CA TYR R 329 71.28 50.77 -36.77
C TYR R 329 69.86 50.98 -37.28
N ARG R 330 69.68 52.03 -38.05
CA ARG R 330 68.42 52.37 -38.69
C ARG R 330 68.68 52.69 -40.16
N PRO R 331 67.67 52.55 -41.01
CA PRO R 331 67.87 52.86 -42.43
C PRO R 331 68.45 54.25 -42.63
N LYS R 332 69.46 54.35 -43.48
CA LYS R 332 70.14 55.61 -43.71
C LYS R 332 69.38 56.44 -44.74
N GLY R 333 69.42 57.75 -44.56
CA GLY R 333 68.78 58.66 -45.49
C GLY R 333 67.26 58.62 -45.36
N ALA R 334 66.61 59.25 -46.34
CA ALA R 334 65.17 59.32 -46.38
C ALA R 334 64.60 58.05 -47.00
N ILE R 335 63.57 57.49 -46.37
CA ILE R 335 62.94 56.29 -46.93
C ILE R 335 62.26 56.65 -48.24
N PRO R 336 62.38 55.84 -49.29
CA PRO R 336 61.67 56.15 -50.53
C PRO R 336 60.16 56.24 -50.30
N ALA R 337 59.52 57.14 -51.03
CA ALA R 337 58.08 57.35 -50.86
C ALA R 337 57.33 56.05 -51.10
N GLY R 338 56.41 55.74 -50.18
CA GLY R 338 55.60 54.55 -50.26
C GLY R 338 56.19 53.32 -49.60
N TRP R 339 57.45 53.40 -49.15
CA TRP R 339 58.11 52.29 -48.50
C TRP R 339 58.18 52.53 -46.99
N PHE R 340 58.35 51.43 -46.26
CA PHE R 340 58.38 51.47 -44.80
C PHE R 340 59.45 50.53 -44.28
N TRP R 341 59.89 50.76 -43.06
CA TRP R 341 60.86 49.89 -42.39
C TRP R 341 60.20 49.28 -41.15
N LEU R 342 60.86 48.24 -40.63
CA LEU R 342 60.25 47.40 -39.61
C LEU R 342 60.78 47.61 -38.20
N GLY R 343 61.93 48.25 -38.04
CA GLY R 343 62.44 48.54 -36.71
C GLY R 343 63.95 48.59 -36.71
N ASP R 344 64.48 48.89 -35.52
CA ASP R 344 65.93 48.98 -35.34
C ASP R 344 66.54 47.59 -35.33
N THR R 345 67.73 47.47 -35.90
CA THR R 345 68.43 46.20 -36.00
C THR R 345 69.88 46.38 -35.61
N ALA R 346 70.49 45.28 -35.14
CA ALA R 346 71.90 45.26 -34.79
C ALA R 346 72.80 44.96 -35.98
N ASP R 347 72.22 44.66 -37.15
CA ASP R 347 73.03 44.38 -38.32
C ASP R 347 73.66 45.68 -38.83
N ALA R 348 74.96 45.65 -39.08
CA ALA R 348 75.69 46.82 -39.51
C ALA R 348 75.83 46.90 -41.02
N SER R 349 75.20 46.00 -41.77
CA SER R 349 75.37 45.93 -43.22
C SER R 349 74.20 46.54 -43.99
N LYS R 350 72.98 46.11 -43.71
CA LYS R 350 71.83 46.52 -44.52
C LYS R 350 70.57 46.45 -43.69
N ALA R 351 69.53 47.11 -44.20
CA ALA R 351 68.20 47.11 -43.61
C ALA R 351 67.17 46.77 -44.67
N LEU R 352 66.07 46.17 -44.22
CA LEU R 352 65.01 45.68 -45.11
C LEU R 352 63.86 46.67 -45.12
N LEU R 353 63.53 47.19 -46.29
CA LEU R 353 62.33 47.99 -46.51
C LEU R 353 61.28 47.14 -47.20
N VAL R 354 60.02 47.38 -46.84
CA VAL R 354 58.89 46.63 -47.38
C VAL R 354 57.85 47.61 -47.90
N LYS R 355 57.08 47.17 -48.89
CA LYS R 355 56.03 47.98 -49.48
C LYS R 355 54.80 47.10 -49.70
N PRO R 356 53.62 47.54 -49.29
CA PRO R 356 52.41 46.74 -49.56
C PRO R 356 52.17 46.59 -51.05
N THR R 357 51.59 45.45 -51.42
CA THR R 357 51.25 45.18 -52.81
C THR R 357 49.80 45.46 -53.15
N LEU R 358 48.89 45.29 -52.19
CA LEU R 358 47.47 45.50 -52.41
C LEU R 358 47.02 46.79 -51.75
N PRO R 359 46.29 47.67 -52.44
CA PRO R 359 45.79 48.89 -51.79
C PRO R 359 44.85 48.55 -50.64
N ALA R 360 44.86 49.42 -49.63
CA ALA R 360 43.97 49.23 -48.50
C ALA R 360 42.51 49.31 -48.94
N ARG R 361 41.72 48.34 -48.49
CA ARG R 361 40.30 48.27 -48.85
C ARG R 361 39.51 47.77 -47.66
N SER R 362 38.25 48.19 -47.58
CA SER R 362 37.39 47.77 -46.49
C SER R 362 37.18 46.27 -46.54
N GLY R 363 37.15 45.65 -45.36
CA GLY R 363 36.96 44.22 -45.25
C GLY R 363 38.18 43.38 -45.55
N ARG R 364 39.33 44.00 -45.80
CA ARG R 364 40.57 43.29 -46.10
C ARG R 364 41.63 43.72 -45.10
N ASN R 365 42.30 42.74 -44.51
CA ASN R 365 43.34 43.03 -43.53
C ASN R 365 44.55 43.64 -44.22
N PRO R 366 44.97 44.86 -43.83
CA PRO R 366 46.21 45.40 -44.41
C PRO R 366 47.41 44.56 -44.02
N ALA R 367 48.41 44.54 -44.90
CA ALA R 367 49.63 43.82 -44.59
C ALA R 367 50.42 44.51 -43.48
N LEU R 368 50.32 45.83 -43.39
CA LEU R 368 51.06 46.62 -42.41
C LEU R 368 50.11 47.53 -41.66
N THR R 369 50.53 47.94 -40.46
CA THR R 369 49.75 48.82 -39.61
C THR R 369 50.60 49.98 -39.12
N SER R 370 49.96 51.14 -38.98
CA SER R 370 50.61 52.28 -38.36
C SER R 370 50.75 52.06 -36.86
N LEU R 371 51.66 52.81 -36.25
CA LEU R 371 51.91 52.74 -34.82
C LEU R 371 51.62 54.10 -34.19
N HIS R 372 51.15 54.06 -32.94
CA HIS R 372 50.75 55.26 -32.22
C HIS R 372 51.49 55.34 -30.90
N GLN R 373 51.70 56.57 -30.43
CA GLN R 373 52.44 56.77 -29.19
C GLN R 373 51.68 56.18 -28.00
N GLY R 374 52.43 55.67 -27.04
CA GLY R 374 51.82 55.03 -25.89
C GLY R 374 50.99 56.00 -25.06
N SER R 375 50.14 55.43 -24.21
CA SER R 375 49.24 56.24 -23.41
C SER R 375 50.00 57.10 -22.40
N GLY R 376 50.92 56.51 -21.66
CA GLY R 376 51.65 57.25 -20.65
C GLY R 376 52.85 56.52 -20.08
N MET R 377 53.84 57.28 -19.62
CA MET R 377 55.04 56.72 -18.99
C MET R 377 55.72 55.69 -19.90
N THR R 378 55.77 56.00 -21.20
CA THR R 378 56.44 55.12 -22.15
C THR R 378 56.58 55.85 -23.47
N GLU R 379 57.75 55.73 -24.09
CA GLU R 379 58.00 56.28 -25.42
C GLU R 379 57.89 55.22 -26.51
N GLN R 380 57.52 53.99 -26.15
CA GLN R 380 57.43 52.92 -27.12
C GLN R 380 56.14 53.03 -27.93
N PRO R 381 56.13 52.51 -29.15
CA PRO R 381 54.90 52.53 -29.97
C PRO R 381 54.00 51.34 -29.70
N PHE R 382 52.75 51.50 -30.11
CA PHE R 382 51.72 50.47 -30.00
C PHE R 382 51.09 50.26 -31.36
N VAL R 383 50.75 49.00 -31.66
CA VAL R 383 50.15 48.68 -32.94
C VAL R 383 48.74 49.24 -33.00
N ASP R 384 48.42 49.92 -34.11
CA ASP R 384 47.08 50.48 -34.27
C ASP R 384 46.02 49.39 -34.34
N LEU R 385 46.31 48.30 -35.05
CA LEU R 385 45.32 47.27 -35.27
C LEU R 385 45.48 46.15 -34.24
N PRO R 386 44.40 45.42 -33.95
CA PRO R 386 44.38 44.55 -32.77
C PRO R 386 45.57 43.61 -32.61
N GLN R 387 45.79 42.71 -33.58
CA GLN R 387 46.69 41.57 -33.38
C GLN R 387 47.93 41.63 -34.27
N TYR R 388 48.37 42.83 -34.63
CA TYR R 388 49.60 42.97 -35.40
C TYR R 388 50.78 43.09 -34.45
N GLN R 389 51.99 42.93 -35.00
CA GLN R 389 53.20 42.93 -34.20
C GLN R 389 54.34 43.59 -34.97
N TYR R 390 55.19 44.31 -34.26
CA TYR R 390 56.44 44.83 -34.79
C TYR R 390 57.59 44.04 -34.19
N LEU R 391 58.74 44.13 -34.85
CA LEU R 391 59.86 43.23 -34.54
C LEU R 391 60.87 43.80 -33.56
N SER R 392 60.98 45.13 -33.45
CA SER R 392 62.00 45.74 -32.63
C SER R 392 61.40 46.85 -31.77
N THR R 393 61.94 47.00 -30.57
CA THR R 393 61.58 48.13 -29.72
C THR R 393 62.25 49.39 -30.24
N TYR R 394 61.58 50.53 -30.05
CA TYR R 394 62.09 51.80 -30.54
C TYR R 394 63.13 52.34 -29.57
N PHE R 395 64.33 52.63 -30.08
CA PHE R 395 65.41 53.18 -29.28
C PHE R 395 65.41 54.69 -29.45
N GLY R 396 64.58 55.35 -28.66
CA GLY R 396 64.42 56.78 -28.72
C GLY R 396 62.99 57.16 -28.37
N SER R 397 62.56 58.31 -28.89
CA SER R 397 61.21 58.82 -28.70
C SER R 397 60.45 58.66 -30.00
N PHE R 398 59.34 57.92 -29.95
CA PHE R 398 58.54 57.63 -31.14
C PHE R 398 57.51 58.73 -31.35
N ALA R 399 57.53 59.34 -32.52
CA ALA R 399 56.55 60.33 -32.93
C ALA R 399 56.06 59.96 -34.32
N HIS R 400 54.82 59.47 -34.41
CA HIS R 400 54.29 58.97 -35.67
C HIS R 400 54.08 60.06 -36.70
N ASP R 401 54.15 61.34 -36.32
CA ASP R 401 53.92 62.43 -37.23
C ASP R 401 55.19 62.90 -37.94
N THR R 402 56.36 62.41 -37.55
CA THR R 402 57.62 62.84 -38.14
C THR R 402 58.48 61.63 -38.43
N PRO R 403 59.38 61.72 -39.41
CA PRO R 403 60.26 60.60 -39.73
C PRO R 403 61.35 60.45 -38.69
N PRO R 404 61.92 59.25 -38.52
CA PRO R 404 61.60 58.00 -39.23
C PRO R 404 60.45 57.25 -38.57
N GLY R 405 59.81 57.85 -37.56
CA GLY R 405 58.69 57.19 -36.91
C GLY R 405 57.50 57.02 -37.82
N SER R 406 57.25 58.01 -38.68
CA SER R 406 56.09 57.96 -39.57
C SER R 406 56.17 56.82 -40.57
N THR R 407 57.36 56.24 -40.77
CA THR R 407 57.54 55.14 -41.71
C THR R 407 57.73 53.79 -41.02
N LEU R 408 57.51 53.72 -39.71
CA LEU R 408 57.61 52.46 -38.99
C LEU R 408 56.26 51.77 -38.98
N ARG R 409 56.26 50.46 -39.22
CA ARG R 409 55.03 49.70 -39.40
C ARG R 409 55.13 48.36 -38.68
N GLY R 410 53.96 47.81 -38.38
CA GLY R 410 53.84 46.45 -37.89
C GLY R 410 53.53 45.48 -39.02
N LEU R 411 53.24 44.25 -38.63
CA LEU R 411 52.99 43.17 -39.58
C LEU R 411 51.74 42.41 -39.19
N ARG R 412 51.04 41.90 -40.21
CA ARG R 412 49.90 41.03 -39.97
C ARG R 412 50.38 39.77 -39.24
N PRO R 413 49.55 39.15 -38.41
CA PRO R 413 50.03 38.00 -37.62
C PRO R 413 50.51 36.83 -38.47
N ASP R 414 50.04 36.69 -39.71
CA ASP R 414 50.51 35.59 -40.55
C ASP R 414 51.87 35.88 -41.20
N HIS R 415 52.37 37.10 -41.08
CA HIS R 415 53.66 37.46 -41.65
C HIS R 415 54.84 37.04 -40.79
N VAL R 416 54.63 36.64 -39.53
CA VAL R 416 55.71 36.47 -38.58
C VAL R 416 55.65 35.09 -37.94
N LEU R 417 56.80 34.65 -37.45
CA LEU R 417 56.97 33.41 -36.71
C LEU R 417 57.80 33.69 -35.47
N PRO R 418 57.61 32.93 -34.40
CA PRO R 418 58.42 33.14 -33.20
C PRO R 418 59.91 32.89 -33.47
N GLY R 419 60.75 33.73 -32.87
CA GLY R 419 62.18 33.61 -32.99
C GLY R 419 62.83 33.18 -31.69
N ARG R 420 64.13 33.43 -31.59
CA ARG R 420 64.89 33.14 -30.39
C ARG R 420 65.76 34.34 -30.02
N TYR R 421 66.09 34.43 -28.74
CA TYR R 421 66.82 35.58 -28.20
C TYR R 421 68.29 35.23 -27.98
N GLU R 422 69.17 36.16 -28.36
CA GLU R 422 70.58 36.11 -28.02
C GLU R 422 70.88 37.31 -27.15
N MET R 423 71.35 37.07 -25.93
CA MET R 423 71.48 38.13 -24.94
C MET R 423 72.84 38.80 -25.02
N HIS R 424 72.84 40.12 -24.88
CA HIS R 424 74.06 40.93 -24.82
C HIS R 424 73.96 41.88 -23.64
N GLY R 425 75.11 42.20 -23.06
CA GLY R 425 75.15 43.09 -21.91
C GLY R 425 75.30 42.33 -20.60
N ASP R 426 75.83 43.03 -19.61
CA ASP R 426 76.12 42.42 -18.32
C ASP R 426 75.12 42.78 -17.23
N THR R 427 74.34 43.84 -17.41
CA THR R 427 73.39 44.29 -16.40
C THR R 427 72.01 44.42 -17.01
N ILE R 428 70.99 44.27 -16.16
CA ILE R 428 69.60 44.35 -16.63
C ILE R 428 69.33 45.72 -17.24
N SER R 429 69.86 46.78 -16.62
CA SER R 429 69.54 48.12 -17.06
C SER R 429 69.99 48.41 -18.48
N THR R 430 70.96 47.66 -19.00
CA THR R 430 71.50 47.91 -20.32
C THR R 430 71.45 46.71 -21.26
N ALA R 431 70.91 45.58 -20.82
CA ALA R 431 70.92 44.38 -21.62
C ALA R 431 69.94 44.47 -22.79
N VAL R 432 70.27 43.78 -23.89
CA VAL R 432 69.43 43.74 -25.08
C VAL R 432 69.36 42.30 -25.59
N TYR R 433 68.35 42.05 -26.40
CA TYR R 433 68.16 40.79 -27.10
C TYR R 433 68.27 41.05 -28.60
N VAL R 434 68.96 40.14 -29.29
CA VAL R 434 69.01 40.14 -30.75
C VAL R 434 68.21 38.94 -31.23
N THR R 435 67.19 39.20 -32.04
CA THR R 435 66.25 38.16 -32.46
C THR R 435 66.80 37.45 -33.67
N ARG R 436 67.10 36.16 -33.52
CA ARG R 436 67.59 35.34 -34.60
C ARG R 436 66.52 34.33 -35.02
N PRO R 437 66.42 34.01 -36.31
CA PRO R 437 65.43 33.02 -36.74
C PRO R 437 65.72 31.65 -36.15
N VAL R 438 64.65 30.89 -35.93
CA VAL R 438 64.78 29.50 -35.51
C VAL R 438 65.06 28.65 -36.74
N ASP R 439 66.24 28.03 -36.76
CA ASP R 439 66.63 27.23 -37.91
C ASP R 439 65.66 26.08 -38.12
N VAL R 440 65.24 25.89 -39.36
CA VAL R 440 64.32 24.81 -39.72
C VAL R 440 64.85 24.10 -40.96
N PRO R 441 64.56 22.82 -41.15
CA PRO R 441 65.08 22.12 -42.32
C PRO R 441 64.32 22.44 -43.61
N PHE R 442 63.05 22.82 -43.46
CA PHE R 442 62.21 23.10 -44.62
C PHE R 442 62.33 24.57 -45.01
N PRO R 443 62.70 24.88 -46.25
CA PRO R 443 62.81 26.30 -46.64
C PRO R 443 61.50 27.06 -46.54
N GLU R 444 60.36 26.36 -46.52
CA GLU R 444 59.07 27.05 -46.51
C GLU R 444 58.89 27.90 -45.26
N ASP R 445 59.55 27.53 -44.16
CA ASP R 445 59.37 28.21 -42.88
C ASP R 445 60.57 29.09 -42.52
N GLU R 446 61.47 29.34 -43.46
CA GLU R 446 62.62 30.19 -43.17
C GLU R 446 62.16 31.62 -42.90
N CYS R 447 62.89 32.31 -42.01
CA CYS R 447 62.59 33.68 -41.65
C CYS R 447 63.82 34.55 -41.83
N PHE R 448 63.59 35.82 -42.15
CA PHE R 448 64.68 36.76 -42.34
C PHE R 448 65.50 36.91 -41.06
N ASP R 449 66.81 37.03 -41.22
CA ASP R 449 67.73 37.24 -40.11
C ASP R 449 68.05 38.73 -40.04
N LEU R 450 67.07 39.51 -39.55
CA LEU R 450 67.21 40.95 -39.46
C LEU R 450 67.91 41.41 -38.19
N LYS R 451 68.12 40.50 -37.22
CA LYS R 451 68.80 40.85 -35.98
C LYS R 451 68.07 41.99 -35.25
N SER R 452 66.76 41.82 -35.10
CA SER R 452 65.97 42.85 -34.44
C SER R 452 66.41 43.02 -32.99
N LEU R 453 66.43 44.27 -32.53
CA LEU R 453 66.88 44.60 -31.19
C LEU R 453 65.70 44.80 -30.26
N VAL R 454 65.79 44.22 -29.07
CA VAL R 454 64.75 44.33 -28.05
C VAL R 454 65.41 44.71 -26.73
N ARG R 455 65.02 45.85 -26.17
CA ARG R 455 65.56 46.26 -24.88
C ARG R 455 65.07 45.33 -23.78
N VAL R 456 65.99 44.82 -22.96
CA VAL R 456 65.60 43.86 -21.93
C VAL R 456 64.68 44.52 -20.91
N LYS R 457 65.05 45.69 -20.41
CA LYS R 457 64.26 46.43 -19.44
C LYS R 457 63.94 47.80 -20.02
N LEU R 458 62.68 48.00 -20.37
CA LEU R 458 62.24 49.30 -20.88
C LEU R 458 61.97 50.23 -19.71
N PRO R 459 62.61 51.40 -19.63
CA PRO R 459 62.31 52.33 -18.55
C PRO R 459 60.83 52.69 -18.51
N GLY R 460 60.41 53.23 -17.37
CA GLY R 460 59.03 53.61 -17.19
C GLY R 460 58.14 52.41 -16.89
N SER R 461 56.86 52.56 -17.20
CA SER R 461 55.87 51.53 -16.96
C SER R 461 54.81 51.58 -18.05
N GLY R 462 53.97 50.55 -18.08
CA GLY R 462 52.95 50.45 -19.10
C GLY R 462 53.51 50.31 -20.50
N ASN R 463 54.62 49.60 -20.64
CA ASN R 463 55.23 49.39 -21.94
C ASN R 463 54.48 48.31 -22.72
N PRO R 464 54.62 48.29 -24.04
CA PRO R 464 53.98 47.24 -24.84
C PRO R 464 54.66 45.90 -24.61
N PRO R 465 54.00 44.80 -24.92
CA PRO R 465 54.63 43.49 -24.77
C PRO R 465 55.88 43.37 -25.64
N LYS R 466 56.88 42.67 -25.11
CA LYS R 466 58.15 42.56 -25.81
C LYS R 466 57.97 41.74 -27.08
N PRO R 467 58.46 42.22 -28.23
CA PRO R 467 58.33 41.42 -29.46
C PRO R 467 59.44 40.39 -29.58
N ARG R 468 59.05 39.18 -29.98
CA ARG R 468 59.99 38.09 -30.20
C ARG R 468 59.70 37.41 -31.53
N SER R 469 59.47 38.21 -32.57
CA SER R 469 59.01 37.71 -33.86
C SER R 469 60.05 37.98 -34.94
N ALA R 470 60.01 37.15 -35.98
CA ALA R 470 60.86 37.30 -37.15
C ALA R 470 59.99 37.22 -38.40
N LEU R 471 60.37 37.99 -39.42
CA LEU R 471 59.57 38.06 -40.64
C LEU R 471 59.77 36.79 -41.49
N LYS R 472 58.69 36.33 -42.10
CA LYS R 472 58.77 35.17 -42.97
C LYS R 472 59.38 35.54 -44.32
N LYS R 473 60.21 34.66 -44.85
CA LYS R 473 60.84 34.91 -46.15
C LYS R 473 59.84 34.80 -47.28
N SER R 474 58.85 33.91 -47.16
CA SER R 474 57.90 33.67 -48.23
C SER R 474 56.93 34.82 -48.45
N MET R 475 56.90 35.80 -47.55
CA MET R 475 55.96 36.91 -47.64
C MET R 475 56.52 38.12 -48.37
N VAL R 476 57.76 38.04 -48.87
CA VAL R 476 58.44 39.17 -49.49
C VAL R 476 58.89 38.78 -50.89
N LEU R 477 58.70 39.68 -51.84
CA LEU R 477 59.09 39.49 -53.23
C LEU R 477 60.22 40.45 -53.56
N PHE R 478 61.35 39.92 -54.03
CA PHE R 478 62.54 40.70 -54.31
C PHE R 478 62.74 40.83 -55.82
N ASP R 479 63.60 41.78 -56.19
CA ASP R 479 64.10 42.02 -57.55
C ASP R 479 62.99 42.25 -58.57
N SER R 480 61.75 42.45 -58.15
CA SER R 480 60.68 42.77 -59.07
C SER R 480 60.84 44.19 -59.62
N GLY R 481 60.39 44.38 -60.85
CA GLY R 481 60.44 45.69 -61.47
C GLY R 481 59.37 46.65 -60.99
N GLU R 482 58.50 46.21 -60.10
CA GLU R 482 57.42 47.05 -59.58
C GLU R 482 57.98 48.36 -59.03
N ALA S 2 -0.13 91.97 28.95
CA ALA S 2 1.24 91.65 28.57
C ALA S 2 1.33 91.43 27.06
N TYR S 3 2.55 91.48 26.52
CA TYR S 3 2.74 91.26 25.10
C TYR S 3 2.48 89.80 24.71
N ALA S 4 2.62 88.86 25.64
CA ALA S 4 2.37 87.46 25.33
C ALA S 4 0.95 87.24 24.83
N GLN S 5 0.02 88.14 25.18
CA GLN S 5 -1.33 88.12 24.62
C GLN S 5 -1.34 89.00 23.39
N TRP S 6 -1.47 88.38 22.22
CA TRP S 6 -1.41 89.09 20.96
C TRP S 6 -2.26 88.37 19.93
N VAL S 7 -2.58 89.10 18.87
CA VAL S 7 -3.35 88.54 17.76
C VAL S 7 -3.01 89.33 16.51
N ILE S 8 -2.92 88.61 15.39
CA ILE S 8 -2.75 89.20 14.07
C ILE S 8 -3.98 88.79 13.26
N ILE S 9 -4.65 89.76 12.67
CA ILE S 9 -5.83 89.53 11.84
C ILE S 9 -5.49 90.00 10.43
N ILE S 10 -5.37 89.06 9.50
CA ILE S 10 -5.10 89.39 8.10
C ILE S 10 -6.41 89.27 7.35
N ILE S 11 -6.84 90.36 6.73
CA ILE S 11 -8.00 90.37 5.85
C ILE S 11 -7.49 90.26 4.42
N HIS S 12 -7.82 89.15 3.76
CA HIS S 12 -7.36 88.86 2.41
C HIS S 12 -8.58 88.79 1.51
N ASN S 13 -8.67 89.73 0.58
CA ASN S 13 -9.76 89.75 -0.38
C ASN S 13 -9.41 88.83 -1.53
N VAL S 14 -10.04 87.67 -1.59
CA VAL S 14 -9.81 86.71 -2.67
C VAL S 14 -10.86 86.85 -3.77
N GLY S 15 -11.70 87.87 -3.70
CA GLY S 15 -12.73 88.12 -4.69
C GLY S 15 -12.36 89.25 -5.64
N SER S 16 -13.38 89.97 -6.09
CA SER S 16 -13.17 91.07 -7.04
C SER S 16 -14.03 92.29 -6.68
N GLN S 17 -14.43 92.42 -5.43
CA GLN S 17 -15.26 93.53 -5.00
C GLN S 17 -14.73 94.10 -3.69
N ASP S 18 -14.84 95.42 -3.56
CA ASP S 18 -14.24 96.11 -2.41
C ASP S 18 -14.96 95.74 -1.12
N VAL S 19 -14.19 95.72 -0.03
CA VAL S 19 -14.71 95.46 1.31
C VAL S 19 -14.08 96.46 2.26
N LYS S 20 -14.90 97.03 3.14
CA LYS S 20 -14.46 98.10 4.04
C LYS S 20 -14.41 97.59 5.46
N ILE S 21 -13.51 98.18 6.24
CA ILE S 21 -13.36 97.89 7.66
C ILE S 21 -14.02 99.03 8.43
N LYS S 22 -14.82 98.68 9.43
CA LYS S 22 -15.58 99.68 10.18
C LYS S 22 -15.64 99.30 11.66
N ASN S 23 -15.89 100.30 12.49
CA ASN S 23 -16.12 100.11 13.92
C ASN S 23 -14.99 99.34 14.59
N LEU S 24 -13.78 99.42 14.06
CA LEU S 24 -12.63 98.80 14.71
C LEU S 24 -12.39 99.46 16.07
N LYS S 25 -12.36 98.64 17.11
CA LYS S 25 -12.24 99.16 18.47
C LYS S 25 -11.65 98.07 19.36
N ALA S 26 -10.59 98.42 20.08
CA ALA S 26 -9.95 97.52 21.03
C ALA S 26 -10.30 97.98 22.43
N SER S 27 -11.23 97.27 23.08
CA SER S 27 -11.61 97.62 24.44
C SER S 27 -10.46 97.38 25.41
N TRP S 28 -9.69 96.31 25.20
CA TRP S 28 -8.52 96.00 26.02
C TRP S 28 -7.34 95.79 25.10
N GLY S 29 -6.17 96.24 25.55
CA GLY S 29 -4.97 96.17 24.74
C GLY S 29 -4.81 97.40 23.88
N LYS S 30 -3.99 97.25 22.85
CA LYS S 30 -3.67 98.37 21.96
C LYS S 30 -3.33 97.83 20.58
N LEU S 31 -3.83 98.51 19.55
CA LEU S 31 -3.38 98.26 18.19
C LEU S 31 -1.94 98.77 18.05
N HIS S 32 -1.15 98.05 17.26
CA HIS S 32 0.27 98.37 17.12
C HIS S 32 0.73 98.04 15.72
N ALA S 33 1.99 98.33 15.44
CA ALA S 33 2.57 98.22 14.11
C ALA S 33 3.00 96.79 13.82
N ASP S 34 3.44 96.57 12.58
CA ASP S 34 3.87 95.25 12.15
C ASP S 34 5.19 94.88 12.80
N GLY S 35 5.22 93.75 13.50
CA GLY S 35 6.44 93.29 14.12
C GLY S 35 7.01 94.24 15.14
N ASP S 36 6.21 95.19 15.63
CA ASP S 36 6.67 96.20 16.57
C ASP S 36 5.54 96.45 17.56
N LYS S 37 5.59 95.74 18.69
CA LYS S 37 4.57 95.88 19.73
C LYS S 37 4.72 97.17 20.53
N ASP S 38 5.82 97.90 20.35
CA ASP S 38 6.01 99.17 21.03
C ASP S 38 5.40 100.34 20.27
N ALA S 39 5.27 100.23 18.95
CA ALA S 39 4.76 101.33 18.13
C ALA S 39 3.25 101.25 18.09
N GLU S 40 2.60 101.86 19.08
CA GLU S 40 1.16 101.90 19.12
C GLU S 40 0.61 102.74 17.97
N VAL S 41 -0.53 102.33 17.43
CA VAL S 41 -1.19 103.02 16.34
C VAL S 41 -2.68 103.13 16.67
N SER S 42 -3.26 104.30 16.41
CA SER S 42 -4.66 104.51 16.69
C SER S 42 -5.54 103.74 15.71
N ALA S 43 -6.77 103.47 16.12
CA ALA S 43 -7.70 102.74 15.27
C ALA S 43 -8.04 103.51 14.00
N SER S 44 -7.81 104.83 13.98
CA SER S 44 -8.10 105.62 12.79
C SER S 44 -7.26 105.21 11.60
N ASN S 45 -6.09 104.61 11.83
CA ASN S 45 -5.25 104.19 10.71
C ASN S 45 -5.95 103.13 9.86
N TYR S 46 -6.87 102.38 10.45
CA TYR S 46 -7.59 101.33 9.73
C TYR S 46 -9.07 101.63 9.54
N GLU S 47 -9.70 102.35 10.46
CA GLU S 47 -11.13 102.64 10.35
C GLU S 47 -11.44 103.32 9.03
N GLY S 48 -12.46 102.80 8.34
CA GLY S 48 -12.88 103.34 7.06
C GLY S 48 -12.10 102.86 5.87
N LYS S 49 -11.08 102.02 6.07
CA LYS S 49 -10.22 101.62 4.96
C LYS S 49 -10.89 100.56 4.10
N ILE S 50 -10.50 100.53 2.83
CA ILE S 50 -11.02 99.57 1.86
C ILE S 50 -9.88 98.64 1.47
N VAL S 51 -10.10 97.34 1.65
CA VAL S 51 -9.13 96.32 1.26
C VAL S 51 -9.43 95.94 -0.18
N LYS S 52 -8.63 96.47 -1.11
CA LYS S 52 -8.88 96.24 -2.51
C LYS S 52 -8.79 94.75 -2.84
N PRO S 53 -9.49 94.28 -3.87
CA PRO S 53 -9.36 92.87 -4.25
C PRO S 53 -7.91 92.49 -4.52
N ASP S 54 -7.54 91.31 -4.02
CA ASP S 54 -6.24 90.70 -4.29
C ASP S 54 -5.10 91.41 -3.54
N GLU S 55 -5.39 91.92 -2.35
CA GLU S 55 -4.34 92.42 -1.46
C GLU S 55 -4.81 92.29 -0.02
N LYS S 56 -3.86 92.25 0.89
CA LYS S 56 -4.11 91.91 2.29
C LYS S 56 -3.90 93.13 3.19
N LEU S 57 -4.73 93.23 4.21
CA LEU S 57 -4.61 94.27 5.24
C LEU S 57 -4.42 93.60 6.60
N GLN S 58 -3.41 94.03 7.34
CA GLN S 58 -3.03 93.39 8.60
C GLN S 58 -3.39 94.29 9.78
N ILE S 59 -4.04 93.70 10.79
CA ILE S 59 -4.38 94.36 12.03
C ILE S 59 -3.65 93.63 13.15
N ASN S 60 -2.82 94.34 13.90
CA ASN S 60 -2.06 93.75 15.00
C ASN S 60 -2.57 94.31 16.31
N ALA S 61 -2.95 93.43 17.23
CA ALA S 61 -3.38 93.84 18.56
C ALA S 61 -2.59 93.06 19.59
N SER S 62 -2.33 93.71 20.73
CA SER S 62 -1.57 93.07 21.79
C SER S 62 -1.87 93.75 23.12
N GLY S 63 -1.60 93.03 24.20
CA GLY S 63 -1.83 93.58 25.52
C GLY S 63 -0.76 94.59 25.92
N ARG S 64 -1.08 95.37 26.94
CA ARG S 64 -0.14 96.36 27.45
C ARG S 64 1.13 95.67 27.93
N SER S 65 2.26 96.37 27.81
CA SER S 65 3.56 95.76 28.06
C SER S 65 3.62 95.19 29.47
N ASP S 66 3.86 93.88 29.56
CA ASP S 66 4.06 93.17 30.83
C ASP S 66 2.91 93.43 31.82
N ALA S 67 1.74 93.79 31.30
CA ALA S 67 0.58 94.03 32.14
C ALA S 67 -0.20 92.74 32.36
N ALA S 68 -1.07 92.76 33.36
CA ALA S 68 -2.01 91.67 33.58
C ALA S 68 -3.28 91.88 32.77
N GLU S 69 -3.11 92.16 31.48
CA GLU S 69 -4.21 92.51 30.60
C GLU S 69 -4.01 91.85 29.25
N GLY S 70 -5.06 91.23 28.72
CA GLY S 70 -5.05 90.68 27.39
C GLY S 70 -5.42 91.72 26.35
N THR S 71 -5.96 91.25 25.23
CA THR S 71 -6.41 92.12 24.15
C THR S 71 -7.79 91.67 23.69
N THR S 72 -8.77 92.56 23.77
CA THR S 72 -10.13 92.29 23.32
C THR S 72 -10.56 93.39 22.37
N GLY S 73 -11.18 93.01 21.25
CA GLY S 73 -11.62 93.99 20.28
C GLY S 73 -12.63 93.42 19.30
N THR S 74 -13.15 94.30 18.47
CA THR S 74 -14.17 93.95 17.49
C THR S 74 -14.02 94.83 16.25
N PHE S 75 -14.58 94.35 15.14
CA PHE S 75 -14.69 95.16 13.94
C PHE S 75 -15.71 94.54 12.99
N ASP S 76 -16.20 95.35 12.07
CA ASP S 76 -17.22 94.86 11.22
C ASP S 76 -16.83 95.07 9.78
N LEU S 77 -16.77 93.98 9.02
CA LEU S 77 -16.47 94.07 7.61
C LEU S 77 -17.77 94.46 6.97
N VAL S 78 -17.73 95.36 6.01
CA VAL S 78 -18.96 95.91 5.45
C VAL S 78 -18.79 96.08 3.93
N ASP S 79 -19.84 95.75 3.19
CA ASP S 79 -19.82 95.91 1.75
C ASP S 79 -20.19 97.35 1.38
N PRO S 80 -19.30 98.11 0.74
CA PRO S 80 -19.67 99.47 0.33
C PRO S 80 -20.53 99.54 -0.92
N ALA S 81 -20.63 98.44 -1.69
CA ALA S 81 -21.39 98.47 -2.93
C ALA S 81 -22.89 98.56 -2.68
N ASP S 82 -23.34 98.27 -1.46
CA ASP S 82 -24.76 98.28 -1.11
C ASP S 82 -25.00 99.14 0.12
N GLY S 83 -24.40 100.32 0.15
CA GLY S 83 -24.62 101.25 1.24
C GLY S 83 -24.05 100.82 2.57
N ASP S 84 -22.87 100.19 2.56
CA ASP S 84 -22.15 99.86 3.79
C ASP S 84 -22.99 98.98 4.72
N LYS S 85 -23.56 97.92 4.15
CA LYS S 85 -24.22 96.92 4.98
C LYS S 85 -23.19 95.97 5.57
N GLN S 86 -23.61 95.19 6.56
CA GLN S 86 -22.70 94.30 7.25
C GLN S 86 -22.45 93.03 6.44
N VAL S 87 -21.19 92.62 6.40
CA VAL S 87 -20.79 91.33 5.86
C VAL S 87 -20.74 90.37 7.04
N ARG S 88 -19.83 90.63 7.98
CA ARG S 88 -19.78 89.88 9.23
C ARG S 88 -19.14 90.75 10.31
N HIS S 89 -19.44 90.40 11.56
CA HIS S 89 -18.93 91.08 12.74
C HIS S 89 -17.94 90.17 13.44
N PHE S 90 -16.69 90.60 13.55
CA PHE S 90 -15.63 89.81 14.14
C PHE S 90 -15.30 90.33 15.53
N TYR S 91 -15.18 89.41 16.49
CA TYR S 91 -14.82 89.71 17.86
C TYR S 91 -13.68 88.78 18.28
N TRP S 92 -12.62 89.37 18.81
CA TRP S 92 -11.46 88.59 19.28
C TRP S 92 -11.17 88.95 20.72
N ASP S 93 -10.80 87.92 21.50
CA ASP S 93 -10.46 88.11 22.91
C ASP S 93 -9.35 87.13 23.25
N SER S 94 -8.16 87.65 23.51
CA SER S 94 -7.02 86.88 24.00
C SER S 94 -6.72 87.39 25.41
N PRO S 95 -7.36 86.82 26.43
CA PRO S 95 -7.22 87.35 27.78
C PRO S 95 -5.93 86.87 28.47
N TRP S 96 -5.54 87.64 29.48
CA TRP S 96 -4.37 87.29 30.29
C TRP S 96 -4.71 86.37 31.46
N GLY S 97 -5.94 86.41 31.95
CA GLY S 97 -6.32 85.62 33.11
C GLY S 97 -7.24 84.47 32.79
N SER S 98 -7.01 83.81 31.66
CA SER S 98 -7.83 82.68 31.25
C SER S 98 -7.09 81.94 30.14
N LYS S 99 -7.56 80.72 29.88
CA LYS S 99 -6.98 79.87 28.83
C LYS S 99 -7.77 79.89 27.54
N THR S 100 -9.07 80.14 27.60
CA THR S 100 -9.96 80.03 26.45
C THR S 100 -10.01 81.37 25.73
N ASN S 101 -9.32 81.47 24.60
CA ASN S 101 -9.46 82.63 23.73
C ASN S 101 -10.77 82.53 22.95
N THR S 102 -11.26 83.66 22.48
CA THR S 102 -12.52 83.75 21.76
C THR S 102 -12.28 84.38 20.39
N TRP S 103 -12.84 83.77 19.35
CA TRP S 103 -12.81 84.32 17.99
C TRP S 103 -14.19 84.04 17.39
N THR S 104 -15.06 85.05 17.41
CA THR S 104 -16.44 84.91 16.96
C THR S 104 -16.66 85.72 15.69
N VAL S 105 -17.25 85.07 14.68
CA VAL S 105 -17.61 85.71 13.43
C VAL S 105 -19.12 85.60 13.31
N SER S 106 -19.84 86.62 13.76
CA SER S 106 -21.29 86.63 13.74
C SER S 106 -21.78 87.44 12.55
N GLY S 107 -23.10 87.55 12.42
CA GLY S 107 -23.71 88.26 11.32
C GLY S 107 -24.08 87.35 10.17
N SER S 108 -24.87 87.90 9.25
CA SER S 108 -25.36 87.14 8.10
C SER S 108 -25.38 88.02 6.87
N ASN S 109 -24.81 87.50 5.78
CA ASN S 109 -24.89 88.16 4.48
C ASN S 109 -24.68 87.08 3.42
N THR S 110 -25.76 86.67 2.76
CA THR S 110 -25.67 85.57 1.81
C THR S 110 -24.86 85.93 0.57
N LYS S 111 -24.68 87.23 0.29
CA LYS S 111 -23.92 87.66 -0.87
C LYS S 111 -22.42 87.62 -0.66
N TRP S 112 -21.96 87.30 0.56
CA TRP S 112 -20.55 87.25 0.87
C TRP S 112 -20.20 85.91 1.48
N MET S 113 -18.99 85.42 1.18
CA MET S 113 -18.48 84.17 1.70
C MET S 113 -17.17 84.45 2.41
N ILE S 114 -17.07 84.03 3.67
CA ILE S 114 -15.95 84.37 4.54
C ILE S 114 -15.40 83.08 5.12
N GLU S 115 -14.11 82.85 4.91
CA GLU S 115 -13.37 81.74 5.50
C GLU S 115 -12.34 82.32 6.46
N TYR S 116 -11.99 81.56 7.49
CA TYR S 116 -10.93 82.00 8.39
C TYR S 116 -10.20 80.80 8.97
N SER S 117 -8.91 80.97 9.20
CA SER S 117 -8.08 79.87 9.68
C SER S 117 -6.88 80.42 10.44
N GLY S 118 -6.26 79.54 11.23
CA GLY S 118 -5.05 79.87 11.96
C GLY S 118 -5.27 80.22 13.42
N GLN S 119 -6.52 80.34 13.88
CA GLN S 119 -6.77 80.70 15.25
C GLN S 119 -6.39 79.57 16.20
N ASN S 120 -6.06 79.93 17.43
CA ASN S 120 -5.80 78.98 18.50
C ASN S 120 -6.61 79.38 19.71
N LEU S 121 -7.52 78.51 20.14
CA LEU S 121 -8.42 78.80 21.24
C LEU S 121 -8.10 78.02 22.51
N ASP S 122 -7.07 77.16 22.49
CA ASP S 122 -6.78 76.32 23.64
C ASP S 122 -6.14 77.12 24.76
N SER S 123 -4.97 77.69 24.51
CA SER S 123 -4.25 78.45 25.52
C SER S 123 -3.13 79.23 24.84
N GLY S 124 -2.69 80.29 25.50
CA GLY S 124 -1.64 81.13 24.99
C GLY S 124 -2.16 82.27 24.14
N ALA S 125 -1.39 82.67 23.14
CA ALA S 125 -1.81 83.76 22.27
C ALA S 125 -2.90 83.29 21.30
N LEU S 126 -3.57 84.25 20.69
CA LEU S 126 -4.64 83.94 19.74
C LEU S 126 -4.14 83.69 18.33
N GLY S 127 -2.87 83.97 18.05
CA GLY S 127 -2.26 83.57 16.80
C GLY S 127 -2.52 84.54 15.66
N THR S 128 -2.18 84.04 14.46
CA THR S 128 -2.32 84.77 13.21
C THR S 128 -3.52 84.18 12.45
N ILE S 129 -4.64 84.88 12.51
CA ILE S 129 -5.86 84.46 11.85
C ILE S 129 -5.93 85.11 10.48
N THR S 130 -5.99 84.28 9.44
CA THR S 130 -6.16 84.75 8.07
C THR S 130 -7.63 84.56 7.67
N VAL S 131 -8.23 85.62 7.15
CA VAL S 131 -9.65 85.65 6.81
C VAL S 131 -9.76 85.97 5.33
N ASP S 132 -10.25 85.02 4.55
CA ASP S 132 -10.46 85.17 3.13
C ASP S 132 -11.90 85.59 2.87
N THR S 133 -12.08 86.71 2.19
CA THR S 133 -13.40 87.25 1.90
C THR S 133 -13.64 87.26 0.39
N LEU S 134 -14.84 86.87 -0.02
CA LEU S 134 -15.18 86.84 -1.45
C LEU S 134 -16.65 87.11 -1.64
N LYS S 135 -16.98 88.03 -2.54
CA LYS S 135 -18.36 88.34 -2.85
C LYS S 135 -18.82 87.50 -4.03
N LYS S 136 -19.91 86.76 -3.84
CA LYS S 136 -20.47 85.92 -4.91
C LYS S 136 -21.94 86.24 -5.13
N ALA T 2 5.48 73.62 28.44
CA ALA T 2 4.30 74.42 28.79
C ALA T 2 3.51 74.77 27.53
N TYR T 3 2.18 74.80 27.67
CA TYR T 3 1.32 74.99 26.52
C TYR T 3 1.35 76.42 25.99
N ALA T 4 1.72 77.40 26.82
CA ALA T 4 1.74 78.77 26.34
C ALA T 4 2.76 78.96 25.21
N GLN T 5 3.74 78.08 25.11
CA GLN T 5 4.68 78.08 23.98
C GLN T 5 4.21 77.06 22.96
N TRP T 6 3.90 77.55 21.76
CA TRP T 6 3.35 76.71 20.71
C TRP T 6 3.70 77.31 19.36
N VAL T 7 3.55 76.49 18.32
CA VAL T 7 3.80 76.90 16.95
C VAL T 7 2.95 76.03 16.04
N ILE T 8 2.44 76.65 14.97
CA ILE T 8 1.76 75.95 13.89
C ILE T 8 2.49 76.32 12.60
N ILE T 9 2.81 75.33 11.78
CA ILE T 9 3.43 75.57 10.49
C ILE T 9 2.57 74.89 9.44
N ILE T 10 2.06 75.69 8.50
CA ILE T 10 1.18 75.21 7.44
C ILE T 10 1.97 75.32 6.14
N ILE T 11 2.38 74.16 5.61
CA ILE T 11 3.06 74.07 4.34
C ILE T 11 1.99 74.06 3.25
N HIS T 12 2.09 74.98 2.30
CA HIS T 12 1.14 75.11 1.20
C HIS T 12 1.91 75.02 -0.10
N ASN T 13 1.73 73.92 -0.82
CA ASN T 13 2.43 73.70 -2.08
C ASN T 13 1.68 74.42 -3.19
N VAL T 14 1.99 75.72 -3.35
CA VAL T 14 1.33 76.52 -4.37
C VAL T 14 1.77 76.11 -5.77
N GLY T 15 2.87 75.39 -5.90
CA GLY T 15 3.39 75.00 -7.19
C GLY T 15 2.61 73.84 -7.80
N SER T 16 3.21 73.24 -8.82
CA SER T 16 2.57 72.16 -9.56
C SER T 16 3.33 70.84 -9.49
N GLN T 17 4.37 70.74 -8.65
CA GLN T 17 5.14 69.51 -8.51
C GLN T 17 5.30 69.20 -7.03
N ASP T 18 5.48 67.91 -6.72
CA ASP T 18 5.45 67.44 -5.35
C ASP T 18 6.65 67.94 -4.55
N VAL T 19 6.44 68.08 -3.25
CA VAL T 19 7.49 68.40 -2.29
C VAL T 19 7.34 67.46 -1.09
N LYS T 20 8.46 66.93 -0.61
CA LYS T 20 8.44 65.91 0.43
C LYS T 20 9.01 66.45 1.74
N ILE T 21 8.39 66.06 2.84
CA ILE T 21 8.91 66.37 4.18
C ILE T 21 9.96 65.32 4.53
N LYS T 22 10.98 65.74 5.28
CA LYS T 22 12.01 64.81 5.70
C LYS T 22 12.66 65.29 7.00
N ASN T 23 13.21 64.35 7.74
CA ASN T 23 14.02 64.65 8.93
C ASN T 23 13.25 65.51 9.93
N LEU T 24 11.94 65.39 9.95
CA LEU T 24 11.15 66.09 10.95
C LEU T 24 11.51 65.57 12.34
N LYS T 25 11.81 66.49 13.25
CA LYS T 25 12.30 66.12 14.57
C LYS T 25 11.98 67.23 15.55
N ALA T 26 11.26 66.91 16.62
CA ALA T 26 10.95 67.85 17.69
C ALA T 26 11.94 67.60 18.82
N SER T 27 12.99 68.42 18.89
CA SER T 27 14.01 68.24 19.92
C SER T 27 13.45 68.58 21.29
N TRP T 28 12.48 69.49 21.37
CA TRP T 28 11.86 69.88 22.61
C TRP T 28 10.36 69.94 22.41
N GLY T 29 9.61 69.79 23.51
CA GLY T 29 8.18 69.80 23.42
C GLY T 29 7.65 68.55 22.72
N LYS T 30 6.50 68.69 22.08
CA LYS T 30 5.84 67.56 21.43
C LYS T 30 4.99 68.07 20.27
N LEU T 31 4.86 67.24 19.26
CA LEU T 31 3.86 67.47 18.22
C LEU T 31 2.49 67.00 18.71
N HIS T 32 1.45 67.45 18.02
CA HIS T 32 0.09 67.11 18.43
C HIS T 32 -0.86 67.39 17.27
N ALA T 33 -2.07 66.84 17.38
CA ALA T 33 -3.09 67.01 16.36
C ALA T 33 -3.79 68.36 16.51
N ASP T 34 -4.21 68.92 15.38
CA ASP T 34 -4.78 70.26 15.36
C ASP T 34 -5.92 70.38 16.36
N GLY T 35 -5.86 71.44 17.18
CA GLY T 35 -6.92 71.76 18.11
C GLY T 35 -6.89 71.01 19.42
N ASP T 36 -5.93 70.11 19.61
CA ASP T 36 -5.83 69.30 20.83
C ASP T 36 -4.36 69.15 21.17
N LYS T 37 -3.85 70.03 22.04
CA LYS T 37 -2.48 69.90 22.49
C LYS T 37 -2.26 68.65 23.33
N ASP T 38 -3.33 68.04 23.84
CA ASP T 38 -3.20 66.81 24.61
C ASP T 38 -2.95 65.61 23.70
N ALA T 39 -3.51 65.61 22.49
CA ALA T 39 -3.40 64.48 21.58
C ALA T 39 -2.03 64.52 20.90
N GLU T 40 -1.04 63.99 21.60
CA GLU T 40 0.30 63.92 21.04
C GLU T 40 0.34 63.00 19.83
N VAL T 41 1.22 63.34 18.88
CA VAL T 41 1.40 62.56 17.66
C VAL T 41 2.89 62.34 17.44
N SER T 42 3.20 61.30 16.66
CA SER T 42 4.57 60.93 16.37
C SER T 42 5.06 61.59 15.10
N ALA T 43 6.38 61.80 15.03
CA ALA T 43 6.98 62.41 13.85
C ALA T 43 6.78 61.53 12.61
N SER T 44 6.65 60.22 12.79
CA SER T 44 6.42 59.34 11.65
C SER T 44 5.11 59.65 10.94
N ASN T 45 4.16 60.28 11.64
CA ASN T 45 2.90 60.67 11.01
C ASN T 45 3.11 61.65 9.87
N TYR T 46 4.26 62.32 9.82
CA TYR T 46 4.56 63.29 8.78
C TYR T 46 5.85 63.00 8.01
N GLU T 47 6.76 62.21 8.59
CA GLU T 47 8.02 61.92 7.92
C GLU T 47 7.77 61.29 6.56
N GLY T 48 8.46 61.79 5.54
CA GLY T 48 8.35 61.23 4.21
C GLY T 48 7.07 61.56 3.48
N LYS T 49 6.23 62.42 4.03
CA LYS T 49 4.96 62.73 3.39
C LYS T 49 5.16 63.60 2.15
N ILE T 50 4.34 63.33 1.14
CA ILE T 50 4.32 64.10 -0.09
C ILE T 50 3.18 65.11 0.01
N VAL T 51 3.48 66.38 -0.21
CA VAL T 51 2.47 67.43 -0.30
C VAL T 51 2.18 67.62 -1.78
N LYS T 52 1.05 67.09 -2.23
CA LYS T 52 0.69 67.24 -3.63
C LYS T 52 0.36 68.71 -3.94
N PRO T 53 0.48 69.12 -5.20
CA PRO T 53 0.18 70.52 -5.53
C PRO T 53 -1.24 70.90 -5.11
N ASP T 54 -1.37 72.13 -4.62
CA ASP T 54 -2.60 72.71 -4.08
C ASP T 54 -3.00 72.11 -2.74
N GLU T 55 -2.17 71.25 -2.16
CA GLU T 55 -2.47 70.63 -0.87
C GLU T 55 -1.81 71.42 0.26
N LYS T 56 -2.41 71.32 1.44
CA LYS T 56 -1.92 71.98 2.64
C LYS T 56 -1.67 70.94 3.73
N LEU T 57 -0.54 71.09 4.42
CA LEU T 57 -0.14 70.15 5.47
C LEU T 57 0.21 70.95 6.72
N GLN T 58 -0.43 70.61 7.84
CA GLN T 58 -0.28 71.34 9.09
C GLN T 58 0.54 70.52 10.09
N ILE T 59 1.54 71.15 10.68
CA ILE T 59 2.30 70.55 11.78
C ILE T 59 2.14 71.46 12.99
N ASN T 60 1.63 70.90 14.08
CA ASN T 60 1.39 71.63 15.31
C ASN T 60 2.36 71.12 16.37
N ALA T 61 3.12 72.02 16.98
CA ALA T 61 4.02 71.68 18.07
C ALA T 61 3.74 72.63 19.23
N SER T 62 4.04 72.17 20.43
CA SER T 62 3.82 72.98 21.62
C SER T 62 4.51 72.30 22.79
N GLY T 63 4.63 73.02 23.89
CA GLY T 63 5.23 72.47 25.08
C GLY T 63 4.41 71.34 25.67
N ARG T 64 5.07 70.58 26.55
CA ARG T 64 4.44 69.47 27.25
C ARG T 64 3.55 70.02 28.37
N SER T 65 3.05 69.11 29.22
CA SER T 65 2.10 69.50 30.25
C SER T 65 2.79 70.21 31.41
N ASP T 66 2.79 71.54 31.38
CA ASP T 66 3.20 72.42 32.47
C ASP T 66 4.71 72.45 32.69
N ALA T 67 5.48 71.70 31.90
CA ALA T 67 6.93 71.72 32.07
C ALA T 67 7.49 73.09 31.72
N ALA T 68 8.62 73.42 32.34
CA ALA T 68 9.28 74.70 32.08
C ALA T 68 10.00 74.74 30.74
N GLU T 69 9.97 73.66 29.98
CA GLU T 69 10.56 73.65 28.65
C GLU T 69 9.64 74.37 27.66
N GLY T 70 10.24 74.85 26.57
CA GLY T 70 9.48 75.48 25.50
C GLY T 70 9.16 74.51 24.38
N THR T 71 9.50 74.87 23.15
CA THR T 71 9.45 73.93 22.04
C THR T 71 10.54 74.28 21.04
N THR T 72 11.03 73.26 20.33
CA THR T 72 12.07 73.44 19.35
C THR T 72 12.07 72.25 18.40
N GLY T 73 12.35 72.51 17.12
CA GLY T 73 12.37 71.43 16.15
C GLY T 73 12.96 71.90 14.84
N THR T 74 13.17 70.92 13.95
CA THR T 74 13.73 71.16 12.63
C THR T 74 13.17 70.13 11.67
N PHE T 75 13.21 70.47 10.38
CA PHE T 75 12.82 69.54 9.33
C PHE T 75 13.37 70.07 8.01
N ASP T 76 13.12 69.31 6.94
CA ASP T 76 13.63 69.63 5.62
C ASP T 76 12.54 69.44 4.58
N LEU T 77 12.43 70.41 3.68
CA LEU T 77 11.70 70.24 2.44
C LEU T 77 12.66 69.75 1.38
N VAL T 78 12.28 68.69 0.66
CA VAL T 78 13.10 68.09 -0.37
C VAL T 78 12.26 67.86 -1.62
N ASP T 79 12.94 67.69 -2.75
CA ASP T 79 12.29 67.50 -4.04
C ASP T 79 12.26 66.02 -4.38
N PRO T 80 11.09 65.36 -4.35
CA PRO T 80 11.06 63.94 -4.71
C PRO T 80 11.46 63.67 -6.16
N ALA T 81 11.27 64.64 -7.05
CA ALA T 81 11.53 64.45 -8.47
C ALA T 81 12.99 64.70 -8.85
N ASP T 82 13.83 65.09 -7.91
CA ASP T 82 15.24 65.38 -8.17
C ASP T 82 16.13 64.61 -7.18
N GLY T 83 15.81 63.33 -6.98
CA GLY T 83 16.60 62.51 -6.08
C GLY T 83 16.59 63.02 -4.65
N ASP T 84 15.45 63.54 -4.19
CA ASP T 84 15.32 64.05 -2.83
C ASP T 84 16.34 65.15 -2.54
N LYS T 85 16.71 65.92 -3.56
CA LYS T 85 17.62 67.04 -3.33
C LYS T 85 17.00 68.03 -2.38
N GLN T 86 17.79 68.51 -1.42
CA GLN T 86 17.26 69.40 -0.40
C GLN T 86 16.77 70.69 -1.04
N VAL T 87 15.52 71.04 -0.75
CA VAL T 87 14.96 72.34 -1.09
C VAL T 87 15.27 73.37 -0.01
N ARG T 88 14.93 73.04 1.24
CA ARG T 88 15.14 73.98 2.34
C ARG T 88 15.24 73.22 3.65
N HIS T 89 15.81 73.90 4.64
CA HIS T 89 15.94 73.39 6.00
C HIS T 89 15.31 74.40 6.93
N PHE T 90 14.29 73.98 7.69
CA PHE T 90 13.54 74.86 8.57
C PHE T 90 13.84 74.51 10.02
N TYR T 91 14.08 75.54 10.82
CA TYR T 91 14.31 75.40 12.25
C TYR T 91 13.40 76.37 12.99
N TRP T 92 12.68 75.86 13.99
CA TRP T 92 11.80 76.68 14.80
C TRP T 92 12.13 76.49 16.27
N ASP T 93 11.99 77.58 17.04
CA ASP T 93 12.29 77.56 18.46
C ASP T 93 11.45 78.62 19.16
N SER T 94 10.60 78.17 20.08
CA SER T 94 9.81 79.06 20.95
C SER T 94 10.20 78.69 22.38
N PRO T 95 11.23 79.33 22.93
CA PRO T 95 11.72 78.94 24.26
C PRO T 95 10.82 79.45 25.38
N TRP T 96 10.84 78.73 26.50
CA TRP T 96 10.08 79.14 27.67
C TRP T 96 10.83 80.19 28.48
N GLY T 97 12.15 80.05 28.60
CA GLY T 97 12.94 80.98 29.36
C GLY T 97 13.19 82.28 28.60
N SER T 98 13.88 82.18 27.46
CA SER T 98 14.15 83.36 26.66
C SER T 98 12.86 83.89 26.05
N LYS T 99 12.75 85.22 26.02
CA LYS T 99 11.55 85.84 25.45
C LYS T 99 11.55 85.76 23.93
N THR T 100 12.71 85.97 23.30
CA THR T 100 12.79 86.02 21.85
C THR T 100 12.65 84.62 21.26
N ASN T 101 11.82 84.50 20.23
CA ASN T 101 11.64 83.25 19.51
C ASN T 101 12.63 83.20 18.34
N THR T 102 12.50 82.18 17.49
CA THR T 102 13.40 82.04 16.35
C THR T 102 12.74 81.16 15.29
N TRP T 103 12.75 81.64 14.05
CA TRP T 103 12.29 80.85 12.91
C TRP T 103 13.27 81.11 11.77
N THR T 104 14.05 80.10 11.40
CA THR T 104 15.11 80.25 10.41
C THR T 104 14.88 79.28 9.27
N VAL T 105 14.97 79.79 8.04
CA VAL T 105 14.91 78.98 6.84
C VAL T 105 16.26 79.11 6.13
N SER T 106 16.95 77.99 5.98
CA SER T 106 18.24 77.95 5.33
C SER T 106 18.16 77.04 4.12
N GLY T 107 19.21 77.08 3.30
CA GLY T 107 19.26 76.32 2.07
C GLY T 107 19.49 77.24 0.87
N SER T 108 19.84 76.60 -0.24
CA SER T 108 20.20 77.36 -1.43
C SER T 108 19.61 76.79 -2.72
N ASN T 109 18.64 75.88 -2.65
CA ASN T 109 18.02 75.38 -3.86
C ASN T 109 17.41 76.53 -4.66
N THR T 110 17.82 76.65 -5.92
CA THR T 110 17.50 77.82 -6.71
C THR T 110 16.29 77.62 -7.63
N LYS T 111 15.94 76.39 -7.95
CA LYS T 111 14.75 76.11 -8.74
C LYS T 111 13.50 76.00 -7.88
N TRP T 112 13.53 76.54 -6.67
CA TRP T 112 12.40 76.57 -5.77
C TRP T 112 12.23 77.96 -5.18
N MET T 113 10.98 78.34 -4.94
CA MET T 113 10.63 79.58 -4.28
C MET T 113 9.85 79.25 -3.01
N ILE T 114 10.35 79.73 -1.88
CA ILE T 114 9.73 79.49 -0.58
C ILE T 114 9.49 80.83 0.08
N GLU T 115 8.27 81.05 0.56
CA GLU T 115 7.90 82.30 1.22
C GLU T 115 7.15 81.98 2.50
N TYR T 116 7.71 82.41 3.63
CA TYR T 116 7.15 82.16 4.94
C TYR T 116 6.69 83.46 5.58
N SER T 117 5.54 83.42 6.24
CA SER T 117 4.99 84.62 6.86
C SER T 117 4.13 84.26 8.05
N GLY T 118 4.00 85.20 8.99
CA GLY T 118 3.12 85.06 10.13
C GLY T 118 3.82 84.81 11.45
N GLN T 119 5.14 84.70 11.47
CA GLN T 119 5.84 84.40 12.70
C GLN T 119 5.88 85.61 13.62
N ASN T 120 5.98 85.35 14.92
CA ASN T 120 6.18 86.37 15.93
C ASN T 120 7.51 86.09 16.64
N LEU T 121 8.34 87.12 16.79
CA LEU T 121 9.68 86.96 17.32
C LEU T 121 9.94 87.75 18.60
N ASP T 122 9.02 88.62 19.02
CA ASP T 122 9.28 89.47 20.17
C ASP T 122 9.10 88.70 21.48
N SER T 123 7.89 88.21 21.74
CA SER T 123 7.59 87.51 22.99
C SER T 123 6.37 86.64 22.76
N GLY T 124 6.13 85.74 23.72
CA GLY T 124 5.00 84.85 23.64
C GLY T 124 5.26 83.69 22.68
N ALA T 125 4.16 83.07 22.26
CA ALA T 125 4.25 81.93 21.36
C ALA T 125 4.77 82.36 19.99
N LEU T 126 5.39 81.41 19.29
CA LEU T 126 5.92 81.70 17.96
C LEU T 126 4.79 81.99 16.96
N GLY T 127 3.64 81.37 17.14
CA GLY T 127 2.48 81.67 16.33
C GLY T 127 2.25 80.69 15.19
N THR T 128 1.52 81.18 14.20
CA THR T 128 1.21 80.42 12.99
C THR T 128 2.04 80.95 11.83
N ILE T 129 2.68 80.04 11.10
CA ILE T 129 3.58 80.39 10.01
C ILE T 129 3.10 79.66 8.76
N THR T 130 2.74 80.43 7.74
CA THR T 130 2.37 79.90 6.44
C THR T 130 3.59 79.90 5.53
N VAL T 131 3.91 78.74 4.96
CA VAL T 131 5.07 78.58 4.09
C VAL T 131 4.54 78.14 2.73
N ASP T 132 4.50 79.08 1.78
CA ASP T 132 4.12 78.78 0.41
C ASP T 132 5.36 78.31 -0.35
N THR T 133 5.25 77.14 -0.97
CA THR T 133 6.33 76.54 -1.73
C THR T 133 5.93 76.37 -3.18
N LEU T 134 6.87 76.65 -4.08
CA LEU T 134 6.63 76.53 -5.51
C LEU T 134 7.92 76.10 -6.19
N LYS T 135 7.80 75.36 -7.28
CA LYS T 135 8.93 74.96 -8.10
C LYS T 135 8.86 75.66 -9.45
N LYS T 136 9.89 76.43 -9.77
CA LYS T 136 9.92 77.19 -11.02
C LYS T 136 9.83 76.25 -12.22
N GLN U 10 -2.36 21.40 -50.24
CA GLN U 10 -2.59 22.67 -49.54
C GLN U 10 -1.44 22.96 -48.58
N ALA U 11 -0.87 21.90 -47.97
CA ALA U 11 0.24 22.10 -47.06
C ALA U 11 1.41 22.73 -47.79
N GLY U 12 2.07 23.67 -47.12
CA GLY U 12 3.13 24.44 -47.75
C GLY U 12 2.66 25.59 -48.60
N ASP U 13 1.35 25.89 -48.61
CA ASP U 13 0.83 26.99 -49.39
C ASP U 13 1.12 28.31 -48.70
N THR U 14 1.37 29.34 -49.50
CA THR U 14 1.72 30.66 -48.99
C THR U 14 0.80 31.72 -49.59
N LEU U 15 1.03 32.97 -49.15
CA LEU U 15 0.30 34.09 -49.72
C LEU U 15 0.48 34.17 -51.22
N ASN U 16 1.62 33.71 -51.73
CA ASN U 16 1.82 33.71 -53.17
C ASN U 16 0.80 32.82 -53.86
N ASP U 17 0.58 31.61 -53.33
CA ASP U 17 -0.43 30.73 -53.92
C ASP U 17 -1.83 31.31 -53.75
N VAL U 18 -2.11 31.88 -52.58
CA VAL U 18 -3.43 32.45 -52.35
C VAL U 18 -3.72 33.57 -53.33
N ILE U 19 -2.73 34.44 -53.56
CA ILE U 19 -2.89 35.54 -54.51
C ILE U 19 -2.94 35.03 -55.94
N GLN U 20 -2.18 33.97 -56.25
CA GLN U 20 -2.18 33.45 -57.61
C GLN U 20 -3.55 32.90 -57.99
N ASP U 21 -4.20 32.18 -57.09
CA ASP U 21 -5.52 31.66 -57.37
C ASP U 21 -6.55 32.78 -57.29
N PRO U 22 -7.27 33.10 -58.37
CA PRO U 22 -8.23 34.22 -58.29
C PRO U 22 -9.30 34.02 -57.24
N THR U 23 -9.79 32.80 -57.06
CA THR U 23 -10.84 32.55 -56.07
C THR U 23 -10.32 32.79 -54.66
N ARG U 24 -9.16 32.21 -54.34
CA ARG U 24 -8.60 32.35 -53.00
C ARG U 24 -8.21 33.80 -52.72
N ARG U 25 -7.70 34.50 -53.73
CA ARG U 25 -7.34 35.90 -53.55
C ARG U 25 -8.57 36.75 -53.24
N ASN U 26 -9.65 36.53 -53.98
CA ASN U 26 -10.88 37.27 -53.71
C ASN U 26 -11.45 36.91 -52.35
N LYS U 27 -11.38 35.64 -51.96
CA LYS U 27 -11.83 35.25 -50.64
C LYS U 27 -11.03 35.96 -49.56
N LEU U 28 -9.71 36.04 -49.73
CA LEU U 28 -8.88 36.75 -48.76
C LEU U 28 -9.27 38.21 -48.69
N ILE U 29 -9.45 38.86 -49.85
CA ILE U 29 -9.80 40.28 -49.85
C ILE U 29 -11.12 40.50 -49.14
N ASN U 30 -12.11 39.67 -49.44
CA ASN U 30 -13.43 39.85 -48.84
C ASN U 30 -13.41 39.57 -47.34
N ASP U 31 -12.80 38.47 -46.93
CA ASP U 31 -12.77 38.09 -45.53
C ASP U 31 -11.95 39.06 -44.68
N ASN U 32 -10.99 39.76 -45.28
CA ASN U 32 -10.19 40.71 -44.54
C ASN U 32 -10.59 42.16 -44.76
N ASN U 33 -11.60 42.41 -45.60
CA ASN U 33 -12.14 43.77 -45.76
C ASN U 33 -11.07 44.72 -46.27
N LEU U 34 -10.24 44.23 -47.19
CA LEU U 34 -9.10 45.00 -47.65
C LEU U 34 -9.49 46.16 -48.56
N LEU U 35 -10.72 46.17 -49.07
CA LEU U 35 -11.20 47.25 -49.93
C LEU U 35 -11.96 48.32 -49.18
N LYS U 36 -12.09 48.19 -47.85
CA LYS U 36 -12.92 49.09 -47.06
C LYS U 36 -12.06 49.88 -46.09
N GLY U 37 -12.47 51.13 -45.84
CA GLY U 37 -11.81 51.95 -44.86
C GLY U 37 -12.27 51.65 -43.45
N ILE U 38 -11.59 52.27 -42.48
CA ILE U 38 -11.88 52.09 -41.06
C ILE U 38 -12.56 53.36 -40.53
N ILE U 39 -13.65 53.19 -39.80
CA ILE U 39 -14.53 54.32 -39.47
C ILE U 39 -14.05 55.11 -38.27
N MET U 40 -13.13 54.57 -37.46
CA MET U 40 -12.55 55.34 -36.36
C MET U 40 -13.61 56.12 -35.60
N GLY U 41 -14.58 55.43 -35.01
CA GLY U 41 -15.71 56.09 -34.40
C GLY U 41 -15.80 55.86 -32.90
N ARG U 42 -17.00 56.02 -32.34
CA ARG U 42 -17.14 55.90 -30.89
C ARG U 42 -16.88 54.48 -30.42
N ASP U 43 -17.10 53.49 -31.27
CA ASP U 43 -16.87 52.10 -30.92
C ASP U 43 -15.47 51.62 -31.27
N GLY U 44 -14.61 52.48 -31.80
CA GLY U 44 -13.27 52.11 -32.17
C GLY U 44 -13.10 51.98 -33.66
N PRO U 45 -11.93 51.48 -34.09
CA PRO U 45 -11.65 51.30 -35.53
C PRO U 45 -12.34 50.09 -36.13
N VAL U 46 -13.62 50.26 -36.47
CA VAL U 46 -14.41 49.21 -37.09
C VAL U 46 -14.42 49.44 -38.59
N PRO U 47 -14.18 48.41 -39.42
CA PRO U 47 -14.23 48.63 -40.86
C PRO U 47 -15.63 48.95 -41.33
N SER U 48 -15.71 49.77 -42.38
CA SER U 48 -16.98 50.12 -42.98
C SER U 48 -17.53 48.95 -43.78
N SER U 49 -18.81 49.04 -44.13
CA SER U 49 -19.47 48.03 -44.93
C SER U 49 -19.64 48.45 -46.39
N ARG U 50 -19.01 49.55 -46.78
CA ARG U 50 -19.05 50.05 -48.15
C ARG U 50 -17.65 50.01 -48.73
N GLU U 51 -17.52 49.48 -49.94
CA GLU U 51 -16.22 49.39 -50.57
C GLU U 51 -15.72 50.78 -50.96
N LEU U 52 -14.49 51.09 -50.57
CA LEU U 52 -13.89 52.39 -50.85
C LEU U 52 -13.13 52.40 -52.16
N ILE U 53 -12.33 51.37 -52.41
CA ILE U 53 -11.51 51.28 -53.61
C ILE U 53 -12.07 50.23 -54.55
N VAL U 54 -11.55 50.21 -55.77
CA VAL U 54 -11.95 49.23 -56.78
C VAL U 54 -11.16 47.95 -56.56
N ARG U 55 -11.78 46.82 -56.87
CA ARG U 55 -11.15 45.54 -56.64
C ARG U 55 -9.91 45.41 -57.52
N PRO U 56 -8.72 45.20 -56.95
CA PRO U 56 -7.53 45.02 -57.80
C PRO U 56 -7.54 43.66 -58.50
N ASP U 57 -6.81 43.60 -59.60
CA ASP U 57 -6.61 42.35 -60.31
C ASP U 57 -5.48 41.51 -59.71
N THR U 58 -4.73 42.06 -58.76
CA THR U 58 -3.67 41.34 -58.08
C THR U 58 -3.27 42.13 -56.85
N LEU U 59 -2.43 41.52 -56.02
CA LEU U 59 -1.96 42.15 -54.79
C LEU U 59 -0.44 42.05 -54.71
N ARG U 60 0.16 43.05 -54.09
CA ARG U 60 1.59 43.05 -53.79
C ARG U 60 1.78 42.41 -52.43
N ALA U 61 2.58 41.35 -52.36
CA ALA U 61 2.73 40.61 -51.11
C ALA U 61 4.17 40.14 -50.94
N ILE U 62 4.56 39.95 -49.68
CA ILE U 62 5.82 39.34 -49.31
C ILE U 62 5.52 38.22 -48.34
N ILE U 63 6.40 37.22 -48.30
CA ILE U 63 6.22 36.06 -47.44
C ILE U 63 7.10 36.20 -46.22
N ASN U 64 6.53 35.95 -45.04
CA ASN U 64 7.26 36.00 -43.79
C ASN U 64 6.59 35.05 -42.80
N ASN U 65 7.36 34.12 -42.25
CA ASN U 65 6.82 33.07 -41.40
C ASN U 65 7.52 33.00 -40.04
N ARG U 66 8.15 34.09 -39.62
CA ARG U 66 8.86 34.11 -38.34
C ARG U 66 7.85 34.41 -37.24
N ALA U 67 7.58 33.41 -36.40
CA ALA U 67 6.68 33.57 -35.26
C ALA U 67 7.47 34.03 -34.05
N THR U 68 7.00 35.08 -33.40
CA THR U 68 7.72 35.69 -32.29
C THR U 68 6.75 36.59 -31.54
N ILE U 69 7.20 37.08 -30.38
CA ILE U 69 6.39 37.95 -29.52
C ILE U 69 6.97 39.36 -29.62
N GLU U 70 6.12 40.31 -29.97
CA GLU U 70 6.48 41.72 -30.07
C GLU U 70 5.73 42.50 -29.01
N THR U 71 6.31 43.62 -28.59
CA THR U 71 5.67 44.50 -27.62
C THR U 71 5.75 45.94 -28.10
N THR U 72 4.70 46.70 -27.83
CA THR U 72 4.62 48.10 -28.22
C THR U 72 4.02 48.90 -27.08
N THR U 73 4.40 50.17 -26.99
CA THR U 73 3.90 51.07 -25.96
C THR U 73 3.45 52.38 -26.60
N MET U 74 2.43 52.98 -26.00
CA MET U 74 1.85 54.21 -26.51
C MET U 74 1.56 55.16 -25.36
N GLU U 75 1.76 56.45 -25.59
CA GLU U 75 1.52 57.47 -24.57
C GLU U 75 0.26 58.29 -24.82
N ALA U 76 -0.27 58.28 -26.05
CA ALA U 76 -1.48 59.03 -26.35
C ALA U 76 -2.64 58.52 -25.50
N GLU U 77 -3.61 59.39 -25.30
CA GLU U 77 -4.70 59.11 -24.37
C GLU U 77 -5.76 58.19 -24.98
N PHE U 78 -6.32 58.59 -26.12
CA PHE U 78 -7.48 57.92 -26.70
C PHE U 78 -7.11 56.84 -27.70
N THR U 79 -5.94 56.22 -27.56
CA THR U 79 -5.48 55.23 -28.52
C THR U 79 -5.60 53.79 -28.01
N GLU U 80 -6.46 53.57 -27.01
CA GLU U 80 -6.62 52.21 -26.47
C GLU U 80 -7.12 51.24 -27.53
N THR U 81 -8.16 51.65 -28.27
CA THR U 81 -8.72 50.75 -29.28
C THR U 81 -7.73 50.52 -30.41
N LEU U 82 -6.97 51.54 -30.80
CA LEU U 82 -5.96 51.34 -31.83
C LEU U 82 -4.90 50.34 -31.38
N MET U 83 -4.43 50.47 -30.13
CA MET U 83 -3.47 49.51 -29.62
C MET U 83 -4.07 48.11 -29.59
N GLU U 84 -5.35 48.01 -29.22
CA GLU U 84 -6.02 46.71 -29.26
C GLU U 84 -6.14 46.16 -30.68
N SER U 85 -6.21 47.04 -31.67
CA SER U 85 -6.25 46.64 -33.07
C SER U 85 -4.87 46.46 -33.67
N ASN U 86 -3.82 46.68 -32.89
CA ASN U 86 -2.45 46.37 -33.30
C ASN U 86 -1.97 47.34 -34.39
N TYR U 87 -2.19 48.62 -34.15
CA TYR U 87 -1.66 49.66 -35.02
C TYR U 87 -0.29 50.08 -34.52
N ASN U 88 0.69 50.11 -35.41
CA ASN U 88 2.02 50.53 -35.01
C ASN U 88 2.01 52.04 -34.71
N SER U 89 3.19 52.56 -34.36
CA SER U 89 3.26 53.94 -33.90
C SER U 89 2.81 54.91 -34.98
N ALA U 90 3.26 54.71 -36.22
CA ALA U 90 2.90 55.64 -37.29
C ALA U 90 1.39 55.61 -37.56
N SER U 91 0.80 54.41 -37.60
CA SER U 91 -0.63 54.31 -37.85
C SER U 91 -1.43 54.94 -36.72
N VAL U 92 -1.01 54.70 -35.47
CA VAL U 92 -1.71 55.30 -34.35
C VAL U 92 -1.60 56.82 -34.39
N LYS U 93 -0.42 57.33 -34.76
CA LYS U 93 -0.26 58.78 -34.89
C LYS U 93 -1.17 59.34 -35.97
N VAL U 94 -1.30 58.64 -37.09
CA VAL U 94 -2.14 59.13 -38.17
C VAL U 94 -3.61 59.10 -37.77
N SER U 95 -4.02 58.06 -37.05
CA SER U 95 -5.43 57.85 -36.73
C SER U 95 -5.88 58.56 -35.46
N ALA U 96 -4.96 59.04 -34.63
CA ALA U 96 -5.35 59.64 -33.35
C ALA U 96 -6.32 60.79 -33.49
N PRO U 97 -6.15 61.74 -34.41
CA PRO U 97 -7.09 62.86 -34.45
C PRO U 97 -8.53 62.43 -34.59
N PHE U 98 -8.80 61.45 -35.46
CA PHE U 98 -10.19 61.01 -35.68
C PHE U 98 -10.73 60.29 -34.46
N ILE U 99 -9.94 59.39 -33.88
CA ILE U 99 -10.39 58.66 -32.71
C ILE U 99 -10.71 59.61 -31.58
N THR U 100 -9.81 60.57 -31.31
CA THR U 100 -10.08 61.55 -30.28
C THR U 100 -11.35 62.33 -30.58
N ALA U 101 -11.46 62.86 -31.81
CA ALA U 101 -12.62 63.68 -32.16
C ALA U 101 -13.92 62.93 -31.95
N ASN U 102 -13.96 61.65 -32.31
CA ASN U 102 -15.19 60.88 -32.25
C ASN U 102 -15.34 60.05 -30.97
N SER U 103 -14.40 60.15 -30.04
CA SER U 103 -14.47 59.36 -28.82
C SER U 103 -15.61 59.85 -27.93
N GLU U 104 -15.83 59.11 -26.84
CA GLU U 104 -16.81 59.48 -25.82
C GLU U 104 -16.05 59.93 -24.58
N TYR U 105 -15.99 61.24 -24.36
CA TYR U 105 -15.29 61.77 -23.20
C TYR U 105 -16.12 61.55 -21.93
N SER U 106 -15.42 61.47 -20.81
CA SER U 106 -16.08 61.28 -19.52
C SER U 106 -15.06 61.47 -18.42
N GLU U 107 -15.52 61.99 -17.28
CA GLU U 107 -14.68 62.07 -16.10
C GLU U 107 -14.43 60.66 -15.57
N SER U 108 -13.61 60.58 -14.53
CA SER U 108 -13.23 59.30 -13.92
C SER U 108 -12.48 58.41 -14.90
N SER U 109 -11.97 58.98 -15.99
CA SER U 109 -11.19 58.21 -16.94
C SER U 109 -9.95 57.66 -16.26
N SER U 110 -9.70 56.37 -16.44
CA SER U 110 -8.55 55.75 -15.79
C SER U 110 -7.24 56.40 -16.24
N PHE U 111 -7.21 57.01 -17.41
CA PHE U 111 -6.00 57.59 -17.94
C PHE U 111 -5.65 58.88 -17.20
N LYS U 112 -4.39 59.00 -16.82
CA LYS U 112 -3.89 60.17 -16.11
C LYS U 112 -2.68 60.72 -16.84
N ASN U 113 -2.70 62.01 -17.13
CA ASN U 113 -1.59 62.67 -17.82
C ASN U 113 -1.28 64.00 -17.15
N THR U 114 -1.30 64.01 -15.82
CA THR U 114 -1.01 65.22 -15.08
C THR U 114 0.50 65.48 -15.10
N GLU U 115 0.90 66.62 -14.54
CA GLU U 115 2.32 66.95 -14.54
C GLU U 115 3.12 66.12 -13.55
N THR U 116 2.46 65.35 -12.68
CA THR U 116 3.14 64.56 -11.67
C THR U 116 3.16 63.07 -11.97
N GLU U 117 2.13 62.54 -12.65
CA GLU U 117 2.10 61.15 -13.05
C GLU U 117 1.84 61.02 -14.54
N LYS U 118 2.22 59.86 -15.09
CA LYS U 118 2.10 59.56 -16.51
C LYS U 118 1.52 58.18 -16.70
N SER U 119 0.64 58.03 -17.69
CA SER U 119 -0.03 56.78 -17.99
C SER U 119 0.30 56.32 -19.40
N MET U 120 0.37 55.00 -19.58
CA MET U 120 0.77 54.41 -20.86
C MET U 120 -0.04 53.14 -21.12
N TYR U 121 -0.17 52.80 -22.39
CA TYR U 121 -0.75 51.53 -22.80
C TYR U 121 0.34 50.61 -23.33
N THR U 122 0.23 49.32 -23.02
CA THR U 122 1.17 48.30 -23.46
C THR U 122 0.40 47.17 -24.13
N SER U 123 0.99 46.60 -25.18
CA SER U 123 0.36 45.51 -25.93
C SER U 123 1.43 44.53 -26.37
N SER U 124 1.19 43.24 -26.11
CA SER U 124 2.09 42.17 -26.52
C SER U 124 1.34 41.26 -27.49
N ARG U 125 1.90 41.08 -28.68
CA ARG U 125 1.29 40.27 -29.73
C ARG U 125 2.18 39.06 -29.99
N TYR U 126 1.64 37.87 -29.76
CA TYR U 126 2.28 36.63 -30.18
C TYR U 126 1.80 36.35 -31.60
N LEU U 127 2.70 36.54 -32.56
CA LEU U 127 2.36 36.54 -33.98
C LEU U 127 2.83 35.25 -34.63
N PHE U 128 1.97 34.69 -35.48
CA PHE U 128 2.31 33.61 -36.40
C PHE U 128 1.98 34.16 -37.79
N PRO U 129 2.91 34.89 -38.40
CA PRO U 129 2.60 35.58 -39.66
C PRO U 129 2.78 34.70 -40.88
N GLN U 130 2.17 35.14 -41.97
CA GLN U 130 2.32 34.52 -43.28
C GLN U 130 2.84 35.47 -44.34
N GLY U 131 2.75 36.77 -44.11
CA GLY U 131 3.25 37.74 -45.06
C GLY U 131 2.64 39.10 -44.84
N ARG U 132 2.82 39.97 -45.82
CA ARG U 132 2.36 41.36 -45.74
C ARG U 132 1.84 41.78 -47.10
N ILE U 133 0.72 42.48 -47.11
CA ILE U 133 0.07 42.96 -48.32
C ILE U 133 0.13 44.49 -48.31
N ASP U 134 0.43 45.06 -49.48
CA ASP U 134 0.65 46.50 -49.61
C ASP U 134 -0.20 47.05 -50.75
N PHE U 135 -0.58 48.31 -50.62
CA PHE U 135 -1.33 49.04 -51.64
C PHE U 135 -0.54 50.29 -52.02
N THR U 136 -0.76 50.75 -53.25
CA THR U 136 -0.06 51.93 -53.76
C THR U 136 -0.97 53.14 -53.61
N THR U 137 -0.53 54.11 -52.81
CA THR U 137 -1.29 55.34 -52.68
C THR U 137 -1.03 56.25 -53.88
N PRO U 138 -1.97 57.12 -54.22
CA PRO U 138 -1.72 58.05 -55.33
C PRO U 138 -0.49 58.92 -55.12
N ASP U 139 -0.19 59.29 -53.88
CA ASP U 139 0.97 60.12 -53.60
C ASP U 139 2.28 59.41 -53.94
N SER U 140 2.28 58.09 -53.96
CA SER U 140 3.51 57.35 -54.26
C SER U 140 4.00 57.66 -55.67
N GLY U 141 3.08 57.76 -56.62
CA GLY U 141 3.43 58.10 -58.00
C GLY U 141 3.68 56.92 -58.91
N PHE U 142 3.46 55.70 -58.45
CA PHE U 142 3.67 54.53 -59.29
C PHE U 142 2.44 54.26 -60.15
N ASP U 143 2.59 53.32 -61.09
CA ASP U 143 1.57 53.10 -62.10
C ASP U 143 0.40 52.25 -61.61
N ASP U 144 0.55 51.53 -60.50
CA ASP U 144 -0.49 50.63 -60.00
C ASP U 144 -1.25 51.24 -58.82
N VAL U 145 -1.48 52.55 -58.86
CA VAL U 145 -2.19 53.21 -57.77
C VAL U 145 -3.58 52.60 -57.59
N ILE U 146 -4.09 52.65 -56.36
CA ILE U 146 -5.46 52.25 -56.10
C ILE U 146 -6.41 53.30 -56.66
N LYS U 147 -7.55 52.86 -57.17
CA LYS U 147 -8.53 53.74 -57.78
C LYS U 147 -9.77 53.82 -56.89
N LEU U 148 -10.12 55.03 -56.46
CA LEU U 148 -11.30 55.21 -55.63
C LEU U 148 -12.56 54.82 -56.39
N SER U 149 -13.51 54.25 -55.68
CA SER U 149 -14.73 53.77 -56.33
C SER U 149 -15.52 54.94 -56.91
N PRO U 150 -16.19 54.75 -58.04
CA PRO U 150 -17.02 55.83 -58.58
C PRO U 150 -18.10 56.27 -57.62
N GLN U 151 -18.62 55.36 -56.80
CA GLN U 151 -19.63 55.76 -55.81
C GLN U 151 -19.06 56.75 -54.81
N PHE U 152 -17.86 56.48 -54.29
CA PHE U 152 -17.24 57.41 -53.36
C PHE U 152 -16.92 58.73 -54.03
N THR U 153 -16.41 58.69 -55.27
CA THR U 153 -16.09 59.93 -55.96
C THR U 153 -17.34 60.76 -56.20
N SER U 154 -18.44 60.13 -56.60
CA SER U 154 -19.69 60.83 -56.81
C SER U 154 -20.23 61.39 -55.51
N GLY U 155 -20.09 60.64 -54.41
CA GLY U 155 -20.51 61.16 -53.12
C GLY U 155 -19.74 62.40 -52.72
N VAL U 156 -18.42 62.39 -52.93
CA VAL U 156 -17.62 63.57 -52.62
C VAL U 156 -18.04 64.74 -53.49
N GLN U 157 -18.27 64.50 -54.78
CA GLN U 157 -18.68 65.58 -55.66
C GLN U 157 -20.03 66.17 -55.23
N ALA U 158 -20.98 65.31 -54.89
CA ALA U 158 -22.29 65.78 -54.44
C ALA U 158 -22.16 66.57 -53.15
N ALA U 159 -21.33 66.10 -52.22
CA ALA U 159 -21.13 66.83 -50.97
C ALA U 159 -20.55 68.22 -51.24
N LEU U 160 -19.56 68.31 -52.13
CA LEU U 160 -18.94 69.59 -52.42
C LEU U 160 -19.78 70.48 -53.32
N ALA U 161 -20.84 69.95 -53.94
CA ALA U 161 -21.70 70.74 -54.81
C ALA U 161 -22.87 71.37 -54.08
N LYS U 162 -22.93 71.25 -52.75
CA LYS U 162 -24.06 71.79 -52.02
C LYS U 162 -24.00 73.31 -51.96
N ALA U 163 -25.15 73.91 -51.64
CA ALA U 163 -25.30 75.36 -51.76
C ALA U 163 -24.46 76.10 -50.73
N THR U 164 -24.48 75.67 -49.47
CA THR U 164 -23.87 76.41 -48.37
C THR U 164 -22.74 75.61 -47.75
N GLY U 165 -21.81 76.34 -47.12
CA GLY U 165 -20.68 75.68 -46.48
C GLY U 165 -21.10 74.73 -45.38
N THR U 166 -22.11 75.10 -44.61
CA THR U 166 -22.60 74.21 -43.55
C THR U 166 -23.14 72.91 -44.15
N GLU U 167 -23.91 73.01 -45.23
CA GLU U 167 -24.42 71.81 -45.88
C GLU U 167 -23.28 70.97 -46.45
N LYS U 168 -22.28 71.62 -47.05
CA LYS U 168 -21.12 70.88 -47.55
C LYS U 168 -20.42 70.12 -46.43
N ARG U 169 -20.22 70.79 -45.29
CA ARG U 169 -19.54 70.14 -44.17
C ARG U 169 -20.37 68.99 -43.63
N GLU U 170 -21.69 69.17 -43.53
CA GLU U 170 -22.55 68.09 -43.05
C GLU U 170 -22.49 66.89 -44.00
N ALA U 171 -22.53 67.15 -45.30
CA ALA U 171 -22.45 66.06 -46.27
C ALA U 171 -21.12 65.34 -46.18
N LEU U 172 -20.02 66.10 -46.04
CA LEU U 172 -18.71 65.47 -45.90
C LEU U 172 -18.64 64.64 -44.62
N GLN U 173 -19.20 65.15 -43.53
CA GLN U 173 -19.18 64.39 -42.28
C GLN U 173 -19.95 63.09 -42.42
N ASN U 174 -21.12 63.13 -43.06
CA ASN U 174 -21.88 61.90 -43.27
C ASN U 174 -21.11 60.94 -44.18
N LEU U 175 -20.52 61.47 -45.25
CA LEU U 175 -19.80 60.62 -46.19
C LEU U 175 -18.62 59.93 -45.50
N PHE U 176 -17.88 60.65 -44.67
CA PHE U 176 -16.74 60.04 -43.99
C PHE U 176 -17.17 59.11 -42.88
N GLN U 177 -18.28 59.40 -42.20
CA GLN U 177 -18.81 58.46 -41.22
C GLN U 177 -19.26 57.17 -41.89
N GLU U 178 -19.69 57.24 -43.15
CA GLU U 178 -20.14 56.04 -43.83
C GLU U 178 -18.98 55.25 -44.45
N TYR U 179 -18.05 55.95 -45.10
CA TYR U 179 -17.00 55.29 -45.88
C TYR U 179 -15.69 55.11 -45.13
N GLY U 180 -15.54 55.68 -43.93
CA GLY U 180 -14.32 55.58 -43.17
C GLY U 180 -13.51 56.87 -43.18
N HIS U 181 -12.51 56.88 -42.31
CA HIS U 181 -11.60 58.01 -42.17
C HIS U 181 -10.19 57.72 -42.64
N VAL U 182 -9.74 56.46 -42.55
CA VAL U 182 -8.41 56.06 -42.99
C VAL U 182 -8.53 54.77 -43.78
N PHE U 183 -7.49 54.48 -44.56
CA PHE U 183 -7.41 53.27 -45.36
C PHE U 183 -6.11 52.56 -45.05
N ARG U 184 -6.18 51.27 -44.78
CA ARG U 184 -5.00 50.48 -44.42
C ARG U 184 -4.20 50.18 -45.68
N THR U 185 -2.99 50.73 -45.78
CA THR U 185 -2.14 50.55 -46.94
C THR U 185 -1.17 49.38 -46.81
N LYS U 186 -0.80 49.00 -45.59
CA LYS U 186 0.08 47.85 -45.37
C LYS U 186 -0.48 47.04 -44.22
N VAL U 187 -0.78 45.77 -44.47
CA VAL U 187 -1.40 44.90 -43.49
C VAL U 187 -0.69 43.56 -43.47
N HIS U 188 -0.43 43.04 -42.28
CA HIS U 188 0.19 41.74 -42.12
C HIS U 188 -0.89 40.68 -42.00
N ILE U 189 -0.63 39.50 -42.56
CA ILE U 189 -1.59 38.41 -42.57
C ILE U 189 -1.06 37.29 -41.68
N GLY U 190 -1.98 36.50 -41.14
CA GLY U 190 -1.61 35.38 -40.29
C GLY U 190 -2.49 35.24 -39.06
N GLY U 191 -1.90 34.83 -37.94
CA GLY U 191 -2.63 34.71 -36.70
C GLY U 191 -1.92 35.46 -35.59
N VAL U 192 -2.69 35.84 -34.57
CA VAL U 192 -2.13 36.64 -33.49
C VAL U 192 -2.93 36.42 -32.21
N LEU U 193 -2.20 36.24 -31.11
CA LEU U 193 -2.77 36.27 -29.77
C LEU U 193 -2.27 37.53 -29.08
N SER U 194 -3.19 38.43 -28.74
CA SER U 194 -2.82 39.74 -28.22
C SER U 194 -3.24 39.88 -26.77
N ALA U 195 -2.37 40.51 -25.98
CA ALA U 195 -2.66 40.84 -24.59
C ALA U 195 -2.35 42.32 -24.37
N HIS U 196 -3.34 43.06 -23.87
CA HIS U 196 -3.21 44.50 -23.73
C HIS U 196 -3.46 44.91 -22.28
N THR U 197 -2.77 45.97 -21.86
CA THR U 197 -2.91 46.47 -20.50
C THR U 197 -2.54 47.95 -20.48
N MET U 198 -2.79 48.58 -19.34
CA MET U 198 -2.47 49.98 -19.15
C MET U 198 -1.87 50.18 -17.76
N GLU U 199 -0.94 51.12 -17.65
CA GLU U 199 -0.25 51.35 -16.39
C GLU U 199 -0.04 52.84 -16.17
N THR U 200 -0.29 53.29 -14.95
CA THR U 200 -0.04 54.65 -14.51
C THR U 200 1.04 54.65 -13.45
N PHE U 201 1.96 55.61 -13.53
CA PHE U 201 3.09 55.64 -12.61
C PHE U 201 3.60 57.07 -12.49
N SER U 202 4.19 57.37 -11.34
CA SER U 202 4.72 58.71 -11.13
C SER U 202 5.85 59.00 -12.12
N ARG U 203 5.90 60.25 -12.59
CA ARG U 203 6.94 60.64 -13.53
C ARG U 203 8.33 60.55 -12.93
N SER U 204 8.44 60.59 -11.60
CA SER U 204 9.75 60.48 -10.96
C SER U 204 10.35 59.09 -11.15
N GLU U 205 9.51 58.07 -11.23
CA GLU U 205 10.01 56.70 -11.37
C GLU U 205 10.74 56.52 -12.69
N ASN U 206 11.69 55.59 -12.70
CA ASN U 206 12.44 55.30 -13.92
C ASN U 206 11.52 54.71 -14.98
N GLU U 207 11.33 55.47 -16.06
CA GLU U 207 10.43 55.02 -17.11
C GLU U 207 10.95 53.78 -17.81
N THR U 208 12.27 53.65 -17.94
CA THR U 208 12.87 52.51 -18.61
C THR U 208 13.02 51.32 -17.69
N GLU U 209 12.50 51.41 -16.47
CA GLU U 209 12.30 50.27 -15.62
C GLU U 209 10.84 49.89 -15.50
N VAL U 210 9.94 50.88 -15.46
CA VAL U 210 8.52 50.58 -15.51
C VAL U 210 8.16 49.88 -16.83
N LYS U 211 8.70 50.40 -17.94
CA LYS U 211 8.39 49.81 -19.23
C LYS U 211 8.92 48.37 -19.32
N GLN U 212 10.15 48.16 -18.87
CA GLN U 212 10.72 46.82 -18.93
C GLN U 212 9.95 45.84 -18.06
N ASP U 213 9.57 46.25 -16.85
CA ASP U 213 8.82 45.35 -15.97
C ASP U 213 7.46 45.01 -16.58
N VAL U 214 6.75 46.02 -17.10
CA VAL U 214 5.45 45.76 -17.70
C VAL U 214 5.59 44.86 -18.91
N LYS U 215 6.59 45.11 -19.74
CA LYS U 215 6.80 44.29 -20.92
C LYS U 215 7.08 42.84 -20.54
N ALA U 216 7.93 42.62 -19.54
CA ALA U 216 8.23 41.25 -19.13
C ALA U 216 6.97 40.55 -18.64
N GLY U 217 6.18 41.23 -17.80
CA GLY U 217 4.97 40.62 -17.30
C GLY U 217 3.99 40.27 -18.40
N LEU U 218 3.75 41.20 -19.31
CA LEU U 218 2.79 40.97 -20.39
C LEU U 218 3.29 39.89 -21.35
N GLU U 219 4.59 39.87 -21.63
CA GLU U 219 5.13 38.83 -22.49
C GLU U 219 4.98 37.46 -21.86
N GLY U 220 5.25 37.35 -20.55
CA GLY U 220 4.99 36.09 -19.87
C GLY U 220 3.53 35.69 -19.94
N ALA U 221 2.63 36.66 -19.84
CA ALA U 221 1.20 36.36 -19.89
C ALA U 221 0.80 35.83 -21.25
N VAL U 222 1.25 36.48 -22.32
CA VAL U 222 0.91 36.03 -23.67
C VAL U 222 1.59 34.72 -24.02
N LYS U 223 2.67 34.32 -23.39
CA LYS U 223 3.26 33.02 -23.72
C LYS U 223 2.46 31.86 -23.16
N GLY U 224 1.88 32.00 -22.00
CA GLY U 224 1.06 30.96 -21.44
C GLY U 224 -0.17 30.67 -22.25
N TRP U 225 -0.94 31.69 -22.58
CA TRP U 225 -2.09 31.52 -23.41
C TRP U 225 -1.70 31.62 -24.85
N GLN U 237 -6.04 33.98 -17.10
CA GLN U 237 -5.67 34.84 -15.99
C GLN U 237 -5.82 36.31 -16.39
N GLY U 238 -6.87 36.95 -15.90
CA GLY U 238 -7.14 38.33 -16.27
C GLY U 238 -6.31 39.36 -15.55
N THR U 239 -5.57 38.96 -14.51
CA THR U 239 -4.76 39.89 -13.73
C THR U 239 -3.37 39.31 -13.55
N ILE U 240 -2.36 40.18 -13.64
CA ILE U 240 -0.96 39.78 -13.65
C ILE U 240 -0.21 40.57 -12.60
N THR U 241 0.78 39.93 -11.97
CA THR U 241 1.68 40.57 -11.02
C THR U 241 3.08 40.58 -11.61
N THR U 242 3.66 41.77 -11.73
CA THR U 242 4.98 41.91 -12.33
C THR U 242 6.08 41.74 -11.28
N SER U 243 7.33 41.89 -11.73
CA SER U 243 8.46 41.77 -10.82
C SER U 243 8.44 42.86 -9.75
N GLN U 244 8.08 44.08 -10.15
CA GLN U 244 7.97 45.20 -9.22
C GLN U 244 6.69 45.16 -8.39
N ASN U 245 5.99 44.02 -8.36
CA ASN U 245 4.75 43.86 -7.63
C ASN U 245 3.65 44.77 -8.18
N ARG U 246 3.75 45.15 -9.45
CA ARG U 246 2.71 45.93 -10.09
C ARG U 246 1.56 45.02 -10.50
N LYS U 247 0.33 45.46 -10.25
CA LYS U 247 -0.87 44.71 -10.56
C LYS U 247 -1.46 45.25 -11.86
N LEU U 248 -1.57 44.39 -12.87
CA LEU U 248 -2.03 44.78 -14.19
C LEU U 248 -3.27 44.00 -14.59
N ASN U 249 -4.24 44.69 -15.18
CA ASN U 249 -5.41 44.03 -15.77
C ASN U 249 -5.16 43.83 -17.26
N VAL U 250 -5.32 42.60 -17.72
CA VAL U 250 -4.94 42.23 -19.09
C VAL U 250 -6.19 41.82 -19.85
N LYS U 251 -6.34 42.37 -21.05
CA LYS U 251 -7.41 42.00 -21.98
C LYS U 251 -6.80 41.14 -23.08
N TYR U 252 -7.41 39.98 -23.31
CA TYR U 252 -6.90 39.00 -24.27
C TYR U 252 -7.78 38.98 -25.51
N ILE U 253 -7.13 38.90 -26.67
CA ILE U 253 -7.80 38.82 -27.96
C ILE U 253 -7.19 37.67 -28.74
N VAL U 254 -8.05 36.81 -29.29
CA VAL U 254 -7.63 35.63 -30.04
C VAL U 254 -7.98 35.84 -31.50
N ASN U 255 -6.97 35.75 -32.37
CA ASN U 255 -7.14 35.84 -33.81
C ASN U 255 -6.30 34.74 -34.47
N VAL U 256 -6.47 33.51 -34.01
CA VAL U 256 -5.73 32.37 -34.53
C VAL U 256 -6.61 31.14 -34.45
N VAL U 257 -6.58 30.32 -35.50
CA VAL U 257 -7.37 29.09 -35.54
C VAL U 257 -6.52 27.96 -36.12
N GLN U 274 -4.09 26.36 -42.58
CA GLN U 274 -5.08 26.48 -43.65
C GLN U 274 -5.29 27.94 -44.01
N SER U 275 -5.27 28.23 -45.32
CA SER U 275 -5.29 29.61 -45.79
C SER U 275 -6.63 30.30 -45.61
N GLU U 276 -7.72 29.54 -45.41
CA GLU U 276 -9.02 30.18 -45.30
C GLU U 276 -9.20 30.91 -43.98
N HIS U 277 -8.37 30.61 -42.97
CA HIS U 277 -8.50 31.21 -41.65
C HIS U 277 -7.49 32.32 -41.39
N TRP U 278 -6.74 32.74 -42.41
CA TRP U 278 -5.79 33.82 -42.23
C TRP U 278 -6.52 35.15 -42.11
N ARG U 279 -6.08 35.98 -41.17
CA ARG U 279 -6.71 37.27 -40.91
C ARG U 279 -5.63 38.32 -40.71
N VAL U 280 -6.05 39.59 -40.77
CA VAL U 280 -5.12 40.69 -40.56
C VAL U 280 -4.70 40.71 -39.10
N ILE U 281 -3.38 40.74 -38.86
CA ILE U 281 -2.83 40.69 -37.52
C ILE U 281 -2.12 41.97 -37.12
N GLU U 282 -1.88 42.88 -38.05
CA GLU U 282 -1.17 44.12 -37.73
C GLU U 282 -1.31 45.08 -38.90
N VAL U 283 -1.38 46.37 -38.58
CA VAL U 283 -1.48 47.43 -39.58
C VAL U 283 -0.20 48.25 -39.48
N THR U 284 0.59 48.24 -40.54
CA THR U 284 1.87 48.93 -40.54
C THR U 284 1.78 50.35 -41.09
N GLU U 285 0.76 50.65 -41.87
CA GLU U 285 0.62 51.98 -42.46
C GLU U 285 -0.83 52.23 -42.79
N VAL U 286 -1.30 53.45 -42.52
CA VAL U 286 -2.62 53.90 -42.90
C VAL U 286 -2.50 55.29 -43.51
N THR U 287 -3.39 55.60 -44.45
CA THR U 287 -3.43 56.89 -45.11
C THR U 287 -4.83 57.47 -45.00
N ALA U 288 -4.91 58.74 -44.63
CA ALA U 288 -6.21 59.38 -44.50
C ALA U 288 -6.97 59.29 -45.81
N VAL U 289 -8.28 59.00 -45.71
CA VAL U 289 -9.10 58.82 -46.91
C VAL U 289 -9.10 60.10 -47.73
N ALA U 290 -9.11 61.25 -47.07
CA ALA U 290 -9.06 62.51 -47.79
C ALA U 290 -7.81 62.60 -48.67
N ASP U 291 -6.68 62.08 -48.18
CA ASP U 291 -5.44 62.16 -48.95
C ASP U 291 -5.50 61.39 -50.25
N LEU U 292 -6.44 60.46 -50.40
CA LEU U 292 -6.54 59.66 -51.62
C LEU U 292 -7.18 60.40 -52.79
N LEU U 293 -7.80 61.54 -52.53
CA LEU U 293 -8.49 62.28 -53.58
C LEU U 293 -7.50 63.07 -54.43
N PRO U 294 -7.89 63.45 -55.65
CA PRO U 294 -7.03 64.32 -56.46
C PRO U 294 -6.81 65.66 -55.77
N GLN U 295 -5.65 66.25 -56.01
CA GLN U 295 -5.22 67.41 -55.23
C GLN U 295 -6.23 68.54 -55.19
N PRO U 296 -6.84 68.98 -56.30
CA PRO U 296 -7.78 70.11 -56.20
C PRO U 296 -8.95 69.84 -55.29
N ILE U 297 -9.47 68.61 -55.27
CA ILE U 297 -10.57 68.28 -54.38
C ILE U 297 -10.06 68.01 -52.97
N ARG U 298 -8.87 67.45 -52.85
CA ARG U 298 -8.29 67.18 -51.53
C ARG U 298 -8.10 68.45 -50.75
N GLY U 299 -7.61 69.51 -51.40
CA GLY U 299 -7.45 70.78 -50.71
C GLY U 299 -8.75 71.30 -50.16
N GLN U 300 -9.80 71.29 -50.99
CA GLN U 300 -11.11 71.77 -50.55
C GLN U 300 -11.65 70.94 -49.40
N VAL U 301 -11.51 69.61 -49.49
CA VAL U 301 -12.05 68.74 -48.44
C VAL U 301 -11.30 68.99 -47.13
N LYS U 302 -9.97 69.10 -47.20
CA LYS U 302 -9.19 69.35 -45.99
C LYS U 302 -9.56 70.68 -45.37
N ASP U 303 -9.74 71.71 -46.19
CA ASP U 303 -10.14 73.01 -45.65
C ASP U 303 -11.53 72.94 -45.03
N LEU U 304 -12.47 72.24 -45.68
CA LEU U 304 -13.83 72.16 -45.17
C LEU U 304 -13.93 71.33 -43.90
N LEU U 305 -12.99 70.43 -43.66
CA LEU U 305 -13.04 69.59 -42.47
C LEU U 305 -12.47 70.29 -41.23
N LYS U 306 -12.00 71.52 -41.35
CA LYS U 306 -11.47 72.23 -40.18
C LYS U 306 -12.63 72.66 -39.27
N PRO U 307 -12.64 72.25 -38.01
CA PRO U 307 -13.81 72.56 -37.15
C PRO U 307 -14.05 74.03 -36.91
N LEU U 308 -13.01 74.87 -36.86
CA LEU U 308 -13.14 76.24 -36.40
C LEU U 308 -12.75 77.22 -37.50
N LEU U 309 -13.50 78.32 -37.59
CA LEU U 309 -13.15 79.46 -38.41
C LEU U 309 -12.51 80.52 -37.52
N GLY U 310 -11.34 81.01 -37.92
CA GLY U 310 -10.58 81.94 -37.10
C GLY U 310 -10.61 83.37 -37.60
N LYS U 311 -10.34 84.30 -36.69
CA LYS U 311 -10.31 85.72 -37.02
C LYS U 311 -9.40 86.43 -36.04
N TRP U 312 -8.77 87.50 -36.51
CA TRP U 312 -7.91 88.34 -35.69
C TRP U 312 -8.62 89.66 -35.42
N VAL U 313 -8.65 90.08 -34.16
CA VAL U 313 -9.33 91.30 -33.76
C VAL U 313 -8.42 92.10 -32.84
N ASP U 314 -8.76 93.38 -32.67
CA ASP U 314 -7.99 94.25 -31.79
C ASP U 314 -8.20 93.87 -30.33
N VAL U 315 -7.32 94.38 -29.47
CA VAL U 315 -7.31 94.04 -28.06
C VAL U 315 -7.33 95.33 -27.24
N GLU U 316 -7.73 95.18 -25.97
CA GLU U 316 -7.82 96.28 -25.04
C GLU U 316 -7.23 95.85 -23.70
N LYS U 317 -6.59 96.79 -23.01
CA LYS U 317 -5.99 96.49 -21.72
C LYS U 317 -7.06 96.37 -20.64
N VAL U 318 -6.99 95.30 -19.87
CA VAL U 318 -7.97 95.08 -18.79
C VAL U 318 -7.74 96.12 -17.70
N PRO U 319 -8.77 96.83 -17.25
CA PRO U 319 -8.57 97.80 -16.16
C PRO U 319 -8.17 97.10 -14.87
N GLY U 320 -7.40 97.81 -14.06
CA GLY U 320 -6.92 97.24 -12.81
C GLY U 320 -5.81 96.24 -13.05
N LEU U 321 -5.60 95.39 -12.04
CA LEU U 321 -4.57 94.36 -12.10
C LEU U 321 -3.18 94.97 -12.28
N GLU U 322 -2.97 96.15 -11.66
CA GLU U 322 -1.67 96.80 -11.76
C GLU U 322 -0.60 96.09 -10.96
N SER U 323 -0.99 95.23 -10.02
CA SER U 323 0.00 94.51 -9.23
C SER U 323 0.76 93.48 -10.06
N LEU U 324 0.11 92.92 -11.07
CA LEU U 324 0.70 91.82 -11.82
C LEU U 324 1.86 92.32 -12.70
N PRO U 325 2.91 91.51 -12.85
CA PRO U 325 4.10 91.98 -13.59
C PRO U 325 3.83 92.34 -15.05
N VAL U 326 2.80 91.76 -15.67
CA VAL U 326 2.54 91.97 -17.09
C VAL U 326 1.09 92.40 -17.27
N SER U 327 0.84 93.08 -18.38
CA SER U 327 -0.50 93.54 -18.69
C SER U 327 -1.35 92.39 -19.22
N VAL U 328 -2.66 92.49 -18.98
CA VAL U 328 -3.63 91.51 -19.44
C VAL U 328 -4.49 92.16 -20.50
N TYR U 329 -4.71 91.45 -21.61
CA TYR U 329 -5.47 91.97 -22.74
C TYR U 329 -6.63 91.04 -23.06
N ARG U 330 -7.75 91.63 -23.43
CA ARG U 330 -8.96 90.92 -23.83
C ARG U 330 -9.48 91.53 -25.13
N PRO U 331 -10.25 90.78 -25.91
CA PRO U 331 -10.78 91.33 -27.16
C PRO U 331 -11.51 92.64 -26.92
N LYS U 332 -11.22 93.63 -27.76
CA LYS U 332 -11.83 94.94 -27.61
C LYS U 332 -13.21 94.98 -28.26
N GLY U 333 -14.09 95.78 -27.66
CA GLY U 333 -15.42 95.93 -28.19
C GLY U 333 -16.28 94.69 -27.98
N ALA U 334 -17.42 94.69 -28.66
CA ALA U 334 -18.36 93.58 -28.57
C ALA U 334 -17.96 92.48 -29.54
N ILE U 335 -17.97 91.24 -29.06
CA ILE U 335 -17.65 90.11 -29.93
C ILE U 335 -18.72 89.97 -31.01
N PRO U 336 -18.36 89.76 -32.27
CA PRO U 336 -19.39 89.56 -33.29
C PRO U 336 -20.29 88.39 -32.94
N ALA U 337 -21.57 88.51 -33.29
CA ALA U 337 -22.54 87.48 -32.98
C ALA U 337 -22.11 86.14 -33.56
N GLY U 338 -22.16 85.09 -32.75
CA GLY U 338 -21.79 83.76 -33.16
C GLY U 338 -20.33 83.42 -32.98
N TRP U 339 -19.50 84.38 -32.62
CA TRP U 339 -18.07 84.16 -32.41
C TRP U 339 -17.75 84.13 -30.92
N PHE U 340 -16.62 83.51 -30.59
CA PHE U 340 -16.20 83.33 -29.21
C PHE U 340 -14.70 83.55 -29.11
N TRP U 341 -14.24 83.87 -27.91
CA TRP U 341 -12.82 84.01 -27.63
C TRP U 341 -12.38 82.95 -26.63
N LEU U 342 -11.06 82.78 -26.51
CA LEU U 342 -10.50 81.64 -25.79
C LEU U 342 -9.92 81.97 -24.43
N GLY U 343 -9.65 83.24 -24.14
CA GLY U 343 -9.17 83.61 -22.82
C GLY U 343 -8.29 84.84 -22.90
N ASP U 344 -7.83 85.26 -21.73
CA ASP U 344 -6.96 86.43 -21.62
C ASP U 344 -5.56 86.09 -22.12
N THR U 345 -4.93 87.07 -22.75
CA THR U 345 -3.60 86.88 -23.32
C THR U 345 -2.72 88.09 -22.99
N ALA U 346 -1.42 87.85 -22.96
CA ALA U 346 -0.44 88.90 -22.72
C ALA U 346 -0.03 89.62 -24.00
N ASP U 347 -0.50 89.16 -25.16
CA ASP U 347 -0.16 89.82 -26.42
C ASP U 347 -0.91 91.15 -26.51
N ALA U 348 -0.16 92.20 -26.84
CA ALA U 348 -0.71 93.55 -26.92
C ALA U 348 -1.16 93.93 -28.32
N SER U 349 -1.09 93.01 -29.28
CA SER U 349 -1.37 93.32 -30.69
C SER U 349 -2.76 92.86 -31.12
N LYS U 350 -3.09 91.60 -30.92
CA LYS U 350 -4.33 91.05 -31.47
C LYS U 350 -4.80 89.88 -30.63
N ALA U 351 -6.07 89.51 -30.83
CA ALA U 351 -6.68 88.38 -30.17
C ALA U 351 -7.39 87.52 -31.21
N LEU U 352 -7.46 86.22 -30.93
CA LEU U 352 -8.01 85.23 -31.84
C LEU U 352 -9.44 84.90 -31.45
N LEU U 353 -10.37 85.13 -32.37
CA LEU U 353 -11.75 84.68 -32.23
C LEU U 353 -11.97 83.44 -33.10
N VAL U 354 -12.80 82.53 -32.60
CA VAL U 354 -13.09 81.28 -33.28
C VAL U 354 -14.59 81.10 -33.37
N LYS U 355 -15.03 80.38 -34.41
CA LYS U 355 -16.44 80.11 -34.62
C LYS U 355 -16.61 78.66 -35.04
N PRO U 356 -17.53 77.91 -34.43
CA PRO U 356 -17.75 76.53 -34.87
C PRO U 356 -18.25 76.47 -36.30
N THR U 357 -17.87 75.39 -36.99
CA THR U 357 -18.29 75.18 -38.37
C THR U 357 -19.48 74.23 -38.48
N LEU U 358 -19.61 73.26 -37.57
CA LEU U 358 -20.68 72.29 -37.62
C LEU U 358 -21.71 72.60 -36.53
N PRO U 359 -23.01 72.64 -36.86
CA PRO U 359 -24.01 72.86 -35.80
C PRO U 359 -23.98 71.74 -34.77
N ALA U 360 -24.31 72.11 -33.53
CA ALA U 360 -24.37 71.13 -32.46
C ALA U 360 -25.44 70.07 -32.76
N ARG U 361 -25.07 68.81 -32.61
CA ARG U 361 -25.98 67.70 -32.87
C ARG U 361 -25.72 66.60 -31.86
N SER U 362 -26.77 65.84 -31.56
CA SER U 362 -26.65 64.74 -30.62
C SER U 362 -25.69 63.69 -31.14
N GLY U 363 -24.89 63.14 -30.23
CA GLY U 363 -23.92 62.12 -30.59
C GLY U 363 -22.65 62.64 -31.23
N ARG U 364 -22.49 63.95 -31.34
CA ARG U 364 -21.32 64.57 -31.94
C ARG U 364 -20.68 65.51 -30.92
N ASN U 365 -19.38 65.38 -30.74
CA ASN U 365 -18.67 66.23 -29.79
C ASN U 365 -18.61 67.66 -30.30
N PRO U 366 -19.13 68.64 -29.58
CA PRO U 366 -18.96 70.04 -30.02
C PRO U 366 -17.50 70.44 -30.01
N ALA U 367 -17.14 71.35 -30.92
CA ALA U 367 -15.77 71.85 -30.95
C ALA U 367 -15.47 72.72 -29.73
N LEU U 368 -16.48 73.40 -29.20
CA LEU U 368 -16.32 74.31 -28.07
C LEU U 368 -17.34 73.98 -26.99
N THR U 369 -17.03 74.38 -25.76
CA THR U 369 -17.90 74.14 -24.61
C THR U 369 -18.10 75.43 -23.84
N SER U 370 -19.29 75.59 -23.28
CA SER U 370 -19.56 76.68 -22.37
C SER U 370 -18.87 76.44 -21.03
N LEU U 371 -18.68 77.51 -20.27
CA LEU U 371 -18.05 77.45 -18.96
C LEU U 371 -19.03 77.93 -17.90
N HIS U 372 -18.92 77.35 -16.71
CA HIS U 372 -19.83 77.63 -15.61
C HIS U 372 -19.04 78.07 -14.38
N GLN U 373 -19.67 78.90 -13.55
CA GLN U 373 -19.01 79.41 -12.36
C GLN U 373 -18.68 78.28 -11.40
N GLY U 374 -17.56 78.43 -10.69
CA GLY U 374 -17.12 77.39 -9.79
C GLY U 374 -18.07 77.19 -8.63
N SER U 375 -17.91 76.06 -7.96
CA SER U 375 -18.82 75.69 -6.88
C SER U 375 -18.70 76.65 -5.70
N GLY U 376 -17.48 76.92 -5.25
CA GLY U 376 -17.28 77.80 -4.12
C GLY U 376 -15.84 78.23 -3.90
N MET U 377 -15.67 79.41 -3.28
CA MET U 377 -14.34 79.93 -2.96
C MET U 377 -13.45 80.00 -4.19
N THR U 378 -14.04 80.40 -5.31
CA THR U 378 -13.27 80.58 -6.53
C THR U 378 -14.12 81.31 -7.56
N GLU U 379 -13.51 82.26 -8.25
CA GLU U 379 -14.15 82.98 -9.35
C GLU U 379 -13.76 82.42 -10.71
N GLN U 380 -12.99 81.35 -10.75
CA GLN U 380 -12.54 80.79 -12.01
C GLN U 380 -13.63 79.96 -12.65
N PRO U 381 -13.62 79.82 -13.98
CA PRO U 381 -14.63 79.00 -14.66
C PRO U 381 -14.22 77.52 -14.73
N PHE U 382 -15.22 76.69 -14.98
CA PHE U 382 -15.04 75.26 -15.14
C PHE U 382 -15.68 74.81 -16.46
N VAL U 383 -15.04 73.86 -17.13
CA VAL U 383 -15.55 73.38 -18.41
C VAL U 383 -16.84 72.60 -18.19
N ASP U 384 -17.86 72.91 -18.99
CA ASP U 384 -19.13 72.21 -18.86
C ASP U 384 -19.00 70.73 -19.22
N LEU U 385 -18.23 70.43 -20.27
CA LEU U 385 -18.13 69.06 -20.74
C LEU U 385 -16.89 68.38 -20.15
N PRO U 386 -16.92 67.04 -20.05
CA PRO U 386 -15.94 66.34 -19.22
C PRO U 386 -14.47 66.71 -19.45
N GLN U 387 -13.97 66.51 -20.68
CA GLN U 387 -12.53 66.51 -20.93
C GLN U 387 -12.10 67.67 -21.82
N TYR U 388 -12.82 68.77 -21.81
CA TYR U 388 -12.40 69.95 -22.57
C TYR U 388 -11.50 70.82 -21.70
N GLN U 389 -10.81 71.76 -22.36
CA GLN U 389 -9.85 72.62 -21.68
C GLN U 389 -9.87 74.01 -22.28
N TYR U 390 -9.68 75.01 -21.42
CA TYR U 390 -9.46 76.39 -21.84
C TYR U 390 -8.00 76.75 -21.61
N LEU U 391 -7.57 77.82 -22.27
CA LEU U 391 -6.15 78.13 -22.36
C LEU U 391 -5.66 79.12 -21.31
N SER U 392 -6.53 79.99 -20.79
CA SER U 392 -6.12 81.03 -19.86
C SER U 392 -7.05 81.07 -18.67
N THR U 393 -6.48 81.40 -17.51
CA THR U 393 -7.27 81.66 -16.32
C THR U 393 -7.96 83.01 -16.44
N TYR U 394 -9.14 83.11 -15.83
CA TYR U 394 -9.92 84.34 -15.91
C TYR U 394 -9.39 85.33 -14.88
N PHE U 395 -9.04 86.53 -15.34
CA PHE U 395 -8.54 87.60 -14.49
C PHE U 395 -9.71 88.51 -14.15
N GLY U 396 -10.47 88.13 -13.14
CA GLY U 396 -11.65 88.87 -12.73
C GLY U 396 -12.68 87.91 -12.17
N SER U 397 -13.94 88.32 -12.26
CA SER U 397 -15.08 87.52 -11.82
C SER U 397 -15.81 87.00 -13.05
N PHE U 398 -15.93 85.68 -13.17
CA PHE U 398 -16.53 85.06 -14.33
C PHE U 398 -18.04 84.92 -14.10
N ALA U 399 -18.83 85.48 -15.01
CA ALA U 399 -20.28 85.34 -15.00
C ALA U 399 -20.72 84.93 -16.40
N HIS U 400 -21.13 83.68 -16.55
CA HIS U 400 -21.46 83.14 -17.87
C HIS U 400 -22.70 83.78 -18.47
N ASP U 401 -23.48 84.52 -17.69
CA ASP U 401 -24.71 85.13 -18.18
C ASP U 401 -24.51 86.52 -18.77
N THR U 402 -23.32 87.09 -18.65
CA THR U 402 -23.05 88.43 -19.15
C THR U 402 -21.72 88.45 -19.88
N PRO U 403 -21.55 89.36 -20.83
CA PRO U 403 -20.28 89.44 -21.56
C PRO U 403 -19.19 90.08 -20.70
N PRO U 404 -17.92 89.79 -20.98
CA PRO U 404 -17.40 88.91 -22.04
C PRO U 404 -17.35 87.45 -21.58
N GLY U 405 -17.87 87.15 -20.39
CA GLY U 405 -17.85 85.78 -19.92
C GLY U 405 -18.74 84.86 -20.75
N SER U 406 -19.87 85.38 -21.22
CA SER U 406 -20.79 84.55 -21.99
C SER U 406 -20.21 84.10 -23.33
N THR U 407 -19.13 84.73 -23.78
CA THR U 407 -18.49 84.37 -25.04
C THR U 407 -17.18 83.62 -24.84
N LEU U 408 -16.85 83.22 -23.62
CA LEU U 408 -15.64 82.44 -23.36
C LEU U 408 -15.94 80.96 -23.48
N ARG U 409 -15.05 80.23 -24.15
CA ARG U 409 -15.29 78.83 -24.48
C ARG U 409 -14.03 78.01 -24.26
N GLY U 410 -14.23 76.71 -24.07
CA GLY U 410 -13.16 75.74 -24.05
C GLY U 410 -12.98 75.09 -25.41
N LEU U 411 -12.11 74.07 -25.43
CA LEU U 411 -11.76 73.39 -26.66
C LEU U 411 -11.84 71.88 -26.46
N ARG U 412 -12.20 71.18 -27.54
CA ARG U 412 -12.16 69.74 -27.53
C ARG U 412 -10.72 69.27 -27.29
N PRO U 413 -10.53 68.11 -26.64
CA PRO U 413 -9.16 67.70 -26.32
C PRO U 413 -8.25 67.52 -27.53
N ASP U 414 -8.80 67.25 -28.71
CA ASP U 414 -7.96 67.10 -29.91
C ASP U 414 -7.55 68.43 -30.51
N HIS U 415 -8.11 69.54 -30.03
CA HIS U 415 -7.76 70.87 -30.54
C HIS U 415 -6.48 71.42 -29.95
N VAL U 416 -5.94 70.82 -28.87
CA VAL U 416 -4.88 71.45 -28.11
C VAL U 416 -3.70 70.49 -27.96
N LEU U 417 -2.54 71.07 -27.72
CA LEU U 417 -1.29 70.37 -27.43
C LEU U 417 -0.62 71.01 -26.24
N PRO U 418 0.14 70.24 -25.46
CA PRO U 418 0.85 70.84 -24.31
C PRO U 418 1.84 71.91 -24.76
N GLY U 419 1.91 72.98 -23.97
CA GLY U 419 2.83 74.06 -24.21
C GLY U 419 3.93 74.12 -23.17
N ARG U 420 4.55 75.30 -23.07
CA ARG U 420 5.60 75.55 -22.09
C ARG U 420 5.34 76.89 -21.41
N TYR U 421 5.86 77.03 -20.20
CA TYR U 421 5.62 78.20 -19.37
C TYR U 421 6.83 79.13 -19.37
N GLU U 422 6.57 80.42 -19.49
CA GLU U 422 7.56 81.47 -19.28
C GLU U 422 7.11 82.28 -18.08
N MET U 423 7.94 82.33 -17.03
CA MET U 423 7.53 82.91 -15.76
C MET U 423 7.83 84.40 -15.72
N HIS U 424 6.90 85.16 -15.15
CA HIS U 424 7.06 86.59 -14.91
C HIS U 424 6.66 86.88 -13.47
N GLY U 425 7.27 87.91 -12.90
CA GLY U 425 7.00 88.30 -11.53
C GLY U 425 8.05 87.77 -10.56
N ASP U 426 8.15 88.45 -9.43
CA ASP U 426 9.16 88.14 -8.43
C ASP U 426 8.63 87.39 -7.22
N THR U 427 7.31 87.41 -6.98
CA THR U 427 6.71 86.78 -5.83
C THR U 427 5.59 85.85 -6.26
N ILE U 428 5.34 84.82 -5.44
CA ILE U 428 4.31 83.84 -5.77
C ILE U 428 2.95 84.52 -5.87
N SER U 429 2.67 85.47 -4.97
CA SER U 429 1.35 86.08 -4.91
C SER U 429 0.99 86.82 -6.19
N THR U 430 1.97 87.22 -7.00
CA THR U 430 1.71 88.00 -8.20
C THR U 430 2.29 87.39 -9.47
N ALA U 431 2.92 86.23 -9.39
CA ALA U 431 3.58 85.65 -10.55
C ALA U 431 2.56 85.10 -11.56
N VAL U 432 2.94 85.12 -12.83
CA VAL U 432 2.11 84.60 -13.92
C VAL U 432 2.98 83.79 -14.87
N TYR U 433 2.30 82.94 -15.64
CA TYR U 433 2.90 82.17 -16.70
C TYR U 433 2.34 82.62 -18.04
N VAL U 434 3.21 82.74 -19.03
CA VAL U 434 2.81 83.00 -20.41
C VAL U 434 3.06 81.71 -21.20
N THR U 435 2.01 81.20 -21.81
CA THR U 435 2.08 79.89 -22.48
C THR U 435 2.58 80.09 -23.91
N ARG U 436 3.75 79.55 -24.20
CA ARG U 436 4.34 79.61 -25.52
C ARG U 436 4.30 78.24 -26.18
N PRO U 437 4.09 78.17 -27.49
CA PRO U 437 4.11 76.86 -28.15
C PRO U 437 5.47 76.18 -28.06
N VAL U 438 5.45 74.86 -28.05
CA VAL U 438 6.67 74.07 -28.10
C VAL U 438 7.11 73.99 -29.55
N ASP U 439 8.27 74.56 -29.86
CA ASP U 439 8.75 74.57 -31.24
C ASP U 439 8.94 73.15 -31.74
N VAL U 440 8.46 72.89 -32.96
CA VAL U 440 8.60 71.58 -33.58
C VAL U 440 9.06 71.77 -35.02
N PRO U 441 9.78 70.81 -35.60
CA PRO U 441 10.26 70.99 -36.97
C PRO U 441 9.17 70.78 -38.01
N PHE U 442 8.17 69.98 -37.68
CA PHE U 442 7.11 69.63 -38.61
C PHE U 442 5.98 70.65 -38.51
N PRO U 443 5.60 71.32 -39.61
CA PRO U 443 4.50 72.29 -39.51
C PRO U 443 3.17 71.68 -39.08
N GLU U 444 3.00 70.37 -39.22
CA GLU U 444 1.72 69.75 -38.90
C GLU U 444 1.37 69.92 -37.43
N ASP U 445 2.37 70.05 -36.55
CA ASP U 445 2.14 70.13 -35.12
C ASP U 445 2.33 71.54 -34.57
N GLU U 446 2.41 72.55 -35.43
CA GLU U 446 2.55 73.92 -34.96
C GLU U 446 1.31 74.36 -34.20
N CYS U 447 1.51 75.21 -33.19
CA CYS U 447 0.43 75.72 -32.37
C CYS U 447 0.47 77.24 -32.34
N PHE U 448 -0.70 77.85 -32.20
CA PHE U 448 -0.79 79.30 -32.16
C PHE U 448 -0.02 79.84 -30.96
N ASP U 449 0.63 80.98 -31.16
CA ASP U 449 1.37 81.68 -30.09
C ASP U 449 0.47 82.79 -29.56
N LEU U 450 -0.54 82.40 -28.79
CA LEU U 450 -1.50 83.35 -28.23
C LEU U 450 -1.03 83.98 -26.93
N LYS U 451 0.05 83.48 -26.33
CA LYS U 451 0.59 84.03 -25.08
C LYS U 451 -0.47 84.01 -23.99
N SER U 452 -1.11 82.86 -23.81
CA SER U 452 -2.14 82.73 -22.79
C SER U 452 -1.56 82.96 -21.41
N LEU U 453 -2.32 83.65 -20.56
CA LEU U 453 -1.90 84.02 -19.22
C LEU U 453 -2.48 83.04 -18.20
N VAL U 454 -1.64 82.59 -17.27
CA VAL U 454 -2.04 81.68 -16.21
C VAL U 454 -1.53 82.24 -14.89
N ARG U 455 -2.44 82.52 -13.95
CA ARG U 455 -2.03 83.00 -12.65
C ARG U 455 -1.31 81.89 -11.89
N VAL U 456 -0.14 82.21 -11.33
CA VAL U 456 0.65 81.18 -10.66
C VAL U 456 -0.08 80.68 -9.41
N LYS U 457 -0.58 81.61 -8.59
CA LYS U 457 -1.31 81.27 -7.38
C LYS U 457 -2.69 81.90 -7.46
N LEU U 458 -3.71 81.07 -7.63
CA LEU U 458 -5.09 81.55 -7.65
C LEU U 458 -5.59 81.71 -6.22
N PRO U 459 -6.04 82.90 -5.81
CA PRO U 459 -6.57 83.04 -4.46
C PRO U 459 -7.72 82.07 -4.20
N GLY U 460 -8.03 81.88 -2.92
CA GLY U 460 -9.09 80.98 -2.54
C GLY U 460 -8.65 79.53 -2.60
N SER U 461 -9.64 78.64 -2.75
CA SER U 461 -9.39 77.21 -2.79
C SER U 461 -10.40 76.57 -3.73
N GLY U 462 -10.15 75.30 -4.05
CA GLY U 462 -11.02 74.58 -4.97
C GLY U 462 -10.99 75.15 -6.38
N ASN U 463 -9.84 75.64 -6.82
CA ASN U 463 -9.71 76.20 -8.14
C ASN U 463 -9.59 75.09 -9.19
N PRO U 464 -9.88 75.38 -10.45
CA PRO U 464 -9.73 74.38 -11.50
C PRO U 464 -8.27 74.09 -11.78
N PRO U 465 -7.95 72.95 -12.39
CA PRO U 465 -6.55 72.67 -12.72
C PRO U 465 -5.97 73.72 -13.67
N LYS U 466 -4.70 74.02 -13.47
CA LYS U 466 -4.06 75.07 -14.25
C LYS U 466 -3.94 74.64 -15.70
N PRO U 467 -4.35 75.47 -16.67
CA PRO U 467 -4.23 75.09 -18.07
C PRO U 467 -2.85 75.38 -18.62
N ARG U 468 -2.29 74.41 -19.34
CA ARG U 468 -0.97 74.55 -19.96
C ARG U 468 -1.05 74.10 -21.42
N SER U 469 -2.08 74.56 -22.12
CA SER U 469 -2.38 74.09 -23.46
C SER U 469 -2.27 75.23 -24.47
N ALA U 470 -2.00 74.87 -25.72
CA ALA U 470 -1.95 75.81 -26.83
C ALA U 470 -2.79 75.27 -27.98
N LEU U 471 -3.43 76.16 -28.72
CA LEU U 471 -4.32 75.75 -29.79
C LEU U 471 -3.53 75.30 -31.01
N LYS U 472 -4.02 74.26 -31.68
CA LYS U 472 -3.38 73.77 -32.89
C LYS U 472 -3.68 74.67 -34.07
N LYS U 473 -2.68 74.89 -34.91
CA LYS U 473 -2.87 75.73 -36.10
C LYS U 473 -3.73 75.04 -37.15
N SER U 474 -3.62 73.72 -37.27
CA SER U 474 -4.34 72.99 -38.30
C SER U 474 -5.84 72.93 -38.04
N MET U 475 -6.30 73.35 -36.87
CA MET U 475 -7.70 73.26 -36.50
C MET U 475 -8.49 74.52 -36.84
N VAL U 476 -7.86 75.52 -37.45
CA VAL U 476 -8.49 76.82 -37.69
C VAL U 476 -8.33 77.17 -39.17
N LEU U 477 -9.41 77.70 -39.76
CA LEU U 477 -9.45 78.12 -41.16
C LEU U 477 -9.57 79.63 -41.24
N PHE U 478 -8.65 80.26 -41.95
CA PHE U 478 -8.58 81.71 -42.03
C PHE U 478 -8.97 82.21 -43.43
N ASP U 479 -9.35 83.48 -43.49
CA ASP U 479 -9.62 84.20 -44.73
C ASP U 479 -10.78 83.63 -45.52
N SER U 480 -11.54 82.69 -44.95
CA SER U 480 -12.69 82.15 -45.64
C SER U 480 -13.81 83.20 -45.69
N GLY U 481 -14.58 83.15 -46.77
CA GLY U 481 -15.70 84.05 -46.94
C GLY U 481 -16.91 83.70 -46.12
N GLU U 482 -16.86 82.61 -45.36
CA GLU U 482 -17.96 82.18 -44.51
C GLU U 482 -18.43 83.30 -43.60
N ALA V 2 38.17 86.52 18.32
CA ALA V 2 39.29 85.59 18.15
C ALA V 2 39.37 85.14 16.70
N TYR V 3 40.53 84.58 16.33
CA TYR V 3 40.70 84.06 14.97
C TYR V 3 39.86 82.81 14.72
N ALA V 4 39.50 82.07 15.76
CA ALA V 4 38.69 80.88 15.57
C ALA V 4 37.35 81.20 14.92
N GLN V 5 36.90 82.45 15.02
CA GLN V 5 35.71 82.92 14.31
C GLN V 5 36.19 83.53 12.99
N TRP V 6 35.88 82.84 11.89
CA TRP V 6 36.36 83.25 10.58
C TRP V 6 35.34 82.81 9.53
N VAL V 7 35.45 83.43 8.36
CA VAL V 7 34.60 83.08 7.22
C VAL V 7 35.34 83.44 5.95
N ILE V 8 35.20 82.58 4.94
CA ILE V 8 35.70 82.84 3.61
C ILE V 8 34.49 82.86 2.68
N ILE V 9 34.35 83.93 1.90
CA ILE V 9 33.26 84.08 0.95
C ILE V 9 33.87 84.14 -0.44
N ILE V 10 33.63 83.11 -1.23
CA ILE V 10 34.12 83.06 -2.61
C ILE V 10 32.94 83.39 -3.51
N ILE V 11 33.09 84.45 -4.30
CA ILE V 11 32.13 84.81 -5.32
C ILE V 11 32.63 84.27 -6.65
N HIS V 12 31.90 83.32 -7.22
CA HIS V 12 32.28 82.65 -8.46
C HIS V 12 31.22 82.97 -9.51
N ASN V 13 31.62 83.70 -10.54
CA ASN V 13 30.72 84.04 -11.63
C ASN V 13 30.73 82.88 -12.62
N VAL V 14 29.66 82.10 -12.63
CA VAL V 14 29.51 80.98 -13.56
C VAL V 14 28.72 81.37 -14.80
N GLY V 15 28.41 82.66 -14.96
CA GLY V 15 27.67 83.17 -16.10
C GLY V 15 28.57 83.85 -17.10
N SER V 16 28.02 84.86 -17.78
CA SER V 16 28.75 85.61 -18.80
C SER V 16 28.50 87.10 -18.70
N GLN V 17 28.09 87.60 -17.52
CA GLN V 17 27.81 89.02 -17.34
C GLN V 17 28.45 89.50 -16.04
N ASP V 18 28.92 90.74 -16.07
CA ASP V 18 29.67 91.27 -14.95
C ASP V 18 28.78 91.47 -13.73
N VAL V 19 29.36 91.27 -12.55
CA VAL V 19 28.69 91.49 -11.27
C VAL V 19 29.62 92.25 -10.36
N LYS V 20 29.09 93.27 -9.67
CA LYS V 20 29.88 94.16 -8.85
C LYS V 20 29.61 93.91 -7.37
N ILE V 21 30.62 94.15 -6.56
CA ILE V 21 30.52 94.07 -5.10
C ILE V 21 30.38 95.49 -4.58
N LYS V 22 29.44 95.70 -3.66
CA LYS V 22 29.18 97.04 -3.13
C LYS V 22 28.86 96.96 -1.65
N ASN V 23 29.08 98.09 -0.97
CA ASN V 23 28.67 98.26 0.42
C ASN V 23 29.27 97.20 1.34
N LEU V 24 30.43 96.66 0.98
CA LEU V 24 31.11 95.71 1.84
C LEU V 24 31.50 96.41 3.14
N LYS V 25 31.06 95.83 4.27
CA LYS V 25 31.29 96.45 5.56
C LYS V 25 31.27 95.37 6.63
N ALA V 26 32.32 95.33 7.46
CA ALA V 26 32.42 94.40 8.57
C ALA V 26 32.20 95.18 9.86
N SER V 27 31.02 95.04 10.45
CA SER V 27 30.73 95.74 11.70
C SER V 27 31.57 95.19 12.84
N TRP V 28 31.81 93.88 12.85
CA TRP V 28 32.65 93.23 13.84
C TRP V 28 33.70 92.40 13.13
N GLY V 29 34.90 92.37 13.68
CA GLY V 29 36.00 91.67 13.05
C GLY V 29 36.76 92.56 12.08
N LYS V 30 37.50 91.91 11.19
CA LYS V 30 38.34 92.63 10.24
C LYS V 30 38.51 91.79 8.98
N LEU V 31 38.43 92.45 7.83
CA LEU V 31 38.83 91.81 6.58
C LEU V 31 40.35 91.64 6.58
N HIS V 32 40.80 90.53 5.99
CA HIS V 32 42.22 90.20 6.02
C HIS V 32 42.59 89.48 4.72
N ALA V 33 43.87 89.17 4.59
CA ALA V 33 44.42 88.61 3.37
C ALA V 33 44.20 87.09 3.30
N ASP V 34 44.59 86.52 2.16
CA ASP V 34 44.42 85.09 1.94
C ASP V 34 45.41 84.30 2.80
N GLY V 35 44.87 83.40 3.61
CA GLY V 35 45.72 82.56 4.44
C GLY V 35 46.57 83.33 5.42
N ASP V 36 46.23 84.59 5.68
CA ASP V 36 47.03 85.45 6.57
C ASP V 36 46.05 86.30 7.37
N LYS V 37 45.69 85.82 8.56
CA LYS V 37 44.78 86.55 9.43
C LYS V 37 45.42 87.76 10.10
N ASP V 38 46.74 87.92 9.99
CA ASP V 38 47.42 89.07 10.54
C ASP V 38 47.44 90.26 9.60
N ALA V 39 47.38 90.02 8.29
CA ALA V 39 47.47 91.07 7.27
C ALA V 39 46.08 91.64 7.04
N GLU V 40 45.70 92.61 7.87
CA GLU V 40 44.42 93.27 7.71
C GLU V 40 44.39 94.08 6.41
N VAL V 41 43.22 94.11 5.77
CA VAL V 41 43.01 94.84 4.53
C VAL V 41 41.71 95.61 4.64
N SER V 42 41.72 96.86 4.17
CA SER V 42 40.53 97.69 4.23
C SER V 42 39.48 97.22 3.22
N ALA V 43 38.22 97.57 3.50
CA ALA V 43 37.14 97.20 2.60
C ALA V 43 37.27 97.84 1.23
N SER V 44 38.07 98.91 1.11
CA SER V 44 38.24 99.56 -0.18
C SER V 44 38.90 98.64 -1.21
N ASN V 45 39.67 97.65 -0.75
CA ASN V 45 40.31 96.72 -1.69
C ASN V 45 39.27 95.95 -2.50
N TYR V 46 38.06 95.79 -1.97
CA TYR V 46 37.02 95.03 -2.63
C TYR V 46 35.84 95.87 -3.09
N GLU V 47 35.44 96.89 -2.32
CA GLU V 47 34.26 97.67 -2.67
C GLU V 47 34.42 98.27 -4.06
N GLY V 48 33.37 98.15 -4.87
CA GLY V 48 33.37 98.64 -6.23
C GLY V 48 33.98 97.70 -7.25
N LYS V 49 34.48 96.55 -6.83
CA LYS V 49 35.17 95.65 -7.75
C LYS V 49 34.16 94.85 -8.58
N ILE V 50 34.59 94.44 -9.76
CA ILE V 50 33.78 93.66 -10.69
C ILE V 50 34.41 92.28 -10.81
N VAL V 51 33.62 91.25 -10.52
CA VAL V 51 34.07 89.87 -10.65
C VAL V 51 33.74 89.44 -12.07
N LYS V 52 34.75 89.42 -12.93
CA LYS V 52 34.53 89.10 -14.33
C LYS V 52 33.99 87.68 -14.47
N PRO V 53 33.23 87.40 -15.53
CA PRO V 53 32.74 86.03 -15.74
C PRO V 53 33.89 85.03 -15.76
N ASP V 54 33.68 83.89 -15.09
CA ASP V 54 34.59 82.76 -15.12
C ASP V 54 35.85 83.02 -14.30
N GLU V 55 35.75 83.78 -13.22
CA GLU V 55 36.83 83.92 -12.26
C GLU V 55 36.25 84.24 -10.90
N LYS V 56 37.02 83.94 -9.86
CA LYS V 56 36.54 83.97 -8.48
C LYS V 56 37.20 85.10 -7.70
N LEU V 57 36.43 85.71 -6.80
CA LEU V 57 36.92 86.74 -5.89
C LEU V 57 36.69 86.28 -4.46
N GLN V 58 37.73 86.35 -3.63
CA GLN V 58 37.70 85.82 -2.28
C GLN V 58 37.68 86.96 -1.26
N ILE V 59 36.77 86.87 -0.30
CA ILE V 59 36.66 87.80 0.81
C ILE V 59 36.91 87.01 2.08
N ASN V 60 37.91 87.41 2.86
CA ASN V 60 38.25 86.73 4.10
C ASN V 60 37.96 87.66 5.27
N ALA V 61 37.14 87.18 6.22
CA ALA V 61 36.84 87.94 7.43
C ALA V 61 37.13 87.08 8.64
N SER V 62 37.57 87.71 9.72
CA SER V 62 37.90 86.99 10.94
C SER V 62 37.82 87.93 12.13
N GLY V 63 37.66 87.35 13.31
CA GLY V 63 37.61 88.15 14.52
C GLY V 63 38.98 88.65 14.94
N ARG V 64 38.97 89.65 15.82
CA ARG V 64 40.21 90.20 16.34
C ARG V 64 41.01 89.12 17.06
N SER V 65 42.33 89.25 17.02
CA SER V 65 43.20 88.20 17.52
C SER V 65 42.90 87.88 18.98
N ASP V 66 42.54 86.62 19.23
CA ASP V 66 42.31 86.11 20.59
C ASP V 66 41.32 86.99 21.37
N ALA V 67 40.47 87.72 20.68
CA ALA V 67 39.48 88.57 21.32
C ALA V 67 38.20 87.78 21.57
N ALA V 68 37.35 88.33 22.44
CA ALA V 68 36.01 87.79 22.64
C ALA V 68 35.03 88.39 21.65
N GLU V 69 35.41 88.37 20.37
CA GLU V 69 34.64 89.01 19.32
C GLU V 69 34.63 88.12 18.08
N GLY V 70 33.45 87.95 17.50
CA GLY V 70 33.31 87.24 16.24
C GLY V 70 33.52 88.16 15.06
N THR V 71 32.91 87.78 13.94
CA THR V 71 32.96 88.59 12.72
C THR V 71 31.56 88.69 12.13
N THR V 72 31.09 89.92 11.97
CA THR V 72 29.78 90.19 11.38
C THR V 72 29.95 91.20 10.26
N GLY V 73 29.31 90.95 9.12
CA GLY V 73 29.42 91.87 7.99
C GLY V 73 28.35 91.63 6.95
N THR V 74 28.34 92.51 5.96
CA THR V 74 27.34 92.48 4.90
C THR V 74 27.96 93.01 3.61
N PHE V 75 27.33 92.65 2.49
CA PHE V 75 27.68 93.23 1.20
C PHE V 75 26.56 92.96 0.20
N ASP V 76 26.44 93.86 -0.77
CA ASP V 76 25.49 93.74 -1.85
C ASP V 76 26.21 93.24 -3.10
N LEU V 77 25.62 92.28 -3.79
CA LEU V 77 26.06 91.96 -5.15
C LEU V 77 25.08 92.64 -6.10
N VAL V 78 25.61 93.44 -7.03
CA VAL V 78 24.80 94.36 -7.82
C VAL V 78 25.12 94.19 -9.30
N ASP V 79 24.10 94.22 -10.14
CA ASP V 79 24.30 94.14 -11.58
C ASP V 79 24.62 95.51 -12.13
N PRO V 80 25.80 95.71 -12.74
CA PRO V 80 26.11 97.02 -13.35
C PRO V 80 25.46 97.25 -14.71
N ALA V 81 24.94 96.19 -15.34
CA ALA V 81 24.36 96.35 -16.67
C ALA V 81 23.04 97.11 -16.64
N ASP V 82 22.41 97.23 -15.47
CA ASP V 82 21.13 97.90 -15.32
C ASP V 82 21.20 98.96 -14.23
N GLY V 83 22.26 99.76 -14.25
CA GLY V 83 22.38 100.87 -13.31
C GLY V 83 22.61 100.44 -11.87
N ASP V 84 23.39 99.39 -11.65
CA ASP V 84 23.80 98.97 -10.32
C ASP V 84 22.59 98.69 -9.42
N LYS V 85 21.65 97.90 -9.92
CA LYS V 85 20.56 97.42 -9.09
C LYS V 85 21.03 96.22 -8.27
N GLN V 86 20.22 95.86 -7.27
CA GLN V 86 20.60 94.80 -6.37
C GLN V 86 20.33 93.44 -6.99
N VAL V 87 21.28 92.53 -6.82
CA VAL V 87 21.11 91.12 -7.16
C VAL V 87 20.65 90.43 -5.88
N ARG V 88 21.50 90.43 -4.87
CA ARG V 88 21.14 89.94 -3.54
C ARG V 88 22.01 90.62 -2.49
N HIS V 89 21.49 90.62 -1.26
CA HIS V 89 22.16 91.21 -0.10
C HIS V 89 22.59 90.07 0.82
N PHE V 90 23.90 89.95 1.05
CA PHE V 90 24.45 88.88 1.86
C PHE V 90 24.88 89.42 3.21
N TYR V 91 24.49 88.72 4.28
CA TYR V 91 24.87 89.06 5.65
C TYR V 91 25.42 87.81 6.31
N TRP V 92 26.60 87.94 6.92
CA TRP V 92 27.24 86.83 7.61
C TRP V 92 27.56 87.25 9.05
N ASP V 93 27.40 86.29 9.96
CA ASP V 93 27.66 86.53 11.38
C ASP V 93 28.20 85.24 11.98
N SER V 94 29.49 85.24 12.35
CA SER V 94 30.12 84.14 13.06
C SER V 94 30.51 84.70 14.43
N PRO V 95 29.62 84.62 15.41
CA PRO V 95 29.88 85.24 16.71
C PRO V 95 30.77 84.39 17.60
N TRP V 96 31.39 85.05 18.57
CA TRP V 96 32.21 84.38 19.56
C TRP V 96 31.42 83.90 20.77
N GLY V 97 30.29 84.52 21.08
CA GLY V 97 29.53 84.17 22.27
C GLY V 97 28.22 83.49 21.96
N SER V 98 28.22 82.62 20.94
CA SER V 98 27.02 81.89 20.56
C SER V 98 27.43 80.75 19.65
N LYS V 99 26.50 79.81 19.45
CA LYS V 99 26.72 78.65 18.60
C LYS V 99 26.12 78.80 17.21
N THR V 100 25.06 79.59 17.08
CA THR V 100 24.30 79.68 15.83
C THR V 100 24.90 80.78 14.97
N ASN V 101 25.65 80.40 13.94
CA ASN V 101 26.09 81.36 12.94
C ASN V 101 24.93 81.69 12.00
N THR V 102 25.03 82.86 11.35
CA THR V 102 24.00 83.35 10.46
C THR V 102 24.59 83.61 9.09
N TRP V 103 23.89 83.14 8.05
CA TRP V 103 24.25 83.41 6.66
C TRP V 103 22.96 83.63 5.90
N THR V 104 22.60 84.90 5.69
CA THR V 104 21.33 85.28 5.08
C THR V 104 21.58 85.91 3.72
N VAL V 105 20.88 85.43 2.70
CA VAL V 105 20.93 85.98 1.35
C VAL V 105 19.53 86.49 1.04
N SER V 106 19.30 87.77 1.28
CA SER V 106 18.02 88.41 1.06
C SER V 106 18.02 89.15 -0.27
N GLY V 107 16.89 89.77 -0.59
CA GLY V 107 16.75 90.50 -1.83
C GLY V 107 16.09 89.65 -2.91
N SER V 108 15.71 90.34 -3.99
CA SER V 108 15.01 89.69 -5.09
C SER V 108 15.46 90.28 -6.42
N ASN V 109 15.83 89.41 -7.35
CA ASN V 109 16.13 89.82 -8.72
C ASN V 109 15.93 88.61 -9.61
N THR V 110 14.83 88.59 -10.36
CA THR V 110 14.50 87.42 -11.17
C THR V 110 15.47 87.20 -12.31
N LYS V 111 16.23 88.23 -12.70
CA LYS V 111 17.18 88.12 -13.79
C LYS V 111 18.49 87.46 -13.38
N TRP V 112 18.67 87.18 -12.09
CA TRP V 112 19.90 86.58 -11.58
C TRP V 112 19.56 85.34 -10.78
N MET V 113 20.46 84.34 -10.86
CA MET V 113 20.33 83.09 -10.14
C MET V 113 21.58 82.91 -9.29
N ILE V 114 21.38 82.69 -7.99
CA ILE V 114 22.47 82.64 -7.02
C ILE V 114 22.35 81.35 -6.23
N GLU V 115 23.41 80.56 -6.24
CA GLU V 115 23.53 79.36 -5.43
C GLU V 115 24.64 79.58 -4.41
N TYR V 116 24.56 78.92 -3.27
CA TYR V 116 25.64 79.00 -2.31
C TYR V 116 25.71 77.72 -1.49
N SER V 117 26.93 77.35 -1.12
CA SER V 117 27.14 76.09 -0.41
C SER V 117 28.40 76.19 0.44
N GLY V 118 28.51 75.27 1.39
CA GLY V 118 29.68 75.17 2.25
C GLY V 118 29.53 75.80 3.61
N GLN V 119 28.44 76.51 3.88
CA GLN V 119 28.27 77.16 5.16
C GLN V 119 28.03 76.14 6.27
N ASN V 120 28.41 76.52 7.49
CA ASN V 120 28.14 75.72 8.68
C ASN V 120 27.50 76.62 9.72
N LEU V 121 26.28 76.30 10.12
CA LEU V 121 25.51 77.11 11.05
C LEU V 121 25.37 76.48 12.42
N ASP V 122 25.91 75.28 12.63
CA ASP V 122 25.70 74.58 13.90
C ASP V 122 26.55 75.19 15.01
N SER V 123 27.87 75.17 14.85
CA SER V 123 28.77 75.70 15.86
C SER V 123 30.17 75.81 15.25
N GLY V 124 30.98 76.67 15.86
CA GLY V 124 32.33 76.88 15.39
C GLY V 124 32.43 77.99 14.37
N ALA V 125 33.37 77.86 13.43
CA ALA V 125 33.54 78.88 12.40
C ALA V 125 32.43 78.76 11.36
N LEU V 126 32.29 79.81 10.55
CA LEU V 126 31.27 79.86 9.51
C LEU V 126 31.72 79.18 8.22
N GLY V 127 33.00 78.84 8.09
CA GLY V 127 33.45 78.04 6.98
C GLY V 127 33.74 78.82 5.71
N THR V 128 33.90 78.05 4.63
CA THR V 128 34.19 78.57 3.30
C THR V 128 32.92 78.43 2.46
N ILE V 129 32.22 79.54 2.28
CA ILE V 129 30.98 79.59 1.52
C ILE V 129 31.31 79.97 0.09
N THR V 130 30.98 79.11 -0.86
CA THR V 130 31.13 79.38 -2.28
C THR V 130 29.77 79.77 -2.84
N VAL V 131 29.73 80.89 -3.55
CA VAL V 131 28.50 81.46 -4.08
C VAL V 131 28.64 81.57 -5.59
N ASP V 132 27.85 80.79 -6.32
CA ASP V 132 27.84 80.79 -7.78
C ASP V 132 26.75 81.74 -8.25
N THR V 133 27.13 82.71 -9.09
CA THR V 133 26.20 83.70 -9.61
C THR V 133 26.10 83.58 -11.12
N LEU V 134 24.88 83.69 -11.65
CA LEU V 134 24.68 83.57 -13.09
C LEU V 134 23.49 84.41 -13.52
N LYS V 135 23.67 85.23 -14.54
CA LYS V 135 22.59 86.05 -15.07
C LYS V 135 21.90 85.31 -16.20
N LYS V 136 20.59 85.15 -16.09
CA LYS V 136 19.79 84.46 -17.12
C LYS V 136 18.64 85.34 -17.57
N ALA W 2 35.15 67.74 20.68
CA ALA W 2 34.43 69.01 20.77
C ALA W 2 33.98 69.47 19.39
N TYR W 3 32.80 70.08 19.33
CA TYR W 3 32.20 70.43 18.05
C TYR W 3 32.87 71.62 17.39
N ALA W 4 33.57 72.46 18.15
CA ALA W 4 34.24 73.60 17.54
C ALA W 4 35.32 73.17 16.56
N GLN W 5 35.82 71.94 16.66
CA GLN W 5 36.74 71.37 15.69
C GLN W 5 35.95 70.50 14.73
N TRP W 6 35.98 70.87 13.45
CA TRP W 6 35.19 70.20 12.44
C TRP W 6 35.87 70.37 11.09
N VAL W 7 35.44 69.54 10.14
CA VAL W 7 35.95 69.59 8.77
C VAL W 7 34.87 69.04 7.84
N ILE W 8 34.77 69.64 6.67
CA ILE W 8 33.94 69.13 5.59
C ILE W 8 34.84 68.96 4.38
N ILE W 9 34.75 67.81 3.72
CA ILE W 9 35.50 67.54 2.50
C ILE W 9 34.51 67.15 1.42
N ILE W 10 34.47 67.93 0.35
CA ILE W 10 33.56 67.71 -0.77
C ILE W 10 34.39 67.28 -1.95
N ILE W 11 34.29 65.99 -2.29
CA ILE W 11 34.95 65.41 -3.45
C ILE W 11 34.07 65.70 -4.66
N HIS W 12 34.64 66.32 -5.68
CA HIS W 12 33.92 66.68 -6.90
C HIS W 12 34.67 66.06 -8.08
N ASN W 13 34.07 65.05 -8.69
CA ASN W 13 34.69 64.35 -9.81
C ASN W 13 34.43 65.15 -11.08
N VAL W 14 35.29 66.14 -11.34
CA VAL W 14 35.13 66.97 -12.52
C VAL W 14 35.44 66.20 -13.80
N GLY W 15 36.12 65.07 -13.70
CA GLY W 15 36.50 64.30 -14.87
C GLY W 15 35.35 63.50 -15.43
N SER W 16 35.69 62.54 -16.31
CA SER W 16 34.68 61.74 -17.01
C SER W 16 34.79 60.25 -16.69
N GLN W 17 35.60 59.85 -15.71
CA GLN W 17 35.73 58.45 -15.33
C GLN W 17 35.63 58.34 -13.82
N ASP W 18 35.19 57.17 -13.36
CA ASP W 18 34.87 56.98 -11.95
C ASP W 18 36.10 57.03 -11.06
N VAL W 19 35.89 57.46 -9.82
CA VAL W 19 36.91 57.45 -8.77
C VAL W 19 36.27 56.88 -7.51
N LYS W 20 37.00 55.99 -6.83
CA LYS W 20 36.46 55.25 -5.70
C LYS W 20 37.11 55.69 -4.40
N ILE W 21 36.31 55.78 -3.34
CA ILE W 21 36.81 56.03 -2.00
C ILE W 21 37.26 54.71 -1.39
N LYS W 22 38.30 54.76 -0.57
CA LYS W 22 38.78 53.55 0.09
C LYS W 22 39.47 53.93 1.40
N ASN W 23 39.49 52.97 2.32
CA ASN W 23 40.24 53.09 3.57
C ASN W 23 39.86 54.34 4.36
N LEU W 24 38.63 54.81 4.20
CA LEU W 24 38.16 55.92 5.02
C LEU W 24 38.16 55.50 6.48
N LYS W 25 38.77 56.33 7.33
CA LYS W 25 38.95 55.98 8.74
C LYS W 25 39.10 57.26 9.55
N ALA W 26 38.23 57.44 10.54
CA ALA W 26 38.30 58.59 11.44
C ALA W 26 38.99 58.11 12.71
N SER W 27 40.30 58.39 12.81
CA SER W 27 41.05 57.96 13.99
C SER W 27 40.61 58.72 15.24
N TRP W 28 40.16 59.97 15.08
CA TRP W 28 39.68 60.77 16.19
C TRP W 28 38.39 61.44 15.78
N GLY W 29 37.60 61.83 16.78
CA GLY W 29 36.33 62.46 16.49
C GLY W 29 35.34 61.47 15.87
N LYS W 30 34.46 62.00 15.03
CA LYS W 30 33.38 61.21 14.45
C LYS W 30 32.94 61.80 13.12
N LEU W 31 32.50 60.94 12.22
CA LEU W 31 31.76 61.37 11.05
C LEU W 31 30.30 61.62 11.41
N HIS W 32 29.60 62.34 10.53
CA HIS W 32 28.21 62.67 10.79
C HIS W 32 27.56 63.14 9.49
N ALA W 33 26.23 63.19 9.51
CA ALA W 33 25.47 63.61 8.34
C ALA W 33 25.43 65.14 8.25
N ASP W 34 25.38 65.64 7.02
CA ASP W 34 25.46 67.07 6.79
C ASP W 34 24.42 67.83 7.61
N GLY W 35 24.88 68.87 8.30
CA GLY W 35 24.01 69.76 9.04
C GLY W 35 23.60 69.28 10.41
N ASP W 36 24.05 68.09 10.83
CA ASP W 36 23.69 67.52 12.12
C ASP W 36 24.92 66.81 12.68
N LYS W 37 25.70 67.51 13.50
CA LYS W 37 26.84 66.88 14.13
C LYS W 37 26.42 65.80 15.10
N ASP W 38 25.16 65.79 15.55
CA ASP W 38 24.69 64.76 16.45
C ASP W 38 24.44 63.44 15.73
N ALA W 39 24.02 63.50 14.46
CA ALA W 39 23.65 62.31 13.69
C ALA W 39 24.93 61.60 13.23
N GLU W 40 25.45 60.74 14.10
CA GLU W 40 26.65 59.99 13.78
C GLU W 40 26.40 59.04 12.61
N VAL W 41 27.43 58.84 11.79
CA VAL W 41 27.37 57.91 10.67
C VAL W 41 28.63 57.06 10.69
N SER W 42 28.53 55.88 10.06
CA SER W 42 29.63 54.93 10.02
C SER W 42 30.46 55.11 8.76
N ALA W 43 31.73 54.73 8.85
CA ALA W 43 32.62 54.83 7.70
C ALA W 43 32.17 53.95 6.55
N SER W 44 31.45 52.85 6.85
CA SER W 44 30.94 51.99 5.80
C SER W 44 29.95 52.71 4.89
N ASN W 45 29.33 53.79 5.39
CA ASN W 45 28.42 54.57 4.56
C ASN W 45 29.13 55.20 3.36
N TYR W 46 30.45 55.29 3.39
CA TYR W 46 31.22 55.86 2.30
C TYR W 46 32.31 54.94 1.75
N GLU W 47 32.73 53.93 2.52
CA GLU W 47 33.78 53.03 2.05
C GLU W 47 33.37 52.35 0.75
N GLY W 48 34.28 52.36 -0.22
CA GLY W 48 34.04 51.69 -1.48
C GLY W 48 33.09 52.42 -2.40
N LYS W 49 32.68 53.64 -2.07
CA LYS W 49 31.73 54.35 -2.90
C LYS W 49 32.38 54.85 -4.17
N ILE W 50 31.61 54.80 -5.26
CA ILE W 50 32.03 55.31 -6.57
C ILE W 50 31.43 56.69 -6.75
N VAL W 51 32.28 57.67 -7.04
CA VAL W 51 31.84 59.02 -7.37
C VAL W 51 31.77 59.09 -8.89
N LYS W 52 30.57 59.02 -9.44
CA LYS W 52 30.40 59.11 -10.88
C LYS W 52 30.78 60.49 -11.37
N PRO W 53 31.15 60.63 -12.65
CA PRO W 53 31.52 61.94 -13.17
C PRO W 53 30.40 62.95 -12.99
N ASP W 54 30.79 64.18 -12.65
CA ASP W 54 29.90 65.30 -12.35
C ASP W 54 29.19 65.14 -11.02
N GLU W 55 29.51 64.12 -10.24
CA GLU W 55 28.88 63.90 -8.94
C GLU W 55 29.73 64.49 -7.82
N LYS W 56 29.06 64.84 -6.73
CA LYS W 56 29.70 65.41 -5.56
C LYS W 56 29.40 64.55 -4.34
N LEU W 57 30.42 64.30 -3.52
CA LEU W 57 30.29 63.47 -2.33
C LEU W 57 30.86 64.23 -1.14
N GLN W 58 30.06 64.36 -0.08
CA GLN W 58 30.42 65.15 1.08
C GLN W 58 30.72 64.23 2.26
N ILE W 59 31.85 64.45 2.92
CA ILE W 59 32.19 63.77 4.16
C ILE W 59 32.36 64.84 5.23
N ASN W 60 31.57 64.73 6.30
CA ASN W 60 31.60 65.66 7.41
C ASN W 60 32.15 64.96 8.63
N ALA W 61 33.19 65.54 9.23
CA ALA W 61 33.76 65.03 10.47
C ALA W 61 33.85 66.16 11.47
N SER W 62 33.84 65.82 12.74
CA SER W 62 33.90 66.82 13.81
C SER W 62 34.13 66.10 15.12
N GLY W 63 34.48 66.87 16.14
CA GLY W 63 34.69 66.28 17.45
C GLY W 63 33.42 65.72 18.05
N ARG W 64 33.61 64.90 19.09
CA ARG W 64 32.50 64.29 19.82
C ARG W 64 31.88 65.33 20.74
N SER W 65 30.96 64.88 21.61
CA SER W 65 30.20 65.79 22.46
C SER W 65 31.04 66.31 23.61
N ASP W 66 31.62 67.50 23.44
CA ASP W 66 32.31 68.27 24.48
C ASP W 66 33.65 67.68 24.88
N ALA W 67 34.07 66.57 24.29
CA ALA W 67 35.36 65.99 24.64
C ALA W 67 36.49 66.92 24.22
N ALA W 68 37.61 66.83 24.94
CA ALA W 68 38.79 67.64 24.64
C ALA W 68 39.53 67.17 23.41
N GLU W 69 39.09 66.10 22.77
CA GLU W 69 39.71 65.63 21.54
C GLU W 69 39.28 66.50 20.36
N GLY W 70 40.11 66.49 19.32
CA GLY W 70 39.79 67.20 18.09
C GLY W 70 39.16 66.30 17.04
N THR W 71 39.72 66.29 15.83
CA THR W 71 39.33 65.30 14.83
C THR W 71 40.54 64.98 13.95
N THR W 72 40.56 63.76 13.42
CA THR W 72 41.66 63.32 12.56
C THR W 72 41.20 62.11 11.76
N GLY W 73 41.65 62.03 10.53
CA GLY W 73 41.23 60.92 9.67
C GLY W 73 42.06 60.85 8.40
N THR W 74 41.80 59.78 7.66
CA THR W 74 42.51 59.47 6.43
C THR W 74 41.58 58.78 5.46
N PHE W 75 41.95 58.83 4.18
CA PHE W 75 41.30 58.00 3.18
C PHE W 75 42.14 58.00 1.92
N ASP W 76 41.68 57.26 0.92
CA ASP W 76 42.40 57.13 -0.35
C ASP W 76 41.40 57.25 -1.50
N LEU W 77 41.77 58.06 -2.48
CA LEU W 77 41.12 58.03 -3.78
C LEU W 77 41.85 57.02 -4.65
N VAL W 78 41.09 56.12 -5.28
CA VAL W 78 41.64 55.07 -6.12
C VAL W 78 40.89 55.03 -7.43
N ASP W 79 41.50 54.40 -8.43
CA ASP W 79 40.94 54.31 -9.77
C ASP W 79 40.27 52.96 -9.96
N PRO W 80 38.94 52.87 -10.00
CA PRO W 80 38.31 51.56 -10.20
C PRO W 80 38.65 50.93 -11.54
N ALA W 81 38.97 51.73 -12.56
CA ALA W 81 39.22 51.24 -13.89
C ALA W 81 40.66 50.78 -14.10
N ASP W 82 41.52 50.91 -13.10
CA ASP W 82 42.93 50.52 -13.20
C ASP W 82 43.31 49.62 -12.03
N GLY W 83 42.46 48.65 -11.74
CA GLY W 83 42.74 47.72 -10.65
C GLY W 83 42.84 48.40 -9.30
N ASP W 84 42.02 49.42 -9.06
CA ASP W 84 42.03 50.14 -7.79
C ASP W 84 43.41 50.73 -7.48
N LYS W 85 44.15 51.11 -8.52
CA LYS W 85 45.45 51.74 -8.30
C LYS W 85 45.25 53.05 -7.54
N GLN W 86 46.11 53.29 -6.56
CA GLN W 86 45.95 54.46 -5.72
C GLN W 86 46.13 55.73 -6.55
N VAL W 87 45.15 56.62 -6.47
CA VAL W 87 45.25 57.95 -7.01
C VAL W 87 45.89 58.90 -6.01
N ARG W 88 45.35 58.96 -4.81
CA ARG W 88 45.88 59.88 -3.79
C ARG W 88 45.53 59.36 -2.41
N HIS W 89 46.26 59.88 -1.42
CA HIS W 89 46.06 59.57 -0.02
C HIS W 89 45.87 60.89 0.72
N PHE W 90 44.75 61.03 1.42
CA PHE W 90 44.40 62.26 2.10
C PHE W 90 44.43 62.05 3.61
N TYR W 91 45.05 63.00 4.31
CA TYR W 91 45.15 63.03 5.75
C TYR W 91 44.62 64.38 6.22
N TRP W 92 43.70 64.37 7.18
CA TRP W 92 43.18 65.60 7.76
C TRP W 92 43.28 65.53 9.27
N ASP W 93 43.57 66.68 9.88
CA ASP W 93 43.72 66.77 11.33
C ASP W 93 43.38 68.18 11.78
N SER W 94 42.36 68.30 12.62
CA SER W 94 41.99 69.56 13.27
C SER W 94 42.08 69.28 14.77
N PRO W 95 43.23 69.52 15.39
CA PRO W 95 43.39 69.16 16.81
C PRO W 95 42.74 70.18 17.72
N TRP W 96 42.37 69.70 18.91
CA TRP W 96 41.78 70.57 19.93
C TRP W 96 42.85 71.31 20.72
N GLY W 97 43.96 70.64 21.03
CA GLY W 97 45.03 71.27 21.78
C GLY W 97 45.87 72.19 20.92
N SER W 98 46.52 71.63 19.90
CA SER W 98 47.35 72.44 19.02
C SER W 98 46.47 73.37 18.19
N LYS W 99 46.95 74.59 17.99
CA LYS W 99 46.19 75.56 17.21
C LYS W 99 46.28 75.26 15.72
N THR W 100 47.45 74.86 15.24
CA THR W 100 47.65 74.64 13.81
C THR W 100 46.95 73.36 13.37
N ASN W 101 46.24 73.45 12.25
CA ASN W 101 45.58 72.29 11.66
C ASN W 101 46.52 71.64 10.64
N THR W 102 46.01 70.66 9.89
CA THR W 102 46.83 69.97 8.91
C THR W 102 45.94 69.31 7.88
N TRP W 103 46.21 69.57 6.60
CA TRP W 103 45.56 68.88 5.49
C TRP W 103 46.63 68.50 4.49
N THR W 104 46.89 67.20 4.36
CA THR W 104 47.99 66.69 3.55
C THR W 104 47.44 65.77 2.47
N VAL W 105 47.89 65.98 1.23
CA VAL W 105 47.55 65.12 0.10
C VAL W 105 48.86 64.56 -0.42
N SER W 106 48.99 63.24 -0.38
CA SER W 106 50.18 62.55 -0.86
C SER W 106 49.80 61.59 -1.97
N GLY W 107 50.81 61.06 -2.64
CA GLY W 107 50.61 60.17 -3.77
C GLY W 107 51.29 60.71 -5.02
N SER W 108 51.41 59.82 -6.00
CA SER W 108 52.16 60.15 -7.20
C SER W 108 51.48 59.70 -8.49
N ASN W 109 50.21 59.29 -8.44
CA ASN W 109 49.51 58.93 -9.68
C ASN W 109 49.53 60.09 -10.66
N THR W 110 50.06 59.83 -11.86
CA THR W 110 50.33 60.89 -12.82
C THR W 110 49.24 61.09 -13.85
N LYS W 111 48.40 60.08 -14.09
CA LYS W 111 47.27 60.21 -14.99
C LYS W 111 46.03 60.79 -14.31
N TRP W 112 46.22 61.44 -13.15
CA TRP W 112 45.14 62.08 -12.44
C TRP W 112 45.56 63.49 -12.03
N MET W 113 44.60 64.40 -12.00
CA MET W 113 44.79 65.76 -11.52
C MET W 113 43.85 65.99 -10.35
N ILE W 114 44.42 66.38 -9.21
CA ILE W 114 43.67 66.64 -7.99
C ILE W 114 44.00 68.04 -7.52
N GLU W 115 42.97 68.83 -7.23
CA GLU W 115 43.13 70.20 -6.77
C GLU W 115 42.24 70.43 -5.57
N TYR W 116 42.85 70.76 -4.43
CA TYR W 116 42.14 70.97 -3.18
C TYR W 116 42.26 72.43 -2.77
N SER W 117 41.16 72.99 -2.26
CA SER W 117 41.15 74.40 -1.86
C SER W 117 40.13 74.62 -0.75
N GLY W 118 40.36 75.66 0.05
CA GLY W 118 39.43 76.07 1.07
C GLY W 118 39.85 75.77 2.50
N GLN W 119 40.99 75.11 2.70
CA GLN W 119 41.40 74.73 4.05
C GLN W 119 41.90 75.95 4.83
N ASN W 120 41.77 75.86 6.15
CA ASN W 120 42.33 76.85 7.07
C ASN W 120 43.33 76.15 7.98
N LEU W 121 44.53 76.74 8.11
CA LEU W 121 45.62 76.10 8.83
C LEU W 121 46.11 76.89 10.04
N ASP W 122 45.64 78.12 10.24
CA ASP W 122 46.15 78.95 11.32
C ASP W 122 45.56 78.54 12.67
N SER W 123 44.24 78.66 12.82
CA SER W 123 43.58 78.36 14.07
C SER W 123 42.12 78.07 13.78
N GLY W 124 41.44 77.52 14.80
CA GLY W 124 40.04 77.19 14.66
C GLY W 124 39.83 75.91 13.87
N ALA W 125 38.60 75.75 13.38
CA ALA W 125 38.25 74.56 12.63
C ALA W 125 39.01 74.51 11.31
N LEU W 126 39.18 73.29 10.80
CA LEU W 126 39.88 73.12 9.52
C LEU W 126 39.08 73.70 8.37
N GLY W 127 37.76 73.66 8.44
CA GLY W 127 36.91 74.31 7.47
C GLY W 127 36.36 73.36 6.43
N THR W 128 35.99 73.94 5.28
CA THR W 128 35.47 73.21 4.14
C THR W 128 36.52 73.15 3.05
N ILE W 129 36.75 71.95 2.51
CA ILE W 129 37.79 71.71 1.53
C ILE W 129 37.12 71.07 0.31
N THR W 130 37.23 71.75 -0.83
CA THR W 130 36.75 71.23 -2.11
C THR W 130 37.91 70.58 -2.83
N VAL W 131 37.72 69.32 -3.23
CA VAL W 131 38.76 68.55 -3.91
C VAL W 131 38.20 68.17 -5.28
N ASP W 132 38.64 68.87 -6.31
CA ASP W 132 38.27 68.54 -7.68
C ASP W 132 39.22 67.48 -8.22
N THR W 133 38.65 66.40 -8.72
CA THR W 133 39.42 65.27 -9.25
C THR W 133 39.09 65.08 -10.72
N LEU W 134 40.12 64.78 -11.52
CA LEU W 134 39.95 64.55 -12.94
C LEU W 134 40.97 63.51 -13.39
N LYS W 135 40.61 62.74 -14.41
CA LYS W 135 41.51 61.76 -15.00
C LYS W 135 41.84 62.21 -16.42
N LYS W 136 43.13 62.40 -16.69
CA LYS W 136 43.58 62.87 -17.99
C LYS W 136 43.18 61.89 -19.09
N GLN X 10 10.98 12.11 -52.14
CA GLN X 10 11.30 13.44 -51.63
C GLN X 10 12.38 13.37 -50.56
N ALA X 11 12.38 12.28 -49.79
CA ALA X 11 13.39 12.13 -48.75
C ALA X 11 14.77 12.08 -49.39
N GLY X 12 15.72 12.74 -48.75
CA GLY X 12 17.05 12.88 -49.30
C GLY X 12 17.20 13.97 -50.33
N ASP X 13 16.17 14.78 -50.55
CA ASP X 13 16.24 15.87 -51.51
C ASP X 13 17.03 17.04 -50.93
N THR X 14 17.76 17.73 -51.80
CA THR X 14 18.62 18.82 -51.38
C THR X 14 18.30 20.08 -52.20
N LEU X 15 19.02 21.15 -51.86
CA LEU X 15 18.91 22.38 -52.64
C LEU X 15 19.21 22.14 -54.11
N ASN X 16 20.08 21.15 -54.40
CA ASN X 16 20.35 20.84 -55.79
C ASN X 16 19.09 20.37 -56.51
N ASP X 17 18.33 19.47 -55.91
CA ASP X 17 17.10 19.01 -56.53
C ASP X 17 16.08 20.14 -56.64
N VAL X 18 15.98 20.96 -55.58
CA VAL X 18 15.03 22.07 -55.59
C VAL X 18 15.36 23.03 -56.74
N ILE X 19 16.64 23.32 -56.93
CA ILE X 19 17.05 24.22 -58.01
C ILE X 19 16.88 23.58 -59.37
N GLN X 20 17.14 22.27 -59.48
CA GLN X 20 16.99 21.60 -60.77
C GLN X 20 15.55 21.63 -61.25
N ASP X 21 14.60 21.41 -60.35
CA ASP X 21 13.20 21.45 -60.75
C ASP X 21 12.77 22.91 -60.92
N PRO X 22 12.34 23.33 -62.13
CA PRO X 22 11.97 24.74 -62.29
C PRO X 22 10.84 25.19 -61.38
N THR X 23 9.85 24.34 -61.14
CA THR X 23 8.73 24.73 -60.29
C THR X 23 9.19 24.93 -58.85
N ARG X 24 9.96 23.97 -58.32
CA ARG X 24 10.42 24.09 -56.94
C ARG X 24 11.38 25.26 -56.77
N ARG X 25 12.23 25.49 -57.77
CA ARG X 25 13.16 26.62 -57.71
C ARG X 25 12.40 27.94 -57.66
N ASN X 26 11.38 28.10 -58.50
CA ASN X 26 10.59 29.31 -58.49
C ASN X 26 9.82 29.46 -57.18
N LYS X 27 9.31 28.34 -56.65
CA LYS X 27 8.63 28.41 -55.36
C LYS X 27 9.58 28.87 -54.27
N LEU X 28 10.81 28.35 -54.28
CA LEU X 28 11.80 28.79 -53.29
C LEU X 28 12.09 30.27 -53.43
N ILE X 29 12.29 30.74 -54.67
CA ILE X 29 12.61 32.15 -54.88
C ILE X 29 11.47 33.02 -54.37
N ASN X 30 10.24 32.65 -54.70
CA ASN X 30 9.09 33.48 -54.32
C ASN X 30 8.88 33.45 -52.81
N ASP X 31 8.91 32.26 -52.21
CA ASP X 31 8.67 32.15 -50.77
C ASP X 31 9.76 32.79 -49.94
N ASN X 32 10.98 32.92 -50.48
CA ASN X 32 12.06 33.55 -49.74
C ASN X 32 12.35 34.98 -50.17
N ASN X 33 11.63 35.50 -51.17
CA ASN X 33 11.74 36.90 -51.55
C ASN X 33 13.16 37.21 -52.01
N LEU X 34 13.75 36.29 -52.76
CA LEU X 34 15.15 36.42 -53.14
C LEU X 34 15.37 37.48 -54.22
N LEU X 35 14.31 37.92 -54.88
CA LEU X 35 14.42 38.94 -55.92
C LEU X 35 14.15 40.34 -55.39
N LYS X 36 13.88 40.49 -54.09
CA LYS X 36 13.48 41.77 -53.52
C LYS X 36 14.52 42.27 -52.53
N GLY X 37 14.68 43.59 -52.49
CA GLY X 37 15.58 44.20 -51.52
C GLY X 37 14.93 44.36 -50.16
N ILE X 38 15.73 44.78 -49.19
CA ILE X 38 15.27 44.98 -47.81
C ILE X 38 15.18 46.47 -47.53
N ILE X 39 14.08 46.90 -46.92
CA ILE X 39 13.76 48.32 -46.86
C ILE X 39 14.45 49.05 -45.71
N MET X 40 14.94 48.34 -44.69
CA MET X 40 15.73 48.95 -43.63
C MET X 40 15.08 50.24 -43.14
N GLY X 41 13.89 50.08 -42.58
CA GLY X 41 13.08 51.22 -42.21
C GLY X 41 12.81 51.29 -40.72
N ARG X 42 11.76 52.02 -40.34
CA ARG X 42 11.48 52.21 -38.93
C ARG X 42 11.07 50.90 -38.26
N ASP X 43 10.51 49.97 -39.02
CA ASP X 43 10.08 48.68 -38.49
C ASP X 43 11.16 47.61 -38.59
N GLY X 44 12.34 47.95 -39.09
CA GLY X 44 13.41 46.98 -39.23
C GLY X 44 13.60 46.56 -40.67
N PRO X 45 14.46 45.56 -40.88
CA PRO X 45 14.75 45.06 -42.24
C PRO X 45 13.64 44.16 -42.79
N VAL X 46 12.60 44.82 -43.32
CA VAL X 46 11.47 44.10 -43.92
C VAL X 46 11.68 44.06 -45.43
N PRO X 47 11.49 42.93 -46.09
CA PRO X 47 11.65 42.90 -47.55
C PRO X 47 10.57 43.72 -48.24
N SER X 48 10.94 44.31 -49.36
CA SER X 48 9.99 45.07 -50.16
C SER X 48 9.05 44.12 -50.90
N SER X 49 7.97 44.70 -51.43
CA SER X 49 6.98 43.95 -52.19
C SER X 49 7.14 44.17 -53.69
N ARG X 50 8.21 44.82 -54.13
CA ARG X 50 8.49 45.06 -55.53
C ARG X 50 9.77 44.34 -55.91
N GLU X 51 9.74 43.62 -57.02
CA GLU X 51 10.91 42.88 -57.46
C GLU X 51 11.99 43.85 -57.93
N LEU X 52 13.20 43.67 -57.42
CA LEU X 52 14.33 44.52 -57.75
C LEU X 52 15.12 44.00 -58.94
N ILE X 53 15.40 42.69 -58.97
CA ILE X 53 16.18 42.09 -60.03
C ILE X 53 15.29 41.24 -60.91
N VAL X 54 15.83 40.81 -62.04
CA VAL X 54 15.12 39.95 -62.98
C VAL X 54 15.25 38.50 -62.52
N ARG X 55 14.22 37.72 -62.77
CA ARG X 55 14.20 36.33 -62.32
C ARG X 55 15.31 35.56 -63.01
N PRO X 56 16.25 34.95 -62.28
CA PRO X 56 17.29 34.16 -62.93
C PRO X 56 16.74 32.84 -63.46
N ASP X 57 17.44 32.30 -64.44
CA ASP X 57 17.13 30.98 -64.97
C ASP X 57 17.71 29.85 -64.13
N THR X 58 18.59 30.17 -63.18
CA THR X 58 19.17 29.18 -62.28
C THR X 58 19.77 29.92 -61.09
N LEU X 59 20.20 29.14 -60.09
CA LEU X 59 20.80 29.69 -58.89
C LEU X 59 22.11 28.98 -58.59
N ARG X 60 23.05 29.72 -58.02
CA ARG X 60 24.30 29.15 -57.53
C ARG X 60 24.08 28.73 -56.08
N ALA X 61 24.34 27.45 -55.79
CA ALA X 61 24.06 26.94 -54.46
C ALA X 61 25.12 25.92 -54.06
N ILE X 62 25.30 25.79 -52.75
CA ILE X 62 26.13 24.77 -52.14
C ILE X 62 25.30 24.05 -51.09
N ILE X 63 25.65 22.80 -50.83
CA ILE X 63 24.91 21.97 -49.88
C ILE X 63 25.68 21.92 -48.57
N ASN X 64 24.97 22.12 -47.46
CA ASN X 64 25.56 22.05 -46.13
C ASN X 64 24.46 21.66 -45.16
N ASN X 65 24.71 20.58 -44.40
CA ASN X 65 23.70 20.01 -43.52
C ASN X 65 24.20 19.87 -42.08
N ARG X 66 25.22 20.63 -41.70
CA ARG X 66 25.76 20.56 -40.35
C ARG X 66 24.91 21.43 -39.43
N ALA X 67 24.17 20.78 -38.53
CA ALA X 67 23.35 21.50 -37.55
C ALA X 67 24.17 21.76 -36.30
N THR X 68 24.16 23.00 -35.85
CA THR X 68 24.98 23.41 -34.72
C THR X 68 24.47 24.75 -34.20
N ILE X 69 24.99 25.17 -33.06
CA ILE X 69 24.60 26.42 -32.41
C ILE X 69 25.75 27.41 -32.57
N GLU X 70 25.44 28.57 -33.14
CA GLU X 70 26.41 29.64 -33.34
C GLU X 70 25.98 30.85 -32.54
N THR X 71 26.95 31.68 -32.15
CA THR X 71 26.69 32.88 -31.38
C THR X 71 27.43 34.05 -31.99
N THR X 72 26.80 35.22 -31.96
CA THR X 72 27.38 36.45 -32.50
C THR X 72 27.12 37.59 -31.53
N THR X 73 28.03 38.56 -31.52
CA THR X 73 27.91 39.74 -30.68
C THR X 73 28.16 40.99 -31.51
N MET X 74 27.44 42.05 -31.18
CA MET X 74 27.51 43.32 -31.89
C MET X 74 27.56 44.46 -30.90
N GLU X 75 28.32 45.50 -31.23
CA GLU X 75 28.44 46.66 -30.37
C GLU X 75 27.70 47.89 -30.88
N ALA X 76 27.32 47.92 -32.16
CA ALA X 76 26.59 49.05 -32.70
C ALA X 76 25.27 49.23 -31.96
N GLU X 77 24.76 50.47 -31.99
CA GLU X 77 23.59 50.81 -31.19
C GLU X 77 22.29 50.35 -31.83
N PHE X 78 22.04 50.76 -33.08
CA PHE X 78 20.75 50.57 -33.72
C PHE X 78 20.68 49.29 -34.55
N THR X 79 21.44 48.25 -34.19
CA THR X 79 21.50 47.02 -34.96
C THR X 79 20.72 45.88 -34.32
N GLU X 80 19.78 46.20 -33.42
CA GLU X 80 19.01 45.15 -32.76
C GLU X 80 18.20 44.33 -33.76
N THR X 81 17.50 45.01 -34.67
CA THR X 81 16.67 44.30 -35.64
C THR X 81 17.53 43.48 -36.60
N LEU X 82 18.69 44.01 -37.00
CA LEU X 82 19.58 43.24 -37.86
C LEU X 82 20.07 41.97 -37.16
N MET X 83 20.46 42.10 -35.89
CA MET X 83 20.86 40.91 -35.15
C MET X 83 19.71 39.91 -35.04
N GLU X 84 18.49 40.43 -34.82
CA GLU X 84 17.33 39.55 -34.81
C GLU X 84 17.08 38.88 -36.16
N SER X 85 17.48 39.53 -37.25
CA SER X 85 17.35 38.96 -38.59
C SER X 85 18.55 38.13 -38.98
N ASN X 86 19.54 38.00 -38.08
CA ASN X 86 20.67 37.09 -38.27
C ASN X 86 21.59 37.57 -39.38
N TYR X 87 21.94 38.85 -39.32
CA TYR X 87 22.94 39.41 -40.22
C TYR X 87 24.31 39.28 -39.59
N ASN X 88 25.27 38.74 -40.33
CA ASN X 88 26.62 38.61 -39.82
C ASN X 88 27.24 40.00 -39.69
N SER X 89 28.51 40.02 -39.25
CA SER X 89 29.15 41.30 -38.93
C SER X 89 29.24 42.19 -40.17
N ALA X 90 29.64 41.63 -41.31
CA ALA X 90 29.79 42.44 -42.52
C ALA X 90 28.46 43.01 -42.97
N SER X 91 27.41 42.19 -42.97
CA SER X 91 26.10 42.67 -43.39
C SER X 91 25.58 43.74 -42.43
N VAL X 92 25.77 43.54 -41.13
CA VAL X 92 25.34 44.54 -40.16
C VAL X 92 26.10 45.85 -40.38
N LYS X 93 27.40 45.76 -40.64
CA LYS X 93 28.18 46.95 -40.90
C LYS X 93 27.68 47.68 -42.14
N VAL X 94 27.35 46.93 -43.19
CA VAL X 94 26.89 47.56 -44.43
C VAL X 94 25.53 48.21 -44.22
N SER X 95 24.65 47.57 -43.46
CA SER X 95 23.28 48.04 -43.31
C SER X 95 23.11 49.06 -42.19
N ALA X 96 24.09 49.23 -41.31
CA ALA X 96 23.90 50.12 -40.16
C ALA X 96 23.55 51.54 -40.56
N PRO X 97 24.19 52.17 -41.55
CA PRO X 97 23.84 53.57 -41.85
C PRO X 97 22.36 53.77 -42.13
N PHE X 98 21.75 52.88 -42.93
CA PHE X 98 20.35 53.05 -43.28
C PHE X 98 19.45 52.83 -42.07
N ILE X 99 19.72 51.78 -41.30
CA ILE X 99 18.90 51.50 -40.12
C ILE X 99 18.96 52.66 -39.15
N THR X 100 20.15 53.18 -38.89
CA THR X 100 20.28 54.33 -38.00
C THR X 100 19.50 55.52 -38.56
N ALA X 101 19.74 55.84 -39.84
CA ALA X 101 19.08 57.01 -40.43
C ALA X 101 17.57 56.92 -40.32
N ASN X 102 16.99 55.75 -40.54
CA ASN X 102 15.54 55.59 -40.56
C ASN X 102 14.96 55.12 -39.23
N SER X 103 15.78 54.95 -38.19
CA SER X 103 15.28 54.47 -36.91
C SER X 103 14.41 55.53 -36.24
N GLU X 104 13.80 55.15 -35.12
CA GLU X 104 13.01 56.05 -34.29
C GLU X 104 13.81 56.33 -33.02
N TYR X 105 14.42 57.50 -32.94
CA TYR X 105 15.20 57.86 -31.76
C TYR X 105 14.28 58.22 -30.60
N SER X 106 14.77 58.03 -29.39
CA SER X 106 14.01 58.34 -28.19
C SER X 106 14.93 58.24 -26.99
N GLU X 107 14.66 59.07 -25.99
CA GLU X 107 15.37 58.97 -24.72
C GLU X 107 14.96 57.68 -24.00
N SER X 108 15.57 57.43 -22.85
CA SER X 108 15.31 56.24 -22.07
C SER X 108 15.67 54.96 -22.83
N SER X 109 16.50 55.08 -23.87
CA SER X 109 16.90 53.90 -24.62
C SER X 109 17.70 52.96 -23.73
N SER X 110 17.34 51.67 -23.76
CA SER X 110 18.02 50.70 -22.91
C SER X 110 19.49 50.56 -23.27
N PHE X 111 19.89 50.98 -24.47
CA PHE X 111 21.29 50.90 -24.88
C PHE X 111 22.07 52.04 -24.24
N LYS X 112 23.26 51.69 -23.72
CA LYS X 112 24.15 52.66 -23.09
C LYS X 112 25.53 52.52 -23.70
N ASN X 113 26.11 53.66 -24.12
CA ASN X 113 27.44 53.68 -24.72
C ASN X 113 28.24 54.85 -24.17
N THR X 114 28.14 55.08 -22.85
CA THR X 114 28.90 56.16 -22.23
C THR X 114 30.36 55.75 -22.08
N GLU X 115 31.18 56.68 -21.59
CA GLU X 115 32.61 56.38 -21.44
C GLU X 115 32.88 55.43 -20.28
N THR X 116 31.89 55.17 -19.43
CA THR X 116 32.07 54.33 -18.25
C THR X 116 31.45 52.94 -18.38
N GLU X 117 30.35 52.82 -19.13
CA GLU X 117 29.73 51.51 -19.37
C GLU X 117 29.55 51.29 -20.86
N LYS X 118 29.38 50.01 -21.22
CA LYS X 118 29.25 49.57 -22.60
C LYS X 118 28.11 48.57 -22.70
N SER X 119 27.34 48.67 -23.79
CA SER X 119 26.20 47.80 -24.03
C SER X 119 26.40 47.02 -25.33
N MET X 120 25.94 45.77 -25.34
CA MET X 120 26.15 44.88 -26.47
C MET X 120 24.91 44.02 -26.68
N TYR X 121 24.73 43.57 -27.93
CA TYR X 121 23.69 42.62 -28.28
C TYR X 121 24.30 41.25 -28.54
N THR X 122 23.60 40.20 -28.10
CA THR X 122 24.03 38.83 -28.30
C THR X 122 22.89 38.04 -28.92
N SER X 123 23.24 37.12 -29.82
CA SER X 123 22.26 36.30 -30.52
C SER X 123 22.81 34.89 -30.70
N SER X 124 22.02 33.89 -30.35
CA SER X 124 22.37 32.49 -30.52
C SER X 124 21.38 31.84 -31.46
N ARG X 125 21.88 31.25 -32.54
CA ARG X 125 21.06 30.62 -33.56
C ARG X 125 21.34 29.13 -33.57
N TYR X 126 20.32 28.33 -33.29
CA TYR X 126 20.37 26.89 -33.47
C TYR X 126 19.93 26.62 -34.90
N LEU X 127 20.89 26.26 -35.75
CA LEU X 127 20.69 26.17 -37.19
C LEU X 127 20.59 24.71 -37.63
N PHE X 128 19.64 24.46 -38.52
CA PHE X 128 19.53 23.21 -39.27
C PHE X 128 19.58 23.61 -40.73
N PRO X 129 20.77 23.77 -41.30
CA PRO X 129 20.88 24.32 -42.65
C PRO X 129 20.75 23.26 -43.73
N GLN X 130 20.48 23.74 -44.95
CA GLN X 130 20.44 22.91 -46.13
C GLN X 130 21.40 23.37 -47.21
N GLY X 131 21.87 24.61 -47.15
CA GLY X 131 22.82 25.10 -48.12
C GLY X 131 22.85 26.63 -48.13
N ARG X 132 23.47 27.16 -49.17
CA ARG X 132 23.67 28.60 -49.31
C ARG X 132 23.48 28.98 -50.77
N ILE X 133 22.80 30.08 -51.00
CA ILE X 133 22.52 30.60 -52.34
C ILE X 133 23.22 31.94 -52.49
N ASP X 134 23.84 32.13 -53.66
CA ASP X 134 24.67 33.30 -53.92
C ASP X 134 24.23 33.96 -55.22
N PHE X 135 24.44 35.28 -55.28
CA PHE X 135 24.18 36.08 -56.47
C PHE X 135 25.45 36.80 -56.87
N THR X 136 25.56 37.11 -58.16
CA THR X 136 26.73 37.78 -58.71
C THR X 136 26.44 39.27 -58.81
N THR X 137 27.20 40.08 -58.08
CA THR X 137 27.05 41.51 -58.19
C THR X 137 27.77 42.02 -59.45
N PRO X 138 27.33 43.15 -60.00
CA PRO X 138 28.04 43.69 -61.17
C PRO X 138 29.51 43.98 -60.89
N ASP X 139 29.85 44.38 -59.66
CA ASP X 139 31.24 44.67 -59.33
C ASP X 139 32.12 43.43 -59.41
N SER X 140 31.54 42.24 -59.28
CA SER X 140 32.35 41.03 -59.33
C SER X 140 33.02 40.87 -60.68
N GLY X 141 32.31 41.18 -61.77
CA GLY X 141 32.87 41.13 -63.10
C GLY X 141 32.64 39.82 -63.83
N PHE X 142 31.87 38.90 -63.27
CA PHE X 142 31.61 37.63 -63.94
C PHE X 142 30.46 37.79 -64.93
N ASP X 143 30.24 36.74 -65.71
CA ASP X 143 29.31 36.80 -66.84
C ASP X 143 27.85 36.62 -66.41
N ASP X 144 27.59 36.09 -65.23
CA ASP X 144 26.23 35.81 -64.77
C ASP X 144 25.73 36.87 -63.78
N VAL X 145 26.10 38.13 -64.00
CA VAL X 145 25.67 39.19 -63.08
C VAL X 145 24.15 39.25 -63.03
N ILE X 146 23.63 39.72 -61.90
CA ILE X 146 22.20 39.99 -61.78
C ILE X 146 21.86 41.25 -62.56
N LYS X 147 20.68 41.25 -63.18
CA LYS X 147 20.24 42.36 -64.01
C LYS X 147 19.10 43.08 -63.30
N LEU X 148 19.29 44.39 -63.07
CA LEU X 148 18.24 45.18 -62.43
C LEU X 148 17.00 45.24 -63.31
N SER X 149 15.85 45.26 -62.68
CA SER X 149 14.59 45.24 -63.41
C SER X 149 14.44 46.53 -64.22
N PRO X 150 13.84 46.46 -65.40
CA PRO X 150 13.61 47.70 -66.17
C PRO X 150 12.76 48.70 -65.41
N GLN X 151 11.83 48.24 -64.57
CA GLN X 151 11.03 49.18 -63.79
C GLN X 151 11.91 49.98 -62.84
N PHE X 152 12.83 49.31 -62.14
CA PHE X 152 13.73 50.02 -61.24
C PHE X 152 14.64 50.96 -62.00
N THR X 153 15.17 50.51 -63.14
CA THR X 153 16.06 51.37 -63.91
C THR X 153 15.32 52.61 -64.41
N SER X 154 14.08 52.44 -64.89
CA SER X 154 13.29 53.57 -65.34
C SER X 154 12.96 54.51 -64.20
N GLY X 155 12.67 53.94 -63.01
CA GLY X 155 12.43 54.79 -61.86
C GLY X 155 13.64 55.64 -61.50
N VAL X 156 14.82 55.03 -61.53
CA VAL X 156 16.05 55.79 -61.24
C VAL X 156 16.24 56.89 -62.28
N GLN X 157 16.03 56.56 -63.55
CA GLN X 157 16.19 57.57 -64.61
C GLN X 157 15.22 58.72 -64.42
N ALA X 158 13.95 58.41 -64.11
CA ALA X 158 12.97 59.46 -63.91
C ALA X 158 13.33 60.31 -62.70
N ALA X 159 13.80 59.69 -61.63
CA ALA X 159 14.21 60.46 -60.45
C ALA X 159 15.36 61.41 -60.79
N LEU X 160 16.34 60.93 -61.54
CA LEU X 160 17.49 61.76 -61.90
C LEU X 160 17.18 62.76 -63.00
N ALA X 161 16.05 62.64 -63.68
CA ALA X 161 15.69 63.56 -64.75
C ALA X 161 14.88 64.74 -64.26
N LYS X 162 14.67 64.87 -62.95
CA LYS X 162 13.84 65.95 -62.42
C LYS X 162 14.56 67.29 -62.53
N ALA X 163 13.77 68.37 -62.45
CA ALA X 163 14.28 69.70 -62.74
C ALA X 163 15.29 70.16 -61.69
N THR X 164 14.97 69.98 -60.42
CA THR X 164 15.75 70.56 -59.33
C THR X 164 16.38 69.47 -58.48
N GLY X 165 17.48 69.84 -57.81
CA GLY X 165 18.17 68.87 -56.96
C GLY X 165 17.29 68.37 -55.83
N THR X 166 16.50 69.26 -55.22
CA THR X 166 15.60 68.83 -54.16
C THR X 166 14.59 67.81 -54.68
N GLU X 167 14.03 68.05 -55.86
CA GLU X 167 13.09 67.09 -56.43
C GLU X 167 13.77 65.77 -56.75
N LYS X 168 15.00 65.83 -57.27
CA LYS X 168 15.74 64.60 -57.53
C LYS X 168 15.96 63.81 -56.25
N ARG X 169 16.35 64.49 -55.18
CA ARG X 169 16.59 63.81 -53.91
C ARG X 169 15.30 63.22 -53.35
N GLU X 170 14.19 63.96 -53.46
CA GLU X 170 12.92 63.43 -52.98
C GLU X 170 12.51 62.19 -53.77
N ALA X 171 12.69 62.24 -55.10
CA ALA X 171 12.35 61.08 -55.92
C ALA X 171 13.23 59.89 -55.57
N LEU X 172 14.53 60.11 -55.36
CA LEU X 172 15.40 59.02 -54.98
C LEU X 172 15.02 58.46 -53.62
N GLN X 173 14.65 59.32 -52.68
CA GLN X 173 14.25 58.84 -51.36
C GLN X 173 13.00 57.98 -51.47
N ASN X 174 12.01 58.41 -52.24
CA ASN X 174 10.81 57.60 -52.43
C ASN X 174 11.15 56.28 -53.11
N LEU X 175 11.98 56.32 -54.14
CA LEU X 175 12.33 55.11 -54.87
C LEU X 175 13.03 54.10 -53.97
N PHE X 176 13.95 54.56 -53.13
CA PHE X 176 14.65 53.65 -52.25
C PHE X 176 13.77 53.18 -51.10
N GLN X 177 12.85 54.01 -50.62
CA GLN X 177 11.90 53.56 -49.61
C GLN X 177 10.97 52.49 -50.19
N GLU X 178 10.72 52.53 -51.49
CA GLU X 178 9.83 51.54 -52.09
C GLU X 178 10.58 50.26 -52.46
N TYR X 179 11.76 50.38 -53.05
CA TYR X 179 12.46 49.23 -53.60
C TYR X 179 13.50 48.63 -52.67
N GLY X 180 13.80 49.27 -51.54
CA GLY X 180 14.79 48.77 -50.61
C GLY X 180 16.09 49.57 -50.66
N HIS X 181 16.94 49.31 -49.67
CA HIS X 181 18.24 49.95 -49.54
C HIS X 181 19.40 49.01 -49.78
N VAL X 182 19.24 47.72 -49.49
CA VAL X 182 20.29 46.73 -49.70
C VAL X 182 19.67 45.49 -50.35
N PHE X 183 20.53 44.67 -50.94
CA PHE X 183 20.13 43.43 -51.58
C PHE X 183 20.96 42.29 -51.01
N ARG X 184 20.31 41.20 -50.61
CA ARG X 184 20.99 40.07 -50.02
C ARG X 184 21.67 39.26 -51.12
N THR X 185 23.00 39.23 -51.11
CA THR X 185 23.75 38.52 -52.13
C THR X 185 24.10 37.08 -51.74
N LYS X 186 24.18 36.78 -50.44
CA LYS X 186 24.46 35.42 -49.98
C LYS X 186 23.52 35.12 -48.83
N VAL X 187 22.71 34.07 -48.98
CA VAL X 187 21.69 33.72 -47.99
C VAL X 187 21.73 32.22 -47.73
N HIS X 188 21.66 31.84 -46.47
CA HIS X 188 21.63 30.44 -46.08
C HIS X 188 20.18 29.97 -45.99
N ILE X 189 19.94 28.73 -46.38
CA ILE X 189 18.60 28.16 -46.39
C ILE X 189 18.52 27.08 -45.32
N GLY X 190 17.31 26.85 -44.81
CA GLY X 190 17.09 25.83 -43.81
C GLY X 190 16.15 26.27 -42.71
N GLY X 191 16.41 25.83 -41.47
CA GLY X 191 15.61 26.23 -40.34
C GLY X 191 16.50 26.78 -39.24
N VAL X 192 15.91 27.60 -38.38
CA VAL X 192 16.68 28.24 -37.32
C VAL X 192 15.78 28.60 -36.14
N LEU X 193 16.27 28.31 -34.94
CA LEU X 193 15.67 28.79 -33.70
C LEU X 193 16.63 29.81 -33.10
N SER X 194 16.17 31.06 -32.96
CA SER X 194 17.04 32.15 -32.56
C SER X 194 16.64 32.69 -31.20
N ALA X 195 17.63 33.03 -30.39
CA ALA X 195 17.42 33.68 -29.10
C ALA X 195 18.33 34.89 -29.00
N HIS X 196 17.74 36.05 -28.70
CA HIS X 196 18.47 37.31 -28.70
C HIS X 196 18.32 38.02 -27.38
N THR X 197 19.35 38.78 -27.00
CA THR X 197 19.34 39.52 -25.75
C THR X 197 20.31 40.68 -25.84
N MET X 198 20.24 41.57 -24.86
CA MET X 198 21.16 42.69 -24.74
C MET X 198 21.67 42.77 -23.31
N GLU X 199 22.92 43.20 -23.17
CA GLU X 199 23.56 43.29 -21.86
C GLU X 199 24.39 44.55 -21.78
N THR X 200 24.29 45.25 -20.65
CA THR X 200 25.08 46.42 -20.35
C THR X 200 25.98 46.13 -19.15
N PHE X 201 27.22 46.58 -19.23
CA PHE X 201 28.19 46.28 -18.18
C PHE X 201 29.26 47.36 -18.16
N SER X 202 29.85 47.55 -16.98
CA SER X 202 30.90 48.56 -16.84
C SER X 202 32.10 48.18 -17.70
N ARG X 203 32.73 49.19 -18.30
CA ARG X 203 33.90 48.96 -19.13
C ARG X 203 35.06 48.38 -18.34
N SER X 204 35.07 48.57 -17.02
CA SER X 204 36.16 48.02 -16.20
C SER X 204 36.10 46.51 -16.14
N GLU X 205 34.91 45.93 -16.23
CA GLU X 205 34.77 44.48 -16.14
C GLU X 205 35.43 43.80 -17.33
N ASN X 206 35.88 42.56 -17.11
CA ASN X 206 36.51 41.80 -18.18
C ASN X 206 35.50 41.50 -19.28
N GLU X 207 35.74 42.08 -20.46
CA GLU X 207 34.81 41.90 -21.56
C GLU X 207 34.79 40.45 -22.04
N THR X 208 35.92 39.76 -21.98
CA THR X 208 36.01 38.38 -22.42
C THR X 208 35.55 37.41 -21.36
N GLU X 209 35.04 37.90 -20.24
CA GLU X 209 34.29 37.10 -19.30
C GLU X 209 32.81 37.40 -19.35
N VAL X 210 32.43 38.67 -19.54
CA VAL X 210 31.03 39.01 -19.74
C VAL X 210 30.51 38.32 -21.01
N LYS X 211 31.29 38.38 -22.09
CA LYS X 211 30.85 37.77 -23.35
C LYS X 211 30.70 36.27 -23.19
N GLN X 212 31.67 35.62 -22.56
CA GLN X 212 31.61 34.17 -22.39
C GLN X 212 30.41 33.76 -21.53
N ASP X 213 30.17 34.48 -20.44
CA ASP X 213 29.04 34.15 -19.58
C ASP X 213 27.73 34.31 -20.32
N VAL X 214 27.57 35.43 -21.04
CA VAL X 214 26.32 35.66 -21.77
C VAL X 214 26.14 34.61 -22.85
N LYS X 215 27.22 34.27 -23.56
CA LYS X 215 27.13 33.26 -24.60
C LYS X 215 26.72 31.92 -24.03
N ALA X 216 27.31 31.52 -22.91
CA ALA X 216 26.94 30.24 -22.31
C ALA X 216 25.47 30.22 -21.91
N GLY X 217 25.01 31.30 -21.27
CA GLY X 217 23.61 31.34 -20.87
C GLY X 217 22.67 31.27 -22.05
N LEU X 218 22.93 32.07 -23.08
CA LEU X 218 22.04 32.10 -24.25
C LEU X 218 22.08 30.77 -25.01
N GLU X 219 23.25 30.15 -25.11
CA GLU X 219 23.35 28.86 -25.77
C GLU X 219 22.56 27.80 -25.01
N GLY X 220 22.66 27.80 -23.68
CA GLY X 220 21.83 26.89 -22.90
C GLY X 220 20.35 27.14 -23.11
N ALA X 221 19.96 28.41 -23.25
CA ALA X 221 18.56 28.75 -23.46
C ALA X 221 18.06 28.22 -24.80
N VAL X 222 18.83 28.44 -25.86
CA VAL X 222 18.42 27.97 -27.18
C VAL X 222 18.48 26.45 -27.29
N LYS X 223 19.26 25.74 -26.51
CA LYS X 223 19.28 24.30 -26.63
C LYS X 223 18.02 23.69 -26.10
N GLY X 224 17.55 24.13 -24.95
CA GLY X 224 16.30 23.66 -24.44
C GLY X 224 15.12 24.42 -24.97
N TRP X 225 14.84 24.28 -26.24
CA TRP X 225 13.70 24.95 -26.85
C TRP X 225 13.61 24.51 -28.29
N GLN X 237 10.84 30.15 -21.42
CA GLN X 237 11.48 30.94 -20.37
C GLN X 237 12.03 32.23 -20.95
N GLY X 238 11.35 33.34 -20.67
CA GLY X 238 11.75 34.63 -21.22
C GLY X 238 12.89 35.30 -20.50
N THR X 239 13.29 34.80 -19.35
CA THR X 239 14.35 35.41 -18.56
C THR X 239 15.33 34.33 -18.12
N ILE X 240 16.62 34.65 -18.19
CA ILE X 240 17.69 33.69 -17.98
C ILE X 240 18.65 34.24 -16.93
N THR X 241 19.18 33.35 -16.11
CA THR X 241 20.20 33.70 -15.12
C THR X 241 21.50 33.01 -15.52
N THR X 242 22.56 33.81 -15.69
CA THR X 242 23.84 33.28 -16.12
C THR X 242 24.67 32.83 -14.93
N SER X 243 25.89 32.36 -15.21
CA SER X 243 26.78 31.92 -14.14
C SER X 243 27.16 33.07 -13.23
N GLN X 244 27.40 34.25 -13.80
CA GLN X 244 27.73 35.44 -13.03
C GLN X 244 26.51 36.08 -12.37
N ASN X 245 25.38 35.36 -12.32
CA ASN X 245 24.14 35.87 -11.75
C ASN X 245 23.60 37.06 -12.53
N ARG X 246 23.94 37.15 -13.82
CA ARG X 246 23.40 38.18 -14.67
C ARG X 246 22.00 37.79 -15.13
N LYS X 247 21.08 38.75 -15.09
CA LYS X 247 19.70 38.53 -15.47
C LYS X 247 19.49 39.07 -16.89
N LEU X 248 19.09 38.19 -17.81
CA LEU X 248 18.96 38.52 -19.22
C LEU X 248 17.54 38.29 -19.69
N ASN X 249 17.01 39.23 -20.47
CA ASN X 249 15.72 39.04 -21.14
C ASN X 249 15.97 38.53 -22.54
N VAL X 250 15.32 37.41 -22.90
CA VAL X 250 15.60 36.70 -24.14
C VAL X 250 14.35 36.75 -25.02
N LYS X 251 14.55 37.11 -26.28
CA LYS X 251 13.50 37.09 -27.29
C LYS X 251 13.74 35.89 -28.20
N TYR X 252 12.70 35.08 -28.39
CA TYR X 252 12.79 33.84 -29.15
C TYR X 252 12.09 33.99 -30.49
N ILE X 253 12.72 33.47 -31.54
CA ILE X 253 12.16 33.48 -32.89
C ILE X 253 12.25 32.07 -33.44
N VAL X 254 11.16 31.58 -34.02
CA VAL X 254 11.06 30.23 -34.56
C VAL X 254 10.95 30.33 -36.07
N ASN X 255 11.87 29.69 -36.77
CA ASN X 255 11.86 29.60 -38.23
C ASN X 255 12.19 28.17 -38.63
N VAL X 256 11.45 27.22 -38.08
CA VAL X 256 11.66 25.81 -38.36
C VAL X 256 10.32 25.10 -38.26
N VAL X 257 10.06 24.19 -39.20
CA VAL X 257 8.83 23.42 -39.22
C VAL X 257 9.12 21.97 -39.54
N GLN X 274 10.89 18.50 -45.45
CA GLN X 274 10.19 18.87 -46.66
C GLN X 274 10.74 20.19 -47.20
N SER X 275 11.07 20.21 -48.50
CA SER X 275 11.69 21.38 -49.11
C SER X 275 10.76 22.58 -49.19
N GLU X 276 9.45 22.38 -49.02
CA GLU X 276 8.51 23.49 -49.13
C GLU X 276 8.60 24.45 -47.96
N HIS X 277 9.14 24.02 -46.83
CA HIS X 277 9.18 24.83 -45.62
C HIS X 277 10.56 25.43 -45.36
N TRP X 278 11.50 25.31 -46.30
CA TRP X 278 12.81 25.90 -46.12
C TRP X 278 12.72 27.42 -46.24
N ARG X 279 13.42 28.12 -45.35
CA ARG X 279 13.40 29.58 -45.32
C ARG X 279 14.81 30.10 -45.08
N VAL X 280 15.00 31.39 -45.36
CA VAL X 280 16.30 32.01 -45.14
C VAL X 280 16.58 32.07 -43.64
N ILE X 281 17.75 31.58 -43.24
CA ILE X 281 18.13 31.51 -41.84
C ILE X 281 19.30 32.42 -41.49
N GLU X 282 19.98 32.98 -42.48
CA GLU X 282 21.14 33.82 -42.21
C GLU X 282 21.52 34.56 -43.48
N VAL X 283 21.99 35.79 -43.32
CA VAL X 283 22.44 36.62 -44.44
C VAL X 283 23.93 36.83 -44.26
N THR X 284 24.73 36.30 -45.20
CA THR X 284 26.17 36.38 -45.10
C THR X 284 26.76 37.60 -45.81
N GLU X 285 26.03 38.18 -46.76
CA GLU X 285 26.54 39.33 -47.49
C GLU X 285 25.36 40.13 -48.05
N VAL X 286 25.47 41.44 -47.97
CA VAL X 286 24.51 42.35 -48.59
C VAL X 286 25.28 43.44 -49.32
N THR X 287 24.68 43.95 -50.39
CA THR X 287 25.27 45.00 -51.20
C THR X 287 24.26 46.13 -51.34
N ALA X 288 24.71 47.36 -51.13
CA ALA X 288 23.83 48.50 -51.24
C ALA X 288 23.19 48.53 -52.63
N VAL X 289 21.90 48.84 -52.67
CA VAL X 289 21.16 48.85 -53.94
C VAL X 289 21.79 49.85 -54.90
N ALA X 290 22.24 51.00 -54.37
CA ALA X 290 22.90 51.98 -55.23
C ALA X 290 24.11 51.39 -55.93
N ASP X 291 24.85 50.51 -55.24
CA ASP X 291 26.06 49.94 -55.83
C ASP X 291 25.76 49.08 -57.05
N LEU X 292 24.52 48.63 -57.22
CA LEU X 292 24.17 47.76 -58.33
C LEU X 292 24.01 48.51 -59.64
N LEU X 293 23.93 49.83 -59.61
CA LEU X 293 23.72 50.61 -60.82
C LEU X 293 25.01 50.77 -61.61
N PRO X 294 24.91 51.08 -62.91
CA PRO X 294 26.12 51.36 -63.68
C PRO X 294 26.86 52.56 -63.12
N GLN X 295 28.18 52.55 -63.27
CA GLN X 295 29.02 53.53 -62.57
C GLN X 295 28.60 54.98 -62.79
N PRO X 296 28.34 55.46 -64.02
CA PRO X 296 27.99 56.87 -64.17
C PRO X 296 26.75 57.28 -63.39
N ILE X 297 25.75 56.40 -63.32
CA ILE X 297 24.55 56.72 -62.55
C ILE X 297 24.78 56.49 -61.06
N ARG X 298 25.61 55.50 -60.72
CA ARG X 298 25.90 55.21 -59.32
C ARG X 298 26.57 56.40 -58.65
N GLY X 299 27.51 57.03 -59.36
CA GLY X 299 28.18 58.20 -58.79
C GLY X 299 27.19 59.31 -58.48
N GLN X 300 26.31 59.61 -59.44
CA GLN X 300 25.33 60.67 -59.24
C GLN X 300 24.39 60.33 -58.09
N VAL X 301 23.93 59.08 -58.01
CA VAL X 301 23.00 58.70 -56.95
C VAL X 301 23.68 58.81 -55.59
N LYS X 302 24.92 58.34 -55.49
CA LYS X 302 25.64 58.42 -54.22
C LYS X 302 25.84 59.86 -53.81
N ASP X 303 26.21 60.73 -54.76
CA ASP X 303 26.38 62.14 -54.43
C ASP X 303 25.06 62.76 -54.00
N LEU X 304 23.96 62.44 -54.68
CA LEU X 304 22.67 63.04 -54.35
C LEU X 304 22.12 62.53 -53.03
N LEU X 305 22.54 61.36 -52.56
CA LEU X 305 22.05 60.82 -51.31
C LEU X 305 22.77 61.38 -50.09
N LYS X 306 23.74 62.26 -50.27
CA LYS X 306 24.47 62.82 -49.14
C LYS X 306 23.58 63.79 -48.37
N PRO X 307 23.40 63.61 -47.05
CA PRO X 307 22.44 64.47 -46.33
C PRO X 307 22.77 65.96 -46.35
N LEU X 308 24.04 66.34 -46.32
CA LEU X 308 24.44 67.72 -46.08
C LEU X 308 25.28 68.27 -47.22
N LEU X 309 25.10 69.55 -47.52
CA LEU X 309 25.99 70.29 -48.40
C LEU X 309 26.95 71.10 -47.56
N GLY X 310 28.25 70.99 -47.87
CA GLY X 310 29.27 71.63 -47.06
C GLY X 310 29.91 72.83 -47.71
N LYS X 311 30.51 73.70 -46.88
CA LYS X 311 31.17 74.90 -47.37
C LYS X 311 32.23 75.31 -46.35
N TRP X 312 33.30 75.92 -46.86
CA TRP X 312 34.37 76.43 -46.03
C TRP X 312 34.31 77.95 -46.01
N VAL X 313 34.38 78.54 -44.80
CA VAL X 313 34.28 79.98 -44.64
C VAL X 313 35.38 80.45 -43.70
N ASP X 314 35.61 81.77 -43.72
CA ASP X 314 36.63 82.35 -42.86
C ASP X 314 36.17 82.33 -41.40
N VAL X 315 37.12 82.55 -40.49
CA VAL X 315 36.87 82.47 -39.06
C VAL X 315 37.37 83.75 -38.39
N GLU X 316 36.85 84.00 -37.19
CA GLU X 316 37.19 85.16 -36.40
C GLU X 316 37.43 84.74 -34.96
N LYS X 317 38.36 85.42 -34.30
CA LYS X 317 38.67 85.09 -32.91
C LYS X 317 37.59 85.62 -31.98
N VAL X 318 37.12 84.76 -31.09
CA VAL X 318 36.06 85.15 -30.14
C VAL X 318 36.65 86.15 -29.15
N PRO X 319 36.01 87.30 -28.92
CA PRO X 319 36.53 88.25 -27.94
C PRO X 319 36.47 87.66 -26.54
N GLY X 320 37.43 88.09 -25.70
CA GLY X 320 37.50 87.59 -24.36
C GLY X 320 38.09 86.18 -24.32
N LEU X 321 37.83 85.50 -23.20
CA LEU X 321 38.31 84.13 -23.00
C LEU X 321 39.83 84.07 -23.05
N GLU X 322 40.50 85.11 -22.56
CA GLU X 322 41.95 85.13 -22.56
C GLU X 322 42.55 84.17 -21.55
N SER X 323 41.75 83.70 -20.57
CA SER X 323 42.26 82.77 -19.58
C SER X 323 42.55 81.40 -20.18
N LEU X 324 41.80 81.01 -21.22
CA LEU X 324 41.89 79.66 -21.75
C LEU X 324 43.21 79.47 -22.50
N PRO X 325 43.81 78.28 -22.44
CA PRO X 325 45.14 78.09 -23.05
C PRO X 325 45.15 78.30 -24.56
N VAL X 326 44.03 78.12 -25.25
CA VAL X 326 43.99 78.18 -26.70
C VAL X 326 42.89 79.14 -27.13
N SER X 327 43.06 79.70 -28.32
CA SER X 327 42.07 80.62 -28.87
C SER X 327 40.84 79.87 -29.36
N VAL X 328 39.70 80.55 -29.32
CA VAL X 328 38.44 80.02 -29.80
C VAL X 328 38.02 80.80 -31.04
N TYR X 329 37.60 80.09 -32.07
CA TYR X 329 37.23 80.68 -33.34
C TYR X 329 35.79 80.30 -33.71
N ARG X 330 35.08 81.25 -34.29
CA ARG X 330 33.72 81.06 -34.77
C ARG X 330 33.62 81.62 -36.19
N PRO X 331 32.66 81.15 -36.98
CA PRO X 331 32.52 81.68 -38.34
C PRO X 331 32.42 83.19 -38.35
N LYS X 332 33.17 83.82 -39.24
CA LYS X 332 33.20 85.27 -39.33
C LYS X 332 32.03 85.78 -40.15
N GLY X 333 31.54 86.96 -39.78
CA GLY X 333 30.45 87.58 -40.49
C GLY X 333 29.12 86.87 -40.26
N ALA X 334 28.14 87.25 -41.08
CA ALA X 334 26.81 86.67 -40.99
C ALA X 334 26.76 85.36 -41.77
N ILE X 335 26.17 84.35 -41.17
CA ILE X 335 26.03 83.06 -41.86
C ILE X 335 25.09 83.23 -43.04
N PRO X 336 25.41 82.68 -44.22
CA PRO X 336 24.47 82.78 -45.34
C PRO X 336 23.12 82.16 -44.98
N ALA X 337 22.06 82.76 -45.52
CA ALA X 337 20.71 82.30 -45.21
C ALA X 337 20.55 80.84 -45.60
N GLY X 338 19.99 80.06 -44.67
CA GLY X 338 19.77 78.64 -44.89
C GLY X 338 20.91 77.75 -44.48
N TRP X 339 22.06 78.30 -44.11
CA TRP X 339 23.21 77.54 -43.70
C TRP X 339 23.38 77.62 -42.18
N PHE X 340 24.10 76.63 -41.63
CA PHE X 340 24.29 76.52 -40.20
C PHE X 340 25.73 76.10 -39.92
N TRP X 341 26.19 76.37 -38.71
CA TRP X 341 27.51 75.94 -38.25
C TRP X 341 27.36 74.97 -37.10
N LEU X 342 28.45 74.27 -36.78
CA LEU X 342 28.41 73.14 -35.87
C LEU X 342 28.97 73.41 -34.49
N GLY X 343 29.76 74.46 -34.31
CA GLY X 343 30.26 74.80 -33.00
C GLY X 343 31.60 75.51 -33.09
N ASP X 344 32.10 75.88 -31.91
CA ASP X 344 33.38 76.57 -31.83
C ASP X 344 34.53 75.60 -32.09
N THR X 345 35.57 76.09 -32.74
CA THR X 345 36.72 75.27 -33.11
C THR X 345 38.00 76.03 -32.79
N ALA X 346 39.07 75.26 -32.56
CA ALA X 346 40.38 75.83 -32.31
C ALA X 346 41.16 76.09 -33.60
N ASP X 347 40.62 75.69 -34.75
CA ASP X 347 41.29 75.94 -36.02
C ASP X 347 41.23 77.41 -36.35
N ALA X 348 42.39 78.00 -36.70
CA ALA X 348 42.48 79.41 -37.00
C ALA X 348 42.36 79.72 -38.48
N SER X 349 42.08 78.73 -39.32
CA SER X 349 42.06 78.89 -40.76
C SER X 349 40.66 79.00 -41.34
N LYS X 350 39.78 78.05 -41.04
CA LYS X 350 38.48 78.00 -41.69
C LYS X 350 37.48 77.29 -40.78
N ALA X 351 36.20 77.47 -41.12
CA ALA X 351 35.10 76.83 -40.42
C ALA X 351 34.17 76.19 -41.44
N LEU X 352 33.51 75.11 -41.03
CA LEU X 352 32.65 74.32 -41.90
C LEU X 352 31.20 74.69 -41.66
N LEU X 353 30.53 75.14 -42.72
CA LEU X 353 29.10 75.35 -42.72
C LEU X 353 28.41 74.20 -43.46
N VAL X 354 27.23 73.82 -42.98
CA VAL X 354 26.47 72.73 -43.55
C VAL X 354 25.05 73.19 -43.82
N LYS X 355 24.42 72.58 -44.82
CA LYS X 355 23.05 72.90 -45.19
C LYS X 355 22.29 71.60 -45.46
N PRO X 356 21.10 71.42 -44.91
CA PRO X 356 20.33 70.21 -45.20
C PRO X 356 19.97 70.13 -46.67
N THR X 357 19.89 68.91 -47.18
CA THR X 357 19.52 68.66 -48.57
C THR X 357 18.05 68.31 -48.74
N LEU X 358 17.43 67.66 -47.76
CA LEU X 358 16.04 67.25 -47.84
C LEU X 358 15.18 68.13 -46.95
N PRO X 359 14.06 68.66 -47.44
CA PRO X 359 13.19 69.45 -46.58
C PRO X 359 12.64 68.61 -45.43
N ALA X 360 12.42 69.26 -44.29
CA ALA X 360 11.85 68.58 -43.14
C ALA X 360 10.45 68.05 -43.46
N ARG X 361 10.21 66.79 -43.14
CA ARG X 361 8.93 66.14 -43.40
C ARG X 361 8.60 65.20 -42.25
N SER X 362 7.31 65.03 -42.00
CA SER X 362 6.87 64.16 -40.93
C SER X 362 7.30 62.73 -41.20
N GLY X 363 7.71 62.04 -40.13
CA GLY X 363 8.16 60.66 -40.24
C GLY X 363 9.57 60.49 -40.77
N ARG X 364 10.30 61.58 -40.99
CA ARG X 364 11.66 61.53 -41.49
C ARG X 364 12.57 62.27 -40.51
N ASN X 365 13.67 61.63 -40.13
CA ASN X 365 14.61 62.23 -39.20
C ASN X 365 15.33 63.39 -39.86
N PRO X 366 15.25 64.61 -39.33
CA PRO X 366 16.04 65.71 -39.90
C PRO X 366 17.53 65.45 -39.73
N ALA X 367 18.32 65.97 -40.67
CA ALA X 367 19.76 65.83 -40.57
C ALA X 367 20.32 66.67 -39.43
N LEU X 368 19.67 67.79 -39.12
CA LEU X 368 20.14 68.71 -38.09
C LEU X 368 19.00 69.02 -37.13
N THR X 369 19.37 69.44 -35.92
CA THR X 369 18.41 69.78 -34.88
C THR X 369 18.74 71.14 -34.29
N SER X 370 17.69 71.87 -33.91
CA SER X 370 17.87 73.11 -33.17
C SER X 370 18.29 72.80 -31.73
N LEU X 371 18.86 73.81 -31.08
CA LEU X 371 19.31 73.69 -29.70
C LEU X 371 18.57 74.70 -28.84
N HIS X 372 18.32 74.33 -27.59
CA HIS X 372 17.55 75.14 -26.66
C HIS X 372 18.36 75.39 -25.39
N GLN X 373 18.09 76.52 -24.75
CA GLN X 373 18.83 76.89 -23.55
C GLN X 373 18.56 75.90 -22.43
N GLY X 374 19.58 75.67 -21.60
CA GLY X 374 19.46 74.70 -20.54
C GLY X 374 18.43 75.11 -19.50
N SER X 375 18.02 74.13 -18.70
CA SER X 375 16.98 74.36 -17.71
C SER X 375 17.42 75.36 -16.64
N GLY X 376 18.60 75.15 -16.07
CA GLY X 376 19.07 76.02 -15.02
C GLY X 376 20.53 75.84 -14.66
N MET X 377 21.16 76.90 -14.16
CA MET X 377 22.55 76.87 -13.72
C MET X 377 23.47 76.35 -14.81
N THR X 378 23.22 76.79 -16.05
CA THR X 378 24.07 76.41 -17.18
C THR X 378 23.70 77.26 -18.37
N GLU X 379 24.72 77.73 -19.08
CA GLU X 379 24.53 78.48 -20.32
C GLU X 379 24.75 77.61 -21.56
N GLN X 380 24.97 76.32 -21.37
CA GLN X 380 25.21 75.43 -22.50
C GLN X 380 23.90 75.05 -23.18
N PRO X 381 23.95 74.71 -24.47
CA PRO X 381 22.74 74.30 -25.17
C PRO X 381 22.47 72.80 -25.03
N PHE X 382 21.22 72.44 -25.32
CA PHE X 382 20.77 71.06 -25.29
C PHE X 382 20.10 70.73 -26.63
N VAL X 383 20.29 69.50 -27.09
CA VAL X 383 19.72 69.09 -28.37
C VAL X 383 18.21 68.97 -28.24
N ASP X 384 17.48 69.56 -29.20
CA ASP X 384 16.02 69.49 -29.17
C ASP X 384 15.54 68.06 -29.34
N LEU X 385 16.15 67.30 -30.23
CA LEU X 385 15.68 65.96 -30.53
C LEU X 385 16.45 64.92 -29.71
N PRO X 386 15.83 63.76 -29.47
CA PRO X 386 16.34 62.85 -28.43
C PRO X 386 17.83 62.52 -28.51
N GLN X 387 18.27 61.93 -29.62
CA GLN X 387 19.59 61.29 -29.68
C GLN X 387 20.55 61.98 -30.63
N TYR X 388 20.39 63.28 -30.84
CA TYR X 388 21.33 64.03 -31.66
C TYR X 388 22.47 64.56 -30.79
N GLN X 389 23.54 65.00 -31.44
CA GLN X 389 24.73 65.46 -30.74
C GLN X 389 25.36 66.62 -31.48
N TYR X 390 25.90 67.57 -30.72
CA TYR X 390 26.73 68.64 -31.26
C TYR X 390 28.19 68.38 -30.87
N LEU X 391 29.10 69.04 -31.59
CA LEU X 391 30.51 68.69 -31.51
C LEU X 391 31.30 69.54 -30.53
N SER X 392 30.85 70.75 -30.22
CA SER X 392 31.62 71.67 -29.38
C SER X 392 30.72 72.28 -28.33
N THR X 393 31.30 72.53 -27.16
CA THR X 393 30.63 73.28 -26.12
C THR X 393 30.61 74.76 -26.48
N TYR X 394 29.55 75.45 -26.07
CA TYR X 394 29.40 76.86 -26.37
C TYR X 394 30.24 77.69 -25.41
N PHE X 395 31.11 78.53 -25.96
CA PHE X 395 31.95 79.41 -25.16
C PHE X 395 31.29 80.78 -25.08
N GLY X 396 30.37 80.91 -24.15
CA GLY X 396 29.61 82.13 -23.97
C GLY X 396 28.22 81.80 -23.45
N SER X 397 27.27 82.69 -23.76
CA SER X 397 25.88 82.52 -23.38
C SER X 397 25.08 82.19 -24.63
N PHE X 398 24.41 81.04 -24.62
CA PHE X 398 23.67 80.56 -25.78
C PHE X 398 22.25 81.11 -25.74
N ALA X 399 21.85 81.80 -26.81
CA ALA X 399 20.48 82.29 -26.98
C ALA X 399 20.03 81.89 -28.37
N HIS X 400 19.11 80.93 -28.43
CA HIS X 400 18.67 80.39 -29.72
C HIS X 400 17.89 81.39 -30.55
N ASP X 401 17.46 82.50 -29.96
CA ASP X 401 16.66 83.48 -30.68
C ASP X 401 17.50 84.54 -31.39
N THR X 402 18.81 84.57 -31.17
CA THR X 402 19.67 85.57 -31.78
C THR X 402 20.92 84.91 -32.32
N PRO X 403 21.55 85.49 -33.33
CA PRO X 403 22.78 84.91 -33.89
C PRO X 403 23.96 85.15 -32.97
N PRO X 404 24.99 84.31 -33.05
CA PRO X 404 25.14 83.14 -33.92
C PRO X 404 24.51 81.89 -33.31
N GLY X 405 23.84 82.03 -32.16
CA GLY X 405 23.22 80.88 -31.55
C GLY X 405 22.09 80.31 -32.38
N SER X 406 21.33 81.18 -33.05
CA SER X 406 20.19 80.71 -33.84
C SER X 406 20.61 79.85 -35.03
N THR X 407 21.89 79.87 -35.40
CA THR X 407 22.39 79.07 -36.51
C THR X 407 23.24 77.88 -36.06
N LEU X 408 23.26 77.58 -34.77
CA LEU X 408 23.98 76.42 -34.26
C LEU X 408 23.06 75.20 -34.26
N ARG X 409 23.59 74.07 -34.71
CA ARG X 409 22.79 72.87 -34.92
C ARG X 409 23.55 71.64 -34.44
N GLY X 410 22.77 70.59 -34.14
CA GLY X 410 23.31 69.28 -33.86
C GLY X 410 23.29 68.41 -35.11
N LEU X 411 23.61 67.13 -34.90
CA LEU X 411 23.71 66.17 -35.99
C LEU X 411 22.96 64.90 -35.63
N ARG X 412 22.42 64.25 -36.66
CA ARG X 412 21.81 62.95 -36.49
C ARG X 412 22.88 61.96 -36.00
N PRO X 413 22.50 60.95 -35.21
CA PRO X 413 23.52 60.05 -34.66
C PRO X 413 24.34 59.31 -35.70
N ASP X 414 23.81 59.11 -36.92
CA ASP X 414 24.59 58.43 -37.95
C ASP X 414 25.60 59.36 -38.63
N HIS X 415 25.53 60.66 -38.38
CA HIS X 415 26.46 61.60 -38.99
C HIS X 415 27.81 61.65 -38.29
N VAL X 416 27.95 61.08 -37.10
CA VAL X 416 29.12 61.30 -36.27
C VAL X 416 29.74 59.96 -35.86
N LEU X 417 31.03 60.02 -35.53
CA LEU X 417 31.82 58.91 -35.00
C LEU X 417 32.61 59.39 -33.80
N PRO X 418 32.90 58.50 -32.84
CA PRO X 418 33.71 58.92 -31.69
C PRO X 418 35.10 59.38 -32.12
N GLY X 419 35.57 60.43 -31.45
CA GLY X 419 36.89 60.97 -31.68
C GLY X 419 37.84 60.72 -30.52
N ARG X 420 38.90 61.51 -30.48
CA ARG X 420 39.88 61.46 -29.39
C ARG X 420 40.18 62.86 -28.91
N TYR X 421 40.62 62.96 -27.66
CA TYR X 421 40.85 64.24 -27.00
C TYR X 421 42.34 64.55 -26.94
N GLU X 422 42.69 65.80 -27.24
CA GLU X 422 44.02 66.34 -27.01
C GLU X 422 43.89 67.45 -25.98
N MET X 423 44.58 67.31 -24.85
CA MET X 423 44.38 68.20 -23.72
C MET X 423 45.31 69.41 -23.80
N HIS X 424 44.76 70.57 -23.45
CA HIS X 424 45.51 71.81 -23.34
C HIS X 424 45.18 72.48 -22.02
N GLY X 425 46.13 73.23 -21.49
CA GLY X 425 45.96 73.90 -20.22
C GLY X 425 46.60 73.14 -19.08
N ASP X 426 46.90 73.88 -18.01
CA ASP X 426 47.60 73.32 -16.86
C ASP X 426 46.70 73.07 -15.66
N THR X 427 45.53 73.70 -15.60
CA THR X 427 44.62 73.57 -14.47
C THR X 427 43.25 73.14 -14.95
N ILE X 428 42.51 72.47 -14.07
CA ILE X 428 41.18 71.98 -14.41
C ILE X 428 40.26 73.14 -14.77
N SER X 429 40.37 74.25 -14.03
CA SER X 429 39.45 75.37 -14.22
C SER X 429 39.54 75.98 -15.61
N THR X 430 40.65 75.79 -16.32
CA THR X 430 40.85 76.41 -17.62
C THR X 430 41.20 75.41 -18.73
N ALA X 431 41.25 74.12 -18.43
CA ALA X 431 41.66 73.15 -19.42
C ALA X 431 40.59 72.94 -20.49
N VAL X 432 41.04 72.58 -21.69
CA VAL X 432 40.15 72.31 -22.81
C VAL X 432 40.62 71.06 -23.54
N TYR X 433 39.70 70.47 -24.30
CA TYR X 433 39.98 69.35 -25.18
C TYR X 433 39.77 69.79 -26.62
N VAL X 434 40.68 69.37 -27.50
CA VAL X 434 40.53 69.54 -28.94
C VAL X 434 40.25 68.17 -29.54
N THR X 435 39.12 68.05 -30.23
CA THR X 435 38.66 66.76 -30.73
C THR X 435 39.29 66.50 -32.09
N ARG X 436 40.14 65.47 -32.16
CA ARG X 436 40.78 65.07 -33.39
C ARG X 436 40.19 63.76 -33.89
N PRO X 437 40.07 63.57 -35.20
CA PRO X 437 39.55 62.29 -35.70
C PRO X 437 40.46 61.13 -35.36
N VAL X 438 39.86 59.97 -35.20
CA VAL X 438 40.63 58.73 -35.01
C VAL X 438 41.07 58.24 -36.37
N ASP X 439 42.39 58.20 -36.58
CA ASP X 439 42.93 57.80 -37.86
C ASP X 439 42.52 56.36 -38.19
N VAL X 440 42.05 56.15 -39.41
CA VAL X 440 41.64 54.82 -39.86
C VAL X 440 42.25 54.56 -41.24
N PRO X 441 42.51 53.32 -41.61
CA PRO X 441 43.12 53.05 -42.92
C PRO X 441 42.13 53.15 -44.06
N PHE X 442 40.85 52.91 -43.78
CA PHE X 442 39.83 52.91 -44.80
C PHE X 442 39.25 54.32 -44.97
N PRO X 443 39.29 54.91 -46.17
CA PRO X 443 38.73 56.26 -46.33
C PRO X 443 37.25 56.34 -46.02
N GLU X 444 36.53 55.22 -46.03
CA GLU X 444 35.08 55.26 -45.81
C GLU X 444 34.73 55.80 -44.43
N ASP X 445 35.62 55.62 -43.46
CA ASP X 445 35.34 56.02 -42.08
C ASP X 445 36.08 57.29 -41.67
N GLU X 446 36.66 58.02 -42.62
CA GLU X 446 37.36 59.26 -42.29
C GLU X 446 36.38 60.29 -41.76
N CYS X 447 36.86 61.12 -40.84
CA CYS X 447 36.06 62.18 -40.23
C CYS X 447 36.77 63.52 -40.36
N PHE X 448 35.98 64.58 -40.45
CA PHE X 448 36.52 65.92 -40.57
C PHE X 448 37.37 66.26 -39.35
N ASP X 449 38.48 66.98 -39.59
CA ASP X 449 39.35 67.44 -38.52
C ASP X 449 39.00 68.90 -38.24
N LEU X 450 37.88 69.11 -37.57
CA LEU X 450 37.39 70.45 -37.26
C LEU X 450 38.00 71.02 -35.98
N LYS X 451 38.71 70.21 -35.20
CA LYS X 451 39.33 70.67 -33.95
C LYS X 451 38.30 71.28 -33.01
N SER X 452 37.21 70.55 -32.80
CA SER X 452 36.15 71.03 -31.92
C SER X 452 36.68 71.22 -30.51
N LEU X 453 36.22 72.29 -29.85
CA LEU X 453 36.67 72.64 -28.52
C LEU X 453 35.64 72.18 -27.48
N VAL X 454 36.14 71.57 -26.40
CA VAL X 454 35.30 71.10 -25.31
C VAL X 454 35.90 71.59 -24.00
N ARG X 455 35.15 72.37 -23.23
CA ARG X 455 35.63 72.83 -21.94
C ARG X 455 35.73 71.67 -20.98
N VAL X 456 36.88 71.53 -20.30
CA VAL X 456 37.08 70.39 -19.42
C VAL X 456 36.12 70.44 -18.24
N LYS X 457 36.02 71.61 -17.60
CA LYS X 457 35.13 71.81 -16.46
C LYS X 457 34.17 72.95 -16.80
N LEU X 458 32.91 72.62 -17.02
CA LEU X 458 31.90 73.63 -17.28
C LEU X 458 31.41 74.21 -15.96
N PRO X 459 31.51 75.52 -15.75
CA PRO X 459 30.99 76.10 -14.49
C PRO X 459 29.52 75.77 -14.29
N GLY X 460 29.07 75.92 -13.05
CA GLY X 460 27.69 75.63 -12.72
C GLY X 460 27.45 74.14 -12.56
N SER X 461 26.19 73.76 -12.74
CA SER X 461 25.78 72.36 -12.59
C SER X 461 24.66 72.07 -13.57
N GLY X 462 24.35 70.78 -13.72
CA GLY X 462 23.33 70.36 -14.66
C GLY X 462 23.71 70.64 -16.11
N ASN X 463 24.98 70.51 -16.44
CA ASN X 463 25.45 70.74 -17.79
C ASN X 463 25.14 69.54 -18.68
N PRO X 464 25.10 69.73 -19.99
CA PRO X 464 24.86 68.60 -20.89
C PRO X 464 26.06 67.68 -20.94
N PRO X 465 25.90 66.43 -21.37
CA PRO X 465 27.04 65.54 -21.47
C PRO X 465 28.09 66.08 -22.43
N LYS X 466 29.35 65.83 -22.10
CA LYS X 466 30.44 66.38 -22.90
C LYS X 466 30.46 65.71 -24.28
N PRO X 467 30.54 66.47 -25.36
CA PRO X 467 30.60 65.85 -26.69
C PRO X 467 32.01 65.43 -27.05
N ARG X 468 32.13 64.23 -27.61
CA ARG X 468 33.41 63.69 -28.07
C ARG X 468 33.25 63.10 -29.46
N SER X 469 32.57 63.82 -30.35
CA SER X 469 32.20 63.32 -31.66
C SER X 469 32.87 64.14 -32.75
N ALA X 470 33.04 63.50 -33.92
CA ALA X 470 33.58 64.15 -35.10
C ALA X 470 32.67 63.82 -36.28
N LEU X 471 32.54 64.78 -37.20
CA LEU X 471 31.63 64.63 -38.33
C LEU X 471 32.23 63.69 -39.37
N LYS X 472 31.38 62.87 -39.98
CA LYS X 472 31.82 61.96 -41.03
C LYS X 472 32.04 62.72 -42.33
N LYS X 473 33.09 62.35 -43.05
CA LYS X 473 33.37 62.99 -44.34
C LYS X 473 32.37 62.58 -45.41
N SER X 474 31.87 61.35 -45.34
CA SER X 474 30.99 60.83 -46.38
C SER X 474 29.60 61.46 -46.34
N MET X 475 29.27 62.23 -45.30
CA MET X 475 27.95 62.81 -45.16
C MET X 475 27.84 64.22 -45.72
N VAL X 476 28.92 64.74 -46.32
CA VAL X 476 28.96 66.11 -46.80
C VAL X 476 29.36 66.13 -48.27
N LEU X 477 28.66 66.96 -49.05
CA LEU X 477 28.92 67.11 -50.48
C LEU X 477 29.48 68.50 -50.74
N PHE X 478 30.64 68.56 -51.39
CA PHE X 478 31.35 69.81 -51.62
C PHE X 478 31.32 70.19 -53.10
N ASP X 479 31.53 71.48 -53.35
CA ASP X 479 31.70 72.04 -54.69
C ASP X 479 30.46 71.90 -55.56
N SER X 480 29.33 71.47 -55.00
CA SER X 480 28.12 71.37 -55.78
C SER X 480 27.57 72.77 -56.09
N GLY X 481 26.94 72.88 -57.26
CA GLY X 481 26.34 74.14 -57.67
C GLY X 481 25.04 74.46 -56.98
N GLU X 482 24.56 73.59 -56.11
CA GLU X 482 23.32 73.80 -55.37
C GLU X 482 23.33 75.15 -54.67
N ALA Y 2 -35.40 78.82 42.93
CA ALA Y 2 -34.08 79.16 42.42
C ALA Y 2 -34.09 79.15 40.89
N TYR Y 3 -33.09 79.81 40.29
CA TYR Y 3 -33.00 79.83 38.83
C TYR Y 3 -32.66 78.47 38.25
N ALA Y 4 -32.02 77.60 39.03
CA ALA Y 4 -31.69 76.27 38.53
C ALA Y 4 -32.94 75.50 38.12
N GLN Y 5 -34.11 75.87 38.65
CA GLN Y 5 -35.38 75.31 38.22
C GLN Y 5 -35.94 76.22 37.14
N TRP Y 6 -35.95 75.73 35.89
CA TRP Y 6 -36.36 76.53 34.75
C TRP Y 6 -36.95 75.63 33.70
N VAL Y 7 -37.70 76.24 32.78
CA VAL Y 7 -38.30 75.53 31.67
C VAL Y 7 -38.49 76.51 30.52
N ILE Y 8 -38.24 76.03 29.31
CA ILE Y 8 -38.52 76.78 28.09
C ILE Y 8 -39.55 75.97 27.31
N ILE Y 9 -40.64 76.61 26.92
CA ILE Y 9 -41.70 75.96 26.15
C ILE Y 9 -41.77 76.68 24.82
N ILE Y 10 -41.41 76.00 23.75
CA ILE Y 10 -41.48 76.55 22.41
C ILE Y 10 -42.71 75.95 21.74
N ILE Y 11 -43.63 76.80 21.33
CA ILE Y 11 -44.79 76.39 20.54
C ILE Y 11 -44.47 76.67 19.09
N HIS Y 12 -44.40 75.60 18.29
CA HIS Y 12 -44.04 75.67 16.88
C HIS Y 12 -45.24 75.17 16.07
N ASN Y 13 -45.83 76.08 15.31
CA ASN Y 13 -46.95 75.72 14.44
C ASN Y 13 -46.39 75.19 13.13
N VAL Y 14 -46.47 73.87 12.95
CA VAL Y 14 -46.01 73.24 11.72
C VAL Y 14 -47.14 73.01 10.73
N GLY Y 15 -48.32 73.54 11.01
CA GLY Y 15 -49.48 73.42 10.15
C GLY Y 15 -49.74 74.69 9.37
N SER Y 16 -51.03 74.95 9.10
CA SER Y 16 -51.43 76.12 8.33
C SER Y 16 -52.66 76.80 8.91
N GLN Y 17 -52.91 76.61 10.21
CA GLN Y 17 -54.08 77.20 10.86
C GLN Y 17 -53.66 77.80 12.20
N ASP Y 18 -54.30 78.92 12.54
CA ASP Y 18 -53.90 79.68 13.72
C ASP Y 18 -54.22 78.90 14.99
N VAL Y 19 -53.38 79.08 16.00
CA VAL Y 19 -53.57 78.49 17.32
C VAL Y 19 -53.30 79.56 18.37
N LYS Y 20 -54.16 79.62 19.37
CA LYS Y 20 -54.10 80.67 20.38
C LYS Y 20 -53.65 80.08 21.71
N ILE Y 21 -52.96 80.92 22.49
CA ILE Y 21 -52.53 80.59 23.85
C ILE Y 21 -53.52 81.24 24.80
N LYS Y 22 -53.96 80.49 25.82
CA LYS Y 22 -54.94 80.99 26.76
C LYS Y 22 -54.65 80.48 28.15
N ASN Y 23 -55.15 81.22 29.14
CA ASN Y 23 -55.11 80.80 30.54
C ASN Y 23 -53.69 80.52 31.03
N LEU Y 24 -52.70 81.17 30.42
CA LEU Y 24 -51.33 81.02 30.90
C LEU Y 24 -51.22 81.55 32.32
N LYS Y 25 -50.71 80.71 33.22
CA LYS Y 25 -50.65 81.06 34.64
C LYS Y 25 -49.54 80.25 35.29
N ALA Y 26 -48.65 80.94 36.00
CA ALA Y 26 -47.57 80.30 36.74
C ALA Y 26 -47.87 80.42 38.22
N SER Y 27 -48.32 79.31 38.82
CA SER Y 27 -48.63 79.32 40.25
C SER Y 27 -47.36 79.49 41.08
N TRP Y 28 -46.26 78.90 40.65
CA TRP Y 28 -44.97 79.04 41.31
C TRP Y 28 -43.93 79.48 40.29
N GLY Y 29 -43.02 80.34 40.73
CA GLY Y 29 -42.02 80.89 39.82
C GLY Y 29 -42.52 82.16 39.16
N LYS Y 30 -41.86 82.50 38.04
CA LYS Y 30 -42.17 83.72 37.33
C LYS Y 30 -41.83 83.55 35.86
N LEU Y 31 -42.71 84.03 34.98
CA LEU Y 31 -42.37 84.16 33.58
C LEU Y 31 -41.32 85.26 33.41
N HIS Y 32 -40.40 85.05 32.48
CA HIS Y 32 -39.28 85.97 32.30
C HIS Y 32 -38.91 86.04 30.82
N ALA Y 33 -37.94 86.89 30.52
CA ALA Y 33 -37.55 87.15 29.14
C ALA Y 33 -36.57 86.08 28.63
N ASP Y 34 -36.28 86.17 27.34
CA ASP Y 34 -35.40 85.19 26.70
C ASP Y 34 -33.96 85.41 27.15
N GLY Y 35 -33.32 84.36 27.67
CA GLY Y 35 -31.95 84.46 28.10
C GLY Y 35 -31.72 85.46 29.20
N ASP Y 36 -32.77 85.89 29.89
CA ASP Y 36 -32.68 86.90 30.94
C ASP Y 36 -33.67 86.50 32.03
N LYS Y 37 -33.19 85.77 33.04
CA LYS Y 37 -34.03 85.34 34.15
C LYS Y 37 -34.34 86.48 35.12
N ASP Y 38 -33.68 87.63 34.98
CA ASP Y 38 -33.96 88.77 35.83
C ASP Y 38 -35.11 89.62 35.32
N ALA Y 39 -35.35 89.62 34.01
CA ALA Y 39 -36.37 90.46 33.39
C ALA Y 39 -37.71 89.73 33.45
N GLU Y 40 -38.41 89.89 34.57
CA GLU Y 40 -39.72 89.28 34.72
C GLU Y 40 -40.72 89.92 33.76
N VAL Y 41 -41.63 89.11 33.24
CA VAL Y 41 -42.67 89.56 32.33
C VAL Y 41 -44.01 88.96 32.77
N SER Y 42 -45.05 89.78 32.73
CA SER Y 42 -46.37 89.32 33.14
C SER Y 42 -46.95 88.35 32.10
N ALA Y 43 -47.89 87.53 32.56
CA ALA Y 43 -48.54 86.57 31.67
C ALA Y 43 -49.34 87.26 30.57
N SER Y 44 -49.69 88.53 30.75
CA SER Y 44 -50.44 89.24 29.73
C SER Y 44 -49.68 89.37 28.42
N ASN Y 45 -48.34 89.32 28.48
CA ASN Y 45 -47.56 89.41 27.25
C ASN Y 45 -47.85 88.26 26.31
N TYR Y 46 -48.30 87.13 26.84
CA TYR Y 46 -48.57 85.94 26.04
C TYR Y 46 -50.04 85.57 25.97
N GLU Y 47 -50.80 85.75 27.04
CA GLU Y 47 -52.20 85.33 27.05
C GLU Y 47 -52.96 86.01 25.91
N GLY Y 48 -53.74 85.22 25.19
CA GLY Y 48 -54.51 85.71 24.06
C GLY Y 48 -53.75 85.78 22.76
N LYS Y 49 -52.47 85.45 22.74
CA LYS Y 49 -51.67 85.57 21.54
C LYS Y 49 -51.93 84.43 20.57
N ILE Y 50 -51.72 84.70 19.29
CA ILE Y 50 -51.91 83.73 18.22
C ILE Y 50 -50.56 83.42 17.62
N VAL Y 51 -50.17 82.16 17.62
CA VAL Y 51 -48.92 81.71 17.01
C VAL Y 51 -49.23 81.40 15.55
N LYS Y 52 -48.86 82.31 14.67
CA LYS Y 52 -49.18 82.15 13.26
C LYS Y 52 -48.50 80.89 12.70
N PRO Y 53 -49.07 80.28 11.67
CA PRO Y 53 -48.41 79.11 11.07
C PRO Y 53 -46.98 79.44 10.65
N ASP Y 54 -46.09 78.49 10.93
CA ASP Y 54 -44.70 78.55 10.47
C ASP Y 54 -43.88 79.58 11.24
N GLU Y 55 -44.18 79.80 12.51
CA GLU Y 55 -43.34 80.61 13.38
C GLU Y 55 -43.52 80.13 14.82
N LYS Y 56 -42.53 80.41 15.64
CA LYS Y 56 -42.42 79.85 16.98
C LYS Y 56 -42.64 80.93 18.04
N LEU Y 57 -43.29 80.56 19.13
CA LEU Y 57 -43.48 81.42 20.29
C LEU Y 57 -42.85 80.77 21.52
N GLN Y 58 -42.03 81.51 22.24
CA GLN Y 58 -41.25 80.97 23.36
C GLN Y 58 -41.80 81.49 24.68
N ILE Y 59 -42.00 80.58 25.62
CA ILE Y 59 -42.42 80.89 26.99
C ILE Y 59 -41.31 80.43 27.92
N ASN Y 60 -40.76 81.36 28.70
CA ASN Y 60 -39.67 81.06 29.61
C ASN Y 60 -40.17 81.20 31.03
N ALA Y 61 -40.03 80.15 31.83
CA ALA Y 61 -40.41 80.18 33.24
C ALA Y 61 -39.25 79.71 34.09
N SER Y 62 -39.15 80.28 35.29
CA SER Y 62 -38.06 79.93 36.18
C SER Y 62 -38.46 80.26 37.62
N GLY Y 63 -37.76 79.62 38.56
CA GLY Y 63 -38.03 79.87 39.96
C GLY Y 63 -37.44 81.19 40.44
N ARG Y 64 -37.92 81.64 41.61
CA ARG Y 64 -37.42 82.88 42.19
C ARG Y 64 -35.93 82.76 42.47
N SER Y 65 -35.23 83.89 42.37
CA SER Y 65 -33.77 83.88 42.42
C SER Y 65 -33.27 83.25 43.70
N ASP Y 66 -32.44 82.20 43.55
CA ASP Y 66 -31.79 81.52 44.67
C ASP Y 66 -32.77 81.12 45.75
N ALA Y 67 -34.05 80.98 45.41
CA ALA Y 67 -35.08 80.64 46.38
C ALA Y 67 -35.29 79.13 46.42
N ALA Y 68 -35.96 78.68 47.47
CA ALA Y 68 -36.34 77.28 47.58
C ALA Y 68 -37.72 77.04 46.96
N GLU Y 69 -37.89 77.50 45.74
CA GLU Y 69 -39.14 77.34 45.01
C GLU Y 69 -38.86 77.00 43.56
N GLY Y 70 -39.58 76.02 43.03
CA GLY Y 70 -39.49 75.67 41.63
C GLY Y 70 -40.39 76.54 40.79
N THR Y 71 -40.80 76.01 39.64
CA THR Y 71 -41.70 76.70 38.73
C THR Y 71 -42.81 75.74 38.31
N THR Y 72 -44.06 76.11 38.58
CA THR Y 72 -45.21 75.32 38.19
C THR Y 72 -46.18 76.20 37.43
N GLY Y 73 -46.70 75.71 36.31
CA GLY Y 73 -47.62 76.51 35.52
C GLY Y 73 -48.42 75.67 34.55
N THR Y 74 -49.37 76.33 33.90
CA THR Y 74 -50.28 75.67 32.97
C THR Y 74 -50.69 76.65 31.88
N PHE Y 75 -51.14 76.11 30.76
CA PHE Y 75 -51.78 76.91 29.72
C PHE Y 75 -52.56 76.01 28.77
N ASP Y 76 -53.58 76.60 28.15
CA ASP Y 76 -54.39 75.92 27.15
C ASP Y 76 -53.94 76.38 25.77
N LEU Y 77 -53.79 75.44 24.84
CA LEU Y 77 -53.71 75.79 23.43
C LEU Y 77 -55.07 75.57 22.83
N VAL Y 78 -55.62 76.60 22.17
CA VAL Y 78 -57.02 76.61 21.78
C VAL Y 78 -57.14 76.99 20.31
N ASP Y 79 -58.03 76.31 19.59
CA ASP Y 79 -58.29 76.62 18.20
C ASP Y 79 -59.26 77.78 18.09
N PRO Y 80 -58.88 78.92 17.50
CA PRO Y 80 -59.83 80.02 17.33
C PRO Y 80 -60.80 79.84 16.17
N ALA Y 81 -60.52 78.90 15.26
CA ALA Y 81 -61.38 78.72 14.09
C ALA Y 81 -62.73 78.11 14.47
N ASP Y 82 -62.85 77.52 15.65
CA ASP Y 82 -64.07 76.88 16.10
C ASP Y 82 -64.49 77.41 17.46
N GLY Y 83 -64.46 78.73 17.63
CA GLY Y 83 -64.91 79.34 18.87
C GLY Y 83 -64.03 79.06 20.07
N ASP Y 84 -62.72 79.02 19.88
CA ASP Y 84 -61.77 78.91 20.98
C ASP Y 84 -62.02 77.66 21.82
N LYS Y 85 -62.16 76.52 21.15
CA LYS Y 85 -62.22 75.25 21.85
C LYS Y 85 -60.81 74.79 22.22
N GLN Y 86 -60.74 73.80 23.11
CA GLN Y 86 -59.45 73.33 23.59
C GLN Y 86 -58.80 72.41 22.58
N VAL Y 87 -57.50 72.60 22.38
CA VAL Y 87 -56.67 71.68 21.63
C VAL Y 87 -56.06 70.71 22.64
N ARG Y 88 -55.23 71.24 23.53
CA ARG Y 88 -54.69 70.47 24.64
C ARG Y 88 -54.35 71.41 25.80
N HIS Y 89 -54.30 70.83 27.00
CA HIS Y 89 -53.98 71.53 28.23
C HIS Y 89 -52.61 71.08 28.71
N PHE Y 90 -51.66 72.01 28.79
CA PHE Y 90 -50.30 71.70 29.17
C PHE Y 90 -50.03 72.16 30.60
N TYR Y 91 -49.40 71.28 31.38
CA TYR Y 91 -49.02 71.56 32.76
C TYR Y 91 -47.56 71.17 32.95
N TRP Y 92 -46.77 72.09 33.51
CA TRP Y 92 -45.35 71.85 33.77
C TRP Y 92 -45.06 72.12 35.24
N ASP Y 93 -44.20 71.28 35.82
CA ASP Y 93 -43.80 71.44 37.21
C ASP Y 93 -42.33 71.02 37.33
N SER Y 94 -41.46 72.00 37.55
CA SER Y 94 -40.04 71.76 37.82
C SER Y 94 -39.81 72.21 39.27
N PRO Y 95 -40.00 71.32 40.23
CA PRO Y 95 -39.92 71.71 41.64
C PRO Y 95 -38.49 71.78 42.14
N TRP Y 96 -38.32 72.53 43.23
CA TRP Y 96 -37.02 72.63 43.90
C TRP Y 96 -36.78 71.55 44.93
N GLY Y 97 -37.84 70.98 45.50
CA GLY Y 97 -37.69 69.99 46.56
C GLY Y 97 -38.07 68.59 46.13
N SER Y 98 -37.73 68.22 44.90
CA SER Y 98 -38.04 66.90 44.38
C SER Y 98 -37.22 66.67 43.12
N LYS Y 99 -37.15 65.42 42.71
CA LYS Y 99 -36.41 65.02 41.51
C LYS Y 99 -37.29 64.83 40.29
N THR Y 100 -38.56 64.48 40.49
CA THR Y 100 -39.45 64.12 39.40
C THR Y 100 -40.16 65.37 38.90
N ASN Y 101 -39.74 65.87 37.75
CA ASN Y 101 -40.47 66.94 37.08
C ASN Y 101 -41.70 66.36 36.40
N THR Y 102 -42.69 67.22 36.14
CA THR Y 102 -43.94 66.82 35.53
C THR Y 102 -44.18 67.63 34.27
N TRP Y 103 -44.56 66.94 33.19
CA TRP Y 103 -44.95 67.59 31.94
C TRP Y 103 -46.14 66.80 31.40
N THR Y 104 -47.35 67.33 31.62
CA THR Y 104 -48.59 66.65 31.27
C THR Y 104 -49.29 67.41 30.15
N VAL Y 105 -49.67 66.68 29.11
CA VAL Y 105 -50.44 67.24 28.00
C VAL Y 105 -51.76 66.48 27.97
N SER Y 106 -52.77 67.04 28.63
CA SER Y 106 -54.08 66.42 28.71
C SER Y 106 -55.03 67.06 27.69
N GLY Y 107 -56.27 66.58 27.67
CA GLY Y 107 -57.27 67.07 26.75
C GLY Y 107 -57.36 66.22 25.50
N SER Y 108 -58.42 66.47 24.73
CA SER Y 108 -58.69 65.69 23.53
C SER Y 108 -59.24 66.60 22.44
N ASN Y 109 -58.67 66.50 21.24
CA ASN Y 109 -59.18 67.18 20.07
C ASN Y 109 -58.68 66.42 18.85
N THR Y 110 -59.56 65.66 18.22
CA THR Y 110 -59.15 64.81 17.10
C THR Y 110 -58.75 65.63 15.88
N LYS Y 111 -59.19 66.88 15.79
CA LYS Y 111 -58.86 67.74 14.65
C LYS Y 111 -57.46 68.33 14.75
N TRP Y 112 -56.77 68.15 15.87
CA TRP Y 112 -55.44 68.69 16.08
C TRP Y 112 -54.49 67.57 16.47
N MET Y 113 -53.23 67.69 16.01
CA MET Y 113 -52.17 66.76 16.33
C MET Y 113 -51.04 67.52 16.99
N ILE Y 114 -50.57 67.01 18.13
CA ILE Y 114 -49.58 67.69 18.95
C ILE Y 114 -48.48 66.70 19.29
N GLU Y 115 -47.24 67.05 18.96
CA GLU Y 115 -46.07 66.30 19.40
C GLU Y 115 -45.21 67.20 20.27
N TYR Y 116 -44.44 66.60 21.17
CA TYR Y 116 -43.54 67.38 22.00
C TYR Y 116 -42.31 66.55 22.33
N SER Y 117 -41.19 67.25 22.48
CA SER Y 117 -39.91 66.57 22.72
C SER Y 117 -38.97 67.51 23.47
N GLY Y 118 -37.94 66.91 24.05
CA GLY Y 118 -36.90 67.65 24.74
C GLY Y 118 -37.05 67.72 26.25
N GLN Y 119 -38.16 67.23 26.81
CA GLN Y 119 -38.36 67.30 28.24
C GLN Y 119 -37.42 66.36 28.97
N ASN Y 120 -37.11 66.70 30.22
CA ASN Y 120 -36.32 65.84 31.11
C ASN Y 120 -37.07 65.72 32.42
N LEU Y 121 -37.46 64.49 32.77
CA LEU Y 121 -38.25 64.24 33.97
C LEU Y 121 -37.46 63.55 35.07
N ASP Y 122 -36.18 63.24 34.85
CA ASP Y 122 -35.42 62.48 35.83
C ASP Y 122 -35.03 63.36 37.02
N SER Y 123 -34.25 64.41 36.77
CA SER Y 123 -33.80 65.30 37.82
C SER Y 123 -33.22 66.56 37.20
N GLY Y 124 -33.18 67.62 37.98
CA GLY Y 124 -32.65 68.88 37.52
C GLY Y 124 -33.72 69.78 36.90
N ALA Y 125 -33.33 70.57 35.91
CA ALA Y 125 -34.29 71.45 35.26
C ALA Y 125 -35.18 70.66 34.32
N LEU Y 126 -36.28 71.28 33.90
CA LEU Y 126 -37.24 70.65 33.00
C LEU Y 126 -36.86 70.79 31.54
N GLY Y 127 -35.87 71.62 31.22
CA GLY Y 127 -35.33 71.67 29.88
C GLY Y 127 -36.11 72.55 28.91
N THR Y 128 -35.76 72.38 27.64
CA THR Y 128 -36.37 73.10 26.53
C THR Y 128 -37.29 72.14 25.78
N ILE Y 129 -38.58 72.26 26.03
CA ILE Y 129 -39.58 71.41 25.40
C ILE Y 129 -40.10 72.12 24.15
N THR Y 130 -39.94 71.46 23.00
CA THR Y 130 -40.48 71.94 21.74
C THR Y 130 -41.76 71.17 21.42
N VAL Y 131 -42.82 71.92 21.12
CA VAL Y 131 -44.15 71.36 20.90
C VAL Y 131 -44.58 71.74 19.49
N ASP Y 132 -44.69 70.75 18.61
CA ASP Y 132 -45.14 70.95 17.24
C ASP Y 132 -46.64 70.70 17.18
N THR Y 133 -47.38 71.69 16.68
CA THR Y 133 -48.83 71.63 16.56
C THR Y 133 -49.24 71.71 15.10
N LEU Y 134 -50.22 70.89 14.70
CA LEU Y 134 -50.73 70.94 13.34
C LEU Y 134 -52.19 70.52 13.31
N LYS Y 135 -53.00 71.28 12.59
CA LYS Y 135 -54.41 70.97 12.42
C LYS Y 135 -54.60 70.13 11.16
N LYS Y 136 -55.24 68.98 11.30
CA LYS Y 136 -55.51 68.10 10.17
C LYS Y 136 -57.00 67.75 10.09
N ALA Z 2 -22.63 64.94 39.23
CA ALA Z 2 -23.97 65.12 39.78
C ALA Z 2 -24.99 65.22 38.65
N TYR Z 3 -26.18 64.66 38.89
CA TYR Z 3 -27.19 64.58 37.85
C TYR Z 3 -27.83 65.92 37.53
N ALA Z 4 -27.80 66.87 38.46
CA ALA Z 4 -28.41 68.17 38.20
C ALA Z 4 -27.72 68.90 37.05
N GLN Z 5 -26.49 68.53 36.71
CA GLN Z 5 -25.80 69.06 35.55
C GLN Z 5 -25.94 68.06 34.42
N TRP Z 6 -26.56 68.50 33.32
CA TRP Z 6 -26.86 67.62 32.20
C TRP Z 6 -26.97 68.44 30.93
N VAL Z 7 -26.92 67.75 29.80
CA VAL Z 7 -27.05 68.38 28.48
C VAL Z 7 -27.56 67.34 27.51
N ILE Z 8 -28.40 67.80 26.57
CA ILE Z 8 -28.88 66.98 25.47
C ILE Z 8 -28.57 67.71 24.18
N ILE Z 9 -28.03 66.99 23.20
CA ILE Z 9 -27.65 67.57 21.92
C ILE Z 9 -28.38 66.80 20.83
N ILE Z 10 -29.19 67.51 20.05
CA ILE Z 10 -29.99 66.91 18.99
C ILE Z 10 -29.42 67.40 17.67
N ILE Z 11 -28.63 66.56 17.01
CA ILE Z 11 -28.12 66.87 15.68
C ILE Z 11 -29.21 66.51 14.68
N HIS Z 12 -29.65 67.50 13.91
CA HIS Z 12 -30.72 67.33 12.93
C HIS Z 12 -30.17 67.73 11.57
N ASN Z 13 -29.98 66.75 10.70
CA ASN Z 13 -29.41 66.99 9.37
C ASN Z 13 -30.54 67.44 8.46
N VAL Z 14 -30.82 68.74 8.49
CA VAL Z 14 -31.89 69.29 7.66
C VAL Z 14 -31.51 69.27 6.18
N GLY Z 15 -30.23 69.12 5.86
CA GLY Z 15 -29.77 69.13 4.48
C GLY Z 15 -30.06 67.82 3.77
N SER Z 16 -29.41 67.63 2.63
CA SER Z 16 -29.64 66.47 1.77
C SER Z 16 -28.39 65.61 1.59
N GLN Z 17 -27.30 65.88 2.32
CA GLN Z 17 -26.08 65.10 2.22
C GLN Z 17 -25.60 64.73 3.61
N ASP Z 18 -24.88 63.62 3.70
CA ASP Z 18 -24.53 63.03 4.99
C ASP Z 18 -23.55 63.91 5.76
N VAL Z 19 -23.62 63.82 7.08
CA VAL Z 19 -22.68 64.46 8.00
C VAL Z 19 -22.28 63.43 9.06
N LYS Z 20 -20.98 63.38 9.37
CA LYS Z 20 -20.44 62.34 10.23
C LYS Z 20 -19.98 62.94 11.55
N ILE Z 21 -20.22 62.20 12.64
CA ILE Z 21 -19.71 62.55 13.95
C ILE Z 21 -18.28 62.02 14.06
N LYS Z 22 -17.44 62.76 14.79
CA LYS Z 22 -16.07 62.32 14.99
C LYS Z 22 -15.53 62.90 16.29
N ASN Z 23 -14.53 62.21 16.85
CA ASN Z 23 -13.79 62.69 18.00
C ASN Z 23 -14.71 63.03 19.18
N LEU Z 24 -15.85 62.35 19.27
CA LEU Z 24 -16.72 62.53 20.43
C LEU Z 24 -15.98 62.05 21.68
N LYS Z 25 -15.97 62.90 22.71
CA LYS Z 25 -15.19 62.63 23.90
C LYS Z 25 -15.78 63.41 25.07
N ALA Z 26 -16.15 62.70 26.13
CA ALA Z 26 -16.68 63.31 27.36
C ALA Z 26 -15.55 63.38 28.37
N SER Z 27 -14.97 64.58 28.52
CA SER Z 27 -13.88 64.75 29.48
C SER Z 27 -14.36 64.62 30.92
N TRP Z 28 -15.60 65.02 31.19
CA TRP Z 28 -16.15 64.95 32.54
C TRP Z 28 -17.56 64.38 32.45
N GLY Z 29 -18.03 63.81 33.56
CA GLY Z 29 -19.34 63.18 33.56
C GLY Z 29 -19.35 61.93 32.70
N LYS Z 30 -20.52 61.64 32.14
CA LYS Z 30 -20.73 60.43 31.36
C LYS Z 30 -21.84 60.64 30.36
N LEU Z 31 -21.74 59.95 29.22
CA LEU Z 31 -22.86 59.83 28.31
C LEU Z 31 -23.83 58.76 28.83
N HIS Z 32 -25.05 58.79 28.30
CA HIS Z 32 -26.08 57.86 28.75
C HIS Z 32 -27.20 57.82 27.71
N ALA Z 33 -28.05 56.80 27.83
CA ALA Z 33 -29.17 56.62 26.93
C ALA Z 33 -30.33 57.51 27.33
N ASP Z 34 -31.11 57.94 26.34
CA ASP Z 34 -32.18 58.90 26.57
C ASP Z 34 -33.12 58.42 27.67
N GLY Z 35 -33.40 59.30 28.63
CA GLY Z 35 -34.36 59.04 29.67
C GLY Z 35 -33.85 58.23 30.84
N ASP Z 36 -32.58 57.82 30.82
CA ASP Z 36 -32.00 57.01 31.88
C ASP Z 36 -30.56 57.46 32.09
N LYS Z 37 -30.36 58.38 33.04
CA LYS Z 37 -29.01 58.81 33.37
C LYS Z 37 -28.17 57.70 33.98
N ASP Z 38 -28.82 56.64 34.47
CA ASP Z 38 -28.08 55.51 35.02
C ASP Z 38 -27.47 54.63 33.94
N ALA Z 39 -28.14 54.52 32.78
CA ALA Z 39 -27.69 53.66 31.69
C ALA Z 39 -26.58 54.35 30.93
N GLU Z 40 -25.36 54.23 31.46
CA GLU Z 40 -24.20 54.82 30.81
C GLU Z 40 -23.94 54.14 29.47
N VAL Z 41 -23.41 54.92 28.52
CA VAL Z 41 -23.09 54.43 27.19
C VAL Z 41 -21.68 54.89 26.82
N SER Z 42 -21.08 54.19 25.87
CA SER Z 42 -19.72 54.49 25.43
C SER Z 42 -19.74 55.45 24.26
N ALA Z 43 -18.65 56.21 24.13
CA ALA Z 43 -18.52 57.14 23.01
C ALA Z 43 -18.49 56.40 21.67
N SER Z 44 -18.05 55.14 21.68
CA SER Z 44 -18.04 54.36 20.44
C SER Z 44 -19.44 54.17 19.87
N ASN Z 45 -20.48 54.27 20.72
CA ASN Z 45 -21.85 54.14 20.24
C ASN Z 45 -22.23 55.25 19.28
N TYR Z 46 -21.47 56.35 19.24
CA TYR Z 46 -21.74 57.46 18.34
C TYR Z 46 -20.56 57.82 17.45
N GLU Z 47 -19.33 57.43 17.82
CA GLU Z 47 -18.17 57.78 17.02
C GLU Z 47 -18.31 57.25 15.60
N GLY Z 48 -18.03 58.11 14.63
CA GLY Z 48 -18.06 57.70 13.23
C GLY Z 48 -19.45 57.51 12.65
N LYS Z 49 -20.50 57.87 13.40
CA LYS Z 49 -21.85 57.67 12.90
C LYS Z 49 -22.19 58.68 11.81
N ILE Z 50 -22.94 58.19 10.81
CA ILE Z 50 -23.44 59.01 9.72
C ILE Z 50 -24.88 59.39 10.03
N VAL Z 51 -25.17 60.69 10.02
CA VAL Z 51 -26.53 61.20 10.17
C VAL Z 51 -27.07 61.40 8.76
N LYS Z 52 -27.92 60.49 8.31
CA LYS Z 52 -28.50 60.62 6.99
C LYS Z 52 -29.44 61.82 6.94
N PRO Z 53 -29.68 62.38 5.75
CA PRO Z 53 -30.57 63.54 5.66
C PRO Z 53 -31.95 63.23 6.23
N ASP Z 54 -32.52 64.22 6.92
CA ASP Z 54 -33.79 64.15 7.63
C ASP Z 54 -33.71 63.29 8.88
N GLU Z 55 -32.54 62.83 9.27
CA GLU Z 55 -32.38 62.00 10.46
C GLU Z 55 -31.97 62.87 11.66
N LYS Z 56 -32.31 62.39 12.85
CA LYS Z 56 -31.99 63.06 14.10
C LYS Z 56 -31.19 62.13 14.99
N LEU Z 57 -30.16 62.68 15.63
CA LEU Z 57 -29.28 61.90 16.50
C LEU Z 57 -29.16 62.61 17.84
N GLN Z 58 -29.40 61.87 18.92
CA GLN Z 58 -29.42 62.42 20.28
C GLN Z 58 -28.19 61.98 21.05
N ILE Z 59 -27.52 62.96 21.68
CA ILE Z 59 -26.39 62.70 22.56
C ILE Z 59 -26.76 63.25 23.93
N ASN Z 60 -26.83 62.39 24.93
CA ASN Z 60 -27.20 62.77 26.29
C ASN Z 60 -25.97 62.63 27.18
N ALA Z 61 -25.60 63.72 27.86
CA ALA Z 61 -24.52 63.70 28.81
C ALA Z 61 -25.00 64.30 30.12
N SER Z 62 -24.37 63.88 31.22
CA SER Z 62 -24.75 64.39 32.53
C SER Z 62 -23.69 63.94 33.53
N GLY Z 63 -23.75 64.53 34.71
CA GLY Z 63 -22.81 64.17 35.74
C GLY Z 63 -23.00 62.73 36.22
N ARG Z 64 -21.97 62.24 36.93
CA ARG Z 64 -21.98 60.90 37.49
C ARG Z 64 -22.85 60.89 38.74
N SER Z 65 -22.83 59.77 39.47
CA SER Z 65 -23.70 59.59 40.63
C SER Z 65 -23.23 60.41 41.83
N ASP Z 66 -23.80 61.59 42.00
CA ASP Z 66 -23.65 62.45 43.18
C ASP Z 66 -22.27 63.09 43.28
N ALA Z 67 -21.36 62.85 42.34
CA ALA Z 67 -20.05 63.47 42.40
C ALA Z 67 -20.17 64.98 42.23
N ALA Z 68 -19.21 65.70 42.81
CA ALA Z 68 -19.18 67.15 42.71
C ALA Z 68 -18.73 67.64 41.34
N GLU Z 69 -18.41 66.74 40.42
CA GLU Z 69 -18.05 67.13 39.07
C GLU Z 69 -19.30 67.49 38.27
N GLY Z 70 -19.11 68.30 37.22
CA GLY Z 70 -20.19 68.66 36.32
C GLY Z 70 -20.22 67.77 35.09
N THR Z 71 -20.23 68.38 33.90
CA THR Z 71 -20.03 67.62 32.67
C THR Z 71 -19.32 68.51 31.66
N THR Z 72 -18.55 67.87 30.77
CA THR Z 72 -17.81 68.61 29.75
C THR Z 72 -17.44 67.63 28.64
N GLY Z 73 -17.47 68.12 27.40
CA GLY Z 73 -17.13 67.28 26.27
C GLY Z 73 -16.96 68.08 25.00
N THR Z 74 -16.48 67.38 23.97
CA THR Z 74 -16.26 67.99 22.67
C THR Z 74 -16.46 66.94 21.60
N PHE Z 75 -16.72 67.40 20.37
CA PHE Z 75 -16.82 66.52 19.22
C PHE Z 75 -16.72 67.36 17.97
N ASP Z 76 -16.78 66.70 16.81
CA ASP Z 76 -16.63 67.36 15.53
C ASP Z 76 -17.67 66.83 14.55
N LEU Z 77 -18.29 67.75 13.83
CA LEU Z 77 -19.05 67.40 12.63
C LEU Z 77 -18.12 67.50 11.44
N VAL Z 78 -18.11 66.46 10.60
CA VAL Z 78 -17.26 66.40 9.42
C VAL Z 78 -18.08 65.96 8.22
N ASP Z 79 -17.54 66.22 7.03
CA ASP Z 79 -18.23 65.92 5.78
C ASP Z 79 -17.69 64.61 5.21
N PRO Z 80 -18.45 63.51 5.23
CA PRO Z 80 -17.93 62.26 4.65
C PRO Z 80 -17.65 62.35 3.17
N ALA Z 81 -18.36 63.23 2.44
CA ALA Z 81 -18.21 63.33 1.00
C ALA Z 81 -17.07 64.22 0.56
N ASP Z 82 -16.34 64.84 1.49
CA ASP Z 82 -15.23 65.72 1.17
C ASP Z 82 -13.98 65.31 1.96
N GLY Z 83 -13.71 64.01 1.96
CA GLY Z 83 -12.53 63.51 2.67
C GLY Z 83 -12.57 63.79 4.15
N ASP Z 84 -13.75 63.71 4.76
CA ASP Z 84 -13.92 63.98 6.19
C ASP Z 84 -13.42 65.36 6.57
N LYS Z 85 -13.55 66.33 5.66
CA LYS Z 85 -13.15 67.69 5.97
C LYS Z 85 -14.00 68.23 7.12
N GLN Z 86 -13.36 68.89 8.07
CA GLN Z 86 -14.06 69.36 9.25
C GLN Z 86 -15.13 70.37 8.87
N VAL Z 87 -16.35 70.11 9.33
CA VAL Z 87 -17.44 71.07 9.25
C VAL Z 87 -17.44 72.00 10.45
N ARG Z 88 -17.45 71.44 11.65
CA ARG Z 88 -17.50 72.25 12.86
C ARG Z 88 -16.93 71.49 14.03
N HIS Z 89 -16.57 72.23 15.07
CA HIS Z 89 -16.08 71.68 16.33
C HIS Z 89 -16.97 72.20 17.44
N PHE Z 90 -17.60 71.30 18.17
CA PHE Z 90 -18.53 71.65 19.23
C PHE Z 90 -17.94 71.31 20.59
N TYR Z 91 -18.05 72.24 21.53
CA TYR Z 91 -17.58 72.07 22.89
C TYR Z 91 -18.70 72.47 23.84
N TRP Z 92 -18.98 71.61 24.81
CA TRP Z 92 -20.01 71.86 25.80
C TRP Z 92 -19.45 71.69 27.20
N ASP Z 93 -19.92 72.52 28.12
CA ASP Z 93 -19.45 72.47 29.50
C ASP Z 93 -20.56 72.99 30.41
N SER Z 94 -21.03 72.12 31.32
CA SER Z 94 -21.98 72.49 32.35
C SER Z 94 -21.29 72.18 33.68
N PRO Z 95 -20.56 73.13 34.26
CA PRO Z 95 -19.80 72.84 35.47
C PRO Z 95 -20.68 72.81 36.72
N TRP Z 96 -20.22 72.05 37.70
CA TRP Z 96 -20.90 71.97 38.99
C TRP Z 96 -20.55 73.12 39.90
N GLY Z 97 -19.30 73.56 39.90
CA GLY Z 97 -18.88 74.66 40.73
C GLY Z 97 -19.29 76.01 40.17
N SER Z 98 -18.77 76.33 38.98
CA SER Z 98 -19.12 77.60 38.35
C SER Z 98 -20.59 77.58 37.92
N LYS Z 99 -21.25 78.72 38.10
CA LYS Z 99 -22.67 78.83 37.72
C LYS Z 99 -22.83 78.91 36.21
N THR Z 100 -21.95 79.68 35.55
CA THR Z 100 -22.10 79.91 34.12
C THR Z 100 -21.72 78.66 33.33
N ASN Z 101 -22.54 78.31 32.35
CA ASN Z 101 -22.27 77.18 31.48
C ASN Z 101 -21.51 77.68 30.25
N THR Z 102 -21.33 76.81 29.25
CA THR Z 102 -20.61 77.19 28.04
C THR Z 102 -20.99 76.24 26.92
N TRP Z 103 -21.37 76.81 25.77
CA TRP Z 103 -21.59 76.04 24.55
C TRP Z 103 -20.94 76.81 23.41
N THR Z 104 -19.87 76.25 22.85
CA THR Z 104 -19.08 76.94 21.83
C THR Z 104 -19.05 76.11 20.56
N VAL Z 105 -19.31 76.77 19.43
CA VAL Z 105 -19.20 76.16 18.12
C VAL Z 105 -18.15 76.93 17.34
N SER Z 106 -17.09 76.24 16.95
CA SER Z 106 -15.98 76.83 16.22
C SER Z 106 -15.84 76.11 14.89
N GLY Z 107 -15.03 76.69 14.01
CA GLY Z 107 -14.83 76.16 12.68
C GLY Z 107 -15.16 77.21 11.62
N SER Z 108 -14.76 76.89 10.39
CA SER Z 108 -14.88 77.86 9.32
C SER Z 108 -15.35 77.24 8.00
N ASN Z 109 -15.84 75.99 8.00
CA ASN Z 109 -16.34 75.40 6.78
C ASN Z 109 -17.46 76.26 6.20
N THR Z 110 -17.29 76.66 4.94
CA THR Z 110 -18.16 77.67 4.35
C THR Z 110 -19.30 77.09 3.51
N LYS Z 111 -19.16 75.85 3.03
CA LYS Z 111 -20.22 75.19 2.30
C LYS Z 111 -21.20 74.47 3.22
N TRP Z 112 -21.23 74.83 4.50
CA TRP Z 112 -22.15 74.26 5.46
C TRP Z 112 -22.80 75.37 6.28
N MET Z 113 -24.05 75.15 6.66
CA MET Z 113 -24.79 76.05 7.54
C MET Z 113 -25.20 75.27 8.78
N ILE Z 114 -24.80 75.78 9.94
CA ILE Z 114 -25.09 75.16 11.23
C ILE Z 114 -25.77 76.19 12.10
N GLU Z 115 -26.90 75.80 12.71
CA GLU Z 115 -27.67 76.68 13.58
C GLU Z 115 -28.03 75.94 14.85
N TYR Z 116 -27.56 76.43 15.98
CA TYR Z 116 -27.80 75.81 17.28
C TYR Z 116 -28.68 76.71 18.12
N SER Z 117 -29.61 76.11 18.86
CA SER Z 117 -30.53 76.89 19.69
C SER Z 117 -31.00 76.05 20.86
N GLY Z 118 -31.39 76.73 21.94
CA GLY Z 118 -31.97 76.10 23.11
C GLY Z 118 -31.06 76.06 24.33
N GLN Z 119 -29.82 76.54 24.21
CA GLN Z 119 -28.89 76.44 25.32
C GLN Z 119 -29.22 77.47 26.40
N ASN Z 120 -28.87 77.13 27.64
CA ASN Z 120 -28.97 78.02 28.78
C ASN Z 120 -27.58 78.25 29.37
N LEU Z 121 -27.23 79.52 29.60
CA LEU Z 121 -25.89 79.88 30.03
C LEU Z 121 -25.83 80.55 31.40
N ASP Z 122 -26.96 80.91 32.00
CA ASP Z 122 -26.92 81.65 33.24
C ASP Z 122 -26.59 80.76 34.43
N SER Z 123 -27.44 79.77 34.70
CA SER Z 123 -27.26 78.89 35.84
C SER Z 123 -28.01 77.59 35.57
N GLY Z 124 -27.73 76.58 36.40
CA GLY Z 124 -28.38 75.30 36.26
C GLY Z 124 -27.79 74.49 35.12
N ALA Z 125 -28.57 73.49 34.69
CA ALA Z 125 -28.13 72.61 33.62
C ALA Z 125 -28.01 73.38 32.30
N LEU Z 126 -27.16 72.87 31.41
CA LEU Z 126 -26.99 73.50 30.10
C LEU Z 126 -28.25 73.36 29.26
N GLY Z 127 -29.00 72.28 29.43
CA GLY Z 127 -30.29 72.13 28.80
C GLY Z 127 -30.24 71.28 27.54
N THR Z 128 -31.24 71.47 26.69
CA THR Z 128 -31.35 70.80 25.42
C THR Z 128 -31.01 71.78 24.30
N ILE Z 129 -30.13 71.35 23.40
CA ILE Z 129 -29.69 72.19 22.28
C ILE Z 129 -29.95 71.42 20.99
N THR Z 130 -30.69 72.04 20.08
CA THR Z 130 -30.93 71.50 18.75
C THR Z 130 -29.98 72.17 17.77
N VAL Z 131 -29.26 71.36 17.01
CA VAL Z 131 -28.27 71.83 16.05
C VAL Z 131 -28.73 71.36 14.67
N ASP Z 132 -29.29 72.27 13.89
CA ASP Z 132 -29.68 71.99 12.52
C ASP Z 132 -28.48 72.19 11.60
N THR Z 133 -28.18 71.16 10.81
CA THR Z 133 -27.05 71.18 9.88
C THR Z 133 -27.54 71.02 8.45
N LEU Z 134 -26.93 71.77 7.54
CA LEU Z 134 -27.28 71.71 6.13
C LEU Z 134 -26.03 71.96 5.30
N LYS Z 135 -25.99 71.36 4.12
CA LYS Z 135 -24.90 71.58 3.17
C LYS Z 135 -25.45 72.32 1.96
N LYS Z 136 -24.89 73.50 1.69
CA LYS Z 136 -25.35 74.33 0.58
C LYS Z 136 -25.21 73.57 -0.75
N GLN AA 10 -18.00 23.57 -45.86
CA GLN AA 10 -18.63 24.53 -44.97
C GLN AA 10 -17.61 25.20 -44.07
N ALA AA 11 -16.58 24.44 -43.69
CA ALA AA 11 -15.53 25.00 -42.84
C ALA AA 11 -14.85 26.16 -43.54
N GLY AA 12 -14.57 27.22 -42.79
CA GLY AA 12 -14.03 28.43 -43.37
C GLY AA 12 -15.06 29.35 -43.98
N ASP AA 13 -16.35 29.03 -43.84
CA ASP AA 13 -17.40 29.87 -44.40
C ASP AA 13 -17.61 31.10 -43.52
N THR AA 14 -17.93 32.22 -44.16
CA THR AA 14 -18.10 33.49 -43.47
C THR AA 14 -19.47 34.11 -43.82
N LEU AA 15 -19.72 35.25 -43.18
CA LEU AA 15 -20.93 36.01 -43.51
C LEU AA 15 -21.00 36.33 -44.99
N ASN AA 16 -19.85 36.48 -45.64
CA ASN AA 16 -19.87 36.71 -47.08
C ASN AA 16 -20.50 35.54 -47.83
N ASP AA 17 -20.11 34.31 -47.50
CA ASP AA 17 -20.71 33.15 -48.15
C ASP AA 17 -22.19 33.05 -47.81
N VAL AA 18 -22.53 33.28 -46.54
CA VAL AA 18 -23.93 33.20 -46.13
C VAL AA 18 -24.79 34.19 -46.91
N ILE AA 19 -24.28 35.40 -47.09
CA ILE AA 19 -25.02 36.42 -47.83
C ILE AA 19 -25.06 36.11 -49.33
N GLN AA 20 -23.96 35.55 -49.87
CA GLN AA 20 -23.95 35.23 -51.29
C GLN AA 20 -24.99 34.18 -51.63
N ASP AA 21 -25.14 33.17 -50.80
CA ASP AA 21 -26.13 32.14 -51.07
C ASP AA 21 -27.52 32.67 -50.72
N PRO AA 22 -28.45 32.76 -51.69
CA PRO AA 22 -29.77 33.32 -51.35
C PRO AA 22 -30.51 32.56 -50.27
N THR AA 23 -30.41 31.23 -50.26
CA THR AA 23 -31.11 30.45 -49.25
C THR AA 23 -30.55 30.73 -47.86
N ARG AA 24 -29.22 30.69 -47.72
CA ARG AA 24 -28.60 30.91 -46.42
C ARG AA 24 -28.83 32.35 -45.94
N ARG AA 25 -28.79 33.31 -46.86
CA ARG AA 25 -29.05 34.70 -46.49
C ARG AA 25 -30.47 34.87 -45.96
N ASN AA 26 -31.45 34.28 -46.64
CA ASN AA 26 -32.83 34.36 -46.17
C ASN AA 26 -33.01 33.65 -44.85
N LYS AA 27 -32.34 32.50 -44.67
CA LYS AA 27 -32.40 31.82 -43.39
C LYS AA 27 -31.84 32.67 -42.28
N LEU AA 28 -30.72 33.34 -42.53
CA LEU AA 28 -30.14 34.24 -41.53
C LEU AA 28 -31.11 35.37 -41.20
N ILE AA 29 -31.69 35.99 -42.22
CA ILE AA 29 -32.62 37.10 -41.99
C ILE AA 29 -33.80 36.64 -41.14
N ASN AA 30 -34.37 35.48 -41.49
CA ASN AA 30 -35.55 35.00 -40.78
C ASN AA 30 -35.21 34.61 -39.35
N ASP AA 31 -34.13 33.84 -39.17
CA ASP AA 31 -33.77 33.36 -37.85
C ASP AA 31 -33.32 34.50 -36.92
N ASN AA 32 -32.85 35.61 -37.47
CA ASN AA 32 -32.42 36.73 -36.65
C ASN AA 32 -33.44 37.87 -36.60
N ASN AA 33 -34.56 37.75 -37.32
CA ASN AA 33 -35.64 38.73 -37.22
C ASN AA 33 -35.15 40.11 -37.65
N LEU AA 34 -34.34 40.14 -38.70
CA LEU AA 34 -33.70 41.38 -39.11
C LEU AA 34 -34.67 42.34 -39.79
N LEU AA 35 -35.83 41.87 -40.21
CA LEU AA 35 -36.84 42.70 -40.85
C LEU AA 35 -37.88 43.24 -39.88
N LYS AA 36 -37.76 42.92 -38.59
CA LYS AA 36 -38.78 43.27 -37.61
C LYS AA 36 -38.21 44.24 -36.58
N GLY AA 37 -39.09 45.15 -36.11
CA GLY AA 37 -38.71 46.07 -35.07
C GLY AA 37 -38.81 45.45 -33.68
N ILE AA 38 -38.35 46.19 -32.68
CA ILE AA 38 -38.35 45.74 -31.29
C ILE AA 38 -39.41 46.51 -30.53
N ILE AA 39 -40.22 45.80 -29.74
CA ILE AA 39 -41.44 46.37 -29.19
C ILE AA 39 -41.22 47.18 -27.92
N MET AA 40 -40.10 46.99 -27.22
CA MET AA 40 -39.76 47.80 -26.06
C MET AA 40 -40.97 47.98 -25.15
N GLY AA 41 -41.41 46.86 -24.59
CA GLY AA 41 -42.63 46.84 -23.80
C GLY AA 41 -42.39 46.45 -22.36
N ARG AA 42 -43.43 45.99 -21.69
CA ARG AA 42 -43.30 45.66 -20.28
C ARG AA 42 -42.38 44.48 -20.05
N ASP AA 43 -42.26 43.60 -21.04
CA ASP AA 43 -41.41 42.42 -20.93
C ASP AA 43 -40.00 42.66 -21.46
N GLY AA 44 -39.68 43.87 -21.91
CA GLY AA 44 -38.37 44.17 -22.43
C GLY AA 44 -38.37 44.29 -23.93
N PRO AA 45 -37.19 44.42 -24.53
CA PRO AA 45 -37.05 44.55 -25.99
C PRO AA 45 -37.23 43.23 -26.73
N VAL AA 46 -38.48 42.86 -26.94
CA VAL AA 46 -38.82 41.63 -27.65
C VAL AA 46 -39.12 42.00 -29.11
N PRO AA 47 -38.60 41.28 -30.09
CA PRO AA 47 -38.93 41.60 -31.48
C PRO AA 47 -40.39 41.33 -31.79
N SER AA 48 -40.94 42.13 -32.69
CA SER AA 48 -42.31 41.96 -33.13
C SER AA 48 -42.41 40.76 -34.07
N SER AA 49 -43.65 40.32 -34.30
CA SER AA 49 -43.92 39.20 -35.20
C SER AA 49 -44.44 39.67 -36.55
N ARG AA 50 -44.39 40.97 -36.82
CA ARG AA 50 -44.83 41.55 -38.08
C ARG AA 50 -43.63 42.19 -38.76
N GLU AA 51 -43.46 41.91 -40.05
CA GLU AA 51 -42.33 42.48 -40.78
C GLU AA 51 -42.54 43.97 -40.97
N LEU AA 52 -41.52 44.75 -40.63
CA LEU AA 52 -41.57 46.20 -40.74
C LEU AA 52 -41.05 46.69 -42.09
N ILE AA 53 -39.94 46.14 -42.57
CA ILE AA 53 -39.33 46.57 -43.82
C ILE AA 53 -39.52 45.48 -44.86
N VAL AA 54 -39.21 45.84 -46.11
CA VAL AA 54 -39.29 44.90 -47.22
C VAL AA 54 -38.00 44.08 -47.28
N ARG AA 55 -38.13 42.83 -47.70
CA ARG AA 55 -36.98 41.94 -47.73
C ARG AA 55 -35.93 42.46 -48.71
N PRO AA 56 -34.70 42.75 -48.27
CA PRO AA 56 -33.68 43.20 -49.22
C PRO AA 56 -33.21 42.07 -50.11
N ASP AA 57 -32.67 42.46 -51.27
CA ASP AA 57 -32.05 41.50 -52.18
C ASP AA 57 -30.61 41.18 -51.79
N THR AA 58 -30.04 41.91 -50.85
CA THR AA 58 -28.69 41.64 -50.37
C THR AA 58 -28.50 42.39 -49.05
N LEU AA 59 -27.38 42.13 -48.39
CA LEU AA 59 -27.06 42.75 -47.12
C LEU AA 59 -25.65 43.32 -47.16
N ARG AA 60 -25.45 44.42 -46.45
CA ARG AA 60 -24.13 45.01 -46.26
C ARG AA 60 -23.50 44.37 -45.02
N ALA AA 61 -22.33 43.78 -45.18
CA ALA AA 61 -21.71 43.05 -44.08
C ALA AA 61 -20.21 43.24 -44.10
N ILE AA 62 -19.61 43.10 -42.91
CA ILE AA 62 -18.16 43.08 -42.74
C ILE AA 62 -17.82 41.83 -41.93
N ILE AA 63 -16.61 41.34 -42.12
CA ILE AA 63 -16.16 40.12 -41.45
C ILE AA 63 -15.25 40.50 -40.28
N ASN AA 64 -15.50 39.89 -39.12
CA ASN AA 64 -14.71 40.12 -37.93
C ASN AA 64 -14.78 38.87 -37.06
N ASN AA 65 -13.62 38.32 -36.71
CA ASN AA 65 -13.54 37.05 -36.00
C ASN AA 65 -12.71 37.16 -34.73
N ARG AA 66 -12.55 38.36 -34.17
CA ARG AA 66 -11.77 38.55 -32.96
C ARG AA 66 -12.64 38.25 -31.75
N ALA AA 67 -12.33 37.17 -31.04
CA ALA AA 67 -13.06 36.80 -29.84
C ALA AA 67 -12.38 37.41 -28.63
N THR AA 68 -13.16 38.05 -27.77
CA THR AA 68 -12.63 38.78 -26.62
C THR AA 68 -13.78 39.09 -25.67
N ILE AA 69 -13.42 39.59 -24.49
CA ILE AA 69 -14.38 39.98 -23.46
C ILE AA 69 -14.48 41.50 -23.45
N GLU AA 70 -15.70 42.01 -23.58
CA GLU AA 70 -15.96 43.43 -23.49
C GLU AA 70 -16.89 43.69 -22.31
N THR AA 71 -16.77 44.87 -21.70
CA THR AA 71 -17.58 45.24 -20.56
C THR AA 71 -18.18 46.61 -20.78
N THR AA 72 -19.42 46.79 -20.34
CA THR AA 72 -20.14 48.04 -20.48
C THR AA 72 -20.86 48.37 -19.18
N THR AA 73 -21.02 49.65 -18.92
CA THR AA 73 -21.70 50.13 -17.72
C THR AA 73 -22.72 51.19 -18.11
N MET AA 74 -23.84 51.20 -17.38
CA MET AA 74 -24.95 52.10 -17.65
C MET AA 74 -25.45 52.68 -16.34
N GLU AA 75 -25.87 53.95 -16.37
CA GLU AA 75 -26.38 54.62 -15.18
C GLU AA 75 -27.90 54.83 -15.21
N ALA AA 76 -28.52 54.71 -16.39
CA ALA AA 76 -29.96 54.88 -16.48
C ALA AA 76 -30.67 53.83 -15.63
N GLU AA 77 -31.91 54.15 -15.23
CA GLU AA 77 -32.63 53.31 -14.28
C GLU AA 77 -33.26 52.10 -14.95
N PHE AA 78 -34.09 52.33 -15.97
CA PHE AA 78 -34.92 51.29 -16.56
C PHE AA 78 -34.27 50.60 -17.74
N THR AA 79 -32.93 50.53 -17.80
CA THR AA 79 -32.22 49.97 -18.93
C THR AA 79 -31.67 48.58 -18.65
N GLU AA 80 -32.20 47.88 -17.64
CA GLU AA 80 -31.69 46.56 -17.31
C GLU AA 80 -31.88 45.59 -18.46
N THR AA 81 -33.08 45.57 -19.05
CA THR AA 81 -33.34 44.63 -20.14
C THR AA 81 -32.51 44.97 -21.38
N LEU AA 82 -32.31 46.26 -21.65
CA LEU AA 82 -31.47 46.64 -22.78
C LEU AA 82 -30.03 46.18 -22.57
N MET AA 83 -29.50 46.37 -21.36
CA MET AA 83 -28.16 45.87 -21.08
C MET AA 83 -28.09 44.36 -21.21
N GLU AA 84 -29.14 43.66 -20.77
CA GLU AA 84 -29.20 42.22 -20.96
C GLU AA 84 -29.26 41.84 -22.43
N SER AA 85 -29.83 42.70 -23.28
CA SER AA 85 -29.88 42.47 -24.71
C SER AA 85 -28.65 42.99 -25.43
N ASN AA 86 -27.70 43.56 -24.70
CA ASN AA 86 -26.40 43.93 -25.25
C ASN AA 86 -26.52 45.11 -26.21
N TYR AA 87 -27.24 46.15 -25.75
CA TYR AA 87 -27.32 47.40 -26.49
C TYR AA 87 -26.21 48.32 -26.03
N ASN AA 88 -25.45 48.87 -26.98
CA ASN AA 88 -24.38 49.79 -26.62
C ASN AA 88 -24.99 51.09 -26.09
N SER AA 89 -24.11 52.04 -25.75
CA SER AA 89 -24.57 53.25 -25.08
C SER AA 89 -25.54 54.03 -25.95
N ALA AA 90 -25.22 54.19 -27.25
CA ALA AA 90 -26.09 54.97 -28.12
C ALA AA 90 -27.45 54.32 -28.27
N SER AA 91 -27.49 53.01 -28.47
CA SER AA 91 -28.77 52.31 -28.61
C SER AA 91 -29.58 52.39 -27.33
N VAL AA 92 -28.93 52.23 -26.17
CA VAL AA 92 -29.63 52.33 -24.91
C VAL AA 92 -30.20 53.74 -24.73
N LYS AA 93 -29.43 54.76 -25.10
CA LYS AA 93 -29.92 56.12 -25.00
C LYS AA 93 -31.12 56.34 -25.90
N VAL AA 94 -31.09 55.80 -27.11
CA VAL AA 94 -32.20 55.98 -28.05
C VAL AA 94 -33.44 55.26 -27.55
N SER AA 95 -33.28 54.07 -26.97
CA SER AA 95 -34.39 53.23 -26.58
C SER AA 95 -34.93 53.54 -25.19
N ALA AA 96 -34.19 54.28 -24.36
CA ALA AA 96 -34.62 54.48 -22.99
C ALA AA 96 -36.00 55.11 -22.86
N PRO AA 97 -36.37 56.12 -23.63
CA PRO AA 97 -37.71 56.72 -23.43
C PRO AA 97 -38.83 55.70 -23.54
N PHE AA 98 -38.79 54.82 -24.53
CA PHE AA 98 -39.87 53.85 -24.71
C PHE AA 98 -39.88 52.83 -23.58
N ILE AA 99 -38.70 52.32 -23.21
CA ILE AA 99 -38.64 51.32 -22.16
C ILE AA 99 -39.17 51.91 -20.85
N THR AA 100 -38.75 53.13 -20.51
CA THR AA 100 -39.27 53.78 -19.32
C THR AA 100 -40.78 53.94 -19.40
N ALA AA 101 -41.26 54.50 -20.52
CA ALA AA 101 -42.69 54.76 -20.65
C ALA AA 101 -43.51 53.50 -20.46
N ASN AA 102 -43.06 52.38 -21.02
CA ASN AA 102 -43.82 51.13 -20.99
C ASN AA 102 -43.42 50.19 -19.86
N SER AA 103 -42.50 50.59 -18.99
CA SER AA 103 -42.06 49.73 -17.90
C SER AA 103 -43.17 49.55 -16.87
N GLU AA 104 -42.92 48.68 -15.90
CA GLU AA 104 -43.81 48.47 -14.76
C GLU AA 104 -43.15 49.06 -13.53
N TYR AA 105 -43.63 50.24 -13.10
CA TYR AA 105 -43.07 50.89 -11.93
C TYR AA 105 -43.54 50.20 -10.66
N SER AA 106 -42.73 50.30 -9.62
CA SER AA 106 -43.06 49.71 -8.33
C SER AA 106 -42.08 50.20 -7.29
N GLU AA 107 -42.55 50.32 -6.06
CA GLU AA 107 -41.66 50.64 -4.95
C GLU AA 107 -40.75 49.44 -4.67
N SER AA 108 -39.84 49.62 -3.71
CA SER AA 108 -38.88 48.59 -3.35
C SER AA 108 -37.96 48.23 -4.50
N SER AA 109 -37.85 49.10 -5.50
CA SER AA 109 -36.97 48.84 -6.62
C SER AA 109 -35.53 48.78 -6.15
N SER AA 110 -34.80 47.75 -6.57
CA SER AA 110 -33.42 47.60 -6.14
C SER AA 110 -32.53 48.74 -6.63
N PHE AA 111 -32.96 49.47 -7.65
CA PHE AA 111 -32.19 50.59 -8.15
C PHE AA 111 -32.35 51.80 -7.22
N LYS AA 112 -31.23 52.45 -6.93
CA LYS AA 112 -31.21 53.63 -6.08
C LYS AA 112 -30.46 54.74 -6.80
N ASN AA 113 -31.07 55.93 -6.86
CA ASN AA 113 -30.47 57.08 -7.50
C ASN AA 113 -30.68 58.33 -6.66
N THR AA 114 -30.52 58.19 -5.34
CA THR AA 114 -30.67 59.33 -4.44
C THR AA 114 -29.43 60.23 -4.54
N GLU AA 115 -29.47 61.36 -3.84
CA GLU AA 115 -28.34 62.28 -3.90
C GLU AA 115 -27.14 61.79 -3.11
N THR AA 116 -27.28 60.72 -2.34
CA THR AA 116 -26.20 60.20 -1.51
C THR AA 116 -25.60 58.90 -2.05
N GLU AA 117 -26.39 58.07 -2.72
CA GLU AA 117 -25.88 56.84 -3.32
C GLU AA 117 -26.27 56.77 -4.80
N LYS AA 118 -25.53 55.95 -5.54
CA LYS AA 118 -25.70 55.79 -6.98
C LYS AA 118 -25.68 54.31 -7.32
N SER AA 119 -26.54 53.92 -8.27
CA SER AA 119 -26.67 52.53 -8.70
C SER AA 119 -26.35 52.43 -10.18
N MET AA 120 -25.72 51.32 -10.59
CA MET AA 120 -25.27 51.13 -11.95
C MET AA 120 -25.45 49.67 -12.36
N TYR AA 121 -25.60 49.46 -13.67
CA TYR AA 121 -25.65 48.11 -14.23
C TYR AA 121 -24.34 47.83 -14.97
N THR AA 122 -23.86 46.59 -14.86
CA THR AA 122 -22.65 46.16 -15.53
C THR AA 122 -22.94 44.87 -16.31
N SER AA 123 -22.31 44.74 -17.47
CA SER AA 123 -22.51 43.58 -18.33
C SER AA 123 -21.20 43.22 -19.00
N SER AA 124 -20.85 41.94 -18.98
CA SER AA 124 -19.64 41.43 -19.61
C SER AA 124 -20.04 40.38 -20.64
N ARG AA 125 -19.58 40.57 -21.87
CA ARG AA 125 -19.93 39.70 -23.00
C ARG AA 125 -18.66 39.04 -23.51
N TYR AA 126 -18.63 37.72 -23.45
CA TYR AA 126 -17.58 36.93 -24.07
C TYR AA 126 -18.06 36.58 -25.47
N LEU AA 127 -17.48 37.23 -26.47
CA LEU AA 127 -17.99 37.23 -27.83
C LEU AA 127 -17.12 36.38 -28.75
N PHE AA 128 -17.78 35.62 -29.64
CA PHE AA 128 -17.16 35.00 -30.80
C PHE AA 128 -17.89 35.60 -32.00
N PRO AA 129 -17.42 36.73 -32.51
CA PRO AA 129 -18.12 37.38 -33.62
C PRO AA 129 -17.75 36.77 -34.96
N GLN AA 130 -18.65 36.96 -35.92
CA GLN AA 130 -18.44 36.59 -37.31
C GLN AA 130 -18.52 37.78 -38.24
N GLY AA 131 -19.13 38.87 -37.81
CA GLY AA 131 -19.22 40.06 -38.64
C GLY AA 131 -20.32 40.98 -38.14
N ARG AA 132 -20.65 41.94 -38.99
CA ARG AA 132 -21.63 42.97 -38.65
C ARG AA 132 -22.46 43.27 -39.90
N ILE AA 133 -23.77 43.40 -39.70
CA ILE AA 133 -24.72 43.68 -40.77
C ILE AA 133 -25.32 45.05 -40.52
N ASP AA 134 -25.44 45.83 -41.60
CA ASP AA 134 -25.88 47.21 -41.52
C ASP AA 134 -27.03 47.46 -42.49
N PHE AA 135 -27.88 48.40 -42.14
CA PHE AA 135 -29.00 48.84 -42.97
C PHE AA 135 -28.87 50.33 -43.21
N THR AA 136 -29.43 50.79 -44.32
CA THR AA 136 -29.38 52.20 -44.70
C THR AA 136 -30.69 52.86 -44.28
N THR AA 137 -30.60 53.82 -43.37
CA THR AA 137 -31.79 54.57 -43.00
C THR AA 137 -32.10 55.63 -44.05
N PRO AA 138 -33.36 56.04 -44.18
CA PRO AA 138 -33.67 57.10 -45.15
C PRO AA 138 -32.91 58.38 -44.90
N ASP AA 139 -32.62 58.70 -43.64
CA ASP AA 139 -31.89 59.93 -43.33
C ASP AA 139 -30.48 59.92 -43.87
N SER AA 140 -29.90 58.73 -44.11
CA SER AA 140 -28.53 58.67 -44.62
C SER AA 140 -28.44 59.32 -46.00
N GLY AA 141 -29.43 59.10 -46.85
CA GLY AA 141 -29.46 59.70 -48.16
C GLY AA 141 -28.85 58.86 -49.27
N PHE AA 142 -28.47 57.62 -48.98
CA PHE AA 142 -27.89 56.76 -50.00
C PHE AA 142 -28.99 56.08 -50.81
N ASP AA 143 -28.58 55.41 -51.89
CA ASP AA 143 -29.54 54.87 -52.84
C ASP AA 143 -30.16 53.55 -52.42
N ASP AA 144 -29.58 52.85 -51.44
CA ASP AA 144 -30.06 51.54 -51.01
C ASP AA 144 -30.84 51.62 -49.71
N VAL AA 145 -31.61 52.69 -49.51
CA VAL AA 145 -32.37 52.84 -48.28
C VAL AA 145 -33.33 51.67 -48.11
N ILE AA 146 -33.64 51.36 -46.85
CA ILE AA 146 -34.67 50.36 -46.55
C ILE AA 146 -36.04 50.95 -46.86
N LYS AA 147 -36.94 50.11 -47.36
CA LYS AA 147 -38.28 50.53 -47.74
C LYS AA 147 -39.29 49.95 -46.76
N LEU AA 148 -40.07 50.84 -46.13
CA LEU AA 148 -41.08 50.38 -45.20
C LEU AA 148 -42.14 49.56 -45.93
N SER AA 149 -42.67 48.56 -45.23
CA SER AA 149 -43.64 47.67 -45.86
C SER AA 149 -44.93 48.43 -46.19
N PRO AA 150 -45.60 48.09 -47.28
CA PRO AA 150 -46.87 48.74 -47.58
C PRO AA 150 -47.89 48.55 -46.48
N GLN AA 151 -47.87 47.42 -45.78
CA GLN AA 151 -48.80 47.23 -44.69
C GLN AA 151 -48.58 48.25 -43.58
N PHE AA 152 -47.32 48.47 -43.20
CA PHE AA 152 -47.03 49.47 -42.18
C PHE AA 152 -47.40 50.87 -42.65
N THR AA 153 -47.09 51.20 -43.91
CA THR AA 153 -47.42 52.53 -44.42
C THR AA 153 -48.94 52.74 -44.43
N SER AA 154 -49.70 51.73 -44.86
CA SER AA 154 -51.14 51.83 -44.85
C SER AA 154 -51.69 51.95 -43.44
N GLY AA 155 -51.09 51.22 -42.50
CA GLY AA 155 -51.52 51.36 -41.12
C GLY AA 155 -51.30 52.76 -40.58
N VAL AA 156 -50.15 53.35 -40.88
CA VAL AA 156 -49.89 54.72 -40.45
C VAL AA 156 -50.89 55.68 -41.07
N GLN AA 157 -51.16 55.51 -42.37
CA GLN AA 157 -52.12 56.38 -43.04
C GLN AA 157 -53.50 56.26 -42.42
N ALA AA 158 -53.94 55.03 -42.15
CA ALA AA 158 -55.26 54.84 -41.54
C ALA AA 158 -55.31 55.46 -40.15
N ALA AA 159 -54.23 55.30 -39.37
CA ALA AA 159 -54.20 55.90 -38.05
C ALA AA 159 -54.32 57.42 -38.14
N LEU AA 160 -53.59 58.04 -39.06
CA LEU AA 160 -53.61 59.48 -39.20
C LEU AA 160 -54.87 60.00 -39.89
N ALA AA 161 -55.67 59.13 -40.50
CA ALA AA 161 -56.88 59.55 -41.18
C ALA AA 161 -58.11 59.53 -40.27
N LYS AA 162 -57.94 59.24 -38.97
CA LYS AA 162 -59.07 59.14 -38.08
C LYS AA 162 -59.66 60.53 -37.79
N ALA AA 163 -60.90 60.51 -37.30
CA ALA AA 163 -61.66 61.75 -37.17
C ALA AA 163 -61.08 62.67 -36.10
N THR AA 164 -60.75 62.12 -34.93
CA THR AA 164 -60.38 62.92 -33.78
C THR AA 164 -58.94 62.65 -33.38
N GLY AA 165 -58.34 63.64 -32.70
CA GLY AA 165 -56.96 63.49 -32.26
C GLY AA 165 -56.78 62.33 -31.30
N THR AA 166 -57.74 62.14 -30.39
CA THR AA 166 -57.64 61.01 -29.47
C THR AA 166 -57.66 59.69 -30.21
N GLU AA 167 -58.53 59.56 -31.21
CA GLU AA 167 -58.57 58.34 -32.00
C GLU AA 167 -57.27 58.15 -32.78
N LYS AA 168 -56.73 59.23 -33.34
CA LYS AA 168 -55.45 59.13 -34.04
C LYS AA 168 -54.35 58.64 -33.11
N ARG AA 169 -54.30 59.20 -31.90
CA ARG AA 169 -53.27 58.80 -30.95
C ARG AA 169 -53.45 57.34 -30.52
N GLU AA 170 -54.69 56.91 -30.30
CA GLU AA 170 -54.94 55.52 -29.94
C GLU AA 170 -54.50 54.59 -31.07
N ALA AA 171 -54.83 54.94 -32.32
CA ALA AA 171 -54.43 54.12 -33.45
C ALA AA 171 -52.91 54.05 -33.56
N LEU AA 172 -52.24 55.19 -33.38
CA LEU AA 172 -50.78 55.20 -33.44
C LEU AA 172 -50.18 54.35 -32.32
N GLN AA 173 -50.75 54.43 -31.12
CA GLN AA 173 -50.24 53.63 -30.01
C GLN AA 173 -50.39 52.14 -30.32
N ASN AA 174 -51.56 51.73 -30.84
CA ASN AA 174 -51.73 50.32 -31.19
C ASN AA 174 -50.76 49.91 -32.29
N LEU AA 175 -50.60 50.75 -33.31
CA LEU AA 175 -49.71 50.42 -34.42
C LEU AA 175 -48.28 50.25 -33.94
N PHE AA 176 -47.81 51.13 -33.05
CA PHE AA 176 -46.44 51.02 -32.58
C PHE AA 176 -46.28 49.86 -31.59
N GLN AA 177 -47.31 49.56 -30.80
CA GLN AA 177 -47.25 48.39 -29.94
C GLN AA 177 -47.19 47.11 -30.77
N GLU AA 178 -47.77 47.12 -31.97
CA GLU AA 178 -47.76 45.93 -32.80
C GLU AA 178 -46.47 45.81 -33.61
N TYR AA 179 -46.02 46.92 -34.22
CA TYR AA 179 -44.91 46.87 -35.17
C TYR AA 179 -43.56 47.21 -34.55
N GLY AA 180 -43.51 47.66 -33.30
CA GLY AA 180 -42.26 48.02 -32.66
C GLY AA 180 -42.09 49.52 -32.52
N HIS AA 181 -41.09 49.89 -31.73
CA HIS AA 181 -40.73 51.29 -31.49
C HIS AA 181 -39.41 51.70 -32.11
N VAL AA 182 -38.46 50.77 -32.26
CA VAL AA 182 -37.18 51.06 -32.88
C VAL AA 182 -36.83 49.92 -33.84
N PHE AA 183 -35.88 50.21 -34.72
CA PHE AA 183 -35.40 49.24 -35.70
C PHE AA 183 -33.89 49.15 -35.59
N ARG AA 184 -33.37 47.93 -35.52
CA ARG AA 184 -31.94 47.71 -35.37
C ARG AA 184 -31.26 47.92 -36.72
N THR AA 185 -30.42 48.95 -36.81
CA THR AA 185 -29.74 49.30 -38.05
C THR AA 185 -28.35 48.67 -38.17
N LYS AA 186 -27.70 48.35 -37.06
CA LYS AA 186 -26.40 47.71 -37.08
C LYS AA 186 -26.39 46.60 -36.05
N VAL AA 187 -26.14 45.37 -36.48
CA VAL AA 187 -26.21 44.21 -35.59
C VAL AA 187 -25.00 43.32 -35.85
N HIS AA 188 -24.38 42.85 -34.77
CA HIS AA 188 -23.25 41.94 -34.86
C HIS AA 188 -23.76 40.51 -34.83
N ILE AA 189 -23.11 39.64 -35.59
CA ILE AA 189 -23.50 38.25 -35.70
C ILE AA 189 -22.44 37.38 -35.03
N GLY AA 190 -22.86 36.21 -34.55
CA GLY AA 190 -21.95 35.28 -33.92
C GLY AA 190 -22.51 34.64 -32.68
N GLY AA 191 -21.66 34.40 -31.67
CA GLY AA 191 -22.10 33.84 -30.42
C GLY AA 191 -21.61 34.68 -29.26
N VAL AA 192 -22.32 34.57 -28.13
CA VAL AA 192 -22.00 35.41 -26.98
C VAL AA 192 -22.45 34.74 -25.69
N LEU AA 193 -21.58 34.79 -24.69
CA LEU AA 193 -21.92 34.42 -23.31
C LEU AA 193 -21.93 35.71 -22.49
N SER AA 194 -23.09 36.06 -21.94
CA SER AA 194 -23.26 37.34 -21.26
C SER AA 194 -23.49 37.12 -19.77
N ALA AA 195 -22.88 37.99 -18.96
CA ALA AA 195 -23.09 38.00 -17.52
C ALA AA 195 -23.41 39.43 -17.08
N HIS AA 196 -24.53 39.60 -16.39
CA HIS AA 196 -25.02 40.92 -16.04
C HIS AA 196 -25.24 41.02 -14.53
N THR AA 197 -25.07 42.23 -14.01
CA THR AA 197 -25.25 42.46 -12.58
C THR AA 197 -25.54 43.93 -12.36
N MET AA 198 -25.94 44.26 -11.13
CA MET AA 198 -26.17 45.63 -10.70
C MET AA 198 -25.47 45.87 -9.37
N GLU AA 199 -24.99 47.09 -9.18
CA GLU AA 199 -24.29 47.45 -7.96
C GLU AA 199 -24.69 48.86 -7.52
N THR AA 200 -24.93 49.00 -6.22
CA THR AA 200 -25.22 50.30 -5.61
C THR AA 200 -24.11 50.65 -4.64
N PHE AA 201 -23.71 51.92 -4.64
CA PHE AA 201 -22.59 52.35 -3.83
C PHE AA 201 -22.73 53.83 -3.51
N SER AA 202 -22.17 54.24 -2.38
CA SER AA 202 -22.23 55.65 -2.00
C SER AA 202 -21.48 56.50 -3.01
N ARG AA 203 -22.03 57.69 -3.29
CA ARG AA 203 -21.40 58.60 -4.23
C ARG AA 203 -20.03 59.07 -3.75
N SER AA 204 -19.77 59.00 -2.45
CA SER AA 204 -18.47 59.41 -1.93
C SER AA 204 -17.36 58.46 -2.37
N GLU AA 205 -17.68 57.18 -2.55
CA GLU AA 205 -16.67 56.20 -2.93
C GLU AA 205 -16.13 56.50 -4.32
N ASN AA 206 -14.88 56.10 -4.55
CA ASN AA 206 -14.25 56.30 -5.85
C ASN AA 206 -14.96 55.49 -6.93
N GLU AA 207 -15.61 56.19 -7.85
CA GLU AA 207 -16.37 55.52 -8.89
C GLU AA 207 -15.46 54.71 -9.81
N THR AA 208 -14.24 55.19 -10.06
CA THR AA 208 -13.30 54.52 -10.94
C THR AA 208 -12.54 53.42 -10.24
N GLU AA 209 -12.88 53.13 -8.99
CA GLU AA 209 -12.47 51.93 -8.30
C GLU AA 209 -13.61 50.94 -8.15
N VAL AA 210 -14.83 51.43 -7.88
CA VAL AA 210 -15.98 50.54 -7.88
C VAL AA 210 -16.17 49.92 -9.25
N LYS AA 211 -16.06 50.74 -10.31
CA LYS AA 211 -16.26 50.21 -11.66
C LYS AA 211 -15.19 49.18 -12.00
N GLN AA 212 -13.93 49.48 -11.68
CA GLN AA 212 -12.86 48.54 -11.99
C GLN AA 212 -13.02 47.22 -11.25
N ASP AA 213 -13.37 47.30 -9.95
CA ASP AA 213 -13.54 46.08 -9.18
C ASP AA 213 -14.69 45.23 -9.74
N VAL AA 214 -15.83 45.87 -10.03
CA VAL AA 214 -16.96 45.14 -10.56
C VAL AA 214 -16.62 44.53 -11.92
N LYS AA 215 -15.93 45.30 -12.77
CA LYS AA 215 -15.56 44.79 -14.07
C LYS AA 215 -14.64 43.58 -13.95
N ALA AA 216 -13.65 43.64 -13.06
CA ALA AA 216 -12.74 42.52 -12.90
C ALA AA 216 -13.51 41.27 -12.44
N GLY AA 217 -14.39 41.44 -11.45
CA GLY AA 217 -15.14 40.29 -10.96
C GLY AA 217 -16.00 39.67 -12.04
N LEU AA 218 -16.75 40.51 -12.76
CA LEU AA 218 -17.66 40.00 -13.78
C LEU AA 218 -16.88 39.37 -14.93
N GLU AA 219 -15.76 39.97 -15.32
CA GLU AA 219 -14.94 39.39 -16.38
C GLU AA 219 -14.40 38.03 -15.98
N GLY AA 220 -13.92 37.90 -14.74
CA GLY AA 220 -13.50 36.59 -14.27
C GLY AA 220 -14.65 35.59 -14.27
N ALA AA 221 -15.85 36.05 -13.94
CA ALA AA 221 -17.00 35.15 -13.91
C ALA AA 221 -17.33 34.65 -15.31
N VAL AA 222 -17.38 35.54 -16.30
CA VAL AA 222 -17.67 35.13 -17.67
C VAL AA 222 -16.54 34.32 -18.27
N LYS AA 223 -15.32 34.36 -17.76
CA LYS AA 223 -14.28 33.50 -18.33
C LYS AA 223 -14.45 32.07 -17.92
N GLY AA 224 -14.94 31.85 -16.71
CA GLY AA 224 -15.13 30.50 -16.22
C GLY AA 224 -16.24 29.83 -16.99
N TRP AA 225 -17.41 30.46 -17.02
CA TRP AA 225 -18.54 29.89 -17.74
C TRP AA 225 -18.50 30.30 -19.20
N GLN AA 237 -22.16 29.52 -10.99
CA GLN AA 237 -22.04 30.33 -9.80
C GLN AA 237 -22.84 31.62 -9.94
N GLY AA 238 -24.01 31.67 -9.29
CA GLY AA 238 -24.87 32.82 -9.41
C GLY AA 238 -24.46 34.03 -8.60
N THR AA 239 -23.50 33.89 -7.71
CA THR AA 239 -23.06 34.97 -6.84
C THR AA 239 -21.54 35.06 -6.84
N ILE AA 240 -21.03 36.28 -6.87
CA ILE AA 240 -19.61 36.54 -7.05
C ILE AA 240 -19.12 37.47 -5.94
N THR AA 241 -17.88 37.27 -5.51
CA THR AA 241 -17.23 38.12 -4.53
C THR AA 241 -16.06 38.82 -5.23
N THR AA 242 -16.05 40.15 -5.18
CA THR AA 242 -15.01 40.92 -5.86
C THR AA 242 -13.82 41.13 -4.93
N SER AA 243 -12.82 41.86 -5.44
CA SER AA 243 -11.63 42.16 -4.65
C SER AA 243 -11.98 43.01 -3.43
N GLN AA 244 -12.87 43.99 -3.60
CA GLN AA 244 -13.32 44.83 -2.51
C GLN AA 244 -14.33 44.15 -1.60
N ASN AA 245 -14.46 42.82 -1.70
CA ASN AA 245 -15.41 42.05 -0.91
C ASN AA 245 -16.85 42.44 -1.22
N ARG AA 246 -17.10 42.95 -2.42
CA ARG AA 246 -18.46 43.25 -2.85
C ARG AA 246 -19.15 41.98 -3.31
N LYS AA 247 -20.40 41.81 -2.89
CA LYS AA 247 -21.20 40.64 -3.23
C LYS AA 247 -22.14 41.00 -4.38
N LEU AA 248 -22.00 40.30 -5.50
CA LEU AA 248 -22.76 40.60 -6.72
C LEU AA 248 -23.58 39.39 -7.14
N ASN AA 249 -24.83 39.65 -7.54
CA ASN AA 249 -25.67 38.62 -8.14
C ASN AA 249 -25.57 38.72 -9.65
N VAL AA 250 -25.26 37.61 -10.31
CA VAL AA 250 -24.94 37.59 -11.73
C VAL AA 250 -25.99 36.76 -12.46
N LYS AA 251 -26.52 37.32 -13.54
CA LYS AA 251 -27.44 36.62 -14.43
C LYS AA 251 -26.68 36.24 -15.70
N TYR AA 252 -26.76 34.97 -16.08
CA TYR AA 252 -26.03 34.43 -17.20
C TYR AA 252 -26.96 34.16 -18.36
N ILE AA 253 -26.51 34.50 -19.56
CA ILE AA 253 -27.26 34.27 -20.80
C ILE AA 253 -26.32 33.59 -21.80
N VAL AA 254 -26.80 32.52 -22.42
CA VAL AA 254 -25.99 31.81 -23.40
C VAL AA 254 -26.62 31.88 -24.78
N ASN AA 255 -25.88 32.40 -25.75
CA ASN AA 255 -26.39 32.48 -27.11
C ASN AA 255 -25.35 31.85 -28.02
N VAL AA 256 -24.62 30.86 -27.50
CA VAL AA 256 -23.59 30.20 -28.25
C VAL AA 256 -24.04 28.80 -28.49
N VAL AA 257 -23.74 28.25 -29.66
CA VAL AA 257 -24.15 26.89 -29.99
C VAL AA 257 -23.09 26.20 -30.82
N GLN AA 274 -20.74 26.28 -37.46
CA GLN AA 274 -21.82 26.13 -38.43
C GLN AA 274 -22.61 27.42 -38.55
N SER AA 275 -22.81 27.88 -39.78
CA SER AA 275 -23.48 29.16 -40.01
C SER AA 275 -24.96 29.15 -39.63
N GLU AA 276 -25.55 27.96 -39.46
CA GLU AA 276 -26.97 27.89 -39.14
C GLU AA 276 -27.27 28.36 -37.73
N HIS AA 277 -26.29 28.36 -36.83
CA HIS AA 277 -26.50 28.69 -35.44
C HIS AA 277 -26.05 30.10 -35.08
N TRP AA 278 -25.67 30.90 -36.07
CA TRP AA 278 -25.26 32.27 -35.79
C TRP AA 278 -26.46 33.12 -35.40
N ARG AA 279 -26.29 33.96 -34.39
CA ARG AA 279 -27.37 34.79 -33.87
C ARG AA 279 -26.82 36.19 -33.58
N VAL AA 280 -27.74 37.14 -33.42
CA VAL AA 280 -27.35 38.50 -33.10
C VAL AA 280 -26.79 38.55 -31.69
N ILE AA 281 -25.59 39.12 -31.55
CA ILE AA 281 -24.89 39.17 -30.28
C ILE AA 281 -24.75 40.58 -29.73
N GLU AA 282 -25.04 41.60 -30.53
CA GLU AA 282 -24.88 42.98 -30.07
C GLU AA 282 -25.57 43.91 -31.05
N VAL AA 283 -26.15 44.98 -30.54
CA VAL AA 283 -26.83 46.00 -31.35
C VAL AA 283 -26.02 47.28 -31.21
N THR AA 284 -25.45 47.74 -32.32
CA THR AA 284 -24.59 48.92 -32.30
C THR AA 284 -25.36 50.20 -32.60
N GLU AA 285 -26.51 50.11 -33.25
CA GLU AA 285 -27.27 51.30 -33.60
C GLU AA 285 -28.73 50.91 -33.79
N VAL AA 286 -29.62 51.77 -33.29
CA VAL AA 286 -31.05 51.63 -33.50
C VAL AA 286 -31.61 52.99 -33.90
N THR AA 287 -32.67 52.97 -34.70
CA THR AA 287 -33.33 54.19 -35.15
C THR AA 287 -34.81 54.07 -34.85
N ALA AA 288 -35.38 55.13 -34.28
CA ALA AA 288 -36.80 55.11 -33.95
C ALA AA 288 -37.63 54.83 -35.20
N VAL AA 289 -38.64 53.99 -35.05
CA VAL AA 289 -39.47 53.61 -36.19
C VAL AA 289 -40.13 54.83 -36.81
N ALA AA 290 -40.54 55.79 -35.97
CA ALA AA 290 -41.12 57.02 -36.49
C ALA AA 290 -40.16 57.74 -37.42
N ASP AA 291 -38.87 57.71 -37.12
CA ASP AA 291 -37.89 58.41 -37.95
C ASP AA 291 -37.80 57.85 -39.36
N LEU AA 292 -38.27 56.62 -39.57
CA LEU AA 292 -38.18 55.99 -40.89
C LEU AA 292 -39.22 56.51 -41.87
N LEU AA 293 -40.24 57.22 -41.40
CA LEU AA 293 -41.30 57.70 -42.27
C LEU AA 293 -40.87 58.92 -43.06
N PRO AA 294 -41.54 59.23 -44.17
CA PRO AA 294 -41.25 60.46 -44.89
C PRO AA 294 -41.53 61.68 -44.01
N GLN AA 295 -40.78 62.75 -44.24
CA GLN AA 295 -40.78 63.89 -43.32
C GLN AA 295 -42.16 64.44 -43.02
N PRO AA 296 -43.03 64.69 -44.01
CA PRO AA 296 -44.34 65.28 -43.67
C PRO AA 296 -45.16 64.41 -42.72
N ILE AA 297 -45.09 63.09 -42.86
CA ILE AA 297 -45.83 62.21 -41.95
C ILE AA 297 -45.06 62.04 -40.64
N ARG AA 298 -43.73 62.05 -40.69
CA ARG AA 298 -42.93 61.92 -39.49
C ARG AA 298 -43.20 63.06 -38.52
N GLY AA 299 -43.29 64.29 -39.05
CA GLY AA 299 -43.59 65.41 -38.17
C GLY AA 299 -44.92 65.25 -37.45
N GLN AA 300 -45.96 64.86 -38.19
CA GLN AA 300 -47.27 64.67 -37.59
C GLN AA 300 -47.25 63.56 -36.55
N VAL AA 301 -46.57 62.44 -36.86
CA VAL AA 301 -46.53 61.32 -35.91
C VAL AA 301 -45.80 61.72 -34.65
N LYS AA 302 -44.67 62.42 -34.79
CA LYS AA 302 -43.91 62.84 -33.62
C LYS AA 302 -44.73 63.80 -32.76
N ASP AA 303 -45.44 64.74 -33.40
CA ASP AA 303 -46.28 65.66 -32.64
C ASP AA 303 -47.40 64.92 -31.94
N LEU AA 304 -48.03 63.95 -32.62
CA LEU AA 304 -49.15 63.23 -32.03
C LEU AA 304 -48.72 62.31 -30.90
N LEU AA 305 -47.46 61.88 -30.88
CA LEU AA 305 -46.98 60.98 -29.84
C LEU AA 305 -46.60 61.71 -28.55
N LYS AA 306 -46.73 63.04 -28.50
CA LYS AA 306 -46.41 63.77 -27.28
C LYS AA 306 -47.49 63.55 -26.22
N PRO AA 307 -47.15 63.03 -25.04
CA PRO AA 307 -48.21 62.69 -24.07
C PRO AA 307 -49.03 63.88 -23.59
N LEU AA 308 -48.45 65.07 -23.47
CA LEU AA 308 -49.10 66.18 -22.80
C LEU AA 308 -49.31 67.35 -23.75
N LEU AA 309 -50.44 68.02 -23.60
CA LEU AA 309 -50.72 69.28 -24.27
C LEU AA 309 -50.48 70.41 -23.28
N GLY AA 310 -49.69 71.40 -23.68
CA GLY AA 310 -49.30 72.47 -22.78
C GLY AA 310 -50.00 73.79 -23.04
N LYS AA 311 -50.04 74.64 -22.01
CA LYS AA 311 -50.67 75.95 -22.11
C LYS AA 311 -50.02 76.88 -21.11
N TRP AA 312 -49.97 78.16 -21.46
CA TRP AA 312 -49.45 79.20 -20.57
C TRP AA 312 -50.61 80.04 -20.05
N VAL AA 313 -50.65 80.26 -18.74
CA VAL AA 313 -51.72 81.00 -18.10
C VAL AA 313 -51.12 82.01 -17.13
N ASP AA 314 -51.95 82.98 -16.73
CA ASP AA 314 -51.51 84.00 -15.79
C ASP AA 314 -51.32 83.40 -14.41
N VAL AA 315 -50.64 84.16 -13.54
CA VAL AA 315 -50.31 83.71 -12.19
C VAL AA 315 -50.75 84.75 -11.18
N GLU AA 316 -50.88 84.30 -9.93
CA GLU AA 316 -51.31 85.15 -8.83
C GLU AA 316 -50.41 84.87 -7.63
N LYS AA 317 -50.15 85.91 -6.84
CA LYS AA 317 -49.30 85.76 -5.67
C LYS AA 317 -50.07 85.07 -4.55
N VAL AA 318 -49.46 84.06 -3.96
CA VAL AA 318 -50.09 83.32 -2.86
C VAL AA 318 -50.17 84.22 -1.64
N PRO AA 319 -51.34 84.35 -1.00
CA PRO AA 319 -51.42 85.18 0.20
C PRO AA 319 -50.60 84.59 1.33
N GLY AA 320 -50.10 85.48 2.19
CA GLY AA 320 -49.26 85.04 3.29
C GLY AA 320 -47.87 84.67 2.83
N LEU AA 321 -47.18 83.89 3.66
CA LEU AA 321 -45.82 83.44 3.37
C LEU AA 321 -44.88 84.61 3.19
N GLU AA 322 -45.10 85.68 3.96
CA GLU AA 322 -44.24 86.85 3.87
C GLU AA 322 -42.86 86.60 4.48
N SER AA 323 -42.72 85.55 5.29
CA SER AA 323 -41.41 85.26 5.89
C SER AA 323 -40.42 84.76 4.85
N LEU AA 324 -40.89 84.10 3.80
CA LEU AA 324 -39.99 83.46 2.85
C LEU AA 324 -39.29 84.50 1.98
N PRO AA 325 -38.03 84.26 1.62
CA PRO AA 325 -37.27 85.29 0.88
C PRO AA 325 -37.86 85.65 -0.47
N VAL AA 326 -38.62 84.76 -1.10
CA VAL AA 326 -39.12 84.98 -2.44
C VAL AA 326 -40.63 84.74 -2.46
N SER AA 327 -41.30 85.37 -3.41
CA SER AA 327 -42.73 85.22 -3.56
C SER AA 327 -43.08 83.88 -4.19
N VAL AA 328 -44.25 83.37 -3.84
CA VAL AA 328 -44.77 82.12 -4.38
C VAL AA 328 -45.96 82.43 -5.27
N TYR AA 329 -46.01 81.83 -6.45
CA TYR AA 329 -47.05 82.08 -7.42
C TYR AA 329 -47.74 80.77 -7.80
N ARG AA 330 -49.06 80.85 -7.99
CA ARG AA 330 -49.88 79.73 -8.41
C ARG AA 330 -50.78 80.19 -9.55
N PRO AA 331 -51.26 79.27 -10.38
CA PRO AA 331 -52.13 79.67 -11.49
C PRO AA 331 -53.32 80.48 -11.00
N LYS AA 332 -53.59 81.58 -11.68
CA LYS AA 332 -54.67 82.47 -11.29
C LYS AA 332 -56.01 81.97 -11.82
N GLY AA 333 -57.05 82.22 -11.04
CA GLY AA 333 -58.39 81.82 -11.44
C GLY AA 333 -58.59 80.32 -11.37
N ALA AA 334 -59.71 79.90 -11.94
CA ALA AA 334 -60.07 78.48 -11.96
C ALA AA 334 -59.37 77.79 -13.13
N ILE AA 335 -58.79 76.63 -12.84
CA ILE AA 335 -58.13 75.85 -13.91
C ILE AA 335 -59.19 75.38 -14.90
N PRO AA 336 -58.94 75.48 -16.21
CA PRO AA 336 -59.92 74.97 -17.18
C PRO AA 336 -60.18 73.49 -16.95
N ALA AA 337 -61.42 73.08 -17.19
CA ALA AA 337 -61.81 71.69 -16.96
C ALA AA 337 -60.93 70.76 -17.78
N GLY AA 338 -60.42 69.70 -17.14
CA GLY AA 338 -59.58 68.73 -17.79
C GLY AA 338 -58.10 69.05 -17.77
N TRP AA 339 -57.72 70.24 -17.33
CA TRP AA 339 -56.32 70.64 -17.26
C TRP AA 339 -55.82 70.60 -15.82
N PHE AA 340 -54.50 70.50 -15.67
CA PHE AA 340 -53.87 70.37 -14.38
C PHE AA 340 -52.60 71.23 -14.35
N TRP AA 341 -52.16 71.57 -13.15
CA TRP AA 341 -50.92 72.30 -12.95
C TRP AA 341 -49.94 71.43 -12.17
N LEU AA 342 -48.67 71.84 -12.18
CA LEU AA 342 -47.59 71.00 -11.69
C LEU AA 342 -47.03 71.40 -10.34
N GLY AA 343 -47.28 72.62 -9.88
CA GLY AA 343 -46.83 73.03 -8.56
C GLY AA 343 -46.57 74.51 -8.50
N ASP AA 344 -46.19 74.96 -7.31
CA ASP AA 344 -45.89 76.37 -7.09
C ASP AA 344 -44.56 76.74 -7.73
N THR AA 345 -44.49 77.96 -8.26
CA THR AA 345 -43.30 78.44 -8.94
C THR AA 345 -42.99 79.86 -8.49
N ALA AA 346 -41.71 80.22 -8.59
CA ALA AA 346 -41.26 81.56 -8.27
C ALA AA 346 -41.37 82.52 -9.44
N ASP AA 347 -41.75 82.04 -10.61
CA ASP AA 347 -41.90 82.90 -11.77
C ASP AA 347 -43.13 83.78 -11.60
N ALA AA 348 -42.96 85.08 -11.82
CA ALA AA 348 -44.04 86.04 -11.64
C ALA AA 348 -44.79 86.35 -12.93
N SER AA 349 -44.47 85.66 -14.02
CA SER AA 349 -45.03 85.96 -15.33
C SER AA 349 -46.15 85.00 -15.74
N LYS AA 350 -45.88 83.69 -15.71
CA LYS AA 350 -46.82 82.73 -16.26
C LYS AA 350 -46.64 81.39 -15.57
N ALA AA 351 -47.65 80.53 -15.73
CA ALA AA 351 -47.63 79.17 -15.23
C ALA AA 351 -48.02 78.20 -16.33
N LEU AA 352 -47.51 76.98 -16.24
CA LEU AA 352 -47.70 75.97 -17.27
C LEU AA 352 -48.78 75.00 -16.83
N LEU AA 353 -49.84 74.88 -17.63
CA LEU AA 353 -50.86 73.86 -17.46
C LEU AA 353 -50.65 72.76 -18.49
N VAL AA 354 -50.94 71.53 -18.08
CA VAL AA 354 -50.76 70.36 -18.93
C VAL AA 354 -52.05 69.55 -18.94
N LYS AA 355 -52.27 68.83 -20.04
CA LYS AA 355 -53.45 68.00 -20.19
C LYS AA 355 -53.03 66.67 -20.82
N PRO AA 356 -53.45 65.53 -20.27
CA PRO AA 356 -53.12 64.25 -20.91
C PRO AA 356 -53.73 64.15 -22.29
N THR AA 357 -53.04 63.42 -23.17
CA THR AA 357 -53.50 63.19 -24.53
C THR AA 357 -54.19 61.84 -24.70
N LEU AA 358 -53.76 60.83 -23.95
CA LEU AA 358 -54.33 59.48 -24.07
C LEU AA 358 -55.22 59.19 -22.88
N PRO AA 359 -56.44 58.69 -23.09
CA PRO AA 359 -57.28 58.33 -21.95
C PRO AA 359 -56.64 57.23 -21.11
N ALA AA 360 -56.92 57.27 -19.80
CA ALA AA 360 -56.41 56.25 -18.91
C ALA AA 360 -56.97 54.88 -19.30
N ARG AA 361 -56.08 53.89 -19.39
CA ARG AA 361 -56.46 52.53 -19.76
C ARG AA 361 -55.62 51.54 -18.98
N SER AA 362 -56.20 50.38 -18.70
CA SER AA 362 -55.51 49.35 -17.94
C SER AA 362 -54.26 48.90 -18.70
N GLY AA 363 -53.19 48.65 -17.96
CA GLY AA 363 -51.93 48.22 -18.53
C GLY AA 363 -51.11 49.31 -19.17
N ARG AA 364 -51.54 50.57 -19.08
CA ARG AA 364 -50.83 51.70 -19.65
C ARG AA 364 -50.53 52.71 -18.55
N ASN AA 365 -49.29 53.15 -18.48
CA ASN AA 365 -48.88 54.11 -17.46
C ASN AA 365 -49.50 55.47 -17.75
N PRO AA 366 -50.29 56.04 -16.84
CA PRO AA 366 -50.80 57.40 -17.08
C PRO AA 366 -49.66 58.40 -17.10
N ALA AA 367 -49.84 59.47 -17.87
CA ALA AA 367 -48.84 60.52 -17.93
C ALA AA 367 -48.77 61.29 -16.62
N LEU AA 368 -49.90 61.40 -15.90
CA LEU AA 368 -49.97 62.16 -14.67
C LEU AA 368 -50.61 61.29 -13.58
N THR AA 369 -50.34 61.65 -12.33
CA THR AA 369 -50.86 60.94 -11.18
C THR AA 369 -51.48 61.91 -10.19
N SER AA 370 -52.54 61.46 -9.53
CA SER AA 370 -53.12 62.23 -8.43
C SER AA 370 -52.21 62.17 -7.21
N LEU AA 371 -52.41 63.12 -6.30
CA LEU AA 371 -51.63 63.19 -5.08
C LEU AA 371 -52.57 63.07 -3.88
N HIS AA 372 -52.06 62.46 -2.80
CA HIS AA 372 -52.85 62.20 -1.61
C HIS AA 372 -52.16 62.80 -0.40
N GLN AA 373 -52.97 63.16 0.60
CA GLN AA 373 -52.44 63.78 1.80
C GLN AA 373 -51.53 62.82 2.56
N GLY AA 374 -50.50 63.37 3.18
CA GLY AA 374 -49.53 62.54 3.88
C GLY AA 374 -50.15 61.81 5.06
N SER AA 375 -49.44 60.78 5.51
CA SER AA 375 -49.95 59.94 6.59
C SER AA 375 -50.08 60.72 7.89
N GLY AA 376 -49.04 61.44 8.28
CA GLY AA 376 -49.07 62.16 9.53
C GLY AA 376 -47.94 63.16 9.71
N MET AA 377 -48.18 64.21 10.49
CA MET AA 377 -47.18 65.22 10.80
C MET AA 377 -46.57 65.81 9.53
N THR AA 378 -47.43 66.07 8.54
CA THR AA 378 -47.00 66.71 7.31
C THR AA 378 -48.22 67.10 6.50
N GLU AA 379 -48.16 68.29 5.91
CA GLU AA 379 -49.20 68.77 5.00
C GLU AA 379 -48.80 68.59 3.54
N GLN AA 380 -47.66 67.97 3.27
CA GLN AA 380 -47.20 67.82 1.90
C GLN AA 380 -47.92 66.66 1.21
N PRO AA 381 -48.01 66.69 -0.11
CA PRO AA 381 -48.65 65.60 -0.84
C PRO AA 381 -47.67 64.48 -1.18
N PHE AA 382 -48.25 63.32 -1.49
CA PHE AA 382 -47.49 62.14 -1.89
C PHE AA 382 -48.05 61.61 -3.20
N VAL AA 383 -47.17 61.10 -4.07
CA VAL AA 383 -47.59 60.60 -5.36
C VAL AA 383 -48.39 59.31 -5.17
N ASP AA 384 -49.54 59.23 -5.83
CA ASP AA 384 -50.37 58.03 -5.72
C ASP AA 384 -49.66 56.82 -6.32
N LEU AA 385 -48.99 57.00 -7.45
CA LEU AA 385 -48.37 55.87 -8.15
C LEU AA 385 -46.90 55.74 -7.77
N PRO AA 386 -46.35 54.53 -7.88
CA PRO AA 386 -45.05 54.25 -7.23
C PRO AA 386 -43.93 55.25 -7.52
N GLN AA 387 -43.55 55.42 -8.79
CA GLN AA 387 -42.31 56.09 -9.14
C GLN AA 387 -42.53 57.41 -9.88
N TYR AA 388 -43.65 58.08 -9.64
CA TYR AA 388 -43.88 59.38 -10.22
C TYR AA 388 -43.32 60.47 -9.31
N GLN AA 389 -43.20 61.68 -9.86
CA GLN AA 389 -42.61 62.79 -9.12
C GLN AA 389 -43.30 64.09 -9.48
N TYR AA 390 -43.44 64.97 -8.49
CA TYR AA 390 -43.88 66.33 -8.70
C TYR AA 390 -42.70 67.28 -8.53
N LEU AA 391 -42.86 68.50 -9.04
CA LEU AA 391 -41.73 69.41 -9.18
C LEU AA 391 -41.58 70.40 -8.03
N SER AA 392 -42.65 70.72 -7.33
CA SER AA 392 -42.61 71.73 -6.27
C SER AA 392 -43.29 71.22 -5.01
N THR AA 393 -42.77 71.65 -3.87
CA THR AA 393 -43.42 71.39 -2.60
C THR AA 393 -44.62 72.31 -2.45
N TYR AA 394 -45.65 71.81 -1.76
CA TYR AA 394 -46.88 72.57 -1.59
C TYR AA 394 -46.68 73.58 -0.46
N PHE AA 395 -46.95 74.86 -0.76
CA PHE AA 395 -46.84 75.92 0.23
C PHE AA 395 -48.23 76.20 0.79
N GLY AA 396 -48.60 75.41 1.78
CA GLY AA 396 -49.91 75.49 2.39
C GLY AA 396 -50.35 74.12 2.88
N SER AA 397 -51.66 73.94 2.94
CA SER AA 397 -52.28 72.68 3.33
C SER AA 397 -52.90 72.03 2.10
N PHE AA 398 -52.45 70.82 1.78
CA PHE AA 398 -52.89 70.12 0.58
C PHE AA 398 -54.14 69.31 0.89
N ALA AA 399 -55.21 69.56 0.15
CA ALA AA 399 -56.45 68.80 0.24
C ALA AA 399 -56.86 68.40 -1.17
N HIS AA 400 -56.72 67.11 -1.49
CA HIS AA 400 -56.96 66.64 -2.85
C HIS AA 400 -58.42 66.73 -3.24
N ASP AA 401 -59.34 66.96 -2.30
CA ASP AA 401 -60.76 67.02 -2.60
C ASP AA 401 -61.25 68.41 -2.98
N THR AA 402 -60.41 69.43 -2.86
CA THR AA 402 -60.80 70.80 -3.16
C THR AA 402 -59.71 71.48 -3.98
N PRO AA 403 -60.08 72.48 -4.78
CA PRO AA 403 -59.08 73.19 -5.57
C PRO AA 403 -58.26 74.13 -4.71
N PRO AA 404 -57.03 74.47 -5.12
CA PRO AA 404 -56.34 74.02 -6.34
C PRO AA 404 -55.62 72.70 -6.13
N GLY AA 405 -55.79 72.07 -4.96
CA GLY AA 405 -55.13 70.80 -4.71
C GLY AA 405 -55.65 69.69 -5.62
N SER AA 406 -56.94 69.71 -5.92
CA SER AA 406 -57.53 68.65 -6.74
C SER AA 406 -56.98 68.65 -8.15
N THR AA 407 -56.34 69.74 -8.59
CA THR AA 407 -55.79 69.83 -9.94
C THR AA 407 -54.27 69.72 -9.96
N LEU AA 408 -53.64 69.36 -8.84
CA LEU AA 408 -52.20 69.19 -8.80
C LEU AA 408 -51.85 67.73 -9.12
N ARG AA 409 -50.83 67.56 -9.96
CA ARG AA 409 -50.50 66.24 -10.49
C ARG AA 409 -48.99 66.04 -10.50
N GLY AA 410 -48.59 64.76 -10.50
CA GLY AA 410 -47.22 64.38 -10.71
C GLY AA 410 -46.96 64.02 -12.17
N LEU AA 411 -45.76 63.51 -12.41
CA LEU AA 411 -45.32 63.18 -13.76
C LEU AA 411 -44.72 61.78 -13.79
N ARG AA 412 -44.89 61.12 -14.94
CA ARG AA 412 -44.24 59.84 -15.16
C ARG AA 412 -42.72 60.04 -15.10
N PRO AA 413 -41.96 59.03 -14.67
CA PRO AA 413 -40.52 59.22 -14.52
C PRO AA 413 -39.79 59.59 -15.80
N ASP AA 414 -40.33 59.24 -16.98
CA ASP AA 414 -39.69 59.61 -18.22
C ASP AA 414 -39.96 61.05 -18.64
N HIS AA 415 -40.88 61.73 -17.96
CA HIS AA 415 -41.19 63.12 -18.28
C HIS AA 415 -40.20 64.12 -17.70
N VAL AA 416 -39.33 63.70 -16.78
CA VAL AA 416 -38.53 64.65 -15.99
C VAL AA 416 -37.05 64.29 -16.09
N LEU AA 417 -36.22 65.29 -15.84
CA LEU AA 417 -34.77 65.18 -15.77
C LEU AA 417 -34.28 65.91 -14.53
N PRO AA 418 -33.16 65.48 -13.95
CA PRO AA 418 -32.64 66.19 -12.78
C PRO AA 418 -32.26 67.63 -13.12
N GLY AA 419 -32.54 68.54 -12.18
CA GLY AA 419 -32.22 69.93 -12.31
C GLY AA 419 -31.12 70.36 -11.36
N ARG AA 420 -31.05 71.67 -11.12
CA ARG AA 420 -30.09 72.25 -10.19
C ARG AA 420 -30.80 73.25 -9.30
N TYR AA 421 -30.22 73.47 -8.11
CA TYR AA 421 -30.83 74.30 -7.09
C TYR AA 421 -30.14 75.66 -7.02
N GLU AA 422 -30.94 76.71 -6.93
CA GLU AA 422 -30.46 78.06 -6.62
C GLU AA 422 -31.05 78.47 -5.27
N MET AA 423 -30.19 78.75 -4.31
CA MET AA 423 -30.62 78.95 -2.93
C MET AA 423 -30.97 80.40 -2.67
N HIS AA 424 -32.06 80.61 -1.93
CA HIS AA 424 -32.48 81.92 -1.48
C HIS AA 424 -32.79 81.86 0.01
N GLY AA 425 -32.59 82.98 0.69
CA GLY AA 425 -32.82 83.05 2.12
C GLY AA 425 -31.53 82.95 2.91
N ASP AA 426 -31.57 83.46 4.13
CA ASP AA 426 -30.39 83.52 4.99
C ASP AA 426 -30.40 82.48 6.10
N THR AA 427 -31.55 81.90 6.43
CA THR AA 427 -31.66 80.94 7.52
C THR AA 427 -32.33 79.66 7.02
N ILE AA 428 -32.00 78.56 7.68
CA ILE AA 428 -32.56 77.27 7.29
C ILE AA 428 -34.08 77.27 7.39
N SER AA 429 -34.60 77.91 8.45
CA SER AA 429 -36.04 77.87 8.70
C SER AA 429 -36.86 78.51 7.59
N THR AA 430 -36.25 79.39 6.78
CA THR AA 430 -36.98 80.10 5.74
C THR AA 430 -36.38 79.95 4.35
N ALA AA 431 -35.30 79.18 4.20
CA ALA AA 431 -34.63 79.08 2.92
C ALA AA 431 -35.44 78.26 1.92
N VAL AA 432 -35.28 78.59 0.62
CA VAL AA 432 -35.95 77.88 -0.45
C VAL AA 432 -34.96 77.63 -1.59
N TYR AA 433 -35.31 76.67 -2.43
CA TYR AA 433 -34.57 76.36 -3.65
C TYR AA 433 -35.46 76.67 -4.84
N VAL AA 434 -34.87 77.27 -5.87
CA VAL AA 434 -35.51 77.47 -7.16
C VAL AA 434 -34.85 76.53 -8.16
N THR AA 435 -35.65 75.66 -8.76
CA THR AA 435 -35.13 74.61 -9.63
C THR AA 435 -34.96 75.16 -11.04
N ARG AA 436 -33.72 75.24 -11.50
CA ARG AA 436 -33.40 75.69 -12.84
C ARG AA 436 -32.94 74.51 -13.70
N PRO AA 437 -33.27 74.51 -14.99
CA PRO AA 437 -32.79 73.42 -15.84
C PRO AA 437 -31.28 73.42 -15.96
N VAL AA 438 -30.73 72.22 -16.15
CA VAL AA 438 -29.31 72.06 -16.42
C VAL AA 438 -29.07 72.34 -17.90
N ASP AA 439 -28.32 73.40 -18.20
CA ASP AA 439 -28.09 73.77 -19.59
C ASP AA 439 -27.37 72.65 -20.32
N VAL AA 440 -27.86 72.32 -21.52
CA VAL AA 440 -27.27 71.29 -22.35
C VAL AA 440 -27.12 71.83 -23.77
N PRO AA 441 -26.16 71.35 -24.56
CA PRO AA 441 -25.99 71.87 -25.92
C PRO AA 441 -27.00 71.31 -26.90
N PHE AA 442 -27.51 70.12 -26.61
CA PHE AA 442 -28.45 69.45 -27.52
C PHE AA 442 -29.88 69.85 -27.17
N PRO AA 443 -30.65 70.40 -28.11
CA PRO AA 443 -32.04 70.78 -27.78
C PRO AA 443 -32.90 69.60 -27.36
N GLU AA 444 -32.51 68.37 -27.69
CA GLU AA 444 -33.35 67.22 -27.37
C GLU AA 444 -33.54 67.05 -25.88
N ASP AA 445 -32.59 67.51 -25.07
CA ASP AA 445 -32.64 67.33 -23.63
C ASP AA 445 -32.99 68.61 -22.88
N GLU AA 446 -33.47 69.63 -23.57
CA GLU AA 446 -33.85 70.87 -22.90
C GLU AA 446 -35.05 70.63 -21.99
N CYS AA 447 -35.10 71.36 -20.87
CA CYS AA 447 -36.17 71.26 -19.90
C CYS AA 447 -36.77 72.62 -19.64
N PHE AA 448 -38.07 72.64 -19.33
CA PHE AA 448 -38.76 73.89 -19.04
C PHE AA 448 -38.14 74.57 -17.83
N ASP AA 449 -38.07 75.91 -17.89
CA ASP AA 449 -37.56 76.71 -16.79
C ASP AA 449 -38.77 77.26 -16.02
N LEU AA 450 -39.39 76.39 -15.25
CA LEU AA 450 -40.58 76.75 -14.49
C LEU AA 450 -40.25 77.38 -13.14
N LYS AA 451 -38.99 77.34 -12.71
CA LYS AA 451 -38.58 77.92 -11.44
C LYS AA 451 -39.37 77.32 -10.28
N SER AA 452 -39.42 76.00 -10.24
CA SER AA 452 -40.16 75.30 -9.19
C SER AA 452 -39.55 75.63 -7.82
N LEU AA 453 -40.41 75.81 -6.83
CA LEU AA 453 -40.00 76.17 -5.48
C LEU AA 453 -39.97 74.93 -4.59
N VAL AA 454 -38.90 74.80 -3.81
CA VAL AA 454 -38.74 73.70 -2.87
C VAL AA 454 -38.33 74.27 -1.52
N ARG AA 455 -39.13 74.00 -0.50
CA ARG AA 455 -38.81 74.48 0.84
C ARG AA 455 -37.59 73.73 1.37
N VAL AA 456 -36.59 74.46 1.87
CA VAL AA 456 -35.36 73.82 2.32
C VAL AA 456 -35.64 72.91 3.51
N LYS AA 457 -36.36 73.43 4.50
CA LYS AA 457 -36.71 72.67 5.70
C LYS AA 457 -38.23 72.63 5.83
N LEU AA 458 -38.81 71.46 5.59
CA LEU AA 458 -40.24 71.29 5.76
C LEU AA 458 -40.56 71.06 7.22
N PRO AA 459 -41.41 71.87 7.85
CA PRO AA 459 -41.78 71.62 9.24
C PRO AA 459 -42.34 70.22 9.42
N GLY AA 460 -42.36 69.77 10.67
CA GLY AA 460 -42.86 68.45 10.97
C GLY AA 460 -41.85 67.36 10.65
N SER AA 461 -42.38 66.17 10.40
CA SER AA 461 -41.57 65.00 10.14
C SER AA 461 -42.31 64.08 9.19
N GLY AA 462 -41.59 63.08 8.67
CA GLY AA 462 -42.19 62.16 7.71
C GLY AA 462 -42.62 62.83 6.43
N ASN AA 463 -41.86 63.84 5.99
CA ASN AA 463 -42.17 64.54 4.76
C ASN AA 463 -41.73 63.72 3.55
N PRO AA 464 -42.30 64.00 2.37
CA PRO AA 464 -41.88 63.27 1.17
C PRO AA 464 -40.49 63.70 0.75
N PRO AA 465 -39.80 62.89 -0.05
CA PRO AA 465 -38.47 63.29 -0.52
C PRO AA 465 -38.53 64.59 -1.32
N LYS AA 466 -37.49 65.39 -1.17
CA LYS AA 466 -37.46 66.70 -1.82
C LYS AA 466 -37.37 66.53 -3.33
N PRO AA 467 -38.21 67.20 -4.11
CA PRO AA 467 -38.11 67.08 -5.58
C PRO AA 467 -37.05 68.01 -6.14
N ARG AA 468 -36.28 67.48 -7.08
CA ARG AA 468 -35.25 68.23 -7.78
C ARG AA 468 -35.32 67.98 -9.27
N SER AA 469 -36.54 67.99 -9.82
CA SER AA 469 -36.78 67.60 -11.20
C SER AA 469 -37.31 68.77 -12.02
N ALA AA 470 -37.09 68.70 -13.32
CA ALA AA 470 -37.59 69.68 -14.28
C ALA AA 470 -38.26 68.95 -15.43
N LEU AA 471 -39.32 69.55 -15.96
CA LEU AA 471 -40.09 68.91 -17.02
C LEU AA 471 -39.35 68.98 -18.35
N LYS AA 472 -39.44 67.92 -19.13
CA LYS AA 472 -38.82 67.89 -20.45
C LYS AA 472 -39.64 68.70 -21.45
N LYS AA 473 -38.94 69.43 -22.32
CA LYS AA 473 -39.63 70.22 -23.33
C LYS AA 473 -40.24 69.34 -24.42
N SER AA 474 -39.60 68.22 -24.74
CA SER AA 474 -40.07 67.37 -25.83
C SER AA 474 -41.36 66.63 -25.47
N MET AA 475 -41.78 66.68 -24.21
CA MET AA 475 -42.95 65.93 -23.75
C MET AA 475 -44.24 66.74 -23.82
N VAL AA 476 -44.18 67.98 -24.31
CA VAL AA 476 -45.33 68.88 -24.31
C VAL AA 476 -45.55 69.42 -25.71
N LEU AA 477 -46.81 69.47 -26.13
CA LEU AA 477 -47.21 69.99 -27.43
C LEU AA 477 -47.98 71.29 -27.26
N PHE AA 478 -47.51 72.35 -27.91
CA PHE AA 478 -48.09 73.67 -27.77
C PHE AA 478 -48.86 74.05 -29.03
N ASP AA 479 -49.68 75.09 -28.91
CA ASP AA 479 -50.42 75.76 -29.98
C ASP AA 479 -51.31 74.83 -30.79
N SER AA 480 -51.53 73.60 -30.34
CA SER AA 480 -52.43 72.70 -31.02
C SER AA 480 -53.88 73.14 -30.84
N GLY AA 481 -54.70 72.86 -31.84
CA GLY AA 481 -56.11 73.19 -31.77
C GLY AA 481 -56.94 72.26 -30.91
N GLU AA 482 -56.31 71.23 -30.35
CA GLU AA 482 -57.01 70.27 -29.50
C GLU AA 482 -57.79 70.95 -28.40
N ALA BA 2 -54.94 -26.16 74.60
CA ALA BA 2 -55.18 -24.76 74.29
C ALA BA 2 -55.91 -24.62 72.95
N TYR BA 3 -56.63 -23.51 72.79
CA TYR BA 3 -57.31 -23.26 71.53
C TYR BA 3 -56.33 -23.05 70.38
N ALA BA 4 -55.07 -22.69 70.68
CA ALA BA 4 -54.08 -22.55 69.63
C ALA BA 4 -53.89 -23.83 68.84
N GLN BA 5 -54.23 -24.98 69.42
CA GLN BA 5 -54.21 -26.25 68.72
C GLN BA 5 -55.62 -26.52 68.21
N TRP BA 6 -55.77 -26.49 66.89
CA TRP BA 6 -57.09 -26.64 66.27
C TRP BA 6 -56.93 -27.27 64.90
N VAL BA 7 -58.03 -27.79 64.38
CA VAL BA 7 -58.06 -28.38 63.05
C VAL BA 7 -59.48 -28.29 62.53
N ILE BA 8 -59.60 -28.02 61.23
CA ILE BA 8 -60.87 -28.07 60.52
C ILE BA 8 -60.73 -29.12 59.44
N ILE BA 9 -61.66 -30.06 59.39
CA ILE BA 9 -61.68 -31.12 58.39
C ILE BA 9 -62.94 -30.95 57.57
N ILE BA 10 -62.79 -30.58 56.31
CA ILE BA 10 -63.91 -30.43 55.39
C ILE BA 10 -63.93 -31.67 54.51
N ILE BA 11 -65.05 -32.40 54.54
CA ILE BA 11 -65.28 -33.53 53.65
C ILE BA 11 -66.14 -33.02 52.51
N HIS BA 12 -65.60 -33.03 51.30
CA HIS BA 12 -66.25 -32.52 50.10
C HIS BA 12 -66.43 -33.69 49.14
N ASN BA 13 -67.69 -34.07 48.89
CA ASN BA 13 -68.00 -35.12 47.95
C ASN BA 13 -68.05 -34.53 46.56
N VAL BA 14 -67.01 -34.80 45.75
CA VAL BA 14 -66.97 -34.32 44.38
C VAL BA 14 -67.45 -35.38 43.39
N GLY BA 15 -68.00 -36.47 43.88
CA GLY BA 15 -68.52 -37.56 43.06
C GLY BA 15 -70.03 -37.53 42.99
N SER BA 16 -70.62 -38.73 42.86
CA SER BA 16 -72.07 -38.85 42.75
C SER BA 16 -72.60 -40.03 43.57
N GLN BA 17 -71.87 -40.44 44.60
CA GLN BA 17 -72.28 -41.55 45.45
C GLN BA 17 -72.09 -41.18 46.92
N ASP BA 18 -73.02 -41.66 47.75
CA ASP BA 18 -73.03 -41.28 49.16
C ASP BA 18 -71.82 -41.84 49.89
N VAL BA 19 -71.35 -41.08 50.87
CA VAL BA 19 -70.25 -41.49 51.74
C VAL BA 19 -70.63 -41.16 53.17
N LYS BA 20 -70.36 -42.10 54.09
CA LYS BA 20 -70.78 -41.97 55.48
C LYS BA 20 -69.56 -41.75 56.37
N ILE BA 21 -69.78 -41.03 57.46
CA ILE BA 21 -68.77 -40.79 58.48
C ILE BA 21 -69.06 -41.74 59.63
N LYS BA 22 -68.03 -42.40 60.15
CA LYS BA 22 -68.22 -43.39 61.20
C LYS BA 22 -67.06 -43.33 62.19
N ASN BA 23 -67.34 -43.79 63.41
CA ASN BA 23 -66.32 -43.96 64.44
C ASN BA 23 -65.56 -42.67 64.73
N LEU BA 24 -66.21 -41.53 64.52
CA LEU BA 24 -65.59 -40.26 64.89
C LEU BA 24 -65.36 -40.21 66.38
N LYS BA 25 -64.12 -39.93 66.77
CA LYS BA 25 -63.74 -39.95 68.19
C LYS BA 25 -62.54 -39.06 68.39
N ALA BA 26 -62.64 -38.13 69.33
CA ALA BA 26 -61.54 -37.25 69.70
C ALA BA 26 -61.00 -37.70 71.05
N SER BA 27 -59.85 -38.38 71.03
CA SER BA 27 -59.25 -38.85 72.27
C SER BA 27 -58.77 -37.67 73.13
N TRP BA 28 -58.24 -36.63 72.50
CA TRP BA 28 -57.81 -35.43 73.18
C TRP BA 28 -58.45 -34.23 72.49
N GLY BA 29 -58.82 -33.23 73.28
CA GLY BA 29 -59.52 -32.08 72.75
C GLY BA 29 -61.02 -32.28 72.76
N LYS BA 30 -61.71 -31.46 71.96
CA LYS BA 30 -63.17 -31.49 71.91
C LYS BA 30 -63.64 -31.03 70.54
N LEU BA 31 -64.64 -31.72 70.00
CA LEU BA 31 -65.35 -31.22 68.85
C LEU BA 31 -66.17 -30.00 69.25
N HIS BA 32 -66.27 -29.04 68.33
CA HIS BA 32 -66.95 -27.78 68.63
C HIS BA 32 -67.62 -27.26 67.38
N ALA BA 33 -68.33 -26.14 67.53
CA ALA BA 33 -69.12 -25.56 66.47
C ALA BA 33 -68.26 -24.73 65.51
N ASP BA 34 -68.88 -24.30 64.42
CA ASP BA 34 -68.17 -23.52 63.41
C ASP BA 34 -67.90 -22.11 63.92
N GLY BA 35 -66.63 -21.71 63.87
CA GLY BA 35 -66.26 -20.38 64.30
C GLY BA 35 -66.55 -20.11 65.77
N ASP BA 36 -66.79 -21.15 66.56
CA ASP BA 36 -67.14 -21.01 67.96
C ASP BA 36 -66.48 -22.15 68.72
N LYS BA 37 -65.28 -21.89 69.24
CA LYS BA 37 -64.54 -22.90 70.01
C LYS BA 37 -65.11 -23.12 71.40
N ASP BA 38 -66.05 -22.29 71.83
CA ASP BA 38 -66.69 -22.45 73.14
C ASP BA 38 -67.88 -23.40 73.08
N ALA BA 39 -68.53 -23.51 71.93
CA ALA BA 39 -69.74 -24.31 71.79
C ALA BA 39 -69.35 -25.75 71.47
N GLU BA 40 -69.08 -26.52 72.52
CA GLU BA 40 -68.73 -27.93 72.34
C GLU BA 40 -69.92 -28.70 71.80
N VAL BA 41 -69.63 -29.69 70.95
CA VAL BA 41 -70.65 -30.54 70.34
C VAL BA 41 -70.19 -31.99 70.43
N SER BA 42 -71.10 -32.88 70.77
CA SER BA 42 -70.76 -34.30 70.89
C SER BA 42 -70.53 -34.92 69.52
N ALA BA 43 -69.77 -36.02 69.51
CA ALA BA 43 -69.49 -36.71 68.26
C ALA BA 43 -70.75 -37.28 67.62
N SER BA 44 -71.83 -37.44 68.40
CA SER BA 44 -73.06 -37.96 67.83
C SER BA 44 -73.64 -37.06 66.75
N ASN BA 45 -73.33 -35.76 66.79
CA ASN BA 45 -73.84 -34.85 65.78
C ASN BA 45 -73.35 -35.23 64.38
N TYR BA 46 -72.20 -35.91 64.31
CA TYR BA 46 -71.61 -36.27 63.03
C TYR BA 46 -71.60 -37.78 62.76
N GLU BA 47 -71.39 -38.60 63.79
CA GLU BA 47 -71.30 -40.04 63.58
C GLU BA 47 -72.55 -40.56 62.90
N GLY BA 48 -72.36 -41.39 61.88
CA GLY BA 48 -73.46 -41.96 61.11
C GLY BA 48 -74.00 -41.07 60.01
N LYS BA 49 -73.47 -39.86 59.86
CA LYS BA 49 -74.00 -38.92 58.88
C LYS BA 49 -73.52 -39.27 57.48
N ILE BA 50 -74.32 -38.90 56.49
CA ILE BA 50 -74.02 -39.13 55.08
C ILE BA 50 -73.80 -37.78 54.41
N VAL BA 51 -72.63 -37.61 53.80
CA VAL BA 51 -72.29 -36.39 53.07
C VAL BA 51 -72.77 -36.59 51.64
N LYS BA 52 -73.91 -35.99 51.31
CA LYS BA 52 -74.50 -36.19 50.00
C LYS BA 52 -73.55 -35.67 48.91
N PRO BA 53 -73.62 -36.21 47.70
CA PRO BA 53 -72.78 -35.69 46.61
C PRO BA 53 -72.99 -34.19 46.42
N ASP BA 54 -71.87 -33.50 46.21
CA ASP BA 54 -71.87 -32.07 45.87
C ASP BA 54 -72.25 -31.18 47.05
N GLU BA 55 -71.89 -31.59 48.26
CA GLU BA 55 -72.02 -30.72 49.43
C GLU BA 55 -70.97 -31.12 50.45
N LYS BA 56 -70.64 -30.17 51.32
CA LYS BA 56 -69.50 -30.30 52.23
C LYS BA 56 -69.96 -30.44 53.67
N LEU BA 57 -69.25 -31.25 54.44
CA LEU BA 57 -69.48 -31.42 55.86
C LEU BA 57 -68.23 -31.03 56.63
N GLN BA 58 -68.37 -30.17 57.64
CA GLN BA 58 -67.23 -29.61 58.36
C GLN BA 58 -67.16 -30.19 59.77
N ILE BA 59 -65.96 -30.63 60.15
CA ILE BA 59 -65.66 -31.13 61.48
C ILE BA 59 -64.63 -30.21 62.10
N ASN BA 60 -64.96 -29.60 63.23
CA ASN BA 60 -64.07 -28.66 63.90
C ASN BA 60 -63.61 -29.26 65.21
N ALA BA 61 -62.29 -29.38 65.39
CA ALA BA 61 -61.73 -29.90 66.64
C ALA BA 61 -60.70 -28.92 67.16
N SER BA 62 -60.61 -28.84 68.49
CA SER BA 62 -59.68 -27.92 69.12
C SER BA 62 -59.36 -28.40 70.52
N GLY BA 63 -58.22 -27.95 71.05
CA GLY BA 63 -57.83 -28.30 72.39
C GLY BA 63 -58.64 -27.56 73.44
N ARG BA 64 -58.56 -28.06 74.66
CA ARG BA 64 -59.27 -27.42 75.77
C ARG BA 64 -58.75 -25.99 75.95
N SER BA 65 -59.64 -25.13 76.46
CA SER BA 65 -59.34 -23.70 76.54
C SER BA 65 -58.08 -23.45 77.37
N ASP BA 66 -57.08 -22.84 76.74
CA ASP BA 66 -55.84 -22.44 77.41
C ASP BA 66 -55.22 -23.61 78.17
N ALA BA 67 -55.51 -24.83 77.74
CA ALA BA 67 -54.98 -26.01 78.41
C ALA BA 67 -53.64 -26.43 77.82
N ALA BA 68 -52.95 -27.30 78.55
CA ALA BA 68 -51.73 -27.94 78.07
C ALA BA 68 -52.06 -29.19 77.28
N GLU BA 69 -52.99 -29.07 76.34
CA GLU BA 69 -53.49 -30.21 75.59
C GLU BA 69 -53.78 -29.80 74.15
N GLY BA 70 -53.36 -30.65 73.21
CA GLY BA 70 -53.73 -30.48 71.82
C GLY BA 70 -55.04 -31.17 71.50
N THR BA 71 -55.18 -31.57 70.24
CA THR BA 71 -56.38 -32.27 69.77
C THR BA 71 -55.96 -33.45 68.90
N THR BA 72 -56.39 -34.65 69.28
CA THR BA 72 -56.13 -35.86 68.51
C THR BA 72 -57.44 -36.60 68.30
N GLY BA 73 -57.65 -37.09 67.07
CA GLY BA 73 -58.87 -37.83 66.79
C GLY BA 73 -58.77 -38.65 65.52
N THR BA 74 -59.86 -39.37 65.26
CA THR BA 74 -59.94 -40.32 64.16
C THR BA 74 -61.35 -40.34 63.59
N PHE BA 75 -61.45 -40.80 62.35
CA PHE BA 75 -62.75 -41.17 61.79
C PHE BA 75 -62.55 -41.99 60.53
N ASP BA 76 -63.52 -42.87 60.27
CA ASP BA 76 -63.55 -43.68 59.06
C ASP BA 76 -64.53 -43.04 58.09
N LEU BA 77 -64.14 -42.93 56.82
CA LEU BA 77 -65.09 -42.64 55.76
C LEU BA 77 -65.44 -43.96 55.10
N VAL BA 78 -66.72 -44.29 55.04
CA VAL BA 78 -67.17 -45.64 54.69
C VAL BA 78 -68.22 -45.54 53.59
N ASP BA 79 -68.14 -46.46 52.63
CA ASP BA 79 -69.11 -46.51 51.55
C ASP BA 79 -70.34 -47.28 52.00
N PRO BA 80 -71.53 -46.66 52.04
CA PRO BA 80 -72.74 -47.41 52.41
C PRO BA 80 -73.30 -48.26 51.29
N ALA BA 81 -72.87 -48.06 50.05
CA ALA BA 81 -73.43 -48.81 48.93
C ALA BA 81 -72.99 -50.27 48.95
N ASP BA 82 -71.94 -50.60 49.71
CA ASP BA 82 -71.41 -51.96 49.77
C ASP BA 82 -71.29 -52.41 51.22
N GLY BA 83 -72.35 -52.19 52.00
CA GLY BA 83 -72.37 -52.66 53.38
C GLY BA 83 -71.40 -51.96 54.30
N ASP BA 84 -71.21 -50.65 54.13
CA ASP BA 84 -70.42 -49.84 55.06
C ASP BA 84 -68.99 -50.38 55.18
N LYS BA 85 -68.35 -50.62 54.04
CA LYS BA 85 -66.93 -50.96 54.05
C LYS BA 85 -66.10 -49.69 54.16
N GLN BA 86 -64.83 -49.86 54.46
CA GLN BA 86 -63.95 -48.71 54.67
C GLN BA 86 -63.50 -48.12 53.35
N VAL BA 87 -63.52 -46.79 53.28
CA VAL BA 87 -62.92 -46.05 52.18
C VAL BA 87 -61.51 -45.70 52.62
N ARG BA 88 -61.39 -44.88 53.67
CA ARG BA 88 -60.10 -44.60 54.29
C ARG BA 88 -60.31 -44.23 55.75
N HIS BA 89 -59.23 -44.38 56.51
CA HIS BA 89 -59.19 -44.09 57.95
C HIS BA 89 -58.31 -42.87 58.17
N PHE BA 90 -58.88 -41.83 58.75
CA PHE BA 90 -58.16 -40.58 58.96
C PHE BA 90 -57.83 -40.41 60.44
N TYR BA 91 -56.56 -40.06 60.69
CA TYR BA 91 -56.05 -39.77 62.03
C TYR BA 91 -55.41 -38.39 62.00
N TRP BA 92 -55.82 -37.52 62.93
CA TRP BA 92 -55.25 -36.19 63.04
C TRP BA 92 -54.74 -35.97 64.46
N ASP BA 93 -53.60 -35.29 64.56
CA ASP BA 93 -52.98 -35.00 65.85
C ASP BA 93 -52.30 -33.66 65.75
N SER BA 94 -52.85 -32.66 66.45
CA SER BA 94 -52.24 -31.33 66.59
C SER BA 94 -51.90 -31.18 68.07
N PRO BA 95 -50.70 -31.59 68.48
CA PRO BA 95 -50.36 -31.59 69.90
C PRO BA 95 -49.92 -30.22 70.40
N TRP BA 96 -50.05 -30.03 71.71
CA TRP BA 96 -49.61 -28.80 72.35
C TRP BA 96 -48.14 -28.83 72.74
N GLY BA 97 -47.55 -30.01 72.95
CA GLY BA 97 -46.19 -30.12 73.41
C GLY BA 97 -45.25 -30.70 72.37
N SER BA 98 -45.44 -30.32 71.11
CA SER BA 98 -44.59 -30.78 70.03
C SER BA 98 -44.83 -29.88 68.82
N LYS BA 99 -43.92 -29.98 67.84
CA LYS BA 99 -44.00 -29.20 66.62
C LYS BA 99 -44.58 -29.97 65.45
N THR BA 100 -44.42 -31.30 65.44
CA THR BA 100 -44.80 -32.13 64.29
C THR BA 100 -46.25 -32.57 64.46
N ASN BA 101 -47.14 -31.96 63.69
CA ASN BA 101 -48.51 -32.44 63.61
C ASN BA 101 -48.57 -33.67 62.71
N THR BA 102 -49.60 -34.48 62.91
CA THR BA 102 -49.77 -35.73 62.16
C THR BA 102 -51.12 -35.72 61.46
N TRP BA 103 -51.13 -36.10 60.18
CA TRP BA 103 -52.35 -36.26 59.41
C TRP BA 103 -52.16 -37.47 58.51
N THR BA 104 -52.69 -38.61 58.94
CA THR BA 104 -52.51 -39.87 58.23
C THR BA 104 -53.83 -40.36 57.65
N VAL BA 105 -53.81 -40.72 56.38
CA VAL BA 105 -54.97 -41.28 55.68
C VAL BA 105 -54.58 -42.69 55.28
N SER BA 106 -54.93 -43.66 56.11
CA SER BA 106 -54.60 -45.06 55.88
C SER BA 106 -55.80 -45.79 55.30
N GLY BA 107 -55.62 -47.08 55.03
CA GLY BA 107 -56.66 -47.89 54.45
C GLY BA 107 -56.53 -47.99 52.94
N SER BA 108 -57.30 -48.92 52.37
CA SER BA 108 -57.25 -49.18 50.93
C SER BA 108 -58.65 -49.47 50.42
N ASN BA 109 -59.01 -48.79 49.32
CA ASN BA 109 -60.27 -49.08 48.62
C ASN BA 109 -60.10 -48.57 47.20
N THR BA 110 -59.89 -49.49 46.25
CA THR BA 110 -59.62 -49.10 44.88
C THR BA 110 -60.81 -48.45 44.22
N LYS BA 111 -62.03 -48.66 44.74
CA LYS BA 111 -63.22 -48.07 44.14
C LYS BA 111 -63.43 -46.61 44.54
N TRP BA 112 -62.60 -46.07 45.41
CA TRP BA 112 -62.71 -44.69 45.86
C TRP BA 112 -61.39 -43.97 45.65
N MET BA 113 -61.47 -42.68 45.32
CA MET BA 113 -60.31 -41.82 45.14
C MET BA 113 -60.45 -40.65 46.10
N ILE BA 114 -59.42 -40.43 46.91
CA ILE BA 114 -59.43 -39.44 47.98
C ILE BA 114 -58.22 -38.55 47.82
N GLU BA 115 -58.44 -37.25 47.72
CA GLU BA 115 -57.38 -36.26 47.77
C GLU BA 115 -57.57 -35.36 48.98
N TYR BA 116 -56.48 -34.80 49.48
CA TYR BA 116 -56.58 -33.88 50.60
C TYR BA 116 -55.50 -32.82 50.50
N SER BA 117 -55.82 -31.63 50.98
CA SER BA 117 -54.88 -30.51 50.88
C SER BA 117 -55.15 -29.51 51.99
N GLY BA 118 -54.17 -28.64 52.23
CA GLY BA 118 -54.29 -27.58 53.21
C GLY BA 118 -53.66 -27.88 54.55
N GLN BA 119 -53.19 -29.09 54.78
CA GLN BA 119 -52.61 -29.43 56.08
C GLN BA 119 -51.27 -28.73 56.27
N ASN BA 120 -50.91 -28.49 57.53
CA ASN BA 120 -49.61 -27.96 57.90
C ASN BA 120 -49.03 -28.84 58.98
N LEU BA 121 -47.87 -29.45 58.70
CA LEU BA 121 -47.24 -30.39 59.62
C LEU BA 121 -45.98 -29.83 60.26
N ASP BA 122 -45.58 -28.60 59.93
CA ASP BA 122 -44.32 -28.06 60.43
C ASP BA 122 -44.44 -27.66 61.90
N SER BA 123 -45.32 -26.70 62.20
CA SER BA 123 -45.50 -26.23 63.56
C SER BA 123 -46.77 -25.39 63.63
N GLY BA 124 -47.31 -25.27 64.83
CA GLY BA 124 -48.52 -24.50 65.03
C GLY BA 124 -49.77 -25.35 64.91
N ALA BA 125 -50.86 -24.74 64.44
CA ALA BA 125 -52.11 -25.47 64.28
C ALA BA 125 -52.04 -26.39 63.06
N LEU BA 126 -52.98 -27.32 62.99
CA LEU BA 126 -53.03 -28.27 61.88
C LEU BA 126 -53.77 -27.73 60.67
N GLY BA 127 -54.45 -26.59 60.80
CA GLY BA 127 -55.02 -25.92 59.65
C GLY BA 127 -56.38 -26.45 59.23
N THR BA 128 -56.78 -26.01 58.03
CA THR BA 128 -58.04 -26.38 57.40
C THR BA 128 -57.73 -27.36 56.27
N ILE BA 129 -57.97 -28.64 56.53
CA ILE BA 129 -57.72 -29.70 55.56
C ILE BA 129 -59.01 -29.96 54.79
N THR BA 130 -58.95 -29.80 53.48
CA THR BA 130 -60.08 -30.12 52.60
C THR BA 130 -59.80 -31.46 51.93
N VAL BA 131 -60.78 -32.36 52.01
CA VAL BA 131 -60.66 -33.73 51.53
C VAL BA 131 -61.73 -33.95 50.48
N ASP BA 132 -61.32 -34.14 49.24
CA ASP BA 132 -62.21 -34.40 48.12
C ASP BA 132 -62.33 -35.91 47.93
N THR BA 133 -63.56 -36.42 47.96
CA THR BA 133 -63.84 -37.84 47.84
C THR BA 133 -64.65 -38.10 46.57
N LEU BA 134 -64.31 -39.16 45.85
CA LEU BA 134 -65.02 -39.48 44.63
C LEU BA 134 -64.99 -40.98 44.37
N LYS BA 135 -66.15 -41.57 44.12
CA LYS BA 135 -66.25 -42.98 43.81
C LYS BA 135 -66.18 -43.19 42.30
N LYS BA 136 -65.24 -44.01 41.86
CA LYS BA 136 -65.06 -44.32 40.44
C LYS BA 136 -65.08 -45.82 40.20
N ALA CA 2 -42.43 -15.74 64.65
CA ALA CA 2 -42.58 -17.09 65.19
C ALA CA 2 -43.40 -17.96 64.25
N TYR CA 3 -43.03 -19.25 64.16
CA TYR CA 3 -43.64 -20.14 63.19
C TYR CA 3 -45.07 -20.53 63.56
N ALA CA 4 -45.44 -20.44 64.84
CA ALA CA 4 -46.80 -20.82 65.22
C ALA CA 4 -47.84 -19.93 64.57
N GLN CA 5 -47.46 -18.72 64.13
CA GLN CA 5 -48.34 -17.83 63.40
C GLN CA 5 -48.04 -17.97 61.91
N TRP CA 6 -49.04 -18.38 61.15
CA TRP CA 6 -48.86 -18.70 59.74
C TRP CA 6 -50.19 -18.55 59.02
N VAL CA 7 -50.11 -18.51 57.69
CA VAL CA 7 -51.28 -18.39 56.83
C VAL CA 7 -50.93 -18.95 55.46
N ILE CA 8 -51.93 -19.60 54.85
CA ILE CA 8 -51.83 -20.07 53.48
C ILE CA 8 -53.01 -19.51 52.71
N ILE CA 9 -52.76 -19.00 51.51
CA ILE CA 9 -53.78 -18.41 50.66
C ILE CA 9 -53.76 -19.14 49.33
N ILE CA 10 -54.90 -19.74 48.98
CA ILE CA 10 -55.02 -20.52 47.74
C ILE CA 10 -55.96 -19.73 46.84
N ILE CA 11 -55.39 -19.02 45.88
CA ILE CA 11 -56.20 -18.33 44.86
C ILE CA 11 -56.56 -19.34 43.79
N HIS CA 12 -57.86 -19.55 43.58
CA HIS CA 12 -58.36 -20.52 42.62
C HIS CA 12 -59.25 -19.77 41.63
N ASN CA 13 -58.77 -19.63 40.39
CA ASN CA 13 -59.49 -18.90 39.36
C ASN CA 13 -60.53 -19.83 38.75
N VAL CA 14 -61.70 -19.90 39.40
CA VAL CA 14 -62.76 -20.78 38.91
C VAL CA 14 -63.37 -20.26 37.62
N GLY CA 15 -63.13 -18.99 37.28
CA GLY CA 15 -63.70 -18.39 36.09
C GLY CA 15 -62.96 -18.81 34.84
N SER CA 16 -63.21 -18.08 33.75
CA SER CA 16 -62.65 -18.40 32.45
C SER CA 16 -61.74 -17.31 31.90
N GLN CA 17 -61.45 -16.27 32.68
CA GLN CA 17 -60.58 -15.18 32.23
C GLN CA 17 -59.52 -14.91 33.29
N ASP CA 18 -58.38 -14.40 32.84
CA ASP CA 18 -57.21 -14.27 33.69
C ASP CA 18 -57.41 -13.26 34.80
N VAL CA 19 -56.72 -13.49 35.92
CA VAL CA 19 -56.67 -12.56 37.05
C VAL CA 19 -55.23 -12.45 37.48
N LYS CA 20 -54.78 -11.21 37.74
CA LYS CA 20 -53.38 -10.94 38.01
C LYS CA 20 -53.19 -10.53 39.47
N ILE CA 21 -52.09 -11.01 40.06
CA ILE CA 21 -51.67 -10.58 41.38
C ILE CA 21 -50.89 -9.29 41.26
N LYS CA 22 -51.02 -8.41 42.26
CA LYS CA 22 -50.29 -7.15 42.24
C LYS CA 22 -50.07 -6.68 43.67
N ASN CA 23 -49.02 -5.86 43.85
CA ASN CA 23 -48.74 -5.19 45.10
C ASN CA 23 -48.64 -6.15 46.28
N LEU CA 24 -48.25 -7.40 46.02
CA LEU CA 24 -48.02 -8.33 47.11
C LEU CA 24 -46.89 -7.83 47.99
N LYS CA 25 -47.13 -7.79 49.30
CA LYS CA 25 -46.18 -7.19 50.24
C LYS CA 25 -46.42 -7.77 51.62
N ALA CA 26 -45.38 -8.37 52.20
CA ALA CA 26 -45.44 -8.91 53.55
C ALA CA 26 -44.81 -7.90 54.51
N SER CA 27 -45.66 -7.16 55.23
CA SER CA 27 -45.17 -6.16 56.16
C SER CA 27 -44.46 -6.81 57.35
N TRP CA 28 -44.91 -7.99 57.76
CA TRP CA 28 -44.33 -8.69 58.90
C TRP CA 28 -44.16 -10.16 58.52
N GLY CA 29 -43.23 -10.81 59.22
CA GLY CA 29 -42.94 -12.19 58.89
C GLY CA 29 -42.26 -12.32 57.54
N LYS CA 30 -42.50 -13.46 56.89
CA LYS CA 30 -41.86 -13.77 55.62
C LYS CA 30 -42.73 -14.72 54.82
N LEU CA 31 -42.64 -14.61 53.50
CA LEU CA 31 -43.19 -15.64 52.63
C LEU CA 31 -42.22 -16.82 52.55
N HIS CA 32 -42.72 -17.96 52.07
CA HIS CA 32 -41.90 -19.16 52.00
C HIS CA 32 -42.57 -20.15 51.06
N ALA CA 33 -41.79 -21.16 50.66
CA ALA CA 33 -42.28 -22.19 49.76
C ALA CA 33 -43.08 -23.24 50.53
N ASP CA 34 -44.07 -23.82 49.85
CA ASP CA 34 -44.98 -24.75 50.50
C ASP CA 34 -44.23 -25.86 51.21
N GLY CA 35 -44.60 -26.09 52.48
CA GLY CA 35 -44.07 -27.20 53.25
C GLY CA 35 -42.73 -26.94 53.90
N ASP CA 36 -42.14 -25.77 53.70
CA ASP CA 36 -40.82 -25.44 54.25
C ASP CA 36 -40.84 -23.97 54.68
N LYS CA 37 -41.16 -23.73 55.95
CA LYS CA 37 -41.12 -22.37 56.47
C LYS CA 37 -39.71 -21.79 56.48
N ASP CA 38 -38.69 -22.65 56.39
CA ASP CA 38 -37.32 -22.16 56.33
C ASP CA 38 -36.96 -21.59 54.97
N ALA CA 39 -37.54 -22.14 53.90
CA ALA CA 39 -37.22 -21.72 52.53
C ALA CA 39 -37.96 -20.42 52.23
N GLU CA 40 -37.36 -19.32 52.66
CA GLU CA 40 -37.94 -18.00 52.40
C GLU CA 40 -37.95 -17.72 50.90
N VAL CA 41 -38.98 -17.00 50.45
CA VAL CA 41 -39.12 -16.63 49.05
C VAL CA 41 -39.46 -15.15 48.97
N SER CA 42 -39.15 -14.55 47.82
CA SER CA 42 -39.34 -13.13 47.60
C SER CA 42 -40.71 -12.85 47.00
N ALA CA 43 -41.22 -11.64 47.27
CA ALA CA 43 -42.51 -11.24 46.74
C ALA CA 43 -42.51 -11.19 45.22
N SER CA 44 -41.34 -10.96 44.61
CA SER CA 44 -41.27 -10.93 43.15
C SER CA 44 -41.62 -12.29 42.54
N ASN CA 45 -41.49 -13.37 43.31
CA ASN CA 45 -41.87 -14.68 42.82
C ASN CA 45 -43.35 -14.79 42.50
N TYR CA 46 -44.17 -13.86 43.02
CA TYR CA 46 -45.60 -13.85 42.76
C TYR CA 46 -46.11 -12.54 42.17
N GLU CA 47 -45.37 -11.44 42.33
CA GLU CA 47 -45.82 -10.16 41.81
C GLU CA 47 -46.06 -10.23 40.31
N GLY CA 48 -47.20 -9.72 39.87
CA GLY CA 48 -47.51 -9.67 38.46
C GLY CA 48 -47.88 -11.00 37.84
N LYS CA 49 -48.04 -12.05 38.64
CA LYS CA 49 -48.36 -13.36 38.10
C LYS CA 49 -49.81 -13.40 37.61
N ILE CA 50 -50.00 -14.11 36.50
CA ILE CA 50 -51.31 -14.35 35.91
C ILE CA 50 -51.77 -15.73 36.36
N VAL CA 51 -52.96 -15.82 36.94
CA VAL CA 51 -53.58 -17.08 37.29
C VAL CA 51 -54.54 -17.42 36.14
N LYS CA 52 -54.12 -18.33 35.28
CA LYS CA 52 -54.97 -18.74 34.18
C LYS CA 52 -56.20 -19.47 34.71
N PRO CA 53 -57.29 -19.50 33.94
CA PRO CA 53 -58.50 -20.19 34.41
C PRO CA 53 -58.20 -21.64 34.75
N ASP CA 54 -58.81 -22.11 35.84
CA ASP CA 54 -58.67 -23.45 36.40
C ASP CA 54 -57.32 -23.66 37.08
N GLU CA 55 -56.50 -22.62 37.21
CA GLU CA 55 -55.21 -22.75 37.88
C GLU CA 55 -55.33 -22.34 39.35
N LYS CA 56 -54.45 -22.89 40.17
CA LYS CA 56 -54.40 -22.58 41.60
C LYS CA 56 -53.02 -22.05 41.94
N LEU CA 57 -53.00 -21.00 42.77
CA LEU CA 57 -51.75 -20.35 43.17
C LEU CA 57 -51.70 -20.27 44.68
N GLN CA 58 -50.61 -20.73 45.28
CA GLN CA 58 -50.45 -20.80 46.72
C GLN CA 58 -49.48 -19.74 47.20
N ILE CA 59 -49.89 -19.01 48.24
CA ILE CA 59 -49.05 -18.03 48.91
C ILE CA 59 -48.95 -18.45 50.37
N ASN CA 60 -47.74 -18.76 50.82
CA ASN CA 60 -47.50 -19.20 52.20
C ASN CA 60 -46.73 -18.13 52.93
N ALA CA 61 -47.27 -17.66 54.05
CA ALA CA 61 -46.60 -16.68 54.90
C ALA CA 61 -46.61 -17.21 56.33
N SER CA 62 -45.63 -16.78 57.10
CA SER CA 62 -45.51 -17.21 58.49
C SER CA 62 -44.46 -16.34 59.17
N GLY CA 63 -44.42 -16.43 60.49
CA GLY CA 63 -43.44 -15.68 61.24
C GLY CA 63 -42.02 -16.14 60.96
N ARG CA 64 -41.07 -15.30 61.36
CA ARG CA 64 -39.65 -15.58 61.21
C ARG CA 64 -39.21 -16.57 62.27
N SER CA 65 -37.90 -16.79 62.38
CA SER CA 65 -37.37 -17.81 63.28
C SER CA 65 -37.40 -17.35 64.74
N ASP CA 66 -38.44 -17.74 65.47
CA ASP CA 66 -38.58 -17.57 66.91
C ASP CA 66 -38.85 -16.12 67.32
N ALA CA 67 -38.92 -15.18 66.39
CA ALA CA 67 -39.18 -13.80 66.77
C ALA CA 67 -40.58 -13.66 67.34
N ALA CA 68 -40.75 -12.66 68.21
CA ALA CA 68 -42.05 -12.38 68.81
C ALA CA 68 -43.03 -11.72 67.86
N GLU CA 69 -42.62 -11.45 66.63
CA GLU CA 69 -43.53 -10.88 65.64
C GLU CA 69 -44.46 -11.97 65.09
N GLY CA 70 -45.59 -11.53 64.54
CA GLY CA 70 -46.53 -12.44 63.90
C GLY CA 70 -46.34 -12.48 62.41
N THR CA 71 -47.41 -12.25 61.65
CA THR CA 71 -47.32 -12.05 60.21
C THR CA 71 -48.42 -11.10 59.77
N THR CA 72 -48.15 -10.36 58.69
CA THR CA 72 -49.11 -9.42 58.15
C THR CA 72 -48.74 -9.09 56.72
N GLY CA 73 -49.73 -8.92 55.87
CA GLY CA 73 -49.46 -8.62 54.46
C GLY CA 73 -50.70 -8.19 53.71
N THR CA 74 -50.47 -7.80 52.46
CA THR CA 74 -51.51 -7.28 51.59
C THR CA 74 -51.21 -7.70 50.16
N PHE CA 75 -52.26 -7.68 49.35
CA PHE CA 75 -52.09 -7.78 47.90
C PHE CA 75 -53.39 -7.36 47.23
N ASP CA 76 -53.36 -7.36 45.90
CA ASP CA 76 -54.51 -6.95 45.10
C ASP CA 76 -54.70 -7.94 43.96
N LEU CA 77 -55.96 -8.37 43.78
CA LEU CA 77 -56.35 -9.03 42.56
C LEU CA 77 -56.83 -7.97 41.58
N VAL CA 78 -56.32 -8.05 40.34
CA VAL CA 78 -56.65 -7.08 39.30
C VAL CA 78 -56.99 -7.84 38.02
N ASP CA 79 -57.67 -7.13 37.11
CA ASP CA 79 -58.12 -7.71 35.85
C ASP CA 79 -57.15 -7.34 34.74
N PRO CA 80 -56.34 -8.27 34.22
CA PRO CA 80 -55.43 -7.89 33.13
C PRO CA 80 -56.15 -7.45 31.87
N ALA CA 81 -57.39 -7.92 31.65
CA ALA CA 81 -58.12 -7.62 30.43
C ALA CA 81 -58.89 -6.31 30.49
N ASP CA 82 -58.84 -5.59 31.61
CA ASP CA 82 -59.54 -4.32 31.79
C ASP CA 82 -58.58 -3.25 32.29
N GLY CA 83 -57.40 -3.18 31.68
CA GLY CA 83 -56.42 -2.19 32.08
C GLY CA 83 -55.97 -2.34 33.52
N ASP CA 84 -55.84 -3.57 34.00
CA ASP CA 84 -55.42 -3.84 35.37
C ASP CA 84 -56.35 -3.17 36.38
N LYS CA 85 -57.63 -3.05 36.04
CA LYS CA 85 -58.59 -2.48 36.98
C LYS CA 85 -58.67 -3.35 38.22
N GLN CA 86 -58.69 -2.70 39.38
CA GLN CA 86 -58.66 -3.45 40.63
C GLN CA 86 -59.92 -4.29 40.77
N VAL CA 87 -59.73 -5.58 41.03
CA VAL CA 87 -60.80 -6.49 41.41
C VAL CA 87 -61.03 -6.47 42.91
N ARG CA 88 -59.97 -6.70 43.69
CA ARG CA 88 -60.12 -6.76 45.14
C ARG CA 88 -58.79 -6.45 45.80
N HIS CA 89 -58.88 -6.09 47.08
CA HIS CA 89 -57.72 -5.82 47.93
C HIS CA 89 -57.81 -6.72 49.15
N PHE CA 90 -56.79 -7.53 49.38
CA PHE CA 90 -56.77 -8.48 50.47
C PHE CA 90 -55.73 -8.06 51.51
N TYR CA 91 -56.15 -8.08 52.77
CA TYR CA 91 -55.29 -7.78 53.92
C TYR CA 91 -55.38 -8.95 54.88
N TRP CA 92 -54.23 -9.50 55.28
CA TRP CA 92 -54.19 -10.59 56.24
C TRP CA 92 -53.27 -10.22 57.39
N ASP CA 93 -53.65 -10.65 58.59
CA ASP CA 93 -52.89 -10.34 59.79
C ASP CA 93 -53.11 -11.45 60.81
N SER CA 94 -52.03 -12.16 61.15
CA SER CA 94 -52.03 -13.18 62.20
C SER CA 94 -51.00 -12.72 63.22
N PRO CA 95 -51.41 -11.93 64.22
CA PRO CA 95 -50.45 -11.37 65.16
C PRO CA 95 -49.98 -12.38 66.18
N TRP CA 96 -48.81 -12.10 66.76
CA TRP CA 96 -48.26 -12.90 67.84
C TRP CA 96 -48.78 -12.48 69.21
N GLY CA 97 -48.91 -11.17 69.44
CA GLY CA 97 -49.39 -10.68 70.71
C GLY CA 97 -50.89 -10.81 70.85
N SER CA 98 -51.63 -10.13 69.98
CA SER CA 98 -53.08 -10.20 70.02
C SER CA 98 -53.55 -11.59 69.61
N LYS CA 99 -54.58 -12.08 70.31
CA LYS CA 99 -55.12 -13.41 70.00
C LYS CA 99 -55.93 -13.39 68.71
N THR CA 100 -56.74 -12.34 68.51
CA THR CA 100 -57.63 -12.29 67.36
C THR CA 100 -56.86 -12.03 66.08
N ASN CA 101 -57.17 -12.80 65.04
CA ASN CA 101 -56.57 -12.63 63.73
C ASN CA 101 -57.43 -11.67 62.89
N THR CA 102 -57.10 -11.52 61.62
CA THR CA 102 -57.86 -10.63 60.75
C THR CA 102 -57.63 -11.02 59.30
N TRP CA 103 -58.72 -11.18 58.56
CA TRP CA 103 -58.67 -11.39 57.11
C TRP CA 103 -59.76 -10.53 56.49
N THR CA 104 -59.37 -9.48 55.77
CA THR CA 104 -60.30 -8.51 55.23
C THR CA 104 -60.15 -8.43 53.72
N VAL CA 105 -61.28 -8.48 53.01
CA VAL CA 105 -61.34 -8.34 51.56
C VAL CA 105 -62.17 -7.10 51.27
N SER CA 106 -61.58 -6.14 50.57
CA SER CA 106 -62.23 -4.89 50.23
C SER CA 106 -62.22 -4.71 48.72
N GLY CA 107 -62.97 -3.72 48.25
CA GLY CA 107 -63.12 -3.44 46.84
C GLY CA 107 -64.57 -3.48 46.41
N SER CA 108 -64.81 -2.95 45.21
CA SER CA 108 -66.17 -2.83 44.71
C SER CA 108 -66.33 -3.26 43.25
N ASN CA 109 -65.33 -3.92 42.66
CA ASN CA 109 -65.48 -4.42 41.30
C ASN CA 109 -66.71 -5.30 41.21
N THR CA 110 -67.62 -4.97 40.30
CA THR CA 110 -68.92 -5.62 40.26
C THR CA 110 -69.02 -6.74 39.23
N LYS CA 111 -68.16 -6.76 38.22
CA LYS CA 111 -68.13 -7.84 37.24
C LYS CA 111 -67.26 -9.00 37.68
N TRP CA 112 -66.98 -9.11 38.99
CA TRP CA 112 -66.21 -10.21 39.54
C TRP CA 112 -66.92 -10.75 40.77
N MET CA 113 -66.78 -12.05 40.98
CA MET CA 113 -67.28 -12.73 42.17
C MET CA 113 -66.11 -13.39 42.88
N ILE CA 114 -65.93 -13.04 44.15
CA ILE CA 114 -64.85 -13.55 44.98
C ILE CA 114 -65.46 -14.16 46.23
N GLU CA 115 -65.05 -15.38 46.55
CA GLU CA 115 -65.56 -16.09 47.73
C GLU CA 115 -64.39 -16.71 48.48
N TYR CA 116 -64.19 -16.28 49.71
CA TYR CA 116 -63.10 -16.77 50.55
C TYR CA 116 -63.67 -17.58 51.71
N SER CA 117 -63.01 -18.69 52.02
CA SER CA 117 -63.46 -19.55 53.11
C SER CA 117 -62.28 -20.29 53.71
N GLY CA 118 -62.38 -20.59 55.01
CA GLY CA 118 -61.39 -21.36 55.72
C GLY CA 118 -60.61 -20.61 56.78
N GLN CA 119 -60.86 -19.31 56.97
CA GLN CA 119 -60.10 -18.54 57.94
C GLN CA 119 -60.50 -18.89 59.37
N ASN CA 120 -59.56 -18.71 60.29
CA ASN CA 120 -59.81 -18.79 61.72
C ASN CA 120 -59.48 -17.44 62.34
N LEU CA 121 -60.40 -16.92 63.16
CA LEU CA 121 -60.28 -15.58 63.71
C LEU CA 121 -60.22 -15.54 65.23
N ASP CA 122 -60.43 -16.67 65.92
CA ASP CA 122 -60.47 -16.64 67.38
C ASP CA 122 -59.07 -16.60 67.99
N SER CA 123 -58.26 -17.61 67.72
CA SER CA 123 -56.93 -17.69 68.30
C SER CA 123 -56.07 -18.61 67.43
N GLY CA 124 -54.78 -18.58 67.69
CA GLY CA 124 -53.86 -19.41 66.93
C GLY CA 124 -53.58 -18.85 65.55
N ALA CA 125 -53.07 -19.72 64.69
CA ALA CA 125 -52.73 -19.32 63.32
C ALA CA 125 -53.98 -18.95 62.55
N LEU CA 126 -53.80 -18.10 61.54
CA LEU CA 126 -54.92 -17.69 60.70
C LEU CA 126 -55.45 -18.86 59.87
N GLY CA 127 -54.59 -19.78 59.49
CA GLY CA 127 -55.02 -20.99 58.82
C GLY CA 127 -54.86 -20.93 57.30
N THR CA 128 -55.66 -21.77 56.65
CA THR CA 128 -55.70 -21.85 55.20
C THR CA 128 -56.98 -21.20 54.69
N ILE CA 129 -56.85 -20.31 53.71
CA ILE CA 129 -57.97 -19.58 53.13
C ILE CA 129 -57.98 -19.86 51.64
N THR CA 130 -59.09 -20.44 51.16
CA THR CA 130 -59.29 -20.66 49.74
C THR CA 130 -60.15 -19.52 49.20
N VAL CA 131 -59.67 -18.87 48.15
CA VAL CA 131 -60.31 -17.72 47.55
C VAL CA 131 -60.64 -18.09 46.11
N ASP CA 132 -61.91 -18.42 45.86
CA ASP CA 132 -62.38 -18.70 44.52
C ASP CA 132 -62.76 -17.40 43.83
N THR CA 133 -62.18 -17.17 42.64
CA THR CA 133 -62.41 -15.97 41.87
C THR CA 133 -63.03 -16.32 40.53
N LEU CA 134 -63.99 -15.50 40.09
CA LEU CA 134 -64.67 -15.71 38.82
C LEU CA 134 -65.03 -14.35 38.23
N LYS CA 135 -65.06 -14.28 36.90
CA LYS CA 135 -65.49 -13.07 36.21
C LYS CA 135 -66.80 -13.36 35.48
N LYS CA 136 -67.84 -12.58 35.81
CA LYS CA 136 -69.15 -12.78 35.22
C LYS CA 136 -69.10 -12.61 33.71
N GLN DA 10 -45.04 -9.01 -29.59
CA GLN DA 10 -45.58 -9.57 -28.36
C GLN DA 10 -45.54 -8.55 -27.24
N ALA DA 11 -44.51 -7.69 -27.25
CA ALA DA 11 -44.39 -6.68 -26.22
C ALA DA 11 -45.59 -5.74 -26.28
N GLY DA 12 -46.11 -5.38 -25.11
CA GLY DA 12 -47.32 -4.59 -25.04
C GLY DA 12 -48.59 -5.37 -25.17
N ASP DA 13 -48.52 -6.71 -25.21
CA ASP DA 13 -49.70 -7.54 -25.32
C ASP DA 13 -50.41 -7.63 -23.98
N THR DA 14 -51.73 -7.70 -24.03
CA THR DA 14 -52.57 -7.73 -22.82
C THR DA 14 -53.52 -8.91 -22.86
N LEU DA 15 -54.30 -9.04 -21.78
CA LEU DA 15 -55.32 -10.07 -21.73
C LEU DA 15 -56.29 -9.93 -22.89
N ASN DA 16 -56.50 -8.71 -23.39
CA ASN DA 16 -57.37 -8.55 -24.55
C ASN DA 16 -56.82 -9.28 -25.77
N ASP DA 17 -55.53 -9.14 -26.03
CA ASP DA 17 -54.93 -9.86 -27.15
C ASP DA 17 -54.96 -11.37 -26.92
N VAL DA 18 -54.65 -11.79 -25.69
CA VAL DA 18 -54.65 -13.22 -25.38
C VAL DA 18 -56.03 -13.82 -25.62
N ILE DA 19 -57.08 -13.12 -25.17
CA ILE DA 19 -58.43 -13.60 -25.36
C ILE DA 19 -58.84 -13.52 -26.82
N GLN DA 20 -58.39 -12.50 -27.55
CA GLN DA 20 -58.76 -12.35 -28.95
C GLN DA 20 -58.21 -13.51 -29.77
N ASP DA 21 -56.98 -13.92 -29.52
CA ASP DA 21 -56.41 -15.04 -30.27
C ASP DA 21 -56.99 -16.34 -29.73
N PRO DA 22 -57.70 -17.14 -30.55
CA PRO DA 22 -58.29 -18.38 -30.01
C PRO DA 22 -57.27 -19.34 -29.43
N THR DA 23 -56.10 -19.46 -30.04
CA THR DA 23 -55.10 -20.38 -29.53
C THR DA 23 -54.58 -19.92 -28.17
N ARG DA 24 -54.23 -18.65 -28.05
CA ARG DA 24 -53.71 -18.15 -26.78
C ARG DA 24 -54.78 -18.19 -25.69
N ARG DA 25 -56.03 -17.89 -26.05
CA ARG DA 25 -57.11 -17.95 -25.07
C ARG DA 25 -57.28 -19.37 -24.54
N ASN DA 26 -57.28 -20.36 -25.43
CA ASN DA 26 -57.41 -21.75 -25.00
C ASN DA 26 -56.21 -22.17 -24.16
N LYS DA 27 -55.01 -21.73 -24.55
CA LYS DA 27 -53.84 -22.04 -23.74
C LYS DA 27 -53.96 -21.46 -22.35
N LEU DA 28 -54.45 -20.21 -22.24
CA LEU DA 28 -54.64 -19.62 -20.92
C LEU DA 28 -55.65 -20.41 -20.11
N ILE DA 29 -56.78 -20.78 -20.73
CA ILE DA 29 -57.81 -21.52 -20.01
C ILE DA 29 -57.25 -22.84 -19.51
N ASN DA 30 -56.53 -23.56 -20.37
CA ASN DA 30 -56.01 -24.87 -19.99
C ASN DA 30 -54.94 -24.75 -18.90
N ASP DA 31 -53.99 -23.83 -19.09
CA ASP DA 31 -52.89 -23.69 -18.14
C ASP DA 31 -53.36 -23.17 -16.79
N ASN DA 32 -54.49 -22.47 -16.74
CA ASN DA 32 -55.00 -21.95 -15.48
C ASN DA 32 -56.16 -22.77 -14.92
N ASN DA 33 -56.60 -23.81 -15.62
CA ASN DA 33 -57.62 -24.72 -15.09
C ASN DA 33 -58.92 -23.96 -14.82
N LEU DA 34 -59.26 -23.05 -15.71
CA LEU DA 34 -60.41 -22.18 -15.48
C LEU DA 34 -61.74 -22.90 -15.65
N LEU DA 35 -61.75 -24.09 -16.25
CA LEU DA 35 -62.96 -24.86 -16.44
C LEU DA 35 -63.18 -25.89 -15.34
N LYS DA 36 -62.29 -25.96 -14.35
CA LYS DA 36 -62.33 -27.00 -13.33
C LYS DA 36 -62.59 -26.40 -11.96
N GLY DA 37 -63.34 -27.15 -11.14
CA GLY DA 37 -63.58 -26.73 -9.77
C GLY DA 37 -62.42 -27.08 -8.85
N ILE DA 38 -62.51 -26.59 -7.61
CA ILE DA 38 -61.48 -26.82 -6.60
C ILE DA 38 -62.01 -27.82 -5.58
N ILE DA 39 -61.20 -28.81 -5.23
CA ILE DA 39 -61.68 -29.96 -4.48
C ILE DA 39 -61.72 -29.72 -2.98
N MET DA 40 -61.05 -28.69 -2.47
CA MET DA 40 -61.16 -28.33 -1.06
C MET DA 40 -61.09 -29.57 -0.17
N GLY DA 41 -59.97 -30.28 -0.22
CA GLY DA 41 -59.86 -31.55 0.47
C GLY DA 41 -58.80 -31.54 1.54
N ARG DA 42 -58.32 -32.73 1.91
CA ARG DA 42 -57.36 -32.83 3.01
C ARG DA 42 -56.04 -32.16 2.66
N ASP DA 43 -55.70 -32.10 1.37
CA ASP DA 43 -54.46 -31.48 0.92
C ASP DA 43 -54.62 -30.00 0.59
N GLY DA 44 -55.82 -29.44 0.77
CA GLY DA 44 -56.06 -28.05 0.47
C GLY DA 44 -56.85 -27.86 -0.80
N PRO DA 45 -56.99 -26.61 -1.24
CA PRO DA 45 -57.74 -26.30 -2.48
C PRO DA 45 -56.97 -26.62 -3.75
N VAL DA 46 -57.01 -27.90 -4.12
CA VAL DA 46 -56.34 -28.37 -5.34
C VAL DA 46 -57.39 -28.45 -6.44
N PRO DA 47 -57.11 -27.95 -7.65
CA PRO DA 47 -58.10 -28.07 -8.73
C PRO DA 47 -58.30 -29.51 -9.15
N SER DA 48 -59.52 -29.82 -9.56
CA SER DA 48 -59.83 -31.16 -10.06
C SER DA 48 -59.24 -31.35 -11.46
N SER DA 49 -59.20 -32.61 -11.88
CA SER DA 49 -58.71 -32.97 -13.20
C SER DA 49 -59.83 -33.26 -14.18
N ARG DA 50 -61.07 -32.97 -13.80
CA ARG DA 50 -62.24 -33.17 -14.65
C ARG DA 50 -62.88 -31.82 -14.93
N GLU DA 51 -63.19 -31.56 -16.19
CA GLU DA 51 -63.80 -30.29 -16.56
C GLU DA 51 -65.22 -30.22 -16.03
N LEU DA 52 -65.53 -29.13 -15.34
CA LEU DA 52 -66.86 -28.93 -14.76
C LEU DA 52 -67.81 -28.21 -15.71
N ILE DA 53 -67.34 -27.16 -16.37
CA ILE DA 53 -68.16 -26.37 -17.26
C ILE DA 53 -67.73 -26.61 -18.70
N VAL DA 54 -68.55 -26.12 -19.63
CA VAL DA 54 -68.27 -26.23 -21.05
C VAL DA 54 -67.33 -25.10 -21.46
N ARG DA 55 -66.47 -25.39 -22.44
CA ARG DA 55 -65.49 -24.41 -22.86
C ARG DA 55 -66.19 -23.19 -23.45
N PRO DA 56 -65.99 -22.00 -22.91
CA PRO DA 56 -66.62 -20.81 -23.50
C PRO DA 56 -65.98 -20.44 -24.82
N ASP DA 57 -66.75 -19.74 -25.64
CA ASP DA 57 -66.23 -19.19 -26.89
C ASP DA 57 -65.48 -17.89 -26.69
N THR DA 58 -65.56 -17.30 -25.51
CA THR DA 58 -64.86 -16.06 -25.20
C THR DA 58 -64.86 -15.89 -23.68
N LEU DA 59 -64.11 -14.90 -23.22
CA LEU DA 59 -63.99 -14.60 -21.80
C LEU DA 59 -64.23 -13.13 -21.55
N ARG DA 60 -64.81 -12.82 -20.39
CA ARG DA 60 -64.97 -11.45 -19.93
C ARG DA 60 -63.73 -11.08 -19.13
N ALA DA 61 -63.06 -10.00 -19.53
CA ALA DA 61 -61.81 -9.63 -18.89
C ALA DA 61 -61.69 -8.11 -18.80
N ILE DA 62 -60.90 -7.68 -17.82
CA ILE DA 62 -60.52 -6.28 -17.65
C ILE DA 62 -59.01 -6.25 -17.52
N ILE DA 63 -58.42 -5.11 -17.90
CA ILE DA 63 -56.97 -4.93 -17.88
C ILE DA 63 -56.60 -4.12 -16.65
N ASN DA 64 -55.58 -4.58 -15.92
CA ASN DA 64 -55.08 -3.89 -14.74
C ASN DA 64 -53.62 -4.25 -14.57
N ASN DA 65 -52.75 -3.23 -14.52
CA ASN DA 65 -51.31 -3.45 -14.49
C ASN DA 65 -50.65 -2.73 -13.31
N ARG DA 66 -51.41 -2.43 -12.26
CA ARG DA 66 -50.86 -1.76 -11.09
C ARG DA 66 -50.21 -2.79 -10.18
N ALA DA 67 -48.88 -2.75 -10.08
CA ALA DA 67 -48.14 -3.65 -9.21
C ALA DA 67 -47.99 -3.01 -7.83
N THR DA 68 -48.34 -3.77 -6.80
CA THR DA 68 -48.32 -3.26 -5.44
C THR DA 68 -48.38 -4.44 -4.48
N ILE DA 69 -48.17 -4.15 -3.20
CA ILE DA 69 -48.19 -5.14 -2.14
C ILE DA 69 -49.46 -4.97 -1.35
N GLU DA 70 -50.24 -6.04 -1.22
CA GLU DA 70 -51.47 -6.06 -0.46
C GLU DA 70 -51.34 -7.04 0.69
N THR DA 71 -52.09 -6.81 1.76
CA THR DA 71 -52.06 -7.67 2.94
C THR DA 71 -53.49 -8.01 3.36
N THR DA 72 -53.67 -9.24 3.83
CA THR DA 72 -54.96 -9.72 4.27
C THR DA 72 -54.79 -10.51 5.57
N THR DA 73 -55.83 -10.51 6.39
CA THR DA 73 -55.82 -11.23 7.66
C THR DA 73 -57.11 -12.03 7.79
N MET DA 74 -56.99 -13.20 8.44
CA MET DA 74 -58.12 -14.10 8.62
C MET DA 74 -58.11 -14.63 10.06
N GLU DA 75 -59.30 -14.82 10.61
CA GLU DA 75 -59.45 -15.33 11.97
C GLU DA 75 -59.95 -16.77 12.02
N ALA DA 76 -60.50 -17.28 10.93
CA ALA DA 76 -60.97 -18.66 10.90
C ALA DA 76 -59.81 -19.62 11.13
N GLU DA 77 -60.14 -20.81 11.63
CA GLU DA 77 -59.11 -21.75 12.06
C GLU DA 77 -58.50 -22.50 10.89
N PHE DA 78 -59.33 -23.17 10.09
CA PHE DA 78 -58.85 -24.09 9.06
C PHE DA 78 -58.67 -23.45 7.70
N THR DA 79 -58.39 -22.14 7.65
CA THR DA 79 -58.28 -21.41 6.39
C THR DA 79 -56.82 -21.13 6.00
N GLU DA 80 -55.86 -21.87 6.56
CA GLU DA 80 -54.47 -21.64 6.23
C GLU DA 80 -54.20 -21.86 4.74
N THR DA 81 -54.68 -22.97 4.20
CA THR DA 81 -54.43 -23.27 2.79
C THR DA 81 -55.13 -22.27 1.88
N LEU DA 82 -56.34 -21.82 2.25
CA LEU DA 82 -57.02 -20.82 1.46
C LEU DA 82 -56.23 -19.51 1.44
N MET DA 83 -55.73 -19.09 2.60
CA MET DA 83 -54.90 -17.90 2.64
C MET DA 83 -53.65 -18.07 1.80
N GLU DA 84 -53.04 -19.25 1.84
CA GLU DA 84 -51.90 -19.53 0.98
C GLU DA 84 -52.26 -19.50 -0.49
N SER DA 85 -53.50 -19.82 -0.83
CA SER DA 85 -53.98 -19.76 -2.21
C SER DA 85 -54.52 -18.40 -2.58
N ASN DA 86 -54.50 -17.45 -1.65
CA ASN DA 86 -54.83 -16.05 -1.94
C ASN DA 86 -56.32 -15.88 -2.23
N TYR DA 87 -57.14 -16.44 -1.35
CA TYR DA 87 -58.57 -16.25 -1.41
C TYR DA 87 -58.95 -15.05 -0.55
N ASN DA 88 -59.71 -14.13 -1.12
CA ASN DA 88 -60.13 -12.97 -0.35
C ASN DA 88 -61.13 -13.40 0.73
N SER DA 89 -61.62 -12.42 1.48
CA SER DA 89 -62.46 -12.73 2.63
C SER DA 89 -63.74 -13.47 2.21
N ALA DA 90 -64.39 -13.00 1.16
CA ALA DA 90 -65.64 -13.63 0.74
C ALA DA 90 -65.41 -15.07 0.27
N SER DA 91 -64.37 -15.29 -0.52
CA SER DA 91 -64.08 -16.64 -0.99
C SER DA 91 -63.72 -17.56 0.16
N VAL DA 92 -62.93 -17.06 1.12
CA VAL DA 92 -62.56 -17.88 2.28
C VAL DA 92 -63.81 -18.22 3.07
N LYS DA 93 -64.71 -17.25 3.25
CA LYS DA 93 -65.95 -17.52 3.98
C LYS DA 93 -66.79 -18.58 3.26
N VAL DA 94 -66.86 -18.50 1.93
CA VAL DA 94 -67.67 -19.46 1.19
C VAL DA 94 -67.06 -20.85 1.26
N SER DA 95 -65.73 -20.94 1.22
CA SER DA 95 -65.04 -22.23 1.15
C SER DA 95 -64.76 -22.85 2.51
N ALA DA 96 -64.89 -22.08 3.59
CA ALA DA 96 -64.52 -22.61 4.91
C ALA DA 96 -65.26 -23.88 5.29
N PRO DA 97 -66.58 -24.00 5.09
CA PRO DA 97 -67.26 -25.23 5.52
C PRO DA 97 -66.65 -26.49 4.93
N PHE DA 98 -66.32 -26.48 3.64
CA PHE DA 98 -65.78 -27.67 3.00
C PHE DA 98 -64.38 -27.98 3.51
N ILE DA 99 -63.54 -26.95 3.62
CA ILE DA 99 -62.17 -27.17 4.10
C ILE DA 99 -62.19 -27.73 5.51
N THR DA 100 -63.02 -27.15 6.39
CA THR DA 100 -63.13 -27.67 7.74
C THR DA 100 -63.61 -29.12 7.73
N ALA DA 101 -64.69 -29.38 7.00
CA ALA DA 101 -65.26 -30.73 6.97
C ALA DA 101 -64.23 -31.77 6.53
N ASN DA 102 -63.43 -31.43 5.52
CA ASN DA 102 -62.50 -32.40 4.96
C ASN DA 102 -61.08 -32.28 5.52
N SER DA 103 -60.85 -31.40 6.48
CA SER DA 103 -59.51 -31.23 7.03
C SER DA 103 -59.10 -32.46 7.86
N GLU DA 104 -57.85 -32.45 8.30
CA GLU DA 104 -57.31 -33.47 9.19
C GLU DA 104 -57.14 -32.86 10.57
N TYR DA 105 -58.05 -33.18 11.49
CA TYR DA 105 -57.97 -32.65 12.84
C TYR DA 105 -56.87 -33.35 13.62
N SER DA 106 -56.32 -32.66 14.61
CA SER DA 106 -55.28 -33.21 15.45
C SER DA 106 -55.04 -32.27 16.62
N GLU DA 107 -54.67 -32.85 17.76
CA GLU DA 107 -54.27 -32.05 18.90
C GLU DA 107 -52.93 -31.38 18.59
N SER DA 108 -52.46 -30.55 19.53
CA SER DA 108 -51.20 -29.82 19.39
C SER DA 108 -51.25 -28.86 18.21
N SER DA 109 -52.44 -28.50 17.75
CA SER DA 109 -52.56 -27.56 16.64
C SER DA 109 -52.02 -26.20 17.06
N SER DA 110 -51.17 -25.63 16.21
CA SER DA 110 -50.56 -24.34 16.54
C SER DA 110 -51.60 -23.23 16.65
N PHE DA 111 -52.79 -23.41 16.08
CA PHE DA 111 -53.84 -22.42 16.19
C PHE DA 111 -54.49 -22.48 17.57
N LYS DA 112 -54.71 -21.30 18.16
CA LYS DA 112 -55.34 -21.17 19.46
C LYS DA 112 -56.48 -20.18 19.37
N ASN DA 113 -57.66 -20.58 19.85
CA ASN DA 113 -58.84 -19.74 19.84
C ASN DA 113 -59.56 -19.82 21.18
N THR DA 114 -58.81 -19.83 22.28
CA THR DA 114 -59.41 -19.88 23.60
C THR DA 114 -59.98 -18.51 23.95
N GLU DA 115 -60.67 -18.44 25.10
CA GLU DA 115 -61.27 -17.17 25.50
C GLU DA 115 -60.26 -16.15 25.98
N THR DA 116 -59.00 -16.56 26.16
CA THR DA 116 -57.96 -15.66 26.66
C THR DA 116 -56.97 -15.24 25.58
N GLU DA 117 -56.70 -16.07 24.58
CA GLU DA 117 -55.82 -15.71 23.49
C GLU DA 117 -56.52 -15.95 22.15
N LYS DA 118 -55.99 -15.28 21.12
CA LYS DA 118 -56.56 -15.33 19.78
C LYS DA 118 -55.43 -15.52 18.77
N SER DA 119 -55.69 -16.32 17.74
CA SER DA 119 -54.71 -16.62 16.70
C SER DA 119 -55.25 -16.18 15.35
N MET DA 120 -54.35 -15.71 14.49
CA MET DA 120 -54.74 -15.16 13.20
C MET DA 120 -53.70 -15.52 12.15
N TYR DA 121 -54.13 -15.58 10.90
CA TYR DA 121 -53.25 -15.78 9.75
C TYR DA 121 -53.08 -14.47 9.00
N THR DA 122 -51.86 -14.22 8.53
CA THR DA 122 -51.55 -13.02 7.75
C THR DA 122 -50.86 -13.44 6.46
N SER DA 123 -51.16 -12.73 5.37
CA SER DA 123 -50.59 -13.02 4.06
C SER DA 123 -50.33 -11.72 3.32
N SER DA 124 -49.13 -11.58 2.78
CA SER DA 124 -48.74 -10.42 1.98
C SER DA 124 -48.40 -10.88 0.57
N ARG DA 125 -49.08 -10.31 -0.42
CA ARG DA 125 -48.89 -10.67 -1.82
C ARG DA 125 -48.33 -9.48 -2.57
N TYR DA 126 -47.13 -9.64 -3.10
CA TYR DA 126 -46.55 -8.68 -4.04
C TYR DA 126 -47.03 -9.08 -5.42
N LEU DA 127 -47.95 -8.28 -5.98
CA LEU DA 127 -48.68 -8.62 -7.18
C LEU DA 127 -48.16 -7.82 -8.37
N PHE DA 128 -48.01 -8.48 -9.51
CA PHE DA 128 -47.78 -7.86 -10.81
C PHE DA 128 -48.92 -8.34 -11.68
N PRO DA 129 -50.07 -7.68 -11.64
CA PRO DA 129 -51.26 -8.19 -12.34
C PRO DA 129 -51.31 -7.76 -13.80
N GLN DA 130 -52.14 -8.49 -14.54
CA GLN DA 130 -52.44 -8.17 -15.93
C GLN DA 130 -53.92 -7.97 -16.19
N GLY DA 131 -54.79 -8.43 -15.30
CA GLY DA 131 -56.21 -8.23 -15.46
C GLY DA 131 -57.00 -9.21 -14.61
N ARG DA 132 -58.29 -9.29 -14.90
CA ARG DA 132 -59.21 -10.12 -14.15
C ARG DA 132 -60.20 -10.76 -15.11
N ILE DA 133 -60.48 -12.04 -14.90
CA ILE DA 133 -61.41 -12.81 -15.73
C ILE DA 133 -62.60 -13.19 -14.88
N ASP DA 134 -63.79 -13.09 -15.45
CA ASP DA 134 -65.04 -13.29 -14.74
C ASP DA 134 -65.91 -14.27 -15.50
N PHE DA 135 -66.74 -15.00 -14.75
CA PHE DA 135 -67.72 -15.92 -15.30
C PHE DA 135 -69.11 -15.54 -14.80
N THR DA 136 -70.12 -15.89 -15.57
CA THR DA 136 -71.51 -15.58 -15.23
C THR DA 136 -72.14 -16.80 -14.58
N THR DA 137 -72.55 -16.65 -13.32
CA THR DA 137 -73.25 -17.72 -12.66
C THR DA 137 -74.72 -17.74 -13.10
N PRO DA 138 -75.37 -18.90 -13.03
CA PRO DA 138 -76.80 -18.94 -13.40
C PRO DA 138 -77.65 -18.01 -12.55
N ASP DA 139 -77.29 -17.81 -11.28
CA ASP DA 139 -78.07 -16.93 -10.42
C ASP DA 139 -78.04 -15.48 -10.88
N SER DA 140 -77.01 -15.08 -11.63
CA SER DA 140 -76.92 -13.70 -12.09
C SER DA 140 -78.09 -13.35 -13.00
N GLY DA 141 -78.49 -14.27 -13.88
CA GLY DA 141 -79.62 -14.05 -14.76
C GLY DA 141 -79.28 -13.49 -16.11
N PHE DA 142 -78.00 -13.34 -16.44
CA PHE DA 142 -77.61 -12.81 -17.74
C PHE DA 142 -77.62 -13.93 -18.79
N ASP DA 143 -77.45 -13.52 -20.05
CA ASP DA 143 -77.60 -14.45 -21.16
C ASP DA 143 -76.38 -15.32 -21.42
N ASP DA 144 -75.22 -14.96 -20.88
CA ASP DA 144 -73.97 -15.69 -21.12
C ASP DA 144 -73.60 -16.58 -19.94
N VAL DA 145 -74.59 -17.18 -19.28
CA VAL DA 145 -74.30 -18.03 -18.14
C VAL DA 145 -73.39 -19.19 -18.55
N ILE DA 146 -72.60 -19.68 -17.59
CA ILE DA 146 -71.80 -20.87 -17.81
C ILE DA 146 -72.72 -22.09 -17.83
N LYS DA 147 -72.39 -23.06 -18.68
CA LYS DA 147 -73.20 -24.26 -18.84
C LYS DA 147 -72.45 -25.45 -18.26
N LEU DA 148 -73.06 -26.13 -17.30
CA LEU DA 148 -72.44 -27.30 -16.71
C LEU DA 148 -72.27 -28.41 -17.75
N SER DA 149 -71.19 -29.16 -17.63
CA SER DA 149 -70.89 -30.18 -18.61
C SER DA 149 -71.95 -31.29 -18.56
N PRO DA 150 -72.29 -31.89 -19.69
CA PRO DA 150 -73.25 -33.00 -19.66
C PRO DA 150 -72.78 -34.15 -18.80
N GLN DA 151 -71.47 -34.38 -18.71
CA GLN DA 151 -70.97 -35.45 -17.86
C GLN DA 151 -71.32 -35.17 -16.40
N PHE DA 152 -71.09 -33.95 -15.94
CA PHE DA 152 -71.42 -33.60 -14.56
C PHE DA 152 -72.93 -33.68 -14.32
N THR DA 153 -73.73 -33.20 -15.28
CA THR DA 153 -75.18 -33.25 -15.11
C THR DA 153 -75.66 -34.70 -15.03
N SER DA 154 -75.13 -35.56 -15.89
CA SER DA 154 -75.50 -36.97 -15.87
C SER DA 154 -75.06 -37.64 -14.58
N GLY DA 155 -73.87 -37.28 -14.08
CA GLY DA 155 -73.44 -37.81 -12.79
C GLY DA 155 -74.36 -37.42 -11.66
N VAL DA 156 -74.79 -36.16 -11.64
CA VAL DA 156 -75.73 -35.72 -10.61
C VAL DA 156 -77.04 -36.48 -10.72
N GLN DA 157 -77.55 -36.64 -11.95
CA GLN DA 157 -78.80 -37.36 -12.14
C GLN DA 157 -78.68 -38.81 -11.67
N ALA DA 158 -77.57 -39.47 -12.02
CA ALA DA 158 -77.38 -40.85 -11.59
C ALA DA 158 -77.28 -40.94 -10.08
N ALA DA 159 -76.59 -40.00 -9.45
CA ALA DA 159 -76.49 -40.00 -7.99
C ALA DA 159 -77.86 -39.86 -7.35
N LEU DA 160 -78.68 -38.95 -7.88
CA LEU DA 160 -80.01 -38.73 -7.31
C LEU DA 160 -81.01 -39.80 -7.70
N ALA DA 161 -80.70 -40.65 -8.65
CA ALA DA 161 -81.61 -41.72 -9.07
C ALA DA 161 -81.41 -43.02 -8.30
N LYS DA 162 -80.53 -43.02 -7.30
CA LYS DA 162 -80.26 -44.25 -6.56
C LYS DA 162 -81.43 -44.63 -5.66
N ALA DA 163 -81.44 -45.90 -5.25
CA ALA DA 163 -82.61 -46.45 -4.57
C ALA DA 163 -82.80 -45.85 -3.18
N THR DA 164 -81.73 -45.73 -2.40
CA THR DA 164 -81.82 -45.36 -1.00
C THR DA 164 -81.11 -44.03 -0.76
N GLY DA 165 -81.53 -43.35 0.31
CA GLY DA 165 -80.94 -42.07 0.64
C GLY DA 165 -79.45 -42.18 0.95
N THR DA 166 -79.06 -43.26 1.64
CA THR DA 166 -77.64 -43.45 1.92
C THR DA 166 -76.83 -43.60 0.64
N GLU DA 167 -77.34 -44.37 -0.31
CA GLU DA 167 -76.66 -44.53 -1.59
C GLU DA 167 -76.60 -43.21 -2.34
N LYS DA 168 -77.70 -42.44 -2.31
CA LYS DA 168 -77.69 -41.12 -2.96
C LYS DA 168 -76.62 -40.23 -2.35
N ARG DA 169 -76.53 -40.20 -1.02
CA ARG DA 169 -75.55 -39.36 -0.36
C ARG DA 169 -74.13 -39.82 -0.67
N GLU DA 170 -73.90 -41.13 -0.69
CA GLU DA 170 -72.57 -41.63 -1.04
C GLU DA 170 -72.19 -41.25 -2.46
N ALA DA 171 -73.13 -41.38 -3.40
CA ALA DA 171 -72.87 -41.01 -4.79
C ALA DA 171 -72.57 -39.52 -4.89
N LEU DA 172 -73.34 -38.68 -4.19
CA LEU DA 172 -73.08 -37.25 -4.21
C LEU DA 172 -71.72 -36.91 -3.62
N GLN DA 173 -71.35 -37.59 -2.53
CA GLN DA 173 -70.05 -37.35 -1.92
C GLN DA 173 -68.93 -37.70 -2.89
N ASN DA 174 -69.03 -38.85 -3.56
CA ASN DA 174 -68.02 -39.23 -4.54
C ASN DA 174 -67.97 -38.22 -5.69
N LEU DA 175 -69.15 -37.82 -6.19
CA LEU DA 175 -69.20 -36.89 -7.31
C LEU DA 175 -68.54 -35.57 -6.95
N PHE DA 176 -68.82 -35.06 -5.75
CA PHE DA 176 -68.22 -33.78 -5.36
C PHE DA 176 -66.75 -33.92 -5.04
N GLN DA 177 -66.32 -35.05 -4.49
CA GLN DA 177 -64.89 -35.27 -4.29
C GLN DA 177 -64.15 -35.34 -5.62
N GLU DA 178 -64.84 -35.79 -6.67
CA GLU DA 178 -64.18 -35.88 -7.98
C GLU DA 178 -64.20 -34.56 -8.73
N TYR DA 179 -65.35 -33.86 -8.73
CA TYR DA 179 -65.53 -32.69 -9.57
C TYR DA 179 -65.26 -31.37 -8.85
N GLY DA 180 -65.07 -31.38 -7.54
CA GLY DA 180 -64.84 -30.17 -6.78
C GLY DA 180 -66.04 -29.76 -5.95
N HIS DA 181 -65.81 -28.80 -5.07
CA HIS DA 181 -66.83 -28.25 -4.18
C HIS DA 181 -67.21 -26.82 -4.52
N VAL DA 182 -66.28 -26.03 -5.06
CA VAL DA 182 -66.54 -24.65 -5.44
C VAL DA 182 -65.95 -24.39 -6.82
N PHE DA 183 -66.42 -23.33 -7.45
CA PHE DA 183 -65.96 -22.91 -8.77
C PHE DA 183 -65.54 -21.45 -8.69
N ARG DA 184 -64.35 -21.14 -9.21
CA ARG DA 184 -63.83 -19.79 -9.16
C ARG DA 184 -64.50 -18.95 -10.24
N THR DA 185 -65.28 -17.95 -9.82
CA THR DA 185 -66.01 -17.10 -10.76
C THR DA 185 -65.25 -15.83 -11.14
N LYS DA 186 -64.33 -15.36 -10.29
CA LYS DA 186 -63.54 -14.18 -10.61
C LYS DA 186 -62.09 -14.46 -10.20
N VAL DA 187 -61.18 -14.39 -11.16
CA VAL DA 187 -59.78 -14.74 -10.93
C VAL DA 187 -58.90 -13.67 -11.55
N HIS DA 188 -57.87 -13.25 -10.82
CA HIS DA 188 -56.91 -12.29 -11.31
C HIS DA 188 -55.75 -13.02 -11.97
N ILE DA 189 -55.22 -12.44 -13.04
CA ILE DA 189 -54.13 -13.04 -13.80
C ILE DA 189 -52.88 -12.20 -13.61
N GLY DA 190 -51.72 -12.85 -13.74
CA GLY DA 190 -50.45 -12.16 -13.60
C GLY DA 190 -49.43 -12.96 -12.82
N GLY DA 191 -48.60 -12.26 -12.03
CA GLY DA 191 -47.62 -12.90 -11.19
C GLY DA 191 -47.73 -12.43 -9.76
N VAL DA 192 -47.25 -13.26 -8.83
CA VAL DA 192 -47.38 -12.94 -7.42
C VAL DA 192 -46.30 -13.63 -6.61
N LEU DA 193 -45.70 -12.88 -5.69
CA LEU DA 193 -44.84 -13.43 -4.64
C LEU DA 193 -45.57 -13.31 -3.33
N SER DA 194 -45.84 -14.44 -2.68
CA SER DA 194 -46.67 -14.46 -1.48
C SER DA 194 -45.83 -14.88 -0.28
N ALA DA 195 -46.10 -14.23 0.86
CA ALA DA 195 -45.48 -14.58 2.13
C ALA DA 195 -46.58 -14.71 3.17
N HIS DA 196 -46.62 -15.85 3.85
CA HIS DA 196 -47.70 -16.15 4.78
C HIS DA 196 -47.14 -16.52 6.15
N THR DA 197 -47.90 -16.20 7.19
CA THR DA 197 -47.50 -16.48 8.55
C THR DA 197 -48.73 -16.55 9.45
N MET DA 198 -48.51 -17.02 10.67
CA MET DA 198 -49.56 -17.06 11.69
C MET DA 198 -49.02 -16.48 12.98
N GLU DA 199 -49.90 -15.83 13.73
CA GLU DA 199 -49.52 -15.21 14.99
C GLU DA 199 -50.60 -15.42 16.03
N THR DA 200 -50.18 -15.76 17.24
CA THR DA 200 -51.07 -15.91 18.39
C THR DA 200 -50.71 -14.86 19.43
N PHE DA 201 -51.73 -14.26 20.03
CA PHE DA 201 -51.52 -13.17 20.98
C PHE DA 201 -52.69 -13.10 21.94
N SER DA 202 -52.41 -12.60 23.14
CA SER DA 202 -53.46 -12.47 24.15
C SER DA 202 -54.52 -11.49 23.67
N ARG DA 203 -55.78 -11.80 23.98
CA ARG DA 203 -56.89 -10.93 23.59
C ARG DA 203 -56.80 -9.56 24.25
N SER DA 204 -56.09 -9.45 25.37
CA SER DA 204 -55.96 -8.16 26.04
C SER DA 204 -55.12 -7.19 25.22
N GLU DA 205 -54.16 -7.70 24.44
CA GLU DA 205 -53.29 -6.82 23.66
C GLU DA 205 -54.09 -6.10 22.58
N ASN DA 206 -53.60 -4.92 22.21
CA ASN DA 206 -54.25 -4.13 21.17
C ASN DA 206 -54.19 -4.85 19.83
N GLU DA 207 -55.36 -5.27 19.34
CA GLU DA 207 -55.40 -6.02 18.09
C GLU DA 207 -54.96 -5.17 16.91
N THR DA 208 -55.26 -3.87 16.94
CA THR DA 208 -54.92 -2.97 15.84
C THR DA 208 -53.49 -2.47 15.93
N GLU DA 209 -52.73 -2.98 16.89
CA GLU DA 209 -51.29 -2.83 16.92
C GLU DA 209 -50.57 -4.13 16.60
N VAL DA 210 -51.10 -5.26 17.06
CA VAL DA 210 -50.55 -6.54 16.64
C VAL DA 210 -50.66 -6.69 15.13
N LYS DA 211 -51.84 -6.36 14.58
CA LYS DA 211 -52.04 -6.49 13.15
C LYS DA 211 -51.10 -5.58 12.38
N GLN DA 212 -50.96 -4.33 12.82
CA GLN DA 212 -50.08 -3.40 12.12
C GLN DA 212 -48.63 -3.85 12.16
N ASP DA 213 -48.17 -4.31 13.32
CA ASP DA 213 -46.79 -4.77 13.43
C ASP DA 213 -46.53 -5.97 12.52
N VAL DA 214 -47.45 -6.95 12.55
CA VAL DA 214 -47.28 -8.14 11.72
C VAL DA 214 -47.30 -7.76 10.25
N LYS DA 215 -48.22 -6.86 9.87
CA LYS DA 215 -48.31 -6.45 8.47
C LYS DA 215 -47.03 -5.76 8.03
N ALA DA 216 -46.48 -4.87 8.86
CA ALA DA 216 -45.26 -4.19 8.48
C ALA DA 216 -44.11 -5.18 8.30
N GLY DA 217 -43.97 -6.12 9.23
CA GLY DA 217 -42.90 -7.10 9.11
C GLY DA 217 -43.04 -7.94 7.86
N LEU DA 218 -44.24 -8.47 7.61
CA LEU DA 218 -44.44 -9.32 6.44
C LEU DA 218 -44.28 -8.55 5.14
N GLU DA 219 -44.74 -7.30 5.11
CA GLU DA 219 -44.58 -6.50 3.90
C GLU DA 219 -43.10 -6.23 3.63
N GLY DA 220 -42.33 -5.91 4.66
CA GLY DA 220 -40.90 -5.76 4.47
C GLY DA 220 -40.26 -7.04 3.99
N ALA DA 221 -40.73 -8.18 4.48
CA ALA DA 221 -40.17 -9.46 4.06
C ALA DA 221 -40.43 -9.73 2.58
N VAL DA 222 -41.67 -9.53 2.14
CA VAL DA 222 -42.01 -9.74 0.73
C VAL DA 222 -41.36 -8.70 -0.17
N LYS DA 223 -41.01 -7.52 0.30
CA LYS DA 223 -40.35 -6.58 -0.60
C LYS DA 223 -39.00 -7.12 -0.96
N GLY DA 224 -38.17 -7.42 0.00
CA GLY DA 224 -36.89 -8.01 -0.29
C GLY DA 224 -36.94 -9.49 -0.52
N TRP DA 225 -37.32 -9.92 -1.70
CA TRP DA 225 -37.43 -11.32 -2.03
C TRP DA 225 -37.73 -11.46 -3.49
N GLN DA 237 -35.08 -15.66 3.87
CA GLN DA 237 -35.16 -15.68 5.32
C GLN DA 237 -36.48 -16.31 5.77
N GLY DA 238 -36.38 -17.47 6.41
CA GLY DA 238 -37.59 -18.15 6.85
C GLY DA 238 -38.20 -17.58 8.11
N THR DA 239 -37.48 -16.71 8.80
CA THR DA 239 -37.93 -16.17 10.08
C THR DA 239 -37.74 -14.66 10.09
N ILE DA 240 -38.69 -13.96 10.70
CA ILE DA 240 -38.73 -12.50 10.71
C ILE DA 240 -38.91 -12.01 12.14
N THR DA 241 -38.29 -10.87 12.45
CA THR DA 241 -38.47 -10.19 13.71
C THR DA 241 -39.16 -8.85 13.44
N THR DA 242 -40.29 -8.64 14.11
CA THR DA 242 -41.07 -7.42 13.89
C THR DA 242 -40.59 -6.31 14.82
N SER DA 243 -41.27 -5.15 14.74
CA SER DA 243 -40.91 -4.03 15.59
C SER DA 243 -41.13 -4.35 17.06
N GLN DA 244 -42.23 -5.04 17.37
CA GLN DA 244 -42.52 -5.44 18.74
C GLN DA 244 -41.71 -6.65 19.19
N ASN DA 245 -40.65 -7.01 18.46
CA ASN DA 245 -39.81 -8.15 18.79
C ASN DA 245 -40.58 -9.47 18.68
N ARG DA 246 -41.64 -9.49 17.86
CA ARG DA 246 -42.37 -10.72 17.60
C ARG DA 246 -41.62 -11.56 16.59
N LYS DA 247 -41.51 -12.86 16.86
CA LYS DA 247 -40.82 -13.80 15.99
C LYS DA 247 -41.84 -14.54 15.14
N LEU DA 248 -41.72 -14.41 13.82
CA LEU DA 248 -42.69 -14.97 12.88
C LEU DA 248 -42.01 -15.93 11.93
N ASN DA 249 -42.65 -17.06 11.68
CA ASN DA 249 -42.20 -18.00 10.65
C ASN DA 249 -42.96 -17.72 9.37
N VAL DA 250 -42.23 -17.55 8.27
CA VAL DA 250 -42.81 -17.09 7.01
C VAL DA 250 -42.64 -18.18 5.96
N LYS DA 251 -43.73 -18.48 5.26
CA LYS DA 251 -43.72 -19.40 4.13
C LYS DA 251 -43.82 -18.59 2.85
N TYR DA 252 -42.91 -18.84 1.92
CA TYR DA 252 -42.81 -18.09 0.67
C TYR DA 252 -43.31 -18.93 -0.49
N ILE DA 253 -44.07 -18.30 -1.39
CA ILE DA 253 -44.58 -18.94 -2.59
C ILE DA 253 -44.27 -18.04 -3.77
N VAL DA 254 -43.70 -18.62 -4.83
CA VAL DA 254 -43.30 -17.89 -6.03
C VAL DA 254 -44.23 -18.29 -7.16
N ASN DA 255 -44.89 -17.31 -7.76
CA ASN DA 255 -45.75 -17.51 -8.93
C ASN DA 255 -45.47 -16.41 -9.94
N VAL DA 256 -44.19 -16.25 -10.30
CA VAL DA 256 -43.79 -15.24 -11.26
C VAL DA 256 -42.59 -15.77 -12.04
N VAL DA 257 -42.54 -15.47 -13.33
CA VAL DA 257 -41.42 -15.87 -14.17
C VAL DA 257 -41.10 -14.75 -15.15
N GLN DA 274 -44.05 -12.12 -20.97
CA GLN DA 274 -44.58 -13.10 -21.91
C GLN DA 274 -45.90 -13.65 -21.40
N SER DA 275 -46.92 -13.67 -22.27
CA SER DA 275 -48.25 -14.09 -21.87
C SER DA 275 -48.34 -15.57 -21.56
N GLU DA 276 -47.35 -16.37 -21.98
CA GLU DA 276 -47.42 -17.81 -21.75
C GLU DA 276 -47.23 -18.18 -20.29
N HIS DA 277 -46.63 -17.30 -19.50
CA HIS DA 277 -46.32 -17.58 -18.11
C HIS DA 277 -47.28 -16.94 -17.13
N TRP DA 278 -48.37 -16.35 -17.61
CA TRP DA 278 -49.34 -15.75 -16.71
C TRP DA 278 -50.14 -16.83 -15.99
N ARG DA 279 -50.36 -16.63 -14.69
CA ARG DA 279 -51.05 -17.60 -13.87
C ARG DA 279 -52.02 -16.87 -12.95
N VAL DA 280 -52.95 -17.63 -12.38
CA VAL DA 280 -53.92 -17.06 -11.44
C VAL DA 280 -53.19 -16.63 -10.18
N ILE DA 281 -53.40 -15.38 -9.76
CA ILE DA 281 -52.72 -14.82 -8.60
C ILE DA 281 -53.67 -14.52 -7.45
N GLU DA 282 -54.97 -14.54 -7.68
CA GLU DA 282 -55.92 -14.21 -6.62
C GLU DA 282 -57.31 -14.63 -7.06
N VAL DA 283 -58.12 -15.09 -6.11
CA VAL DA 283 -59.49 -15.49 -6.35
C VAL DA 283 -60.39 -14.50 -5.62
N THR DA 284 -61.18 -13.75 -6.37
CA THR DA 284 -62.03 -12.72 -5.79
C THR DA 284 -63.44 -13.22 -5.45
N GLU DA 285 -63.88 -14.30 -6.08
CA GLU DA 285 -65.22 -14.81 -5.86
C GLU DA 285 -65.26 -16.29 -6.21
N VAL DA 286 -65.93 -17.07 -5.39
CA VAL DA 286 -66.19 -18.48 -5.66
C VAL DA 286 -67.66 -18.76 -5.37
N THR DA 287 -68.22 -19.72 -6.11
CA THR DA 287 -69.61 -20.13 -5.95
C THR DA 287 -69.66 -21.63 -5.75
N ALA DA 288 -70.42 -22.07 -4.75
CA ALA DA 288 -70.53 -23.50 -4.50
C ALA DA 288 -71.03 -24.23 -5.74
N VAL DA 289 -70.42 -25.38 -6.02
CA VAL DA 289 -70.78 -26.13 -7.22
C VAL DA 289 -72.25 -26.51 -7.20
N ALA DA 290 -72.77 -26.84 -6.01
CA ALA DA 290 -74.19 -27.17 -5.90
C ALA DA 290 -75.06 -26.01 -6.37
N ASP DA 291 -74.65 -24.76 -6.10
CA ASP DA 291 -75.44 -23.60 -6.47
C ASP DA 291 -75.58 -23.46 -7.99
N LEU DA 292 -74.71 -24.10 -8.76
CA LEU DA 292 -74.76 -23.98 -10.22
C LEU DA 292 -75.86 -24.81 -10.86
N LEU DA 293 -76.46 -25.75 -10.12
CA LEU DA 293 -77.47 -26.62 -10.68
C LEU DA 293 -78.81 -25.91 -10.79
N PRO DA 294 -79.72 -26.41 -11.63
CA PRO DA 294 -81.07 -25.84 -11.68
C PRO DA 294 -81.76 -26.00 -10.34
N GLN DA 295 -82.66 -25.06 -10.03
CA GLN DA 295 -83.22 -24.97 -8.69
C GLN DA 295 -83.83 -26.27 -8.18
N PRO DA 296 -84.67 -26.99 -8.94
CA PRO DA 296 -85.28 -28.21 -8.38
C PRO DA 296 -84.26 -29.25 -7.96
N ILE DA 297 -83.16 -29.39 -8.71
CA ILE DA 297 -82.12 -30.34 -8.34
C ILE DA 297 -81.22 -29.77 -7.25
N ARG DA 298 -81.00 -28.45 -7.27
CA ARG DA 298 -80.18 -27.81 -6.26
C ARG DA 298 -80.77 -27.99 -4.88
N GLY DA 299 -82.08 -27.84 -4.76
CA GLY DA 299 -82.72 -28.02 -3.47
C GLY DA 299 -82.50 -29.43 -2.93
N GLN DA 300 -82.70 -30.43 -3.78
CA GLN DA 300 -82.52 -31.81 -3.35
C GLN DA 300 -81.07 -32.08 -2.97
N VAL DA 301 -80.12 -31.57 -3.75
CA VAL DA 301 -78.71 -31.82 -3.45
C VAL DA 301 -78.33 -31.17 -2.12
N LYS DA 302 -78.78 -29.92 -1.91
CA LYS DA 302 -78.46 -29.24 -0.66
C LYS DA 302 -79.06 -29.97 0.53
N ASP DA 303 -80.30 -30.44 0.39
CA ASP DA 303 -80.91 -31.20 1.49
C ASP DA 303 -80.17 -32.50 1.74
N LEU DA 304 -79.76 -33.20 0.67
CA LEU DA 304 -79.09 -34.48 0.84
C LEU DA 304 -77.68 -34.33 1.41
N LEU DA 305 -77.06 -33.16 1.24
CA LEU DA 305 -75.71 -32.95 1.76
C LEU DA 305 -75.68 -32.59 3.23
N LYS DA 306 -76.82 -32.50 3.90
CA LYS DA 306 -76.83 -32.19 5.32
C LYS DA 306 -76.37 -33.40 6.14
N PRO DA 307 -75.31 -33.28 6.94
CA PRO DA 307 -74.78 -34.48 7.62
C PRO DA 307 -75.74 -35.14 8.59
N LEU DA 308 -76.61 -34.38 9.26
CA LEU DA 308 -77.39 -34.89 10.37
C LEU DA 308 -78.88 -34.81 10.09
N LEU DA 309 -79.61 -35.84 10.51
CA LEU DA 309 -81.06 -35.84 10.51
C LEU DA 309 -81.54 -35.52 11.92
N GLY DA 310 -82.43 -34.54 12.05
CA GLY DA 310 -82.86 -34.07 13.35
C GLY DA 310 -84.26 -34.52 13.73
N LYS DA 311 -84.54 -34.51 15.03
CA LYS DA 311 -85.84 -34.91 15.56
C LYS DA 311 -86.06 -34.23 16.90
N TRP DA 312 -87.32 -33.93 17.20
CA TRP DA 312 -87.71 -33.34 18.47
C TRP DA 312 -88.42 -34.40 19.31
N VAL DA 313 -88.01 -34.53 20.58
CA VAL DA 313 -88.56 -35.52 21.48
C VAL DA 313 -88.88 -34.87 22.81
N ASP DA 314 -89.70 -35.56 23.60
CA ASP DA 314 -90.07 -35.07 24.92
C ASP DA 314 -88.88 -35.13 25.86
N VAL DA 315 -89.00 -34.43 26.99
CA VAL DA 315 -87.92 -34.32 27.97
C VAL DA 315 -88.45 -34.68 29.35
N GLU DA 316 -87.52 -35.02 30.24
CA GLU DA 316 -87.82 -35.41 31.60
C GLU DA 316 -86.85 -34.71 32.55
N LYS DA 317 -87.34 -34.36 33.73
CA LYS DA 317 -86.51 -33.67 34.70
C LYS DA 317 -85.54 -34.65 35.36
N VAL DA 318 -84.27 -34.29 35.41
CA VAL DA 318 -83.24 -35.14 36.02
C VAL DA 318 -83.48 -35.21 37.52
N PRO DA 319 -83.54 -36.40 38.12
CA PRO DA 319 -83.72 -36.48 39.57
C PRO DA 319 -82.52 -35.88 40.30
N GLY DA 320 -82.80 -35.33 41.49
CA GLY DA 320 -81.75 -34.71 42.26
C GLY DA 320 -81.37 -33.35 41.70
N LEU DA 321 -80.18 -32.90 42.09
CA LEU DA 321 -79.66 -31.61 41.64
C LEU DA 321 -80.57 -30.46 42.05
N GLU DA 322 -81.19 -30.57 43.23
CA GLU DA 322 -82.08 -29.52 43.71
C GLU DA 322 -81.31 -28.28 44.14
N SER DA 323 -80.01 -28.39 44.37
CA SER DA 323 -79.23 -27.23 44.77
C SER DA 323 -79.08 -26.23 43.63
N LEU DA 324 -79.08 -26.70 42.39
CA LEU DA 324 -78.78 -25.82 41.27
C LEU DA 324 -79.95 -24.86 41.02
N PRO DA 325 -79.66 -23.63 40.60
CA PRO DA 325 -80.74 -22.64 40.45
C PRO DA 325 -81.79 -23.01 39.42
N VAL DA 326 -81.46 -23.84 38.43
CA VAL DA 326 -82.37 -24.16 37.34
C VAL DA 326 -82.46 -25.68 37.19
N SER DA 327 -83.57 -26.12 36.62
CA SER DA 327 -83.79 -27.54 36.41
C SER DA 327 -82.99 -28.03 35.21
N VAL DA 328 -82.62 -29.30 35.26
CA VAL DA 328 -81.87 -29.96 34.18
C VAL DA 328 -82.79 -30.99 33.54
N TYR DA 329 -82.81 -31.01 32.21
CA TYR DA 329 -83.68 -31.89 31.45
C TYR DA 329 -82.86 -32.74 30.50
N ARG DA 330 -83.26 -34.00 30.34
CA ARG DA 330 -82.66 -34.95 29.44
C ARG DA 330 -83.75 -35.63 28.63
N PRO DA 331 -83.43 -36.17 27.46
CA PRO DA 331 -84.45 -36.84 26.66
C PRO DA 331 -85.16 -37.93 27.46
N LYS DA 332 -86.49 -37.94 27.38
CA LYS DA 332 -87.28 -38.89 28.12
C LYS DA 332 -87.35 -40.23 27.40
N GLY DA 333 -87.42 -41.30 28.19
CA GLY DA 333 -87.52 -42.64 27.63
C GLY DA 333 -86.22 -43.09 26.99
N ALA DA 334 -86.33 -44.20 26.25
CA ALA DA 334 -85.19 -44.77 25.56
C ALA DA 334 -84.99 -44.08 24.23
N ILE DA 335 -83.74 -43.74 23.93
CA ILE DA 335 -83.43 -43.11 22.64
C ILE DA 335 -83.69 -44.11 21.52
N PRO DA 336 -84.33 -43.71 20.42
CA PRO DA 336 -84.51 -44.66 19.32
C PRO DA 336 -83.17 -45.18 18.81
N ALA DA 337 -83.17 -46.44 18.39
CA ALA DA 337 -81.95 -47.07 17.93
C ALA DA 337 -81.35 -46.28 16.78
N GLY DA 338 -80.05 -46.03 16.86
CA GLY DA 338 -79.33 -45.29 15.83
C GLY DA 338 -79.31 -43.80 16.02
N TRP DA 339 -80.05 -43.26 16.98
CA TRP DA 339 -80.10 -41.84 17.25
C TRP DA 339 -79.30 -41.50 18.50
N PHE DA 340 -78.89 -40.25 18.61
CA PHE DA 340 -78.07 -39.77 19.70
C PHE DA 340 -78.54 -38.40 20.14
N TRP DA 341 -78.21 -38.03 21.38
CA TRP DA 341 -78.51 -36.71 21.91
C TRP DA 341 -77.20 -35.98 22.20
N LEU DA 342 -77.32 -34.67 22.42
CA LEU DA 342 -76.15 -33.79 22.46
C LEU DA 342 -75.78 -33.32 23.86
N GLY DA 343 -76.66 -33.41 24.82
CA GLY DA 343 -76.32 -33.04 26.19
C GLY DA 343 -77.54 -32.55 26.94
N ASP DA 344 -77.30 -32.23 28.22
CA ASP DA 344 -78.36 -31.73 29.08
C ASP DA 344 -78.72 -30.29 28.71
N THR DA 345 -80.00 -29.97 28.82
CA THR DA 345 -80.50 -28.65 28.46
C THR DA 345 -81.46 -28.16 29.54
N ALA DA 346 -81.57 -26.84 29.63
CA ALA DA 346 -82.50 -26.20 30.56
C ALA DA 346 -83.88 -26.03 29.97
N ASP DA 347 -84.08 -26.36 28.69
CA ASP DA 347 -85.39 -26.24 28.09
C ASP DA 347 -86.31 -27.33 28.64
N ALA DA 348 -87.50 -26.93 29.06
CA ALA DA 348 -88.47 -27.84 29.66
C ALA DA 348 -89.47 -28.39 28.65
N SER DA 349 -89.32 -28.08 27.37
CA SER DA 349 -90.29 -28.45 26.35
C SER DA 349 -89.86 -29.65 25.52
N LYS DA 350 -88.67 -29.61 24.93
CA LYS DA 350 -88.27 -30.64 23.98
C LYS DA 350 -86.75 -30.75 23.95
N ALA DA 351 -86.28 -31.85 23.39
CA ALA DA 351 -84.85 -32.12 23.20
C ALA DA 351 -84.62 -32.55 21.77
N LEU DA 352 -83.41 -32.25 21.27
CA LEU DA 352 -83.04 -32.50 19.88
C LEU DA 352 -82.21 -33.77 19.80
N LEU DA 353 -82.69 -34.74 19.03
CA LEU DA 353 -81.93 -35.94 18.68
C LEU DA 353 -81.40 -35.80 17.26
N VAL DA 354 -80.21 -36.32 17.02
CA VAL DA 354 -79.56 -36.25 15.73
C VAL DA 354 -79.10 -37.65 15.32
N LYS DA 355 -79.03 -37.86 14.00
CA LYS DA 355 -78.61 -39.14 13.46
C LYS DA 355 -77.66 -38.88 12.29
N PRO DA 356 -76.51 -39.54 12.24
CA PRO DA 356 -75.62 -39.37 11.07
C PRO DA 356 -76.29 -39.84 9.79
N THR DA 357 -75.92 -39.18 8.69
CA THR DA 357 -76.45 -39.55 7.37
C THR DA 357 -75.49 -40.41 6.57
N LEU DA 358 -74.18 -40.25 6.76
CA LEU DA 358 -73.19 -41.00 6.02
C LEU DA 358 -72.56 -42.06 6.92
N PRO DA 359 -72.45 -43.31 6.47
CA PRO DA 359 -71.79 -44.32 7.31
C PRO DA 359 -70.32 -43.97 7.54
N ALA DA 360 -69.82 -44.36 8.70
CA ALA DA 360 -68.41 -44.13 9.02
C ALA DA 360 -67.52 -44.85 8.03
N ARG DA 361 -66.53 -44.13 7.51
CA ARG DA 361 -65.59 -44.69 6.54
C ARG DA 361 -64.21 -44.13 6.79
N SER DA 362 -63.19 -44.92 6.46
CA SER DA 362 -61.81 -44.47 6.64
C SER DA 362 -61.53 -43.26 5.78
N GLY DA 363 -60.77 -42.31 6.34
CA GLY DA 363 -60.42 -41.10 5.64
C GLY DA 363 -61.49 -40.04 5.60
N ARG DA 364 -62.63 -40.27 6.27
CA ARG DA 364 -63.73 -39.32 6.30
C ARG DA 364 -64.05 -38.98 7.74
N ASN DA 365 -64.14 -37.68 8.03
CA ASN DA 365 -64.43 -37.24 9.39
C ASN DA 365 -65.87 -37.59 9.76
N PRO DA 366 -66.09 -38.37 10.83
CA PRO DA 366 -67.47 -38.61 11.26
C PRO DA 366 -68.13 -37.32 11.73
N ALA DA 367 -69.45 -37.26 11.54
CA ALA DA 367 -70.19 -36.09 12.01
C ALA DA 367 -70.24 -36.03 13.52
N LEU DA 368 -70.23 -37.20 14.19
CA LEU DA 368 -70.32 -37.28 15.63
C LEU DA 368 -69.20 -38.16 16.17
N THR DA 369 -68.88 -37.96 17.44
CA THR DA 369 -67.84 -38.72 18.12
C THR DA 369 -68.35 -39.26 19.44
N SER DA 370 -67.85 -40.45 19.80
CA SER DA 370 -68.13 -41.00 21.11
C SER DA 370 -67.33 -40.25 22.18
N LEU DA 371 -67.78 -40.38 23.42
CA LEU DA 371 -67.14 -39.74 24.55
C LEU DA 371 -66.66 -40.80 25.54
N HIS DA 372 -65.54 -40.52 26.21
CA HIS DA 372 -64.92 -41.46 27.12
C HIS DA 372 -64.75 -40.82 28.49
N GLN DA 373 -64.76 -41.65 29.52
CA GLN DA 373 -64.64 -41.16 30.89
C GLN DA 373 -63.28 -40.50 31.11
N GLY DA 374 -63.27 -39.46 31.93
CA GLY DA 374 -62.04 -38.72 32.18
C GLY DA 374 -60.99 -39.58 32.86
N SER DA 375 -59.75 -39.09 32.81
CA SER DA 375 -58.63 -39.84 33.35
C SER DA 375 -58.74 -39.99 34.86
N GLY DA 376 -58.98 -38.88 35.57
CA GLY DA 376 -59.05 -38.94 37.01
C GLY DA 376 -59.61 -37.69 37.66
N MET DA 377 -60.22 -37.84 38.83
CA MET DA 377 -60.76 -36.73 39.60
C MET DA 377 -61.73 -35.90 38.76
N THR DA 378 -62.57 -36.60 37.99
CA THR DA 378 -63.59 -35.92 37.20
C THR DA 378 -64.54 -36.96 36.64
N GLU DA 379 -65.84 -36.66 36.69
CA GLU DA 379 -66.87 -37.49 36.08
C GLU DA 379 -67.31 -36.97 34.72
N GLN DA 380 -66.68 -35.92 34.22
CA GLN DA 380 -67.08 -35.34 32.95
C GLN DA 380 -66.52 -36.17 31.78
N PRO DA 381 -67.18 -36.12 30.64
CA PRO DA 381 -66.69 -36.86 29.47
C PRO DA 381 -65.68 -36.04 28.65
N PHE DA 382 -64.94 -36.77 27.83
CA PHE DA 382 -63.95 -36.18 26.92
C PHE DA 382 -64.21 -36.68 25.51
N VAL DA 383 -64.00 -35.81 24.53
CA VAL DA 383 -64.24 -36.18 23.14
C VAL DA 383 -63.19 -37.18 22.69
N ASP DA 384 -63.64 -38.26 22.05
CA ASP DA 384 -62.71 -39.28 21.57
C ASP DA 384 -61.80 -38.72 20.48
N LEU DA 385 -62.35 -37.92 19.57
CA LEU DA 385 -61.57 -37.43 18.45
C LEU DA 385 -61.01 -36.05 18.74
N PRO DA 386 -59.89 -35.68 18.08
CA PRO DA 386 -59.10 -34.53 18.53
C PRO DA 386 -59.88 -33.24 18.76
N GLN DA 387 -60.55 -32.71 17.73
CA GLN DA 387 -61.04 -31.34 17.76
C GLN DA 387 -62.56 -31.26 17.73
N TYR DA 388 -63.25 -32.27 18.24
CA TYR DA 388 -64.70 -32.22 18.33
C TYR DA 388 -65.11 -31.59 19.66
N GLN DA 389 -66.39 -31.21 19.75
CA GLN DA 389 -66.89 -30.53 20.93
C GLN DA 389 -68.32 -30.95 21.21
N TYR DA 390 -68.66 -31.04 22.50
CA TYR DA 390 -70.02 -31.25 22.95
C TYR DA 390 -70.52 -29.94 23.57
N LEU DA 391 -71.85 -29.84 23.69
CA LEU DA 391 -72.48 -28.58 24.01
C LEU DA 391 -72.78 -28.38 25.49
N SER DA 392 -72.94 -29.46 26.26
CA SER DA 392 -73.33 -29.37 27.66
C SER DA 392 -72.43 -30.24 28.51
N THR DA 393 -72.18 -29.78 29.73
CA THR DA 393 -71.50 -30.60 30.73
C THR DA 393 -72.46 -31.65 31.27
N TYR DA 394 -71.91 -32.79 31.64
CA TYR DA 394 -72.73 -33.89 32.13
C TYR DA 394 -73.05 -33.67 33.61
N PHE DA 395 -74.34 -33.68 33.93
CA PHE DA 395 -74.80 -33.50 35.31
C PHE DA 395 -75.04 -34.88 35.91
N GLY DA 396 -73.97 -35.48 36.40
CA GLY DA 396 -74.01 -36.81 36.97
C GLY DA 396 -72.70 -37.52 36.73
N SER DA 397 -72.77 -38.85 36.69
CA SER DA 397 -71.61 -39.70 36.43
C SER DA 397 -71.74 -40.27 35.02
N PHE DA 398 -70.75 -40.00 34.19
CA PHE DA 398 -70.78 -40.42 32.79
C PHE DA 398 -70.18 -41.81 32.66
N ALA DA 399 -70.94 -42.75 32.10
CA ALA DA 399 -70.48 -44.10 31.81
C ALA DA 399 -70.86 -44.41 30.37
N HIS DA 400 -69.87 -44.44 29.48
CA HIS DA 400 -70.13 -44.63 28.06
C HIS DA 400 -70.68 -46.01 27.72
N ASP DA 401 -70.63 -46.96 28.66
CA ASP DA 401 -71.07 -48.32 28.40
C ASP DA 401 -72.55 -48.53 28.71
N THR DA 402 -73.23 -47.55 29.32
CA THR DA 402 -74.62 -47.68 29.70
C THR DA 402 -75.38 -46.42 29.32
N PRO DA 403 -76.68 -46.53 29.06
CA PRO DA 403 -77.47 -45.34 28.71
C PRO DA 403 -77.72 -44.48 29.94
N PRO DA 404 -77.97 -43.18 29.75
CA PRO DA 404 -78.02 -42.44 28.47
C PRO DA 404 -76.63 -41.97 28.04
N GLY DA 405 -75.59 -42.36 28.78
CA GLY DA 405 -74.24 -41.95 28.40
C GLY DA 405 -73.79 -42.55 27.09
N SER DA 406 -74.20 -43.79 26.80
CA SER DA 406 -73.77 -44.45 25.57
C SER DA 406 -74.32 -43.76 24.33
N THR DA 407 -75.33 -42.92 24.46
CA THR DA 407 -75.93 -42.21 23.34
C THR DA 407 -75.55 -40.74 23.28
N LEU DA 408 -74.60 -40.31 24.11
CA LEU DA 408 -74.15 -38.92 24.09
C LEU DA 408 -72.98 -38.79 23.12
N ARG DA 409 -73.01 -37.73 22.32
CA ARG DA 409 -72.05 -37.56 21.24
C ARG DA 409 -71.59 -36.11 21.15
N GLY DA 410 -70.41 -35.93 20.56
CA GLY DA 410 -69.90 -34.63 20.20
C GLY DA 410 -70.22 -34.27 18.77
N LEU DA 411 -69.64 -33.16 18.32
CA LEU DA 411 -69.89 -32.64 16.98
C LEU DA 411 -68.58 -32.28 16.30
N ARG DA 412 -68.57 -32.43 14.98
CA ARG DA 412 -67.43 -31.98 14.19
C ARG DA 412 -67.29 -30.46 14.36
N PRO DA 413 -66.06 -29.94 14.28
CA PRO DA 413 -65.88 -28.50 14.52
C PRO DA 413 -66.65 -27.60 13.58
N ASP DA 414 -67.00 -28.06 12.37
CA ASP DA 414 -67.76 -27.23 11.45
C ASP DA 414 -69.25 -27.22 11.76
N HIS DA 415 -69.71 -28.08 12.67
CA HIS DA 415 -71.12 -28.13 13.03
C HIS DA 415 -71.52 -27.05 14.03
N VAL DA 416 -70.57 -26.36 14.66
CA VAL DA 416 -70.87 -25.50 15.80
C VAL DA 416 -70.31 -24.10 15.58
N LEU DA 417 -70.91 -23.15 16.28
CA LEU DA 417 -70.50 -21.76 16.32
C LEU DA 417 -70.47 -21.28 17.76
N PRO DA 418 -69.61 -20.32 18.09
CA PRO DA 418 -69.59 -19.81 19.46
C PRO DA 418 -70.91 -19.16 19.85
N GLY DA 419 -71.33 -19.39 21.10
CA GLY DA 419 -72.52 -18.83 21.64
C GLY DA 419 -72.24 -17.78 22.69
N ARG DA 420 -73.25 -17.51 23.52
CA ARG DA 420 -73.14 -16.58 24.63
C ARG DA 420 -73.74 -17.20 25.89
N TYR DA 421 -73.27 -16.73 27.04
CA TYR DA 421 -73.65 -17.29 28.32
C TYR DA 421 -74.65 -16.40 29.04
N GLU DA 422 -75.68 -17.03 29.61
CA GLU DA 422 -76.61 -16.37 30.52
C GLU DA 422 -76.46 -17.02 31.88
N MET DA 423 -76.08 -16.23 32.89
CA MET DA 423 -75.72 -16.77 34.18
C MET DA 423 -76.93 -16.90 35.10
N HIS DA 424 -76.97 -18.01 35.83
CA HIS DA 424 -77.99 -18.26 36.84
C HIS DA 424 -77.31 -18.72 38.12
N GLY DA 425 -77.92 -18.41 39.25
CA GLY DA 425 -77.37 -18.77 40.53
C GLY DA 425 -76.66 -17.61 41.20
N ASP DA 426 -76.56 -17.69 42.53
CA ASP DA 426 -75.98 -16.62 43.32
C ASP DA 426 -74.57 -16.91 43.82
N THR DA 427 -74.14 -18.17 43.82
CA THR DA 427 -72.84 -18.55 44.32
C THR DA 427 -72.09 -19.37 43.27
N ILE DA 428 -70.76 -19.30 43.34
CA ILE DA 428 -69.92 -20.01 42.38
C ILE DA 428 -70.19 -21.51 42.46
N SER DA 429 -70.36 -22.04 43.67
CA SER DA 429 -70.47 -23.48 43.85
C SER DA 429 -71.70 -24.05 43.15
N THR DA 430 -72.72 -23.24 42.87
CA THR DA 430 -73.95 -23.72 42.28
C THR DA 430 -74.35 -23.00 41.00
N ALA DA 431 -73.55 -22.06 40.51
CA ALA DA 431 -73.92 -21.29 39.34
C ALA DA 431 -73.83 -22.12 38.06
N VAL DA 432 -74.67 -21.77 37.09
CA VAL DA 432 -74.68 -22.42 35.79
C VAL DA 432 -74.79 -21.37 34.69
N TYR DA 433 -74.42 -21.78 33.48
CA TYR DA 433 -74.56 -21.00 32.27
C TYR DA 433 -75.56 -21.69 31.35
N VAL DA 434 -76.43 -20.89 30.73
CA VAL DA 434 -77.33 -21.36 29.69
C VAL DA 434 -76.84 -20.76 28.38
N THR DA 435 -76.53 -21.63 27.42
CA THR DA 435 -75.91 -21.21 26.16
C THR DA 435 -77.01 -20.79 25.18
N ARG DA 436 -77.04 -19.51 24.84
CA ARG DA 436 -77.99 -18.99 23.88
C ARG DA 436 -77.27 -18.64 22.58
N PRO DA 437 -77.93 -18.83 21.43
CA PRO DA 437 -77.28 -18.45 20.16
C PRO DA 437 -77.04 -16.96 20.08
N VAL DA 438 -75.98 -16.59 19.36
CA VAL DA 438 -75.70 -15.19 19.06
C VAL DA 438 -76.57 -14.77 17.90
N ASP DA 439 -77.47 -13.83 18.14
CA ASP DA 439 -78.39 -13.38 17.10
C ASP DA 439 -77.62 -12.79 15.92
N VAL DA 440 -77.98 -13.20 14.72
CA VAL DA 440 -77.35 -12.70 13.49
C VAL DA 440 -78.44 -12.32 12.51
N PRO DA 441 -78.21 -11.38 11.60
CA PRO DA 441 -79.25 -10.98 10.65
C PRO DA 441 -79.41 -11.96 9.51
N PHE DA 442 -78.35 -12.69 9.19
CA PHE DA 442 -78.37 -13.62 8.07
C PHE DA 442 -78.84 -14.99 8.54
N PRO DA 443 -79.89 -15.56 7.96
CA PRO DA 443 -80.34 -16.90 8.40
C PRO DA 443 -79.29 -17.98 8.21
N GLU DA 444 -78.31 -17.77 7.34
CA GLU DA 444 -77.33 -18.82 7.06
C GLU DA 444 -76.52 -19.19 8.30
N ASP DA 445 -76.37 -18.26 9.25
CA ASP DA 445 -75.56 -18.48 10.44
C ASP DA 445 -76.39 -18.71 11.70
N GLU DA 446 -77.69 -18.93 11.56
CA GLU DA 446 -78.53 -19.17 12.72
C GLU DA 446 -78.13 -20.48 13.40
N CYS DA 447 -78.26 -20.52 14.72
CA CYS DA 447 -77.93 -21.70 15.51
C CYS DA 447 -79.12 -22.08 16.38
N PHE DA 448 -79.24 -23.38 16.65
CA PHE DA 448 -80.32 -23.89 17.48
C PHE DA 448 -80.24 -23.30 18.87
N ASP DA 449 -81.41 -23.00 19.44
CA ASP DA 449 -81.51 -22.49 20.81
C ASP DA 449 -81.86 -23.65 21.73
N LEU DA 450 -80.86 -24.50 21.99
CA LEU DA 450 -81.06 -25.68 22.82
C LEU DA 450 -80.92 -25.39 24.31
N LYS DA 451 -80.45 -24.20 24.68
CA LYS DA 451 -80.29 -23.84 26.09
C LYS DA 451 -79.38 -24.85 26.81
N SER DA 452 -78.23 -25.11 26.21
CA SER DA 452 -77.29 -26.05 26.81
C SER DA 452 -76.82 -25.55 28.17
N LEU DA 453 -76.68 -26.47 29.12
CA LEU DA 453 -76.30 -26.15 30.49
C LEU DA 453 -74.81 -26.42 30.69
N VAL DA 454 -74.14 -25.47 31.34
CA VAL DA 454 -72.72 -25.59 31.64
C VAL DA 454 -72.52 -25.25 33.11
N ARG DA 455 -71.98 -26.19 33.88
CA ARG DA 455 -71.71 -25.93 35.29
C ARG DA 455 -70.58 -24.91 35.41
N VAL DA 456 -70.79 -23.87 36.23
CA VAL DA 456 -69.78 -22.82 36.34
C VAL DA 456 -68.51 -23.36 36.96
N LYS DA 457 -68.65 -24.10 38.06
CA LYS DA 457 -67.51 -24.69 38.76
C LYS DA 457 -67.71 -26.20 38.82
N LEU DA 458 -66.91 -26.93 38.06
CA LEU DA 458 -66.96 -28.38 38.10
C LEU DA 458 -66.13 -28.90 39.27
N PRO DA 459 -66.72 -29.65 40.20
CA PRO DA 459 -65.93 -30.19 41.31
C PRO DA 459 -64.74 -31.01 40.80
N GLY DA 460 -63.79 -31.23 41.69
CA GLY DA 460 -62.60 -31.99 41.35
C GLY DA 460 -61.61 -31.15 40.55
N SER DA 461 -60.77 -31.85 39.80
CA SER DA 461 -59.74 -31.20 38.99
C SER DA 461 -59.53 -31.99 37.71
N GLY DA 462 -58.78 -31.40 36.80
CA GLY DA 462 -58.54 -32.02 35.51
C GLY DA 462 -59.80 -32.18 34.68
N ASN DA 463 -60.71 -31.22 34.77
CA ASN DA 463 -61.95 -31.26 34.00
C ASN DA 463 -61.70 -30.85 32.56
N PRO DA 464 -62.59 -31.23 31.65
CA PRO DA 464 -62.43 -30.81 30.25
C PRO DA 464 -62.73 -29.33 30.10
N PRO DA 465 -62.26 -28.71 29.02
CA PRO DA 465 -62.56 -27.29 28.81
C PRO DA 465 -64.07 -27.05 28.72
N LYS DA 466 -64.49 -25.91 29.24
CA LYS DA 466 -65.91 -25.61 29.29
C LYS DA 466 -66.45 -25.39 27.88
N PRO DA 467 -67.56 -26.02 27.49
CA PRO DA 467 -68.10 -25.79 26.15
C PRO DA 467 -68.96 -24.53 26.10
N ARG DA 468 -68.78 -23.77 25.03
CA ARG DA 468 -69.56 -22.55 24.79
C ARG DA 468 -70.03 -22.52 23.35
N SER DA 469 -70.53 -23.64 22.85
CA SER DA 469 -70.88 -23.81 21.45
C SER DA 469 -72.37 -24.05 21.28
N ALA DA 470 -72.87 -23.71 20.09
CA ALA DA 470 -74.26 -23.93 19.71
C ALA DA 470 -74.28 -24.60 18.34
N LEU DA 471 -75.25 -25.48 18.13
CA LEU DA 471 -75.33 -26.23 16.89
C LEU DA 471 -75.87 -25.35 15.76
N LYS DA 472 -75.32 -25.54 14.57
CA LYS DA 472 -75.79 -24.79 13.40
C LYS DA 472 -77.11 -25.35 12.89
N LYS DA 473 -78.00 -24.45 12.48
CA LYS DA 473 -79.29 -24.90 11.94
C LYS DA 473 -79.15 -25.53 10.57
N SER DA 474 -78.20 -25.05 9.76
CA SER DA 474 -78.05 -25.55 8.39
C SER DA 474 -77.50 -26.97 8.34
N MET DA 475 -77.06 -27.51 9.47
CA MET DA 475 -76.42 -28.82 9.50
C MET DA 475 -77.42 -29.94 9.80
N VAL DA 476 -78.70 -29.63 9.95
CA VAL DA 476 -79.71 -30.61 10.36
C VAL DA 476 -80.86 -30.58 9.37
N LEU DA 477 -81.36 -31.77 9.02
CA LEU DA 477 -82.48 -31.94 8.10
C LEU DA 477 -83.68 -32.49 8.86
N PHE DA 478 -84.81 -31.80 8.76
CA PHE DA 478 -86.01 -32.15 9.51
C PHE DA 478 -87.10 -32.68 8.58
N ASP DA 479 -88.03 -33.41 9.17
CA ASP DA 479 -89.25 -33.90 8.53
C ASP DA 479 -88.98 -34.86 7.38
N SER DA 480 -87.74 -35.30 7.20
CA SER DA 480 -87.44 -36.26 6.16
C SER DA 480 -88.02 -37.63 6.52
N GLY DA 481 -88.42 -38.37 5.49
CA GLY DA 481 -88.94 -39.70 5.67
C GLY DA 481 -87.90 -40.76 5.97
N GLU DA 482 -86.63 -40.38 5.99
CA GLU DA 482 -85.54 -41.30 6.27
C GLU DA 482 -85.78 -42.06 7.58
N ALA EA 2 -66.26 11.89 68.86
CA ALA EA 2 -65.83 13.19 68.38
C ALA EA 2 -66.32 13.42 66.95
N TYR EA 3 -66.46 14.68 66.57
CA TYR EA 3 -66.85 15.02 65.21
C TYR EA 3 -65.79 14.60 64.19
N ALA EA 4 -64.53 14.42 64.63
CA ALA EA 4 -63.50 13.96 63.72
C ALA EA 4 -63.84 12.61 63.11
N GLN EA 5 -64.69 11.82 63.76
CA GLN EA 5 -65.18 10.57 63.22
C GLN EA 5 -66.52 10.85 62.54
N TRP EA 6 -66.54 10.73 61.22
CA TRP EA 6 -67.73 11.05 60.45
C TRP EA 6 -67.75 10.21 59.19
N VAL EA 7 -68.94 10.13 58.58
CA VAL EA 7 -69.11 9.40 57.33
C VAL EA 7 -70.31 9.99 56.61
N ILE EA 8 -70.19 10.08 55.28
CA ILE EA 8 -71.28 10.48 54.41
C ILE EA 8 -71.54 9.30 53.48
N ILE EA 9 -72.79 8.86 53.40
CA ILE EA 9 -73.19 7.75 52.54
C ILE EA 9 -74.18 8.32 51.53
N ILE EA 10 -73.79 8.37 50.27
CA ILE EA 10 -74.66 8.84 49.20
C ILE EA 10 -75.15 7.61 48.46
N ILE EA 11 -76.47 7.43 48.42
CA ILE EA 11 -77.11 6.38 47.64
C ILE EA 11 -77.57 7.02 46.33
N HIS EA 12 -76.99 6.58 45.23
CA HIS EA 12 -77.26 7.13 43.90
C HIS EA 12 -77.86 6.01 43.06
N ASN EA 13 -79.12 6.18 42.68
CA ASN EA 13 -79.80 5.20 41.83
C ASN EA 13 -79.47 5.54 40.37
N VAL EA 14 -78.61 4.74 39.76
CA VAL EA 14 -78.24 4.91 38.37
C VAL EA 14 -79.07 4.02 37.44
N GLY EA 15 -80.09 3.37 37.97
CA GLY EA 15 -80.95 2.49 37.22
C GLY EA 15 -82.30 3.14 36.92
N SER EA 16 -83.34 2.30 36.84
CA SER EA 16 -84.68 2.79 36.53
C SER EA 16 -85.74 2.11 37.40
N GLN EA 17 -85.35 1.59 38.57
CA GLN EA 17 -86.27 0.92 39.47
C GLN EA 17 -86.06 1.40 40.89
N ASP EA 18 -87.15 1.50 41.64
CA ASP EA 18 -87.11 2.08 42.98
C ASP EA 18 -86.33 1.18 43.93
N VAL EA 19 -85.65 1.80 44.89
CA VAL EA 19 -84.92 1.11 45.93
C VAL EA 19 -85.23 1.80 47.26
N LYS EA 20 -85.48 1.01 48.29
CA LYS EA 20 -85.90 1.51 49.58
C LYS EA 20 -84.78 1.33 50.61
N ILE EA 21 -84.74 2.24 51.57
CA ILE EA 21 -83.81 2.17 52.69
C ILE EA 21 -84.59 1.64 53.89
N LYS EA 22 -83.99 0.71 54.62
CA LYS EA 22 -84.68 0.08 55.74
C LYS EA 22 -83.69 -0.21 56.86
N ASN EA 23 -84.24 -0.30 58.08
CA ASN EA 23 -83.49 -0.72 59.26
C ASN EA 23 -82.27 0.14 59.51
N LEU EA 24 -82.32 1.41 59.08
CA LEU EA 24 -81.24 2.33 59.38
C LEU EA 24 -81.13 2.52 60.88
N LYS EA 25 -79.93 2.29 61.42
CA LYS EA 25 -79.71 2.34 62.85
C LYS EA 25 -78.25 2.65 63.12
N ALA EA 26 -78.00 3.67 63.94
CA ALA EA 26 -76.66 4.05 64.35
C ALA EA 26 -76.47 3.64 65.80
N SER EA 27 -75.74 2.54 66.02
CA SER EA 27 -75.49 2.08 67.38
C SER EA 27 -74.60 3.06 68.14
N TRP EA 28 -73.64 3.66 67.47
CA TRP EA 28 -72.77 4.67 68.05
C TRP EA 28 -72.77 5.90 67.16
N GLY EA 29 -72.72 7.07 67.79
CA GLY EA 29 -72.81 8.31 67.06
C GLY EA 29 -74.25 8.77 66.89
N LYS EA 30 -74.44 9.66 65.92
CA LYS EA 30 -75.75 10.24 65.67
C LYS EA 30 -75.87 10.64 64.20
N LEU EA 31 -77.02 10.36 63.61
CA LEU EA 31 -77.34 10.92 62.31
C LEU EA 31 -77.56 12.42 62.44
N HIS EA 32 -77.15 13.16 61.43
CA HIS EA 32 -77.22 14.62 61.48
C HIS EA 32 -77.50 15.16 60.09
N ALA EA 33 -77.64 16.48 60.01
CA ALA EA 33 -78.04 17.16 58.79
C ALA EA 33 -76.85 17.39 57.85
N ASP EA 34 -77.15 17.91 56.67
CA ASP EA 34 -76.12 18.16 55.67
C ASP EA 34 -75.25 19.34 56.09
N GLY EA 35 -73.95 19.10 56.17
CA GLY EA 35 -73.02 20.16 56.52
C GLY EA 35 -73.26 20.76 57.88
N ASP EA 36 -74.01 20.09 58.74
CA ASP EA 36 -74.37 20.60 60.07
C ASP EA 36 -74.33 19.43 61.04
N LYS EA 37 -73.18 19.24 61.69
CA LYS EA 37 -73.03 18.16 62.66
C LYS EA 37 -73.75 18.43 63.97
N ASP EA 38 -74.26 19.65 64.18
CA ASP EA 38 -75.00 19.98 65.38
C ASP EA 38 -76.48 19.64 65.27
N ALA EA 39 -77.02 19.64 64.05
CA ALA EA 39 -78.44 19.41 63.83
C ALA EA 39 -78.70 17.90 63.73
N GLU EA 40 -78.88 17.27 64.89
CA GLU EA 40 -79.18 15.85 64.92
C GLU EA 40 -80.55 15.57 64.30
N VAL EA 41 -80.65 14.44 63.61
CA VAL EA 41 -81.89 14.02 62.97
C VAL EA 41 -82.12 12.55 63.29
N SER EA 42 -83.37 12.19 63.59
CA SER EA 42 -83.69 10.81 63.91
C SER EA 42 -83.66 9.94 62.66
N ALA EA 43 -83.47 8.64 62.88
CA ALA EA 43 -83.42 7.70 61.77
C ALA EA 43 -84.75 7.62 61.02
N SER EA 44 -85.85 8.07 61.65
CA SER EA 44 -87.13 8.04 60.98
C SER EA 44 -87.17 8.92 59.74
N ASN EA 45 -86.32 9.95 59.68
CA ASN EA 45 -86.29 10.81 58.50
C ASN EA 45 -85.91 10.03 57.25
N TYR EA 46 -85.18 8.93 57.40
CA TYR EA 46 -84.71 8.14 56.27
C TYR EA 46 -85.34 6.77 56.18
N GLU EA 47 -85.60 6.11 57.31
CA GLU EA 47 -86.14 4.75 57.27
C GLU EA 47 -87.44 4.71 56.48
N GLY EA 48 -87.55 3.73 55.60
CA GLY EA 48 -88.72 3.57 54.76
C GLY EA 48 -88.73 4.42 53.50
N LYS EA 49 -87.71 5.24 53.29
CA LYS EA 49 -87.70 6.14 52.14
C LYS EA 49 -87.31 5.40 50.87
N ILE EA 50 -87.78 5.92 49.74
CA ILE EA 50 -87.51 5.36 48.43
C ILE EA 50 -86.66 6.36 47.65
N VAL EA 51 -85.49 5.91 47.20
CA VAL EA 51 -84.60 6.74 46.39
C VAL EA 51 -85.01 6.53 44.93
N LYS EA 52 -85.73 7.50 44.39
CA LYS EA 52 -86.24 7.37 43.03
C LYS EA 52 -85.08 7.25 42.04
N PRO EA 53 -85.28 6.59 40.91
CA PRO EA 53 -84.22 6.53 39.91
C PRO EA 53 -83.73 7.91 39.51
N ASP EA 54 -82.41 8.03 39.39
CA ASP EA 54 -81.76 9.24 38.89
C ASP EA 54 -81.79 10.38 39.90
N GLU EA 55 -81.75 10.07 41.18
CA GLU EA 55 -81.56 11.09 42.21
C GLU EA 55 -80.87 10.44 43.41
N LYS EA 56 -80.23 11.28 44.22
CA LYS EA 56 -79.35 10.84 45.28
C LYS EA 56 -79.93 11.14 46.65
N LEU EA 57 -79.71 10.23 47.60
CA LEU EA 57 -80.11 10.42 49.00
C LEU EA 57 -78.87 10.35 49.87
N GLN EA 58 -78.71 11.33 50.76
CA GLN EA 58 -77.49 11.46 51.56
C GLN EA 58 -77.80 11.13 53.02
N ILE EA 59 -76.95 10.30 53.61
CA ILE EA 59 -77.01 9.94 55.02
C ILE EA 59 -75.72 10.42 55.67
N ASN EA 60 -75.83 11.27 56.68
CA ASN EA 60 -74.66 11.80 57.37
C ASN EA 60 -74.64 11.26 58.79
N ALA EA 61 -73.52 10.64 59.17
CA ALA EA 61 -73.35 10.14 60.53
C ALA EA 61 -72.04 10.68 61.09
N SER EA 62 -72.02 10.92 62.39
CA SER EA 62 -70.84 11.46 63.04
C SER EA 62 -70.87 11.12 64.52
N GLY EA 63 -69.69 11.13 65.13
CA GLY EA 63 -69.59 10.88 66.55
C GLY EA 63 -70.06 12.06 67.39
N ARG EA 64 -70.32 11.78 68.67
CA ARG EA 64 -70.76 12.82 69.58
C ARG EA 64 -69.70 13.91 69.68
N SER EA 65 -70.15 15.13 69.95
CA SER EA 65 -69.27 16.30 69.91
C SER EA 65 -68.11 16.12 70.88
N ASP EA 66 -66.89 16.14 70.34
CA ASP EA 66 -65.66 16.08 71.14
C ASP EA 66 -65.66 14.90 72.11
N ALA EA 67 -66.44 13.87 71.81
CA ALA EA 67 -66.52 12.69 72.66
C ALA EA 67 -65.46 11.67 72.27
N ALA EA 68 -65.24 10.70 73.15
CA ALA EA 68 -64.37 9.58 72.85
C ALA EA 68 -65.15 8.44 72.19
N GLU EA 69 -65.93 8.81 71.18
CA GLU EA 69 -66.83 7.87 70.52
C GLU EA 69 -66.82 8.11 69.02
N GLY EA 70 -66.73 7.03 68.25
CA GLY EA 70 -66.86 7.07 66.81
C GLY EA 70 -68.31 6.99 66.38
N THR EA 71 -68.52 6.49 65.17
CA THR EA 71 -69.85 6.30 64.62
C THR EA 71 -69.94 4.93 63.97
N THR EA 72 -70.88 4.11 64.44
CA THR EA 72 -71.11 2.78 63.89
C THR EA 72 -72.59 2.63 63.57
N GLY EA 73 -72.90 2.09 62.39
CA GLY EA 73 -74.28 1.92 62.00
C GLY EA 73 -74.44 0.95 60.85
N THR EA 74 -75.70 0.67 60.52
CA THR EA 74 -76.05 -0.28 59.49
C THR EA 74 -77.36 0.14 58.82
N PHE EA 75 -77.57 -0.37 57.62
CA PHE EA 75 -78.85 -0.22 56.94
C PHE EA 75 -78.95 -1.23 55.79
N ASP EA 76 -80.17 -1.61 55.47
CA ASP EA 76 -80.45 -2.50 54.35
C ASP EA 76 -80.97 -1.67 53.18
N LEU EA 77 -80.48 -1.97 51.99
CA LEU EA 77 -81.13 -1.47 50.77
C LEU EA 77 -81.97 -2.61 50.22
N VAL EA 78 -83.26 -2.36 50.00
CA VAL EA 78 -84.23 -3.41 49.73
C VAL EA 78 -85.04 -3.06 48.49
N ASP EA 79 -85.29 -4.07 47.65
CA ASP EA 79 -86.09 -3.87 46.46
C ASP EA 79 -87.57 -3.96 46.81
N PRO EA 80 -88.36 -2.90 46.62
CA PRO EA 80 -89.80 -2.99 46.89
C PRO EA 80 -90.61 -3.69 45.81
N ALA EA 81 -90.03 -3.88 44.62
CA ALA EA 81 -90.78 -4.50 43.53
C ALA EA 81 -91.04 -5.98 43.77
N ASP EA 82 -90.30 -6.60 44.69
CA ASP EA 82 -90.42 -8.02 44.99
C ASP EA 82 -90.64 -8.25 46.48
N GLY EA 83 -91.54 -7.47 47.07
CA GLY EA 83 -91.88 -7.66 48.47
C GLY EA 83 -90.79 -7.31 49.44
N ASP EA 84 -90.02 -6.25 49.15
CA ASP EA 84 -89.03 -5.73 50.09
C ASP EA 84 -88.00 -6.79 50.48
N LYS EA 85 -87.44 -7.47 49.47
CA LYS EA 85 -86.33 -8.36 49.71
C LYS EA 85 -85.02 -7.56 49.79
N GLN EA 86 -83.98 -8.21 50.29
CA GLN EA 86 -82.71 -7.53 50.50
C GLN EA 86 -81.95 -7.41 49.19
N VAL EA 87 -81.38 -6.23 48.97
CA VAL EA 87 -80.43 -6.00 47.89
C VAL EA 87 -79.04 -6.22 48.48
N ARG EA 88 -78.65 -5.38 49.44
CA ARG EA 88 -77.42 -5.58 50.19
C ARG EA 88 -77.56 -4.93 51.56
N HIS EA 89 -76.74 -5.41 52.49
CA HIS EA 89 -76.68 -4.94 53.87
C HIS EA 89 -75.37 -4.18 54.06
N PHE EA 90 -75.47 -2.89 54.39
CA PHE EA 90 -74.29 -2.04 54.55
C PHE EA 90 -74.05 -1.78 56.02
N TYR EA 91 -72.79 -1.94 56.44
CA TYR EA 91 -72.36 -1.67 57.80
C TYR EA 91 -71.13 -0.76 57.74
N TRP EA 92 -71.16 0.33 58.49
CA TRP EA 92 -70.05 1.27 58.55
C TRP EA 92 -69.62 1.47 59.99
N ASP EA 93 -68.32 1.58 60.21
CA ASP EA 93 -67.76 1.81 61.54
C ASP EA 93 -66.52 2.69 61.39
N SER EA 94 -66.64 3.94 61.86
CA SER EA 94 -65.53 4.87 61.94
C SER EA 94 -65.26 5.09 63.42
N PRO EA 95 -64.41 4.26 64.04
CA PRO EA 95 -64.19 4.35 65.47
C PRO EA 95 -63.19 5.44 65.85
N TRP EA 96 -63.29 5.89 67.10
CA TRP EA 96 -62.37 6.85 67.66
C TRP EA 96 -61.10 6.22 68.22
N GLY EA 97 -61.19 4.99 68.72
CA GLY EA 97 -60.07 4.36 69.39
C GLY EA 97 -59.42 3.27 68.56
N SER EA 98 -59.31 3.52 67.26
CA SER EA 98 -58.67 2.58 66.34
C SER EA 98 -58.39 3.31 65.04
N LYS EA 99 -57.56 2.69 64.21
CA LYS EA 99 -57.21 3.25 62.91
C LYS EA 99 -57.97 2.62 61.76
N THR EA 100 -58.41 1.37 61.92
CA THR EA 100 -59.03 0.61 60.83
C THR EA 100 -60.53 0.86 60.84
N ASN EA 101 -61.00 1.66 59.90
CA ASN EA 101 -62.43 1.80 59.68
C ASN EA 101 -62.95 0.59 58.92
N THR EA 102 -64.26 0.34 59.05
CA THR EA 102 -64.90 -0.81 58.42
C THR EA 102 -66.04 -0.33 57.54
N TRP EA 103 -66.10 -0.86 56.32
CA TRP EA 103 -67.20 -0.60 55.39
C TRP EA 103 -67.51 -1.92 54.69
N THR EA 104 -68.53 -2.63 55.17
CA THR EA 104 -68.87 -3.95 54.68
C THR EA 104 -70.21 -3.92 53.96
N VAL EA 105 -70.24 -4.46 52.76
CA VAL EA 105 -71.46 -4.58 51.97
C VAL EA 105 -71.71 -6.08 51.78
N SER EA 106 -72.52 -6.66 52.65
CA SER EA 106 -72.82 -8.08 52.61
C SER EA 106 -74.17 -8.31 51.93
N GLY EA 107 -74.57 -9.57 51.85
CA GLY EA 107 -75.81 -9.94 51.20
C GLY EA 107 -75.62 -10.33 49.75
N SER EA 108 -76.68 -10.92 49.19
CA SER EA 108 -76.64 -11.40 47.82
C SER EA 108 -77.97 -11.14 47.14
N ASN EA 109 -77.91 -10.56 45.95
CA ASN EA 109 -79.11 -10.40 45.11
C ASN EA 109 -78.62 -10.25 43.67
N THR EA 110 -78.78 -11.31 42.87
CA THR EA 110 -78.24 -11.30 41.52
C THR EA 110 -78.98 -10.32 40.62
N LYS EA 111 -80.19 -9.90 40.98
CA LYS EA 111 -80.96 -8.97 40.17
C LYS EA 111 -80.54 -7.52 40.37
N TRP EA 112 -79.62 -7.25 41.29
CA TRP EA 112 -79.15 -5.90 41.57
C TRP EA 112 -77.64 -5.85 41.47
N MET EA 113 -77.13 -4.71 40.99
CA MET EA 113 -75.71 -4.46 40.85
C MET EA 113 -75.36 -3.20 41.64
N ILE EA 114 -74.42 -3.33 42.56
CA ILE EA 114 -74.07 -2.26 43.49
C ILE EA 114 -72.57 -2.02 43.42
N GLU EA 115 -72.18 -0.78 43.14
CA GLU EA 115 -70.80 -0.34 43.22
C GLU EA 115 -70.68 0.72 44.31
N TYR EA 116 -69.49 0.86 44.88
CA TYR EA 116 -69.26 1.90 45.87
C TYR EA 116 -67.81 2.34 45.81
N SER EA 117 -67.59 3.63 46.11
CA SER EA 117 -66.26 4.21 46.02
C SER EA 117 -66.16 5.38 46.98
N GLY EA 118 -64.91 5.77 47.26
CA GLY EA 118 -64.63 6.92 48.09
C GLY EA 118 -64.30 6.61 49.53
N GLN EA 119 -64.44 5.36 49.96
CA GLN EA 119 -64.16 5.03 51.35
C GLN EA 119 -62.68 5.11 51.64
N ASN EA 120 -62.36 5.37 52.91
CA ASN EA 120 -60.98 5.35 53.40
C ASN EA 120 -60.94 4.49 54.65
N LEU EA 121 -60.15 3.42 54.61
CA LEU EA 121 -60.07 2.46 55.70
C LEU EA 121 -58.74 2.52 56.45
N ASP EA 122 -57.81 3.39 56.03
CA ASP EA 122 -56.50 3.41 56.65
C ASP EA 122 -56.54 4.06 58.04
N SER EA 123 -56.92 5.32 58.10
CA SER EA 123 -56.98 6.05 59.36
C SER EA 123 -57.75 7.34 59.15
N GLY EA 124 -58.27 7.88 60.24
CA GLY EA 124 -59.03 9.11 60.19
C GLY EA 124 -60.51 8.87 59.98
N ALA EA 125 -61.18 9.80 59.30
CA ALA EA 125 -62.61 9.65 59.05
C ALA EA 125 -62.85 8.61 57.96
N LEU EA 126 -64.10 8.17 57.85
CA LEU EA 126 -64.48 7.17 56.87
C LEU EA 126 -64.82 7.77 55.52
N GLY EA 127 -64.93 9.09 55.42
CA GLY EA 127 -65.06 9.75 54.14
C GLY EA 127 -66.47 9.79 53.59
N THR EA 128 -66.53 10.16 52.30
CA THR EA 128 -67.77 10.27 51.55
C THR EA 128 -67.84 9.08 50.59
N ILE EA 129 -68.64 8.09 50.95
CA ILE EA 129 -68.81 6.88 50.15
C ILE EA 129 -70.02 7.08 49.24
N THR EA 130 -69.79 6.99 47.94
CA THR EA 130 -70.87 7.04 46.95
C THR EA 130 -71.17 5.61 46.49
N VAL EA 131 -72.44 5.24 46.53
CA VAL EA 131 -72.90 3.90 46.22
C VAL EA 131 -73.88 3.99 45.07
N ASP EA 132 -73.49 3.44 43.92
CA ASP EA 132 -74.33 3.41 42.72
C ASP EA 132 -75.09 2.09 42.69
N THR EA 133 -76.41 2.17 42.61
CA THR EA 133 -77.27 0.99 42.58
C THR EA 133 -78.02 0.92 41.26
N LEU EA 134 -78.13 -0.28 40.69
CA LEU EA 134 -78.82 -0.45 39.42
C LEU EA 134 -79.44 -1.84 39.36
N LYS EA 135 -80.71 -1.91 39.00
CA LYS EA 135 -81.40 -3.19 38.84
C LYS EA 135 -81.30 -3.65 37.39
N LYS EA 136 -80.79 -4.85 37.19
CA LYS EA 136 -80.65 -5.43 35.86
C LYS EA 136 -81.32 -6.80 35.79
N ALA FA 2 -49.36 14.25 59.51
CA ALA FA 2 -50.14 13.21 60.19
C ALA FA 2 -51.21 12.65 59.26
N TYR FA 3 -51.46 11.34 59.38
CA TYR FA 3 -52.34 10.66 58.45
C TYR FA 3 -53.81 11.00 58.67
N ALA FA 4 -54.18 11.45 59.87
CA ALA FA 4 -55.58 11.77 60.12
C ALA FA 4 -56.07 12.91 59.24
N GLN FA 5 -55.16 13.73 58.70
CA GLN FA 5 -55.49 14.79 57.77
C GLN FA 5 -55.20 14.29 56.35
N TRP FA 6 -56.23 14.23 55.52
CA TRP FA 6 -56.12 13.62 54.20
C TRP FA 6 -57.20 14.22 53.30
N VAL FA 7 -57.02 14.00 52.00
CA VAL FA 7 -57.96 14.47 50.99
C VAL FA 7 -57.84 13.60 49.76
N ILE FA 8 -58.96 13.36 49.10
CA ILE FA 8 -59.03 12.66 47.83
C ILE FA 8 -59.78 13.55 46.85
N ILE FA 9 -59.24 13.68 45.64
CA ILE FA 9 -59.81 14.53 44.59
C ILE FA 9 -60.06 13.65 43.38
N ILE FA 10 -61.31 13.57 42.95
CA ILE FA 10 -61.70 12.73 41.82
C ILE FA 10 -62.11 13.68 40.70
N ILE FA 11 -61.22 13.90 39.74
CA ILE FA 11 -61.56 14.69 38.55
C ILE FA 11 -62.28 13.77 37.58
N HIS FA 12 -63.51 14.12 37.23
CA HIS FA 12 -64.35 13.33 36.34
C HIS FA 12 -64.74 14.22 35.16
N ASN FA 13 -64.18 13.92 34.00
CA ASN FA 13 -64.43 14.71 32.79
C ASN FA 13 -65.74 14.23 32.17
N VAL FA 14 -66.85 14.78 32.67
CA VAL FA 14 -68.15 14.40 32.15
C VAL FA 14 -68.38 14.91 30.74
N GLY FA 15 -67.58 15.88 30.29
CA GLY FA 15 -67.74 16.45 28.97
C GLY FA 15 -67.19 15.54 27.88
N SER FA 16 -67.01 16.12 26.70
CA SER FA 16 -66.57 15.38 25.52
C SER FA 16 -65.23 15.86 24.97
N GLN FA 17 -64.55 16.79 25.65
CA GLN FA 17 -63.27 17.29 25.19
C GLN FA 17 -62.26 17.25 26.33
N ASP FA 18 -60.99 17.12 25.98
CA ASP FA 18 -59.95 16.85 26.95
C ASP FA 18 -59.74 18.03 27.89
N VAL FA 19 -59.30 17.72 29.11
CA VAL FA 19 -58.91 18.69 30.12
C VAL FA 19 -57.58 18.25 30.72
N LYS FA 20 -56.65 19.18 30.88
CA LYS FA 20 -55.29 18.87 31.29
C LYS FA 20 -55.02 19.38 32.71
N ILE FA 21 -54.30 18.57 33.49
CA ILE FA 21 -53.82 18.99 34.79
C ILE FA 21 -52.54 19.78 34.61
N LYS FA 22 -52.32 20.77 35.48
CA LYS FA 22 -51.09 21.55 35.40
C LYS FA 22 -50.78 22.12 36.78
N ASN FA 23 -49.49 22.40 36.99
CA ASN FA 23 -49.01 23.10 38.18
C ASN FA 23 -49.44 22.40 39.46
N LEU FA 24 -49.63 21.08 39.41
CA LEU FA 24 -49.92 20.33 40.63
C LEU FA 24 -48.74 20.43 41.58
N LYS FA 25 -49.02 20.78 42.84
CA LYS FA 25 -47.96 21.06 43.80
C LYS FA 25 -48.51 20.88 45.21
N ALA FA 26 -47.90 19.99 45.98
CA ALA FA 26 -48.28 19.76 47.37
C ALA FA 26 -47.32 20.54 48.27
N SER FA 27 -47.80 21.69 48.77
CA SER FA 27 -46.95 22.50 49.65
C SER FA 27 -46.69 21.83 50.98
N TRP FA 28 -47.66 21.05 51.47
CA TRP FA 28 -47.53 20.36 52.75
C TRP FA 28 -48.00 18.93 52.59
N GLY FA 29 -47.52 18.06 53.46
CA GLY FA 29 -47.87 16.65 53.35
C GLY FA 29 -47.24 16.02 52.13
N LYS FA 30 -47.93 15.00 51.58
CA LYS FA 30 -47.40 14.25 50.46
C LYS FA 30 -48.56 13.65 49.68
N LEU FA 31 -48.36 13.49 48.38
CA LEU FA 31 -49.25 12.68 47.57
C LEU FA 31 -48.91 11.20 47.76
N HIS FA 32 -49.84 10.33 47.36
CA HIS FA 32 -49.65 8.90 47.54
C HIS FA 32 -50.64 8.16 46.65
N ALA FA 33 -50.38 6.86 46.49
CA ALA FA 33 -51.23 6.01 45.66
C ALA FA 33 -52.46 5.57 46.44
N ASP FA 34 -53.56 5.37 45.72
CA ASP FA 34 -54.84 5.06 46.34
C ASP FA 34 -54.72 3.86 47.28
N GLY FA 35 -55.22 4.03 48.50
CA GLY FA 35 -55.30 2.95 49.47
C GLY FA 35 -54.03 2.70 50.24
N ASP FA 36 -52.96 3.45 49.98
CA ASP FA 36 -51.67 3.26 50.66
C ASP FA 36 -51.06 4.63 50.89
N LYS FA 37 -51.30 5.19 52.08
CA LYS FA 37 -50.68 6.47 52.42
C LYS FA 37 -49.17 6.35 52.54
N ASP FA 38 -48.65 5.14 52.70
CA ASP FA 38 -47.20 4.97 52.77
C ASP FA 38 -46.54 5.08 51.40
N ALA FA 39 -47.24 4.67 50.34
CA ALA FA 39 -46.69 4.68 48.99
C ALA FA 39 -46.74 6.10 48.44
N GLU FA 40 -45.74 6.89 48.80
CA GLU FA 40 -45.64 8.26 48.32
C GLU FA 40 -45.42 8.26 46.80
N VAL FA 41 -45.98 9.28 46.13
CA VAL FA 41 -45.86 9.43 44.69
C VAL FA 41 -45.49 10.87 44.39
N SER FA 42 -44.87 11.06 43.23
CA SER FA 42 -44.38 12.37 42.82
C SER FA 42 -45.44 13.12 42.01
N ALA FA 43 -45.36 14.45 42.06
CA ALA FA 43 -46.30 15.28 41.32
C ALA FA 43 -46.17 15.08 39.82
N SER FA 44 -44.99 14.68 39.34
CA SER FA 44 -44.81 14.42 37.92
C SER FA 44 -45.69 13.27 37.44
N ASN FA 45 -46.12 12.39 38.34
CA ASN FA 45 -47.01 11.30 37.96
C ASN FA 45 -48.36 11.81 37.46
N TYR FA 46 -48.71 13.07 37.75
CA TYR FA 46 -49.96 13.66 37.32
C TYR FA 46 -49.79 14.95 36.53
N GLU FA 47 -48.65 15.63 36.63
CA GLU FA 47 -48.45 16.88 35.91
C GLU FA 47 -48.59 16.66 34.42
N GLY FA 48 -49.36 17.55 33.78
CA GLY FA 48 -49.53 17.50 32.34
C GLY FA 48 -50.43 16.38 31.85
N LYS FA 49 -51.09 15.66 32.74
CA LYS FA 49 -51.93 14.54 32.32
C LYS FA 49 -53.21 15.04 31.66
N ILE FA 50 -53.62 14.33 30.62
CA ILE FA 50 -54.87 14.59 29.91
C ILE FA 50 -55.93 13.64 30.45
N VAL FA 51 -57.06 14.19 30.89
CA VAL FA 51 -58.21 13.40 31.29
C VAL FA 51 -59.13 13.33 30.08
N LYS FA 52 -59.12 12.19 29.39
CA LYS FA 52 -60.00 12.01 28.25
C LYS FA 52 -61.45 12.00 28.71
N PRO FA 53 -62.39 12.32 27.82
CA PRO FA 53 -63.81 12.32 28.20
C PRO FA 53 -64.22 10.96 28.76
N ASP FA 54 -65.03 10.99 29.81
CA ASP FA 54 -65.55 9.83 30.54
C ASP FA 54 -64.49 9.18 31.41
N GLU FA 55 -63.30 9.75 31.52
CA GLU FA 55 -62.25 9.18 32.37
C GLU FA 55 -62.27 9.85 33.74
N LYS FA 56 -61.78 9.11 34.74
CA LYS FA 56 -61.69 9.60 36.11
C LYS FA 56 -60.24 9.53 36.56
N LEU FA 57 -59.78 10.58 37.25
CA LEU FA 57 -58.41 10.68 37.72
C LEU FA 57 -58.43 10.99 39.21
N GLN FA 58 -57.69 10.19 39.99
CA GLN FA 58 -57.69 10.31 41.44
C GLN FA 58 -56.38 10.91 41.93
N ILE FA 59 -56.49 11.90 42.81
CA ILE FA 59 -55.35 12.52 43.47
C ILE FA 59 -55.54 12.33 44.97
N ASN FA 60 -54.61 11.60 45.59
CA ASN FA 60 -54.68 11.32 47.02
C ASN FA 60 -53.54 12.06 47.71
N ALA FA 61 -53.89 12.90 48.68
CA ALA FA 61 -52.92 13.62 49.49
C ALA FA 61 -53.23 13.39 50.96
N SER FA 62 -52.21 13.47 51.80
CA SER FA 62 -52.39 13.28 53.23
C SER FA 62 -51.11 13.70 53.93
N GLY FA 63 -51.19 13.82 55.24
CA GLY FA 63 -50.02 14.18 56.01
C GLY FA 63 -48.95 13.11 55.98
N ARG FA 64 -47.75 13.51 56.39
CA ARG FA 64 -46.60 12.61 56.45
C ARG FA 64 -46.72 11.72 57.70
N SER FA 65 -45.67 10.97 57.99
CA SER FA 65 -45.71 9.99 59.07
C SER FA 65 -45.63 10.65 60.44
N ASP FA 66 -46.77 10.88 61.06
CA ASP FA 66 -46.91 11.33 62.45
C ASP FA 66 -46.52 12.80 62.65
N ALA FA 67 -46.09 13.51 61.60
CA ALA FA 67 -45.73 14.90 61.78
C ALA FA 67 -46.95 15.74 62.14
N ALA FA 68 -46.70 16.84 62.85
CA ALA FA 68 -47.77 17.75 63.26
C ALA FA 68 -48.28 18.60 62.10
N GLU FA 69 -47.73 18.45 60.91
CA GLU FA 69 -48.22 19.18 59.75
C GLU FA 69 -49.49 18.54 59.22
N GLY FA 70 -50.28 19.34 58.48
CA GLY FA 70 -51.48 18.85 57.85
C GLY FA 70 -51.24 18.48 56.39
N THR FA 71 -52.05 19.03 55.49
CA THR FA 71 -51.77 18.92 54.06
C THR FA 71 -52.30 20.16 53.36
N THR FA 72 -51.66 20.51 52.25
CA THR FA 72 -52.06 21.68 51.48
C THR FA 72 -51.48 21.57 50.08
N GLY FA 73 -52.25 22.02 49.09
CA GLY FA 73 -51.79 21.92 47.73
C GLY FA 73 -52.65 22.73 46.77
N THR FA 74 -52.19 22.77 45.52
CA THR FA 74 -52.83 23.54 44.47
C THR FA 74 -52.66 22.81 43.15
N PHE FA 75 -53.53 23.14 42.20
CA PHE FA 75 -53.33 22.74 40.82
C PHE FA 75 -54.25 23.56 39.93
N ASP FA 76 -54.16 23.32 38.63
CA ASP FA 76 -54.94 24.05 37.64
C ASP FA 76 -55.49 23.07 36.62
N LEU FA 77 -56.78 23.21 36.33
CA LEU FA 77 -57.37 22.60 35.16
C LEU FA 77 -57.25 23.57 34.00
N VAL FA 78 -56.75 23.08 32.86
CA VAL FA 78 -56.54 23.90 31.67
C VAL FA 78 -57.11 23.17 30.46
N ASP FA 79 -57.35 23.94 29.39
CA ASP FA 79 -57.93 23.42 28.17
C ASP FA 79 -56.83 23.14 27.15
N PRO FA 80 -56.49 21.89 26.86
CA PRO FA 80 -55.45 21.64 25.85
C PRO FA 80 -55.82 22.14 24.47
N ALA FA 81 -57.11 22.21 24.15
CA ALA FA 81 -57.55 22.60 22.82
C ALA FA 81 -57.64 24.11 22.63
N ASP FA 82 -57.35 24.90 23.64
CA ASP FA 82 -57.41 26.36 23.57
C ASP FA 82 -56.10 26.97 24.07
N GLY FA 83 -54.99 26.42 23.61
CA GLY FA 83 -53.69 26.93 24.01
C GLY FA 83 -53.44 26.84 25.50
N ASP FA 84 -53.91 25.77 26.14
CA ASP FA 84 -53.75 25.59 27.57
C ASP FA 84 -54.34 26.76 28.37
N LYS FA 85 -55.40 27.36 27.85
CA LYS FA 85 -56.06 28.44 28.58
C LYS FA 85 -56.60 27.91 29.90
N GLN FA 86 -56.40 28.68 30.96
CA GLN FA 86 -56.79 28.22 32.28
C GLN FA 86 -58.29 28.03 32.36
N VAL FA 87 -58.70 26.85 32.80
CA VAL FA 87 -60.11 26.59 33.14
C VAL FA 87 -60.39 26.97 34.58
N ARG FA 88 -59.61 26.43 35.51
CA ARG FA 88 -59.86 26.69 36.93
C ARG FA 88 -58.58 26.49 37.72
N HIS FA 89 -58.56 27.06 38.91
CA HIS FA 89 -57.47 26.93 39.86
C HIS FA 89 -58.03 26.37 41.16
N PHE FA 90 -57.48 25.26 41.62
CA PHE FA 90 -57.96 24.58 42.81
C PHE FA 90 -56.93 24.67 43.92
N TYR FA 91 -57.41 25.03 45.12
CA TYR FA 91 -56.60 25.12 46.32
C TYR FA 91 -57.27 24.25 47.38
N TRP FA 92 -56.49 23.37 48.00
CA TRP FA 92 -57.00 22.53 49.08
C TRP FA 92 -56.08 22.66 50.29
N ASP FA 93 -56.69 22.64 51.48
CA ASP FA 93 -55.94 22.79 52.72
C ASP FA 93 -56.70 22.06 53.82
N SER FA 94 -56.08 21.03 54.38
CA SER FA 94 -56.60 20.31 55.55
C SER FA 94 -55.55 20.43 56.63
N PRO FA 95 -55.62 21.48 57.46
CA PRO FA 95 -54.55 21.72 58.45
C PRO FA 95 -54.65 20.78 59.64
N TRP FA 96 -53.51 20.62 60.31
CA TRP FA 96 -53.47 19.83 61.54
C TRP FA 96 -53.83 20.67 62.77
N GLY FA 97 -53.37 21.91 62.82
CA GLY FA 97 -53.65 22.77 63.94
C GLY FA 97 -55.06 23.34 63.91
N SER FA 98 -55.35 24.12 62.87
CA SER FA 98 -56.68 24.70 62.74
C SER FA 98 -57.70 23.61 62.45
N LYS FA 99 -58.88 23.74 63.06
CA LYS FA 99 -59.94 22.75 62.85
C LYS FA 99 -60.58 22.91 61.47
N THR FA 100 -60.80 24.15 61.05
CA THR FA 100 -61.52 24.40 59.79
C THR FA 100 -60.62 24.07 58.60
N ASN FA 101 -61.18 23.35 57.63
CA ASN FA 101 -60.48 23.03 56.39
C ASN FA 101 -60.77 24.10 55.35
N THR FA 102 -60.33 23.88 54.12
CA THR FA 102 -60.55 24.86 53.06
C THR FA 102 -60.44 24.17 51.71
N TRP FA 103 -61.45 24.37 50.87
CA TRP FA 103 -61.41 23.94 49.48
C TRP FA 103 -61.93 25.08 48.62
N THR FA 104 -61.05 25.68 47.82
CA THR FA 104 -61.37 26.88 47.05
C THR FA 104 -61.16 26.60 45.57
N VAL FA 105 -62.15 26.98 44.76
CA VAL FA 105 -62.04 26.91 43.31
C VAL FA 105 -62.19 28.33 42.77
N SER FA 106 -61.20 28.78 42.00
CA SER FA 106 -61.19 30.11 41.43
C SER FA 106 -61.01 30.01 39.92
N GLY FA 107 -61.22 31.14 39.25
CA GLY FA 107 -61.14 31.21 37.81
C GLY FA 107 -62.42 31.78 37.21
N SER FA 108 -62.32 32.12 35.92
CA SER FA 108 -63.45 32.74 35.23
C SER FA 108 -63.68 32.19 33.84
N ASN FA 109 -63.07 31.06 33.47
CA ASN FA 109 -63.35 30.47 32.17
C ASN FA 109 -64.84 30.20 32.04
N THR FA 110 -65.44 30.74 30.96
CA THR FA 110 -66.89 30.73 30.82
C THR FA 110 -67.41 29.61 29.95
N LYS FA 111 -66.58 29.04 29.07
CA LYS FA 111 -66.98 27.92 28.24
C LYS FA 111 -66.76 26.57 28.93
N TRP FA 112 -66.65 26.58 30.26
CA TRP FA 112 -66.49 25.36 31.04
C TRP FA 112 -67.43 25.40 32.23
N MET FA 113 -67.91 24.21 32.61
CA MET FA 113 -68.74 24.03 33.79
C MET FA 113 -68.04 23.06 34.73
N ILE FA 114 -67.80 23.50 35.96
CA ILE FA 114 -67.12 22.71 36.98
C ILE FA 114 -68.01 22.64 38.20
N GLU FA 115 -68.22 21.43 38.71
CA GLU FA 115 -69.07 21.23 39.89
C GLU FA 115 -68.36 20.30 40.86
N TYR FA 116 -68.06 20.80 42.05
CA TYR FA 116 -67.35 20.04 43.07
C TYR FA 116 -68.29 19.75 44.23
N SER FA 117 -68.19 18.55 44.78
CA SER FA 117 -69.04 18.17 45.90
C SER FA 117 -68.35 17.12 46.76
N GLY FA 118 -68.73 17.07 48.03
CA GLY FA 118 -68.25 16.06 48.96
C GLY FA 118 -67.29 16.57 50.01
N GLN FA 119 -66.91 17.83 49.97
CA GLN FA 119 -65.92 18.35 50.92
C GLN FA 119 -66.53 18.51 52.31
N ASN FA 120 -65.66 18.40 53.32
CA ASN FA 120 -66.01 18.68 54.70
C ASN FA 120 -65.15 19.83 55.21
N LEU FA 121 -65.79 20.82 55.84
CA LEU FA 121 -65.11 22.04 56.25
C LEU FA 121 -65.14 22.29 57.75
N ASP FA 122 -65.88 21.51 58.53
CA ASP FA 122 -66.00 21.79 59.96
C ASP FA 122 -64.77 21.33 60.73
N SER FA 123 -64.49 20.02 60.71
CA SER FA 123 -63.38 19.47 61.46
C SER FA 123 -62.99 18.13 60.83
N GLY FA 124 -61.82 17.63 61.24
CA GLY FA 124 -61.34 16.38 60.72
C GLY FA 124 -60.75 16.52 59.32
N ALA FA 125 -60.64 15.38 58.65
CA ALA FA 125 -60.07 15.36 57.30
C ALA FA 125 -60.97 16.11 56.33
N LEU FA 126 -60.36 16.61 55.25
CA LEU FA 126 -61.13 17.32 54.24
C LEU FA 126 -62.07 16.39 53.50
N GLY FA 127 -61.69 15.12 53.34
CA GLY FA 127 -62.58 14.12 52.78
C GLY FA 127 -62.32 13.84 51.32
N THR FA 128 -63.35 13.31 50.67
CA THR FA 128 -63.33 13.01 49.25
C THR FA 128 -64.18 14.04 48.52
N ILE FA 129 -63.63 14.61 47.46
CA ILE FA 129 -64.31 15.62 46.66
C ILE FA 129 -64.32 15.17 45.21
N THR FA 130 -65.51 15.08 44.63
CA THR FA 130 -65.69 14.77 43.23
C THR FA 130 -65.89 16.07 42.46
N VAL FA 131 -65.11 16.27 41.42
CA VAL FA 131 -65.14 17.47 40.60
C VAL FA 131 -65.51 17.04 39.19
N ASP FA 132 -66.76 17.27 38.81
CA ASP FA 132 -67.23 17.01 37.46
C ASP FA 132 -66.93 18.20 36.58
N THR FA 133 -66.25 17.96 35.46
CA THR FA 133 -65.86 18.99 34.51
C THR FA 133 -66.50 18.73 33.15
N LEU FA 134 -66.94 19.80 32.51
CA LEU FA 134 -67.56 19.70 31.20
C LEU FA 134 -67.25 20.95 30.41
N LYS FA 135 -67.14 20.81 29.09
CA LYS FA 135 -66.94 21.94 28.20
C LYS FA 135 -68.20 22.14 27.36
N LYS FA 136 -68.80 23.33 27.45
CA LYS FA 136 -70.02 23.63 26.73
C LYS FA 136 -69.82 23.49 25.23
N GLN GA 10 -42.10 6.43 -34.23
CA GLN GA 10 -42.91 6.36 -33.03
C GLN GA 10 -42.51 7.43 -32.03
N ALA GA 11 -41.21 7.75 -31.98
CA ALA GA 11 -40.74 8.78 -31.06
C ALA GA 11 -41.40 10.11 -31.39
N GLY GA 12 -41.78 10.83 -30.35
CA GLY GA 12 -42.52 12.06 -30.54
C GLY GA 12 -44.01 11.88 -30.75
N ASP GA 13 -44.51 10.66 -30.63
CA ASP GA 13 -45.94 10.40 -30.81
C ASP GA 13 -46.71 10.83 -29.57
N THR GA 14 -47.92 11.32 -29.78
CA THR GA 14 -48.76 11.83 -28.72
C THR GA 14 -50.14 11.18 -28.76
N LEU GA 15 -50.97 11.56 -27.78
CA LEU GA 15 -52.34 11.09 -27.76
C LEU GA 15 -53.06 11.44 -29.05
N ASN GA 16 -52.68 12.54 -29.70
CA ASN GA 16 -53.31 12.87 -30.97
C ASN GA 16 -53.05 11.79 -32.02
N ASP GA 17 -51.80 11.32 -32.12
CA ASP GA 17 -51.50 10.25 -33.06
C ASP GA 17 -52.21 8.95 -32.67
N VAL GA 18 -52.21 8.65 -31.37
CA VAL GA 18 -52.85 7.42 -30.91
C VAL GA 18 -54.34 7.44 -31.25
N ILE GA 19 -55.00 8.57 -31.04
CA ILE GA 19 -56.42 8.69 -31.36
C ILE GA 19 -56.64 8.71 -32.86
N GLN GA 20 -55.73 9.31 -33.62
CA GLN GA 20 -55.89 9.37 -35.07
C GLN GA 20 -55.86 7.98 -35.68
N ASP GA 21 -54.95 7.13 -35.22
CA ASP GA 21 -54.88 5.77 -35.76
C ASP GA 21 -56.02 4.94 -35.16
N PRO GA 22 -56.94 4.40 -35.97
CA PRO GA 22 -58.05 3.63 -35.38
C PRO GA 22 -57.60 2.43 -34.57
N THR GA 23 -56.56 1.73 -35.00
CA THR GA 23 -56.10 0.56 -34.25
C THR GA 23 -55.54 0.96 -32.90
N ARG GA 24 -54.68 1.98 -32.87
CA ARG GA 24 -54.08 2.41 -31.61
C ARG GA 24 -55.14 3.00 -30.68
N ARG GA 25 -56.10 3.73 -31.23
CA ARG GA 25 -57.17 4.29 -30.41
C ARG GA 25 -57.99 3.19 -29.75
N ASN GA 26 -58.35 2.16 -30.52
CA ASN GA 26 -59.11 1.05 -29.96
C ASN GA 26 -58.28 0.29 -28.93
N LYS GA 27 -56.99 0.12 -29.18
CA LYS GA 27 -56.12 -0.53 -28.21
C LYS GA 27 -56.09 0.26 -26.91
N LEU GA 28 -55.98 1.59 -27.00
CA LEU GA 28 -56.00 2.42 -25.81
C LEU GA 28 -57.31 2.27 -25.05
N ILE GA 29 -58.43 2.32 -25.77
CA ILE GA 29 -59.73 2.22 -25.12
C ILE GA 29 -59.85 0.88 -24.40
N ASN GA 30 -59.45 -0.21 -25.07
CA ASN GA 30 -59.59 -1.53 -24.48
C ASN GA 30 -58.66 -1.70 -23.29
N ASP GA 31 -57.40 -1.32 -23.44
CA ASP GA 31 -56.43 -1.51 -22.38
C ASP GA 31 -56.71 -0.64 -21.17
N ASN GA 32 -57.41 0.48 -21.36
CA ASN GA 32 -57.73 1.36 -20.23
C ASN GA 32 -59.17 1.21 -19.75
N ASN GA 33 -59.98 0.36 -20.39
CA ASN GA 33 -61.33 0.06 -19.90
C ASN GA 33 -62.17 1.33 -19.88
N LEU GA 34 -62.03 2.15 -20.92
CA LEU GA 34 -62.68 3.45 -20.94
C LEU GA 34 -64.18 3.35 -21.19
N LEU GA 35 -64.66 2.19 -21.67
CA LEU GA 35 -66.07 1.99 -21.93
C LEU GA 35 -66.81 1.35 -20.76
N LYS GA 36 -66.11 1.05 -19.66
CA LYS GA 36 -66.68 0.30 -18.55
C LYS GA 36 -66.76 1.17 -17.30
N GLY GA 37 -67.80 0.95 -16.51
CA GLY GA 37 -67.95 1.64 -15.23
C GLY GA 37 -67.13 0.99 -14.14
N ILE GA 38 -67.09 1.64 -12.99
CA ILE GA 38 -66.35 1.17 -11.83
C ILE GA 38 -67.34 0.66 -10.78
N ILE GA 39 -67.05 -0.52 -10.22
CA ILE GA 39 -68.06 -1.24 -9.43
C ILE GA 39 -68.13 -0.77 -7.98
N MET GA 40 -67.10 -0.09 -7.46
CA MET GA 40 -67.14 0.48 -6.12
C MET GA 40 -67.74 -0.52 -5.12
N GLY GA 41 -67.00 -1.61 -4.93
CA GLY GA 41 -67.49 -2.69 -4.12
C GLY GA 41 -66.63 -2.95 -2.90
N ARG GA 42 -66.72 -4.15 -2.34
CA ARG GA 42 -65.98 -4.45 -1.13
C ARG GA 42 -64.47 -4.45 -1.37
N ASP GA 43 -64.04 -4.73 -2.60
CA ASP GA 43 -62.64 -4.77 -2.95
C ASP GA 43 -62.11 -3.43 -3.46
N GLY GA 44 -62.95 -2.39 -3.50
CA GLY GA 44 -62.54 -1.10 -3.99
C GLY GA 44 -63.09 -0.80 -5.36
N PRO GA 45 -62.64 0.31 -5.96
CA PRO GA 45 -63.09 0.71 -7.30
C PRO GA 45 -62.45 -0.10 -8.42
N VAL GA 46 -63.00 -1.29 -8.66
CA VAL GA 46 -62.51 -2.17 -9.72
C VAL GA 46 -63.40 -1.99 -10.94
N PRO GA 47 -62.84 -1.85 -12.15
CA PRO GA 47 -63.69 -1.70 -13.33
C PRO GA 47 -64.48 -2.97 -13.60
N SER GA 48 -65.68 -2.80 -14.15
CA SER GA 48 -66.50 -3.94 -14.53
C SER GA 48 -65.97 -4.58 -15.80
N SER GA 49 -66.45 -5.79 -16.08
CA SER GA 49 -66.06 -6.53 -17.27
C SER GA 49 -67.12 -6.47 -18.36
N ARG GA 50 -68.14 -5.63 -18.18
CA ARG GA 50 -69.21 -5.44 -19.15
C ARG GA 50 -69.17 -4.01 -19.66
N GLU GA 51 -69.25 -3.85 -20.98
CA GLU GA 51 -69.20 -2.52 -21.56
C GLU GA 51 -70.49 -1.77 -21.24
N LEU GA 52 -70.34 -0.55 -20.73
CA LEU GA 52 -71.48 0.28 -20.35
C LEU GA 52 -71.94 1.17 -21.50
N ILE GA 53 -71.00 1.82 -22.19
CA ILE GA 53 -71.33 2.73 -23.28
C ILE GA 53 -70.95 2.11 -24.61
N VAL GA 54 -71.40 2.74 -25.69
CA VAL GA 54 -71.09 2.29 -27.04
C VAL GA 54 -69.73 2.84 -27.44
N ARG GA 55 -69.01 2.07 -28.25
CA ARG GA 55 -67.66 2.46 -28.65
C ARG GA 55 -67.71 3.75 -29.47
N PRO GA 56 -67.06 4.82 -29.04
CA PRO GA 56 -67.05 6.03 -29.86
C PRO GA 56 -66.20 5.88 -31.10
N ASP GA 57 -66.51 6.70 -32.11
CA ASP GA 57 -65.71 6.77 -33.32
C ASP GA 57 -64.49 7.66 -33.15
N THR GA 58 -64.39 8.42 -32.06
CA THR GA 58 -63.24 9.26 -31.79
C THR GA 58 -63.28 9.64 -30.32
N LEU GA 59 -62.21 10.28 -29.86
CA LEU GA 59 -62.09 10.72 -28.48
C LEU GA 59 -61.68 12.18 -28.43
N ARG GA 60 -62.16 12.88 -27.41
CA ARG GA 60 -61.73 14.24 -27.13
C ARG GA 60 -60.50 14.18 -26.22
N ALA GA 61 -59.41 14.79 -26.64
CA ALA GA 61 -58.17 14.69 -25.88
C ALA GA 61 -57.40 16.00 -25.93
N ILE GA 62 -56.59 16.21 -24.92
CA ILE GA 62 -55.64 17.32 -24.85
C ILE GA 62 -54.27 16.74 -24.53
N ILE GA 63 -53.23 17.43 -24.95
CA ILE GA 63 -51.85 16.98 -24.75
C ILE GA 63 -51.24 17.75 -23.59
N ASN GA 64 -50.60 17.02 -22.68
CA ASN GA 64 -49.93 17.61 -21.54
C ASN GA 64 -48.78 16.69 -21.12
N ASN GA 65 -47.57 17.24 -21.06
CA ASN GA 65 -46.37 16.45 -20.82
C ASN GA 65 -45.55 16.99 -19.64
N ARG GA 66 -46.18 17.75 -18.74
CA ARG GA 66 -45.48 18.31 -17.59
C ARG GA 66 -45.42 17.25 -16.49
N ALA GA 67 -44.22 16.74 -16.23
CA ALA GA 67 -44.02 15.76 -15.17
C ALA GA 67 -43.70 16.47 -13.86
N THR GA 68 -44.42 16.11 -12.81
CA THR GA 68 -44.29 16.79 -11.52
C THR GA 68 -44.93 15.91 -10.45
N ILE GA 69 -44.70 16.28 -9.21
CA ILE GA 69 -45.24 15.55 -8.05
C ILE GA 69 -46.36 16.39 -7.46
N GLU GA 70 -47.53 15.77 -7.32
CA GLU GA 70 -48.71 16.41 -6.73
C GLU GA 70 -49.10 15.66 -5.47
N THR GA 71 -49.74 16.36 -4.55
CA THR GA 71 -50.19 15.77 -3.29
C THR GA 71 -51.64 16.13 -3.03
N THR GA 72 -52.38 15.19 -2.47
CA THR GA 72 -53.79 15.38 -2.14
C THR GA 72 -54.07 14.81 -0.76
N THR GA 73 -55.06 15.39 -0.09
CA THR GA 73 -55.46 14.94 1.24
C THR GA 73 -56.98 14.78 1.28
N MET GA 74 -57.43 13.80 2.07
CA MET GA 74 -58.84 13.48 2.19
C MET GA 74 -59.17 13.25 3.66
N GLU GA 75 -60.37 13.67 4.06
CA GLU GA 75 -60.82 13.49 5.43
C GLU GA 75 -61.90 12.43 5.58
N ALA GA 76 -62.55 12.04 4.49
CA ALA GA 76 -63.57 11.01 4.57
C ALA GA 76 -62.97 9.70 5.06
N GLU GA 77 -63.83 8.86 5.64
CA GLU GA 77 -63.36 7.65 6.31
C GLU GA 77 -63.05 6.53 5.32
N PHE GA 78 -64.03 6.17 4.49
CA PHE GA 78 -63.94 4.98 3.65
C PHE GA 78 -63.39 5.26 2.26
N THR GA 79 -62.56 6.29 2.10
CA THR GA 79 -62.05 6.69 0.79
C THR GA 79 -60.60 6.27 0.57
N GLU GA 80 -60.10 5.29 1.32
CA GLU GA 80 -58.72 4.86 1.17
C GLU GA 80 -58.47 4.31 -0.23
N THR GA 81 -59.36 3.44 -0.71
CA THR GA 81 -59.15 2.84 -2.02
C THR GA 81 -59.28 3.88 -3.13
N LEU GA 82 -60.19 4.84 -2.98
CA LEU GA 82 -60.30 5.91 -3.98
C LEU GA 82 -59.03 6.74 -4.02
N MET GA 83 -58.49 7.10 -2.86
CA MET GA 83 -57.23 7.83 -2.85
C MET GA 83 -56.11 7.02 -3.47
N GLU GA 84 -56.09 5.70 -3.21
CA GLU GA 84 -55.12 4.83 -3.87
C GLU GA 84 -55.31 4.78 -5.37
N SER GA 85 -56.55 4.96 -5.85
CA SER GA 85 -56.85 4.99 -7.27
C SER GA 85 -56.70 6.37 -7.86
N ASN GA 86 -56.33 7.36 -7.06
CA ASN GA 86 -55.98 8.70 -7.54
C ASN GA 86 -57.22 9.44 -8.04
N TYR GA 87 -58.27 9.41 -7.23
CA TYR GA 87 -59.47 10.19 -7.50
C TYR GA 87 -59.33 11.55 -6.84
N ASN GA 88 -59.57 12.62 -7.60
CA ASN GA 88 -59.50 13.95 -7.03
C ASN GA 88 -60.65 14.15 -6.06
N SER GA 89 -60.73 15.36 -5.49
CA SER GA 89 -61.70 15.61 -4.43
C SER GA 89 -63.13 15.43 -4.93
N ALA GA 90 -63.44 15.97 -6.12
CA ALA GA 90 -64.81 15.87 -6.62
C ALA GA 90 -65.19 14.42 -6.90
N SER GA 91 -64.30 13.65 -7.52
CA SER GA 91 -64.60 12.25 -7.80
C SER GA 91 -64.77 11.46 -6.50
N VAL GA 92 -63.90 11.71 -5.52
CA VAL GA 92 -64.03 11.02 -4.24
C VAL GA 92 -65.35 11.37 -3.58
N LYS GA 93 -65.75 12.65 -3.63
CA LYS GA 93 -67.02 13.05 -3.06
C LYS GA 93 -68.19 12.35 -3.75
N VAL GA 94 -68.13 12.24 -5.08
CA VAL GA 94 -69.21 11.61 -5.81
C VAL GA 94 -69.28 10.11 -5.50
N SER GA 95 -68.13 9.47 -5.36
CA SER GA 95 -68.07 8.02 -5.19
C SER GA 95 -68.20 7.57 -3.74
N ALA GA 96 -68.05 8.47 -2.77
CA ALA GA 96 -68.05 8.05 -1.37
C ALA GA 96 -69.30 7.29 -0.96
N PRO GA 97 -70.52 7.72 -1.32
CA PRO GA 97 -71.70 6.98 -0.85
C PRO GA 97 -71.66 5.50 -1.21
N PHE GA 98 -71.28 5.17 -2.44
CA PHE GA 98 -71.26 3.77 -2.86
C PHE GA 98 -70.19 2.99 -2.13
N ILE GA 99 -68.99 3.55 -2.03
CA ILE GA 99 -67.90 2.87 -1.36
C ILE GA 99 -68.27 2.60 0.09
N THR GA 100 -68.81 3.60 0.78
CA THR GA 100 -69.23 3.39 2.17
C THR GA 100 -70.29 2.30 2.24
N ALA GA 101 -71.34 2.42 1.41
CA ALA GA 101 -72.43 1.45 1.46
C ALA GA 101 -71.93 0.03 1.27
N ASN GA 102 -71.00 -0.19 0.35
CA ASN GA 102 -70.54 -1.53 0.03
C ASN GA 102 -69.26 -1.94 0.76
N SER GA 103 -68.74 -1.10 1.64
CA SER GA 103 -67.51 -1.43 2.35
C SER GA 103 -67.74 -2.56 3.35
N GLU GA 104 -66.65 -3.02 3.96
CA GLU GA 104 -66.69 -4.02 5.02
C GLU GA 104 -66.36 -3.33 6.33
N TYR GA 105 -67.38 -3.08 7.15
CA TYR GA 105 -67.17 -2.42 8.43
C TYR GA 105 -66.56 -3.39 9.43
N SER GA 106 -65.83 -2.85 10.39
CA SER GA 106 -65.20 -3.65 11.43
C SER GA 106 -64.66 -2.73 12.50
N GLU GA 107 -64.67 -3.22 13.74
CA GLU GA 107 -64.03 -2.50 14.83
C GLU GA 107 -62.52 -2.51 14.64
N SER GA 108 -61.81 -1.83 15.53
CA SER GA 108 -60.35 -1.73 15.48
C SER GA 108 -59.89 -1.04 14.21
N SER GA 109 -60.76 -0.30 13.55
CA SER GA 109 -60.38 0.42 12.34
C SER GA 109 -59.33 1.46 12.68
N SER GA 110 -58.25 1.49 11.88
CA SER GA 110 -57.17 2.43 12.15
C SER GA 110 -57.61 3.88 12.00
N PHE GA 111 -58.72 4.13 11.30
CA PHE GA 111 -59.24 5.48 11.16
C PHE GA 111 -59.94 5.92 12.43
N LYS GA 112 -59.67 7.16 12.85
CA LYS GA 112 -60.27 7.74 14.04
C LYS GA 112 -60.85 9.10 13.68
N ASN GA 113 -62.11 9.32 14.04
CA ASN GA 113 -62.80 10.57 13.78
C ASN GA 113 -63.59 11.01 15.01
N THR GA 114 -62.99 10.85 16.18
CA THR GA 114 -63.65 11.28 17.41
C THR GA 114 -63.58 12.80 17.52
N GLU GA 115 -64.25 13.34 18.55
CA GLU GA 115 -64.27 14.79 18.72
C GLU GA 115 -62.95 15.34 19.22
N THR GA 116 -62.01 14.49 19.62
CA THR GA 116 -60.72 14.92 20.15
C THR GA 116 -59.57 14.71 19.18
N GLU GA 117 -59.62 13.69 18.33
CA GLU GA 117 -58.59 13.45 17.33
C GLU GA 117 -59.23 13.33 15.95
N LYS GA 118 -58.39 13.54 14.93
CA LYS GA 118 -58.81 13.52 13.54
C LYS GA 118 -57.81 12.72 12.72
N SER GA 119 -58.33 11.95 11.75
CA SER GA 119 -57.50 11.10 10.90
C SER GA 119 -57.69 11.50 9.45
N MET GA 120 -56.62 11.41 8.66
CA MET GA 120 -56.62 11.85 7.28
C MET GA 120 -55.77 10.92 6.43
N TYR GA 121 -56.09 10.86 5.14
CA TYR GA 121 -55.30 10.12 4.17
C TYR GA 121 -54.53 11.10 3.29
N THR GA 122 -53.29 10.74 2.97
CA THR GA 122 -52.43 11.53 2.11
C THR GA 122 -51.90 10.66 0.98
N SER GA 123 -51.78 11.25 -0.21
CA SER GA 123 -51.30 10.55 -1.39
C SER GA 123 -50.44 11.48 -2.22
N SER GA 124 -49.27 11.00 -2.62
CA SER GA 124 -48.36 11.76 -3.47
C SER GA 124 -48.15 10.97 -4.77
N ARG GA 125 -48.43 11.62 -5.89
CA ARG GA 125 -48.32 10.99 -7.20
C ARG GA 125 -47.23 11.70 -8.00
N TYR GA 126 -46.19 10.95 -8.35
CA TYR GA 126 -45.19 11.41 -9.30
C TYR GA 126 -45.68 11.05 -10.69
N LEU GA 127 -46.12 12.06 -11.44
CA LEU GA 127 -46.83 11.88 -12.69
C LEU GA 127 -45.92 12.19 -13.88
N PHE GA 128 -46.00 11.34 -14.90
CA PHE GA 128 -45.42 11.60 -16.21
C PHE GA 128 -46.60 11.51 -17.18
N PRO GA 129 -47.35 12.59 -17.37
CA PRO GA 129 -48.57 12.53 -18.16
C PRO GA 129 -48.33 12.70 -19.65
N GLN GA 130 -49.34 12.28 -20.42
CA GLN GA 130 -49.37 12.48 -21.86
C GLN GA 130 -50.58 13.25 -22.33
N GLY GA 131 -51.63 13.35 -21.53
CA GLY GA 131 -52.80 14.10 -21.90
C GLY GA 131 -54.00 13.69 -21.07
N ARG GA 132 -55.17 14.12 -21.52
CA ARG GA 132 -56.42 13.89 -20.81
C ARG GA 132 -57.51 13.60 -21.82
N ILE GA 133 -58.33 12.61 -21.51
CA ILE GA 133 -59.44 12.18 -22.36
C ILE GA 133 -60.75 12.49 -21.64
N ASP GA 134 -61.72 13.00 -22.38
CA ASP GA 134 -62.98 13.46 -21.83
C ASP GA 134 -64.14 12.84 -22.59
N PHE GA 135 -65.25 12.65 -21.87
CA PHE GA 135 -66.50 12.15 -22.45
C PHE GA 135 -67.60 13.17 -22.18
N THR GA 136 -68.61 13.16 -23.05
CA THR GA 136 -69.74 14.08 -22.94
C THR GA 136 -70.89 13.38 -22.24
N THR GA 137 -71.27 13.88 -21.08
CA THR GA 137 -72.44 13.32 -20.40
C THR GA 137 -73.72 13.86 -21.03
N PRO GA 138 -74.82 13.11 -20.92
CA PRO GA 138 -76.09 13.62 -21.47
C PRO GA 138 -76.51 14.94 -20.85
N ASP GA 139 -76.20 15.16 -19.57
CA ASP GA 139 -76.58 16.42 -18.93
C ASP GA 139 -75.86 17.62 -19.54
N SER GA 140 -74.71 17.41 -20.18
CA SER GA 140 -73.98 18.52 -20.77
C SER GA 140 -74.80 19.20 -21.86
N GLY GA 141 -75.50 18.42 -22.67
CA GLY GA 141 -76.35 18.96 -23.72
C GLY GA 141 -75.70 19.11 -25.07
N PHE GA 142 -74.48 18.64 -25.25
CA PHE GA 142 -73.81 18.74 -26.53
C PHE GA 142 -74.22 17.59 -27.44
N ASP GA 143 -73.79 17.67 -28.70
CA ASP GA 143 -74.27 16.74 -29.72
C ASP GA 143 -73.54 15.40 -29.70
N ASP GA 144 -72.37 15.32 -29.07
CA ASP GA 144 -71.57 14.10 -29.06
C ASP GA 144 -71.70 13.33 -27.74
N VAL GA 145 -72.90 13.31 -27.15
CA VAL GA 145 -73.09 12.61 -25.90
C VAL GA 145 -72.76 11.14 -26.06
N ILE GA 146 -72.35 10.52 -24.95
CA ILE GA 146 -72.14 9.08 -24.93
C ILE GA 146 -73.49 8.38 -24.93
N LYS GA 147 -73.56 7.24 -25.61
CA LYS GA 147 -74.80 6.49 -25.75
C LYS GA 147 -74.69 5.20 -24.95
N LEU GA 148 -75.61 5.01 -24.01
CA LEU GA 148 -75.62 3.79 -23.20
C LEU GA 148 -75.88 2.58 -24.09
N SER GA 149 -75.24 1.46 -23.74
CA SER GA 149 -75.35 0.27 -24.55
C SER GA 149 -76.79 -0.26 -24.52
N PRO GA 150 -77.28 -0.83 -25.63
CA PRO GA 150 -78.62 -1.42 -25.59
C PRO GA 150 -78.77 -2.50 -24.56
N GLN GA 151 -77.70 -3.25 -24.27
CA GLN GA 151 -77.79 -4.27 -23.24
C GLN GA 151 -78.08 -3.66 -21.88
N PHE GA 152 -77.38 -2.57 -21.53
CA PHE GA 152 -77.63 -1.91 -20.26
C PHE GA 152 -79.03 -1.31 -20.22
N THR GA 153 -79.45 -0.69 -21.32
CA THR GA 153 -80.79 -0.10 -21.34
C THR GA 153 -81.87 -1.17 -21.17
N SER GA 154 -81.71 -2.30 -21.86
CA SER GA 154 -82.67 -3.39 -21.73
C SER GA 154 -82.65 -3.97 -20.32
N GLY GA 155 -81.47 -4.07 -19.70
CA GLY GA 155 -81.41 -4.53 -18.32
C GLY GA 155 -82.16 -3.61 -17.39
N VAL GA 156 -81.98 -2.30 -17.55
CA VAL GA 156 -82.70 -1.34 -16.71
C VAL GA 156 -84.21 -1.48 -16.92
N GLN GA 157 -84.64 -1.60 -18.18
CA GLN GA 157 -86.06 -1.75 -18.46
C GLN GA 157 -86.62 -3.01 -17.81
N ALA GA 158 -85.90 -4.13 -17.94
CA ALA GA 158 -86.36 -5.38 -17.34
C ALA GA 158 -86.43 -5.26 -15.83
N ALA GA 159 -85.44 -4.62 -15.21
CA ALA GA 159 -85.46 -4.43 -13.76
C ALA GA 159 -86.68 -3.62 -13.34
N LEU GA 160 -86.97 -2.54 -14.07
CA LEU GA 160 -88.09 -1.68 -13.71
C LEU GA 160 -89.44 -2.28 -14.10
N ALA GA 161 -89.47 -3.33 -14.92
CA ALA GA 161 -90.72 -3.95 -15.33
C ALA GA 161 -91.16 -5.08 -14.41
N LYS GA 162 -90.46 -5.29 -13.30
CA LYS GA 162 -90.80 -6.38 -12.40
C LYS GA 162 -92.09 -6.08 -11.63
N ALA GA 163 -92.67 -7.14 -11.08
CA ALA GA 163 -94.01 -7.03 -10.50
C ALA GA 163 -94.02 -6.19 -9.23
N THR GA 164 -93.08 -6.43 -8.33
CA THR GA 164 -93.10 -5.82 -7.00
C THR GA 164 -91.90 -4.91 -6.82
N GLY GA 165 -92.05 -3.94 -5.90
CA GLY GA 165 -90.98 -3.00 -5.64
C GLY GA 165 -89.72 -3.68 -5.12
N THR GA 166 -89.89 -4.71 -4.27
CA THR GA 166 -88.73 -5.44 -3.78
C THR GA 166 -87.98 -6.11 -4.91
N GLU GA 167 -88.71 -6.74 -5.84
CA GLU GA 167 -88.07 -7.37 -6.99
C GLU GA 167 -87.38 -6.33 -7.86
N LYS GA 168 -88.02 -5.18 -8.06
CA LYS GA 168 -87.39 -4.12 -8.85
C LYS GA 168 -86.08 -3.68 -8.20
N ARG GA 169 -86.10 -3.48 -6.88
CA ARG GA 169 -84.90 -3.04 -6.19
C ARG GA 169 -83.80 -4.10 -6.26
N GLU GA 170 -84.17 -5.37 -6.10
CA GLU GA 170 -83.18 -6.44 -6.21
C GLU GA 170 -82.57 -6.48 -7.60
N ALA GA 171 -83.40 -6.35 -8.64
CA ALA GA 171 -82.89 -6.34 -10.01
C ALA GA 171 -81.96 -5.16 -10.24
N LEU GA 172 -82.34 -3.98 -9.74
CA LEU GA 172 -81.48 -2.81 -9.89
C LEU GA 172 -80.16 -3.01 -9.16
N GLN GA 173 -80.20 -3.58 -7.96
CA GLN GA 173 -78.98 -3.83 -7.22
C GLN GA 173 -78.06 -4.78 -7.98
N ASN GA 174 -78.61 -5.86 -8.53
CA ASN GA 174 -77.79 -6.78 -9.31
C ASN GA 174 -77.23 -6.09 -10.54
N LEU GA 175 -78.06 -5.31 -11.24
CA LEU GA 175 -77.61 -4.63 -12.45
C LEU GA 175 -76.47 -3.68 -12.16
N PHE GA 176 -76.58 -2.91 -11.07
CA PHE GA 176 -75.52 -1.97 -10.75
C PHE GA 176 -74.28 -2.66 -10.22
N GLN GA 177 -74.44 -3.77 -9.49
CA GLN GA 177 -73.27 -4.54 -9.08
C GLN GA 177 -72.54 -5.13 -10.28
N GLU GA 178 -73.27 -5.40 -11.36
CA GLU GA 178 -72.63 -5.97 -12.54
C GLU GA 178 -72.01 -4.90 -13.44
N TYR GA 179 -72.73 -3.80 -13.67
CA TYR GA 179 -72.32 -2.80 -14.65
C TYR GA 179 -71.55 -1.62 -14.05
N GLY GA 180 -71.49 -1.50 -12.74
CA GLY GA 180 -70.81 -0.40 -12.10
C GLY GA 180 -71.77 0.61 -11.48
N HIS GA 181 -71.20 1.50 -10.68
CA HIS GA 181 -71.94 2.57 -10.02
C HIS GA 181 -71.63 3.95 -10.56
N VAL GA 182 -70.42 4.19 -11.07
CA VAL GA 182 -70.05 5.46 -11.64
C VAL GA 182 -69.29 5.21 -12.95
N PHE GA 183 -69.18 6.27 -13.75
CA PHE GA 183 -68.48 6.23 -15.03
C PHE GA 183 -67.46 7.35 -15.05
N ARG GA 184 -66.23 7.04 -15.43
CA ARG GA 184 -65.17 8.03 -15.46
C ARG GA 184 -65.32 8.89 -16.69
N THR GA 185 -65.60 10.18 -16.50
CA THR GA 185 -65.81 11.10 -17.61
C THR GA 185 -64.55 11.85 -18.02
N LYS GA 186 -63.59 12.02 -17.12
CA LYS GA 186 -62.32 12.67 -17.45
C LYS GA 186 -61.19 11.88 -16.83
N VAL GA 187 -60.27 11.41 -17.66
CA VAL GA 187 -59.19 10.55 -17.21
C VAL GA 187 -57.88 11.02 -17.82
N HIS GA 188 -56.83 11.07 -17.00
CA HIS GA 188 -55.50 11.45 -17.47
C HIS GA 188 -54.74 10.19 -17.87
N ILE GA 189 -53.93 10.32 -18.91
CA ILE GA 189 -53.17 9.20 -19.45
C ILE GA 189 -51.69 9.44 -19.18
N GLY GA 190 -50.93 8.36 -19.08
CA GLY GA 190 -49.50 8.45 -18.85
C GLY GA 190 -48.99 7.43 -17.85
N GLY GA 191 -48.01 7.82 -17.05
CA GLY GA 191 -47.47 6.97 -16.02
C GLY GA 191 -47.47 7.67 -14.68
N VAL GA 192 -47.46 6.87 -13.62
CA VAL GA 192 -47.55 7.44 -12.27
C VAL GA 192 -46.94 6.49 -11.25
N LEU GA 193 -46.15 7.06 -10.34
CA LEU GA 193 -45.69 6.37 -9.14
C LEU GA 193 -46.39 6.99 -7.95
N SER GA 194 -47.18 6.19 -7.23
CA SER GA 194 -48.02 6.71 -6.16
C SER GA 194 -47.55 6.18 -4.81
N ALA GA 195 -47.58 7.06 -3.80
CA ALA GA 195 -47.27 6.68 -2.43
C ALA GA 195 -48.38 7.19 -1.53
N HIS GA 196 -48.97 6.31 -0.73
CA HIS GA 196 -50.14 6.64 0.08
C HIS GA 196 -49.89 6.30 1.53
N THR GA 197 -50.52 7.09 2.42
CA THR GA 197 -50.36 6.88 3.85
C THR GA 197 -51.58 7.47 4.56
N MET GA 198 -51.69 7.15 5.85
CA MET GA 198 -52.71 7.72 6.70
C MET GA 198 -52.08 8.21 8.00
N GLU GA 199 -52.64 9.29 8.55
CA GLU GA 199 -52.10 9.88 9.77
C GLU GA 199 -53.25 10.32 10.67
N THR GA 200 -53.11 10.02 11.96
CA THR GA 200 -54.05 10.45 12.98
C THR GA 200 -53.35 11.40 13.93
N PHE GA 201 -54.05 12.48 14.31
CA PHE GA 201 -53.44 13.50 15.16
C PHE GA 201 -54.53 14.22 15.93
N SER GA 202 -54.15 14.73 17.10
CA SER GA 202 -55.10 15.45 17.93
C SER GA 202 -55.59 16.70 17.21
N ARG GA 203 -56.87 17.01 17.38
CA ARG GA 203 -57.45 18.19 16.75
C ARG GA 203 -56.82 19.47 17.25
N SER GA 204 -56.22 19.44 18.45
CA SER GA 204 -55.59 20.65 18.98
C SER GA 204 -54.35 21.03 18.17
N GLU GA 205 -53.65 20.05 17.60
CA GLU GA 205 -52.44 20.33 16.85
C GLU GA 205 -52.75 21.15 15.60
N ASN GA 206 -51.77 21.93 15.17
CA ASN GA 206 -51.93 22.75 13.98
C ASN GA 206 -52.09 21.86 12.74
N GLU GA 207 -53.29 21.91 12.15
CA GLU GA 207 -53.55 21.07 11.00
C GLU GA 207 -52.70 21.45 9.80
N THR GA 208 -52.40 22.73 9.64
CA THR GA 208 -51.62 23.22 8.51
C THR GA 208 -50.13 23.07 8.74
N GLU GA 209 -49.74 22.45 9.84
CA GLU GA 209 -48.39 21.98 10.05
C GLU GA 209 -48.29 20.47 9.97
N VAL GA 210 -49.30 19.75 10.48
CA VAL GA 210 -49.33 18.30 10.28
C VAL GA 210 -49.41 17.98 8.80
N LYS GA 211 -50.27 18.69 8.06
CA LYS GA 211 -50.40 18.43 6.64
C LYS GA 211 -49.10 18.72 5.91
N GLN GA 212 -48.46 19.84 6.22
CA GLN GA 212 -47.21 20.20 5.54
C GLN GA 212 -46.12 19.17 5.82
N ASP GA 213 -45.99 18.75 7.09
CA ASP GA 213 -44.96 17.77 7.43
C ASP GA 213 -45.20 16.45 6.71
N VAL GA 214 -46.45 15.97 6.72
CA VAL GA 214 -46.75 14.71 6.05
C VAL GA 214 -46.50 14.82 4.56
N LYS GA 215 -46.91 15.95 3.96
CA LYS GA 215 -46.70 16.14 2.53
C LYS GA 215 -45.21 16.14 2.19
N ALA GA 216 -44.40 16.83 2.98
CA ALA GA 216 -42.97 16.86 2.70
C ALA GA 216 -42.38 15.46 2.79
N GLY GA 217 -42.73 14.71 3.83
CA GLY GA 217 -42.19 13.37 3.96
C GLY GA 217 -42.58 12.47 2.81
N LEU GA 218 -43.87 12.48 2.46
CA LEU GA 218 -44.35 11.62 1.38
C LEU GA 218 -43.77 12.02 0.03
N GLU GA 219 -43.63 13.33 -0.21
CA GLU GA 219 -43.04 13.78 -1.46
C GLU GA 219 -41.58 13.36 -1.55
N GLY GA 220 -40.82 13.49 -0.47
CA GLY GA 220 -39.46 12.97 -0.48
C GLY GA 220 -39.42 11.48 -0.73
N ALA GA 221 -40.39 10.74 -0.19
CA ALA GA 221 -40.40 9.29 -0.38
C ALA GA 221 -40.66 8.93 -1.84
N VAL GA 222 -41.64 9.58 -2.46
CA VAL GA 222 -41.93 9.30 -3.88
C VAL GA 222 -40.82 9.82 -4.78
N LYS GA 223 -40.01 10.77 -4.41
CA LYS GA 223 -38.92 11.20 -5.30
C LYS GA 223 -37.77 10.25 -5.32
N GLY GA 224 -37.74 9.32 -4.38
CA GLY GA 224 -36.66 8.34 -4.30
C GLY GA 224 -37.16 7.01 -4.79
N TRP GA 225 -38.38 6.97 -5.28
CA TRP GA 225 -38.95 5.73 -5.78
C TRP GA 225 -39.84 6.02 -6.98
N GLN GA 237 -38.55 1.59 0.81
CA GLN GA 237 -38.74 1.84 2.24
C GLN GA 237 -40.23 1.90 2.57
N GLY GA 238 -40.71 0.93 3.34
CA GLY GA 238 -42.11 0.90 3.69
C GLY GA 238 -42.51 1.87 4.78
N THR GA 239 -41.53 2.45 5.46
CA THR GA 239 -41.78 3.33 6.60
C THR GA 239 -40.96 4.60 6.47
N ILE GA 240 -41.55 5.72 6.86
CA ILE GA 240 -40.95 7.04 6.69
C ILE GA 240 -41.00 7.78 8.02
N THR GA 241 -39.97 8.58 8.29
CA THR GA 241 -39.92 9.46 9.44
C THR GA 241 -39.93 10.89 8.94
N THR GA 242 -40.89 11.69 9.41
CA THR GA 242 -41.04 13.06 8.96
C THR GA 242 -40.18 14.00 9.81
N SER GA 243 -40.28 15.31 9.51
CA SER GA 243 -39.52 16.30 10.27
C SER GA 243 -39.99 16.33 11.72
N GLN GA 244 -41.29 16.23 11.96
CA GLN GA 244 -41.83 16.21 13.31
C GLN GA 244 -41.68 14.85 13.98
N ASN GA 245 -40.82 13.98 13.45
CA ASN GA 245 -40.59 12.64 14.00
C ASN GA 245 -41.85 11.79 13.95
N ARG GA 246 -42.75 12.09 13.01
CA ARG GA 246 -43.93 11.26 12.81
C ARG GA 246 -43.55 10.02 12.00
N LYS GA 247 -44.05 8.87 12.42
CA LYS GA 247 -43.78 7.60 11.76
C LYS GA 247 -44.96 7.24 10.86
N LEU GA 248 -44.70 7.10 9.57
CA LEU GA 248 -45.74 6.86 8.57
C LEU GA 248 -45.47 5.56 7.84
N ASN GA 249 -46.53 4.77 7.64
CA ASN GA 249 -46.47 3.59 6.79
C ASN GA 249 -46.93 3.96 5.39
N VAL GA 250 -46.11 3.64 4.38
CA VAL GA 250 -46.34 4.09 3.01
C VAL GA 250 -46.59 2.89 2.13
N LYS GA 251 -47.65 2.96 1.33
CA LYS GA 251 -47.96 1.95 0.32
C LYS GA 251 -47.60 2.51 -1.04
N TYR GA 252 -46.82 1.76 -1.82
CA TYR GA 252 -46.33 2.20 -3.12
C TYR GA 252 -47.05 1.46 -4.23
N ILE GA 253 -47.39 2.21 -5.28
CA ILE GA 253 -48.04 1.66 -6.47
C ILE GA 253 -47.27 2.15 -7.69
N VAL GA 254 -46.94 1.23 -8.59
CA VAL GA 254 -46.17 1.52 -9.79
C VAL GA 254 -47.10 1.38 -11.00
N ASN GA 255 -47.21 2.43 -11.80
CA ASN GA 255 -47.98 2.42 -13.03
C ASN GA 255 -47.17 3.13 -14.10
N VAL GA 256 -45.93 2.68 -14.31
CA VAL GA 256 -45.06 3.25 -15.32
C VAL GA 256 -44.16 2.14 -15.85
N VAL GA 257 -43.89 2.20 -17.15
CA VAL GA 257 -43.00 1.23 -17.79
C VAL GA 257 -42.15 1.94 -18.83
N GLN GA 274 -43.21 4.77 -25.18
CA GLN GA 274 -44.00 3.94 -26.08
C GLN GA 274 -45.47 4.02 -25.71
N SER GA 275 -46.33 4.20 -26.73
CA SER GA 275 -47.74 4.46 -26.49
C SER GA 275 -48.51 3.23 -26.03
N GLU GA 276 -47.99 2.03 -26.22
CA GLU GA 276 -48.73 0.83 -25.84
C GLU GA 276 -48.79 0.64 -24.33
N HIS GA 277 -47.91 1.30 -23.58
CA HIS GA 277 -47.84 1.13 -22.13
C HIS GA 277 -48.49 2.29 -21.37
N TRP GA 278 -49.17 3.19 -22.06
CA TRP GA 278 -49.86 4.29 -21.37
C TRP GA 278 -51.09 3.78 -20.66
N ARG GA 279 -51.30 4.26 -19.43
CA ARG GA 279 -52.41 3.82 -18.60
C ARG GA 279 -53.02 5.02 -17.91
N VAL GA 280 -54.23 4.84 -17.39
CA VAL GA 280 -54.91 5.91 -16.66
C VAL GA 280 -54.17 6.18 -15.36
N ILE GA 281 -53.83 7.43 -15.12
CA ILE GA 281 -53.06 7.83 -13.95
C ILE GA 281 -53.86 8.69 -12.98
N GLU GA 282 -55.03 9.19 -13.37
CA GLU GA 282 -55.82 10.05 -12.50
C GLU GA 282 -57.21 10.20 -13.07
N VAL GA 283 -58.21 10.28 -12.19
CA VAL GA 283 -59.59 10.47 -12.57
C VAL GA 283 -60.02 11.84 -12.08
N THR GA 284 -60.34 12.74 -13.01
CA THR GA 284 -60.69 14.11 -12.66
C THR GA 284 -62.19 14.31 -12.48
N GLU GA 285 -63.02 13.43 -13.04
CA GLU GA 285 -64.46 13.58 -12.93
C GLU GA 285 -65.11 12.23 -13.13
N VAL GA 286 -66.13 11.94 -12.32
CA VAL GA 286 -66.95 10.76 -12.46
C VAL GA 286 -68.41 11.18 -12.34
N THR GA 287 -69.28 10.44 -13.04
CA THR GA 287 -70.72 10.70 -13.03
C THR GA 287 -71.44 9.41 -12.68
N ALA GA 288 -72.39 9.49 -11.75
CA ALA GA 288 -73.14 8.31 -11.35
C ALA GA 288 -73.81 7.67 -12.56
N VAL GA 289 -73.75 6.35 -12.64
CA VAL GA 289 -74.30 5.64 -13.77
C VAL GA 289 -75.79 5.93 -13.91
N ALA GA 290 -76.50 6.04 -12.78
CA ALA GA 290 -77.92 6.38 -12.83
C ALA GA 290 -78.15 7.70 -13.54
N ASP GA 291 -77.25 8.68 -13.34
CA ASP GA 291 -77.43 9.99 -13.95
C ASP GA 291 -77.38 9.93 -15.47
N LEU GA 292 -76.82 8.87 -16.06
CA LEU GA 292 -76.70 8.78 -17.50
C LEU GA 292 -78.00 8.40 -18.19
N LEU GA 293 -79.00 7.93 -17.44
CA LEU GA 293 -80.26 7.50 -18.03
C LEU GA 293 -81.14 8.68 -18.39
N PRO GA 294 -82.11 8.48 -19.29
CA PRO GA 294 -83.07 9.56 -19.59
C PRO GA 294 -83.86 9.92 -18.34
N GLN GA 295 -84.27 11.18 -18.27
CA GLN GA 295 -84.83 11.72 -17.03
C GLN GA 295 -85.99 10.89 -16.47
N PRO GA 296 -87.00 10.49 -17.25
CA PRO GA 296 -88.11 9.75 -16.65
C PRO GA 296 -87.69 8.46 -15.98
N ILE GA 297 -86.72 7.75 -16.55
CA ILE GA 297 -86.24 6.52 -15.94
C ILE GA 297 -85.25 6.82 -14.82
N ARG GA 298 -84.47 7.90 -14.95
CA ARG GA 298 -83.53 8.28 -13.92
C ARG GA 298 -84.24 8.59 -12.61
N GLY GA 299 -85.36 9.31 -12.70
CA GLY GA 299 -86.10 9.61 -11.49
C GLY GA 299 -86.56 8.35 -10.77
N GLN GA 300 -87.13 7.41 -11.52
CA GLN GA 300 -87.60 6.17 -10.92
C GLN GA 300 -86.45 5.38 -10.31
N VAL GA 301 -85.32 5.30 -11.02
CA VAL GA 301 -84.19 4.54 -10.50
C VAL GA 301 -83.66 5.17 -9.22
N LYS GA 302 -83.52 6.49 -9.21
CA LYS GA 302 -83.03 7.17 -8.02
C LYS GA 302 -83.97 6.96 -6.84
N ASP GA 303 -85.29 7.04 -7.09
CA ASP GA 303 -86.24 6.81 -6.00
C ASP GA 303 -86.17 5.37 -5.51
N LEU GA 304 -86.03 4.41 -6.43
CA LEU GA 304 -86.00 3.00 -6.03
C LEU GA 304 -84.71 2.64 -5.30
N LEU GA 305 -83.64 3.38 -5.52
CA LEU GA 305 -82.37 3.08 -4.86
C LEU GA 305 -82.28 3.62 -3.44
N LYS GA 306 -83.31 4.30 -2.95
CA LYS GA 306 -83.27 4.84 -1.60
C LYS GA 306 -83.38 3.73 -0.57
N PRO GA 307 -82.43 3.62 0.38
CA PRO GA 307 -82.46 2.47 1.30
C PRO GA 307 -83.71 2.35 2.15
N LEU GA 308 -84.30 3.46 2.58
CA LEU GA 308 -85.34 3.44 3.61
C LEU GA 308 -86.62 4.09 3.11
N LEU GA 309 -87.75 3.54 3.55
CA LEU GA 309 -89.05 4.17 3.36
C LEU GA 309 -89.45 4.87 4.66
N GLY GA 310 -89.83 6.14 4.55
CA GLY GA 310 -90.13 6.95 5.72
C GLY GA 310 -91.60 7.19 5.95
N LYS GA 311 -91.94 7.53 7.20
CA LYS GA 311 -93.31 7.82 7.58
C LYS GA 311 -93.31 8.73 8.80
N TRP GA 312 -94.33 9.58 8.89
CA TRP GA 312 -94.51 10.47 10.03
C TRP GA 312 -95.68 9.96 10.87
N VAL GA 313 -95.45 9.88 12.18
CA VAL GA 313 -96.47 9.37 13.11
C VAL GA 313 -96.56 10.30 14.31
N ASP GA 314 -97.66 10.16 15.05
CA ASP GA 314 -97.87 10.96 16.24
C ASP GA 314 -96.89 10.54 17.35
N VAL GA 315 -96.78 11.41 18.37
CA VAL GA 315 -95.84 11.20 19.46
C VAL GA 315 -96.57 11.32 20.78
N GLU GA 316 -95.95 10.77 21.82
CA GLU GA 316 -96.50 10.76 23.17
C GLU GA 316 -95.39 11.13 24.15
N LYS GA 317 -95.76 11.83 25.22
CA LYS GA 317 -94.79 12.25 26.22
C LYS GA 317 -94.40 11.07 27.10
N VAL GA 318 -93.10 10.87 27.28
CA VAL GA 318 -92.60 9.76 28.11
C VAL GA 318 -92.96 10.04 29.56
N PRO GA 319 -93.58 9.10 30.28
CA PRO GA 319 -93.88 9.35 31.70
C PRO GA 319 -92.60 9.47 32.51
N GLY GA 320 -92.69 10.27 33.58
CA GLY GA 320 -91.53 10.51 34.41
C GLY GA 320 -90.55 11.47 33.76
N LEU GA 321 -89.32 11.43 34.25
CA LEU GA 321 -88.26 12.28 33.74
C LEU GA 321 -88.60 13.77 33.90
N GLU GA 322 -89.29 14.11 34.98
CA GLU GA 322 -89.66 15.50 35.22
C GLU GA 322 -88.46 16.36 35.60
N SER GA 323 -87.35 15.74 36.02
CA SER GA 323 -86.17 16.50 36.39
C SER GA 323 -85.51 17.15 35.18
N LEU GA 324 -85.63 16.54 34.01
CA LEU GA 324 -84.90 17.01 32.84
C LEU GA 324 -85.50 18.32 32.34
N PRO GA 325 -84.67 19.24 31.83
CA PRO GA 325 -85.20 20.56 31.42
C PRO GA 325 -86.23 20.50 30.31
N VAL GA 326 -86.21 19.47 29.47
CA VAL GA 326 -87.09 19.39 28.31
C VAL GA 326 -87.82 18.06 28.32
N SER GA 327 -88.98 18.04 27.67
CA SER GA 327 -89.78 16.84 27.58
C SER GA 327 -89.19 15.87 26.57
N VAL GA 328 -89.43 14.58 26.80
CA VAL GA 328 -88.96 13.51 25.91
C VAL GA 328 -90.19 12.88 25.28
N TYR GA 329 -90.12 12.66 23.96
CA TYR GA 329 -91.23 12.12 23.19
C TYR GA 329 -90.80 10.86 22.46
N ARG GA 330 -91.71 9.90 22.39
CA ARG GA 330 -91.52 8.64 21.69
C ARG GA 330 -92.73 8.37 20.82
N PRO GA 331 -92.59 7.56 19.77
CA PRO GA 331 -93.75 7.28 18.92
C PRO GA 331 -94.91 6.74 19.74
N LYS GA 332 -96.10 7.28 19.47
CA LYS GA 332 -97.29 6.88 20.21
C LYS GA 332 -97.89 5.60 19.64
N GLY GA 333 -98.47 4.80 20.53
CA GLY GA 333 -99.11 3.57 20.11
C GLY GA 333 -98.10 2.51 19.70
N ALA GA 334 -98.63 1.45 19.09
CA ALA GA 334 -97.81 0.34 18.63
C ALA GA 334 -97.22 0.67 17.26
N ILE GA 335 -95.93 0.40 17.10
CA ILE GA 335 -95.29 0.62 15.80
C ILE GA 335 -95.88 -0.34 14.78
N PRO GA 336 -96.19 0.10 13.55
CA PRO GA 336 -96.70 -0.84 12.55
C PRO GA 336 -95.69 -1.94 12.29
N ALA GA 337 -96.22 -3.14 12.02
CA ALA GA 337 -95.35 -4.30 11.80
C ALA GA 337 -94.38 -4.03 10.65
N GLY GA 338 -93.11 -4.34 10.89
CA GLY GA 338 -92.07 -4.15 9.90
C GLY GA 338 -91.41 -2.80 9.91
N TRP GA 339 -91.91 -1.86 10.70
CA TRP GA 339 -91.36 -0.52 10.80
C TRP GA 339 -90.58 -0.36 12.11
N PHE GA 340 -89.67 0.60 12.12
CA PHE GA 340 -88.81 0.85 13.26
C PHE GA 340 -88.66 2.35 13.48
N TRP GA 341 -88.29 2.73 14.69
CA TRP GA 341 -88.02 4.11 15.04
C TRP GA 341 -86.55 4.26 15.43
N LEU GA 342 -86.09 5.52 15.46
CA LEU GA 342 -84.67 5.81 15.57
C LEU GA 342 -84.22 6.29 16.95
N GLY GA 343 -85.12 6.75 17.79
CA GLY GA 343 -84.76 7.14 19.14
C GLY GA 343 -85.69 8.23 19.66
N ASP GA 344 -85.42 8.61 20.91
CA ASP GA 344 -86.22 9.64 21.56
C ASP GA 344 -85.88 11.01 21.00
N THR GA 345 -86.91 11.86 20.89
CA THR GA 345 -86.74 13.19 20.32
C THR GA 345 -87.46 14.21 21.20
N ALA GA 346 -86.99 15.45 21.13
CA ALA GA 346 -87.61 16.55 21.85
C ALA GA 346 -88.73 17.20 21.06
N ASP GA 347 -88.96 16.78 19.82
CA ASP GA 347 -90.04 17.35 19.03
C ASP GA 347 -91.38 16.87 19.56
N ALA GA 348 -92.30 17.79 19.78
CA ALA GA 348 -93.61 17.48 20.33
C ALA GA 348 -94.67 17.26 19.27
N SER GA 349 -94.31 17.26 17.99
CA SER GA 349 -95.27 17.18 16.89
C SER GA 349 -95.34 15.80 16.27
N LYS GA 350 -94.21 15.24 15.85
CA LYS GA 350 -94.24 13.99 15.08
C LYS GA 350 -92.92 13.26 15.27
N ALA GA 351 -92.95 11.98 14.91
CA ALA GA 351 -91.77 11.11 14.93
C ALA GA 351 -91.64 10.39 13.60
N LEU GA 352 -90.40 10.08 13.25
CA LEU GA 352 -90.07 9.47 11.96
C LEU GA 352 -89.89 7.97 12.14
N LEU GA 353 -90.68 7.19 11.41
CA LEU GA 353 -90.50 5.75 11.30
C LEU GA 353 -89.86 5.42 9.96
N VAL GA 354 -89.00 4.41 9.96
CA VAL GA 354 -88.30 3.99 8.76
C VAL GA 354 -88.48 2.48 8.58
N LYS GA 355 -88.41 2.05 7.32
CA LYS GA 355 -88.55 0.63 6.98
C LYS GA 355 -87.50 0.29 5.92
N PRO GA 356 -86.75 -0.80 6.10
CA PRO GA 356 -85.80 -1.20 5.06
C PRO GA 356 -86.49 -1.54 3.76
N THR GA 357 -85.80 -1.26 2.65
CA THR GA 357 -86.33 -1.56 1.33
C THR GA 357 -85.80 -2.88 0.76
N LEU GA 358 -84.57 -3.27 1.10
CA LEU GA 358 -83.96 -4.48 0.59
C LEU GA 358 -83.93 -5.55 1.68
N PRO GA 359 -84.37 -6.78 1.39
CA PRO GA 359 -84.27 -7.83 2.41
C PRO GA 359 -82.82 -8.10 2.80
N ALA GA 360 -82.63 -8.50 4.06
CA ALA GA 360 -81.29 -8.82 4.54
C ALA GA 360 -80.74 -10.01 3.76
N ARG GA 361 -79.49 -9.87 3.30
CA ARG GA 361 -78.83 -10.92 2.53
C ARG GA 361 -77.35 -10.97 2.91
N SER GA 362 -76.77 -12.15 2.80
CA SER GA 362 -75.36 -12.32 3.13
C SER GA 362 -74.50 -11.48 2.18
N GLY GA 363 -73.45 -10.89 2.73
CA GLY GA 363 -72.54 -10.06 1.96
C GLY GA 363 -73.04 -8.67 1.65
N ARG GA 364 -74.21 -8.28 2.18
CA ARG GA 364 -74.79 -6.97 1.95
C ARG GA 364 -75.01 -6.29 3.29
N ASN GA 365 -74.56 -5.06 3.42
CA ASN GA 365 -74.72 -4.32 4.67
C ASN GA 365 -76.18 -3.97 4.88
N PRO GA 366 -76.82 -4.39 5.98
CA PRO GA 366 -78.19 -3.96 6.25
C PRO GA 366 -78.25 -2.45 6.47
N ALA GA 367 -79.38 -1.86 6.11
CA ALA GA 367 -79.57 -0.44 6.34
C ALA GA 367 -79.70 -0.12 7.82
N LEU GA 368 -80.24 -1.06 8.61
CA LEU GA 368 -80.48 -0.87 10.03
C LEU GA 368 -79.89 -2.04 10.81
N THR GA 369 -79.62 -1.79 12.08
CA THR GA 369 -79.06 -2.80 12.97
C THR GA 369 -79.86 -2.87 14.26
N SER GA 370 -79.96 -4.07 14.81
CA SER GA 370 -80.55 -4.24 16.13
C SER GA 370 -79.59 -3.74 17.20
N LEU GA 371 -80.13 -3.47 18.38
CA LEU GA 371 -79.36 -3.00 19.51
C LEU GA 371 -79.48 -3.99 20.67
N HIS GA 372 -78.40 -4.10 21.45
CA HIS GA 372 -78.32 -5.07 22.53
C HIS GA 372 -77.98 -4.34 23.83
N GLN GA 373 -78.43 -4.92 24.94
CA GLN GA 373 -78.21 -4.30 26.24
C GLN GA 373 -76.72 -4.26 26.57
N GLY GA 374 -76.32 -3.21 27.27
CA GLY GA 374 -74.91 -3.04 27.59
C GLY GA 374 -74.39 -4.14 28.50
N SER GA 375 -73.06 -4.23 28.56
CA SER GA 375 -72.43 -5.30 29.33
C SER GA 375 -72.70 -5.14 30.82
N GLY GA 376 -72.50 -3.94 31.37
CA GLY GA 376 -72.69 -3.72 32.78
C GLY GA 376 -72.69 -2.26 33.21
N MET GA 377 -73.38 -1.97 34.30
CA MET GA 377 -73.44 -0.62 34.86
C MET GA 377 -73.88 0.40 33.81
N THR GA 378 -74.87 0.02 33.00
CA THR GA 378 -75.43 0.92 32.01
C THR GA 378 -76.69 0.31 31.44
N GLU GA 379 -77.72 1.14 31.29
CA GLU GA 379 -78.97 0.74 30.66
C GLU GA 379 -79.05 1.18 29.20
N GLN GA 380 -77.98 1.77 28.66
CA GLN GA 380 -78.00 2.24 27.30
C GLN GA 380 -77.78 1.09 26.32
N PRO GA 381 -78.26 1.22 25.09
CA PRO GA 381 -78.05 0.17 24.09
C PRO GA 381 -76.74 0.34 23.33
N PHE GA 382 -76.33 -0.76 22.70
CA PHE GA 382 -75.12 -0.79 21.89
C PHE GA 382 -75.46 -1.35 20.51
N VAL GA 383 -74.82 -0.81 19.48
CA VAL GA 383 -75.09 -1.27 18.12
C VAL GA 383 -74.56 -2.68 17.93
N ASP GA 384 -75.40 -3.55 17.36
CA ASP GA 384 -74.99 -4.93 17.12
C ASP GA 384 -73.84 -4.99 16.11
N LEU GA 385 -73.91 -4.19 15.06
CA LEU GA 385 -72.91 -4.26 13.99
C LEU GA 385 -71.82 -3.22 14.21
N PRO GA 386 -70.62 -3.48 13.67
CA PRO GA 386 -69.44 -2.71 14.08
C PRO GA 386 -69.58 -1.20 14.06
N GLN GA 387 -69.87 -0.61 12.90
CA GLN GA 387 -69.71 0.83 12.71
C GLN GA 387 -71.03 1.53 12.46
N TYR GA 388 -72.13 1.01 13.00
CA TYR GA 388 -73.41 1.69 12.88
C TYR GA 388 -73.60 2.63 14.06
N GLN GA 389 -74.58 3.53 13.94
CA GLN GA 389 -74.83 4.55 14.95
C GLN GA 389 -76.31 4.81 15.09
N TYR GA 390 -76.75 5.07 16.32
CA TYR GA 390 -78.09 5.55 16.60
C TYR GA 390 -78.02 7.01 17.00
N LEU GA 391 -79.16 7.70 16.92
CA LEU GA 391 -79.19 9.14 17.01
C LEU GA 391 -79.48 9.68 18.41
N SER GA 392 -80.14 8.90 19.27
CA SER GA 392 -80.56 9.38 20.57
C SER GA 392 -80.22 8.36 21.65
N THR GA 393 -79.88 8.86 22.83
CA THR GA 393 -79.70 8.00 23.99
C THR GA 393 -81.07 7.56 24.51
N TYR GA 394 -81.11 6.35 25.06
CA TYR GA 394 -82.35 5.79 25.56
C TYR GA 394 -82.65 6.37 26.95
N PHE GA 395 -83.83 6.96 27.10
CA PHE GA 395 -84.26 7.53 28.37
C PHE GA 395 -85.14 6.50 29.09
N GLY GA 396 -84.47 5.59 29.77
CA GLY GA 396 -85.15 4.51 30.48
C GLY GA 396 -84.26 3.28 30.51
N SER GA 397 -84.90 2.12 30.60
CA SER GA 397 -84.22 0.83 30.59
C SER GA 397 -84.48 0.15 29.26
N PHE GA 398 -83.42 -0.17 28.53
CA PHE GA 398 -83.53 -0.75 27.20
C PHE GA 398 -83.58 -2.26 27.31
N ALA GA 399 -84.64 -2.86 26.77
CA ALA GA 399 -84.80 -4.30 26.68
C ALA GA 399 -85.18 -4.65 25.25
N HIS GA 400 -84.24 -5.25 24.52
CA HIS GA 400 -84.45 -5.52 23.10
C HIS GA 400 -85.52 -6.58 22.85
N ASP GA 401 -85.96 -7.31 23.88
CA ASP GA 401 -86.95 -8.35 23.73
C ASP GA 401 -88.39 -7.86 23.85
N THR GA 402 -88.60 -6.62 24.25
CA THR GA 402 -89.94 -6.08 24.44
C THR GA 402 -90.03 -4.69 23.83
N PRO GA 403 -91.22 -4.27 23.42
CA PRO GA 403 -91.38 -2.94 22.83
C PRO GA 403 -91.32 -1.86 23.90
N PRO GA 404 -90.96 -0.63 23.55
CA PRO GA 404 -90.57 -0.16 22.20
C PRO GA 404 -89.09 -0.40 21.92
N GLY GA 405 -88.39 -1.07 22.82
CA GLY GA 405 -86.98 -1.34 22.59
C GLY GA 405 -86.74 -2.27 21.41
N SER GA 406 -87.62 -3.25 21.22
CA SER GA 406 -87.45 -4.21 20.14
C SER GA 406 -87.55 -3.57 18.76
N THR GA 407 -88.09 -2.35 18.67
CA THR GA 407 -88.23 -1.66 17.40
C THR GA 407 -87.24 -0.51 17.24
N LEU GA 408 -86.26 -0.39 18.13
CA LEU GA 408 -85.24 0.64 18.02
C LEU GA 408 -84.07 0.12 17.20
N ARG GA 409 -83.57 0.94 16.29
CA ARG GA 409 -82.56 0.51 15.33
C ARG GA 409 -81.50 1.59 15.16
N GLY GA 410 -80.33 1.15 14.71
CA GLY GA 410 -79.27 2.05 14.29
C GLY GA 410 -79.30 2.27 12.79
N LEU GA 411 -78.25 2.95 12.31
CA LEU GA 411 -78.15 3.31 10.90
C LEU GA 411 -76.77 2.96 10.37
N ARG GA 412 -76.73 2.62 9.09
CA ARG GA 412 -75.46 2.41 8.41
C ARG GA 412 -74.67 3.72 8.43
N PRO GA 413 -73.33 3.65 8.46
CA PRO GA 413 -72.56 4.90 8.57
C PRO GA 413 -72.77 5.87 7.42
N ASP GA 414 -73.19 5.42 6.24
CA ASP GA 414 -73.44 6.34 5.14
C ASP GA 414 -74.80 7.04 5.25
N HIS GA 415 -75.66 6.61 6.17
CA HIS GA 415 -76.97 7.22 6.34
C HIS GA 415 -76.93 8.51 7.15
N VAL GA 416 -75.83 8.82 7.83
CA VAL GA 416 -75.80 9.89 8.81
C VAL GA 416 -74.67 10.87 8.51
N LEU GA 417 -74.85 12.09 9.01
CA LEU GA 417 -73.86 13.16 8.95
C LEU GA 417 -73.73 13.80 10.32
N PRO GA 418 -72.57 14.34 10.66
CA PRO GA 418 -72.42 15.01 11.96
C PRO GA 418 -73.35 16.20 12.08
N GLY GA 419 -73.92 16.37 13.28
CA GLY GA 419 -74.78 17.47 13.60
C GLY GA 419 -74.15 18.46 14.56
N ARG GA 420 -75.00 19.26 15.20
CA ARG GA 420 -74.56 20.21 16.21
C ARG GA 420 -75.46 20.11 17.43
N TYR GA 421 -74.93 20.52 18.57
CA TYR GA 421 -75.61 20.39 19.86
C TYR GA 421 -76.18 21.73 20.31
N GLU GA 422 -77.41 21.69 20.82
CA GLU GA 422 -78.02 22.82 21.51
C GLU GA 422 -78.26 22.38 22.95
N MET GA 423 -77.66 23.10 23.90
CA MET GA 423 -77.65 22.66 25.28
C MET GA 423 -78.86 23.20 26.03
N HIS GA 424 -79.44 22.35 26.88
CA HIS GA 424 -80.54 22.71 27.76
C HIS GA 424 -80.22 22.21 29.16
N GLY GA 425 -80.73 22.93 30.16
CA GLY GA 425 -80.49 22.58 31.54
C GLY GA 425 -79.39 23.43 32.16
N ASP GA 426 -79.42 23.52 33.49
CA ASP GA 426 -78.50 24.35 34.24
C ASP GA 426 -77.40 23.58 34.94
N THR GA 427 -77.58 22.27 35.14
CA THR GA 427 -76.60 21.46 35.86
C THR GA 427 -76.21 20.25 35.01
N ILE GA 428 -75.01 19.75 35.26
CA ILE GA 428 -74.49 18.61 34.49
C ILE GA 428 -75.39 17.40 34.70
N SER GA 429 -75.87 17.19 35.93
CA SER GA 429 -76.62 15.99 36.25
C SER GA 429 -77.93 15.88 35.47
N THR GA 430 -78.45 17.00 34.96
CA THR GA 430 -79.73 17.00 34.27
C THR GA 430 -79.67 17.60 32.87
N ALA GA 431 -78.50 18.02 32.40
CA ALA GA 431 -78.42 18.69 31.11
C ALA GA 431 -78.60 17.70 29.95
N VAL GA 432 -79.13 18.22 28.84
CA VAL GA 432 -79.34 17.43 27.63
C VAL GA 432 -78.89 18.24 26.42
N TYR GA 433 -78.65 17.52 25.32
CA TYR GA 433 -78.35 18.10 24.03
C TYR GA 433 -79.46 17.76 23.06
N VAL GA 434 -79.86 18.74 22.25
CA VAL GA 434 -80.79 18.53 21.15
C VAL GA 434 -79.99 18.65 19.86
N THR GA 435 -80.02 17.59 19.05
CA THR GA 435 -79.19 17.51 17.85
C THR GA 435 -79.93 18.18 16.69
N ARG GA 436 -79.36 19.29 16.21
CA ARG GA 436 -79.90 20.01 15.08
C ARG GA 436 -79.02 19.81 13.85
N PRO GA 437 -79.60 19.73 12.65
CA PRO GA 437 -78.78 19.59 11.45
C PRO GA 437 -77.89 20.81 11.24
N VAL GA 438 -76.73 20.57 10.63
CA VAL GA 438 -75.84 21.65 10.22
C VAL GA 438 -76.35 22.21 8.90
N ASP GA 439 -76.76 23.48 8.92
CA ASP GA 439 -77.31 24.09 7.72
C ASP GA 439 -76.28 24.11 6.61
N VAL GA 440 -76.69 23.71 5.41
CA VAL GA 440 -75.82 23.69 4.24
C VAL GA 440 -76.55 24.33 3.07
N PRO GA 441 -75.86 24.94 2.12
CA PRO GA 441 -76.55 25.58 1.00
C PRO GA 441 -77.05 24.59 -0.04
N PHE GA 442 -76.39 23.43 -0.14
CA PHE GA 442 -76.73 22.44 -1.14
C PHE GA 442 -77.79 21.49 -0.59
N PRO GA 443 -78.94 21.34 -1.24
CA PRO GA 443 -79.96 20.41 -0.72
C PRO GA 443 -79.49 18.97 -0.63
N GLU GA 444 -78.44 18.60 -1.38
CA GLU GA 444 -78.01 17.21 -1.41
C GLU GA 444 -77.54 16.73 -0.04
N ASP GA 445 -77.07 17.65 0.81
CA ASP GA 445 -76.52 17.29 2.11
C ASP GA 445 -77.45 17.64 3.27
N GLU GA 446 -78.70 17.97 2.98
CA GLU GA 446 -79.64 18.30 4.05
C GLU GA 446 -79.92 17.07 4.90
N CYS GA 447 -80.15 17.30 6.20
CA CYS GA 447 -80.43 16.24 7.14
C CYS GA 447 -81.74 16.53 7.89
N PHE GA 448 -82.43 15.46 8.27
CA PHE GA 448 -83.68 15.60 9.01
C PHE GA 448 -83.45 16.33 10.33
N ASP GA 449 -84.41 17.18 10.69
CA ASP GA 449 -84.38 17.89 11.97
C ASP GA 449 -85.27 17.15 12.96
N LEU GA 450 -84.76 16.02 13.44
CA LEU GA 450 -85.51 15.17 14.36
C LEU GA 450 -85.38 15.60 15.81
N LYS GA 451 -84.46 16.52 16.11
CA LYS GA 451 -84.26 17.00 17.48
C LYS GA 451 -83.95 15.84 18.43
N SER GA 452 -82.99 15.02 18.03
CA SER GA 452 -82.61 13.87 18.85
C SER GA 452 -82.07 14.34 20.20
N LEU GA 453 -82.42 13.61 21.25
CA LEU GA 453 -82.03 13.95 22.62
C LEU GA 453 -80.84 13.12 23.05
N VAL GA 454 -79.86 13.77 23.66
CA VAL GA 454 -78.66 13.12 24.17
C VAL GA 454 -78.43 13.57 25.60
N ARG GA 455 -78.42 12.63 26.54
CA ARG GA 455 -78.16 12.97 27.93
C ARG GA 455 -76.71 13.42 28.09
N VAL GA 456 -76.50 14.57 28.74
CA VAL GA 456 -75.15 15.09 28.87
C VAL GA 456 -74.29 14.17 29.72
N LYS GA 457 -74.80 13.74 30.87
CA LYS GA 457 -74.10 12.84 31.78
C LYS GA 457 -74.95 11.59 31.98
N LEU GA 458 -74.51 10.48 31.42
CA LEU GA 458 -75.20 9.22 31.61
C LEU GA 458 -74.78 8.60 32.94
N PRO GA 459 -75.71 8.32 33.85
CA PRO GA 459 -75.31 7.67 35.11
C PRO GA 459 -74.58 6.36 34.86
N GLY GA 460 -73.89 5.90 35.89
CA GLY GA 460 -73.13 4.67 35.79
C GLY GA 460 -71.81 4.86 35.07
N SER GA 461 -71.32 3.77 34.50
CA SER GA 461 -70.04 3.77 33.79
C SER GA 461 -70.11 2.78 32.64
N GLY GA 462 -69.11 2.85 31.77
CA GLY GA 462 -69.08 1.98 30.61
C GLY GA 462 -70.22 2.24 29.64
N ASN GA 463 -70.61 3.50 29.49
CA ASN GA 463 -71.69 3.87 28.58
C ASN GA 463 -71.18 3.91 27.14
N PRO GA 464 -72.08 3.80 26.17
CA PRO GA 464 -71.65 3.88 24.76
C PRO GA 464 -71.25 5.30 24.41
N PRO GA 465 -70.49 5.49 23.33
CA PRO GA 465 -70.12 6.85 22.93
C PRO GA 465 -71.35 7.68 22.61
N LYS GA 466 -71.27 8.97 22.94
CA LYS GA 466 -72.41 9.85 22.75
C LYS GA 466 -72.69 10.04 21.27
N PRO GA 467 -73.94 9.87 20.81
CA PRO GA 467 -74.22 10.08 19.38
C PRO GA 467 -74.47 11.54 19.08
N ARG GA 468 -73.84 12.01 17.98
CA ARG GA 468 -73.99 13.38 17.52
C ARG GA 468 -74.29 13.39 16.03
N SER GA 469 -75.20 12.52 15.60
CA SER GA 469 -75.48 12.30 14.18
C SER GA 469 -76.91 12.69 13.84
N ALA GA 470 -77.12 13.03 12.57
CA ALA GA 470 -78.43 13.35 12.03
C ALA GA 470 -78.64 12.56 10.75
N LEU GA 471 -79.89 12.15 10.52
CA LEU GA 471 -80.20 11.32 9.36
C LEU GA 471 -80.21 12.14 8.09
N LYS GA 472 -79.71 11.55 7.00
CA LYS GA 472 -79.71 12.23 5.71
C LYS GA 472 -81.10 12.20 5.10
N LYS GA 473 -81.48 13.31 4.46
CA LYS GA 473 -82.79 13.38 3.82
C LYS GA 473 -82.84 12.52 2.56
N SER GA 474 -81.72 12.41 1.84
CA SER GA 474 -81.70 11.69 0.57
C SER GA 474 -81.84 10.18 0.73
N MET GA 475 -81.76 9.66 1.95
CA MET GA 475 -81.81 8.22 2.19
C MET GA 475 -83.21 7.72 2.49
N VAL GA 476 -84.23 8.59 2.45
CA VAL GA 476 -85.59 8.23 2.84
C VAL GA 476 -86.54 8.59 1.70
N LEU GA 477 -87.47 7.69 1.41
CA LEU GA 477 -88.47 7.86 0.37
C LEU GA 477 -89.85 7.99 1.01
N PHE GA 478 -90.55 9.08 0.70
CA PHE GA 478 -91.82 9.40 1.30
C PHE GA 478 -92.96 9.25 0.31
N ASP GA 479 -94.17 9.07 0.84
CA ASP GA 479 -95.42 9.06 0.09
C ASP GA 479 -95.51 7.90 -0.90
N SER GA 480 -94.58 6.96 -0.85
CA SER GA 480 -94.66 5.81 -1.73
C SER GA 480 -95.80 4.89 -1.31
N GLY GA 481 -96.41 4.23 -2.29
CA GLY GA 481 -97.48 3.30 -2.02
C GLY GA 481 -97.02 1.96 -1.49
N GLU GA 482 -95.72 1.77 -1.31
CA GLU GA 482 -95.17 0.53 -0.79
C GLU GA 482 -95.83 0.15 0.53
N ALA HA 2 -28.04 -55.80 73.36
CA ALA HA 2 -28.95 -54.66 73.33
C ALA HA 2 -29.84 -54.72 72.09
N TYR HA 3 -30.95 -53.97 72.11
CA TYR HA 3 -31.84 -53.94 70.96
C TYR HA 3 -31.21 -53.22 69.78
N ALA HA 4 -30.24 -52.33 70.02
CA ALA HA 4 -29.60 -51.63 68.90
C ALA HA 4 -28.93 -52.61 67.94
N GLN HA 5 -28.61 -53.82 68.39
CA GLN HA 5 -28.12 -54.88 67.53
C GLN HA 5 -29.33 -55.70 67.08
N TRP HA 6 -29.67 -55.58 65.80
CA TRP HA 6 -30.85 -56.23 65.26
C TRP HA 6 -30.63 -56.55 63.79
N VAL HA 7 -31.46 -57.46 63.28
CA VAL HA 7 -31.41 -57.83 61.87
C VAL HA 7 -32.79 -58.33 61.47
N ILE HA 8 -33.18 -57.98 60.25
CA ILE HA 8 -34.40 -58.50 59.64
C ILE HA 8 -33.97 -59.25 58.39
N ILE HA 9 -34.41 -60.49 58.25
CA ILE HA 9 -34.10 -61.33 57.11
C ILE HA 9 -35.42 -61.64 56.42
N ILE HA 10 -35.61 -61.10 55.22
CA ILE HA 10 -36.80 -61.36 54.42
C ILE HA 10 -36.42 -62.37 53.36
N ILE HA 11 -37.09 -63.52 53.35
CA ILE HA 11 -36.94 -64.52 52.31
C ILE HA 11 -38.08 -64.32 51.33
N HIS HA 12 -37.75 -63.94 50.10
CA HIS HA 12 -38.72 -63.65 49.05
C HIS HA 12 -38.51 -64.65 47.93
N ASN HA 13 -39.51 -65.50 47.71
CA ASN HA 13 -39.46 -66.48 46.64
C ASN HA 13 -39.95 -65.81 45.36
N VAL HA 14 -39.02 -65.51 44.45
CA VAL HA 14 -39.36 -64.90 43.18
C VAL HA 14 -39.49 -65.94 42.07
N GLY HA 15 -39.44 -67.22 42.41
CA GLY HA 15 -39.56 -68.30 41.46
C GLY HA 15 -40.93 -68.95 41.50
N SER HA 16 -40.96 -70.26 41.23
CA SER HA 16 -42.22 -70.99 41.19
C SER HA 16 -42.08 -72.36 41.86
N GLN HA 17 -41.12 -72.53 42.76
CA GLN HA 17 -40.89 -73.80 43.44
C GLN HA 17 -40.68 -73.56 44.93
N ASP HA 18 -41.19 -74.49 45.74
CA ASP HA 18 -41.18 -74.32 47.18
C ASP HA 18 -39.76 -74.37 47.73
N VAL HA 19 -39.52 -73.60 48.80
CA VAL HA 19 -38.25 -73.58 49.50
C VAL HA 19 -38.52 -73.62 50.99
N LYS HA 20 -37.77 -74.44 51.72
CA LYS HA 20 -38.01 -74.67 53.13
C LYS HA 20 -36.89 -74.04 53.96
N ILE HA 21 -37.24 -73.64 55.17
CA ILE HA 21 -36.30 -73.10 56.14
C ILE HA 21 -35.99 -74.19 57.14
N LYS HA 22 -34.70 -74.37 57.45
CA LYS HA 22 -34.28 -75.46 58.33
C LYS HA 22 -33.14 -74.99 59.22
N ASN HA 23 -32.99 -75.67 60.35
CA ASN HA 23 -31.86 -75.49 61.25
C ASN HA 23 -31.71 -74.03 61.69
N LEU HA 24 -32.81 -73.29 61.72
CA LEU HA 24 -32.78 -71.94 62.24
C LEU HA 24 -32.40 -71.96 63.72
N LYS HA 25 -31.36 -71.21 64.07
CA LYS HA 25 -30.85 -71.23 65.44
C LYS HA 25 -30.12 -69.92 65.70
N ALA HA 26 -30.47 -69.25 66.80
CA ALA HA 26 -29.82 -68.02 67.22
C ALA HA 26 -28.97 -68.35 68.44
N SER HA 27 -27.65 -68.44 68.24
CA SER HA 27 -26.75 -68.73 69.35
C SER HA 27 -26.72 -67.58 70.34
N TRP HA 28 -26.77 -66.34 69.86
CA TRP HA 28 -26.81 -65.15 70.70
C TRP HA 28 -27.99 -64.29 70.26
N GLY HA 29 -28.64 -63.66 71.22
CA GLY HA 29 -29.82 -62.88 70.94
C GLY HA 29 -31.09 -63.71 71.05
N LYS HA 30 -32.15 -63.21 70.42
CA LYS HA 30 -33.44 -63.86 70.48
C LYS HA 30 -34.25 -63.51 69.24
N LEU HA 31 -34.91 -64.51 68.66
CA LEU HA 31 -35.92 -64.24 67.64
C LEU HA 31 -37.13 -63.56 68.30
N HIS HA 32 -37.75 -62.65 67.56
CA HIS HA 32 -38.85 -61.86 68.11
C HIS HA 32 -39.84 -61.56 67.01
N ALA HA 33 -40.93 -60.88 67.39
CA ALA HA 33 -42.04 -60.60 66.49
C ALA HA 33 -41.75 -59.37 65.63
N ASP HA 34 -42.63 -59.14 64.67
CA ASP HA 34 -42.47 -58.01 63.75
C ASP HA 34 -42.75 -56.69 64.46
N GLY HA 35 -41.80 -55.77 64.39
CA GLY HA 35 -41.98 -54.48 65.01
C GLY HA 35 -42.15 -54.53 66.50
N ASP HA 36 -41.82 -55.65 67.14
CA ASP HA 36 -42.00 -55.85 68.57
C ASP HA 36 -40.81 -56.65 69.08
N LYS HA 37 -39.78 -55.96 69.55
CA LYS HA 37 -38.60 -56.62 70.08
C LYS HA 37 -38.83 -57.22 71.46
N ASP HA 38 -39.95 -56.93 72.10
CA ASP HA 38 -40.28 -57.51 73.39
C ASP HA 38 -40.96 -58.88 73.27
N ALA HA 39 -41.65 -59.14 72.16
CA ALA HA 39 -42.41 -60.37 71.98
C ALA HA 39 -41.48 -61.43 71.41
N GLU HA 40 -40.77 -62.13 72.29
CA GLU HA 40 -39.88 -63.20 71.87
C GLU HA 40 -40.69 -64.35 71.29
N VAL HA 41 -40.13 -64.99 70.27
CA VAL HA 41 -40.75 -66.13 69.61
C VAL HA 41 -39.70 -67.22 69.42
N SER HA 42 -40.08 -68.46 69.71
CA SER HA 42 -39.16 -69.58 69.58
C SER HA 42 -38.90 -69.90 68.12
N ALA HA 43 -37.76 -70.54 67.88
CA ALA HA 43 -37.38 -70.88 66.51
C ALA HA 43 -38.36 -71.84 65.85
N SER HA 44 -39.15 -72.57 66.64
CA SER HA 44 -40.09 -73.53 66.06
C SER HA 44 -41.15 -72.84 65.20
N ASN HA 45 -41.42 -71.57 65.44
CA ASN HA 45 -42.41 -70.85 64.63
C ASN HA 45 -42.00 -70.80 63.17
N TYR HA 46 -40.70 -70.88 62.89
CA TYR HA 46 -40.18 -70.82 61.53
C TYR HA 46 -39.57 -72.13 61.06
N GLU HA 47 -38.97 -72.90 61.96
CA GLU HA 47 -38.32 -74.14 61.57
C GLU HA 47 -39.29 -75.06 60.84
N GLY HA 48 -38.86 -75.59 59.70
CA GLY HA 48 -39.65 -76.47 58.89
C GLY HA 48 -40.64 -75.80 57.97
N LYS HA 49 -40.71 -74.47 57.98
CA LYS HA 49 -41.72 -73.76 57.20
C LYS HA 49 -41.33 -73.70 55.73
N ILE HA 50 -42.35 -73.61 54.88
CA ILE HA 50 -42.17 -73.53 53.43
C ILE HA 50 -42.63 -72.14 52.98
N VAL HA 51 -41.75 -71.41 52.33
CA VAL HA 51 -42.07 -70.09 51.78
C VAL HA 51 -42.60 -70.32 50.37
N LYS HA 52 -43.92 -70.25 50.22
CA LYS HA 52 -44.55 -70.53 48.95
C LYS HA 52 -44.06 -69.52 47.90
N PRO HA 53 -44.05 -69.90 46.62
CA PRO HA 53 -43.67 -68.95 45.57
C PRO HA 53 -44.53 -67.68 45.64
N ASP HA 54 -43.86 -66.55 45.47
CA ASP HA 54 -44.51 -65.24 45.36
C ASP HA 54 -45.07 -64.75 46.70
N GLU HA 55 -44.41 -65.09 47.80
CA GLU HA 55 -44.74 -64.50 49.09
C GLU HA 55 -43.48 -64.51 49.96
N LYS HA 56 -43.47 -63.63 50.96
CA LYS HA 56 -42.28 -63.34 51.74
C LYS HA 56 -42.45 -63.84 53.17
N LEU HA 57 -41.35 -64.33 53.74
CA LEU HA 57 -41.30 -64.74 55.14
C LEU HA 57 -40.23 -63.93 55.86
N GLN HA 58 -40.59 -63.35 57.00
CA GLN HA 58 -39.72 -62.44 57.72
C GLN HA 58 -39.21 -63.08 59.00
N ILE HA 59 -37.90 -62.99 59.22
CA ILE HA 59 -37.24 -63.45 60.43
C ILE HA 59 -36.62 -62.24 61.12
N ASN HA 60 -37.03 -61.98 62.35
CA ASN HA 60 -36.55 -60.83 63.10
C ASN HA 60 -35.70 -61.32 64.26
N ALA HA 61 -34.45 -60.86 64.33
CA ALA HA 61 -33.56 -61.22 65.43
C ALA HA 61 -32.98 -59.95 66.04
N SER HA 62 -32.75 -59.99 67.35
CA SER HA 62 -32.22 -58.83 68.06
C SER HA 62 -31.55 -59.29 69.33
N GLY HA 63 -30.66 -58.43 69.85
CA GLY HA 63 -29.99 -58.74 71.09
C GLY HA 63 -30.88 -58.54 72.31
N ARG HA 64 -30.46 -59.12 73.43
CA ARG HA 64 -31.20 -58.97 74.67
C ARG HA 64 -31.28 -57.49 75.04
N SER HA 65 -32.39 -57.12 75.67
CA SER HA 65 -32.67 -55.71 75.93
C SER HA 65 -31.55 -55.06 76.73
N ASP HA 66 -30.97 -54.00 76.18
CA ASP HA 66 -29.95 -53.19 76.85
C ASP HA 66 -28.78 -54.04 77.37
N ALA HA 67 -28.58 -55.21 76.79
CA ALA HA 67 -27.48 -56.08 77.18
C ALA HA 67 -26.24 -55.76 76.36
N ALA HA 68 -25.11 -56.24 76.86
CA ALA HA 68 -23.85 -56.17 76.09
C ALA HA 68 -23.71 -57.37 75.18
N GLU HA 69 -24.77 -57.65 74.43
CA GLU HA 69 -24.83 -58.84 73.58
C GLU HA 69 -25.47 -58.48 72.26
N GLY HA 70 -24.85 -58.94 71.16
CA GLY HA 70 -25.42 -58.80 69.84
C GLY HA 70 -26.37 -59.94 69.51
N THR HA 71 -26.51 -60.21 68.22
CA THR HA 71 -27.33 -61.31 67.73
C THR HA 71 -26.58 -62.07 66.65
N THR HA 72 -26.39 -63.37 66.87
CA THR HA 72 -25.73 -64.24 65.91
C THR HA 72 -26.60 -65.47 65.68
N GLY HA 73 -26.76 -65.86 64.41
CA GLY HA 73 -27.56 -67.03 64.11
C GLY HA 73 -27.28 -67.55 62.71
N THR HA 74 -27.92 -68.68 62.42
CA THR HA 74 -27.73 -69.36 61.15
C THR HA 74 -29.02 -70.07 60.74
N PHE HA 75 -29.15 -70.33 59.45
CA PHE HA 75 -30.24 -71.16 58.94
C PHE HA 75 -29.91 -71.65 57.54
N ASP HA 76 -30.45 -72.80 57.19
CA ASP HA 76 -30.31 -73.37 55.86
C ASP HA 76 -31.59 -73.12 55.09
N LEU HA 77 -31.46 -72.72 53.82
CA LEU HA 77 -32.58 -72.78 52.89
C LEU HA 77 -32.41 -74.04 52.06
N VAL HA 78 -33.45 -74.89 52.04
CA VAL HA 78 -33.32 -76.24 51.51
C VAL HA 78 -34.45 -76.49 50.51
N ASP HA 79 -34.12 -77.15 49.41
CA ASP HA 79 -35.11 -77.50 48.40
C ASP HA 79 -35.83 -78.78 48.81
N PRO HA 80 -37.14 -78.77 49.04
CA PRO HA 80 -37.85 -80.00 49.36
C PRO HA 80 -38.15 -80.89 48.17
N ALA HA 81 -38.03 -80.38 46.94
CA ALA HA 81 -38.35 -81.16 45.76
C ALA HA 81 -37.33 -82.27 45.52
N ASP HA 82 -36.15 -82.19 46.13
CA ASP HA 82 -35.09 -83.17 45.93
C ASP HA 82 -34.60 -83.70 47.27
N GLY HA 83 -35.52 -84.04 48.16
CA GLY HA 83 -35.17 -84.64 49.44
C GLY HA 83 -34.47 -83.69 50.39
N ASP HA 84 -34.88 -82.43 50.42
CA ASP HA 84 -34.38 -81.46 51.41
C ASP HA 84 -32.86 -81.33 51.34
N LYS HA 85 -32.34 -81.13 50.13
CA LYS HA 85 -30.94 -80.79 49.98
C LYS HA 85 -30.72 -79.32 50.23
N GLN HA 86 -29.46 -78.93 50.41
CA GLN HA 86 -29.14 -77.55 50.74
C GLN HA 86 -29.17 -76.68 49.50
N VAL HA 87 -29.75 -75.49 49.66
CA VAL HA 87 -29.69 -74.45 48.65
C VAL HA 87 -28.51 -73.56 49.03
N ARG HA 88 -28.60 -72.91 50.19
CA ARG HA 88 -27.49 -72.15 50.75
C ARG HA 88 -27.62 -72.08 52.25
N HIS HA 89 -26.49 -71.84 52.91
CA HIS HA 89 -26.39 -71.73 54.36
C HIS HA 89 -26.10 -70.27 54.71
N PHE HA 90 -27.02 -69.63 55.44
CA PHE HA 90 -26.89 -68.23 55.80
C PHE HA 90 -26.48 -68.10 57.26
N TYR HA 91 -25.49 -67.25 57.51
CA TYR HA 91 -25.01 -66.95 58.86
C TYR HA 91 -24.95 -65.44 59.02
N TRP HA 92 -25.56 -64.93 60.10
CA TRP HA 92 -25.58 -63.50 60.39
C TRP HA 92 -25.01 -63.25 61.78
N ASP HA 93 -24.27 -62.17 61.91
CA ASP HA 93 -23.65 -61.78 63.19
C ASP HA 93 -23.64 -60.26 63.27
N SER HA 94 -24.45 -59.71 64.16
CA SER HA 94 -24.47 -58.28 64.48
C SER HA 94 -24.02 -58.17 65.93
N PRO HA 95 -22.72 -58.07 66.18
CA PRO HA 95 -22.21 -58.08 67.56
C PRO HA 95 -22.32 -56.72 68.24
N TRP HA 96 -22.31 -56.76 69.57
CA TRP HA 96 -22.33 -55.55 70.37
C TRP HA 96 -20.95 -54.97 70.65
N GLY HA 97 -19.91 -55.81 70.62
CA GLY HA 97 -18.57 -55.36 70.94
C GLY HA 97 -17.65 -55.32 69.75
N SER HA 98 -18.17 -54.92 68.60
CA SER HA 98 -17.37 -54.83 67.39
C SER HA 98 -18.14 -53.99 66.37
N LYS HA 99 -17.43 -53.57 65.33
CA LYS HA 99 -18.01 -52.76 64.26
C LYS HA 99 -18.35 -53.57 63.02
N THR HA 100 -17.64 -54.68 62.78
CA THR HA 100 -17.78 -55.44 61.55
C THR HA 100 -18.86 -56.50 61.74
N ASN HA 101 -20.03 -56.27 61.16
CA ASN HA 101 -21.05 -57.29 61.09
C ASN HA 101 -20.70 -58.31 60.01
N THR HA 102 -21.26 -59.50 60.14
CA THR HA 102 -20.99 -60.60 59.22
C THR HA 102 -22.30 -61.09 58.62
N TRP HA 103 -22.31 -61.28 57.30
CA TRP HA 103 -23.45 -61.87 56.59
C TRP HA 103 -22.87 -62.78 55.52
N THR HA 104 -22.81 -64.08 55.80
CA THR HA 104 -22.19 -65.05 54.92
C THR HA 104 -23.24 -65.99 54.35
N VAL HA 105 -23.22 -66.16 53.03
CA VAL HA 105 -24.11 -67.09 52.33
C VAL HA 105 -23.21 -68.12 51.67
N SER HA 106 -23.00 -69.24 52.35
CA SER HA 106 -22.14 -70.31 51.86
C SER HA 106 -22.99 -71.41 51.24
N GLY HA 107 -22.32 -72.45 50.77
CA GLY HA 107 -23.00 -73.57 50.13
C GLY HA 107 -23.04 -73.43 48.62
N SER HA 108 -23.41 -74.53 47.97
CA SER HA 108 -23.45 -74.59 46.52
C SER HA 108 -24.65 -75.40 46.05
N ASN HA 109 -25.42 -74.83 45.13
CA ASN HA 109 -26.50 -75.56 44.48
C ASN HA 109 -26.76 -74.87 43.15
N THR HA 110 -26.32 -75.49 42.05
CA THR HA 110 -26.42 -74.87 40.74
C THR HA 110 -27.87 -74.73 40.27
N LYS HA 111 -28.79 -75.51 40.85
CA LYS HA 111 -30.18 -75.45 40.45
C LYS HA 111 -30.94 -74.29 41.07
N TRP HA 112 -30.30 -73.53 41.97
CA TRP HA 112 -30.93 -72.39 42.63
C TRP HA 112 -30.08 -71.15 42.46
N MET HA 113 -30.74 -70.00 42.33
CA MET HA 113 -30.09 -68.70 42.25
C MET HA 113 -30.59 -67.84 43.40
N ILE HA 114 -29.66 -67.29 44.16
CA ILE HA 114 -29.96 -66.54 45.37
C ILE HA 114 -29.26 -65.19 45.28
N GLU HA 115 -30.05 -64.12 45.40
CA GLU HA 115 -29.52 -62.77 45.51
C GLU HA 115 -29.92 -62.20 46.86
N TYR HA 116 -29.11 -61.27 47.36
CA TYR HA 116 -29.44 -60.63 48.63
C TYR HA 116 -28.92 -59.20 48.63
N SER HA 117 -29.65 -58.32 49.31
CA SER HA 117 -29.31 -56.91 49.33
C SER HA 117 -29.83 -56.27 50.61
N GLY HA 118 -29.28 -55.10 50.92
CA GLY HA 118 -29.71 -54.31 52.07
C GLY HA 118 -28.84 -54.46 53.29
N GLN HA 119 -27.87 -55.36 53.29
CA GLN HA 119 -27.02 -55.55 54.46
C GLN HA 119 -26.10 -54.35 54.66
N ASN HA 120 -25.72 -54.14 55.92
CA ASN HA 120 -24.71 -53.12 56.27
C ASN HA 120 -23.68 -53.79 57.15
N LEU HA 121 -22.42 -53.78 56.71
CA LEU HA 121 -21.33 -54.44 57.41
C LEU HA 121 -20.36 -53.46 58.05
N ASP HA 122 -20.56 -52.15 57.88
CA ASP HA 122 -19.60 -51.18 58.38
C ASP HA 122 -19.68 -51.04 59.89
N SER HA 123 -20.83 -50.62 60.40
CA SER HA 123 -21.01 -50.43 61.83
C SER HA 123 -22.49 -50.25 62.12
N GLY HA 124 -22.88 -50.52 63.36
CA GLY HA 124 -24.25 -50.39 63.78
C GLY HA 124 -25.03 -51.68 63.61
N ALA HA 125 -26.33 -51.57 63.32
CA ALA HA 125 -27.16 -52.74 63.13
C ALA HA 125 -26.86 -53.39 61.78
N LEU HA 126 -27.32 -54.63 61.62
CA LEU HA 126 -27.11 -55.37 60.39
C LEU HA 126 -28.17 -55.09 59.34
N GLY HA 127 -29.25 -54.39 59.70
CA GLY HA 127 -30.20 -53.91 58.72
C GLY HA 127 -31.24 -54.93 58.30
N THR HA 128 -31.94 -54.58 57.23
CA THR HA 128 -33.01 -55.39 56.64
C THR HA 128 -32.46 -55.99 55.35
N ILE HA 129 -32.10 -57.27 55.41
CA ILE HA 129 -31.55 -57.98 54.27
C ILE HA 129 -32.70 -58.70 53.57
N THR HA 130 -32.90 -58.38 52.30
CA THR HA 130 -33.88 -59.05 51.45
C THR HA 130 -33.16 -60.06 50.57
N VAL HA 131 -33.64 -61.29 50.56
CA VAL HA 131 -33.01 -62.41 49.86
C VAL HA 131 -34.01 -62.96 48.87
N ASP HA 132 -33.74 -62.79 47.58
CA ASP HA 132 -34.58 -63.30 46.50
C ASP HA 132 -34.06 -64.67 46.09
N THR HA 133 -34.94 -65.67 46.12
CA THR HA 133 -34.60 -67.04 45.79
C THR HA 133 -35.38 -67.48 44.57
N LEU HA 134 -34.71 -68.20 43.65
CA LEU HA 134 -35.39 -68.66 42.45
C LEU HA 134 -34.76 -69.94 41.96
N LYS HA 135 -35.58 -70.95 41.68
CA LYS HA 135 -35.10 -72.22 41.16
C LYS HA 135 -35.15 -72.19 39.63
N LYS HA 136 -34.02 -72.48 39.00
CA LYS HA 136 -33.93 -72.50 37.55
C LYS HA 136 -33.35 -73.82 37.06
N ALA IA 2 -22.39 -39.71 64.10
CA ALA IA 2 -21.89 -41.03 64.43
C ALA IA 2 -22.40 -42.07 63.43
N TYR IA 3 -21.55 -43.06 63.15
CA TYR IA 3 -21.87 -44.03 62.11
C TYR IA 3 -22.95 -45.02 62.52
N ALA IA 4 -23.14 -45.24 63.82
CA ALA IA 4 -24.15 -46.20 64.25
C ALA IA 4 -25.56 -45.78 63.83
N GLN IA 5 -25.76 -44.50 63.55
CA GLN IA 5 -27.04 -43.99 63.04
C GLN IA 5 -26.91 -43.83 61.53
N TRP IA 6 -27.74 -44.58 60.80
CA TRP IA 6 -27.63 -44.64 59.35
C TRP IA 6 -28.99 -44.99 58.76
N VAL IA 7 -29.11 -44.78 57.45
CA VAL IA 7 -30.34 -45.09 56.73
C VAL IA 7 -29.98 -45.32 55.26
N ILE IA 8 -30.70 -46.25 54.65
CA ILE IA 8 -30.62 -46.51 53.21
C ILE IA 8 -32.03 -46.42 52.65
N ILE IA 9 -32.17 -45.74 51.52
CA ILE IA 9 -33.46 -45.56 50.85
C ILE IA 9 -33.32 -46.09 49.44
N ILE IA 10 -34.13 -47.08 49.08
CA ILE IA 10 -34.09 -47.69 47.76
C ILE IA 10 -35.38 -47.31 47.05
N ILE IA 11 -35.28 -46.32 46.16
CA ILE IA 11 -36.43 -45.94 45.33
C ILE IA 11 -36.48 -46.91 44.15
N HIS IA 12 -37.60 -47.63 44.02
CA HIS IA 12 -37.78 -48.62 42.98
C HIS IA 12 -39.02 -48.23 42.18
N ASN IA 13 -38.82 -47.78 40.95
CA ASN IA 13 -39.92 -47.33 40.10
C ASN IA 13 -40.54 -48.56 39.44
N VAL IA 14 -41.47 -49.19 40.16
CA VAL IA 14 -42.14 -50.38 39.63
C VAL IA 14 -43.08 -50.03 38.49
N GLY IA 15 -43.44 -48.76 38.33
CA GLY IA 15 -44.35 -48.35 37.29
C GLY IA 15 -43.68 -48.28 35.93
N SER IA 16 -44.36 -47.61 35.00
CA SER IA 16 -43.89 -47.52 33.61
C SER IA 16 -43.61 -46.09 33.17
N GLN IA 17 -43.67 -45.11 34.07
CA GLN IA 17 -43.41 -43.72 33.72
C GLN IA 17 -42.43 -43.13 34.71
N ASP IA 18 -41.67 -42.13 34.26
CA ASP IA 18 -40.55 -41.62 35.02
C ASP IA 18 -41.00 -40.89 36.29
N VAL IA 19 -40.14 -40.92 37.29
CA VAL IA 19 -40.32 -40.19 38.54
C VAL IA 19 -39.01 -39.49 38.86
N LYS IA 20 -39.09 -38.23 39.27
CA LYS IA 20 -37.90 -37.40 39.46
C LYS IA 20 -37.68 -37.10 40.95
N ILE IA 21 -36.42 -37.13 41.36
CA ILE IA 21 -36.04 -36.70 42.70
C ILE IA 21 -35.90 -35.18 42.70
N LYS IA 22 -36.24 -34.55 43.83
CA LYS IA 22 -36.10 -33.11 43.94
C LYS IA 22 -35.90 -32.74 45.40
N ASN IA 23 -35.27 -31.58 45.62
CA ASN IA 23 -35.14 -30.97 46.94
C ASN IA 23 -34.49 -31.92 47.94
N LEU IA 24 -33.65 -32.85 47.47
CA LEU IA 24 -32.90 -33.70 48.39
C LEU IA 24 -31.98 -32.84 49.24
N LYS IA 25 -32.03 -33.04 50.55
CA LYS IA 25 -31.30 -32.20 51.48
C LYS IA 25 -31.08 -32.96 52.78
N ALA IA 26 -29.82 -33.11 53.17
CA ALA IA 26 -29.46 -33.76 54.43
C ALA IA 26 -29.18 -32.68 55.47
N SER IA 27 -30.15 -32.45 56.36
CA SER IA 27 -29.98 -31.44 57.40
C SER IA 27 -28.93 -31.84 58.42
N TRP IA 28 -28.79 -33.14 58.69
CA TRP IA 28 -27.82 -33.64 59.65
C TRP IA 28 -27.11 -34.84 59.05
N GLY IA 29 -25.92 -35.11 59.56
CA GLY IA 29 -25.13 -36.20 59.01
C GLY IA 29 -24.64 -35.87 57.61
N LYS IA 30 -24.48 -36.93 56.80
CA LYS IA 30 -23.95 -36.79 55.47
C LYS IA 30 -24.45 -37.94 54.60
N LEU IA 31 -24.59 -37.67 53.31
CA LEU IA 31 -24.77 -38.73 52.34
C LEU IA 31 -23.42 -39.37 52.01
N HIS IA 32 -23.47 -40.55 51.41
CA HIS IA 32 -22.24 -41.28 51.09
C HIS IA 32 -22.56 -42.36 50.06
N ALA IA 33 -21.51 -42.89 49.47
CA ALA IA 33 -21.64 -43.94 48.46
C ALA IA 33 -21.82 -45.30 49.12
N ASP IA 34 -22.56 -46.17 48.45
CA ASP IA 34 -22.91 -47.46 49.02
C ASP IA 34 -21.68 -48.22 49.49
N GLY IA 35 -21.74 -48.71 50.74
CA GLY IA 35 -20.69 -49.55 51.29
C GLY IA 35 -19.51 -48.82 51.85
N ASP IA 36 -19.49 -47.48 51.78
CA ASP IA 36 -18.36 -46.68 52.27
C ASP IA 36 -18.93 -45.42 52.91
N LYS IA 37 -19.14 -45.46 54.23
CA LYS IA 37 -19.61 -44.28 54.94
C LYS IA 37 -18.57 -43.16 54.91
N ASP IA 38 -17.30 -43.48 54.62
CA ASP IA 38 -16.28 -42.44 54.53
C ASP IA 38 -16.39 -41.64 53.24
N ALA IA 39 -16.83 -42.27 52.15
CA ALA IA 39 -16.90 -41.63 50.84
C ALA IA 39 -18.15 -40.74 50.79
N GLU IA 40 -18.01 -39.54 51.33
CA GLU IA 40 -19.11 -38.58 51.32
C GLU IA 40 -19.44 -38.17 49.89
N VAL IA 41 -20.72 -37.91 49.63
CA VAL IA 41 -21.20 -37.51 48.32
C VAL IA 41 -22.13 -36.31 48.49
N SER IA 42 -22.25 -35.54 47.42
CA SER IA 42 -23.04 -34.32 47.43
C SER IA 42 -24.49 -34.60 47.01
N ALA IA 43 -25.40 -33.77 47.51
CA ALA IA 43 -26.81 -33.91 47.13
C ALA IA 43 -27.01 -33.70 45.64
N SER IA 44 -26.13 -32.92 44.99
CA SER IA 44 -26.24 -32.71 43.56
C SER IA 44 -26.09 -34.01 42.77
N ASN IA 45 -25.44 -35.02 43.36
CA ASN IA 45 -25.30 -36.31 42.70
C ASN IA 45 -26.64 -37.00 42.48
N TYR IA 46 -27.69 -36.57 43.19
CA TYR IA 46 -29.02 -37.15 43.06
C TYR IA 46 -30.11 -36.14 42.73
N GLU IA 47 -29.87 -34.85 42.98
CA GLU IA 47 -30.90 -33.84 42.70
C GLU IA 47 -31.28 -33.86 41.24
N GLY IA 48 -32.59 -33.85 40.98
CA GLY IA 48 -33.08 -33.80 39.62
C GLY IA 48 -32.96 -35.08 38.84
N LYS IA 49 -32.56 -36.17 39.49
CA LYS IA 49 -32.37 -37.43 38.78
C LYS IA 49 -33.71 -38.05 38.40
N ILE IA 50 -33.75 -38.64 37.21
CA ILE IA 50 -34.91 -39.37 36.72
C ILE IA 50 -34.70 -40.85 36.97
N VAL IA 51 -35.66 -41.49 37.63
CA VAL IA 51 -35.65 -42.93 37.84
C VAL IA 51 -36.52 -43.51 36.73
N LYS IA 52 -35.88 -44.06 35.70
CA LYS IA 52 -36.63 -44.70 34.64
C LYS IA 52 -37.36 -45.93 35.15
N PRO IA 53 -38.44 -46.36 34.48
CA PRO IA 53 -39.16 -47.55 34.94
C PRO IA 53 -38.24 -48.75 35.04
N ASP IA 54 -38.43 -49.53 36.10
CA ASP IA 54 -37.68 -50.73 36.43
C ASP IA 54 -36.28 -50.43 36.96
N GLU IA 55 -35.93 -49.16 37.17
CA GLU IA 55 -34.63 -48.82 37.72
C GLU IA 55 -34.73 -48.63 39.24
N LYS IA 56 -33.60 -48.84 39.91
CA LYS IA 56 -33.49 -48.68 41.35
C LYS IA 56 -32.42 -47.64 41.66
N LEU IA 57 -32.72 -46.76 42.62
CA LEU IA 57 -31.81 -45.68 43.01
C LEU IA 57 -31.60 -45.74 44.52
N GLN IA 58 -30.35 -45.73 44.94
CA GLN IA 58 -29.98 -45.89 46.35
C GLN IA 58 -29.49 -44.57 46.92
N ILE IA 59 -30.01 -44.22 48.10
CA ILE IA 59 -29.59 -43.05 48.85
C ILE IA 59 -29.10 -43.53 50.21
N ASN IA 60 -27.82 -43.32 50.50
CA ASN IA 60 -27.23 -43.74 51.76
C ASN IA 60 -26.87 -42.51 52.58
N ALA IA 61 -27.37 -42.45 53.81
CA ALA IA 61 -27.07 -41.37 54.73
C ALA IA 61 -26.68 -41.97 56.08
N SER IA 62 -25.89 -41.22 56.84
CA SER IA 62 -25.44 -41.67 58.15
C SER IA 62 -24.81 -40.49 58.87
N GLY IA 63 -24.59 -40.66 60.17
CA GLY IA 63 -23.94 -39.63 60.95
C GLY IA 63 -22.50 -39.44 60.54
N ARG IA 64 -21.94 -38.31 60.97
CA ARG IA 64 -20.57 -37.95 60.62
C ARG IA 64 -19.60 -38.77 61.48
N SER IA 65 -18.31 -38.46 61.37
CA SER IA 65 -17.27 -39.25 62.02
C SER IA 65 -17.23 -39.01 63.53
N ASP IA 66 -17.88 -39.90 64.28
CA ASP IA 66 -17.87 -39.94 65.74
C ASP IA 66 -18.63 -38.79 66.38
N ALA IA 67 -19.19 -37.87 65.61
CA ALA IA 67 -19.96 -36.78 66.19
C ALA IA 67 -21.21 -37.32 66.88
N ALA IA 68 -21.66 -36.57 67.89
CA ALA IA 68 -22.89 -36.94 68.61
C ALA IA 68 -24.14 -36.71 67.78
N GLU IA 69 -24.00 -36.24 66.54
CA GLU IA 69 -25.16 -36.05 65.68
C GLU IA 69 -25.67 -37.37 65.15
N GLY IA 70 -26.97 -37.40 64.84
CA GLY IA 70 -27.55 -38.52 64.13
C GLY IA 70 -27.59 -38.22 62.64
N THR IA 71 -28.72 -38.44 62.01
CA THR IA 71 -28.93 -38.04 60.62
C THR IA 71 -30.38 -37.63 60.43
N THR IA 72 -30.60 -36.73 59.47
CA THR IA 72 -31.94 -36.24 59.18
C THR IA 72 -31.93 -35.63 57.78
N GLY IA 73 -33.02 -35.83 57.05
CA GLY IA 73 -33.08 -35.31 55.70
C GLY IA 73 -34.48 -35.38 55.13
N THR IA 74 -34.60 -34.80 53.94
CA THR IA 74 -35.87 -34.69 53.24
C THR IA 74 -35.64 -34.79 51.75
N PHE IA 75 -36.70 -35.15 51.03
CA PHE IA 75 -36.70 -35.01 49.57
C PHE IA 75 -38.13 -35.13 49.07
N ASP IA 76 -38.29 -34.99 47.77
CA ASP IA 76 -39.59 -35.03 47.13
C ASP IA 76 -39.52 -35.89 45.88
N LEU IA 77 -40.49 -36.78 45.73
CA LEU IA 77 -40.74 -37.44 44.47
C LEU IA 77 -41.74 -36.59 43.69
N VAL IA 78 -41.42 -36.31 42.43
CA VAL IA 78 -42.25 -35.48 41.57
C VAL IA 78 -42.43 -36.17 40.23
N ASP IA 79 -43.46 -35.74 39.50
CA ASP IA 79 -43.79 -36.33 38.21
C ASP IA 79 -43.23 -35.46 37.09
N PRO IA 80 -42.19 -35.89 36.38
CA PRO IA 80 -41.68 -35.06 35.27
C PRO IA 80 -42.69 -34.85 34.16
N ALA IA 81 -43.62 -35.77 33.97
CA ALA IA 81 -44.58 -35.70 32.87
C ALA IA 81 -45.80 -34.85 33.20
N ASP IA 82 -45.90 -34.30 34.41
CA ASP IA 82 -47.03 -33.48 34.82
C ASP IA 82 -46.54 -32.17 35.41
N GLY IA 83 -45.59 -31.53 34.71
CA GLY IA 83 -45.06 -30.26 35.17
C GLY IA 83 -44.41 -30.34 36.53
N ASP IA 84 -43.71 -31.45 36.81
CA ASP IA 84 -43.04 -31.64 38.09
C ASP IA 84 -44.01 -31.56 39.25
N LYS IA 85 -45.26 -31.96 39.04
CA LYS IA 85 -46.23 -31.95 40.13
C LYS IA 85 -45.77 -32.89 41.23
N GLN IA 86 -45.89 -32.43 42.48
CA GLN IA 86 -45.39 -33.22 43.59
C GLN IA 86 -46.15 -34.53 43.70
N VAL IA 87 -45.40 -35.63 43.76
CA VAL IA 87 -45.95 -36.94 44.08
C VAL IA 87 -45.96 -37.17 45.58
N ARG IA 88 -44.80 -37.02 46.22
CA ARG IA 88 -44.72 -37.27 47.65
C ARG IA 88 -43.56 -36.49 48.25
N HIS IA 89 -43.61 -36.34 49.57
CA HIS IA 89 -42.56 -35.69 50.35
C HIS IA 89 -42.11 -36.66 51.43
N PHE IA 90 -40.81 -36.96 51.45
CA PHE IA 90 -40.26 -37.92 52.38
C PHE IA 90 -39.36 -37.21 53.38
N TYR IA 91 -39.55 -37.54 54.66
CA TYR IA 91 -38.76 -37.04 55.78
C TYR IA 91 -38.20 -38.23 56.53
N TRP IA 92 -36.89 -38.24 56.76
CA TRP IA 92 -36.26 -39.30 57.53
C TRP IA 92 -35.43 -38.68 58.65
N ASP IA 93 -35.43 -39.35 59.80
CA ASP IA 93 -34.71 -38.86 60.96
C ASP IA 93 -34.31 -40.06 61.82
N SER IA 94 -33.00 -40.27 61.96
CA SER IA 94 -32.43 -41.28 62.84
C SER IA 94 -31.56 -40.52 63.84
N PRO IA 95 -32.12 -40.10 64.97
CA PRO IA 95 -31.35 -39.27 65.90
C PRO IA 95 -30.36 -40.09 66.73
N TRP IA 96 -29.35 -39.39 67.24
CA TRP IA 96 -28.37 -39.98 68.14
C TRP IA 96 -28.83 -39.97 69.60
N GLY IA 97 -29.46 -38.87 70.02
CA GLY IA 97 -29.93 -38.78 71.39
C GLY IA 97 -31.20 -39.55 71.63
N SER IA 98 -32.27 -39.17 70.94
CA SER IA 98 -33.55 -39.86 71.08
C SER IA 98 -33.45 -41.27 70.51
N LYS IA 99 -34.07 -42.22 71.20
CA LYS IA 99 -34.05 -43.60 70.74
C LYS IA 99 -34.96 -43.80 69.55
N THR IA 100 -36.15 -43.20 69.57
CA THR IA 100 -37.13 -43.42 68.52
C THR IA 100 -36.71 -42.72 67.23
N ASN IA 101 -36.83 -43.44 66.12
CA ASN IA 101 -36.54 -42.89 64.80
C ASN IA 101 -37.82 -42.33 64.20
N THR IA 102 -37.76 -41.92 62.93
CA THR IA 102 -38.93 -41.35 62.27
C THR IA 102 -38.76 -41.45 60.77
N TRP IA 103 -39.79 -41.99 60.10
CA TRP IA 103 -39.86 -42.03 58.65
C TRP IA 103 -41.27 -41.64 58.25
N THR IA 104 -41.41 -40.47 57.64
CA THR IA 104 -42.72 -39.90 57.33
C THR IA 104 -42.85 -39.66 55.82
N VAL IA 105 -43.96 -40.11 55.26
CA VAL IA 105 -44.29 -39.87 53.85
C VAL IA 105 -45.59 -39.08 53.81
N SER IA 106 -45.54 -37.89 53.22
CA SER IA 106 -46.70 -37.02 53.12
C SER IA 106 -46.96 -36.70 51.65
N GLY IA 107 -48.13 -36.10 51.40
CA GLY IA 107 -48.57 -35.78 50.06
C GLY IA 107 -49.93 -36.37 49.77
N SER IA 108 -50.52 -35.88 48.68
CA SER IA 108 -51.87 -36.30 48.31
C SER IA 108 -52.04 -36.60 46.83
N ASN IA 109 -50.95 -36.73 46.07
CA ASN IA 109 -51.09 -37.10 44.66
C ASN IA 109 -51.83 -38.43 44.56
N THR IA 110 -52.91 -38.43 43.77
CA THR IA 110 -53.82 -39.57 43.72
C THR IA 110 -53.56 -40.50 42.56
N LYS IA 111 -52.91 -40.03 41.49
CA LYS IA 111 -52.57 -40.87 40.36
C LYS IA 111 -51.23 -41.60 40.55
N TRP IA 112 -50.77 -41.71 41.79
CA TRP IA 112 -49.54 -42.41 42.12
C TRP IA 112 -49.78 -43.33 43.30
N MET IA 113 -49.08 -44.46 43.31
CA MET IA 113 -49.09 -45.40 44.41
C MET IA 113 -47.67 -45.56 44.93
N ILE IA 114 -47.48 -45.29 46.21
CA ILE IA 114 -46.18 -45.38 46.86
C ILE IA 114 -46.30 -46.31 48.05
N GLU IA 115 -45.39 -47.27 48.15
CA GLU IA 115 -45.39 -48.24 49.24
C GLU IA 115 -43.99 -48.38 49.80
N TYR IA 116 -43.81 -48.03 51.07
CA TYR IA 116 -42.52 -48.06 51.73
C TYR IA 116 -42.52 -49.15 52.79
N SER IA 117 -41.39 -49.87 52.91
CA SER IA 117 -41.30 -50.94 53.89
C SER IA 117 -39.85 -51.14 54.29
N GLY IA 118 -39.66 -51.66 55.50
CA GLY IA 118 -38.35 -52.01 56.01
C GLY IA 118 -37.82 -51.11 57.11
N GLN IA 119 -38.53 -50.05 57.46
CA GLN IA 119 -38.03 -49.12 58.46
C GLN IA 119 -38.09 -49.73 59.86
N ASN IA 120 -37.19 -49.26 60.73
CA ASN IA 120 -37.19 -49.59 62.14
C ASN IA 120 -37.36 -48.31 62.94
N LEU IA 121 -38.28 -48.33 63.90
CA LEU IA 121 -38.65 -47.13 64.64
C LEU IA 121 -38.40 -47.22 66.15
N ASP IA 122 -38.03 -48.39 66.67
CA ASP IA 122 -37.88 -48.55 68.11
C ASP IA 122 -36.57 -47.96 68.60
N SER IA 123 -35.44 -48.51 68.14
CA SER IA 123 -34.13 -48.06 68.59
C SER IA 123 -33.11 -48.44 67.52
N GLY IA 124 -31.92 -47.88 67.67
CA GLY IA 124 -30.84 -48.15 66.72
C GLY IA 124 -31.02 -47.38 65.43
N ALA IA 125 -30.31 -47.86 64.40
CA ALA IA 125 -30.37 -47.22 63.10
C ALA IA 125 -31.75 -47.34 62.49
N LEU IA 126 -32.08 -46.40 61.60
CA LEU IA 126 -33.38 -46.43 60.93
C LEU IA 126 -33.49 -47.62 59.98
N GLY IA 127 -32.38 -48.04 59.39
CA GLY IA 127 -32.36 -49.25 58.58
C GLY IA 127 -32.45 -48.98 57.10
N THR IA 128 -32.89 -50.00 56.38
CA THR IA 128 -33.09 -49.95 54.94
C THR IA 128 -34.58 -49.88 54.65
N ILE IA 129 -34.97 -48.94 53.79
CA ILE IA 129 -36.36 -48.70 53.44
C ILE IA 129 -36.48 -48.78 51.93
N THR IA 130 -37.27 -49.73 51.45
CA THR IA 130 -37.58 -49.86 50.03
C THR IA 130 -38.89 -49.16 49.74
N VAL IA 131 -38.88 -48.25 48.77
CA VAL IA 131 -40.03 -47.44 48.40
C VAL IA 131 -40.36 -47.78 46.96
N ASP IA 132 -41.40 -48.59 46.75
CA ASP IA 132 -41.90 -48.91 45.43
C ASP IA 132 -42.87 -47.83 44.97
N THR IA 133 -42.61 -47.27 43.79
CA THR IA 133 -43.41 -46.20 43.23
C THR IA 133 -44.01 -46.66 41.90
N LEU IA 134 -45.27 -46.29 41.68
CA LEU IA 134 -45.97 -46.64 40.45
C LEU IA 134 -46.94 -45.52 40.11
N LYS IA 135 -47.17 -45.32 38.81
CA LYS IA 135 -48.15 -44.36 38.34
C LYS IA 135 -49.31 -45.12 37.69
N LYS IA 136 -50.52 -44.90 38.22
CA LYS IA 136 -51.70 -45.60 37.72
C LYS IA 136 -51.93 -45.28 36.24
N GLN JA 10 -40.48 -24.56 -27.27
CA GLN JA 10 -40.55 -25.43 -26.10
C GLN JA 10 -40.80 -24.62 -24.83
N ALA JA 11 -40.24 -23.41 -24.78
CA ALA JA 11 -40.44 -22.56 -23.61
C ALA JA 11 -41.92 -22.24 -23.44
N GLY JA 12 -42.38 -22.28 -22.20
CA GLY JA 12 -43.79 -22.11 -21.92
C GLY JA 12 -44.61 -23.36 -22.07
N ASP JA 13 -43.99 -24.51 -22.34
CA ASP JA 13 -44.70 -25.77 -22.49
C ASP JA 13 -45.11 -26.31 -21.13
N THR JA 14 -46.27 -26.95 -21.07
CA THR JA 14 -46.83 -27.47 -19.84
C THR JA 14 -47.18 -28.95 -19.98
N LEU JA 15 -47.66 -29.52 -18.88
CA LEU JA 15 -48.14 -30.89 -18.92
C LEU JA 15 -49.22 -31.06 -19.97
N ASN JA 16 -49.99 -30.01 -20.24
CA ASN JA 16 -51.00 -30.11 -21.28
C ASN JA 16 -50.36 -30.40 -22.63
N ASP JA 17 -49.30 -29.67 -22.99
CA ASP JA 17 -48.63 -29.92 -24.26
C ASP JA 17 -47.99 -31.30 -24.27
N VAL JA 18 -47.37 -31.69 -23.16
CA VAL JA 18 -46.72 -32.99 -23.09
C VAL JA 18 -47.74 -34.10 -23.31
N ILE JA 19 -48.92 -33.97 -22.70
CA ILE JA 19 -49.96 -34.98 -22.87
C ILE JA 19 -50.56 -34.93 -24.26
N GLN JA 20 -50.71 -33.74 -24.85
CA GLN JA 20 -51.28 -33.65 -26.18
C GLN JA 20 -50.40 -34.35 -27.20
N ASP JA 21 -49.09 -34.19 -27.10
CA ASP JA 21 -48.19 -34.86 -28.06
C ASP JA 21 -48.09 -36.34 -27.69
N PRO JA 22 -48.48 -37.26 -28.58
CA PRO JA 22 -48.42 -38.69 -28.19
C PRO JA 22 -47.02 -39.16 -27.85
N THR JA 23 -46.00 -38.68 -28.56
CA THR JA 23 -44.64 -39.11 -28.27
C THR JA 23 -44.19 -38.64 -26.90
N ARG JA 24 -44.40 -37.36 -26.61
CA ARG JA 24 -43.98 -36.81 -25.31
C ARG JA 24 -44.77 -37.44 -24.17
N ARG JA 25 -46.06 -37.69 -24.38
CA ARG JA 25 -46.88 -38.33 -23.35
C ARG JA 25 -46.36 -39.74 -23.04
N ASN JA 26 -46.05 -40.51 -24.08
CA ASN JA 26 -45.52 -41.86 -23.86
C ASN JA 26 -44.16 -41.80 -23.19
N LYS JA 27 -43.33 -40.84 -23.59
CA LYS JA 27 -42.03 -40.68 -22.93
C LYS JA 27 -42.20 -40.38 -21.46
N LEU JA 28 -43.14 -39.50 -21.12
CA LEU JA 28 -43.40 -39.19 -19.72
C LEU JA 28 -43.86 -40.43 -18.96
N ILE JA 29 -44.79 -41.19 -19.55
CA ILE JA 29 -45.31 -42.39 -18.88
C ILE JA 29 -44.18 -43.37 -18.64
N ASN JA 30 -43.33 -43.60 -19.64
CA ASN JA 30 -42.26 -44.58 -19.52
C ASN JA 30 -41.21 -44.11 -18.51
N ASP JA 31 -40.77 -42.87 -18.62
CA ASP JA 31 -39.72 -42.36 -17.74
C ASP JA 31 -40.19 -42.25 -16.30
N ASN JA 32 -41.49 -42.13 -16.06
CA ASN JA 32 -41.99 -42.03 -14.70
C ASN JA 32 -42.61 -43.33 -14.19
N ASN JA 33 -42.66 -44.37 -15.01
CA ASN JA 33 -43.11 -45.69 -14.57
C ASN JA 33 -44.56 -45.62 -14.08
N LEU JA 34 -45.38 -44.86 -14.80
CA LEU JA 34 -46.74 -44.62 -14.34
C LEU JA 34 -47.64 -45.83 -14.52
N LEU JA 35 -47.23 -46.82 -15.30
CA LEU JA 35 -48.02 -48.02 -15.52
C LEU JA 35 -47.63 -49.16 -14.58
N LYS JA 36 -46.67 -48.94 -13.68
CA LYS JA 36 -46.13 -49.99 -12.85
C LYS JA 36 -46.43 -49.73 -11.37
N GLY JA 37 -46.67 -50.82 -10.63
CA GLY JA 37 -46.88 -50.71 -9.20
C GLY JA 37 -45.57 -50.61 -8.43
N ILE JA 38 -45.69 -50.38 -7.13
CA ILE JA 38 -44.54 -50.23 -6.25
C ILE JA 38 -44.45 -51.46 -5.36
N ILE JA 39 -43.24 -52.02 -5.24
CA ILE JA 39 -43.08 -53.35 -4.67
C ILE JA 39 -43.03 -53.35 -3.15
N MET JA 40 -42.75 -52.22 -2.51
CA MET JA 40 -42.78 -52.11 -1.05
C MET JA 40 -42.11 -53.31 -0.39
N GLY JA 41 -40.80 -53.40 -0.64
CA GLY JA 41 -40.05 -54.56 -0.20
C GLY JA 41 -38.97 -54.20 0.81
N ARG JA 42 -37.97 -55.08 0.95
CA ARG JA 42 -36.94 -54.84 1.95
C ARG JA 42 -36.11 -53.62 1.63
N ASP JA 43 -36.01 -53.25 0.34
CA ASP JA 43 -35.24 -52.10 -0.09
C ASP JA 43 -36.07 -50.83 -0.16
N GLY JA 44 -37.36 -50.88 0.18
CA GLY JA 44 -38.21 -49.71 0.13
C GLY JA 44 -39.16 -49.76 -1.04
N PRO JA 45 -39.88 -48.66 -1.26
CA PRO JA 45 -40.87 -48.58 -2.37
C PRO JA 45 -40.21 -48.38 -3.73
N VAL JA 46 -39.74 -49.49 -4.31
CA VAL JA 46 -39.11 -49.47 -5.63
C VAL JA 46 -40.17 -49.88 -6.65
N PRO JA 47 -40.30 -49.18 -7.78
CA PRO JA 47 -41.27 -49.59 -8.78
C PRO JA 47 -40.88 -50.92 -9.42
N SER JA 48 -41.90 -51.69 -9.79
CA SER JA 48 -41.68 -52.96 -10.46
C SER JA 48 -41.25 -52.71 -11.91
N SER JA 49 -40.75 -53.77 -12.54
CA SER JA 49 -40.32 -53.73 -13.93
C SER JA 49 -41.35 -54.38 -14.86
N ARG JA 50 -42.53 -54.72 -14.35
CA ARG JA 50 -43.60 -55.31 -15.13
C ARG JA 50 -44.78 -54.35 -15.15
N GLU JA 51 -45.35 -54.12 -16.33
CA GLU JA 51 -46.47 -53.21 -16.44
C GLU JA 51 -47.70 -53.85 -15.80
N LEU JA 52 -48.37 -53.09 -14.93
CA LEU JA 52 -49.55 -53.55 -14.22
C LEU JA 52 -50.83 -53.22 -14.98
N ILE JA 53 -50.94 -52.00 -15.49
CA ILE JA 53 -52.14 -51.56 -16.19
C ILE JA 53 -51.85 -51.43 -17.68
N VAL JA 54 -52.92 -51.25 -18.46
CA VAL JA 54 -52.80 -51.07 -19.90
C VAL JA 54 -52.51 -49.60 -20.20
N ARG JA 55 -51.74 -49.36 -21.25
CA ARG JA 55 -51.34 -48.01 -21.60
C ARG JA 55 -52.56 -47.17 -21.95
N PRO JA 56 -52.83 -46.07 -21.23
CA PRO JA 56 -53.97 -45.23 -21.60
C PRO JA 56 -53.72 -44.47 -22.88
N ASP JA 57 -54.82 -44.08 -23.53
CA ASP JA 57 -54.74 -43.22 -24.70
C ASP JA 57 -54.61 -41.74 -24.35
N THR JA 58 -54.78 -41.39 -23.07
CA THR JA 58 -54.63 -40.01 -22.62
C THR JA 58 -54.49 -40.04 -21.09
N LEU JA 59 -54.17 -38.88 -20.53
CA LEU JA 59 -54.01 -38.74 -19.10
C LEU JA 59 -54.82 -37.55 -18.59
N ARG JA 60 -55.32 -37.67 -17.37
CA ARG JA 60 -55.99 -36.57 -16.68
C ARG JA 60 -54.93 -35.78 -15.93
N ALA JA 61 -54.84 -34.48 -16.20
CA ALA JA 61 -53.79 -33.66 -15.60
C ALA JA 61 -54.31 -32.28 -15.28
N ILE JA 62 -53.66 -31.65 -14.30
CA ILE JA 62 -53.89 -30.26 -13.95
C ILE JA 62 -52.54 -29.57 -13.92
N ILE JA 63 -52.54 -28.26 -14.16
CA ILE JA 63 -51.32 -27.47 -14.21
C ILE JA 63 -51.16 -26.70 -12.91
N ASN JA 64 -49.97 -26.75 -12.33
CA ASN JA 64 -49.65 -26.04 -11.11
C ASN JA 64 -48.17 -25.74 -11.10
N ASN JA 65 -47.81 -24.46 -10.94
CA ASN JA 65 -46.42 -24.02 -11.03
C ASN JA 65 -45.98 -23.24 -9.81
N ARG JA 66 -46.63 -23.42 -8.67
CA ARG JA 66 -46.27 -22.71 -7.45
C ARG JA 66 -45.13 -23.45 -6.76
N ALA JA 67 -43.95 -22.84 -6.74
CA ALA JA 67 -42.79 -23.42 -6.07
C ALA JA 67 -42.75 -22.93 -4.62
N THR JA 68 -42.56 -23.87 -3.69
CA THR JA 68 -42.60 -23.55 -2.27
C THR JA 68 -42.01 -24.72 -1.50
N ILE JA 69 -41.82 -24.51 -0.19
CA ILE JA 69 -41.30 -25.53 0.70
C ILE JA 69 -42.46 -26.06 1.54
N GLU JA 70 -42.64 -27.37 1.52
CA GLU JA 70 -43.64 -28.04 2.35
C GLU JA 70 -42.93 -28.98 3.31
N THR JA 71 -43.53 -29.20 4.48
CA THR JA 71 -42.97 -30.07 5.50
C THR JA 71 -44.04 -31.04 5.98
N THR JA 72 -43.63 -32.27 6.25
CA THR JA 72 -44.51 -33.33 6.70
C THR JA 72 -43.84 -34.10 7.83
N THR JA 73 -44.66 -34.64 8.73
CA THR JA 73 -44.18 -35.42 9.85
C THR JA 73 -44.96 -36.72 9.95
N MET JA 74 -44.28 -37.77 10.40
CA MET JA 74 -44.87 -39.10 10.50
C MET JA 74 -44.45 -39.72 11.82
N GLU JA 75 -45.36 -40.48 12.43
CA GLU JA 75 -45.08 -41.14 13.69
C GLU JA 75 -44.90 -42.65 13.57
N ALA JA 76 -45.33 -43.24 12.46
CA ALA JA 76 -45.16 -44.68 12.27
C ALA JA 76 -43.68 -45.04 12.25
N GLU JA 77 -43.41 -46.31 12.57
CA GLU JA 77 -42.03 -46.74 12.77
C GLU JA 77 -41.32 -47.02 11.44
N PHE JA 78 -41.90 -47.87 10.60
CA PHE JA 78 -41.22 -48.38 9.42
C PHE JA 78 -41.53 -47.57 8.16
N THR JA 79 -41.83 -46.27 8.29
CA THR JA 79 -42.21 -45.44 7.16
C THR JA 79 -41.10 -44.51 6.72
N GLU JA 80 -39.85 -44.80 7.08
CA GLU JA 80 -38.74 -43.94 6.68
C GLU JA 80 -38.60 -43.85 5.17
N THR JA 81 -38.64 -45.00 4.49
CA THR JA 81 -38.47 -44.99 3.04
C THR JA 81 -39.64 -44.31 2.35
N LEU JA 82 -40.86 -44.50 2.87
CA LEU JA 82 -42.01 -43.80 2.28
C LEU JA 82 -41.87 -42.30 2.43
N MET JA 83 -41.45 -41.83 3.60
CA MET JA 83 -41.23 -40.39 3.78
C MET JA 83 -40.14 -39.90 2.84
N GLU JA 84 -39.08 -40.70 2.65
CA GLU JA 84 -38.06 -40.34 1.68
C GLU JA 84 -38.58 -40.30 0.25
N SER JA 85 -39.60 -41.11 -0.04
CA SER JA 85 -40.23 -41.11 -1.36
C SER JA 85 -41.35 -40.09 -1.47
N ASN JA 86 -41.60 -39.33 -0.40
CA ASN JA 86 -42.53 -38.20 -0.44
C ASN JA 86 -43.97 -38.67 -0.60
N TYR JA 87 -44.35 -39.64 0.24
CA TYR JA 87 -45.73 -40.10 0.32
C TYR JA 87 -46.45 -39.27 1.38
N ASN JA 88 -47.61 -38.73 1.02
CA ASN JA 88 -48.38 -37.97 1.99
C ASN JA 88 -48.94 -38.91 3.06
N SER JA 89 -49.70 -38.33 4.00
CA SER JA 89 -50.16 -39.11 5.14
C SER JA 89 -51.04 -40.28 4.71
N ALA JA 90 -51.98 -40.03 3.79
CA ALA JA 90 -52.88 -41.10 3.37
C ALA JA 90 -52.13 -42.23 2.67
N SER JA 91 -51.21 -41.88 1.78
CA SER JA 91 -50.44 -42.90 1.07
C SER JA 91 -49.56 -43.70 2.03
N VAL JA 92 -48.94 -43.01 3.00
CA VAL JA 92 -48.12 -43.71 3.98
C VAL JA 92 -48.98 -44.64 4.81
N LYS JA 93 -50.18 -44.20 5.19
CA LYS JA 93 -51.07 -45.06 5.96
C LYS JA 93 -51.46 -46.29 5.15
N VAL JA 94 -51.74 -46.11 3.85
CA VAL JA 94 -52.15 -47.24 3.03
C VAL JA 94 -51.00 -48.23 2.84
N SER JA 95 -49.78 -47.71 2.68
CA SER JA 95 -48.63 -48.54 2.36
C SER JA 95 -47.93 -49.12 3.58
N ALA JA 96 -48.22 -48.62 4.79
CA ALA JA 96 -47.50 -49.07 5.96
C ALA JA 96 -47.57 -50.57 6.20
N PRO JA 97 -48.73 -51.23 6.07
CA PRO JA 97 -48.76 -52.68 6.35
C PRO JA 97 -47.75 -53.47 5.53
N PHE JA 98 -47.64 -53.18 4.23
CA PHE JA 98 -46.73 -53.93 3.38
C PHE JA 98 -45.28 -53.65 3.74
N ILE JA 99 -44.95 -52.37 3.94
CA ILE JA 99 -43.57 -52.01 4.27
C ILE JA 99 -43.16 -52.68 5.58
N THR JA 100 -44.02 -52.62 6.59
CA THR JA 100 -43.71 -53.29 7.85
C THR JA 100 -43.53 -54.78 7.64
N ALA JA 101 -44.49 -55.42 6.96
CA ALA JA 101 -44.43 -56.86 6.77
C ALA JA 101 -43.13 -57.28 6.09
N ASN JA 102 -42.68 -56.52 5.09
CA ASN JA 102 -41.51 -56.91 4.31
C ASN JA 102 -40.22 -56.25 4.78
N SER JA 103 -40.26 -55.46 5.85
CA SER JA 103 -39.06 -54.78 6.33
C SER JA 103 -38.07 -55.79 6.91
N GLU JA 104 -36.89 -55.29 7.26
CA GLU JA 104 -35.85 -56.07 7.93
C GLU JA 104 -35.77 -55.59 9.38
N TYR JA 105 -36.33 -56.38 10.29
CA TYR JA 105 -36.30 -56.02 11.70
C TYR JA 105 -34.92 -56.25 12.28
N SER JA 106 -34.59 -55.50 13.32
CA SER JA 106 -33.30 -55.63 13.99
C SER JA 106 -33.32 -54.81 15.27
N GLU JA 107 -32.60 -55.29 16.27
CA GLU JA 107 -32.42 -54.52 17.49
C GLU JA 107 -31.55 -53.30 17.21
N SER JA 108 -31.36 -52.47 18.23
CA SER JA 108 -30.57 -51.26 18.11
C SER JA 108 -31.17 -50.28 17.12
N SER JA 109 -32.46 -50.44 16.79
CA SER JA 109 -33.11 -49.53 15.86
C SER JA 109 -33.14 -48.12 16.46
N SER JA 110 -32.75 -47.14 15.65
CA SER JA 110 -32.71 -45.76 16.12
C SER JA 110 -34.09 -45.25 16.49
N PHE JA 111 -35.15 -45.87 15.99
CA PHE JA 111 -36.51 -45.46 16.33
C PHE JA 111 -36.87 -45.95 17.73
N LYS JA 112 -37.49 -45.07 18.51
CA LYS JA 112 -37.93 -45.37 19.86
C LYS JA 112 -39.39 -44.99 20.00
N ASN JA 113 -40.21 -45.91 20.51
CA ASN JA 113 -41.62 -45.67 20.71
C ASN JA 113 -42.06 -46.22 22.07
N THR JA 114 -41.23 -46.02 23.09
CA THR JA 114 -41.57 -46.47 24.43
C THR JA 114 -42.62 -45.54 25.03
N GLU JA 115 -43.10 -45.89 26.23
CA GLU JA 115 -44.14 -45.09 26.86
C GLU JA 115 -43.59 -43.78 27.42
N THR JA 116 -42.27 -43.61 27.46
CA THR JA 116 -41.65 -42.42 28.01
C THR JA 116 -41.10 -41.47 26.95
N GLU JA 117 -40.63 -41.99 25.82
CA GLU JA 117 -40.15 -41.16 24.72
C GLU JA 117 -40.85 -41.53 23.42
N LYS JA 118 -40.80 -40.59 22.47
CA LYS JA 118 -41.47 -40.72 21.18
C LYS JA 118 -40.51 -40.29 20.08
N SER JA 119 -40.54 -41.01 18.96
CA SER JA 119 -39.67 -40.73 17.82
C SER JA 119 -40.53 -40.42 16.59
N MET JA 120 -40.04 -39.51 15.75
CA MET JA 120 -40.78 -39.04 14.60
C MET JA 120 -39.84 -38.80 13.43
N TYR JA 121 -40.38 -38.90 12.21
CA TYR JA 121 -39.65 -38.56 11.00
C TYR JA 121 -40.16 -37.24 10.45
N THR JA 122 -39.24 -36.42 9.93
CA THR JA 122 -39.58 -35.14 9.32
C THR JA 122 -38.95 -35.06 7.94
N SER JA 123 -39.67 -34.43 7.01
CA SER JA 123 -39.21 -34.30 5.63
C SER JA 123 -39.64 -32.94 5.09
N SER JA 124 -38.70 -32.24 4.45
CA SER JA 124 -38.95 -30.94 3.85
C SER JA 124 -38.63 -31.04 2.36
N ARG JA 125 -39.60 -30.67 1.52
CA ARG JA 125 -39.47 -30.77 0.07
C ARG JA 125 -39.57 -29.37 -0.52
N TYR JA 126 -38.51 -28.95 -1.19
CA TYR JA 126 -38.50 -27.72 -1.98
C TYR JA 126 -38.91 -28.10 -3.40
N LEU JA 127 -40.13 -27.75 -3.76
CA LEU JA 127 -40.81 -28.25 -4.95
C LEU JA 127 -40.86 -27.19 -6.04
N PHE JA 128 -40.63 -27.60 -7.28
CA PHE JA 128 -40.96 -26.85 -8.49
C PHE JA 128 -41.94 -27.72 -9.24
N PRO JA 129 -43.24 -27.61 -8.97
CA PRO JA 129 -44.21 -28.48 -9.63
C PRO JA 129 -44.59 -27.96 -11.01
N GLN JA 130 -45.07 -28.90 -11.83
CA GLN JA 130 -45.64 -28.59 -13.12
C GLN JA 130 -47.09 -29.03 -13.26
N GLY JA 131 -47.55 -29.92 -12.39
CA GLY JA 131 -48.93 -30.36 -12.43
C GLY JA 131 -49.10 -31.66 -11.68
N ARG JA 132 -50.27 -32.27 -11.89
CA ARG JA 132 -50.63 -33.50 -11.20
C ARG JA 132 -51.38 -34.40 -12.18
N ILE JA 133 -51.05 -35.68 -12.16
CA ILE JA 133 -51.65 -36.68 -13.03
C ILE JA 133 -52.44 -37.65 -12.15
N ASP JA 134 -53.64 -38.00 -12.63
CA ASP JA 134 -54.57 -38.82 -11.86
C ASP JA 134 -55.05 -40.00 -12.70
N PHE JA 135 -55.37 -41.09 -12.02
CA PHE JA 135 -55.92 -42.28 -12.64
C PHE JA 135 -57.26 -42.61 -11.98
N THR JA 136 -58.13 -43.29 -12.73
CA THR JA 136 -59.45 -43.65 -12.24
C THR JA 136 -59.42 -45.08 -11.75
N THR JA 137 -59.68 -45.27 -10.46
CA THR JA 137 -59.76 -46.61 -9.92
C THR JA 137 -61.12 -47.23 -10.25
N PRO JA 138 -61.20 -48.55 -10.33
CA PRO JA 138 -62.51 -49.18 -10.58
C PRO JA 138 -63.55 -48.82 -9.54
N ASP JA 139 -63.14 -48.63 -8.28
CA ASP JA 139 -64.10 -48.28 -7.24
C ASP JA 139 -64.73 -46.91 -7.47
N SER JA 140 -64.09 -46.04 -8.22
CA SER JA 140 -64.65 -44.71 -8.47
C SER JA 140 -65.96 -44.80 -9.22
N GLY JA 141 -66.05 -45.69 -10.19
CA GLY JA 141 -67.28 -45.89 -10.93
C GLY JA 141 -67.41 -45.09 -12.21
N PHE JA 142 -66.36 -44.37 -12.60
CA PHE JA 142 -66.42 -43.59 -13.82
C PHE JA 142 -66.10 -44.46 -15.04
N ASP JA 143 -66.28 -43.89 -16.23
CA ASP JA 143 -66.19 -44.66 -17.45
C ASP JA 143 -64.75 -44.87 -17.94
N ASP JA 144 -63.79 -44.09 -17.44
CA ASP JA 144 -62.41 -44.17 -17.88
C ASP JA 144 -61.53 -44.93 -16.89
N VAL JA 145 -62.07 -45.97 -16.26
CA VAL JA 145 -61.29 -46.74 -15.29
C VAL JA 145 -60.04 -47.31 -15.95
N ILE JA 146 -59.01 -47.51 -15.14
CA ILE JA 146 -57.81 -48.20 -15.60
C ILE JA 146 -58.12 -49.69 -15.75
N LYS JA 147 -57.53 -50.32 -16.76
CA LYS JA 147 -57.75 -51.72 -17.05
C LYS JA 147 -56.50 -52.52 -16.72
N LEU JA 148 -56.63 -53.50 -15.84
CA LEU JA 148 -55.49 -54.34 -15.49
C LEU JA 148 -55.03 -55.14 -16.70
N SER JA 149 -53.72 -55.34 -16.77
CA SER JA 149 -53.14 -56.01 -17.93
C SER JA 149 -53.62 -57.46 -17.98
N PRO JA 150 -53.82 -58.02 -19.17
CA PRO JA 150 -54.20 -59.44 -19.25
C PRO JA 150 -53.17 -60.35 -18.62
N GLN JA 151 -51.89 -60.00 -18.66
CA GLN JA 151 -50.87 -60.82 -18.01
C GLN JA 151 -51.10 -60.89 -16.51
N PHE JA 152 -51.36 -59.75 -15.88
CA PHE JA 152 -51.62 -59.74 -14.44
C PHE JA 152 -52.90 -60.50 -14.12
N THR JA 153 -53.95 -60.31 -14.92
CA THR JA 153 -55.20 -61.02 -14.65
C THR JA 153 -55.01 -62.53 -14.78
N SER JA 154 -54.28 -62.97 -15.81
CA SER JA 154 -54.01 -64.39 -15.97
C SER JA 154 -53.16 -64.93 -14.84
N GLY JA 155 -52.19 -64.15 -14.38
CA GLY JA 155 -51.39 -64.57 -13.23
C GLY JA 155 -52.24 -64.76 -11.99
N VAL JA 156 -53.15 -63.83 -11.73
CA VAL JA 156 -54.04 -63.96 -10.57
C VAL JA 156 -54.91 -65.20 -10.71
N GLN JA 157 -55.46 -65.43 -11.92
CA GLN JA 157 -56.30 -66.60 -12.13
C GLN JA 157 -55.51 -67.89 -11.90
N ALA JA 158 -54.29 -67.96 -12.43
CA ALA JA 158 -53.47 -69.15 -12.24
C ALA JA 158 -53.14 -69.36 -10.77
N ALA JA 159 -52.83 -68.28 -10.05
CA ALA JA 159 -52.55 -68.40 -8.63
C ALA JA 159 -53.76 -68.95 -7.87
N LEU JA 160 -54.95 -68.44 -8.19
CA LEU JA 160 -56.16 -68.88 -7.49
C LEU JA 160 -56.66 -70.24 -7.97
N ALA JA 161 -56.14 -70.76 -9.08
CA ALA JA 161 -56.55 -72.06 -9.58
C ALA JA 161 -55.71 -73.22 -9.05
N LYS JA 162 -54.79 -72.96 -8.12
CA LYS JA 162 -53.92 -74.01 -7.62
C LYS JA 162 -54.70 -74.96 -6.70
N ALA JA 163 -54.11 -76.14 -6.50
CA ALA JA 163 -54.82 -77.23 -5.84
C ALA JA 163 -55.07 -76.92 -4.36
N THR JA 164 -54.05 -76.44 -3.64
CA THR JA 164 -54.11 -76.29 -2.20
C THR JA 164 -54.01 -74.83 -1.80
N GLY JA 165 -54.54 -74.52 -0.61
CA GLY JA 165 -54.49 -73.16 -0.13
C GLY JA 165 -53.08 -72.64 0.05
N THR JA 166 -52.17 -73.50 0.52
CA THR JA 166 -50.79 -73.08 0.68
C THR JA 166 -50.16 -72.72 -0.67
N GLU JA 167 -50.43 -73.53 -1.70
CA GLU JA 167 -49.92 -73.23 -3.03
C GLU JA 167 -50.54 -71.94 -3.56
N LYS JA 168 -51.83 -71.73 -3.33
CA LYS JA 168 -52.47 -70.49 -3.76
C LYS JA 168 -51.81 -69.29 -3.10
N ARG JA 169 -51.57 -69.38 -1.79
CA ARG JA 169 -50.96 -68.27 -1.07
C ARG JA 169 -49.53 -68.02 -1.56
N GLU JA 170 -48.77 -69.09 -1.81
CA GLU JA 170 -47.41 -68.91 -2.32
C GLU JA 170 -47.44 -68.24 -3.69
N ALA JA 171 -48.35 -68.67 -4.56
CA ALA JA 171 -48.46 -68.06 -5.89
C ALA JA 171 -48.84 -66.59 -5.78
N LEU JA 172 -49.79 -66.26 -4.90
CA LEU JA 172 -50.17 -64.86 -4.72
C LEU JA 172 -49.01 -64.04 -4.18
N GLN JA 173 -48.25 -64.61 -3.24
CA GLN JA 173 -47.10 -63.89 -2.70
C GLN JA 173 -46.08 -63.59 -3.78
N ASN JA 174 -45.78 -64.59 -4.63
CA ASN JA 174 -44.84 -64.37 -5.72
C ASN JA 174 -45.38 -63.33 -6.70
N LEU JA 175 -46.66 -63.43 -7.04
CA LEU JA 175 -47.25 -62.50 -7.99
C LEU JA 175 -47.19 -61.07 -7.47
N PHE JA 176 -47.49 -60.86 -6.18
CA PHE JA 176 -47.45 -59.52 -5.65
C PHE JA 176 -46.03 -59.01 -5.45
N GLN JA 177 -45.08 -59.91 -5.13
CA GLN JA 177 -43.69 -59.50 -5.07
C GLN JA 177 -43.17 -59.08 -6.44
N GLU JA 178 -43.73 -59.66 -7.52
CA GLU JA 178 -43.29 -59.32 -8.85
C GLU JA 178 -43.97 -58.06 -9.37
N TYR JA 179 -45.28 -57.95 -9.20
CA TYR JA 179 -46.07 -56.89 -9.82
C TYR JA 179 -46.29 -55.68 -8.92
N GLY JA 180 -45.95 -55.75 -7.64
CA GLY JA 180 -46.15 -54.65 -6.72
C GLY JA 180 -47.29 -54.92 -5.75
N HIS JA 181 -47.37 -54.05 -4.74
CA HIS JA 181 -48.41 -54.10 -3.71
C HIS JA 181 -49.40 -52.96 -3.79
N VAL JA 182 -48.99 -51.79 -4.28
CA VAL JA 182 -49.88 -50.65 -4.43
C VAL JA 182 -49.64 -50.02 -5.79
N PHE JA 183 -50.59 -49.19 -6.21
CA PHE JA 183 -50.52 -48.46 -7.47
C PHE JA 183 -50.74 -46.99 -7.19
N ARG JA 184 -49.87 -46.13 -7.73
CA ARG JA 184 -49.97 -44.70 -7.50
C ARG JA 184 -51.07 -44.12 -8.38
N THR JA 185 -52.13 -43.62 -7.75
CA THR JA 185 -53.27 -43.08 -8.47
C THR JA 185 -53.19 -41.58 -8.71
N LYS JA 186 -52.46 -40.84 -7.87
CA LYS JA 186 -52.29 -39.40 -8.05
C LYS JA 186 -50.82 -39.07 -7.80
N VAL JA 187 -50.17 -38.49 -8.80
CA VAL JA 187 -48.74 -38.21 -8.72
C VAL JA 187 -48.48 -36.81 -9.24
N HIS JA 188 -47.64 -36.06 -8.53
CA HIS JA 188 -47.26 -34.72 -8.92
C HIS JA 188 -46.00 -34.79 -9.77
N ILE JA 189 -45.91 -33.92 -10.77
CA ILE JA 189 -44.79 -33.91 -11.69
C ILE JA 189 -43.98 -32.63 -11.46
N GLY JA 190 -42.69 -32.69 -11.77
CA GLY JA 190 -41.82 -31.54 -11.63
C GLY JA 190 -40.46 -31.88 -11.05
N GLY JA 191 -39.91 -31.00 -10.23
CA GLY JA 191 -38.64 -31.24 -9.58
C GLY JA 191 -38.75 -31.00 -8.09
N VAL JA 192 -37.84 -31.63 -7.35
CA VAL JA 192 -37.91 -31.56 -5.89
C VAL JA 192 -36.54 -31.78 -5.27
N LEU JA 193 -36.21 -30.95 -4.28
CA LEU JA 193 -35.06 -31.16 -3.42
C LEU JA 193 -35.58 -31.53 -2.03
N SER JA 194 -35.26 -32.73 -1.57
CA SER JA 194 -35.83 -33.25 -0.33
C SER JA 194 -34.75 -33.40 0.73
N ALA JA 195 -35.10 -33.05 1.97
CA ALA JA 195 -34.23 -33.23 3.12
C ALA JA 195 -35.02 -33.94 4.21
N HIS JA 196 -34.48 -35.06 4.71
CA HIS JA 196 -35.20 -35.90 5.65
C HIS JA 196 -34.36 -36.12 6.91
N THR JA 197 -35.04 -36.29 8.03
CA THR JA 197 -34.36 -36.51 9.30
C THR JA 197 -35.32 -37.23 10.26
N MET JA 198 -34.77 -37.69 11.37
CA MET JA 198 -35.55 -38.31 12.44
C MET JA 198 -35.14 -37.70 13.76
N GLU JA 199 -36.10 -37.59 14.67
CA GLU JA 199 -35.86 -37.00 15.98
C GLU JA 199 -36.60 -37.78 17.05
N THR JA 200 -35.91 -38.04 18.16
CA THR JA 200 -36.49 -38.69 19.33
C THR JA 200 -36.48 -37.71 20.49
N PHE JA 201 -37.58 -37.68 21.25
CA PHE JA 201 -37.71 -36.72 22.34
C PHE JA 201 -38.66 -37.27 23.39
N SER JA 202 -38.46 -36.85 24.63
CA SER JA 202 -39.32 -37.30 25.71
C SER JA 202 -40.75 -36.84 25.47
N ARG JA 203 -41.70 -37.71 25.83
CA ARG JA 203 -43.11 -37.38 25.65
C ARG JA 203 -43.53 -36.19 26.52
N SER JA 204 -42.79 -35.91 27.58
CA SER JA 204 -43.13 -34.78 28.44
C SER JA 204 -42.92 -33.45 27.73
N GLU JA 205 -41.94 -33.40 26.81
CA GLU JA 205 -41.64 -32.15 26.12
C GLU JA 205 -42.81 -31.73 25.23
N ASN JA 206 -42.93 -30.43 25.01
CA ASN JA 206 -43.99 -29.89 24.17
C ASN JA 206 -43.81 -30.36 22.73
N GLU JA 207 -44.74 -31.20 22.25
CA GLU JA 207 -44.63 -31.74 20.91
C GLU JA 207 -44.77 -30.66 19.85
N THR JA 208 -45.61 -29.66 20.10
CA THR JA 208 -45.85 -28.59 19.13
C THR JA 208 -44.77 -27.53 19.18
N GLU JA 209 -43.74 -27.74 19.99
CA GLU JA 209 -42.52 -26.95 19.94
C GLU JA 209 -41.35 -27.75 19.39
N VAL JA 210 -41.27 -29.04 19.70
CA VAL JA 210 -40.27 -29.88 19.06
C VAL JA 210 -40.51 -29.92 17.55
N LYS JA 211 -41.77 -30.08 17.14
CA LYS JA 211 -42.08 -30.13 15.72
C LYS JA 211 -41.73 -28.82 15.03
N GLN JA 212 -42.07 -27.70 15.65
CA GLN JA 212 -41.78 -26.40 15.06
C GLN JA 212 -40.28 -26.17 14.92
N ASP JA 213 -39.52 -26.51 15.96
CA ASP JA 213 -38.07 -26.32 15.89
C ASP JA 213 -37.45 -27.18 14.80
N VAL JA 214 -37.85 -28.46 14.74
CA VAL JA 214 -37.31 -29.35 13.72
C VAL JA 214 -37.69 -28.85 12.33
N LYS JA 215 -38.93 -28.43 12.16
CA LYS JA 215 -39.38 -27.93 10.86
C LYS JA 215 -38.58 -26.71 10.44
N ALA JA 216 -38.36 -25.76 11.36
CA ALA JA 216 -37.61 -24.58 11.01
C ALA JA 216 -36.18 -24.95 10.59
N GLY JA 217 -35.54 -25.82 11.35
CA GLY JA 217 -34.17 -26.22 11.00
C GLY JA 217 -34.11 -26.88 9.63
N LEU JA 218 -34.99 -27.84 9.39
CA LEU JA 218 -34.96 -28.57 8.12
C LEU JA 218 -35.32 -27.66 6.95
N GLU JA 219 -36.27 -26.76 7.15
CA GLU JA 219 -36.63 -25.83 6.08
C GLU JA 219 -35.47 -24.91 5.74
N GLY JA 220 -34.77 -24.39 6.77
CA GLY JA 220 -33.58 -23.62 6.49
C GLY JA 220 -32.51 -24.43 5.76
N ALA JA 221 -32.40 -25.72 6.09
CA ALA JA 221 -31.40 -26.55 5.43
C ALA JA 221 -31.73 -26.74 3.96
N VAL JA 222 -32.99 -27.05 3.65
CA VAL JA 222 -33.39 -27.23 2.26
C VAL JA 222 -33.37 -25.92 1.49
N LYS JA 223 -33.46 -24.76 2.11
CA LYS JA 223 -33.41 -23.53 1.32
C LYS JA 223 -32.02 -23.26 0.84
N GLY JA 224 -31.04 -23.52 1.69
CA GLY JA 224 -29.66 -23.28 1.31
C GLY JA 224 -29.24 -24.16 0.16
N TRP JA 225 -29.63 -25.42 0.21
CA TRP JA 225 -29.27 -26.36 -0.85
C TRP JA 225 -30.38 -26.46 -1.87
N GLN JA 237 -24.24 -29.80 3.91
CA GLN JA 237 -24.10 -30.03 5.34
C GLN JA 237 -24.95 -31.21 5.77
N GLY JA 238 -24.29 -32.28 6.21
CA GLY JA 238 -25.01 -33.46 6.63
C GLY JA 238 -25.65 -33.37 8.00
N THR JA 239 -25.27 -32.35 8.78
CA THR JA 239 -25.73 -32.21 10.15
C THR JA 239 -26.20 -30.79 10.39
N ILE JA 240 -27.27 -30.64 11.17
CA ILE JA 240 -27.93 -29.37 11.40
C ILE JA 240 -28.11 -29.16 12.90
N THR JA 241 -27.99 -27.92 13.34
CA THR JA 241 -28.27 -27.53 14.72
C THR JA 241 -29.49 -26.62 14.72
N THR JA 242 -30.52 -26.99 15.47
CA THR JA 242 -31.75 -26.22 15.51
C THR JA 242 -31.67 -25.12 16.56
N SER JA 243 -32.77 -24.38 16.72
CA SER JA 243 -32.81 -23.31 17.71
C SER JA 243 -32.66 -23.85 19.12
N GLN JA 244 -33.29 -24.99 19.41
CA GLN JA 244 -33.17 -25.64 20.71
C GLN JA 244 -31.87 -26.41 20.87
N ASN JA 245 -30.87 -26.16 20.02
CA ASN JA 245 -29.59 -26.86 20.07
C ASN JA 245 -29.75 -28.36 19.82
N ARG JA 246 -30.82 -28.75 19.13
CA ARG JA 246 -30.99 -30.15 18.74
C ARG JA 246 -30.11 -30.46 17.55
N LYS JA 247 -29.44 -31.60 17.60
CA LYS JA 247 -28.54 -32.04 16.54
C LYS JA 247 -29.25 -33.05 15.67
N LEU JA 248 -29.39 -32.74 14.38
CA LEU JA 248 -30.14 -33.55 13.43
C LEU JA 248 -29.24 -34.00 12.29
N ASN JA 249 -29.36 -35.27 11.92
CA ASN JA 249 -28.70 -35.79 10.73
C ASN JA 249 -29.67 -35.73 9.56
N VAL JA 250 -29.25 -35.13 8.46
CA VAL JA 250 -30.13 -34.84 7.33
C VAL JA 250 -29.65 -35.62 6.11
N LYS JA 251 -30.59 -36.28 5.46
CA LYS JA 251 -30.35 -36.98 4.20
C LYS JA 251 -30.96 -36.16 3.07
N TYR JA 252 -30.16 -35.87 2.04
CA TYR JA 252 -30.57 -35.03 0.94
C TYR JA 252 -30.80 -35.87 -0.31
N ILE JA 253 -31.87 -35.54 -1.04
CA ILE JA 253 -32.22 -36.20 -2.29
C ILE JA 253 -32.48 -35.13 -3.33
N VAL JA 254 -31.87 -35.27 -4.51
CA VAL JA 254 -31.99 -34.32 -5.60
C VAL JA 254 -32.80 -34.96 -6.71
N ASN JA 255 -33.87 -34.30 -7.11
CA ASN JA 255 -34.71 -34.74 -8.22
C ASN JA 255 -35.07 -33.52 -9.06
N VAL JA 256 -34.05 -32.77 -9.48
CA VAL JA 256 -34.24 -31.59 -10.30
C VAL JA 256 -33.04 -31.44 -11.23
N VAL JA 257 -33.31 -31.03 -12.46
CA VAL JA 257 -32.26 -30.79 -13.43
C VAL JA 257 -32.58 -29.54 -14.24
N GLN JA 274 -37.12 -27.85 -19.34
CA GLN JA 274 -37.29 -28.85 -20.38
C GLN JA 274 -38.18 -29.98 -19.87
N SER JA 275 -39.20 -30.34 -20.66
CA SER JA 275 -40.16 -31.35 -20.24
C SER JA 275 -39.56 -32.75 -20.16
N GLU JA 276 -38.41 -32.97 -20.77
CA GLU JA 276 -37.82 -34.31 -20.77
C GLU JA 276 -37.30 -34.72 -19.41
N HIS JA 277 -37.02 -33.76 -18.52
CA HIS JA 277 -36.43 -34.03 -17.22
C HIS JA 277 -37.44 -33.99 -16.09
N TRP JA 278 -38.73 -33.88 -16.39
CA TRP JA 278 -39.73 -33.88 -15.34
C TRP JA 278 -39.89 -35.28 -14.74
N ARG JA 279 -40.00 -35.33 -13.42
CA ARG JA 279 -40.10 -36.60 -12.71
C ARG JA 279 -41.15 -36.47 -11.61
N VAL JA 280 -41.59 -37.62 -11.10
CA VAL JA 280 -42.56 -37.64 -10.02
C VAL JA 280 -41.93 -37.09 -8.76
N ILE JA 281 -42.58 -36.12 -8.14
CA ILE JA 281 -42.06 -35.44 -6.96
C ILE JA 281 -42.88 -35.71 -5.71
N GLU JA 282 -44.07 -36.29 -5.84
CA GLU JA 282 -44.92 -36.53 -4.69
C GLU JA 282 -46.05 -37.46 -5.08
N VAL JA 283 -46.44 -38.33 -4.15
CA VAL JA 283 -47.54 -39.27 -4.36
C VAL JA 283 -48.66 -38.87 -3.41
N THR JA 284 -49.80 -38.45 -3.97
CA THR JA 284 -50.91 -37.98 -3.17
C THR JA 284 -51.90 -39.08 -2.83
N GLU JA 285 -51.93 -40.16 -3.59
CA GLU JA 285 -52.89 -41.24 -3.35
C GLU JA 285 -52.34 -42.52 -3.93
N VAL JA 286 -52.50 -43.62 -3.19
CA VAL JA 286 -52.18 -44.96 -3.66
C VAL JA 286 -53.32 -45.88 -3.32
N THR JA 287 -53.51 -46.91 -4.15
CA THR JA 287 -54.57 -47.89 -3.95
C THR JA 287 -53.94 -49.28 -4.00
N ALA JA 288 -54.30 -50.12 -3.03
CA ALA JA 288 -53.76 -51.47 -3.00
C ALA JA 288 -54.07 -52.20 -4.31
N VAL JA 289 -53.07 -52.92 -4.82
CA VAL JA 289 -53.23 -53.62 -6.09
C VAL JA 289 -54.39 -54.61 -6.01
N ALA JA 290 -54.55 -55.27 -4.86
CA ALA JA 290 -55.67 -56.18 -4.70
C ALA JA 290 -57.01 -55.48 -4.91
N ASP JA 291 -57.12 -54.23 -4.48
CA ASP JA 291 -58.38 -53.50 -4.62
C ASP JA 291 -58.77 -53.27 -6.07
N LEU JA 292 -57.83 -53.37 -7.00
CA LEU JA 292 -58.11 -53.12 -8.40
C LEU JA 292 -58.83 -54.27 -9.08
N LEU JA 293 -58.87 -55.44 -8.46
CA LEU JA 293 -59.48 -56.61 -9.08
C LEU JA 293 -61.00 -56.56 -8.97
N PRO JA 294 -61.71 -57.30 -9.82
CA PRO JA 294 -63.16 -57.39 -9.68
C PRO JA 294 -63.54 -57.99 -8.33
N GLN JA 295 -64.70 -57.58 -7.81
CA GLN JA 295 -65.05 -57.90 -6.43
C GLN JA 295 -64.98 -59.38 -6.10
N PRO JA 296 -65.53 -60.30 -6.90
CA PRO JA 296 -65.48 -61.72 -6.50
C PRO JA 296 -64.07 -62.24 -6.33
N ILE JA 297 -63.13 -61.80 -7.16
CA ILE JA 297 -61.74 -62.24 -7.02
C ILE JA 297 -61.03 -61.45 -5.93
N ARG JA 298 -61.40 -60.18 -5.75
CA ARG JA 298 -60.80 -59.35 -4.72
C ARG JA 298 -61.07 -59.92 -3.35
N GLY JA 299 -62.30 -60.38 -3.10
CA GLY JA 299 -62.60 -60.98 -1.82
C GLY JA 299 -61.75 -62.19 -1.53
N GLN JA 300 -61.62 -63.08 -2.50
CA GLN JA 300 -60.80 -64.28 -2.32
C GLN JA 300 -59.34 -63.92 -2.09
N VAL JA 301 -58.81 -62.97 -2.85
CA VAL JA 301 -57.41 -62.59 -2.69
C VAL JA 301 -57.17 -61.99 -1.31
N LYS JA 302 -58.07 -61.10 -0.87
CA LYS JA 302 -57.91 -60.49 0.44
C LYS JA 302 -57.97 -61.54 1.53
N ASP JA 303 -58.90 -62.49 1.42
CA ASP JA 303 -58.98 -63.55 2.43
C ASP JA 303 -57.72 -64.42 2.42
N LEU JA 304 -57.20 -64.75 1.23
CA LEU JA 304 -56.03 -65.60 1.14
C LEU JA 304 -54.76 -64.92 1.62
N LEU JA 305 -54.72 -63.58 1.59
CA LEU JA 305 -53.54 -62.85 2.02
C LEU JA 305 -53.46 -62.68 3.53
N LYS JA 306 -54.44 -63.18 4.29
CA LYS JA 306 -54.41 -63.01 5.73
C LYS JA 306 -53.34 -63.92 6.35
N PRO JA 307 -52.41 -63.37 7.14
CA PRO JA 307 -51.29 -64.20 7.63
C PRO JA 307 -51.71 -65.40 8.48
N LEU JA 308 -52.75 -65.26 9.29
CA LEU JA 308 -53.06 -66.25 10.32
C LEU JA 308 -54.46 -66.81 10.15
N LEU JA 309 -54.61 -68.09 10.46
CA LEU JA 309 -55.92 -68.74 10.58
C LEU JA 309 -56.28 -68.82 12.06
N GLY JA 310 -57.49 -68.36 12.40
CA GLY JA 310 -57.90 -68.29 13.79
C GLY JA 310 -58.90 -69.35 14.20
N LYS JA 311 -58.98 -69.62 15.50
CA LYS JA 311 -59.91 -70.59 16.04
C LYS JA 311 -60.22 -70.22 17.48
N TRP JA 312 -61.43 -70.56 17.92
CA TRP JA 312 -61.86 -70.35 19.30
C TRP JA 312 -61.93 -71.69 20.00
N VAL JA 313 -61.34 -71.76 21.20
CA VAL JA 313 -61.30 -73.00 21.97
C VAL JA 313 -61.69 -72.70 23.42
N ASP JA 314 -62.02 -73.77 24.14
CA ASP JA 314 -62.37 -73.64 25.54
C ASP JA 314 -61.15 -73.27 26.38
N VAL JA 315 -61.41 -72.83 27.62
CA VAL JA 315 -60.37 -72.37 28.51
C VAL JA 315 -60.50 -73.07 29.85
N GLU JA 316 -59.39 -73.07 30.60
CA GLU JA 316 -59.32 -73.69 31.91
C GLU JA 316 -58.63 -72.75 32.88
N LYS JA 317 -59.06 -72.78 34.14
CA LYS JA 317 -58.47 -71.92 35.15
C LYS JA 317 -57.10 -72.44 35.57
N VAL JA 318 -56.11 -71.55 35.59
CA VAL JA 318 -54.75 -71.93 35.97
C VAL JA 318 -54.74 -72.27 37.46
N PRO JA 319 -54.19 -73.41 37.87
CA PRO JA 319 -54.13 -73.72 39.31
C PRO JA 319 -53.21 -72.75 40.03
N GLY JA 320 -53.54 -72.51 41.30
CA GLY JA 320 -52.77 -71.57 42.08
C GLY JA 320 -53.08 -70.14 41.72
N LEU JA 321 -52.16 -69.24 42.09
CA LEU JA 321 -52.29 -67.82 41.79
C LEU JA 321 -53.54 -67.25 42.45
N GLU JA 322 -53.88 -67.76 43.64
CA GLU JA 322 -55.05 -67.27 44.35
C GLU JA 322 -54.84 -65.88 44.92
N SER JA 323 -53.59 -65.42 45.02
CA SER JA 323 -53.33 -64.09 45.55
C SER JA 323 -53.78 -63.00 44.59
N LEU JA 324 -53.75 -63.28 43.28
CA LEU JA 324 -54.00 -62.24 42.30
C LEU JA 324 -55.50 -61.88 42.28
N PRO JA 325 -55.82 -60.60 42.05
CA PRO JA 325 -57.23 -60.18 42.13
C PRO JA 325 -58.14 -60.87 41.13
N VAL JA 326 -57.62 -61.34 40.00
CA VAL JA 326 -58.45 -61.91 38.94
C VAL JA 326 -57.90 -63.28 38.57
N SER JA 327 -58.79 -64.11 38.03
CA SER JA 327 -58.42 -65.45 37.60
C SER JA 327 -57.65 -65.39 36.29
N VAL JA 328 -56.77 -66.37 36.10
CA VAL JA 328 -55.97 -66.52 34.89
C VAL JA 328 -56.44 -67.75 34.16
N TYR JA 329 -56.62 -67.64 32.85
CA TYR JA 329 -57.14 -68.73 32.02
C TYR JA 329 -56.17 -69.01 30.89
N ARG JA 330 -56.01 -70.29 30.57
CA ARG JA 330 -55.18 -70.77 29.48
C ARG JA 330 -55.99 -71.78 28.66
N PRO JA 331 -55.62 -71.98 27.39
CA PRO JA 331 -56.36 -72.94 26.58
C PRO JA 331 -56.43 -74.30 27.25
N LYS JA 332 -57.62 -74.89 27.25
CA LYS JA 332 -57.83 -76.17 27.90
C LYS JA 332 -57.41 -77.32 26.98
N GLY JA 333 -56.92 -78.39 27.59
CA GLY JA 333 -56.52 -79.55 26.83
C GLY JA 333 -55.25 -79.32 26.03
N ALA JA 334 -54.98 -80.28 25.15
CA ALA JA 334 -53.80 -80.22 24.29
C ALA JA 334 -54.09 -79.36 23.07
N ILE JA 335 -53.16 -78.47 22.74
CA ILE JA 335 -53.33 -77.63 21.55
C ILE JA 335 -53.29 -78.51 20.32
N PRO JA 336 -54.17 -78.32 19.33
CA PRO JA 336 -54.09 -79.12 18.11
C PRO JA 336 -52.73 -78.94 17.43
N ALA JA 337 -52.25 -80.02 16.82
CA ALA JA 337 -50.94 -79.98 16.18
C ALA JA 337 -50.90 -78.89 15.12
N GLY JA 338 -49.82 -78.09 15.15
CA GLY JA 338 -49.64 -77.02 14.21
C GLY JA 338 -50.23 -75.69 14.63
N TRP JA 339 -50.99 -75.65 15.71
CA TRP JA 339 -51.61 -74.43 16.20
C TRP JA 339 -50.87 -73.92 17.44
N PHE JA 340 -51.02 -72.63 17.70
CA PHE JA 340 -50.34 -71.97 18.80
C PHE JA 340 -51.28 -71.00 19.48
N TRP JA 341 -50.98 -70.67 20.73
CA TRP JA 341 -51.73 -69.68 21.49
C TRP JA 341 -50.83 -68.49 21.80
N LEU JA 342 -51.47 -67.39 22.22
CA LEU JA 342 -50.80 -66.10 22.32
C LEU JA 342 -50.47 -65.67 23.74
N GLY JA 343 -51.09 -66.26 24.75
CA GLY JA 343 -50.76 -65.92 26.13
C GLY JA 343 -51.96 -66.10 27.04
N ASP JA 344 -51.71 -65.85 28.32
CA ASP JA 344 -52.76 -65.97 29.32
C ASP JA 344 -53.73 -64.81 29.21
N THR JA 345 -55.01 -65.09 29.47
CA THR JA 345 -56.06 -64.11 29.36
C THR JA 345 -56.99 -64.20 30.57
N ALA JA 346 -57.64 -63.09 30.88
CA ALA JA 346 -58.61 -63.03 31.96
C ALA JA 346 -60.01 -63.42 31.51
N ASP JA 347 -60.22 -63.67 30.22
CA ASP JA 347 -61.53 -64.07 29.72
C ASP JA 347 -61.81 -65.50 30.16
N ALA JA 348 -62.99 -65.71 30.73
CA ALA JA 348 -63.38 -67.02 31.25
C ALA JA 348 -64.18 -67.84 30.25
N SER JA 349 -64.35 -67.35 29.01
CA SER JA 349 -65.20 -68.00 28.02
C SER JA 349 -64.42 -68.78 26.99
N LYS JA 350 -63.44 -68.16 26.33
CA LYS JA 350 -62.77 -68.79 25.20
C LYS JA 350 -61.37 -68.21 25.04
N ALA JA 351 -60.55 -68.94 24.28
CA ALA JA 351 -59.20 -68.53 23.95
C ALA JA 351 -59.00 -68.64 22.45
N LEU JA 352 -58.11 -67.80 21.93
CA LEU JA 352 -57.86 -67.70 20.49
C LEU JA 352 -56.58 -68.45 20.15
N LEU JA 353 -56.71 -69.44 19.26
CA LEU JA 353 -55.57 -70.13 18.68
C LEU JA 353 -55.34 -69.62 17.26
N VAL JA 354 -54.08 -69.55 16.87
CA VAL JA 354 -53.69 -69.04 15.55
C VAL JA 354 -52.75 -70.04 14.90
N LYS JA 355 -52.77 -70.06 13.56
CA LYS JA 355 -51.92 -70.96 12.79
C LYS JA 355 -51.35 -70.18 11.61
N PRO JA 356 -50.03 -70.25 11.37
CA PRO JA 356 -49.47 -69.56 10.19
C PRO JA 356 -50.04 -70.12 8.90
N THR JA 357 -50.16 -69.26 7.90
CA THR JA 357 -50.65 -69.65 6.59
C THR JA 357 -49.53 -69.93 5.59
N LEU JA 358 -48.40 -69.23 5.71
CA LEU JA 358 -47.29 -69.39 4.78
C LEU JA 358 -46.16 -70.15 5.45
N PRO JA 359 -45.60 -71.18 4.81
CA PRO JA 359 -44.45 -71.88 5.41
C PRO JA 359 -43.27 -70.95 5.59
N ALA JA 360 -42.49 -71.21 6.64
CA ALA JA 360 -41.29 -70.42 6.89
C ALA JA 360 -40.31 -70.56 5.73
N ARG JA 361 -39.79 -69.43 5.26
CA ARG JA 361 -38.85 -69.41 4.15
C ARG JA 361 -37.82 -68.32 4.39
N SER JA 362 -36.62 -68.53 3.86
CA SER JA 362 -35.54 -67.56 4.01
C SER JA 362 -35.93 -66.25 3.33
N GLY JA 363 -35.57 -65.14 3.98
CA GLY JA 363 -35.86 -63.83 3.45
C GLY JA 363 -37.28 -63.35 3.66
N ARG JA 364 -38.11 -64.12 4.36
CA ARG JA 364 -39.50 -63.77 4.62
C ARG JA 364 -39.73 -63.76 6.13
N ASN JA 365 -40.32 -62.68 6.63
CA ASN JA 365 -40.59 -62.57 8.05
C ASN JA 365 -41.68 -63.55 8.47
N PRO JA 366 -41.41 -64.47 9.41
CA PRO JA 366 -42.49 -65.33 9.89
C PRO JA 366 -43.57 -64.53 10.60
N ALA JA 367 -44.80 -65.03 10.53
CA ALA JA 367 -45.89 -64.37 11.23
C ALA JA 367 -45.76 -64.51 12.74
N LEU JA 368 -45.15 -65.61 13.20
CA LEU JA 368 -45.01 -65.89 14.62
C LEU JA 368 -43.56 -66.23 14.93
N THR JA 369 -43.19 -66.07 16.19
CA THR JA 369 -41.84 -66.35 16.66
C THR JA 369 -41.89 -67.21 17.91
N SER JA 370 -40.90 -68.09 18.04
CA SER JA 370 -40.72 -68.86 19.27
C SER JA 370 -40.20 -67.95 20.38
N LEU JA 371 -40.37 -68.40 21.62
CA LEU JA 371 -39.92 -67.67 22.78
C LEU JA 371 -38.91 -68.52 23.55
N HIS JA 372 -37.94 -67.85 24.17
CA HIS JA 372 -36.85 -68.51 24.88
C HIS JA 372 -36.78 -68.01 26.32
N GLN JA 373 -36.31 -68.88 27.20
CA GLN JA 373 -36.24 -68.54 28.61
C GLN JA 373 -35.26 -67.38 28.84
N GLY JA 374 -35.58 -66.54 29.81
CA GLY JA 374 -34.76 -65.37 30.08
C GLY JA 374 -33.36 -65.75 30.54
N SER JA 375 -32.48 -64.76 30.47
CA SER JA 375 -31.07 -65.00 30.79
C SER JA 375 -30.90 -65.35 32.27
N GLY JA 376 -31.49 -64.55 33.16
CA GLY JA 376 -31.34 -64.79 34.58
C GLY JA 376 -32.29 -63.99 35.46
N MET JA 377 -32.60 -64.54 36.63
CA MET JA 377 -33.45 -63.86 37.60
C MET JA 377 -34.79 -63.46 36.99
N THR JA 378 -35.35 -64.35 36.17
CA THR JA 378 -36.67 -64.11 35.59
C THR JA 378 -37.16 -65.40 34.94
N GLU JA 379 -38.43 -65.70 35.13
CA GLU JA 379 -39.09 -66.83 34.49
C GLU JA 379 -39.89 -66.41 33.26
N GLN JA 380 -39.83 -65.14 32.87
CA GLN JA 380 -40.60 -64.66 31.75
C GLN JA 380 -39.92 -65.03 30.43
N PRO JA 381 -40.67 -65.15 29.34
CA PRO JA 381 -40.08 -65.45 28.05
C PRO JA 381 -39.64 -64.19 27.30
N PHE JA 382 -38.76 -64.41 26.31
CA PHE JA 382 -38.25 -63.36 25.45
C PHE JA 382 -38.46 -63.76 24.00
N VAL JA 383 -38.78 -62.78 23.15
CA VAL JA 383 -39.02 -63.07 21.75
C VAL JA 383 -37.72 -63.45 21.07
N ASP JA 384 -37.75 -64.54 20.30
CA ASP JA 384 -36.56 -64.99 19.59
C ASP JA 384 -36.12 -63.97 18.55
N LEU JA 385 -37.08 -63.39 17.82
CA LEU JA 385 -36.74 -62.49 16.73
C LEU JA 385 -36.78 -61.04 17.20
N PRO JA 386 -36.03 -60.16 16.53
CA PRO JA 386 -35.75 -58.83 17.09
C PRO JA 386 -36.96 -58.05 17.59
N GLN JA 387 -37.92 -57.75 16.71
CA GLN JA 387 -38.95 -56.75 16.98
C GLN JA 387 -40.34 -57.34 17.07
N TYR JA 388 -40.46 -58.60 17.47
CA TYR JA 388 -41.77 -59.21 17.67
C TYR JA 388 -42.22 -58.98 19.11
N GLN JA 389 -43.51 -59.22 19.35
CA GLN JA 389 -44.10 -58.95 20.65
C GLN JA 389 -45.16 -60.00 20.97
N TYR JA 390 -45.24 -60.36 22.25
CA TYR JA 390 -46.32 -61.20 22.76
C TYR JA 390 -47.25 -60.32 23.61
N LEU JA 391 -48.45 -60.83 23.85
CA LEU JA 391 -49.52 -60.01 24.41
C LEU JA 391 -49.66 -60.14 25.92
N SER JA 392 -49.25 -61.26 26.51
CA SER JA 392 -49.45 -61.50 27.93
C SER JA 392 -48.16 -61.97 28.58
N THR JA 393 -47.96 -61.59 29.83
CA THR JA 393 -46.88 -62.13 30.63
C THR JA 393 -47.22 -63.54 31.07
N TYR JA 394 -46.19 -64.37 31.20
CA TYR JA 394 -46.38 -65.77 31.57
C TYR JA 394 -46.57 -65.86 33.08
N PHE JA 395 -47.68 -66.49 33.50
CA PHE JA 395 -47.97 -66.68 34.92
C PHE JA 395 -47.52 -68.08 35.31
N GLY JA 396 -46.25 -68.20 35.62
CA GLY JA 396 -45.65 -69.46 35.97
C GLY JA 396 -44.20 -69.49 35.54
N SER JA 397 -43.70 -70.70 35.29
CA SER JA 397 -42.34 -70.92 34.81
C SER JA 397 -42.40 -71.33 33.35
N PHE JA 398 -41.74 -70.57 32.49
CA PHE JA 398 -41.77 -70.80 31.05
C PHE JA 398 -40.66 -71.75 30.66
N ALA JA 399 -41.03 -72.87 30.02
CA ALA JA 399 -40.08 -73.83 29.49
C ALA JA 399 -40.49 -74.13 28.04
N HIS JA 400 -39.69 -73.62 27.09
CA HIS JA 400 -40.04 -73.75 25.68
C HIS JA 400 -39.99 -75.18 25.17
N ASP JA 401 -39.41 -76.10 25.93
CA ASP JA 401 -39.28 -77.48 25.51
C ASP JA 401 -40.48 -78.35 25.88
N THR JA 402 -41.41 -77.84 26.68
CA THR JA 402 -42.56 -78.61 27.13
C THR JA 402 -43.82 -77.78 27.01
N PRO JA 403 -44.97 -78.41 26.85
CA PRO JA 403 -46.23 -77.67 26.75
C PRO JA 403 -46.66 -77.16 28.10
N PRO JA 404 -47.46 -76.07 28.14
CA PRO JA 404 -47.97 -75.30 27.01
C PRO JA 404 -46.99 -74.22 26.56
N GLY JA 405 -45.79 -74.20 27.14
CA GLY JA 405 -44.82 -73.21 26.75
C GLY JA 405 -44.34 -73.38 25.31
N SER JA 406 -44.21 -74.64 24.87
CA SER JA 406 -43.71 -74.90 23.52
C SER JA 406 -44.67 -74.39 22.44
N THR JA 407 -45.91 -74.11 22.79
CA THR JA 407 -46.90 -73.61 21.83
C THR JA 407 -47.19 -72.13 21.99
N LEU JA 408 -46.42 -71.41 22.81
CA LEU JA 408 -46.60 -69.97 22.97
C LEU JA 408 -45.75 -69.23 21.95
N ARG JA 409 -46.33 -68.22 21.32
CA ARG JA 409 -45.68 -67.52 20.21
C ARG JA 409 -45.90 -66.02 20.33
N GLY JA 410 -45.00 -65.28 19.68
CA GLY JA 410 -45.15 -63.84 19.51
C GLY JA 410 -45.77 -63.51 18.17
N LEU JA 411 -45.80 -62.21 17.87
CA LEU JA 411 -46.42 -61.72 16.66
C LEU JA 411 -45.49 -60.75 15.95
N ARG JA 412 -45.59 -60.73 14.62
CA ARG JA 412 -44.88 -59.74 13.83
C ARG JA 412 -45.36 -58.34 14.22
N PRO JA 413 -44.49 -57.33 14.14
CA PRO JA 413 -44.91 -55.99 14.60
C PRO JA 413 -46.10 -55.41 13.87
N ASP JA 414 -46.38 -55.84 12.63
CA ASP JA 414 -47.54 -55.33 11.91
C ASP JA 414 -48.84 -56.00 12.34
N HIS JA 415 -48.77 -57.08 13.11
CA HIS JA 415 -49.96 -57.78 13.57
C HIS JA 415 -50.64 -57.12 14.75
N VAL JA 416 -50.00 -56.16 15.41
CA VAL JA 416 -50.48 -55.66 16.70
C VAL JA 416 -50.60 -54.14 16.65
N LEU JA 417 -51.46 -53.63 17.55
CA LEU JA 417 -51.67 -52.21 17.77
C LEU JA 417 -51.66 -51.93 19.27
N PRO JA 418 -51.25 -50.74 19.68
CA PRO JA 418 -51.26 -50.41 21.11
C PRO JA 418 -52.67 -50.47 21.68
N GLY JA 419 -52.77 -51.00 22.90
CA GLY JA 419 -54.02 -51.08 23.62
C GLY JA 419 -54.07 -50.14 24.81
N ARG JA 420 -54.98 -50.45 25.73
CA ARG JA 420 -55.13 -49.68 26.97
C ARG JA 420 -55.22 -50.63 28.14
N TYR JA 421 -54.86 -50.14 29.32
CA TYR JA 421 -54.77 -50.95 30.53
C TYR JA 421 -55.96 -50.68 31.45
N GLU JA 422 -56.54 -51.75 31.98
CA GLU JA 422 -57.52 -51.67 33.05
C GLU JA 422 -56.92 -52.34 34.29
N MET JA 423 -56.80 -51.58 35.37
CA MET JA 423 -56.06 -52.03 36.54
C MET JA 423 -56.96 -52.78 37.50
N HIS JA 424 -56.44 -53.88 38.05
CA HIS JA 424 -57.11 -54.66 39.08
C HIS JA 424 -56.13 -54.91 40.22
N GLY JA 425 -56.66 -55.04 41.42
CA GLY JA 425 -55.84 -55.27 42.60
C GLY JA 425 -55.61 -53.99 43.38
N ASP JA 426 -55.30 -54.16 44.67
CA ASP JA 426 -55.14 -53.04 45.58
C ASP JA 426 -53.69 -52.74 45.92
N THR JA 427 -52.77 -53.68 45.69
CA THR JA 427 -51.36 -53.49 46.03
C THR JA 427 -50.50 -53.76 44.81
N ILE JA 428 -49.32 -53.13 44.79
CA ILE JA 428 -48.40 -53.30 43.67
C ILE JA 428 -47.98 -54.76 43.52
N SER JA 429 -47.75 -55.44 44.64
CA SER JA 429 -47.22 -56.79 44.60
C SER JA 429 -48.17 -57.76 43.91
N THR JA 430 -49.46 -57.45 43.84
CA THR JA 430 -50.44 -58.36 43.27
C THR JA 430 -51.27 -57.76 42.15
N ALA JA 431 -51.02 -56.51 41.77
CA ALA JA 431 -51.85 -55.85 40.76
C ALA JA 431 -51.58 -56.40 39.36
N VAL JA 432 -52.61 -56.36 38.52
CA VAL JA 432 -52.52 -56.81 37.14
C VAL JA 432 -53.21 -55.79 36.23
N TYR JA 433 -52.86 -55.86 34.96
CA TYR JA 433 -53.49 -55.09 33.89
C TYR JA 433 -54.21 -56.04 32.95
N VAL JA 434 -55.42 -55.65 32.54
CA VAL JA 434 -56.16 -56.34 31.50
C VAL JA 434 -56.16 -55.45 30.27
N THR JA 435 -55.64 -55.98 29.16
CA THR JA 435 -55.44 -55.19 27.95
C THR JA 435 -56.71 -55.20 27.12
N ARG JA 436 -57.34 -54.04 26.99
CA ARG JA 436 -58.54 -53.87 26.20
C ARG JA 436 -58.23 -53.11 24.92
N PRO JA 437 -58.88 -53.44 23.80
CA PRO JA 437 -58.64 -52.68 22.57
C PRO JA 437 -59.07 -51.23 22.71
N VAL JA 438 -58.37 -50.36 21.98
CA VAL JA 438 -58.74 -48.96 21.90
C VAL JA 438 -59.87 -48.83 20.87
N ASP JA 439 -61.04 -48.41 21.33
CA ASP JA 439 -62.20 -48.31 20.44
C ASP JA 439 -61.92 -47.31 19.33
N VAL JA 440 -62.23 -47.70 18.09
CA VAL JA 440 -62.04 -46.84 16.93
C VAL JA 440 -63.31 -46.88 16.09
N PRO JA 441 -63.62 -45.82 15.34
CA PRO JA 441 -64.85 -45.82 14.55
C PRO JA 441 -64.74 -46.65 13.27
N PHE JA 442 -63.52 -46.80 12.76
CA PHE JA 442 -63.29 -47.50 11.51
C PHE JA 442 -63.06 -48.98 11.79
N PRO JA 443 -63.85 -49.90 11.20
CA PRO JA 443 -63.61 -51.33 11.46
C PRO JA 443 -62.25 -51.81 11.03
N GLU JA 444 -61.57 -51.09 10.14
CA GLU JA 444 -60.28 -51.57 9.62
C GLU JA 444 -59.24 -51.68 10.72
N ASP JA 445 -59.37 -50.89 11.79
CA ASP JA 445 -58.39 -50.86 12.86
C ASP JA 445 -58.87 -51.57 14.13
N GLU JA 446 -59.96 -52.32 14.06
CA GLU JA 446 -60.44 -53.04 15.23
C GLU JA 446 -59.44 -54.11 15.65
N CYS JA 447 -59.36 -54.35 16.96
CA CYS JA 447 -58.46 -55.34 17.52
C CYS JA 447 -59.25 -56.30 18.41
N PHE JA 448 -58.77 -57.55 18.47
CA PHE JA 448 -59.40 -58.56 19.29
C PHE JA 448 -59.39 -58.15 20.75
N ASP JA 449 -60.49 -58.46 21.44
CA ASP JA 449 -60.61 -58.20 22.88
C ASP JA 449 -60.31 -59.50 23.62
N LEU JA 450 -59.02 -59.84 23.67
CA LEU JA 450 -58.58 -61.07 24.31
C LEU JA 450 -58.37 -60.92 25.81
N LYS JA 451 -58.42 -59.70 26.34
CA LYS JA 451 -58.24 -59.46 27.77
C LYS JA 451 -56.91 -60.03 28.26
N SER JA 452 -55.83 -59.69 27.55
CA SER JA 452 -54.51 -60.19 27.92
C SER JA 452 -54.13 -59.68 29.31
N LEU JA 453 -53.49 -60.55 30.08
CA LEU JA 453 -53.09 -60.26 31.45
C LEU JA 453 -51.62 -59.86 31.50
N VAL JA 454 -51.33 -58.79 32.24
CA VAL JA 454 -49.97 -58.30 32.42
C VAL JA 454 -49.74 -58.07 33.90
N ARG JA 455 -48.75 -58.75 34.48
CA ARG JA 455 -48.43 -58.55 35.88
C ARG JA 455 -47.83 -57.16 36.08
N VAL JA 456 -48.36 -56.41 37.05
CA VAL JA 456 -47.89 -55.05 37.25
C VAL JA 456 -46.43 -55.04 37.69
N LYS JA 457 -46.09 -55.87 38.67
CA LYS JA 457 -44.72 -55.98 39.18
C LYS JA 457 -44.26 -57.42 39.02
N LEU JA 458 -43.34 -57.64 38.10
CA LEU JA 458 -42.77 -58.96 37.91
C LEU JA 458 -41.66 -59.19 38.93
N PRO JA 459 -41.74 -60.23 39.76
CA PRO JA 459 -40.64 -60.49 40.71
C PRO JA 459 -39.31 -60.65 39.99
N GLY JA 460 -38.24 -60.52 40.76
CA GLY JA 460 -36.90 -60.64 40.21
C GLY JA 460 -36.47 -59.36 39.51
N SER JA 461 -35.53 -59.53 38.57
CA SER JA 461 -34.98 -58.41 37.82
C SER JA 461 -34.63 -58.88 36.42
N GLY JA 462 -34.33 -57.92 35.55
CA GLY JA 462 -34.02 -58.24 34.17
C GLY JA 462 -35.20 -58.83 33.42
N ASN JA 463 -36.41 -58.38 33.73
CA ASN JA 463 -37.60 -58.89 33.06
C ASN JA 463 -37.76 -58.25 31.68
N PRO JA 464 -38.51 -58.88 30.79
CA PRO JA 464 -38.73 -58.28 29.47
C PRO JA 464 -39.65 -57.07 29.57
N PRO JA 465 -39.64 -56.19 28.57
CA PRO JA 465 -40.54 -55.04 28.62
C PRO JA 465 -42.00 -55.47 28.67
N LYS JA 466 -42.80 -54.70 29.40
CA LYS JA 466 -44.20 -55.06 29.60
C LYS JA 466 -44.95 -54.95 28.28
N PRO JA 467 -45.72 -55.95 27.89
CA PRO JA 467 -46.49 -55.84 26.64
C PRO JA 467 -47.80 -55.10 26.85
N ARG JA 468 -48.11 -54.21 25.91
CA ARG JA 468 -49.36 -53.45 25.92
C ARG JA 468 -49.99 -53.46 24.53
N SER JA 469 -50.02 -54.64 23.91
CA SER JA 469 -50.45 -54.78 22.53
C SER JA 469 -51.71 -55.63 22.43
N ALA JA 470 -52.47 -55.41 21.36
CA ALA JA 470 -53.66 -56.19 21.04
C ALA JA 470 -53.59 -56.63 19.59
N LEU JA 471 -54.10 -57.82 19.32
CA LEU JA 471 -54.02 -58.39 17.98
C LEU JA 471 -55.02 -57.71 17.05
N LYS JA 472 -54.62 -57.51 15.80
CA LYS JA 472 -55.50 -56.91 14.81
C LYS JA 472 -56.50 -57.95 14.31
N LYS JA 473 -57.75 -57.50 14.11
CA LYS JA 473 -58.78 -58.40 13.61
C LYS JA 473 -58.56 -58.76 12.14
N SER JA 474 -58.01 -57.84 11.35
CA SER JA 474 -57.85 -58.06 9.92
C SER JA 474 -56.78 -59.07 9.59
N MET JA 475 -55.98 -59.50 10.57
CA MET JA 475 -54.88 -60.41 10.32
C MET JA 475 -55.27 -61.88 10.53
N VAL JA 476 -56.53 -62.17 10.84
CA VAL JA 476 -56.97 -63.51 11.19
C VAL JA 476 -58.16 -63.89 10.29
N LEU JA 477 -58.13 -65.11 9.80
CA LEU JA 477 -59.18 -65.65 8.93
C LEU JA 477 -59.92 -66.76 9.68
N PHE JA 478 -61.24 -66.63 9.78
CA PHE JA 478 -62.07 -67.54 10.54
C PHE JA 478 -62.94 -68.39 9.62
N ASP JA 479 -63.38 -69.53 10.16
CA ASP JA 479 -64.36 -70.42 9.53
C ASP JA 479 -63.85 -71.02 8.23
N SER JA 480 -62.58 -70.85 7.90
CA SER JA 480 -62.04 -71.46 6.70
C SER JA 480 -61.93 -72.97 6.87
N GLY JA 481 -62.11 -73.70 5.77
CA GLY JA 481 -61.98 -75.13 5.79
C GLY JA 481 -60.57 -75.65 5.83
N GLU JA 482 -59.59 -74.75 5.83
CA GLU JA 482 -58.18 -75.12 5.87
C GLU JA 482 -57.90 -76.06 7.05
N ALA KA 2 -59.24 49.80 57.53
CA ALA KA 2 -58.29 50.76 56.97
C ALA KA 2 -58.53 50.91 55.48
N TYR KA 3 -58.00 52.00 54.91
CA TYR KA 3 -58.13 52.22 53.47
C TYR KA 3 -57.33 51.23 52.65
N ALA KA 4 -56.28 50.65 53.21
CA ALA KA 4 -55.48 49.67 52.47
C ALA KA 4 -56.33 48.48 52.03
N GLN KA 5 -57.45 48.22 52.70
CA GLN KA 5 -58.41 47.22 52.28
C GLN KA 5 -59.44 47.91 51.40
N TRP KA 6 -59.41 47.61 50.10
CA TRP KA 6 -60.28 48.28 49.14
C TRP KA 6 -60.56 47.33 47.99
N VAL KA 7 -61.62 47.66 47.25
CA VAL KA 7 -62.00 46.88 46.07
C VAL KA 7 -62.75 47.80 45.13
N ILE KA 8 -62.50 47.62 43.83
CA ILE KA 8 -63.24 48.30 42.77
C ILE KA 8 -63.91 47.21 41.94
N ILE KA 9 -65.21 47.33 41.75
CA ILE KA 9 -65.99 46.37 40.98
C ILE KA 9 -66.56 47.13 39.78
N ILE KA 10 -66.07 46.81 38.59
CA ILE KA 10 -66.57 47.43 37.37
C ILE KA 10 -67.49 46.42 36.70
N ILE KA 11 -68.75 46.83 36.50
CA ILE KA 11 -69.72 46.04 35.76
C ILE KA 11 -69.75 46.59 34.35
N HIS KA 12 -69.33 45.77 33.38
CA HIS KA 12 -69.24 46.16 31.98
C HIS KA 12 -70.20 45.28 31.19
N ASN KA 13 -71.23 45.91 30.63
CA ASN KA 13 -72.19 45.20 29.80
C ASN KA 13 -71.64 45.12 28.38
N VAL KA 14 -71.18 43.94 27.98
CA VAL KA 14 -70.66 43.72 26.64
C VAL KA 14 -71.72 43.14 25.72
N GLY KA 15 -72.96 43.05 26.17
CA GLY KA 15 -74.07 42.53 25.40
C GLY KA 15 -74.96 43.62 24.85
N SER KA 16 -76.25 43.32 24.73
CA SER KA 16 -77.22 44.27 24.18
C SER KA 16 -78.52 44.25 24.96
N GLN KA 17 -78.50 43.82 26.22
CA GLN KA 17 -79.69 43.75 27.05
C GLN KA 17 -79.40 44.31 28.42
N ASP KA 18 -80.40 44.99 28.99
CA ASP KA 18 -80.21 45.69 30.26
C ASP KA 18 -79.98 44.71 31.40
N VAL KA 19 -79.17 45.15 32.36
CA VAL KA 19 -78.90 44.38 33.57
C VAL KA 19 -78.97 45.33 34.76
N LYS KA 20 -79.63 44.89 35.84
CA LYS KA 20 -79.88 45.73 36.99
C LYS KA 20 -79.04 45.27 38.17
N ILE KA 21 -78.68 46.22 39.01
CA ILE KA 21 -77.97 45.96 40.26
C ILE KA 21 -78.99 46.00 41.39
N LYS KA 22 -78.93 45.02 42.29
CA LYS KA 22 -79.90 44.92 43.37
C LYS KA 22 -79.22 44.43 44.64
N ASN KA 23 -79.84 44.75 45.77
CA ASN KA 23 -79.44 44.24 47.08
C ASN KA 23 -77.98 44.56 47.41
N LEU KA 24 -77.46 45.65 46.84
CA LEU KA 24 -76.11 46.07 47.18
C LEU KA 24 -76.04 46.44 48.66
N LYS KA 25 -75.12 45.80 49.38
CA LYS KA 25 -75.00 45.98 50.81
C LYS KA 25 -73.58 45.68 51.25
N ALA KA 26 -72.98 46.62 51.98
CA ALA KA 26 -71.63 46.44 52.53
C ALA KA 26 -71.77 46.23 54.03
N SER KA 27 -71.61 44.97 54.47
CA SER KA 27 -71.69 44.69 55.90
C SER KA 27 -70.53 45.30 56.67
N TRP KA 28 -69.34 45.31 56.06
CA TRP KA 28 -68.17 45.93 56.65
C TRP KA 28 -67.57 46.90 55.64
N GLY KA 29 -67.06 48.02 56.13
CA GLY KA 29 -66.52 49.04 55.27
C GLY KA 29 -67.60 50.03 54.84
N LYS KA 30 -67.30 50.76 53.77
CA LYS KA 30 -68.20 51.79 53.27
C LYS KA 30 -68.02 51.96 51.78
N LEU KA 31 -69.13 52.10 51.05
CA LEU KA 31 -69.07 52.53 49.67
C LEU KA 31 -68.62 53.99 49.62
N HIS KA 32 -67.85 54.32 48.59
CA HIS KA 32 -67.27 55.65 48.48
C HIS KA 32 -67.18 56.04 47.01
N ALA KA 33 -66.71 57.26 46.77
CA ALA KA 33 -66.66 57.83 45.44
C ALA KA 33 -65.41 57.37 44.69
N ASP KA 34 -65.35 57.72 43.41
CA ASP KA 34 -64.23 57.32 42.56
C ASP KA 34 -62.99 58.11 42.93
N GLY KA 35 -61.90 57.39 43.22
CA GLY KA 35 -60.65 58.05 43.55
C GLY KA 35 -60.72 58.90 44.80
N ASP KA 36 -61.75 58.74 45.61
CA ASP KA 36 -61.95 59.56 46.81
C ASP KA 36 -62.52 58.64 47.89
N LYS KA 37 -61.64 58.09 48.72
CA LYS KA 37 -62.05 57.21 49.81
C LYS KA 37 -62.68 57.97 50.96
N ASP KA 38 -62.60 59.30 50.97
CA ASP KA 38 -63.22 60.10 52.02
C ASP KA 38 -64.69 60.41 51.73
N ALA KA 39 -65.08 60.44 50.46
CA ALA KA 39 -66.44 60.80 50.07
C ALA KA 39 -67.31 59.56 50.10
N GLU KA 40 -67.85 59.27 51.28
CA GLU KA 40 -68.75 58.12 51.43
C GLU KA 40 -70.04 58.36 50.66
N VAL KA 41 -70.58 57.29 50.10
CA VAL KA 41 -71.83 57.33 49.34
C VAL KA 41 -72.69 56.17 49.78
N SER KA 42 -73.99 56.43 49.94
CA SER KA 42 -74.92 55.39 50.37
C SER KA 42 -75.17 54.40 49.24
N ALA KA 43 -75.59 53.20 49.62
CA ALA KA 43 -75.89 52.15 48.64
C ALA KA 43 -77.05 52.54 47.73
N SER KA 44 -77.88 53.51 48.14
CA SER KA 44 -79.00 53.93 47.32
C SER KA 44 -78.55 54.53 46.00
N ASN KA 45 -77.33 55.08 45.94
CA ASN KA 45 -76.85 55.66 44.69
C ASN KA 45 -76.75 54.60 43.60
N TYR KA 46 -76.60 53.33 43.98
CA TYR KA 46 -76.44 52.25 43.01
C TYR KA 46 -77.60 51.27 42.97
N GLU KA 47 -78.21 50.97 44.12
CA GLU KA 47 -79.27 49.97 44.16
C GLU KA 47 -80.40 50.36 43.21
N GLY KA 48 -80.86 49.38 42.43
CA GLY KA 48 -81.90 49.60 41.45
C GLY KA 48 -81.44 50.16 40.13
N LYS KA 49 -80.15 50.43 39.97
CA LYS KA 49 -79.66 51.05 38.75
C LYS KA 49 -79.54 50.01 37.63
N ILE KA 50 -79.64 50.50 36.39
CA ILE KA 50 -79.54 49.66 35.20
C ILE KA 50 -78.28 50.07 34.45
N VAL KA 51 -77.39 49.10 34.21
CA VAL KA 51 -76.17 49.33 33.45
C VAL KA 51 -76.51 49.09 31.99
N LYS KA 52 -76.69 50.17 31.23
CA LYS KA 52 -77.10 50.05 29.85
C LYS KA 52 -76.04 49.30 29.06
N PRO KA 53 -76.42 48.60 27.98
CA PRO KA 53 -75.42 47.94 27.15
C PRO KA 53 -74.34 48.90 26.68
N ASP KA 54 -73.10 48.43 26.73
CA ASP KA 54 -71.94 49.15 26.19
C ASP KA 54 -71.55 50.35 27.05
N GLU KA 55 -71.74 50.25 28.36
CA GLU KA 55 -71.21 51.24 29.29
C GLU KA 55 -70.98 50.57 30.63
N LYS KA 56 -70.09 51.18 31.43
CA LYS KA 56 -69.57 50.57 32.65
C LYS KA 56 -70.08 51.32 33.87
N LEU KA 57 -70.34 50.56 34.94
CA LEU KA 57 -70.73 51.12 36.23
C LEU KA 57 -69.72 50.68 37.28
N GLN KA 58 -69.20 51.62 38.06
CA GLN KA 58 -68.12 51.36 39.00
C GLN KA 58 -68.65 51.40 40.43
N ILE KA 59 -68.28 50.39 41.23
CA ILE KA 59 -68.60 50.30 42.65
C ILE KA 59 -67.28 50.33 43.40
N ASN KA 60 -67.10 51.31 44.28
CA ASN KA 60 -65.89 51.45 45.05
C ASN KA 60 -66.20 51.18 46.53
N ALA KA 61 -65.50 50.21 47.12
CA ALA KA 61 -65.68 49.90 48.53
C ALA KA 61 -64.31 49.90 49.21
N SER KA 62 -64.29 50.31 50.47
CA SER KA 62 -63.05 50.38 51.23
C SER KA 62 -63.36 50.33 52.71
N GLY KA 63 -62.34 49.96 53.50
CA GLY KA 63 -62.49 49.91 54.93
C GLY KA 63 -62.48 51.29 55.56
N ARG KA 64 -62.94 51.34 56.81
CA ARG KA 64 -62.94 52.60 57.54
C ARG KA 64 -61.52 53.13 57.69
N SER KA 65 -61.39 54.45 57.73
CA SER KA 65 -60.08 55.09 57.70
C SER KA 65 -59.20 54.59 58.83
N ASP KA 66 -58.06 54.00 58.46
CA ASP KA 66 -57.05 53.55 59.42
C ASP KA 66 -57.63 52.64 60.51
N ALA KA 67 -58.75 52.00 60.22
CA ALA KA 67 -59.38 51.09 61.17
C ALA KA 67 -58.83 49.69 61.00
N ALA KA 68 -59.08 48.85 62.01
CA ALA KA 68 -58.77 47.43 61.91
C ALA KA 68 -59.94 46.68 61.31
N GLU KA 69 -60.43 47.17 60.17
CA GLU KA 69 -61.61 46.63 59.53
C GLU KA 69 -61.41 46.60 58.02
N GLY KA 70 -61.75 45.48 57.40
CA GLY KA 70 -61.74 45.36 55.96
C GLY KA 70 -63.04 45.83 55.35
N THR KA 71 -63.35 45.30 54.17
CA THR KA 71 -64.58 45.60 53.47
C THR KA 71 -65.22 44.31 52.98
N THR KA 72 -66.45 44.05 53.40
CA THR KA 72 -67.21 42.88 52.99
C THR KA 72 -68.57 43.32 52.48
N GLY KA 73 -68.99 42.78 51.34
CA GLY KA 73 -70.27 43.15 50.78
C GLY KA 73 -70.74 42.17 49.74
N THR KA 74 -71.97 42.41 49.27
CA THR KA 74 -72.63 41.54 48.31
C THR KA 74 -73.56 42.35 47.42
N PHE KA 75 -73.88 41.79 46.26
CA PHE KA 75 -74.91 42.37 45.40
C PHE KA 75 -75.34 41.33 44.37
N ASP KA 76 -76.59 41.47 43.92
CA ASP KA 76 -77.16 40.62 42.90
C ASP KA 76 -77.16 41.38 41.59
N LEU KA 77 -76.75 40.72 40.50
CA LEU KA 77 -77.02 41.24 39.16
C LEU KA 77 -78.24 40.49 38.62
N VAL KA 78 -79.25 41.23 38.19
CA VAL KA 78 -80.57 40.66 37.91
C VAL KA 78 -81.03 41.12 36.54
N ASP KA 79 -81.64 40.21 35.80
CA ASP KA 79 -82.18 40.53 34.48
C ASP KA 79 -83.57 41.13 34.64
N PRO KA 80 -83.79 42.38 34.21
CA PRO KA 80 -85.15 42.96 34.29
C PRO KA 80 -86.08 42.50 33.19
N ALA KA 81 -85.57 41.89 32.12
CA ALA KA 81 -86.42 41.48 31.01
C ALA KA 81 -87.32 40.31 31.38
N ASP KA 82 -87.01 39.59 32.46
CA ASP KA 82 -87.77 38.42 32.89
C ASP KA 82 -88.17 38.56 34.35
N GLY KA 83 -88.69 39.73 34.72
CA GLY KA 83 -89.18 39.94 36.07
C GLY KA 83 -88.11 39.93 37.15
N ASP KA 84 -86.95 40.51 36.85
CA ASP KA 84 -85.90 40.70 37.86
C ASP KA 84 -85.47 39.37 38.49
N LYS KA 85 -85.20 38.38 37.66
CA LYS KA 85 -84.62 37.14 38.15
C LYS KA 85 -83.11 37.32 38.33
N GLN KA 86 -82.50 36.37 39.03
CA GLN KA 86 -81.08 36.47 39.34
C GLN KA 86 -80.24 36.06 38.14
N VAL KA 87 -79.19 36.82 37.88
CA VAL KA 87 -78.16 36.45 36.93
C VAL KA 87 -77.06 35.76 37.71
N ARG KA 88 -76.43 36.49 38.63
CA ARG KA 88 -75.47 35.92 39.56
C ARG KA 88 -75.41 36.77 40.82
N HIS KA 89 -74.96 36.13 41.90
CA HIS KA 89 -74.80 36.76 43.20
C HIS KA 89 -73.31 36.91 43.49
N PHE KA 90 -72.86 38.15 43.66
CA PHE KA 90 -71.45 38.43 43.88
C PHE KA 90 -71.21 38.80 45.34
N TYR KA 91 -70.20 38.20 45.94
CA TYR KA 91 -69.79 38.47 47.32
C TYR KA 91 -68.29 38.74 47.34
N TRP KA 92 -67.90 39.86 47.95
CA TRP KA 92 -66.50 40.24 48.05
C TRP KA 92 -66.14 40.47 49.52
N ASP KA 93 -64.93 40.05 49.89
CA ASP KA 93 -64.44 40.22 51.25
C ASP KA 93 -62.94 40.46 51.18
N SER KA 94 -62.52 41.69 51.53
CA SER KA 94 -61.12 42.06 51.65
C SER KA 94 -60.91 42.39 53.12
N PRO KA 95 -60.55 41.40 53.94
CA PRO KA 95 -60.45 41.62 55.39
C PRO KA 95 -59.13 42.26 55.78
N TRP KA 96 -59.14 42.87 56.97
CA TRP KA 96 -57.95 43.47 57.54
C TRP KA 96 -57.12 42.49 58.36
N GLY KA 97 -57.74 41.45 58.92
CA GLY KA 97 -57.04 40.52 59.78
C GLY KA 97 -56.85 39.16 59.17
N SER KA 98 -56.56 39.12 57.87
CA SER KA 98 -56.34 37.86 57.16
C SER KA 98 -55.68 38.18 55.83
N LYS KA 99 -55.14 37.13 55.20
CA LYS KA 99 -54.48 37.25 53.91
C LYS KA 99 -55.35 36.82 52.75
N THR KA 100 -56.31 35.93 52.99
CA THR KA 100 -57.10 35.34 51.91
C THR KA 100 -58.35 36.20 51.68
N ASN KA 101 -58.34 36.96 50.60
CA ASN KA 101 -59.54 37.66 50.17
C ASN KA 101 -60.49 36.68 49.49
N THR KA 102 -61.77 37.02 49.46
CA THR KA 102 -62.80 36.18 48.88
C THR KA 102 -63.54 36.95 47.79
N TRP KA 103 -63.73 36.30 46.64
CA TRP KA 103 -64.53 36.85 45.55
C TRP KA 103 -65.33 35.70 44.97
N THR KA 104 -66.59 35.57 45.38
CA THR KA 104 -67.44 34.45 44.99
C THR KA 104 -68.57 34.94 44.10
N VAL KA 105 -68.75 34.27 42.96
CA VAL KA 105 -69.83 34.56 42.02
C VAL KA 105 -70.69 33.30 41.97
N SER KA 106 -71.74 33.26 42.78
CA SER KA 106 -72.63 32.12 42.86
C SER KA 106 -73.88 32.39 42.02
N GLY KA 107 -74.79 31.41 42.02
CA GLY KA 107 -76.02 31.51 41.27
C GLY KA 107 -75.91 30.85 39.90
N SER KA 108 -77.06 30.69 39.26
CA SER KA 108 -77.14 30.02 37.98
C SER KA 108 -78.18 30.70 37.09
N ASN KA 109 -77.78 31.01 35.86
CA ASN KA 109 -78.70 31.53 34.85
C ASN KA 109 -78.09 31.22 33.49
N THR KA 110 -78.64 30.22 32.81
CA THR KA 110 -78.05 29.78 31.54
C THR KA 110 -78.20 30.82 30.44
N LYS KA 111 -79.13 31.76 30.59
CA LYS KA 111 -79.35 32.79 29.58
C LYS KA 111 -78.34 33.93 29.67
N TRP KA 112 -77.47 33.93 30.68
CA TRP KA 112 -76.48 34.98 30.87
C TRP KA 112 -75.10 34.36 30.97
N MET KA 113 -74.11 35.09 30.46
CA MET KA 113 -72.71 34.68 30.50
C MET KA 113 -71.92 35.79 31.18
N ILE KA 114 -71.20 35.43 32.23
CA ILE KA 114 -70.49 36.39 33.08
C ILE KA 114 -69.04 35.94 33.20
N GLU KA 115 -68.12 36.83 32.84
CA GLU KA 115 -66.70 36.64 33.06
C GLU KA 115 -66.20 37.72 34.01
N TYR KA 116 -65.13 37.42 34.74
CA TYR KA 116 -64.55 38.41 35.64
C TYR KA 116 -63.05 38.19 35.72
N SER KA 117 -62.32 39.29 35.91
CA SER KA 117 -60.86 39.22 35.93
C SER KA 117 -60.32 40.38 36.75
N GLY KA 118 -59.06 40.25 37.16
CA GLY KA 118 -58.35 41.28 37.89
C GLY KA 118 -58.31 41.11 39.39
N GLN KA 119 -59.01 40.11 39.93
CA GLN KA 119 -59.03 39.93 41.37
C GLN KA 119 -57.68 39.41 41.87
N ASN KA 120 -57.37 39.72 43.13
CA ASN KA 120 -56.19 39.20 43.80
C ASN KA 120 -56.62 38.61 45.13
N LEU KA 121 -56.39 37.31 45.32
CA LEU KA 121 -56.83 36.60 46.50
C LEU KA 121 -55.67 36.21 47.42
N ASP KA 122 -54.43 36.52 47.04
CA ASP KA 122 -53.28 36.08 47.84
C ASP KA 122 -53.16 36.90 49.11
N SER KA 123 -52.94 38.20 48.98
CA SER KA 123 -52.77 39.07 50.15
C SER KA 123 -52.87 40.51 49.68
N GLY KA 124 -53.19 41.39 50.63
CA GLY KA 124 -53.32 42.80 50.34
C GLY KA 124 -54.74 43.19 49.95
N ALA KA 125 -54.87 44.19 49.09
CA ALA KA 125 -56.19 44.62 48.65
C ALA KA 125 -56.79 43.62 47.66
N LEU KA 126 -58.09 43.75 47.43
CA LEU KA 126 -58.80 42.86 46.52
C LEU KA 126 -58.73 43.32 45.08
N GLY KA 127 -58.23 44.53 44.82
CA GLY KA 127 -57.96 44.96 43.47
C GLY KA 127 -59.16 45.51 42.72
N THR KA 128 -58.95 45.65 41.42
CA THR KA 128 -59.96 46.15 40.48
C THR KA 128 -60.47 44.98 39.66
N ILE KA 129 -61.64 44.48 40.01
CA ILE KA 129 -62.26 43.36 39.34
C ILE KA 129 -63.19 43.90 38.26
N THR KA 130 -62.93 43.52 37.01
CA THR KA 130 -63.79 43.85 35.89
C THR KA 130 -64.65 42.65 35.55
N VAL KA 131 -65.96 42.86 35.44
CA VAL KA 131 -66.94 41.81 35.22
C VAL KA 131 -67.69 42.12 33.94
N ASP KA 132 -67.49 41.29 32.92
CA ASP KA 132 -68.17 41.42 31.65
C ASP KA 132 -69.41 40.55 31.64
N THR KA 133 -70.56 41.17 31.38
CA THR KA 133 -71.84 40.48 31.36
C THR KA 133 -72.44 40.52 29.96
N LEU KA 134 -73.02 39.41 29.53
CA LEU KA 134 -73.62 39.35 28.20
C LEU KA 134 -74.77 38.36 28.20
N LYS KA 135 -75.93 38.78 27.68
CA LYS KA 135 -77.08 37.91 27.58
C LYS KA 135 -77.09 37.23 26.22
N LYS KA 136 -77.15 35.90 26.22
CA LYS KA 136 -77.18 35.12 24.99
C LYS KA 136 -78.37 34.17 24.98
N ALA LA 2 -42.33 43.35 50.45
CA ALA LA 2 -43.52 42.86 51.12
C ALA LA 2 -44.65 42.64 50.12
N TYR LA 3 -45.45 41.61 50.35
CA TYR LA 3 -46.46 41.22 49.37
C TYR LA 3 -47.65 42.16 49.35
N ALA LA 4 -47.89 42.92 50.43
CA ALA LA 4 -49.02 43.83 50.45
C ALA LA 4 -48.90 44.91 49.38
N GLN LA 5 -47.69 45.18 48.90
CA GLN LA 5 -47.46 46.11 47.81
C GLN LA 5 -47.29 45.30 46.52
N TRP LA 6 -48.19 45.54 45.56
CA TRP LA 6 -48.24 44.75 44.35
C TRP LA 6 -48.88 45.58 43.24
N VAL LA 7 -48.71 45.11 42.00
CA VAL LA 7 -49.27 45.76 40.83
C VAL LA 7 -49.44 44.72 39.73
N ILE LA 8 -50.51 44.87 38.95
CA ILE LA 8 -50.76 44.05 37.78
C ILE LA 8 -50.96 45.00 36.60
N ILE LA 9 -50.33 44.69 35.48
CA ILE LA 9 -50.40 45.53 34.28
C ILE LA 9 -50.90 44.64 33.14
N ILE LA 10 -52.03 45.02 32.56
CA ILE LA 10 -52.65 44.26 31.47
C ILE LA 10 -52.53 45.10 30.21
N ILE LA 11 -51.56 44.77 29.36
CA ILE LA 11 -51.42 45.42 28.07
C ILE LA 11 -52.39 44.74 27.12
N HIS LA 12 -53.32 45.51 26.55
CA HIS LA 12 -54.35 45.00 25.65
C HIS LA 12 -54.22 45.75 24.33
N ASN LA 13 -53.75 45.07 23.30
CA ASN LA 13 -53.54 45.68 21.99
C ASN LA 13 -54.87 45.70 21.25
N VAL LA 14 -55.67 46.73 21.52
CA VAL LA 14 -56.97 46.85 20.87
C VAL LA 14 -56.84 47.17 19.39
N GLY LA 15 -55.67 47.64 18.95
CA GLY LA 15 -55.46 48.00 17.57
C GLY LA 15 -55.27 46.79 16.67
N SER LA 16 -54.77 47.05 15.47
CA SER LA 16 -54.60 46.00 14.46
C SER LA 16 -53.16 45.79 14.05
N GLN LA 17 -52.19 46.44 14.71
CA GLN LA 17 -50.79 46.28 14.38
C GLN LA 17 -49.99 46.00 15.65
N ASP LA 18 -48.87 45.31 15.50
CA ASP LA 18 -48.13 44.80 16.64
C ASP LA 18 -47.51 45.92 17.46
N VAL LA 19 -47.35 45.64 18.76
CA VAL LA 19 -46.65 46.52 19.70
C VAL LA 19 -45.70 45.67 20.52
N LYS LA 20 -44.47 46.15 20.71
CA LYS LA 20 -43.42 45.36 21.34
C LYS LA 20 -43.07 45.94 22.71
N ILE LA 21 -42.84 45.05 23.66
CA ILE LA 21 -42.32 45.43 24.97
C ILE LA 21 -40.81 45.58 24.88
N LYS LA 22 -40.26 46.51 25.66
CA LYS LA 22 -38.81 46.69 25.67
C LYS LA 22 -38.39 47.29 27.00
N ASN LA 23 -37.13 47.04 27.35
CA ASN LA 23 -36.49 47.66 28.52
C ASN LA 23 -37.28 47.42 29.80
N LEU LA 24 -38.02 46.31 29.87
CA LEU LA 24 -38.70 45.96 31.11
C LEU LA 24 -37.66 45.71 32.20
N LYS LA 25 -37.86 46.35 33.35
CA LYS LA 25 -36.88 46.31 34.42
C LYS LA 25 -37.56 46.61 35.74
N ALA LA 26 -37.44 45.69 36.70
CA ALA LA 26 -38.00 45.87 38.04
C ALA LA 26 -36.87 46.32 38.96
N SER LA 27 -36.83 47.63 39.26
CA SER LA 27 -35.79 48.15 40.14
C SER LA 27 -35.96 47.66 41.57
N TRP LA 28 -37.21 47.47 42.02
CA TRP LA 28 -37.50 47.03 43.36
C TRP LA 28 -38.55 45.92 43.29
N GLY LA 29 -38.60 45.12 44.34
CA GLY LA 29 -39.55 44.02 44.35
C GLY LA 29 -39.18 42.95 43.33
N LYS LA 30 -40.20 42.28 42.81
CA LYS LA 30 -39.98 41.16 41.91
C LYS LA 30 -41.21 40.96 41.03
N LEU LA 31 -40.97 40.54 39.80
CA LEU LA 31 -42.04 40.05 38.95
C LEU LA 31 -42.40 38.61 39.34
N HIS LA 32 -43.55 38.14 38.87
CA HIS LA 32 -43.99 36.79 39.20
C HIS LA 32 -45.12 36.37 38.27
N ALA LA 33 -45.42 35.07 38.29
CA ALA LA 33 -46.47 34.52 37.46
C ALA LA 33 -47.83 34.76 38.10
N ASP LA 34 -48.86 34.91 37.27
CA ASP LA 34 -50.18 35.26 37.76
C ASP LA 34 -50.66 34.30 38.83
N GLY LA 35 -51.13 34.86 39.95
CA GLY LA 35 -51.74 34.08 41.01
C GLY LA 35 -50.76 33.46 41.98
N ASP LA 36 -49.45 33.64 41.79
CA ASP LA 36 -48.43 33.05 42.66
C ASP LA 36 -47.31 34.06 42.82
N LYS LA 37 -47.38 34.85 43.88
CA LYS LA 37 -46.30 35.79 44.17
C LYS LA 37 -45.00 35.08 44.51
N ASP LA 38 -45.06 33.80 44.89
CA ASP LA 38 -43.84 33.06 45.18
C ASP LA 38 -43.10 32.66 43.91
N ALA LA 39 -43.81 32.42 42.82
CA ALA LA 39 -43.21 31.95 41.57
C ALA LA 39 -42.54 33.12 40.86
N GLU LA 40 -41.28 33.33 41.21
CA GLU LA 40 -40.49 34.38 40.57
C GLU LA 40 -40.31 34.09 39.08
N VAL LA 41 -40.31 35.17 38.28
CA VAL LA 41 -40.06 35.10 36.86
C VAL LA 41 -39.06 36.19 36.49
N SER LA 42 -38.34 35.95 35.39
CA SER LA 42 -37.32 36.87 34.92
C SER LA 42 -37.88 37.86 33.91
N ALA LA 43 -37.25 39.03 33.84
CA ALA LA 43 -37.68 40.05 32.89
C ALA LA 43 -37.54 39.57 31.45
N SER LA 44 -36.62 38.66 31.17
CA SER LA 44 -36.47 38.13 29.83
C SER LA 44 -37.72 37.40 29.36
N ASN LA 45 -38.55 36.92 30.29
CA ASN LA 45 -39.80 36.27 29.93
C ASN LA 45 -40.75 37.20 29.19
N TYR LA 46 -40.53 38.52 29.28
CA TYR LA 46 -41.37 39.49 28.61
C TYR LA 46 -40.60 40.44 27.70
N GLU LA 47 -39.29 40.58 27.90
CA GLU LA 47 -38.50 41.50 27.08
C GLU LA 47 -38.60 41.12 25.61
N GLY LA 48 -38.86 42.12 24.76
CA GLY LA 48 -38.91 41.91 23.34
C GLY LA 48 -40.16 41.21 22.85
N LYS LA 49 -41.14 40.98 23.72
CA LYS LA 49 -42.34 40.26 23.31
C LYS LA 49 -43.23 41.14 22.43
N ILE LA 50 -43.84 40.50 21.44
CA ILE LA 50 -44.79 41.14 20.53
C ILE LA 50 -46.19 40.82 21.02
N VAL LA 51 -47.00 41.84 21.23
CA VAL LA 51 -48.41 41.69 21.58
C VAL LA 51 -49.18 41.80 20.27
N LYS LA 52 -49.62 40.66 19.74
CA LYS LA 52 -50.39 40.67 18.51
C LYS LA 52 -51.75 41.35 18.74
N PRO LA 53 -52.37 41.87 17.68
CA PRO LA 53 -53.66 42.53 17.86
C PRO LA 53 -54.69 41.59 18.48
N ASP LA 54 -55.50 42.14 19.37
CA ASP LA 54 -56.52 41.44 20.15
C ASP LA 54 -55.92 40.57 21.23
N GLU LA 55 -54.61 40.62 21.45
CA GLU LA 55 -53.95 39.82 22.46
C GLU LA 55 -53.77 40.62 23.74
N LYS LA 56 -53.71 39.91 24.86
CA LYS LA 56 -53.53 40.51 26.18
C LYS LA 56 -52.29 39.92 26.85
N LEU LA 57 -51.50 40.79 27.48
CA LEU LA 57 -50.26 40.37 28.14
C LEU LA 57 -50.27 40.91 29.57
N GLN LA 58 -50.01 40.02 30.52
CA GLN LA 58 -50.07 40.35 31.94
C GLN LA 58 -48.67 40.41 32.53
N ILE LA 59 -48.39 41.48 33.26
CA ILE LA 59 -47.14 41.67 34.00
C ILE LA 59 -47.51 41.84 35.47
N ASN LA 60 -47.07 40.91 36.31
CA ASN LA 60 -47.37 40.95 37.74
C ASN LA 60 -46.09 41.25 38.50
N ALA LA 61 -46.12 42.30 39.32
CA ALA LA 61 -45.00 42.65 40.18
C ALA LA 61 -45.50 42.83 41.59
N SER LA 62 -44.61 42.61 42.56
CA SER LA 62 -44.97 42.73 43.97
C SER LA 62 -43.69 42.68 44.78
N GLY LA 63 -43.81 43.04 46.05
CA GLY LA 63 -42.66 43.00 46.93
C GLY LA 63 -42.16 41.60 47.18
N ARG LA 64 -40.94 41.53 47.71
CA ARG LA 64 -40.29 40.27 48.04
C ARG LA 64 -40.90 39.71 49.33
N SER LA 65 -40.29 38.65 49.85
CA SER LA 65 -40.84 37.96 51.02
C SER LA 65 -40.58 38.74 52.31
N ASP LA 66 -41.57 39.53 52.73
CA ASP LA 66 -41.60 40.22 54.02
C ASP LA 66 -40.64 41.39 54.11
N ALA LA 67 -39.86 41.68 53.06
CA ALA LA 67 -38.95 42.81 53.12
C ALA LA 67 -39.71 44.13 53.21
N ALA LA 68 -39.07 45.12 53.82
CA ALA LA 68 -39.67 46.45 53.96
C ALA LA 68 -39.67 47.23 52.67
N GLU LA 69 -39.14 46.68 51.58
CA GLU LA 69 -39.17 47.34 50.29
C GLU LA 69 -40.56 47.22 49.66
N GLY LA 70 -40.86 48.13 48.74
CA GLY LA 70 -42.11 48.08 48.00
C GLY LA 70 -41.94 47.41 46.64
N THR LA 71 -42.34 48.08 45.58
CA THR LA 71 -42.03 47.65 44.22
C THR LA 71 -41.92 48.87 43.32
N THR LA 72 -41.10 48.74 42.28
CA THR LA 72 -40.89 49.83 41.33
C THR LA 72 -40.31 49.26 40.05
N GLY LA 73 -40.73 49.81 38.92
CA GLY LA 73 -40.24 49.32 37.64
C GLY LA 73 -40.60 50.23 36.50
N THR LA 74 -40.07 49.88 35.33
CA THR LA 74 -40.23 50.67 34.12
C THR LA 74 -40.29 49.73 32.92
N PHE LA 75 -40.86 50.24 31.83
CA PHE LA 75 -40.74 49.57 30.54
C PHE LA 75 -41.14 50.54 29.45
N ASP LA 76 -41.06 50.07 28.20
CA ASP LA 76 -41.36 50.89 27.05
C ASP LA 76 -42.21 50.08 26.07
N LEU LA 77 -43.28 50.70 25.58
CA LEU LA 77 -43.98 50.19 24.42
C LEU LA 77 -43.35 50.83 23.19
N VAL LA 78 -43.03 50.00 22.19
CA VAL LA 78 -42.40 50.45 20.96
C VAL LA 78 -43.12 49.85 19.77
N ASP LA 79 -42.92 50.46 18.60
CA ASP LA 79 -43.58 50.03 17.38
C ASP LA 79 -42.62 49.16 16.57
N PRO LA 80 -42.85 47.85 16.47
CA PRO LA 80 -41.93 47.03 15.65
C PRO LA 80 -41.94 47.40 14.18
N ALA LA 81 -43.04 47.96 13.68
CA ALA LA 81 -43.17 48.27 12.27
C ALA LA 81 -42.58 49.62 11.89
N ASP LA 82 -42.05 50.38 12.84
CA ASP LA 82 -41.47 51.69 12.59
C ASP LA 82 -40.07 51.78 13.20
N GLY LA 83 -39.28 50.74 12.96
CA GLY LA 83 -37.92 50.73 13.49
C GLY LA 83 -37.85 50.80 15.00
N ASP LA 84 -38.79 50.14 15.68
CA ASP LA 84 -38.84 50.13 17.13
C ASP LA 84 -38.93 51.55 17.70
N LYS LA 85 -39.58 52.46 16.97
CA LYS LA 85 -39.76 53.80 17.48
C LYS LA 85 -40.57 53.78 18.76
N GLN LA 86 -40.15 54.56 19.74
CA GLN LA 86 -40.80 54.52 21.04
C GLN LA 86 -42.24 55.00 20.92
N VAL LA 87 -43.15 54.18 21.44
CA VAL LA 87 -44.55 54.58 21.59
C VAL LA 87 -44.76 55.27 22.93
N ARG LA 88 -44.37 54.61 24.02
CA ARG LA 88 -44.58 55.17 25.35
C ARG LA 88 -43.58 54.60 26.33
N HIS LA 89 -43.41 55.29 27.44
CA HIS LA 89 -42.56 54.88 28.55
C HIS LA 89 -43.42 54.83 29.81
N PHE LA 90 -43.44 53.68 30.46
CA PHE LA 90 -44.26 53.48 31.64
C PHE LA 90 -43.39 53.31 32.86
N TYR LA 91 -43.75 54.01 33.94
CA TYR LA 91 -43.08 53.95 35.23
C TYR LA 91 -44.14 53.62 36.27
N TRP LA 92 -43.87 52.60 37.10
CA TRP LA 92 -44.77 52.24 38.18
C TRP LA 92 -43.99 52.18 39.48
N ASP LA 93 -44.63 52.62 40.56
CA ASP LA 93 -44.01 52.63 41.87
C ASP LA 93 -45.08 52.48 42.94
N SER LA 94 -45.02 51.39 43.69
CA SER LA 94 -45.89 51.15 44.84
C SER LA 94 -44.97 50.99 46.04
N PRO LA 95 -44.65 52.10 46.73
CA PRO LA 95 -43.68 52.02 47.83
C PRO LA 95 -44.27 51.42 49.08
N TRP LA 96 -43.37 50.92 49.93
CA TRP LA 96 -43.76 50.39 51.24
C TRP LA 96 -43.81 51.49 52.31
N GLY LA 97 -42.87 52.42 52.28
CA GLY LA 97 -42.84 53.50 53.25
C GLY LA 97 -43.85 54.58 52.95
N SER LA 98 -43.70 55.24 51.80
CA SER LA 98 -44.63 56.28 51.41
C SER LA 98 -46.00 55.69 51.10
N LYS LA 99 -47.05 56.39 51.52
CA LYS LA 99 -48.40 55.90 51.28
C LYS LA 99 -48.80 56.09 49.82
N THR LA 100 -48.44 57.22 49.22
CA THR LA 100 -48.87 57.54 47.87
C THR LA 100 -48.12 56.68 46.85
N ASN LA 101 -48.86 56.12 45.90
CA ASN LA 101 -48.27 55.34 44.82
C ASN LA 101 -47.98 56.25 43.63
N THR LA 102 -47.58 55.67 42.50
CA THR LA 102 -47.27 56.46 41.32
C THR LA 102 -47.36 55.58 40.08
N TRP LA 103 -48.11 56.04 39.08
CA TRP LA 103 -48.16 55.41 37.77
C TRP LA 103 -48.06 56.51 36.73
N THR LA 104 -46.96 56.55 35.99
CA THR LA 104 -46.67 57.62 35.05
C THR LA 104 -46.47 57.04 33.66
N VAL LA 105 -47.14 57.66 32.68
CA VAL LA 105 -46.98 57.31 31.27
C VAL LA 105 -46.47 58.55 30.55
N SER LA 106 -45.30 58.44 29.93
CA SER LA 106 -44.68 59.54 29.21
C SER LA 106 -44.43 59.11 27.76
N GLY LA 107 -44.09 60.10 26.94
CA GLY LA 107 -43.86 59.90 25.52
C GLY LA 107 -44.73 60.84 24.70
N SER LA 108 -44.38 60.89 23.40
CA SER LA 108 -45.07 61.81 22.51
C SER LA 108 -45.40 61.19 21.15
N ASN LA 109 -45.31 59.86 21.00
CA ASN LA 109 -45.72 59.24 19.75
C ASN LA 109 -47.16 59.60 19.44
N THR LA 110 -47.38 60.15 18.24
CA THR LA 110 -48.67 60.74 17.90
C THR LA 110 -49.56 59.81 17.09
N LYS LA 111 -48.99 58.81 16.41
CA LYS LA 111 -49.77 57.83 15.66
C LYS LA 111 -50.21 56.66 16.52
N TRP LA 112 -50.20 56.82 17.85
CA TRP LA 112 -50.65 55.79 18.77
C TRP LA 112 -51.58 56.41 19.81
N MET LA 113 -52.55 55.62 20.25
CA MET LA 113 -53.47 55.99 21.31
C MET LA 113 -53.33 54.98 22.45
N ILE LA 114 -53.03 55.48 23.64
CA ILE LA 114 -52.83 54.65 24.82
C ILE LA 114 -53.76 55.16 25.91
N GLU LA 115 -54.52 54.26 26.53
CA GLU LA 115 -55.45 54.61 27.58
C GLU LA 115 -55.28 53.64 28.73
N TYR LA 116 -54.90 54.16 29.89
CA TYR LA 116 -54.67 53.35 31.08
C TYR LA 116 -55.72 53.67 32.14
N SER LA 117 -56.20 52.64 32.82
CA SER LA 117 -57.22 52.84 33.84
C SER LA 117 -57.13 51.76 34.90
N GLY LA 118 -57.59 52.08 36.10
CA GLY LA 118 -57.67 51.12 37.20
C GLY LA 118 -56.66 51.34 38.31
N GLN LA 119 -55.77 52.32 38.19
CA GLN LA 119 -54.74 52.51 39.21
C GLN LA 119 -55.33 53.13 40.46
N ASN LA 120 -54.68 52.85 41.59
CA ASN LA 120 -54.99 53.48 42.88
C ASN LA 120 -53.75 54.22 43.36
N LEU LA 121 -53.95 55.48 43.78
CA LEU LA 121 -52.85 56.35 44.14
C LEU LA 121 -52.87 56.84 45.58
N ASP LA 122 -53.94 56.57 46.33
CA ASP LA 122 -54.05 57.10 47.69
C ASP LA 122 -53.20 56.29 48.67
N SER LA 123 -53.51 55.02 48.84
CA SER LA 123 -52.81 54.17 49.80
C SER LA 123 -52.98 52.72 49.39
N GLY LA 124 -52.19 51.85 50.02
CA GLY LA 124 -52.25 50.44 49.71
C GLY LA 124 -51.55 50.09 48.40
N ALA LA 125 -51.89 48.92 47.88
CA ALA LA 125 -51.28 48.45 46.65
C ALA LA 125 -51.69 49.34 45.48
N LEU LA 126 -50.83 49.37 44.44
CA LEU LA 126 -51.14 50.15 43.25
C LEU LA 126 -52.33 49.58 42.50
N GLY LA 127 -52.53 48.27 42.55
CA GLY LA 127 -53.71 47.64 41.99
C GLY LA 127 -53.49 47.05 40.61
N THR LA 128 -54.59 46.89 39.90
CA THR LA 128 -54.59 46.39 38.54
C THR LA 128 -54.86 47.54 37.58
N ILE LA 129 -54.02 47.66 36.55
CA ILE LA 129 -54.13 48.72 35.55
C ILE LA 129 -54.22 48.07 34.18
N THR LA 130 -55.28 48.41 33.45
CA THR LA 130 -55.46 47.97 32.08
C THR LA 130 -55.03 49.09 31.15
N VAL LA 131 -54.16 48.78 30.20
CA VAL LA 131 -53.60 49.73 29.26
C VAL LA 131 -54.02 49.26 27.86
N ASP LA 132 -55.00 49.93 27.29
CA ASP LA 132 -55.44 49.67 25.93
C ASP LA 132 -54.57 50.48 24.96
N THR LA 133 -53.99 49.79 23.99
CA THR LA 133 -53.11 50.39 23.00
C THR LA 133 -53.69 50.20 21.60
N LEU LA 134 -53.58 51.24 20.78
CA LEU LA 134 -54.08 51.19 19.42
C LEU LA 134 -53.19 52.07 18.55
N LYS LA 135 -53.06 51.69 17.28
CA LYS LA 135 -52.31 52.47 16.31
C LYS LA 135 -53.29 53.03 15.27
N LYS LA 136 -53.31 54.35 15.16
CA LYS LA 136 -54.23 55.02 14.24
C LYS LA 136 -53.98 54.57 12.80
N GLN MA 10 -32.34 18.19 -40.11
CA GLN MA 10 -33.20 18.67 -39.02
C GLN MA 10 -32.43 19.61 -38.10
N ALA MA 11 -31.14 19.34 -37.92
CA ALA MA 11 -30.33 20.20 -37.07
C ALA MA 11 -30.31 21.62 -37.63
N GLY MA 12 -30.41 22.59 -36.74
CA GLY MA 12 -30.51 23.98 -37.16
C GLY MA 12 -31.91 24.41 -37.54
N ASP MA 13 -32.91 23.55 -37.36
CA ASP MA 13 -34.29 23.90 -37.70
C ASP MA 13 -34.87 24.81 -36.63
N THR MA 14 -35.73 25.74 -37.06
CA THR MA 14 -36.33 26.72 -36.19
C THR MA 14 -37.86 26.71 -36.33
N LEU MA 15 -38.50 27.57 -35.54
CA LEU MA 15 -39.94 27.73 -35.64
C LEU MA 15 -40.34 28.14 -37.04
N ASN MA 16 -39.47 28.86 -37.76
CA ASN MA 16 -39.78 29.22 -39.13
C ASN MA 16 -39.94 27.98 -40.00
N ASP MA 17 -39.03 27.02 -39.89
CA ASP MA 17 -39.17 25.78 -40.66
C ASP MA 17 -40.39 24.99 -40.22
N VAL MA 18 -40.64 24.93 -38.90
CA VAL MA 18 -41.78 24.18 -38.40
C VAL MA 18 -43.08 24.76 -38.95
N ILE MA 19 -43.18 26.10 -38.96
CA ILE MA 19 -44.38 26.75 -39.47
C ILE MA 19 -44.46 26.62 -40.98
N GLN MA 20 -43.32 26.66 -41.67
CA GLN MA 20 -43.34 26.55 -43.13
C GLN MA 20 -43.87 25.19 -43.57
N ASP MA 21 -43.47 24.12 -42.90
CA ASP MA 21 -43.97 22.80 -43.27
C ASP MA 21 -45.39 22.64 -42.74
N PRO MA 22 -46.39 22.42 -43.60
CA PRO MA 22 -47.77 22.30 -43.09
C PRO MA 22 -47.96 21.18 -42.10
N THR MA 23 -47.31 20.03 -42.30
CA THR MA 23 -47.45 18.92 -41.38
C THR MA 23 -46.88 19.26 -40.00
N ARG MA 24 -45.66 19.79 -39.97
CA ARG MA 24 -45.03 20.12 -38.70
C ARG MA 24 -45.78 21.24 -37.99
N ARG MA 25 -46.28 22.22 -38.74
CA ARG MA 25 -47.05 23.31 -38.14
C ARG MA 25 -48.32 22.77 -37.49
N ASN MA 26 -49.04 21.89 -38.18
CA ASN MA 26 -50.25 21.32 -37.60
C ASN MA 26 -49.92 20.45 -36.40
N LYS MA 27 -48.81 19.70 -36.46
CA LYS MA 27 -48.40 18.91 -35.31
C LYS MA 27 -48.11 19.81 -34.11
N LEU MA 28 -47.43 20.92 -34.33
CA LEU MA 28 -47.16 21.86 -33.25
C LEU MA 28 -48.46 22.41 -32.67
N ILE MA 29 -49.39 22.82 -33.53
CA ILE MA 29 -50.64 23.38 -33.05
C ILE MA 29 -51.39 22.35 -32.22
N ASN MA 30 -51.46 21.11 -32.70
CA ASN MA 30 -52.23 20.08 -31.99
C ASN MA 30 -51.55 19.72 -30.67
N ASP MA 31 -50.24 19.49 -30.69
CA ASP MA 31 -49.54 19.08 -29.49
C ASP MA 31 -49.49 20.17 -28.44
N ASN MA 32 -49.62 21.44 -28.83
CA ASN MA 32 -49.60 22.53 -27.87
C ASN MA 32 -50.99 23.09 -27.58
N ASN MA 33 -52.03 22.57 -28.22
CA ASN MA 33 -53.40 22.96 -27.89
C ASN MA 33 -53.62 24.46 -28.13
N LEU MA 34 -53.03 24.96 -29.22
CA LEU MA 34 -53.05 26.39 -29.47
C LEU MA 34 -54.41 26.89 -29.92
N LEU MA 35 -55.32 26.00 -30.31
CA LEU MA 35 -56.65 26.39 -30.74
C LEU MA 35 -57.68 26.29 -29.61
N LYS MA 36 -57.27 25.93 -28.41
CA LYS MA 36 -58.18 25.67 -27.31
C LYS MA 36 -57.96 26.67 -26.19
N GLY MA 37 -59.06 27.04 -25.52
CA GLY MA 37 -58.97 27.91 -24.37
C GLY MA 37 -58.61 27.16 -23.10
N ILE MA 38 -58.38 27.92 -22.03
CA ILE MA 38 -58.00 27.36 -20.74
C ILE MA 38 -59.18 27.50 -19.79
N ILE MA 39 -59.49 26.42 -19.06
CA ILE MA 39 -60.76 26.33 -18.35
C ILE MA 39 -60.72 27.01 -16.98
N MET MA 40 -59.54 27.27 -16.42
CA MET MA 40 -59.43 28.05 -15.18
C MET MA 40 -60.44 27.56 -14.14
N GLY MA 41 -60.27 26.30 -13.74
CA GLY MA 41 -61.24 25.67 -12.89
C GLY MA 41 -60.68 25.25 -11.54
N ARG MA 42 -61.34 24.31 -10.88
CA ARG MA 42 -60.91 23.91 -9.55
C ARG MA 42 -59.56 23.22 -9.58
N ASP MA 43 -59.21 22.60 -10.70
CA ASP MA 43 -57.94 21.91 -10.84
C ASP MA 43 -56.84 22.80 -11.43
N GLY MA 44 -57.13 24.06 -11.70
CA GLY MA 44 -56.15 24.96 -12.25
C GLY MA 44 -56.41 25.25 -13.72
N PRO MA 45 -55.47 25.94 -14.37
CA PRO MA 45 -55.60 26.27 -15.80
C PRO MA 45 -55.30 25.10 -16.72
N VAL MA 46 -56.31 24.24 -16.90
CA VAL MA 46 -56.19 23.08 -17.77
C VAL MA 46 -56.81 23.44 -19.13
N PRO MA 47 -56.17 23.13 -20.24
CA PRO MA 47 -56.79 23.43 -21.54
C PRO MA 47 -58.02 22.59 -21.78
N SER MA 48 -58.98 23.17 -22.49
CA SER MA 48 -60.19 22.46 -22.86
C SER MA 48 -59.89 21.45 -23.97
N SER MA 49 -60.84 20.53 -24.18
CA SER MA 49 -60.74 19.52 -25.21
C SER MA 49 -61.58 19.86 -26.43
N ARG MA 50 -62.13 21.07 -26.49
CA ARG MA 50 -62.94 21.53 -27.60
C ARG MA 50 -62.24 22.70 -28.26
N GLU MA 51 -62.13 22.67 -29.59
CA GLU MA 51 -61.46 23.75 -30.30
C GLU MA 51 -62.31 25.01 -30.24
N LEU MA 52 -61.67 26.12 -29.86
CA LEU MA 52 -62.35 27.40 -29.73
C LEU MA 52 -62.29 28.21 -31.02
N ILE MA 53 -61.12 28.28 -31.64
CA ILE MA 53 -60.94 29.07 -32.86
C ILE MA 53 -60.77 28.13 -34.06
N VAL MA 54 -60.82 28.71 -35.25
CA VAL MA 54 -60.64 27.97 -36.48
C VAL MA 54 -59.15 27.81 -36.76
N ARG MA 55 -58.79 26.69 -37.37
CA ARG MA 55 -57.38 26.40 -37.63
C ARG MA 55 -56.81 27.44 -38.59
N PRO MA 56 -55.77 28.18 -38.20
CA PRO MA 56 -55.17 29.14 -39.13
C PRO MA 56 -54.39 28.44 -40.23
N ASP MA 57 -54.23 29.15 -41.34
CA ASP MA 57 -53.39 28.68 -42.44
C ASP MA 57 -51.92 28.98 -42.21
N THR MA 58 -51.58 29.78 -41.21
CA THR MA 58 -50.19 30.09 -40.88
C THR MA 58 -50.17 30.69 -39.47
N LEU MA 59 -48.97 30.87 -38.95
CA LEU MA 59 -48.77 31.42 -37.63
C LEU MA 59 -47.75 32.56 -37.68
N ARG MA 60 -47.96 33.54 -36.81
CA ARG MA 60 -46.99 34.63 -36.63
C ARG MA 60 -46.00 34.19 -35.56
N ALA MA 61 -44.71 34.20 -35.89
CA ALA MA 61 -43.71 33.71 -34.97
C ALA MA 61 -42.44 34.54 -35.07
N ILE MA 62 -41.69 34.54 -33.97
CA ILE MA 62 -40.36 35.14 -33.91
C ILE MA 62 -39.41 34.09 -33.34
N ILE MA 63 -38.14 34.21 -33.69
CA ILE MA 63 -37.13 33.25 -33.26
C ILE MA 63 -36.33 33.85 -32.12
N ASN MA 64 -36.14 33.07 -31.06
CA ASN MA 64 -35.35 33.50 -29.90
C ASN MA 64 -34.77 32.26 -29.25
N ASN MA 65 -33.45 32.24 -29.09
CA ASN MA 65 -32.74 31.06 -28.58
C ASN MA 65 -31.86 31.37 -27.39
N ARG MA 66 -32.15 32.46 -26.66
CA ARG MA 66 -31.37 32.85 -25.50
C ARG MA 66 -31.85 32.05 -24.30
N ALA MA 67 -31.03 31.13 -23.81
CA ALA MA 67 -31.35 30.33 -22.64
C ALA MA 67 -30.85 31.05 -21.39
N THR MA 68 -31.73 31.20 -20.41
CA THR MA 68 -31.41 31.95 -19.19
C THR MA 68 -32.45 31.61 -18.13
N ILE MA 69 -32.17 32.04 -16.91
CA ILE MA 69 -33.05 31.81 -15.77
C ILE MA 69 -33.73 33.12 -15.42
N GLU MA 70 -35.06 33.10 -15.39
CA GLU MA 70 -35.87 34.25 -15.04
C GLU MA 70 -36.66 33.95 -13.76
N THR MA 71 -36.98 35.00 -13.02
CA THR MA 71 -37.73 34.85 -11.78
C THR MA 71 -38.88 35.84 -11.75
N THR MA 72 -40.01 35.40 -11.19
CA THR MA 72 -41.21 36.23 -11.08
C THR MA 72 -41.81 36.05 -9.70
N THR MA 73 -42.49 37.08 -9.22
CA THR MA 73 -43.15 37.07 -7.92
C THR MA 73 -44.57 37.58 -8.06
N MET MA 74 -45.46 37.03 -7.24
CA MET MA 74 -46.88 37.37 -7.27
C MET MA 74 -47.39 37.52 -5.85
N GLU MA 75 -48.30 38.48 -5.66
CA GLU MA 75 -48.89 38.73 -4.35
C GLU MA 75 -50.34 38.27 -4.24
N ALA MA 76 -51.01 38.03 -5.36
CA ALA MA 76 -52.38 37.55 -5.32
C ALA MA 76 -52.45 36.20 -4.60
N GLU MA 77 -53.64 35.90 -4.06
CA GLU MA 77 -53.79 34.74 -3.20
C GLU MA 77 -53.94 33.46 -4.00
N PHE MA 78 -54.92 33.41 -4.91
CA PHE MA 78 -55.30 32.18 -5.58
C PHE MA 78 -54.59 31.98 -6.92
N THR MA 79 -53.37 32.52 -7.08
CA THR MA 79 -52.65 32.45 -8.34
C THR MA 79 -51.52 31.43 -8.32
N GLU MA 80 -51.56 30.47 -7.40
CA GLU MA 80 -50.50 29.47 -7.32
C GLU MA 80 -50.41 28.65 -8.60
N THR MA 81 -51.55 28.17 -9.09
CA THR MA 81 -51.53 27.35 -10.30
C THR MA 81 -51.10 28.16 -11.51
N LEU MA 82 -51.51 29.43 -11.58
CA LEU MA 82 -51.06 30.27 -12.70
C LEU MA 82 -49.56 30.45 -12.67
N MET MA 83 -48.99 30.73 -11.49
CA MET MA 83 -47.54 30.85 -11.40
C MET MA 83 -46.86 29.54 -11.78
N GLU MA 84 -47.45 28.41 -11.38
CA GLU MA 84 -46.91 27.12 -11.79
C GLU MA 84 -47.00 26.91 -13.30
N SER MA 85 -48.00 27.52 -13.95
CA SER MA 85 -48.14 27.44 -15.40
C SER MA 85 -47.36 28.53 -16.11
N ASN MA 86 -46.66 29.38 -15.37
CA ASN MA 86 -45.72 30.35 -15.95
C ASN MA 86 -46.47 31.45 -16.70
N TYR MA 87 -47.48 32.00 -16.04
CA TYR MA 87 -48.20 33.16 -16.55
C TYR MA 87 -47.52 34.42 -16.03
N ASN MA 88 -47.22 35.35 -16.93
CA ASN MA 88 -46.61 36.60 -16.50
C ASN MA 88 -47.62 37.43 -15.73
N SER MA 89 -47.20 38.63 -15.31
CA SER MA 89 -48.04 39.43 -14.43
C SER MA 89 -49.36 39.80 -15.08
N ALA MA 90 -49.31 40.23 -16.35
CA ALA MA 90 -50.54 40.64 -17.03
C ALA MA 90 -51.50 39.47 -17.18
N SER MA 91 -50.99 38.30 -17.59
CA SER MA 91 -51.85 37.14 -17.76
C SER MA 91 -52.45 36.71 -16.43
N VAL MA 92 -51.66 36.72 -15.35
CA VAL MA 92 -52.19 36.35 -14.05
C VAL MA 92 -53.24 37.34 -13.61
N LYS MA 93 -53.03 38.63 -13.87
CA LYS MA 93 -54.03 39.63 -13.52
C LYS MA 93 -55.32 39.39 -14.29
N VAL MA 94 -55.22 39.05 -15.58
CA VAL MA 94 -56.43 38.83 -16.38
C VAL MA 94 -57.17 37.58 -15.90
N SER MA 95 -56.42 36.54 -15.55
CA SER MA 95 -57.02 35.25 -15.21
C SER MA 95 -57.45 35.13 -13.75
N ALA MA 96 -56.99 36.02 -12.87
CA ALA MA 96 -57.27 35.86 -11.45
C ALA MA 96 -58.76 35.80 -11.13
N PRO MA 97 -59.63 36.64 -11.69
CA PRO MA 97 -61.05 36.55 -11.30
C PRO MA 97 -61.63 35.16 -11.48
N PHE MA 98 -61.34 34.50 -12.60
CA PHE MA 98 -61.91 33.18 -12.86
C PHE MA 98 -61.35 32.14 -11.91
N ILE MA 99 -60.03 32.15 -11.71
CA ILE MA 99 -59.40 31.19 -10.82
C ILE MA 99 -59.97 31.33 -9.41
N THR MA 100 -60.05 32.57 -8.92
CA THR MA 100 -60.62 32.79 -7.60
C THR MA 100 -62.06 32.29 -7.54
N ALA MA 101 -62.89 32.70 -8.51
CA ALA MA 101 -64.29 32.30 -8.51
C ALA MA 101 -64.46 30.79 -8.47
N ASN MA 102 -63.65 30.06 -9.22
CA ASN MA 102 -63.81 28.61 -9.33
C ASN MA 102 -62.91 27.82 -8.40
N SER MA 103 -62.12 28.49 -7.54
CA SER MA 103 -61.22 27.78 -6.65
C SER MA 103 -62.00 27.04 -5.57
N GLU MA 104 -61.26 26.26 -4.77
CA GLU MA 104 -61.82 25.55 -3.62
C GLU MA 104 -61.32 26.24 -2.36
N TYR MA 105 -62.18 27.02 -1.72
CA TYR MA 105 -61.80 27.73 -0.51
C TYR MA 105 -61.75 26.76 0.67
N SER MA 106 -60.93 27.09 1.65
CA SER MA 106 -60.80 26.27 2.84
C SER MA 106 -59.98 27.03 3.88
N GLU MA 107 -60.29 26.80 5.15
CA GLU MA 107 -59.48 27.34 6.23
C GLU MA 107 -58.13 26.65 6.24
N SER MA 108 -57.26 27.09 7.15
CA SER MA 108 -55.91 26.55 7.28
C SER MA 108 -55.08 26.77 6.01
N SER MA 109 -55.51 27.70 5.16
CA SER MA 109 -54.75 27.98 3.94
C SER MA 109 -53.38 28.52 4.31
N SER MA 110 -52.34 27.97 3.67
CA SER MA 110 -50.98 28.39 3.96
C SER MA 110 -50.73 29.84 3.60
N PHE MA 111 -51.57 30.42 2.74
CA PHE MA 111 -51.42 31.82 2.37
C PHE MA 111 -51.94 32.72 3.48
N LYS MA 112 -51.19 33.77 3.79
CA LYS MA 112 -51.55 34.74 4.82
C LYS MA 112 -51.46 36.14 4.24
N ASN MA 113 -52.52 36.92 4.40
CA ASN MA 113 -52.56 38.29 3.91
C ASN MA 113 -53.15 39.22 4.96
N THR MA 114 -52.78 39.01 6.22
CA THR MA 114 -53.27 39.87 7.29
C THR MA 114 -52.56 41.22 7.25
N GLU MA 115 -52.98 42.13 8.12
CA GLU MA 115 -52.38 43.46 8.13
C GLU MA 115 -50.97 43.47 8.73
N THR MA 116 -50.56 42.36 9.34
CA THR MA 116 -49.24 42.28 9.99
C THR MA 116 -48.23 41.46 9.21
N GLU MA 117 -48.67 40.43 8.47
CA GLU MA 117 -47.78 39.63 7.65
C GLU MA 117 -48.29 39.57 6.22
N LYS MA 118 -47.39 39.24 5.30
CA LYS MA 118 -47.67 39.18 3.87
C LYS MA 118 -47.08 37.91 3.30
N SER MA 119 -47.80 37.29 2.37
CA SER MA 119 -47.38 36.05 1.73
C SER MA 119 -47.26 36.26 0.22
N MET MA 120 -46.28 35.59 -0.38
CA MET MA 120 -45.99 35.78 -1.80
C MET MA 120 -45.57 34.44 -2.42
N TYR MA 121 -45.79 34.33 -3.72
CA TYR MA 121 -45.34 33.18 -4.50
C TYR MA 121 -44.15 33.58 -5.35
N THR MA 122 -43.18 32.68 -5.47
CA THR MA 122 -42.00 32.89 -6.30
C THR MA 122 -41.83 31.70 -7.24
N SER MA 123 -41.37 31.99 -8.46
CA SER MA 123 -41.17 30.98 -9.48
C SER MA 123 -39.93 31.31 -10.29
N SER MA 124 -39.05 30.32 -10.46
CA SER MA 124 -37.85 30.47 -11.25
C SER MA 124 -37.92 29.48 -12.41
N ARG MA 125 -37.80 29.99 -13.64
CA ARG MA 125 -37.89 29.18 -14.84
C ARG MA 125 -36.54 29.22 -15.55
N TYR MA 126 -35.91 28.06 -15.68
CA TYR MA 126 -34.73 27.89 -16.53
C TYR MA 126 -35.24 27.56 -17.92
N LEU MA 127 -35.13 28.53 -18.84
CA LEU MA 127 -35.76 28.46 -20.15
C LEU MA 127 -34.72 28.17 -21.22
N PHE MA 128 -35.09 27.29 -22.15
CA PHE MA 128 -34.36 27.07 -23.40
C PHE MA 128 -35.38 27.33 -24.50
N PRO MA 129 -35.56 28.59 -24.90
CA PRO MA 129 -36.62 28.93 -25.84
C PRO MA 129 -36.22 28.74 -27.29
N GLN MA 130 -37.26 28.68 -28.14
CA GLN MA 130 -37.09 28.62 -29.57
C GLN MA 130 -37.81 29.76 -30.30
N GLY MA 131 -38.75 30.42 -29.65
CA GLY MA 131 -39.45 31.54 -30.27
C GLY MA 131 -40.76 31.82 -29.56
N ARG MA 132 -41.59 32.62 -30.21
CA ARG MA 132 -42.86 33.07 -29.65
C ARG MA 132 -43.89 33.10 -30.76
N ILE MA 133 -45.09 32.62 -30.45
CA ILE MA 133 -46.21 32.58 -31.39
C ILE MA 133 -47.29 33.51 -30.89
N ASP MA 134 -47.89 34.27 -31.81
CA ASP MA 134 -48.84 35.30 -31.49
C ASP MA 134 -50.12 35.12 -32.32
N PHE MA 135 -51.23 35.55 -31.76
CA PHE MA 135 -52.52 35.54 -32.43
C PHE MA 135 -53.09 36.95 -32.43
N THR MA 136 -53.93 37.23 -33.42
CA THR MA 136 -54.54 38.56 -33.57
C THR MA 136 -55.93 38.52 -32.95
N THR MA 137 -56.15 39.32 -31.92
CA THR MA 137 -57.47 39.43 -31.35
C THR MA 137 -58.34 40.35 -32.19
N PRO MA 138 -59.67 40.16 -32.16
CA PRO MA 138 -60.53 41.07 -32.92
C PRO MA 138 -60.37 42.54 -32.52
N ASP MA 139 -60.09 42.81 -31.25
CA ASP MA 139 -59.92 44.18 -30.80
C ASP MA 139 -58.71 44.85 -31.43
N SER MA 140 -57.73 44.07 -31.89
CA SER MA 140 -56.54 44.66 -32.50
C SER MA 140 -56.90 45.44 -33.76
N GLY MA 141 -57.80 44.91 -34.56
CA GLY MA 141 -58.25 45.58 -35.76
C GLY MA 141 -57.51 45.23 -37.03
N PHE MA 142 -56.60 44.26 -36.99
CA PHE MA 142 -55.86 43.87 -38.17
C PHE MA 142 -56.68 42.87 -38.99
N ASP MA 143 -56.16 42.56 -40.19
CA ASP MA 143 -56.92 41.77 -41.15
C ASP MA 143 -56.86 40.27 -40.89
N ASP MA 144 -55.90 39.80 -40.09
CA ASP MA 144 -55.72 38.37 -39.83
C ASP MA 144 -56.28 37.96 -38.48
N VAL MA 145 -57.40 38.55 -38.06
CA VAL MA 145 -57.97 38.20 -36.78
C VAL MA 145 -58.31 36.72 -36.72
N ILE MA 146 -58.29 36.17 -35.51
CA ILE MA 146 -58.75 34.80 -35.30
C ILE MA 146 -60.26 34.75 -35.40
N LYS MA 147 -60.78 33.67 -35.96
CA LYS MA 147 -62.21 33.49 -36.18
C LYS MA 147 -62.73 32.43 -35.23
N LEU MA 148 -63.71 32.80 -34.41
CA LEU MA 148 -64.31 31.84 -33.49
C LEU MA 148 -65.01 30.73 -34.26
N SER MA 149 -64.96 29.53 -33.70
CA SER MA 149 -65.53 28.38 -34.38
C SER MA 149 -67.05 28.52 -34.49
N PRO MA 150 -67.65 28.04 -35.58
CA PRO MA 150 -69.11 28.10 -35.68
C PRO MA 150 -69.80 27.36 -34.54
N GLN MA 151 -69.20 26.28 -34.04
CA GLN MA 151 -69.81 25.57 -32.91
C GLN MA 151 -69.90 26.46 -31.68
N PHE MA 152 -68.81 27.18 -31.37
CA PHE MA 152 -68.84 28.08 -30.22
C PHE MA 152 -69.83 29.22 -30.44
N THR MA 153 -69.85 29.79 -31.65
CA THR MA 153 -70.79 30.88 -31.92
C THR MA 153 -72.23 30.40 -31.77
N SER MA 154 -72.54 29.22 -32.31
CA SER MA 154 -73.89 28.67 -32.18
C SER MA 154 -74.23 28.38 -30.73
N GLY MA 155 -73.26 27.88 -29.95
CA GLY MA 155 -73.51 27.66 -28.55
C GLY MA 155 -73.85 28.95 -27.82
N VAL MA 156 -73.10 30.01 -28.10
CA VAL MA 156 -73.39 31.31 -27.47
C VAL MA 156 -74.77 31.79 -27.87
N GLN MA 157 -75.13 31.66 -29.16
CA GLN MA 157 -76.44 32.10 -29.60
C GLN MA 157 -77.55 31.31 -28.91
N ALA MA 158 -77.38 29.99 -28.81
CA ALA MA 158 -78.38 29.17 -28.14
C ALA MA 158 -78.51 29.54 -26.67
N ALA MA 159 -77.38 29.79 -26.00
CA ALA MA 159 -77.43 30.20 -24.61
C ALA MA 159 -78.18 31.51 -24.45
N LEU MA 160 -77.92 32.48 -25.32
CA LEU MA 160 -78.58 33.77 -25.21
C LEU MA 160 -80.02 33.76 -25.72
N ALA MA 161 -80.45 32.70 -26.41
CA ALA MA 161 -81.80 32.61 -26.91
C ALA MA 161 -82.76 31.94 -25.93
N LYS MA 162 -82.32 31.63 -24.72
CA LYS MA 162 -83.17 30.94 -23.77
C LYS MA 162 -84.24 31.87 -23.22
N ALA MA 163 -85.29 31.27 -22.65
CA ALA MA 163 -86.48 32.03 -22.27
C ALA MA 163 -86.20 32.98 -21.11
N THR MA 164 -85.52 32.50 -20.07
CA THR MA 164 -85.37 33.26 -18.82
C THR MA 164 -83.91 33.60 -18.58
N GLY MA 165 -83.70 34.66 -17.80
CA GLY MA 165 -82.34 35.09 -17.50
C GLY MA 165 -81.55 34.04 -16.75
N THR MA 166 -82.20 33.34 -15.82
CA THR MA 166 -81.52 32.27 -15.09
C THR MA 166 -81.07 31.17 -16.04
N GLU MA 167 -81.94 30.78 -16.98
CA GLU MA 167 -81.55 29.77 -17.95
C GLU MA 167 -80.42 30.25 -18.84
N LYS MA 168 -80.47 31.52 -19.26
CA LYS MA 168 -79.38 32.07 -20.06
C LYS MA 168 -78.06 32.02 -19.30
N ARG MA 169 -78.08 32.40 -18.02
CA ARG MA 169 -76.86 32.39 -17.23
C ARG MA 169 -76.35 30.97 -17.02
N GLU MA 170 -77.25 30.02 -16.78
CA GLU MA 170 -76.83 28.63 -16.65
C GLU MA 170 -76.19 28.11 -17.92
N ALA MA 171 -76.81 28.42 -19.07
CA ALA MA 171 -76.24 27.99 -20.35
C ALA MA 171 -74.88 28.61 -20.58
N LEU MA 172 -74.73 29.91 -20.28
CA LEU MA 172 -73.43 30.55 -20.44
C LEU MA 172 -72.39 29.94 -19.52
N GLN MA 173 -72.77 29.64 -18.28
CA GLN MA 173 -71.84 29.02 -17.35
C GLN MA 173 -71.37 27.67 -17.85
N ASN MA 174 -72.30 26.84 -18.34
CA ASN MA 174 -71.92 25.55 -18.92
C ASN MA 174 -71.02 25.73 -20.13
N LEU MA 175 -71.38 26.67 -21.01
CA LEU MA 175 -70.59 26.88 -22.23
C LEU MA 175 -69.17 27.31 -21.89
N PHE MA 176 -69.01 28.20 -20.91
CA PHE MA 176 -67.66 28.64 -20.56
C PHE MA 176 -66.90 27.59 -19.79
N GLN MA 177 -67.57 26.77 -18.98
CA GLN MA 177 -66.89 25.65 -18.34
C GLN MA 177 -66.41 24.64 -19.37
N GLU MA 178 -67.11 24.52 -20.50
CA GLU MA 178 -66.72 23.56 -21.52
C GLU MA 178 -65.62 24.11 -22.43
N TYR MA 179 -65.77 25.36 -22.87
CA TYR MA 179 -64.89 25.92 -23.89
C TYR MA 179 -63.73 26.74 -23.34
N GLY MA 180 -63.72 27.03 -22.03
CA GLY MA 180 -62.67 27.82 -21.43
C GLY MA 180 -63.13 29.22 -21.08
N HIS MA 181 -62.28 29.91 -20.30
CA HIS MA 181 -62.52 31.27 -19.87
C HIS MA 181 -61.59 32.28 -20.51
N VAL MA 182 -60.36 31.88 -20.86
CA VAL MA 182 -59.40 32.76 -21.50
C VAL MA 182 -58.75 32.02 -22.65
N PHE MA 183 -58.14 32.80 -23.55
CA PHE MA 183 -57.44 32.27 -24.71
C PHE MA 183 -56.04 32.84 -24.74
N ARG MA 184 -55.04 31.97 -24.91
CA ARG MA 184 -53.64 32.40 -24.91
C ARG MA 184 -53.31 33.04 -26.25
N THR MA 185 -53.02 34.33 -26.23
CA THR MA 185 -52.72 35.07 -27.46
C THR MA 185 -51.24 35.13 -27.78
N LYS MA 186 -50.37 35.02 -26.78
CA LYS MA 186 -48.92 35.01 -27.01
C LYS MA 186 -48.30 33.93 -26.15
N VAL MA 187 -47.63 32.98 -26.80
CA VAL MA 187 -47.07 31.82 -26.11
C VAL MA 187 -45.65 31.59 -26.59
N HIS MA 188 -44.75 31.32 -25.65
CA HIS MA 188 -43.36 31.02 -25.96
C HIS MA 188 -43.20 29.52 -26.13
N ILE MA 189 -42.34 29.11 -27.06
CA ILE MA 189 -42.11 27.70 -27.36
C ILE MA 189 -40.71 27.34 -26.92
N GLY MA 190 -40.52 26.06 -26.60
CA GLY MA 190 -39.21 25.58 -26.19
C GLY MA 190 -39.27 24.60 -25.03
N GLY MA 191 -38.26 24.67 -24.14
CA GLY MA 191 -38.24 23.83 -22.97
C GLY MA 191 -38.03 24.67 -21.72
N VAL MA 192 -38.47 24.13 -20.58
CA VAL MA 192 -38.39 24.89 -19.34
C VAL MA 192 -38.33 23.94 -18.14
N LEU MA 193 -37.44 24.25 -17.21
CA LEU MA 193 -37.42 23.63 -15.89
C LEU MA 193 -37.87 24.68 -14.87
N SER MA 194 -38.98 24.42 -14.19
CA SER MA 194 -39.57 25.41 -13.30
C SER MA 194 -39.48 24.94 -11.85
N ALA MA 195 -39.19 25.89 -10.96
CA ALA MA 195 -39.19 25.65 -9.52
C ALA MA 195 -40.02 26.72 -8.85
N HIS MA 196 -41.01 26.31 -8.06
CA HIS MA 196 -41.96 27.23 -7.46
C HIS MA 196 -42.00 27.06 -5.95
N THR MA 197 -42.29 28.15 -5.25
CA THR MA 197 -42.35 28.12 -3.79
C THR MA 197 -43.21 29.29 -3.31
N MET MA 198 -43.54 29.26 -2.02
CA MET MA 198 -44.27 30.33 -1.37
C MET MA 198 -43.57 30.71 -0.08
N GLU MA 199 -43.64 31.99 0.27
CA GLU MA 199 -43.00 32.49 1.47
C GLU MA 199 -43.89 33.51 2.16
N THR MA 200 -43.99 33.39 3.48
CA THR MA 200 -44.72 34.34 4.31
C THR MA 200 -43.74 35.04 5.24
N PHE MA 201 -43.92 36.35 5.41
CA PHE MA 201 -42.99 37.13 6.21
C PHE MA 201 -43.71 38.36 6.75
N SER MA 202 -43.23 38.85 7.89
CA SER MA 202 -43.82 40.02 8.50
C SER MA 202 -43.65 41.23 7.59
N ARG MA 203 -44.69 42.07 7.54
CA ARG MA 203 -44.64 43.27 6.71
C ARG MA 203 -43.55 44.23 7.16
N SER MA 204 -43.10 44.14 8.42
CA SER MA 204 -42.05 45.02 8.89
C SER MA 204 -40.71 44.71 8.23
N GLU MA 205 -40.48 43.46 7.86
CA GLU MA 205 -39.22 43.06 7.26
C GLU MA 205 -39.04 43.73 5.89
N ASN MA 206 -37.78 43.95 5.51
CA ASN MA 206 -37.48 44.55 4.23
C ASN MA 206 -37.93 43.63 3.10
N GLU MA 207 -38.93 44.08 2.34
CA GLU MA 207 -39.46 43.26 1.26
C GLU MA 207 -38.43 43.04 0.16
N THR MA 208 -37.58 44.04 -0.10
CA THR MA 208 -36.57 43.95 -1.14
C THR MA 208 -35.32 43.23 -0.67
N GLU MA 209 -35.35 42.69 0.54
CA GLU MA 209 -34.36 41.72 0.99
C GLU MA 209 -34.94 40.32 1.06
N VAL MA 210 -36.20 40.19 1.49
CA VAL MA 210 -36.85 38.89 1.44
C VAL MA 210 -36.94 38.40 0.00
N LYS MA 211 -37.34 39.28 -0.92
CA LYS MA 211 -37.47 38.89 -2.32
C LYS MA 211 -36.13 38.48 -2.90
N GLN MA 212 -35.09 39.26 -2.62
CA GLN MA 212 -33.77 38.94 -3.16
C GLN MA 212 -33.25 37.60 -2.61
N ASP MA 213 -33.42 37.37 -1.31
CA ASP MA 213 -32.95 36.12 -0.73
C ASP MA 213 -33.69 34.93 -1.33
N VAL MA 214 -35.02 35.04 -1.44
CA VAL MA 214 -35.81 33.94 -1.99
C VAL MA 214 -35.41 33.69 -3.44
N LYS MA 215 -35.24 34.77 -4.21
CA LYS MA 215 -34.87 34.63 -5.61
C LYS MA 215 -33.52 33.94 -5.75
N ALA MA 216 -32.54 34.34 -4.93
CA ALA MA 216 -31.23 33.71 -5.02
C ALA MA 216 -31.32 32.22 -4.70
N GLY MA 217 -32.04 31.87 -3.64
CA GLY MA 217 -32.16 30.47 -3.29
C GLY MA 217 -32.83 29.65 -4.38
N LEU MA 218 -33.95 30.14 -4.90
CA LEU MA 218 -34.67 29.41 -5.93
C LEU MA 218 -33.88 29.31 -7.22
N GLU MA 219 -33.16 30.38 -7.59
CA GLU MA 219 -32.34 30.33 -8.79
C GLU MA 219 -31.22 29.32 -8.64
N GLY MA 220 -30.57 29.29 -7.48
CA GLY MA 220 -29.58 28.25 -7.25
C GLY MA 220 -30.17 26.85 -7.32
N ALA MA 221 -31.40 26.70 -6.84
CA ALA MA 221 -32.05 25.39 -6.86
C ALA MA 221 -32.31 24.94 -8.31
N VAL MA 222 -32.87 25.83 -9.12
CA VAL MA 222 -33.15 25.49 -10.51
C VAL MA 222 -31.87 25.32 -11.32
N LYS MA 223 -30.75 25.90 -10.95
CA LYS MA 223 -29.54 25.70 -11.75
C LYS MA 223 -29.09 24.28 -11.62
N GLY MA 224 -28.88 23.80 -10.42
CA GLY MA 224 -28.51 22.42 -10.25
C GLY MA 224 -29.76 21.61 -10.18
N TRP MA 225 -30.07 20.87 -11.23
CA TRP MA 225 -31.30 20.11 -11.28
C TRP MA 225 -31.29 19.26 -12.54
N GLN MA 237 -33.86 17.92 -4.60
CA GLN MA 237 -34.03 18.44 -3.25
C GLN MA 237 -35.36 19.18 -3.13
N GLY MA 238 -36.27 18.64 -2.33
CA GLY MA 238 -37.57 19.28 -2.17
C GLY MA 238 -37.57 20.48 -1.25
N THR MA 239 -36.48 20.70 -0.52
CA THR MA 239 -36.41 21.76 0.48
C THR MA 239 -35.11 22.52 0.32
N ILE MA 240 -35.17 23.84 0.50
CA ILE MA 240 -34.04 24.72 0.28
C ILE MA 240 -33.85 25.62 1.50
N THR MA 241 -32.60 25.94 1.80
CA THR MA 241 -32.25 26.89 2.84
C THR MA 241 -31.59 28.10 2.19
N THR MA 242 -32.14 29.29 2.44
CA THR MA 242 -31.63 30.50 1.82
C THR MA 242 -30.53 31.12 2.69
N SER MA 243 -30.02 32.27 2.23
CA SER MA 243 -28.96 32.96 2.97
C SER MA 243 -29.47 33.42 4.34
N GLN MA 244 -30.70 33.91 4.39
CA GLN MA 244 -31.31 34.35 5.64
C GLN MA 244 -31.81 33.19 6.50
N ASN MA 245 -31.38 31.96 6.19
CA ASN MA 245 -31.80 30.77 6.92
C ASN MA 245 -33.30 30.52 6.78
N ARG MA 246 -33.89 31.01 5.69
CA ARG MA 246 -35.30 30.73 5.42
C ARG MA 246 -35.44 29.34 4.81
N LYS MA 247 -36.43 28.59 5.28
CA LYS MA 247 -36.69 27.23 4.82
C LYS MA 247 -37.83 27.27 3.82
N LEU MA 248 -37.57 26.83 2.59
CA LEU MA 248 -38.53 26.91 1.50
C LEU MA 248 -38.81 25.52 0.95
N ASN MA 249 -40.09 25.23 0.69
CA ASN MA 249 -40.50 24.02 0.00
C ASN MA 249 -40.65 24.32 -1.48
N VAL MA 250 -39.99 23.53 -2.33
CA VAL MA 250 -39.89 23.81 -3.75
C VAL MA 250 -40.58 22.70 -4.52
N LYS MA 251 -41.43 23.09 -5.47
CA LYS MA 251 -42.09 22.16 -6.39
C LYS MA 251 -41.42 22.30 -7.75
N TYR MA 252 -41.00 21.17 -8.31
CA TYR MA 252 -40.26 21.14 -9.58
C TYR MA 252 -41.16 20.62 -10.69
N ILE MA 253 -41.05 21.26 -11.85
CA ILE MA 253 -41.79 20.86 -13.05
C ILE MA 253 -40.79 20.78 -14.21
N VAL MA 254 -40.85 19.68 -14.94
CA VAL MA 254 -39.94 19.42 -16.06
C VAL MA 254 -40.74 19.48 -17.35
N ASN MA 255 -40.32 20.35 -18.27
CA ASN MA 255 -40.92 20.48 -19.59
C ASN MA 255 -39.81 20.60 -20.62
N VAL MA 256 -38.88 19.64 -20.60
CA VAL MA 256 -37.77 19.61 -21.53
C VAL MA 256 -37.41 18.16 -21.82
N VAL MA 257 -37.08 17.88 -23.07
CA VAL MA 257 -36.65 16.54 -23.47
C VAL MA 257 -35.50 16.65 -24.47
N GLN MA 274 -34.81 18.45 -31.20
CA GLN MA 274 -35.84 17.96 -32.10
C GLN MA 274 -37.12 18.77 -31.95
N SER MA 275 -37.67 19.23 -33.07
CA SER MA 275 -38.84 20.10 -33.04
C SER MA 275 -40.10 19.39 -32.57
N GLU MA 276 -40.11 18.06 -32.54
CA GLU MA 276 -41.30 17.32 -32.13
C GLU MA 276 -41.58 17.45 -30.65
N HIS MA 277 -40.57 17.80 -29.84
CA HIS MA 277 -40.71 17.84 -28.40
C HIS MA 277 -40.85 19.26 -27.86
N TRP MA 278 -40.98 20.26 -28.72
CA TRP MA 278 -41.17 21.62 -28.26
C TRP MA 278 -42.55 21.80 -27.66
N ARG MA 279 -42.62 22.51 -26.54
CA ARG MA 279 -43.87 22.72 -25.83
C ARG MA 279 -43.94 24.17 -25.36
N VAL MA 280 -45.14 24.59 -24.98
CA VAL MA 280 -45.33 25.95 -24.47
C VAL MA 280 -44.64 26.08 -23.13
N ILE MA 281 -43.81 27.11 -22.98
CA ILE MA 281 -43.03 27.32 -21.77
C ILE MA 281 -43.43 28.57 -21.02
N GLU MA 282 -44.23 29.44 -21.61
CA GLU MA 282 -44.61 30.69 -20.96
C GLU MA 282 -45.76 31.32 -21.73
N VAL MA 283 -46.67 31.96 -21.01
CA VAL MA 283 -47.80 32.66 -21.60
C VAL MA 283 -47.62 34.15 -21.32
N THR MA 284 -47.45 34.93 -22.37
CA THR MA 284 -47.18 36.36 -22.23
C THR MA 284 -48.45 37.20 -22.28
N GLU MA 285 -49.53 36.69 -22.85
CA GLU MA 285 -50.76 37.45 -22.95
C GLU MA 285 -51.94 36.48 -23.08
N VAL MA 286 -53.02 36.79 -22.38
CA VAL MA 286 -54.28 36.07 -22.52
C VAL MA 286 -55.41 37.07 -22.63
N THR MA 287 -56.46 36.68 -23.35
CA THR MA 287 -57.63 37.53 -23.57
C THR MA 287 -58.87 36.73 -23.17
N ALA MA 288 -59.74 37.36 -22.39
CA ALA MA 288 -60.97 36.69 -21.98
C ALA MA 288 -61.76 36.22 -23.19
N VAL MA 289 -62.29 34.99 -23.10
CA VAL MA 289 -63.01 34.42 -24.23
C VAL MA 289 -64.22 35.29 -24.59
N ALA MA 290 -64.87 35.87 -23.59
CA ALA MA 290 -65.99 36.76 -23.86
C ALA MA 290 -65.56 37.93 -24.74
N ASP MA 291 -64.34 38.45 -24.53
CA ASP MA 291 -63.88 39.59 -25.31
C ASP MA 291 -63.75 39.29 -26.79
N LEU MA 292 -63.68 38.01 -27.17
CA LEU MA 292 -63.51 37.64 -28.57
C LEU MA 292 -64.79 37.75 -29.37
N LEU MA 293 -65.94 37.88 -28.72
CA LEU MA 293 -67.21 37.93 -29.43
C LEU MA 293 -67.45 39.31 -30.04
N PRO MA 294 -68.34 39.40 -31.03
CA PRO MA 294 -68.71 40.72 -31.57
C PRO MA 294 -69.35 41.58 -30.49
N GLN MA 295 -69.16 42.89 -30.60
CA GLN MA 295 -69.52 43.80 -29.52
C GLN MA 295 -70.95 43.65 -29.03
N PRO MA 296 -71.98 43.60 -29.90
CA PRO MA 296 -73.35 43.50 -29.37
C PRO MA 296 -73.59 42.28 -28.51
N ILE MA 297 -72.98 41.14 -28.87
CA ILE MA 297 -73.14 39.94 -28.06
C ILE MA 297 -72.21 39.97 -26.85
N ARG MA 298 -71.04 40.58 -27.00
CA ARG MA 298 -70.09 40.67 -25.90
C ARG MA 298 -70.68 41.46 -24.74
N GLY MA 299 -71.37 42.57 -25.06
CA GLY MA 299 -71.99 43.34 -23.99
C GLY MA 299 -73.01 42.53 -23.21
N GLN MA 300 -73.87 41.82 -23.93
CA GLN MA 300 -74.89 41.01 -23.27
C GLN MA 300 -74.25 39.90 -22.43
N VAL MA 301 -73.22 39.24 -22.96
CA VAL MA 301 -72.57 38.16 -22.21
C VAL MA 301 -71.92 38.70 -20.95
N LYS MA 302 -71.22 39.83 -21.07
CA LYS MA 302 -70.56 40.41 -19.90
C LYS MA 302 -71.59 40.82 -18.85
N ASP MA 303 -72.71 41.40 -19.27
CA ASP MA 303 -73.75 41.77 -18.32
C ASP MA 303 -74.36 40.53 -17.66
N LEU MA 304 -74.59 39.48 -18.44
CA LEU MA 304 -75.21 38.28 -17.89
C LEU MA 304 -74.28 37.51 -16.96
N LEU MA 305 -72.97 37.69 -17.09
CA LEU MA 305 -72.01 36.99 -16.25
C LEU MA 305 -71.81 37.66 -14.89
N LYS MA 306 -72.48 38.77 -14.62
CA LYS MA 306 -72.33 39.44 -13.33
C LYS MA 306 -73.07 38.64 -12.25
N PRO MA 307 -72.39 38.20 -11.18
CA PRO MA 307 -73.06 37.33 -10.21
C PRO MA 307 -74.23 37.97 -9.48
N LEU MA 308 -74.20 39.28 -9.23
CA LEU MA 308 -75.16 39.92 -8.34
C LEU MA 308 -75.97 40.97 -9.07
N LEU MA 309 -77.27 41.04 -8.74
CA LEU MA 309 -78.14 42.11 -9.17
C LEU MA 309 -78.26 43.12 -8.03
N GLY MA 310 -78.03 44.39 -8.33
CA GLY MA 310 -78.03 45.41 -7.31
C GLY MA 310 -79.25 46.31 -7.29
N LYS MA 311 -79.49 46.94 -6.15
CA LYS MA 311 -80.62 47.84 -6.00
C LYS MA 311 -80.31 48.85 -4.90
N TRP MA 312 -80.86 50.05 -5.04
CA TRP MA 312 -80.71 51.10 -4.05
C TRP MA 312 -82.04 51.28 -3.31
N VAL MA 313 -81.98 51.32 -1.98
CA VAL MA 313 -83.17 51.44 -1.16
C VAL MA 313 -82.94 52.49 -0.09
N ASP MA 314 -84.03 52.95 0.52
CA ASP MA 314 -83.95 53.94 1.58
C ASP MA 314 -83.34 53.33 2.84
N VAL MA 315 -82.93 54.21 3.75
CA VAL MA 315 -82.27 53.81 4.98
C VAL MA 315 -82.97 54.43 6.17
N GLU MA 316 -82.73 53.83 7.34
CA GLU MA 316 -83.31 54.28 8.60
C GLU MA 316 -82.23 54.29 9.66
N LYS MA 317 -82.33 55.24 10.60
CA LYS MA 317 -81.35 55.35 11.66
C LYS MA 317 -81.59 54.28 12.71
N VAL MA 318 -80.53 53.58 13.09
CA VAL MA 318 -80.64 52.52 14.09
C VAL MA 318 -80.93 53.14 15.45
N PRO MA 319 -81.95 52.69 16.18
CA PRO MA 319 -82.22 53.25 17.50
C PRO MA 319 -81.08 52.96 18.46
N GLY MA 320 -80.89 53.87 19.42
CA GLY MA 320 -79.81 53.73 20.36
C GLY MA 320 -78.46 54.06 19.74
N LEU MA 321 -77.41 53.58 20.40
CA LEU MA 321 -76.04 53.80 19.94
C LEU MA 321 -75.70 55.28 19.89
N GLU MA 322 -76.25 56.06 20.82
CA GLU MA 322 -75.98 57.49 20.84
C GLU MA 322 -74.57 57.81 21.29
N SER MA 323 -73.88 56.85 21.93
CA SER MA 323 -72.52 57.09 22.37
C SER MA 323 -71.55 57.21 21.20
N LEU MA 324 -71.84 56.52 20.09
CA LEU MA 324 -70.90 56.45 18.99
C LEU MA 324 -70.82 57.79 18.26
N PRO MA 325 -69.64 58.18 17.78
CA PRO MA 325 -69.50 59.50 17.16
C PRO MA 325 -70.36 59.72 15.93
N VAL MA 326 -70.74 58.65 15.21
CA VAL MA 326 -71.47 58.78 13.97
C VAL MA 326 -72.72 57.90 14.03
N SER MA 327 -73.71 58.27 13.23
CA SER MA 327 -74.96 57.53 13.16
C SER MA 327 -74.77 56.25 12.36
N VAL MA 328 -75.57 55.24 12.70
CA VAL MA 328 -75.57 53.96 12.01
C VAL MA 328 -76.90 53.82 11.28
N TYR MA 329 -76.84 53.39 10.03
CA TYR MA 329 -78.02 53.25 9.18
C TYR MA 329 -78.13 51.83 8.65
N ARG MA 330 -79.36 51.35 8.57
CA ARG MA 330 -79.68 50.03 8.05
C ARG MA 330 -80.82 50.17 7.06
N PRO MA 331 -80.98 49.23 6.13
CA PRO MA 331 -82.08 49.33 5.17
C PRO MA 331 -83.43 49.47 5.88
N LYS MA 332 -84.23 50.41 5.39
CA LYS MA 332 -85.52 50.69 6.00
C LYS MA 332 -86.57 49.71 5.50
N GLY MA 333 -87.51 49.38 6.38
CA GLY MA 333 -88.59 48.50 6.02
C GLY MA 333 -88.13 47.05 5.87
N ALA MA 334 -89.03 46.24 5.32
CA ALA MA 334 -88.75 44.83 5.10
C ALA MA 334 -87.98 44.65 3.79
N ILE MA 335 -86.93 43.83 3.84
CA ILE MA 335 -86.16 43.56 2.62
C ILE MA 335 -87.03 42.79 1.64
N PRO MA 336 -87.03 43.12 0.35
CA PRO MA 336 -87.83 42.34 -0.60
C PRO MA 336 -87.39 40.89 -0.60
N ALA MA 337 -88.37 40.00 -0.80
CA ALA MA 337 -88.09 38.57 -0.78
C ALA MA 337 -87.03 38.22 -1.80
N GLY MA 338 -86.04 37.43 -1.37
CA GLY MA 338 -84.95 37.00 -2.23
C GLY MA 338 -83.76 37.93 -2.27
N TRP MA 339 -83.86 39.11 -1.67
CA TRP MA 339 -82.77 40.08 -1.64
C TRP MA 339 -82.11 40.09 -0.27
N PHE MA 340 -80.87 40.58 -0.24
CA PHE MA 340 -80.07 40.60 0.97
C PHE MA 340 -79.30 41.91 1.04
N TRP MA 341 -78.89 42.28 2.25
CA TRP MA 341 -78.06 43.46 2.47
C TRP MA 341 -76.71 43.03 3.03
N LEU MA 342 -75.75 43.96 3.00
CA LEU MA 342 -74.35 43.62 3.25
C LEU MA 342 -73.84 44.08 4.62
N GLY MA 343 -74.53 45.00 5.28
CA GLY MA 343 -74.11 45.42 6.61
C GLY MA 343 -74.51 46.85 6.88
N ASP MA 344 -74.19 47.28 8.09
CA ASP MA 344 -74.50 48.64 8.52
C ASP MA 344 -73.56 49.63 7.85
N THR MA 345 -74.08 50.81 7.52
CA THR MA 345 -73.31 51.83 6.84
C THR MA 345 -73.57 53.18 7.49
N ALA MA 346 -72.60 54.08 7.35
CA ALA MA 346 -72.72 55.45 7.85
C ALA MA 346 -73.38 56.38 6.84
N ASP MA 347 -73.67 55.90 5.64
CA ASP MA 347 -74.33 56.74 4.66
C ASP MA 347 -75.79 56.96 5.05
N ALA MA 348 -76.22 58.22 5.03
CA ALA MA 348 -77.57 58.59 5.45
C ALA MA 348 -78.54 58.67 4.28
N SER MA 349 -78.11 58.32 3.07
CA SER MA 349 -78.92 58.48 1.86
C SER MA 349 -79.56 57.19 1.40
N LYS MA 350 -78.76 56.13 1.20
CA LYS MA 350 -79.28 54.92 0.58
C LYS MA 350 -78.44 53.73 1.02
N ALA MA 351 -79.00 52.54 0.79
CA ALA MA 351 -78.33 51.28 1.08
C ALA MA 351 -78.43 50.37 -0.13
N LEU MA 352 -77.44 49.50 -0.28
CA LEU MA 352 -77.32 48.62 -1.43
C LEU MA 352 -77.83 47.23 -1.08
N LEU MA 353 -78.82 46.76 -1.81
CA LEU MA 353 -79.29 45.38 -1.73
C LEU MA 353 -78.77 44.61 -2.94
N VAL MA 354 -78.45 43.33 -2.71
CA VAL MA 354 -77.91 42.47 -3.74
C VAL MA 354 -78.71 41.18 -3.79
N LYS MA 355 -78.76 40.56 -4.97
CA LYS MA 355 -79.48 39.31 -5.16
C LYS MA 355 -78.62 38.39 -6.02
N PRO MA 356 -78.44 37.13 -5.62
CA PRO MA 356 -77.69 36.20 -6.48
C PRO MA 356 -78.38 35.99 -7.82
N THR MA 357 -77.56 35.75 -8.84
CA THR MA 357 -78.07 35.49 -10.19
C THR MA 357 -78.13 34.01 -10.52
N LEU MA 358 -77.22 33.20 -9.98
CA LEU MA 358 -77.17 31.78 -10.27
C LEU MA 358 -77.69 30.99 -9.08
N PRO MA 359 -78.59 30.03 -9.27
CA PRO MA 359 -79.04 29.21 -8.14
C PRO MA 359 -77.89 28.42 -7.54
N ALA MA 360 -77.99 28.19 -6.22
CA ALA MA 360 -76.97 27.41 -5.54
C ALA MA 360 -76.94 25.99 -6.10
N ARG MA 361 -75.73 25.51 -6.40
CA ARG MA 361 -75.54 24.17 -6.94
C ARG MA 361 -74.27 23.57 -6.38
N SER MA 362 -74.26 22.25 -6.27
CA SER MA 362 -73.10 21.55 -5.74
C SER MA 362 -71.89 21.78 -6.65
N GLY MA 363 -70.73 21.95 -6.03
CA GLY MA 363 -69.50 22.18 -6.77
C GLY MA 363 -69.31 23.58 -7.28
N ARG MA 364 -70.22 24.51 -6.96
CA ARG MA 364 -70.14 25.89 -7.41
C ARG MA 364 -70.15 26.80 -6.19
N ASN MA 365 -69.21 27.73 -6.14
CA ASN MA 365 -69.11 28.65 -5.02
C ASN MA 365 -70.30 29.62 -5.04
N PRO MA 366 -71.12 29.68 -3.99
CA PRO MA 366 -72.17 30.69 -3.97
C PRO MA 366 -71.58 32.10 -3.93
N ALA MA 367 -72.32 33.05 -4.51
CA ALA MA 367 -71.87 34.44 -4.45
C ALA MA 367 -71.96 35.00 -3.05
N LEU MA 368 -72.91 34.53 -2.25
CA LEU MA 368 -73.14 35.03 -0.90
C LEU MA 368 -73.19 33.85 0.08
N THR MA 369 -72.94 34.16 1.34
CA THR MA 369 -72.94 33.16 2.40
C THR MA 369 -73.78 33.65 3.57
N SER MA 370 -74.44 32.70 4.23
CA SER MA 370 -75.13 33.01 5.47
C SER MA 370 -74.13 33.22 6.60
N LEU MA 371 -74.59 33.88 7.66
CA LEU MA 371 -73.77 34.15 8.83
C LEU MA 371 -74.39 33.50 10.06
N HIS MA 372 -73.54 33.07 10.98
CA HIS MA 372 -73.97 32.35 12.17
C HIS MA 372 -73.44 33.05 13.42
N GLN MA 373 -74.18 32.90 14.51
CA GLN MA 373 -73.81 33.56 15.75
C GLN MA 373 -72.48 33.02 16.27
N GLY MA 374 -71.71 33.89 16.90
CA GLY MA 374 -70.40 33.50 17.39
C GLY MA 374 -70.48 32.45 18.47
N SER MA 375 -69.33 31.80 18.72
CA SER MA 375 -69.29 30.71 19.68
C SER MA 375 -69.58 31.20 21.09
N GLY MA 376 -68.90 32.26 21.53
CA GLY MA 376 -69.09 32.76 22.88
C GLY MA 376 -68.47 34.12 23.13
N MET MA 377 -69.05 34.86 24.08
CA MET MA 377 -68.54 36.18 24.47
C MET MA 377 -68.42 37.11 23.26
N THR MA 378 -69.42 37.05 22.38
CA THR MA 378 -69.46 37.95 21.24
C THR MA 378 -70.82 37.85 20.58
N GLU MA 379 -71.36 39.01 20.19
CA GLU MA 379 -72.60 39.08 19.43
C GLU MA 379 -72.37 39.26 17.94
N GLN MA 380 -71.11 39.25 17.51
CA GLN MA 380 -70.80 39.46 16.10
C GLN MA 380 -71.05 38.19 15.29
N PRO MA 381 -71.34 38.32 14.01
CA PRO MA 381 -71.54 37.15 13.16
C PRO MA 381 -70.23 36.62 12.57
N PHE MA 382 -70.30 35.36 12.13
CA PHE MA 382 -69.17 34.68 11.49
C PHE MA 382 -69.63 34.11 10.16
N VAL MA 383 -68.74 34.16 9.16
CA VAL MA 383 -69.09 33.66 7.84
C VAL MA 383 -69.22 32.14 7.88
N ASP MA 384 -70.31 31.63 7.30
CA ASP MA 384 -70.52 30.18 7.27
C ASP MA 384 -69.46 29.48 6.44
N LEU MA 385 -69.09 30.06 5.30
CA LEU MA 385 -68.15 29.41 4.40
C LEU MA 385 -66.73 29.90 4.64
N PRO MA 386 -65.74 29.08 4.31
CA PRO MA 386 -64.37 29.32 4.79
C PRO MA 386 -63.83 30.73 4.58
N GLN MA 387 -63.74 31.19 3.34
CA GLN MA 387 -62.96 32.38 3.01
C GLN MA 387 -63.81 33.54 2.50
N TYR MA 388 -65.06 33.62 2.94
CA TYR MA 388 -65.90 34.75 2.57
C TYR MA 388 -65.74 35.86 3.61
N GLN MA 389 -66.22 37.05 3.26
CA GLN MA 389 -66.06 38.22 4.12
C GLN MA 389 -67.29 39.11 4.02
N TYR MA 390 -67.64 39.72 5.14
CA TYR MA 390 -68.66 40.77 5.19
C TYR MA 390 -67.98 42.11 5.43
N LEU MA 391 -68.70 43.18 5.12
CA LEU MA 391 -68.09 44.50 5.05
C LEU MA 391 -68.23 45.32 6.32
N SER MA 392 -69.24 45.06 7.15
CA SER MA 392 -69.48 45.86 8.34
C SER MA 392 -69.70 44.96 9.55
N THR MA 393 -69.26 45.45 10.70
CA THR MA 393 -69.56 44.80 11.97
C THR MA 393 -71.01 45.06 12.35
N TYR MA 394 -71.62 44.10 13.04
CA TYR MA 394 -73.02 44.22 13.41
C TYR MA 394 -73.13 45.07 14.67
N PHE MA 395 -73.95 46.13 14.59
CA PHE MA 395 -74.18 47.02 15.73
C PHE MA 395 -75.46 46.58 16.43
N GLY MA 396 -75.32 45.60 17.30
CA GLY MA 396 -76.44 45.04 18.02
C GLY MA 396 -76.19 43.56 18.30
N SER MA 397 -77.28 42.82 18.43
CA SER MA 397 -77.23 41.39 18.66
C SER MA 397 -77.68 40.68 17.38
N PHE MA 398 -76.81 39.83 16.85
CA PHE MA 398 -77.06 39.14 15.59
C PHE MA 398 -77.80 37.83 15.86
N ALA MA 399 -78.97 37.68 15.24
CA ALA MA 399 -79.73 36.43 15.30
C ALA MA 399 -80.12 36.06 13.88
N HIS MA 400 -79.49 35.00 13.35
CA HIS MA 400 -79.70 34.63 11.95
C HIS MA 400 -81.10 34.10 11.69
N ASP MA 401 -81.88 33.80 12.73
CA ASP MA 401 -83.23 33.26 12.54
C ASP MA 401 -84.30 34.34 12.43
N THR MA 402 -83.96 35.60 12.65
CA THR MA 402 -84.94 36.68 12.60
C THR MA 402 -84.37 37.86 11.82
N PRO MA 403 -85.23 38.67 11.21
CA PRO MA 403 -84.74 39.84 10.47
C PRO MA 403 -84.30 40.94 11.41
N PRO MA 404 -83.40 41.83 10.97
CA PRO MA 404 -82.76 41.88 9.65
C PRO MA 404 -81.52 40.98 9.58
N GLY MA 405 -81.24 40.23 10.65
CA GLY MA 405 -80.08 39.35 10.65
C GLY MA 405 -80.19 38.24 9.63
N SER MA 406 -81.40 37.71 9.42
CA SER MA 406 -81.58 36.61 8.50
C SER MA 406 -81.30 37.01 7.05
N THR MA 407 -81.23 38.30 6.75
CA THR MA 407 -80.96 38.78 5.40
C THR MA 407 -79.56 39.35 5.25
N LEU MA 408 -78.70 39.19 6.25
CA LEU MA 408 -77.32 39.66 6.16
C LEU MA 408 -76.44 38.56 5.58
N ARG MA 409 -75.57 38.94 4.65
CA ARG MA 409 -74.78 37.98 3.90
C ARG MA 409 -73.35 38.46 3.74
N GLY MA 410 -72.45 37.50 3.50
CA GLY MA 410 -71.08 37.78 3.14
C GLY MA 410 -70.90 37.75 1.63
N LEU MA 411 -69.64 37.83 1.22
CA LEU MA 411 -69.29 37.89 -0.19
C LEU MA 411 -68.16 36.90 -0.49
N ARG MA 412 -68.18 36.37 -1.71
CA ARG MA 412 -67.09 35.55 -2.18
C ARG MA 412 -65.81 36.38 -2.21
N PRO MA 413 -64.64 35.76 -1.99
CA PRO MA 413 -63.40 36.56 -1.92
C PRO MA 413 -63.09 37.34 -3.18
N ASP MA 414 -63.58 36.93 -4.35
CA ASP MA 414 -63.32 37.69 -5.57
C ASP MA 414 -64.24 38.89 -5.72
N HIS MA 415 -65.26 39.02 -4.88
CA HIS MA 415 -66.17 40.15 -4.95
C HIS MA 415 -65.63 41.41 -4.30
N VAL MA 416 -64.55 41.33 -3.52
CA VAL MA 416 -64.14 42.43 -2.66
C VAL MA 416 -62.67 42.77 -2.91
N LEU MA 417 -62.32 44.01 -2.58
CA LEU MA 417 -60.97 44.54 -2.62
C LEU MA 417 -60.67 45.27 -1.32
N PRO MA 418 -59.40 45.31 -0.90
CA PRO MA 418 -59.08 46.05 0.33
C PRO MA 418 -59.40 47.53 0.19
N GLY MA 419 -59.92 48.11 1.28
CA GLY MA 419 -60.23 49.51 1.35
C GLY MA 419 -59.30 50.27 2.27
N ARG MA 420 -59.76 51.44 2.71
CA ARG MA 420 -59.02 52.27 3.65
C ARG MA 420 -59.96 52.75 4.74
N TYR MA 421 -59.38 53.07 5.90
CA TYR MA 421 -60.14 53.43 7.08
C TYR MA 421 -60.09 54.94 7.32
N GLU MA 422 -61.25 55.51 7.63
CA GLU MA 422 -61.34 56.89 8.12
C GLU MA 422 -61.86 56.84 9.55
N MET MA 423 -61.08 57.37 10.48
CA MET MA 423 -61.37 57.20 11.90
C MET MA 423 -62.27 58.32 12.42
N HIS MA 424 -63.23 57.94 13.26
CA HIS MA 424 -64.11 58.86 13.94
C HIS MA 424 -64.15 58.51 15.41
N GLY MA 425 -64.36 59.52 16.25
CA GLY MA 425 -64.41 59.33 17.69
C GLY MA 425 -63.09 59.71 18.34
N ASP MA 426 -63.18 60.02 19.64
CA ASP MA 426 -62.04 60.48 20.41
C ASP MA 426 -61.45 59.44 21.34
N THR MA 427 -62.19 58.38 21.66
CA THR MA 427 -61.73 57.36 22.58
C THR MA 427 -61.86 55.98 21.94
N ILE MA 428 -61.00 55.06 22.39
CA ILE MA 428 -61.00 53.71 21.83
C ILE MA 428 -62.35 53.04 22.06
N SER MA 429 -62.96 53.25 23.23
CA SER MA 429 -64.18 52.56 23.58
C SER MA 429 -65.33 52.89 22.64
N THR MA 430 -65.28 54.03 21.94
CA THR MA 430 -66.37 54.46 21.09
C THR MA 430 -65.96 54.76 19.66
N ALA MA 431 -64.69 54.56 19.30
CA ALA MA 431 -64.22 54.91 17.97
C ALA MA 431 -64.73 53.92 16.92
N VAL MA 432 -64.90 54.44 15.69
CA VAL MA 432 -65.34 53.63 14.57
C VAL MA 432 -64.51 53.97 13.34
N TYR MA 433 -64.52 53.05 12.37
CA TYR MA 433 -63.91 53.23 11.08
C TYR MA 433 -64.99 53.26 10.01
N VAL MA 434 -64.85 54.17 9.05
CA VAL MA 434 -65.68 54.20 7.86
C VAL MA 434 -64.83 53.76 6.68
N THR MA 435 -65.26 52.71 6.00
CA THR MA 435 -64.47 52.10 4.95
C THR MA 435 -64.74 52.82 3.63
N ARG MA 436 -63.72 53.48 3.10
CA ARG MA 436 -63.81 54.18 1.83
C ARG MA 436 -63.01 53.43 0.77
N PRO MA 437 -63.48 53.42 -0.47
CA PRO MA 437 -62.71 52.75 -1.53
C PRO MA 437 -61.37 53.43 -1.76
N VAL MA 438 -60.39 52.62 -2.18
CA VAL MA 438 -59.09 53.15 -2.57
C VAL MA 438 -59.20 53.66 -4.00
N ASP MA 439 -59.01 54.96 -4.18
CA ASP MA 439 -59.15 55.55 -5.51
C ASP MA 439 -58.13 54.94 -6.46
N VAL MA 440 -58.60 54.58 -7.65
CA VAL MA 440 -57.74 54.01 -8.68
C VAL MA 440 -58.03 54.71 -10.00
N PRO MA 441 -57.07 54.80 -10.92
CA PRO MA 441 -57.32 55.50 -12.19
C PRO MA 441 -58.13 54.66 -13.16
N PHE MA 442 -58.05 53.34 -13.03
CA PHE MA 442 -58.71 52.44 -13.96
C PHE MA 442 -60.12 52.12 -13.46
N PRO MA 443 -61.17 52.37 -14.25
CA PRO MA 443 -62.52 52.05 -13.76
C PRO MA 443 -62.74 50.58 -13.46
N GLU MA 444 -61.91 49.70 -14.02
CA GLU MA 444 -62.13 48.27 -13.83
C GLU MA 444 -62.03 47.86 -12.36
N ASP MA 445 -61.27 48.61 -11.57
CA ASP MA 445 -61.03 48.26 -10.17
C ASP MA 445 -61.79 49.16 -9.21
N GLU MA 446 -62.75 49.95 -9.69
CA GLU MA 446 -63.52 50.80 -8.80
C GLU MA 446 -64.38 49.95 -7.86
N CYS MA 447 -64.58 50.46 -6.64
CA CYS MA 447 -65.36 49.79 -5.62
C CYS MA 447 -66.45 50.72 -5.11
N PHE MA 448 -67.56 50.13 -4.69
CA PHE MA 448 -68.68 50.90 -4.17
C PHE MA 448 -68.26 51.65 -2.91
N ASP MA 449 -68.77 52.88 -2.77
CA ASP MA 449 -68.51 53.70 -1.59
C ASP MA 449 -69.71 53.58 -0.66
N LEU MA 450 -69.80 52.43 0.00
CA LEU MA 450 -70.91 52.14 0.90
C LEU MA 450 -70.70 52.70 2.30
N LYS MA 451 -69.49 53.17 2.63
CA LYS MA 451 -69.20 53.74 3.95
C LYS MA 451 -69.50 52.72 5.05
N SER MA 452 -68.97 51.51 4.88
CA SER MA 452 -69.19 50.46 5.87
C SER MA 452 -68.61 50.86 7.21
N LEU MA 453 -69.32 50.53 8.28
CA LEU MA 453 -68.92 50.88 9.64
C LEU MA 453 -68.25 49.69 10.31
N VAL MA 454 -67.14 49.97 10.99
CA VAL MA 454 -66.39 48.95 11.72
C VAL MA 454 -66.10 49.48 13.11
N ARG MA 455 -66.57 48.79 14.14
CA ARG MA 455 -66.29 49.20 15.51
C ARG MA 455 -64.80 49.01 15.81
N VAL MA 456 -64.15 50.04 16.36
CA VAL MA 456 -62.72 49.96 16.61
C VAL MA 456 -62.42 48.90 17.65
N LYS MA 457 -63.15 48.92 18.77
CA LYS MA 457 -62.98 47.97 19.86
C LYS MA 457 -64.30 47.25 20.09
N LEU MA 458 -64.36 45.98 19.71
CA LEU MA 458 -65.55 45.18 19.94
C LEU MA 458 -65.54 44.66 21.38
N PRO MA 459 -66.57 44.95 22.19
CA PRO MA 459 -66.58 44.41 23.55
C PRO MA 459 -66.49 42.89 23.55
N GLY MA 460 -66.16 42.34 24.71
CA GLY MA 460 -66.01 40.91 24.84
C GLY MA 460 -64.69 40.41 24.29
N SER MA 461 -64.69 39.13 23.92
CA SER MA 461 -63.49 38.48 23.39
C SER MA 461 -63.90 37.45 22.36
N GLY MA 462 -62.91 36.94 21.63
CA GLY MA 462 -63.19 35.97 20.58
C GLY MA 462 -64.02 36.53 19.45
N ASN MA 463 -63.81 37.80 19.12
CA ASN MA 463 -64.54 38.43 18.03
C ASN MA 463 -63.96 38.03 16.68
N PRO MA 464 -64.75 38.16 15.61
CA PRO MA 464 -64.23 37.83 14.27
C PRO MA 464 -63.22 38.86 13.83
N PRO MA 465 -62.36 38.53 12.86
CA PRO MA 465 -61.41 39.53 12.36
C PRO MA 465 -62.12 40.74 11.79
N LYS MA 466 -61.51 41.90 11.98
CA LYS MA 466 -62.13 43.15 11.55
C LYS MA 466 -62.18 43.20 10.03
N PRO MA 467 -63.33 43.52 9.43
CA PRO MA 467 -63.39 43.62 7.96
C PRO MA 467 -62.91 44.97 7.48
N ARG MA 468 -62.11 44.95 6.41
CA ARG MA 468 -61.61 46.16 5.76
C ARG MA 468 -61.76 46.05 4.26
N SER MA 469 -62.93 45.59 3.81
CA SER MA 469 -63.17 45.29 2.41
C SER MA 469 -64.25 46.19 1.83
N ALA MA 470 -64.20 46.38 0.51
CA ALA MA 470 -65.20 47.14 -0.23
C ALA MA 470 -65.65 46.31 -1.43
N LEU MA 471 -66.92 46.44 -1.79
CA LEU MA 471 -67.47 45.66 -2.87
C LEU MA 471 -67.03 46.20 -4.23
N LYS MA 472 -66.76 45.29 -5.15
CA LYS MA 472 -66.37 45.69 -6.50
C LYS MA 472 -67.58 46.16 -7.30
N LYS MA 473 -67.39 47.21 -8.10
CA LYS MA 473 -68.48 47.73 -8.92
C LYS MA 473 -68.80 46.80 -10.08
N SER MA 474 -67.80 46.11 -10.63
CA SER MA 474 -68.00 45.27 -11.79
C SER MA 474 -68.79 44.01 -11.47
N MET MA 475 -69.03 43.73 -10.19
CA MET MA 475 -69.69 42.50 -9.77
C MET MA 475 -71.20 42.66 -9.62
N VAL MA 476 -71.75 43.84 -9.92
CA VAL MA 476 -73.16 44.15 -9.68
C VAL MA 476 -73.77 44.69 -10.96
N LEU MA 477 -74.99 44.25 -11.27
CA LEU MA 477 -75.73 44.67 -12.45
C LEU MA 477 -76.95 45.47 -12.02
N PHE MA 478 -77.09 46.68 -12.55
CA PHE MA 478 -78.13 47.61 -12.16
C PHE MA 478 -79.15 47.79 -13.28
N ASP MA 479 -80.34 48.24 -12.89
CA ASP MA 479 -81.41 48.64 -13.80
C ASP MA 479 -81.93 47.49 -14.65
N SER MA 480 -81.52 46.26 -14.37
CA SER MA 480 -82.03 45.13 -15.12
C SER MA 480 -83.48 44.87 -14.76
N GLY MA 481 -84.25 44.38 -15.74
CA GLY MA 481 -85.64 44.05 -15.52
C GLY MA 481 -85.87 42.75 -14.78
N GLU MA 482 -84.79 42.06 -14.43
CA GLU MA 482 -84.89 40.79 -13.70
C GLU MA 482 -85.73 40.95 -12.44
#